data_6ZJA
#
_entry.id   6ZJA
#
_cell.length_a   1.00
_cell.length_b   1.00
_cell.length_c   1.00
_cell.angle_alpha   90.00
_cell.angle_beta   90.00
_cell.angle_gamma   90.00
#
_symmetry.space_group_name_H-M   'P 1'
#
loop_
_entity.id
_entity.type
_entity.pdbx_description
1 polymer 'Urease subunit alpha'
2 polymer 'Urease subunit beta'
3 non-polymer 'NICKEL (II) ION'
4 non-polymer 2-{[1-(3,5-dimethylphenyl)-1H-imidazol-2-yl]sulfanyl}-N-hydroxyacetamide
5 water water
#
loop_
_entity_poly.entity_id
_entity_poly.type
_entity_poly.pdbx_seq_one_letter_code
_entity_poly.pdbx_strand_id
1 'polypeptide(L)'
;MKLTPKELDKLMLHYAGELARKRKEKGIKLNYVEAVALISAHIMEEARAGKKTAAELMQEGRTLLKPDDVMDGVASMIHE
VGIEAMFPDGTKLVTVHTPIEANGKLVPGELFLKNEDITINEGKKAVSVKVKNVGDRPVQIGSHFHFFEVNRCLDFDREK
TFGKRLDIASGTAVRFEPGEEKSVELIDIGGNRRIFGFNALVDRQADNESKKIALHRAKERGFHGTKSDDNYVKTIKE
;
A,C,E,G,I,K,M,O,Q,S,U,W
2 'polypeptide(L)'
;MKKISRKEYVSMYGPTTGDKVRLGDTDLIAEVEHDYTIYGEELKFGGGKTLREGMSQSNNPSKEELDLIITNALIVDYTG
IYKADIGIKDGKIAGIGKGGNKDMQDGVKNNLSVGPATEALAGEGLIVTAGGIDTHIHFISPQQIPTAFASGVTTMIGGG
TGPADGTNATTITPGRRNLKWMLRAAEEYSMNLGFLAKGNTSNDASLADQIEAGAIGF(KCX)IHEDWGTTPSAINHALD
VADKYDVQVAIHTDTLNEAGCVEDTMAAIAGRTMHTFHTEGAGGGHAPDIIKVAGEHNILPASTNPTIPFTVNTEAEHMD
MLMVCHHLDKSIKEDVQFADSRIRPQTIAAEDTLHDMGIFSITSSDSQAMGRVGEVITRTWQTADKNKKEFGRLKEEKGD
NDNFRIKRYLSKYTINPAIAHGISEYVGSVEVGKVADLVLWSPAFFGVKPNMIIKGGFIALSQMGDANASIPTPQPVYYR
EMFAHHGKAKYDANITFVSQAAYDKGIKEELGLERQVLPVKNCRNITKKDMQFNDTTAHIEVNPETYHVFVDGKEVTSKP
ANKVSLAQLFSIF
;
B,J,D,F,H,L,N,P,R,T,V,X
#
# COMPACT_ATOMS: atom_id res chain seq x y z
N MET A 1 -8.72 -28.83 54.88
CA MET A 1 -7.36 -28.82 55.41
C MET A 1 -6.59 -27.58 54.98
N LYS A 2 -6.87 -27.10 53.76
CA LYS A 2 -6.16 -26.00 53.11
C LYS A 2 -4.66 -26.22 53.04
N LEU A 3 -4.27 -27.34 52.45
CA LEU A 3 -2.85 -27.67 52.31
C LEU A 3 -2.16 -26.75 51.29
N THR A 4 -0.95 -26.34 51.63
CA THR A 4 0.00 -25.59 50.80
C THR A 4 0.90 -26.57 50.06
N PRO A 5 1.59 -26.12 48.99
CA PRO A 5 2.57 -27.01 48.32
C PRO A 5 3.71 -27.50 49.20
N LYS A 6 4.13 -26.68 50.17
CA LYS A 6 5.15 -27.09 51.15
C LYS A 6 4.70 -28.30 51.96
N GLU A 7 3.44 -28.31 52.39
CA GLU A 7 2.91 -29.41 53.18
C GLU A 7 2.87 -30.72 52.38
N LEU A 8 2.52 -30.64 51.10
CA LEU A 8 2.51 -31.81 50.23
C LEU A 8 3.91 -32.38 50.02
N ASP A 9 4.90 -31.50 49.79
CA ASP A 9 6.28 -31.94 49.63
C ASP A 9 6.82 -32.61 50.90
N LYS A 10 6.49 -32.04 52.06
CA LYS A 10 6.95 -32.64 53.32
C LYS A 10 6.24 -33.97 53.62
N LEU A 11 4.98 -34.12 53.20
CA LEU A 11 4.29 -35.41 53.35
C LEU A 11 4.96 -36.50 52.53
N MET A 12 5.35 -36.17 51.29
CA MET A 12 6.12 -37.12 50.47
C MET A 12 7.45 -37.50 51.11
N LEU A 13 8.16 -36.51 51.67
CA LEU A 13 9.44 -36.77 52.34
C LEU A 13 9.26 -37.69 53.55
N HIS A 14 8.18 -37.48 54.33
CA HIS A 14 7.91 -38.33 55.48
C HIS A 14 7.71 -39.79 55.07
N TYR A 15 6.95 -40.04 54.00
CA TYR A 15 6.75 -41.44 53.65
C TYR A 15 7.96 -42.07 52.95
N ALA A 16 8.83 -41.28 52.31
CA ALA A 16 10.12 -41.81 51.88
C ALA A 16 10.96 -42.27 53.07
N GLY A 17 10.97 -41.47 54.13
CA GLY A 17 11.67 -41.88 55.35
C GLY A 17 11.08 -43.12 56.00
N GLU A 18 9.75 -43.26 55.95
CA GLU A 18 9.10 -44.45 56.51
C GLU A 18 9.48 -45.71 55.73
N LEU A 19 9.56 -45.61 54.40
CA LEU A 19 10.02 -46.75 53.60
C LEU A 19 11.45 -47.13 53.94
N ALA A 20 12.32 -46.13 54.14
CA ALA A 20 13.70 -46.40 54.55
C ALA A 20 13.76 -47.10 55.91
N ARG A 21 12.90 -46.70 56.85
CA ARG A 21 12.89 -47.32 58.17
C ARG A 21 12.41 -48.77 58.12
N LYS A 22 11.39 -49.06 57.29
CA LYS A 22 10.94 -50.44 57.13
C LYS A 22 12.02 -51.32 56.50
N ARG A 23 12.74 -50.79 55.51
CA ARG A 23 13.83 -51.55 54.91
C ARG A 23 14.98 -51.78 55.88
N LYS A 24 15.25 -50.81 56.78
CA LYS A 24 16.26 -51.02 57.81
C LYS A 24 15.81 -52.10 58.80
N GLU A 25 14.52 -52.13 59.14
CA GLU A 25 14.02 -53.18 60.04
C GLU A 25 14.10 -54.57 59.41
N LYS A 26 14.01 -54.66 58.09
CA LYS A 26 14.16 -55.98 57.46
C LYS A 26 15.62 -56.43 57.33
N GLY A 27 16.60 -55.62 57.74
CA GLY A 27 17.99 -56.02 57.65
C GLY A 27 18.71 -55.63 56.38
N ILE A 28 18.18 -54.70 55.60
CA ILE A 28 18.77 -54.29 54.34
C ILE A 28 19.68 -53.09 54.58
N LYS A 29 20.90 -53.13 54.02
CA LYS A 29 21.82 -52.01 54.12
C LYS A 29 21.33 -50.84 53.27
N LEU A 30 21.20 -49.67 53.88
CA LEU A 30 20.59 -48.51 53.23
C LEU A 30 21.54 -47.88 52.21
N ASN A 31 20.96 -47.34 51.13
CA ASN A 31 21.73 -46.59 50.15
C ASN A 31 21.72 -45.10 50.50
N TYR A 32 22.15 -44.27 49.55
CA TYR A 32 22.30 -42.83 49.76
C TYR A 32 20.94 -42.14 50.00
N VAL A 33 19.98 -42.41 49.11
CA VAL A 33 18.67 -41.77 49.17
C VAL A 33 17.92 -42.17 50.45
N GLU A 34 17.97 -43.46 50.79
CA GLU A 34 17.29 -43.97 51.98
C GLU A 34 17.83 -43.34 53.26
N ALA A 35 19.16 -43.20 53.36
CA ALA A 35 19.77 -42.62 54.56
C ALA A 35 19.40 -41.15 54.74
N VAL A 36 19.45 -40.37 53.63
CA VAL A 36 19.07 -38.96 53.69
C VAL A 36 17.60 -38.81 54.11
N ALA A 37 16.72 -39.65 53.53
CA ALA A 37 15.30 -39.58 53.85
C ALA A 37 15.02 -39.94 55.31
N LEU A 38 15.71 -40.97 55.83
CA LEU A 38 15.49 -41.41 57.21
C LEU A 38 15.87 -40.31 58.21
N ILE A 39 17.03 -39.68 58.00
CA ILE A 39 17.47 -38.62 58.92
C ILE A 39 16.51 -37.42 58.88
N SER A 40 16.09 -37.01 57.67
CA SER A 40 15.19 -35.87 57.52
C SER A 40 13.84 -36.11 58.20
N ALA A 41 13.26 -37.30 58.01
CA ALA A 41 11.95 -37.61 58.58
C ALA A 41 12.00 -37.67 60.11
N HIS A 42 13.09 -38.24 60.66
CA HIS A 42 13.23 -38.28 62.11
C HIS A 42 13.29 -36.88 62.72
N ILE A 43 14.04 -35.97 62.08
CA ILE A 43 14.15 -34.59 62.59
C ILE A 43 12.79 -33.89 62.56
N MET A 44 12.02 -34.07 61.48
CA MET A 44 10.70 -33.43 61.39
C MET A 44 9.74 -33.92 62.48
N GLU A 45 9.74 -35.23 62.77
CA GLU A 45 8.85 -35.73 63.82
C GLU A 45 9.26 -35.22 65.21
N GLU A 46 10.57 -35.17 65.48
CA GLU A 46 11.05 -34.67 66.77
C GLU A 46 10.72 -33.19 66.96
N ALA A 47 10.76 -32.41 65.88
CA ALA A 47 10.38 -31.01 66.03
C ALA A 47 8.88 -30.83 66.21
N ARG A 48 8.06 -31.71 65.61
CA ARG A 48 6.62 -31.64 65.85
C ARG A 48 6.28 -31.94 67.31
N ALA A 49 7.02 -32.87 67.94
CA ALA A 49 6.75 -33.24 69.33
C ALA A 49 6.94 -32.07 70.30
N GLY A 50 7.88 -31.17 70.02
CA GLY A 50 7.96 -29.93 70.76
C GLY A 50 8.72 -29.96 72.08
N LYS A 51 9.52 -30.99 72.34
CA LYS A 51 10.23 -31.09 73.60
C LYS A 51 11.74 -30.87 73.48
N LYS A 52 12.24 -30.55 72.30
CA LYS A 52 13.68 -30.40 72.08
C LYS A 52 13.95 -29.15 71.26
N THR A 53 15.12 -28.55 71.49
CA THR A 53 15.56 -27.41 70.72
C THR A 53 16.21 -27.86 69.41
N ALA A 54 16.47 -26.88 68.53
CA ALA A 54 17.10 -27.19 67.24
C ALA A 54 18.56 -27.61 67.42
N ALA A 55 19.25 -27.02 68.41
CA ALA A 55 20.64 -27.35 68.65
C ALA A 55 20.80 -28.76 69.19
N GLU A 56 19.85 -29.22 70.01
CA GLU A 56 19.87 -30.61 70.46
C GLU A 56 19.59 -31.58 69.31
N LEU A 57 18.70 -31.19 68.39
CA LEU A 57 18.39 -32.06 67.25
C LEU A 57 19.56 -32.16 66.29
N MET A 58 20.37 -31.10 66.19
CA MET A 58 21.60 -31.15 65.39
C MET A 58 22.57 -32.22 65.87
N GLN A 59 22.63 -32.48 67.17
CA GLN A 59 23.46 -33.55 67.71
C GLN A 59 22.75 -34.90 67.70
N GLU A 60 21.42 -34.91 67.87
CA GLU A 60 20.69 -36.16 67.88
C GLU A 60 20.65 -36.81 66.50
N GLY A 61 20.75 -36.01 65.44
CA GLY A 61 20.75 -36.56 64.09
C GLY A 61 21.99 -37.38 63.74
N ARG A 62 23.06 -37.27 64.53
CA ARG A 62 24.31 -37.98 64.27
C ARG A 62 24.35 -39.37 64.88
N THR A 63 23.34 -39.78 65.63
CA THR A 63 23.34 -41.08 66.28
C THR A 63 22.36 -42.07 65.64
N LEU A 64 21.69 -41.70 64.55
CA LEU A 64 20.64 -42.52 64.00
C LEU A 64 21.16 -43.73 63.22
N LEU A 65 22.30 -43.59 62.54
CA LEU A 65 22.80 -44.65 61.67
C LEU A 65 24.22 -45.03 62.07
N LYS A 66 24.42 -46.30 62.38
CA LYS A 66 25.75 -46.85 62.62
C LYS A 66 26.47 -47.03 61.28
N PRO A 67 27.82 -47.12 61.30
CA PRO A 67 28.55 -47.38 60.05
C PRO A 67 28.22 -48.71 59.37
N ASP A 68 27.76 -49.71 60.11
CA ASP A 68 27.38 -50.98 59.51
C ASP A 68 25.98 -51.00 58.92
N ASP A 69 25.19 -49.93 59.12
CA ASP A 69 23.83 -49.89 58.63
C ASP A 69 23.71 -49.49 57.16
N VAL A 70 24.78 -49.00 56.53
CA VAL A 70 24.68 -48.45 55.19
C VAL A 70 25.63 -49.20 54.26
N MET A 71 25.37 -49.07 52.96
CA MET A 71 26.23 -49.66 51.95
C MET A 71 27.58 -48.95 51.92
N ASP A 72 28.57 -49.65 51.37
CA ASP A 72 29.91 -49.08 51.24
C ASP A 72 29.91 -47.90 50.28
N GLY A 73 30.42 -46.77 50.75
CA GLY A 73 30.46 -45.55 49.98
C GLY A 73 29.43 -44.51 50.36
N VAL A 74 28.41 -44.88 51.14
CA VAL A 74 27.35 -43.93 51.50
C VAL A 74 27.89 -42.82 52.40
N ALA A 75 28.71 -43.17 53.40
CA ALA A 75 29.16 -42.21 54.39
C ALA A 75 30.07 -41.14 53.81
N SER A 76 30.84 -41.46 52.77
CA SER A 76 31.68 -40.45 52.14
C SER A 76 30.88 -39.51 51.24
N MET A 77 29.68 -39.89 50.82
CA MET A 77 28.86 -39.07 49.94
C MET A 77 27.99 -38.06 50.69
N ILE A 78 27.69 -38.30 51.96
CA ILE A 78 26.79 -37.47 52.74
C ILE A 78 27.64 -36.58 53.63
N HIS A 79 27.81 -35.32 53.24
CA HIS A 79 28.57 -34.38 54.05
C HIS A 79 27.68 -33.67 55.07
N GLU A 80 26.47 -33.29 54.69
CA GLU A 80 25.51 -32.71 55.61
C GLU A 80 24.10 -32.95 55.11
N VAL A 81 23.14 -32.98 56.04
CA VAL A 81 21.72 -33.06 55.72
C VAL A 81 21.01 -31.87 56.36
N GLY A 82 20.29 -31.11 55.56
CA GLY A 82 19.53 -29.97 56.03
C GLY A 82 18.03 -30.22 55.87
N ILE A 83 17.25 -29.70 56.81
CA ILE A 83 15.80 -29.83 56.79
C ILE A 83 15.20 -28.69 57.62
N GLU A 84 14.15 -28.08 57.09
CA GLU A 84 13.38 -27.10 57.83
C GLU A 84 12.19 -27.77 58.51
N ALA A 85 11.96 -27.41 59.77
CA ALA A 85 10.87 -28.00 60.53
C ALA A 85 10.23 -26.96 61.42
N MET A 86 8.94 -27.14 61.70
CA MET A 86 8.18 -26.18 62.48
C MET A 86 8.17 -26.58 63.95
N PHE A 87 8.79 -25.74 64.78
CA PHE A 87 8.88 -25.85 66.24
C PHE A 87 7.68 -25.11 66.83
N PRO A 88 7.46 -25.13 68.15
CA PRO A 88 6.44 -24.22 68.72
C PRO A 88 6.71 -22.74 68.51
N ASP A 89 7.96 -22.33 68.29
CA ASP A 89 8.29 -20.95 67.99
C ASP A 89 8.44 -20.67 66.49
N GLY A 90 8.06 -21.60 65.64
CA GLY A 90 8.05 -21.38 64.21
C GLY A 90 9.04 -22.24 63.45
N THR A 91 9.15 -21.95 62.16
CA THR A 91 10.02 -22.72 61.27
C THR A 91 11.48 -22.36 61.48
N LYS A 92 12.32 -23.38 61.65
CA LYS A 92 13.76 -23.22 61.83
C LYS A 92 14.50 -24.21 60.94
N LEU A 93 15.73 -23.85 60.57
CA LEU A 93 16.58 -24.73 59.77
C LEU A 93 17.51 -25.53 60.68
N VAL A 94 17.53 -26.84 60.49
CA VAL A 94 18.40 -27.76 61.24
C VAL A 94 19.33 -28.45 60.26
N THR A 95 20.63 -28.30 60.48
CA THR A 95 21.65 -28.93 59.64
C THR A 95 22.43 -29.95 60.47
N VAL A 96 22.50 -31.18 59.98
CA VAL A 96 23.21 -32.27 60.64
C VAL A 96 24.54 -32.48 59.94
N HIS A 97 25.65 -32.29 60.66
CA HIS A 97 26.99 -32.36 60.08
C HIS A 97 27.60 -33.73 60.30
N THR A 98 28.07 -34.35 59.19
CA THR A 98 28.71 -35.66 59.07
C THR A 98 27.99 -36.73 59.89
N PRO A 99 26.79 -37.16 59.46
CA PRO A 99 26.01 -38.04 60.34
C PRO A 99 26.52 -39.46 60.44
N ILE A 100 27.28 -39.96 59.46
CA ILE A 100 27.70 -41.36 59.43
C ILE A 100 29.22 -41.42 59.29
N GLU A 101 29.86 -42.24 60.12
CA GLU A 101 31.28 -42.56 59.93
C GLU A 101 31.43 -43.66 58.89
N ALA A 102 32.55 -43.63 58.18
CA ALA A 102 32.83 -44.60 57.12
C ALA A 102 33.52 -45.84 57.69
N ASN A 103 33.33 -46.97 57.02
CA ASN A 103 33.98 -48.21 57.42
C ASN A 103 34.60 -49.01 56.28
N GLY A 104 34.34 -48.66 55.02
CA GLY A 104 34.95 -49.31 53.89
C GLY A 104 35.93 -48.40 53.15
N LYS A 105 36.37 -48.89 51.99
CA LYS A 105 37.40 -48.20 51.21
C LYS A 105 36.87 -47.50 49.97
N LEU A 106 35.63 -47.78 49.55
CA LEU A 106 35.10 -47.19 48.33
C LEU A 106 34.75 -45.72 48.55
N VAL A 107 35.39 -44.84 47.79
CA VAL A 107 35.08 -43.42 47.80
C VAL A 107 34.67 -43.01 46.39
N PRO A 108 33.37 -42.80 46.15
CA PRO A 108 32.94 -42.33 44.82
C PRO A 108 33.40 -40.89 44.57
N GLY A 109 33.90 -40.66 43.35
CA GLY A 109 34.48 -39.38 43.00
C GLY A 109 35.76 -39.04 43.72
N GLU A 110 36.58 -40.04 44.03
CA GLU A 110 37.82 -39.84 44.78
C GLU A 110 38.87 -39.10 43.94
N LEU A 111 39.60 -38.20 44.58
CA LEU A 111 40.66 -37.45 43.94
C LEU A 111 42.02 -38.07 44.26
N PHE A 112 42.86 -38.24 43.25
CA PHE A 112 44.23 -38.71 43.39
C PHE A 112 45.16 -37.58 42.96
N LEU A 113 45.82 -36.94 43.92
CA LEU A 113 46.59 -35.74 43.66
C LEU A 113 48.09 -36.03 43.64
N LYS A 114 48.81 -35.24 42.87
CA LYS A 114 50.26 -35.21 43.00
C LYS A 114 50.65 -34.47 44.28
N ASN A 115 51.91 -34.61 44.68
CA ASN A 115 52.36 -34.02 45.93
C ASN A 115 53.24 -32.78 45.73
N GLU A 116 53.36 -32.26 44.52
CA GLU A 116 54.14 -31.05 44.30
C GLU A 116 53.29 -29.80 44.58
N ASP A 117 53.93 -28.80 45.18
CA ASP A 117 53.26 -27.55 45.48
C ASP A 117 53.05 -26.72 44.22
N ILE A 118 52.10 -25.78 44.29
CA ILE A 118 51.80 -24.86 43.21
C ILE A 118 52.41 -23.50 43.54
N THR A 119 53.14 -22.93 42.60
CA THR A 119 53.72 -21.60 42.76
C THR A 119 52.80 -20.57 42.09
N ILE A 120 52.25 -19.64 42.88
CA ILE A 120 51.38 -18.60 42.36
C ILE A 120 52.16 -17.31 42.21
N ASN A 121 51.74 -16.48 41.25
CA ASN A 121 52.32 -15.17 40.94
C ASN A 121 53.81 -15.26 40.63
N GLU A 122 54.15 -16.17 39.71
CA GLU A 122 55.54 -16.42 39.35
C GLU A 122 56.12 -15.21 38.61
N GLY A 123 57.35 -14.85 38.97
CA GLY A 123 58.00 -13.71 38.36
C GLY A 123 57.62 -12.36 38.96
N LYS A 124 56.80 -12.34 40.01
CA LYS A 124 56.43 -11.12 40.70
C LYS A 124 57.21 -11.03 42.00
N LYS A 125 57.99 -9.97 42.17
CA LYS A 125 58.78 -9.77 43.37
C LYS A 125 57.96 -8.97 44.38
N ALA A 126 57.95 -9.43 45.63
CA ALA A 126 57.13 -8.84 46.68
C ALA A 126 57.93 -7.87 47.54
N VAL A 127 57.21 -6.91 48.15
CA VAL A 127 57.74 -6.02 49.16
C VAL A 127 56.89 -6.17 50.42
N SER A 128 57.46 -5.75 51.56
CA SER A 128 56.83 -5.92 52.87
C SER A 128 56.51 -4.56 53.49
N VAL A 129 55.29 -4.42 54.01
CA VAL A 129 54.77 -3.16 54.54
C VAL A 129 54.09 -3.43 55.89
N LYS A 130 54.40 -2.63 56.90
CA LYS A 130 53.76 -2.72 58.21
C LYS A 130 52.48 -1.88 58.26
N VAL A 131 51.39 -2.49 58.72
CA VAL A 131 50.05 -1.89 58.69
C VAL A 131 49.44 -1.95 60.09
N LYS A 132 48.85 -0.84 60.54
CA LYS A 132 48.17 -0.79 61.84
C LYS A 132 46.75 -0.25 61.70
N ASN A 133 45.80 -0.92 62.36
CA ASN A 133 44.40 -0.48 62.42
C ASN A 133 44.23 0.39 63.66
N VAL A 134 44.07 1.70 63.46
CA VAL A 134 43.89 2.63 64.57
C VAL A 134 42.42 3.00 64.77
N GLY A 135 41.50 2.36 64.03
CA GLY A 135 40.08 2.54 64.25
C GLY A 135 39.54 1.61 65.32
N ASP A 136 38.21 1.64 65.48
CA ASP A 136 37.54 0.87 66.51
C ASP A 136 36.68 -0.26 65.94
N ARG A 137 36.77 -0.55 64.64
CA ARG A 137 35.99 -1.58 63.98
C ARG A 137 36.89 -2.45 63.11
N PRO A 138 36.59 -3.76 62.99
CA PRO A 138 37.47 -4.65 62.22
C PRO A 138 37.41 -4.42 60.72
N VAL A 139 38.53 -4.70 60.05
CA VAL A 139 38.72 -4.47 58.62
C VAL A 139 39.30 -5.74 57.99
N GLN A 140 38.75 -6.16 56.85
CA GLN A 140 39.22 -7.34 56.13
C GLN A 140 39.38 -6.99 54.65
N ILE A 141 40.54 -7.34 54.07
CA ILE A 141 40.95 -6.90 52.74
C ILE A 141 41.17 -8.12 51.83
N GLY A 142 40.54 -8.10 50.64
CA GLY A 142 40.68 -9.19 49.69
C GLY A 142 41.95 -9.15 48.84
N SER A 143 42.14 -10.20 48.04
CA SER A 143 43.42 -10.44 47.37
C SER A 143 43.68 -9.49 46.21
N HIS A 144 42.64 -9.01 45.54
CA HIS A 144 42.82 -8.19 44.34
C HIS A 144 42.35 -6.75 44.51
N PHE A 145 42.13 -6.30 45.74
CA PHE A 145 41.82 -4.91 45.99
C PHE A 145 43.07 -4.05 45.83
N HIS A 146 42.90 -2.85 45.26
CA HIS A 146 44.02 -1.90 45.15
C HIS A 146 44.37 -1.39 46.55
N PHE A 147 45.51 -1.85 47.09
CA PHE A 147 45.82 -1.69 48.51
C PHE A 147 46.04 -0.23 48.92
N PHE A 148 46.39 0.63 47.96
CA PHE A 148 46.50 2.08 48.20
C PHE A 148 45.18 2.70 48.67
N GLU A 149 44.04 2.13 48.27
CA GLU A 149 42.75 2.75 48.48
C GLU A 149 41.91 2.10 49.58
N VAL A 150 42.54 1.36 50.49
CA VAL A 150 41.81 0.71 51.58
C VAL A 150 41.34 1.74 52.60
N ASN A 151 40.50 1.28 53.54
CA ASN A 151 39.87 2.06 54.62
C ASN A 151 40.83 3.04 55.28
N ARG A 152 40.39 4.30 55.38
CA ARG A 152 41.25 5.40 55.81
C ARG A 152 41.70 5.30 57.25
N CYS A 153 41.09 4.43 58.06
CA CYS A 153 41.55 4.18 59.42
C CYS A 153 42.74 3.23 59.50
N LEU A 154 43.17 2.63 58.39
CA LEU A 154 44.40 1.87 58.39
C LEU A 154 45.59 2.81 58.20
N ASP A 155 46.61 2.66 59.01
CA ASP A 155 47.77 3.55 58.99
C ASP A 155 48.99 2.79 58.46
N PHE A 156 49.55 3.26 57.34
CA PHE A 156 50.72 2.67 56.71
C PHE A 156 51.30 3.69 55.73
N ASP A 157 52.52 3.41 55.28
CA ASP A 157 53.19 4.25 54.29
C ASP A 157 52.54 4.05 52.93
N ARG A 158 51.57 4.89 52.58
CA ARG A 158 50.73 4.63 51.41
C ARG A 158 51.47 4.85 50.09
N GLU A 159 52.56 5.63 50.10
CA GLU A 159 53.32 5.89 48.89
C GLU A 159 53.94 4.62 48.31
N LYS A 160 54.35 3.70 49.16
CA LYS A 160 54.98 2.46 48.71
C LYS A 160 53.99 1.43 48.19
N THR A 161 52.69 1.67 48.31
CA THR A 161 51.69 0.68 47.93
C THR A 161 50.91 1.05 46.68
N PHE A 162 51.30 2.11 45.98
CA PHE A 162 50.60 2.55 44.78
C PHE A 162 50.78 1.52 43.66
N GLY A 163 49.66 1.11 43.07
CA GLY A 163 49.67 0.11 42.01
C GLY A 163 49.92 -1.32 42.47
N LYS A 164 49.66 -1.65 43.73
CA LYS A 164 49.99 -2.97 44.27
C LYS A 164 48.77 -3.63 44.92
N ARG A 165 48.84 -4.95 45.06
CA ARG A 165 47.81 -5.77 45.69
C ARG A 165 48.48 -6.84 46.55
N LEU A 166 47.69 -7.50 47.38
CA LEU A 166 48.20 -8.54 48.29
C LEU A 166 48.67 -9.78 47.53
N ASP A 167 49.78 -10.36 47.99
CA ASP A 167 50.36 -11.56 47.39
C ASP A 167 49.89 -12.80 48.17
N ILE A 168 48.60 -13.08 48.04
CA ILE A 168 47.98 -14.25 48.66
C ILE A 168 47.20 -14.99 47.59
N ALA A 169 46.66 -16.15 47.96
CA ALA A 169 45.87 -16.95 47.05
C ALA A 169 44.59 -16.21 46.66
N SER A 170 44.24 -16.31 45.38
CA SER A 170 43.13 -15.58 44.80
C SER A 170 41.80 -15.98 45.44
N GLY A 171 41.12 -15.00 46.02
CA GLY A 171 39.87 -15.25 46.73
C GLY A 171 39.99 -15.34 48.24
N THR A 172 41.20 -15.26 48.80
CA THR A 172 41.39 -15.24 50.25
C THR A 172 41.56 -13.81 50.73
N ALA A 173 41.73 -13.63 52.04
CA ALA A 173 41.72 -12.30 52.63
C ALA A 173 42.60 -12.25 53.89
N VAL A 174 42.90 -11.02 54.32
CA VAL A 174 43.68 -10.73 55.53
C VAL A 174 42.84 -9.84 56.44
N ARG A 175 42.79 -10.17 57.73
CA ARG A 175 41.92 -9.51 58.70
C ARG A 175 42.73 -8.68 59.69
N PHE A 176 42.22 -7.48 60.00
CA PHE A 176 42.82 -6.58 60.99
C PHE A 176 41.80 -6.29 62.09
N GLU A 177 42.07 -6.77 63.30
CA GLU A 177 41.28 -6.42 64.47
C GLU A 177 41.57 -4.97 64.89
N PRO A 178 40.70 -4.35 65.69
CA PRO A 178 41.02 -3.03 66.23
C PRO A 178 42.27 -3.04 67.11
N GLY A 179 43.19 -2.13 66.81
CA GLY A 179 44.47 -2.04 67.48
C GLY A 179 45.53 -3.00 66.97
N GLU A 180 45.20 -3.88 66.03
CA GLU A 180 46.14 -4.89 65.55
C GLU A 180 47.16 -4.29 64.58
N GLU A 181 48.39 -4.78 64.66
CA GLU A 181 49.47 -4.37 63.77
C GLU A 181 50.22 -5.60 63.26
N LYS A 182 50.41 -5.68 61.95
CA LYS A 182 51.12 -6.78 61.32
C LYS A 182 51.66 -6.33 59.97
N SER A 183 52.53 -7.16 59.40
CA SER A 183 53.10 -6.90 58.08
C SER A 183 52.42 -7.74 57.00
N VAL A 184 52.35 -7.18 55.79
CA VAL A 184 51.76 -7.86 54.63
C VAL A 184 52.74 -7.81 53.46
N GLU A 185 52.51 -8.69 52.49
CA GLU A 185 53.32 -8.78 51.28
C GLU A 185 52.53 -8.27 50.08
N LEU A 186 53.14 -7.40 49.28
CA LEU A 186 52.46 -6.78 48.15
C LEU A 186 53.23 -6.97 46.85
N ILE A 187 52.49 -7.18 45.75
CA ILE A 187 53.06 -7.34 44.42
C ILE A 187 52.32 -6.42 43.45
N ASP A 188 52.95 -6.18 42.29
CA ASP A 188 52.40 -5.27 41.29
C ASP A 188 51.13 -5.83 40.64
N ILE A 189 50.18 -4.94 40.37
CA ILE A 189 49.00 -5.26 39.57
C ILE A 189 49.42 -5.50 38.14
N GLY A 190 48.87 -6.55 37.51
CA GLY A 190 49.19 -6.92 36.15
C GLY A 190 48.27 -6.31 35.11
N GLY A 191 48.34 -6.87 33.91
CA GLY A 191 47.50 -6.40 32.80
C GLY A 191 47.92 -5.04 32.29
N ASN A 192 46.92 -4.27 31.85
CA ASN A 192 47.15 -2.91 31.37
C ASN A 192 47.38 -1.90 32.50
N ARG A 193 47.17 -2.29 33.76
CA ARG A 193 47.32 -1.44 34.94
C ARG A 193 46.45 -0.19 34.86
N ARG A 194 45.21 -0.35 34.41
CA ARG A 194 44.21 0.71 34.40
C ARG A 194 43.29 0.50 35.60
N ILE A 195 43.28 1.45 36.53
CA ILE A 195 42.62 1.30 37.82
C ILE A 195 41.40 2.20 37.83
N PHE A 196 40.21 1.60 37.84
CA PHE A 196 38.96 2.35 37.86
C PHE A 196 38.10 1.90 39.03
N GLY A 197 37.63 2.87 39.82
CA GLY A 197 36.81 2.61 40.98
C GLY A 197 37.53 2.69 42.32
N PHE A 198 37.07 1.85 43.24
CA PHE A 198 37.59 1.48 44.57
C PHE A 198 37.54 2.53 45.67
N ASN A 199 37.82 3.80 45.35
CA ASN A 199 37.51 4.95 46.18
C ASN A 199 37.53 6.20 45.31
N ALA A 200 37.70 5.97 44.00
CA ALA A 200 37.91 7.01 42.98
C ALA A 200 39.11 7.90 43.30
N LEU A 201 40.21 7.29 43.76
CA LEU A 201 41.44 8.05 43.95
C LEU A 201 42.34 8.04 42.72
N VAL A 202 42.14 7.13 41.77
CA VAL A 202 42.96 7.12 40.55
C VAL A 202 42.10 7.37 39.32
N ASP A 203 41.24 6.41 38.98
CA ASP A 203 40.33 6.45 37.83
C ASP A 203 41.05 6.71 36.49
N ARG A 204 42.27 6.21 36.34
CA ARG A 204 43.05 6.40 35.10
C ARG A 204 44.18 5.38 35.07
N GLN A 205 45.07 5.53 34.09
CA GLN A 205 46.28 4.72 33.99
C GLN A 205 47.19 4.94 35.18
N ALA A 206 47.69 3.86 35.77
CA ALA A 206 48.60 3.95 36.91
C ALA A 206 50.02 4.16 36.40
N ASP A 207 50.64 5.27 36.82
CA ASP A 207 52.03 5.60 36.52
C ASP A 207 52.50 6.62 37.54
N ASN A 208 53.72 7.14 37.35
CA ASN A 208 54.28 8.08 38.31
C ASN A 208 53.60 9.44 38.26
N GLU A 209 53.10 9.85 37.09
CA GLU A 209 52.33 11.09 37.01
C GLU A 209 51.01 10.98 37.77
N SER A 210 50.33 9.84 37.66
CA SER A 210 49.05 9.69 38.34
C SER A 210 49.22 9.44 39.84
N LYS A 211 50.42 9.06 40.29
CA LYS A 211 50.65 8.82 41.71
C LYS A 211 50.59 10.12 42.52
N LYS A 212 51.11 11.22 41.97
CA LYS A 212 51.09 12.51 42.66
C LYS A 212 49.65 13.01 42.87
N ILE A 213 48.81 12.90 41.84
CA ILE A 213 47.40 13.27 41.93
C ILE A 213 46.68 12.43 42.98
N ALA A 214 46.95 11.12 42.97
CA ALA A 214 46.31 10.21 43.92
C ALA A 214 46.73 10.49 45.36
N LEU A 215 48.01 10.84 45.57
CA LEU A 215 48.47 11.19 46.91
C LEU A 215 47.86 12.49 47.41
N HIS A 216 47.73 13.48 46.52
CA HIS A 216 47.08 14.74 46.90
C HIS A 216 45.60 14.52 47.25
N ARG A 217 44.89 13.73 46.44
CA ARG A 217 43.50 13.41 46.70
C ARG A 217 43.33 12.64 48.01
N ALA A 218 44.25 11.71 48.29
CA ALA A 218 44.17 10.91 49.51
C ALA A 218 44.43 11.76 50.75
N LYS A 219 45.36 12.72 50.64
CA LYS A 219 45.59 13.61 51.78
C LYS A 219 44.41 14.52 52.05
N GLU A 220 43.77 15.05 50.99
CA GLU A 220 42.62 15.94 51.19
C GLU A 220 41.41 15.22 51.78
N ARG A 221 41.29 13.91 51.57
CA ARG A 221 40.18 13.13 52.10
C ARG A 221 40.55 12.38 53.38
N GLY A 222 41.71 12.66 53.96
CA GLY A 222 42.04 12.17 55.28
C GLY A 222 42.44 10.71 55.40
N PHE A 223 43.06 10.13 54.37
CA PHE A 223 43.55 8.77 54.48
C PHE A 223 44.87 8.77 55.27
N HIS A 224 44.96 7.89 56.26
CA HIS A 224 46.09 7.89 57.19
C HIS A 224 47.37 7.43 56.52
N GLY A 225 48.47 8.09 56.87
CA GLY A 225 49.78 7.72 56.38
C GLY A 225 50.15 8.25 55.02
N THR A 226 49.33 9.11 54.43
CA THR A 226 49.63 9.68 53.13
C THR A 226 50.48 10.94 53.29
N LYS A 227 51.61 10.97 52.61
CA LYS A 227 52.54 12.09 52.67
C LYS A 227 52.70 12.68 51.28
N SER A 228 52.08 13.82 51.05
CA SER A 228 52.30 14.62 49.86
C SER A 228 52.71 16.03 50.27
N ASP A 229 53.68 16.59 49.55
CA ASP A 229 54.33 17.81 49.96
C ASP A 229 53.41 19.01 49.79
N ASP A 230 53.70 20.07 50.54
CA ASP A 230 53.00 21.33 50.39
C ASP A 230 53.43 22.01 49.09
N ASN A 231 52.68 23.06 48.72
CA ASN A 231 52.80 23.77 47.44
C ASN A 231 52.67 22.81 46.26
N TYR A 232 51.58 22.04 46.27
CA TYR A 232 51.23 21.16 45.16
C TYR A 232 50.80 21.97 43.95
N VAL A 233 51.20 21.52 42.76
CA VAL A 233 50.90 22.20 41.50
C VAL A 233 49.81 21.40 40.78
N LYS A 234 48.66 22.04 40.54
CA LYS A 234 47.56 21.38 39.86
C LYS A 234 47.85 21.24 38.36
N THR A 235 47.21 20.23 37.75
CA THR A 235 47.21 20.06 36.30
C THR A 235 45.86 20.52 35.73
N ILE A 236 45.73 20.42 34.41
CA ILE A 236 44.51 20.85 33.73
C ILE A 236 43.35 19.88 33.96
N LYS A 237 43.62 18.61 34.26
CA LYS A 237 42.56 17.62 34.50
C LYS A 237 42.90 16.84 35.76
N GLU A 238 42.18 17.13 36.85
CA GLU A 238 42.36 16.42 38.10
C GLU A 238 41.03 15.83 38.56
N MET B 1 55.85 -14.24 44.70
CA MET B 1 55.71 -15.69 44.62
C MET B 1 55.41 -16.29 45.98
N LYS B 2 54.57 -17.32 46.01
CA LYS B 2 54.27 -18.07 47.20
C LYS B 2 54.07 -19.54 46.85
N LYS B 3 54.25 -20.40 47.85
CA LYS B 3 54.00 -21.83 47.72
C LYS B 3 52.68 -22.17 48.39
N ILE B 4 51.84 -22.91 47.67
CA ILE B 4 50.57 -23.41 48.18
C ILE B 4 50.57 -24.92 48.03
N SER B 5 50.14 -25.63 49.07
CA SER B 5 50.09 -27.09 48.99
C SER B 5 48.99 -27.53 48.03
N ARG B 6 49.17 -28.72 47.46
CA ARG B 6 48.28 -29.22 46.41
C ARG B 6 46.88 -29.46 46.92
N LYS B 7 46.76 -29.93 48.18
CA LYS B 7 45.46 -30.28 48.75
C LYS B 7 44.57 -29.05 48.91
N GLU B 8 45.12 -27.96 49.44
CA GLU B 8 44.29 -26.77 49.61
C GLU B 8 44.04 -26.03 48.31
N TYR B 9 44.97 -26.12 47.34
CA TYR B 9 44.69 -25.61 45.99
C TYR B 9 43.50 -26.33 45.37
N VAL B 10 43.48 -27.67 45.48
CA VAL B 10 42.40 -28.45 44.88
C VAL B 10 41.08 -28.19 45.62
N SER B 11 41.14 -28.02 46.94
CA SER B 11 39.94 -27.67 47.69
C SER B 11 39.40 -26.30 47.31
N MET B 12 40.25 -25.37 46.90
CA MET B 12 39.74 -24.07 46.46
C MET B 12 39.31 -24.03 44.99
N TYR B 13 40.03 -24.69 44.08
CA TYR B 13 39.82 -24.48 42.66
C TYR B 13 39.56 -25.75 41.85
N GLY B 14 39.54 -26.92 42.46
CA GLY B 14 39.40 -28.15 41.73
C GLY B 14 40.72 -28.70 41.26
N PRO B 15 40.71 -29.90 40.67
CA PRO B 15 41.96 -30.55 40.26
C PRO B 15 42.65 -29.84 39.11
N THR B 16 43.97 -29.98 39.06
CA THR B 16 44.77 -29.37 38.00
C THR B 16 45.63 -30.43 37.31
N THR B 17 46.60 -30.02 36.49
CA THR B 17 47.34 -30.90 35.60
C THR B 17 48.07 -32.01 36.35
N GLY B 18 47.80 -33.25 35.97
CA GLY B 18 48.37 -34.42 36.60
C GLY B 18 47.49 -35.07 37.65
N ASP B 19 46.52 -34.35 38.20
CA ASP B 19 45.62 -34.91 39.20
C ASP B 19 44.60 -35.85 38.54
N LYS B 20 44.05 -36.77 39.34
CA LYS B 20 43.16 -37.81 38.85
C LYS B 20 41.87 -37.85 39.66
N VAL B 21 40.79 -38.29 39.02
CA VAL B 21 39.47 -38.39 39.65
C VAL B 21 38.79 -39.70 39.23
N ARG B 22 38.16 -40.38 40.18
CA ARG B 22 37.32 -41.55 39.90
C ARG B 22 35.94 -41.10 39.43
N LEU B 23 35.44 -41.75 38.37
CA LEU B 23 34.12 -41.43 37.83
C LEU B 23 33.06 -42.30 38.52
N GLY B 24 32.23 -41.66 39.34
CA GLY B 24 31.16 -42.37 40.04
C GLY B 24 31.70 -43.40 41.02
N ASP B 25 30.99 -44.53 41.11
CA ASP B 25 31.47 -45.67 41.86
C ASP B 25 32.10 -46.74 40.97
N THR B 26 32.50 -46.37 39.75
CA THR B 26 33.17 -47.29 38.84
C THR B 26 34.67 -47.39 39.16
N ASP B 27 35.39 -48.12 38.32
CA ASP B 27 36.85 -48.22 38.40
C ASP B 27 37.55 -47.43 37.29
N LEU B 28 36.87 -46.46 36.71
CA LEU B 28 37.45 -45.65 35.64
C LEU B 28 38.07 -44.39 36.23
N ILE B 29 39.32 -44.14 35.88
CA ILE B 29 40.11 -43.04 36.45
C ILE B 29 40.45 -42.07 35.32
N ALA B 30 40.00 -40.83 35.44
CA ALA B 30 40.28 -39.77 34.48
C ALA B 30 41.42 -38.88 35.00
N GLU B 31 42.25 -38.40 34.09
CA GLU B 31 43.39 -37.55 34.42
C GLU B 31 43.33 -36.23 33.66
N VAL B 32 43.64 -35.13 34.35
CA VAL B 32 43.64 -33.81 33.74
C VAL B 32 44.86 -33.66 32.85
N GLU B 33 44.63 -33.39 31.56
CA GLU B 33 45.70 -33.32 30.58
C GLU B 33 46.35 -31.94 30.46
N HIS B 34 45.61 -30.87 30.74
CA HIS B 34 46.07 -29.51 30.50
C HIS B 34 45.21 -28.54 31.30
N ASP B 35 45.77 -27.36 31.62
CA ASP B 35 45.07 -26.31 32.35
C ASP B 35 45.35 -24.96 31.70
N TYR B 36 44.31 -24.18 31.47
CA TYR B 36 44.43 -22.87 30.84
C TYR B 36 44.64 -21.72 31.83
N THR B 37 44.59 -21.97 33.13
CA THR B 37 44.63 -20.87 34.08
C THR B 37 46.06 -20.37 34.29
N ILE B 38 46.16 -19.17 34.85
CA ILE B 38 47.40 -18.61 35.34
C ILE B 38 47.34 -18.65 36.87
N TYR B 39 48.32 -19.30 37.48
CA TYR B 39 48.29 -19.56 38.92
C TYR B 39 48.41 -18.25 39.70
N GLY B 40 47.45 -18.01 40.59
CA GLY B 40 47.33 -16.77 41.31
C GLY B 40 46.31 -15.80 40.75
N GLU B 41 45.72 -16.08 39.59
CA GLU B 41 44.73 -15.21 38.98
C GLU B 41 43.41 -15.93 38.75
N GLU B 42 43.04 -16.85 39.64
CA GLU B 42 41.83 -17.64 39.46
C GLU B 42 40.58 -16.82 39.75
N LEU B 43 39.47 -17.18 39.09
CA LEU B 43 38.19 -16.51 39.29
C LEU B 43 37.41 -17.20 40.41
N LYS B 44 36.98 -16.40 41.40
CA LYS B 44 36.15 -16.88 42.50
C LYS B 44 35.05 -15.85 42.78
N PHE B 45 33.84 -16.33 43.05
CA PHE B 45 32.71 -15.45 43.33
C PHE B 45 32.30 -15.53 44.80
N GLY B 46 32.03 -14.38 45.38
CA GLY B 46 31.60 -14.29 46.76
C GLY B 46 32.07 -12.99 47.38
N GLY B 47 31.78 -12.85 48.67
CA GLY B 47 32.17 -11.66 49.40
C GLY B 47 33.66 -11.62 49.65
N GLY B 48 34.32 -10.55 49.21
CA GLY B 48 35.76 -10.44 49.32
C GLY B 48 36.56 -11.21 48.30
N LYS B 49 35.91 -11.83 47.30
CA LYS B 49 36.58 -12.63 46.30
C LYS B 49 36.90 -11.77 45.07
N THR B 50 37.26 -12.40 43.94
CA THR B 50 37.84 -11.67 42.82
C THR B 50 36.83 -11.16 41.81
N LEU B 51 35.63 -11.74 41.71
CA LEU B 51 34.66 -11.35 40.67
C LEU B 51 33.85 -10.14 41.13
N ARG B 52 34.54 -9.01 41.24
CA ARG B 52 33.97 -7.75 41.72
C ARG B 52 34.39 -6.63 40.78
N GLU B 53 33.70 -5.49 40.88
CA GLU B 53 33.89 -4.40 39.93
C GLU B 53 35.28 -3.78 40.07
N GLY B 54 35.94 -3.61 38.93
CA GLY B 54 37.30 -3.11 38.90
C GLY B 54 38.39 -4.12 39.15
N MET B 55 38.06 -5.39 39.45
CA MET B 55 39.09 -6.39 39.72
C MET B 55 39.11 -7.48 38.66
N SER B 56 38.09 -8.33 38.58
CA SER B 56 37.96 -9.27 37.47
C SER B 56 36.73 -9.02 36.62
N GLN B 57 35.77 -8.25 37.13
CA GLN B 57 34.73 -7.67 36.29
C GLN B 57 35.23 -6.33 35.79
N SER B 58 35.31 -6.19 34.47
CA SER B 58 35.88 -4.99 33.86
C SER B 58 34.93 -3.81 33.97
N ASN B 59 35.50 -2.63 34.22
CA ASN B 59 34.80 -1.38 34.06
C ASN B 59 34.93 -0.81 32.65
N ASN B 60 35.80 -1.37 31.82
CA ASN B 60 35.91 -1.01 30.40
C ASN B 60 35.94 -2.29 29.56
N PRO B 61 34.82 -3.01 29.48
CA PRO B 61 34.84 -4.32 28.83
C PRO B 61 34.88 -4.21 27.30
N SER B 62 35.23 -5.32 26.67
CA SER B 62 35.21 -5.38 25.23
C SER B 62 33.77 -5.37 24.72
N LYS B 63 33.62 -5.10 23.42
CA LYS B 63 32.29 -5.11 22.82
C LYS B 63 31.74 -6.53 22.63
N GLU B 64 32.54 -7.57 22.85
CA GLU B 64 32.12 -8.96 22.83
C GLU B 64 31.89 -9.51 24.23
N GLU B 65 31.35 -8.69 25.12
CA GLU B 65 31.17 -9.02 26.53
C GLU B 65 30.24 -10.21 26.73
N LEU B 66 30.62 -11.11 27.65
CA LEU B 66 29.92 -12.38 27.86
C LEU B 66 28.60 -12.20 28.60
N ASP B 67 27.66 -13.09 28.31
CA ASP B 67 26.41 -13.16 29.07
C ASP B 67 26.51 -14.07 30.30
N LEU B 68 27.38 -15.08 30.27
CA LEU B 68 27.51 -16.05 31.36
C LEU B 68 28.91 -16.66 31.30
N ILE B 69 29.53 -16.89 32.46
CA ILE B 69 30.82 -17.57 32.53
C ILE B 69 30.76 -18.69 33.57
N ILE B 70 31.26 -19.87 33.19
CA ILE B 70 31.41 -21.00 34.08
C ILE B 70 32.89 -21.07 34.47
N THR B 71 33.18 -20.92 35.76
CA THR B 71 34.56 -20.78 36.23
C THR B 71 35.11 -22.11 36.74
N ASN B 72 36.37 -22.39 36.37
CA ASN B 72 37.15 -23.52 36.89
C ASN B 72 36.49 -24.88 36.61
N ALA B 73 36.01 -25.07 35.38
CA ALA B 73 35.33 -26.29 35.00
C ALA B 73 36.32 -27.36 34.54
N LEU B 74 36.02 -28.62 34.84
CA LEU B 74 36.73 -29.76 34.29
C LEU B 74 35.93 -30.30 33.10
N ILE B 75 36.43 -30.06 31.89
CA ILE B 75 35.73 -30.45 30.66
C ILE B 75 36.10 -31.88 30.31
N VAL B 76 35.08 -32.72 30.07
CA VAL B 76 35.28 -34.08 29.58
C VAL B 76 34.58 -34.19 28.23
N ASP B 77 35.35 -34.36 27.17
CA ASP B 77 34.86 -34.29 25.81
C ASP B 77 35.70 -35.24 24.95
N TYR B 78 35.21 -35.52 23.74
CA TYR B 78 36.00 -36.33 22.81
C TYR B 78 37.25 -35.60 22.34
N THR B 79 37.27 -34.26 22.42
CA THR B 79 38.44 -33.48 22.09
C THR B 79 39.48 -33.42 23.21
N GLY B 80 39.16 -33.83 24.43
CA GLY B 80 40.14 -33.87 25.50
C GLY B 80 39.52 -33.72 26.86
N ILE B 81 40.36 -33.94 27.88
CA ILE B 81 39.99 -33.83 29.28
C ILE B 81 40.90 -32.79 29.93
N TYR B 82 40.35 -31.62 30.25
CA TYR B 82 41.17 -30.46 30.62
C TYR B 82 40.36 -29.45 31.43
N LYS B 83 41.08 -28.53 32.08
CA LYS B 83 40.50 -27.49 32.94
C LYS B 83 40.49 -26.15 32.22
N ALA B 84 39.34 -25.46 32.25
CA ALA B 84 39.21 -24.15 31.61
C ALA B 84 37.98 -23.44 32.17
N ASP B 85 37.85 -22.16 31.83
CA ASP B 85 36.61 -21.41 31.99
C ASP B 85 35.85 -21.38 30.66
N ILE B 86 34.53 -21.45 30.74
CA ILE B 86 33.66 -21.52 29.57
C ILE B 86 32.80 -20.27 29.51
N GLY B 87 32.82 -19.58 28.38
CA GLY B 87 32.06 -18.36 28.17
C GLY B 87 30.93 -18.55 27.17
N ILE B 88 29.77 -17.99 27.49
CA ILE B 88 28.55 -18.13 26.69
C ILE B 88 28.04 -16.75 26.30
N LYS B 89 27.74 -16.56 25.02
CA LYS B 89 27.15 -15.33 24.51
C LYS B 89 26.12 -15.66 23.43
N ASP B 90 24.90 -15.14 23.61
CA ASP B 90 23.80 -15.23 22.64
C ASP B 90 23.45 -16.68 22.28
N GLY B 91 23.37 -17.53 23.30
CA GLY B 91 23.01 -18.92 23.11
C GLY B 91 24.10 -19.82 22.55
N LYS B 92 25.31 -19.30 22.36
CA LYS B 92 26.41 -20.06 21.79
C LYS B 92 27.60 -20.08 22.76
N ILE B 93 28.46 -21.08 22.58
CA ILE B 93 29.74 -21.12 23.28
C ILE B 93 30.66 -20.11 22.60
N ALA B 94 31.03 -19.06 23.33
CA ALA B 94 31.83 -17.98 22.76
C ALA B 94 33.33 -18.16 22.96
N GLY B 95 33.75 -18.80 24.04
CA GLY B 95 35.17 -18.93 24.30
C GLY B 95 35.44 -20.00 25.33
N ILE B 96 36.59 -20.65 25.19
CA ILE B 96 37.09 -21.64 26.14
C ILE B 96 38.53 -21.27 26.45
N GLY B 97 38.80 -20.90 27.69
CA GLY B 97 40.12 -20.40 28.06
C GLY B 97 40.23 -19.81 29.44
N LYS B 98 40.83 -18.62 29.57
CA LYS B 98 41.13 -18.07 30.89
C LYS B 98 40.04 -17.13 31.41
N GLY B 99 39.78 -16.03 30.72
CA GLY B 99 38.70 -15.14 31.16
C GLY B 99 39.00 -14.22 32.34
N GLY B 100 38.49 -13.01 32.29
CA GLY B 100 38.71 -12.05 33.36
C GLY B 100 38.65 -10.62 32.82
N ASN B 101 39.52 -9.77 33.38
CA ASN B 101 39.57 -8.34 33.07
C ASN B 101 40.97 -7.97 32.64
N LYS B 102 41.12 -7.54 31.38
CA LYS B 102 42.41 -7.17 30.81
C LYS B 102 43.01 -5.94 31.47
N ASP B 103 42.20 -5.10 32.11
CA ASP B 103 42.73 -3.93 32.82
C ASP B 103 43.59 -4.31 34.02
N MET B 104 43.36 -5.50 34.61
CA MET B 104 44.06 -5.91 35.82
C MET B 104 44.77 -7.26 35.73
N GLN B 105 44.58 -8.04 34.67
CA GLN B 105 45.10 -9.40 34.58
C GLN B 105 45.73 -9.62 33.20
N ASP B 106 46.66 -10.58 33.12
CA ASP B 106 47.54 -10.68 31.97
C ASP B 106 46.87 -11.31 30.74
N GLY B 107 46.54 -12.60 30.79
CA GLY B 107 46.24 -13.31 29.56
C GLY B 107 44.77 -13.40 29.14
N VAL B 108 44.08 -12.27 29.02
CA VAL B 108 42.64 -12.27 28.76
C VAL B 108 42.40 -11.81 27.31
N LYS B 109 41.81 -12.68 26.50
CA LYS B 109 41.44 -12.34 25.13
C LYS B 109 40.06 -11.68 25.09
N ASN B 110 39.75 -11.05 23.95
CA ASN B 110 38.55 -10.22 23.82
C ASN B 110 37.26 -11.03 23.93
N ASN B 111 37.27 -12.28 23.46
CA ASN B 111 36.06 -13.11 23.50
C ASN B 111 35.80 -13.73 24.87
N LEU B 112 36.66 -13.52 25.86
CA LEU B 112 36.42 -14.00 27.21
C LEU B 112 36.39 -12.86 28.22
N SER B 113 35.95 -11.68 27.79
CA SER B 113 35.88 -10.51 28.66
C SER B 113 34.67 -10.59 29.59
N VAL B 114 34.91 -10.37 30.88
CA VAL B 114 33.87 -10.36 31.90
C VAL B 114 33.49 -8.93 32.21
N GLY B 115 32.19 -8.61 32.15
CA GLY B 115 31.74 -7.26 32.38
C GLY B 115 30.47 -7.15 33.21
N PRO B 116 29.89 -5.95 33.26
CA PRO B 116 28.64 -5.76 34.02
C PRO B 116 27.45 -6.57 33.52
N ALA B 117 27.43 -6.98 32.26
CA ALA B 117 26.33 -7.79 31.75
C ALA B 117 26.47 -9.28 32.03
N THR B 118 27.56 -9.71 32.69
CA THR B 118 27.87 -11.12 32.86
C THR B 118 27.30 -11.68 34.17
N GLU B 119 26.73 -12.88 34.09
CA GLU B 119 26.35 -13.70 35.24
C GLU B 119 27.41 -14.79 35.47
N ALA B 120 27.59 -15.20 36.73
CA ALA B 120 28.62 -16.16 37.12
C ALA B 120 28.01 -17.48 37.60
N LEU B 121 28.66 -18.59 37.25
CA LEU B 121 28.30 -19.93 37.70
C LEU B 121 29.57 -20.66 38.12
N ALA B 122 29.60 -21.18 39.35
CA ALA B 122 30.80 -21.78 39.91
C ALA B 122 30.90 -23.24 39.50
N GLY B 123 31.95 -23.58 38.75
CA GLY B 123 32.17 -24.95 38.34
C GLY B 123 33.35 -25.65 38.99
N GLU B 124 33.92 -25.10 40.06
CA GLU B 124 35.08 -25.72 40.70
C GLU B 124 34.68 -27.02 41.40
N GLY B 125 35.40 -28.08 41.10
CA GLY B 125 35.08 -29.42 41.56
C GLY B 125 34.03 -30.15 40.76
N LEU B 126 33.55 -29.60 39.65
CA LEU B 126 32.49 -30.20 38.86
C LEU B 126 32.98 -30.53 37.45
N ILE B 127 32.22 -31.40 36.77
CA ILE B 127 32.53 -31.88 35.43
C ILE B 127 31.46 -31.35 34.47
N VAL B 128 31.90 -30.81 33.33
CA VAL B 128 31.01 -30.36 32.26
C VAL B 128 31.16 -31.28 31.06
N THR B 129 30.03 -31.81 30.55
CA THR B 129 29.98 -32.52 29.27
C THR B 129 28.90 -31.92 28.39
N ALA B 130 28.94 -32.30 27.12
CA ALA B 130 27.86 -31.99 26.20
C ALA B 130 26.61 -32.82 26.54
N GLY B 131 25.45 -32.30 26.15
CA GLY B 131 24.22 -33.06 26.31
C GLY B 131 24.18 -34.28 25.41
N GLY B 132 23.52 -35.34 25.89
CA GLY B 132 23.40 -36.55 25.12
C GLY B 132 22.39 -36.45 23.99
N ILE B 133 22.55 -37.32 23.00
CA ILE B 133 21.71 -37.36 21.80
C ILE B 133 21.19 -38.79 21.61
N ASP B 134 19.88 -38.96 21.69
CA ASP B 134 19.23 -40.27 21.58
C ASP B 134 18.52 -40.36 20.23
N THR B 135 18.89 -41.35 19.42
CA THR B 135 18.42 -41.43 18.05
C THR B 135 17.44 -42.57 17.77
N HIS B 136 16.91 -43.22 18.81
CA HIS B 136 16.00 -44.36 18.64
C HIS B 136 14.78 -44.19 19.55
N ILE B 137 14.10 -43.06 19.40
CA ILE B 137 12.94 -42.75 20.24
C ILE B 137 11.65 -43.19 19.54
N HIS B 138 10.84 -44.00 20.23
CA HIS B 138 9.44 -44.20 19.87
C HIS B 138 8.61 -43.16 20.63
N PHE B 139 7.94 -42.27 19.89
CA PHE B 139 7.14 -41.21 20.52
C PHE B 139 5.78 -41.75 20.95
N ILE B 140 5.82 -42.57 21.98
CA ILE B 140 4.64 -43.26 22.50
C ILE B 140 3.88 -42.39 23.50
N SER B 141 4.58 -41.73 24.41
CA SER B 141 3.98 -40.82 25.39
C SER B 141 4.84 -39.59 25.60
N PRO B 142 4.24 -38.41 25.81
CA PRO B 142 5.02 -37.20 26.09
C PRO B 142 5.83 -37.24 27.38
N GLN B 143 5.47 -38.11 28.32
CA GLN B 143 6.17 -38.18 29.60
C GLN B 143 7.56 -38.81 29.48
N GLN B 144 7.92 -39.38 28.32
CA GLN B 144 9.30 -39.82 28.09
C GLN B 144 10.27 -38.65 28.10
N ILE B 145 9.83 -37.48 27.61
CA ILE B 145 10.73 -36.35 27.43
C ILE B 145 11.29 -35.79 28.75
N PRO B 146 10.49 -35.52 29.81
CA PRO B 146 11.13 -35.12 31.08
C PRO B 146 12.00 -36.20 31.72
N THR B 147 11.67 -37.48 31.52
CA THR B 147 12.50 -38.56 32.04
C THR B 147 13.87 -38.57 31.37
N ALA B 148 13.91 -38.39 30.05
CA ALA B 148 15.19 -38.31 29.35
C ALA B 148 15.96 -37.05 29.71
N PHE B 149 15.25 -35.93 29.92
CA PHE B 149 15.90 -34.66 30.25
C PHE B 149 16.62 -34.72 31.59
N ALA B 150 16.00 -35.35 32.59
CA ALA B 150 16.61 -35.46 33.91
C ALA B 150 17.80 -36.41 33.93
N SER B 151 17.93 -37.31 32.96
CA SER B 151 19.08 -38.19 32.91
C SER B 151 20.27 -37.57 32.17
N GLY B 152 20.10 -36.44 31.52
CA GLY B 152 21.17 -35.77 30.81
C GLY B 152 21.11 -35.80 29.28
N VAL B 153 19.96 -36.09 28.69
CA VAL B 153 19.79 -36.12 27.23
C VAL B 153 19.10 -34.82 26.81
N THR B 154 19.67 -34.13 25.82
CA THR B 154 19.10 -32.86 25.37
C THR B 154 18.66 -32.84 23.91
N THR B 155 18.79 -33.93 23.16
CA THR B 155 18.25 -34.04 21.81
C THR B 155 17.61 -35.41 21.63
N MET B 156 16.40 -35.45 21.07
CA MET B 156 15.69 -36.71 20.83
C MET B 156 15.26 -36.79 19.37
N ILE B 157 15.66 -37.86 18.68
CA ILE B 157 15.32 -38.09 17.29
C ILE B 157 14.59 -39.43 17.19
N GLY B 158 13.44 -39.44 16.51
CA GLY B 158 12.67 -40.65 16.33
C GLY B 158 11.39 -40.44 15.53
N GLY B 159 10.32 -41.19 15.83
CA GLY B 159 9.08 -41.03 15.11
C GLY B 159 7.91 -41.63 15.86
N GLY B 160 6.72 -41.19 15.50
CA GLY B 160 5.50 -41.74 16.06
C GLY B 160 4.40 -40.71 16.19
N THR B 161 3.23 -41.19 16.63
CA THR B 161 2.04 -40.37 16.75
C THR B 161 1.32 -40.51 18.10
N GLY B 162 1.94 -41.12 19.10
CA GLY B 162 1.26 -41.44 20.34
C GLY B 162 1.08 -42.94 20.51
N PRO B 163 0.17 -43.37 21.36
CA PRO B 163 0.12 -44.79 21.74
C PRO B 163 -0.57 -45.73 20.75
N ALA B 164 -0.66 -45.35 19.47
CA ALA B 164 -1.18 -46.24 18.45
C ALA B 164 -0.26 -47.44 18.22
N ASP B 165 -0.83 -48.50 17.63
CA ASP B 165 -0.12 -49.77 17.46
C ASP B 165 1.05 -49.66 16.50
N GLY B 166 0.94 -48.79 15.49
CA GLY B 166 2.07 -48.57 14.58
C GLY B 166 3.25 -47.92 15.26
N THR B 167 3.00 -46.96 16.16
CA THR B 167 4.07 -46.31 16.90
C THR B 167 4.66 -47.24 17.96
N ASN B 168 3.82 -48.10 18.57
CA ASN B 168 4.29 -49.05 19.58
C ASN B 168 5.33 -50.02 19.02
N ALA B 169 5.31 -50.27 17.72
CA ALA B 169 6.29 -51.11 17.05
C ALA B 169 7.41 -50.34 16.35
N THR B 170 7.12 -49.18 15.73
CA THR B 170 8.03 -48.55 14.79
C THR B 170 8.25 -47.08 15.12
N THR B 171 9.42 -46.54 14.76
CA THR B 171 9.76 -45.12 14.94
C THR B 171 9.40 -44.32 13.69
N ILE B 172 8.11 -44.22 13.40
CA ILE B 172 7.63 -43.68 12.12
C ILE B 172 6.49 -42.69 12.37
N THR B 173 6.63 -41.48 11.80
CA THR B 173 5.55 -40.50 11.69
C THR B 173 5.12 -40.43 10.23
N PRO B 174 4.03 -41.11 9.83
CA PRO B 174 3.73 -41.24 8.40
C PRO B 174 2.92 -40.10 7.80
N GLY B 175 3.46 -39.45 6.77
CA GLY B 175 2.68 -38.52 5.96
C GLY B 175 2.73 -37.08 6.44
N ARG B 176 2.35 -36.19 5.52
CA ARG B 176 2.44 -34.74 5.74
C ARG B 176 1.55 -34.26 6.88
N ARG B 177 0.31 -34.78 6.97
CA ARG B 177 -0.62 -34.32 8.00
C ARG B 177 -0.16 -34.74 9.40
N ASN B 178 0.30 -35.98 9.55
CA ASN B 178 0.79 -36.45 10.85
C ASN B 178 2.09 -35.74 11.24
N LEU B 179 2.94 -35.42 10.26
CA LEU B 179 4.12 -34.61 10.52
C LEU B 179 3.74 -33.21 11.01
N LYS B 180 2.69 -32.61 10.43
CA LYS B 180 2.20 -31.33 10.90
C LYS B 180 1.70 -31.38 12.34
N TRP B 181 0.97 -32.45 12.69
CA TRP B 181 0.52 -32.68 14.08
C TRP B 181 1.70 -32.70 15.05
N MET B 182 2.72 -33.51 14.75
CA MET B 182 3.83 -33.67 15.68
C MET B 182 4.70 -32.40 15.76
N LEU B 183 4.91 -31.71 14.63
CA LEU B 183 5.70 -30.48 14.65
C LEU B 183 5.00 -29.37 15.43
N ARG B 184 3.67 -29.29 15.34
CA ARG B 184 2.97 -28.28 16.14
C ARG B 184 2.88 -28.68 17.61
N ALA B 185 2.83 -29.98 17.92
CA ALA B 185 2.86 -30.38 19.32
C ALA B 185 4.23 -30.15 19.96
N ALA B 186 5.30 -30.16 19.15
CA ALA B 186 6.67 -30.05 19.65
C ALA B 186 6.98 -28.72 20.34
N GLU B 187 6.16 -27.68 20.13
CA GLU B 187 6.35 -26.37 20.75
C GLU B 187 6.21 -26.39 22.27
N GLU B 188 5.68 -27.47 22.85
CA GLU B 188 5.48 -27.59 24.29
C GLU B 188 6.80 -27.77 25.05
N TYR B 189 7.78 -28.48 24.48
CA TYR B 189 8.76 -29.21 25.29
C TYR B 189 10.13 -28.54 25.38
N SER B 190 10.88 -28.93 26.42
CA SER B 190 12.27 -28.52 26.63
C SER B 190 13.20 -29.64 26.17
N MET B 191 13.40 -29.74 24.85
CA MET B 191 14.17 -30.78 24.18
C MET B 191 14.31 -30.42 22.71
N ASN B 192 15.51 -30.56 22.15
CA ASN B 192 15.66 -30.51 20.69
C ASN B 192 15.05 -31.77 20.07
N LEU B 193 14.33 -31.60 18.96
CA LEU B 193 13.53 -32.69 18.39
C LEU B 193 13.70 -32.78 16.87
N GLY B 194 13.60 -34.01 16.36
CA GLY B 194 13.54 -34.26 14.93
C GLY B 194 12.81 -35.55 14.63
N PHE B 195 12.10 -35.59 13.50
CA PHE B 195 11.15 -36.67 13.21
C PHE B 195 11.51 -37.44 11.94
N LEU B 196 11.31 -38.75 11.99
CA LEU B 196 11.55 -39.67 10.88
C LEU B 196 10.23 -40.08 10.22
N ALA B 197 10.28 -40.26 8.89
CA ALA B 197 9.11 -40.60 8.09
C ALA B 197 9.11 -42.08 7.68
N LYS B 198 8.05 -42.49 6.98
CA LYS B 198 7.89 -43.89 6.57
C LYS B 198 8.68 -44.15 5.29
N GLY B 199 9.62 -45.10 5.36
CA GLY B 199 10.41 -45.47 4.20
C GLY B 199 9.93 -46.71 3.47
N ASN B 200 8.93 -47.40 4.04
CA ASN B 200 8.43 -48.65 3.48
C ASN B 200 7.39 -48.37 2.39
N THR B 201 7.88 -47.95 1.22
CA THR B 201 7.05 -47.84 0.02
C THR B 201 7.94 -47.88 -1.21
N SER B 202 7.34 -48.21 -2.34
CA SER B 202 8.03 -48.15 -3.63
C SER B 202 7.54 -47.00 -4.50
N ASN B 203 6.81 -46.05 -3.93
CA ASN B 203 6.33 -44.88 -4.66
C ASN B 203 7.25 -43.70 -4.35
N ASP B 204 7.96 -43.21 -5.36
CA ASP B 204 8.96 -42.16 -5.16
C ASP B 204 8.32 -40.83 -4.79
N ALA B 205 7.14 -40.54 -5.34
CA ALA B 205 6.46 -39.28 -5.04
C ALA B 205 5.98 -39.23 -3.59
N SER B 206 5.51 -40.37 -3.06
CA SER B 206 5.12 -40.43 -1.65
C SER B 206 6.32 -40.26 -0.73
N LEU B 207 7.47 -40.83 -1.11
CA LEU B 207 8.69 -40.67 -0.32
C LEU B 207 9.15 -39.22 -0.30
N ALA B 208 9.14 -38.56 -1.46
CA ALA B 208 9.64 -37.19 -1.56
C ALA B 208 8.75 -36.19 -0.84
N ASP B 209 7.43 -36.40 -0.83
CA ASP B 209 6.53 -35.43 -0.21
C ASP B 209 6.69 -35.38 1.31
N GLN B 210 7.04 -36.50 1.94
CA GLN B 210 7.29 -36.52 3.38
C GLN B 210 8.53 -35.70 3.76
N ILE B 211 9.58 -35.76 2.92
CA ILE B 211 10.79 -34.98 3.19
C ILE B 211 10.50 -33.49 3.07
N GLU B 212 9.73 -33.10 2.05
CA GLU B 212 9.34 -31.70 1.89
C GLU B 212 8.40 -31.23 2.99
N ALA B 213 7.69 -32.14 3.65
CA ALA B 213 6.80 -31.79 4.75
C ALA B 213 7.53 -31.63 6.08
N GLY B 214 8.82 -31.88 6.14
CA GLY B 214 9.58 -31.56 7.34
C GLY B 214 10.41 -32.66 7.99
N ALA B 215 10.35 -33.89 7.48
CA ALA B 215 11.09 -34.98 8.11
C ALA B 215 12.59 -34.88 7.82
N ILE B 216 13.39 -35.41 8.76
CA ILE B 216 14.84 -35.40 8.61
C ILE B 216 15.40 -36.72 8.10
N GLY B 217 14.54 -37.69 7.78
CA GLY B 217 15.03 -38.96 7.28
C GLY B 217 13.91 -40.00 7.23
N PHE B 218 14.30 -41.22 6.89
CA PHE B 218 13.38 -42.36 6.82
C PHE B 218 13.73 -43.47 7.82
N ILE B 220 12.98 -47.64 7.93
CA ILE B 220 12.44 -48.81 7.24
C ILE B 220 12.28 -49.94 8.26
N HIS B 221 11.05 -50.39 8.47
CA HIS B 221 10.75 -51.34 9.54
C HIS B 221 10.00 -52.54 8.99
N GLU B 222 10.34 -53.73 9.51
CA GLU B 222 9.82 -54.98 8.97
C GLU B 222 8.32 -55.15 9.18
N ASP B 223 7.73 -54.48 10.17
CA ASP B 223 6.29 -54.56 10.38
C ASP B 223 5.50 -53.84 9.29
N TRP B 224 6.08 -52.84 8.63
CA TRP B 224 5.49 -52.26 7.42
C TRP B 224 6.03 -52.90 6.16
N GLY B 225 6.95 -53.86 6.28
CA GLY B 225 7.46 -54.63 5.16
C GLY B 225 8.81 -54.16 4.64
N THR B 226 9.90 -54.79 5.08
CA THR B 226 11.25 -54.44 4.63
C THR B 226 11.61 -55.41 3.50
N THR B 227 11.37 -54.98 2.28
CA THR B 227 11.71 -55.71 1.08
C THR B 227 12.86 -55.01 0.37
N PRO B 228 13.62 -55.72 -0.49
CA PRO B 228 14.70 -55.06 -1.24
C PRO B 228 14.24 -53.90 -2.14
N SER B 229 13.02 -53.98 -2.69
CA SER B 229 12.48 -52.91 -3.51
C SER B 229 12.33 -51.61 -2.74
N ALA B 230 11.75 -51.69 -1.53
CA ALA B 230 11.54 -50.51 -0.70
C ALA B 230 12.86 -49.90 -0.23
N ILE B 231 13.83 -50.75 0.09
CA ILE B 231 15.18 -50.30 0.48
C ILE B 231 15.81 -49.51 -0.66
N ASN B 232 15.71 -50.03 -1.89
CA ASN B 232 16.30 -49.39 -3.06
C ASN B 232 15.67 -48.02 -3.34
N HIS B 233 14.32 -47.96 -3.32
CA HIS B 233 13.64 -46.70 -3.61
C HIS B 233 13.91 -45.63 -2.52
N ALA B 234 13.91 -46.04 -1.25
CA ALA B 234 14.15 -45.09 -0.17
C ALA B 234 15.56 -44.53 -0.22
N LEU B 235 16.56 -45.38 -0.53
CA LEU B 235 17.93 -44.89 -0.64
C LEU B 235 18.10 -43.97 -1.85
N ASP B 236 17.39 -44.24 -2.95
CA ASP B 236 17.44 -43.34 -4.11
C ASP B 236 16.91 -41.95 -3.77
N VAL B 237 15.79 -41.87 -3.04
CA VAL B 237 15.23 -40.56 -2.70
C VAL B 237 16.12 -39.83 -1.67
N ALA B 238 16.67 -40.58 -0.70
CA ALA B 238 17.51 -39.98 0.33
C ALA B 238 18.83 -39.46 -0.24
N ASP B 239 19.33 -40.07 -1.32
CA ASP B 239 20.50 -39.53 -2.01
C ASP B 239 20.21 -38.14 -2.57
N LYS B 240 19.01 -37.93 -3.11
CA LYS B 240 18.66 -36.65 -3.70
C LYS B 240 18.35 -35.58 -2.66
N TYR B 241 17.84 -35.94 -1.48
CA TYR B 241 17.44 -34.92 -0.52
C TYR B 241 18.42 -34.70 0.65
N ASP B 242 19.55 -35.44 0.69
CA ASP B 242 20.59 -35.33 1.74
C ASP B 242 20.01 -35.55 3.15
N VAL B 243 19.39 -36.71 3.34
CA VAL B 243 18.89 -37.13 4.65
C VAL B 243 19.34 -38.57 4.91
N GLN B 244 19.24 -38.98 6.17
CA GLN B 244 19.71 -40.29 6.64
C GLN B 244 18.60 -41.35 6.56
N VAL B 245 19.00 -42.62 6.46
CA VAL B 245 18.10 -43.76 6.47
C VAL B 245 18.47 -44.70 7.62
N ALA B 246 17.46 -45.15 8.37
CA ALA B 246 17.61 -46.16 9.41
C ALA B 246 16.79 -47.40 9.08
N ILE B 247 17.24 -48.59 9.53
CA ILE B 247 16.61 -49.85 9.11
C ILE B 247 16.49 -50.83 10.27
N HIS B 248 15.33 -51.50 10.34
CA HIS B 248 15.07 -52.72 11.10
C HIS B 248 14.80 -53.79 10.04
N THR B 249 15.69 -54.77 9.92
CA THR B 249 15.67 -55.70 8.79
C THR B 249 14.72 -56.88 9.03
N ASP B 250 14.57 -57.70 7.99
CA ASP B 250 13.59 -58.79 7.92
C ASP B 250 14.04 -59.96 8.79
N THR B 251 13.40 -60.13 9.95
CA THR B 251 13.76 -61.21 10.88
C THR B 251 13.42 -62.58 10.31
N LEU B 252 12.29 -62.70 9.61
CA LEU B 252 11.77 -63.98 9.15
C LEU B 252 12.47 -64.52 7.90
N ASN B 253 13.40 -63.76 7.31
CA ASN B 253 14.10 -64.08 6.06
C ASN B 253 13.11 -64.36 4.91
N GLU B 254 12.04 -63.58 4.87
CA GLU B 254 10.90 -63.88 4.00
C GLU B 254 11.25 -63.65 2.53
N ALA B 255 11.86 -62.52 2.21
CA ALA B 255 12.22 -62.21 0.84
C ALA B 255 13.69 -62.47 0.53
N GLY B 256 14.50 -62.79 1.54
CA GLY B 256 15.92 -62.98 1.35
C GLY B 256 16.65 -62.95 2.67
N CYS B 257 17.94 -63.24 2.60
CA CYS B 257 18.83 -63.27 3.76
C CYS B 257 19.59 -61.96 3.87
N VAL B 258 20.60 -61.94 4.76
CA VAL B 258 21.32 -60.70 5.08
C VAL B 258 22.12 -60.18 3.87
N GLU B 259 22.68 -61.09 3.07
CA GLU B 259 23.44 -60.65 1.89
C GLU B 259 22.54 -60.05 0.81
N ASP B 260 21.28 -60.47 0.75
CA ASP B 260 20.33 -59.84 -0.17
C ASP B 260 19.98 -58.42 0.26
N THR B 261 19.83 -58.20 1.58
CA THR B 261 19.64 -56.84 2.10
C THR B 261 20.84 -55.96 1.80
N MET B 262 22.06 -56.49 2.00
CA MET B 262 23.27 -55.73 1.69
C MET B 262 23.40 -55.46 0.18
N ALA B 263 22.94 -56.37 -0.66
CA ALA B 263 22.92 -56.13 -2.10
C ALA B 263 21.92 -55.02 -2.46
N ALA B 264 20.79 -54.96 -1.77
CA ALA B 264 19.83 -53.88 -2.00
C ALA B 264 20.39 -52.54 -1.56
N ILE B 265 21.16 -52.53 -0.45
CA ILE B 265 21.77 -51.29 0.03
C ILE B 265 22.80 -50.76 -0.97
N ALA B 266 23.60 -51.66 -1.54
CA ALA B 266 24.50 -51.40 -2.67
C ALA B 266 25.57 -50.34 -2.35
N GLY B 267 26.17 -50.43 -1.18
CA GLY B 267 27.28 -49.57 -0.79
C GLY B 267 26.91 -48.19 -0.28
N ARG B 268 25.63 -47.85 -0.19
CA ARG B 268 25.22 -46.53 0.26
C ARG B 268 25.12 -46.48 1.79
N THR B 269 25.18 -45.25 2.34
CA THR B 269 25.25 -45.05 3.78
C THR B 269 23.95 -45.44 4.48
N MET B 270 24.05 -46.21 5.58
CA MET B 270 22.89 -46.71 6.30
C MET B 270 23.19 -46.81 7.80
N HIS B 271 22.23 -46.37 8.61
CA HIS B 271 22.28 -46.48 10.07
C HIS B 271 21.45 -47.71 10.47
N THR B 272 22.06 -48.66 11.17
CA THR B 272 21.36 -49.89 11.55
C THR B 272 21.00 -49.85 13.05
N PHE B 273 19.71 -50.01 13.34
CA PHE B 273 19.24 -50.07 14.72
C PHE B 273 19.38 -51.50 15.25
N HIS B 274 19.71 -51.60 16.55
CA HIS B 274 19.87 -52.83 17.36
C HIS B 274 20.54 -53.97 16.59
N THR B 275 21.79 -53.69 16.18
CA THR B 275 22.51 -54.53 15.22
C THR B 275 22.84 -55.92 15.76
N GLU B 276 22.83 -56.09 17.09
CA GLU B 276 23.02 -57.42 17.68
C GLU B 276 21.90 -58.37 17.29
N GLY B 277 20.66 -57.89 17.24
CA GLY B 277 19.56 -58.65 16.70
C GLY B 277 18.50 -59.10 17.69
N ALA B 278 18.69 -58.85 18.99
CA ALA B 278 17.65 -59.19 19.96
C ALA B 278 16.40 -58.35 19.76
N GLY B 279 16.55 -57.09 19.34
CA GLY B 279 15.43 -56.26 19.00
C GLY B 279 14.84 -56.47 17.63
N GLY B 280 15.41 -57.35 16.82
CA GLY B 280 14.93 -57.61 15.47
C GLY B 280 16.03 -57.61 14.44
N GLY B 281 15.82 -58.34 13.36
CA GLY B 281 16.82 -58.48 12.32
C GLY B 281 16.99 -59.92 11.86
N HIS B 282 17.65 -60.12 10.71
CA HIS B 282 17.88 -61.42 10.06
C HIS B 282 18.41 -62.48 11.03
N ALA B 283 17.62 -63.50 11.29
CA ALA B 283 18.04 -64.57 12.18
C ALA B 283 18.91 -65.56 11.43
N PRO B 284 20.11 -65.90 11.93
CA PRO B 284 20.66 -65.43 13.20
C PRO B 284 21.83 -64.44 13.05
N ASP B 285 22.07 -63.90 11.86
CA ASP B 285 23.37 -63.35 11.52
C ASP B 285 23.32 -61.88 11.08
N ILE B 286 22.45 -61.06 11.66
CA ILE B 286 22.42 -59.64 11.33
C ILE B 286 23.67 -58.92 11.85
N ILE B 287 24.31 -59.44 12.91
CA ILE B 287 25.47 -58.80 13.53
C ILE B 287 26.68 -58.72 12.60
N LYS B 288 26.72 -59.48 11.51
CA LYS B 288 27.88 -59.44 10.62
C LYS B 288 27.98 -58.14 9.81
N VAL B 289 26.91 -57.35 9.72
CA VAL B 289 27.00 -56.10 8.97
C VAL B 289 27.76 -55.00 9.70
N ALA B 290 28.07 -55.20 10.99
CA ALA B 290 28.80 -54.20 11.76
C ALA B 290 30.29 -54.13 11.39
N GLY B 291 30.80 -55.04 10.56
CA GLY B 291 32.15 -54.89 10.06
C GLY B 291 32.30 -54.10 8.78
N GLU B 292 31.20 -53.67 8.14
CA GLU B 292 31.21 -53.09 6.81
C GLU B 292 31.53 -51.59 6.84
N HIS B 293 32.03 -51.09 5.71
CA HIS B 293 32.46 -49.70 5.63
C HIS B 293 31.29 -48.72 5.59
N ASN B 294 30.21 -49.06 4.89
CA ASN B 294 29.11 -48.11 4.70
C ASN B 294 28.05 -48.17 5.80
N ILE B 295 28.23 -49.01 6.82
CA ILE B 295 27.24 -49.19 7.87
C ILE B 295 27.66 -48.43 9.11
N LEU B 296 26.73 -47.65 9.69
CA LEU B 296 26.91 -47.03 11.00
C LEU B 296 26.13 -47.84 12.02
N PRO B 297 26.77 -48.71 12.81
CA PRO B 297 26.02 -49.66 13.65
C PRO B 297 25.75 -49.16 15.06
N ALA B 298 24.54 -49.45 15.54
CA ALA B 298 24.08 -49.02 16.85
C ALA B 298 23.51 -50.20 17.63
N SER B 299 23.63 -50.12 18.95
CA SER B 299 22.99 -51.06 19.86
C SER B 299 22.00 -50.32 20.75
N THR B 300 20.97 -51.03 21.19
CA THR B 300 20.01 -50.49 22.13
C THR B 300 20.33 -50.96 23.54
N ASN B 301 19.92 -50.18 24.54
CA ASN B 301 20.32 -50.45 25.92
C ASN B 301 19.81 -51.69 26.69
N PRO B 302 18.69 -52.38 26.38
CA PRO B 302 18.31 -53.49 27.28
C PRO B 302 19.20 -54.72 27.21
N THR B 303 20.06 -54.85 26.20
CA THR B 303 21.00 -55.96 26.14
C THR B 303 22.38 -55.63 26.70
N ILE B 304 22.63 -54.38 27.10
CA ILE B 304 23.92 -54.03 27.69
C ILE B 304 23.70 -53.48 29.11
N PRO B 305 24.55 -53.86 30.08
CA PRO B 305 25.56 -54.92 30.00
C PRO B 305 24.93 -56.31 30.12
N PHE B 306 25.66 -57.34 29.70
CA PHE B 306 25.16 -58.71 29.74
C PHE B 306 25.20 -59.23 31.18
N THR B 307 24.03 -59.52 31.74
CA THR B 307 23.90 -59.96 33.12
C THR B 307 23.26 -61.34 33.18
N VAL B 308 23.20 -61.90 34.39
CA VAL B 308 22.63 -63.23 34.58
C VAL B 308 21.12 -63.27 34.49
N ASN B 309 20.44 -62.12 34.50
CA ASN B 309 18.99 -62.06 34.34
C ASN B 309 18.57 -61.69 32.92
N THR B 310 19.51 -61.49 32.00
CA THR B 310 19.19 -60.88 30.71
C THR B 310 18.40 -61.83 29.81
N GLU B 311 18.84 -63.08 29.71
CA GLU B 311 18.27 -64.04 28.77
C GLU B 311 16.84 -64.40 29.13
N ALA B 312 16.59 -64.70 30.41
CA ALA B 312 15.25 -65.06 30.87
C ALA B 312 14.26 -63.92 30.71
N GLU B 313 14.69 -62.69 31.03
CA GLU B 313 13.85 -61.51 30.87
C GLU B 313 13.48 -61.29 29.40
N HIS B 314 14.46 -61.39 28.51
CA HIS B 314 14.18 -61.17 27.09
C HIS B 314 13.32 -62.28 26.50
N MET B 315 13.51 -63.53 26.96
CA MET B 315 12.68 -64.64 26.50
C MET B 315 11.22 -64.43 26.92
N ASP B 316 10.99 -64.04 28.17
CA ASP B 316 9.61 -63.83 28.61
C ASP B 316 8.99 -62.59 27.97
N MET B 317 9.80 -61.58 27.63
CA MET B 317 9.28 -60.46 26.85
C MET B 317 8.87 -60.91 25.45
N LEU B 318 9.65 -61.80 24.84
CA LEU B 318 9.32 -62.30 23.50
C LEU B 318 8.06 -63.14 23.51
N MET B 319 7.84 -63.94 24.57
CA MET B 319 6.65 -64.78 24.63
C MET B 319 5.37 -63.96 24.79
N VAL B 320 5.43 -62.84 25.50
CA VAL B 320 4.25 -62.01 25.72
C VAL B 320 3.85 -61.27 24.45
N CYS B 321 4.82 -60.60 23.80
CA CYS B 321 4.50 -59.70 22.71
C CYS B 321 4.07 -60.45 21.45
N HIS B 322 4.62 -61.63 21.20
CA HIS B 322 4.22 -62.41 20.04
C HIS B 322 3.10 -63.40 20.33
N HIS B 323 2.65 -63.48 21.60
CA HIS B 323 1.60 -64.40 22.06
C HIS B 323 1.92 -65.86 21.72
N LEU B 324 3.15 -66.26 22.06
CA LEU B 324 3.59 -67.61 21.79
C LEU B 324 3.14 -68.57 22.88
N ASP B 325 3.20 -69.86 22.57
CA ASP B 325 2.83 -70.92 23.49
C ASP B 325 3.93 -71.97 23.51
N LYS B 326 4.27 -72.44 24.71
CA LYS B 326 5.33 -73.43 24.85
C LYS B 326 4.91 -74.83 24.40
N SER B 327 3.63 -75.07 24.15
CA SER B 327 3.18 -76.38 23.72
C SER B 327 3.27 -76.58 22.21
N ILE B 328 3.68 -75.57 21.46
CA ILE B 328 3.77 -75.64 20.00
C ILE B 328 5.25 -75.67 19.61
N LYS B 329 5.63 -76.67 18.80
CA LYS B 329 7.04 -76.84 18.46
C LYS B 329 7.58 -75.76 17.54
N GLU B 330 6.71 -75.02 16.84
CA GLU B 330 7.17 -73.96 15.96
C GLU B 330 7.38 -72.64 16.69
N ASP B 331 6.59 -72.37 17.74
CA ASP B 331 6.83 -71.19 18.56
C ASP B 331 8.11 -71.33 19.38
N VAL B 332 8.42 -72.55 19.83
CA VAL B 332 9.66 -72.79 20.55
C VAL B 332 10.85 -72.67 19.62
N GLN B 333 10.73 -73.18 18.39
CA GLN B 333 11.81 -73.07 17.41
C GLN B 333 12.02 -71.63 16.97
N PHE B 334 10.94 -70.84 16.89
CA PHE B 334 11.08 -69.43 16.57
C PHE B 334 11.78 -68.68 17.69
N ALA B 335 11.40 -68.95 18.95
CA ALA B 335 11.96 -68.21 20.08
C ALA B 335 13.44 -68.52 20.29
N ASP B 336 13.85 -69.77 20.10
CA ASP B 336 15.24 -70.14 20.28
C ASP B 336 16.16 -69.60 19.18
N SER B 337 15.61 -69.25 18.02
CA SER B 337 16.40 -68.61 16.98
C SER B 337 16.46 -67.10 17.14
N ARG B 338 15.68 -66.52 18.06
CA ARG B 338 15.59 -65.07 18.23
C ARG B 338 16.55 -64.52 19.28
N ILE B 339 16.62 -65.15 20.45
CA ILE B 339 17.24 -64.51 21.61
C ILE B 339 18.77 -64.61 21.55
N ARG B 340 19.30 -65.85 21.45
CA ARG B 340 20.71 -66.15 21.19
C ARG B 340 21.71 -65.51 22.16
N PRO B 341 21.94 -66.11 23.34
CA PRO B 341 22.91 -65.53 24.30
C PRO B 341 24.35 -65.41 23.78
N GLN B 342 24.71 -66.13 22.72
CA GLN B 342 26.05 -66.05 22.15
C GLN B 342 26.33 -64.66 21.56
N THR B 343 25.42 -64.16 20.71
CA THR B 343 25.60 -62.82 20.12
C THR B 343 25.45 -61.72 21.15
N ILE B 344 24.55 -61.91 22.12
CA ILE B 344 24.37 -60.96 23.21
C ILE B 344 25.66 -60.84 24.03
N ALA B 345 26.32 -61.97 24.29
CA ALA B 345 27.61 -61.95 24.97
C ALA B 345 28.69 -61.29 24.12
N ALA B 346 28.63 -61.48 22.79
CA ALA B 346 29.64 -60.89 21.91
C ALA B 346 29.51 -59.36 21.82
N GLU B 347 28.30 -58.83 22.05
CA GLU B 347 28.03 -57.41 21.84
C GLU B 347 28.86 -56.49 22.75
N ASP B 348 29.04 -56.85 24.01
CA ASP B 348 29.83 -56.03 24.95
C ASP B 348 31.29 -55.91 24.50
N THR B 349 31.89 -57.03 24.09
CA THR B 349 33.27 -57.03 23.63
C THR B 349 33.40 -56.26 22.33
N LEU B 350 32.41 -56.36 21.45
CA LEU B 350 32.44 -55.56 20.21
C LEU B 350 32.34 -54.07 20.51
N HIS B 351 31.60 -53.68 21.55
CA HIS B 351 31.60 -52.30 22.00
C HIS B 351 32.97 -51.87 22.51
N ASP B 352 33.66 -52.75 23.23
CA ASP B 352 34.97 -52.40 23.77
C ASP B 352 36.05 -52.29 22.69
N MET B 353 35.86 -52.94 21.55
CA MET B 353 36.81 -52.91 20.44
C MET B 353 36.59 -51.74 19.48
N GLY B 354 35.53 -50.96 19.66
CA GLY B 354 35.22 -49.90 18.71
C GLY B 354 34.56 -50.36 17.43
N ILE B 355 33.93 -51.53 17.42
CA ILE B 355 33.21 -52.02 16.25
C ILE B 355 31.76 -51.54 16.25
N PHE B 356 31.12 -51.48 17.41
CA PHE B 356 29.86 -50.76 17.57
C PHE B 356 30.19 -49.32 17.96
N SER B 357 29.43 -48.37 17.41
CA SER B 357 29.80 -46.97 17.54
C SER B 357 28.75 -46.06 18.18
N ILE B 358 27.50 -46.50 18.33
CA ILE B 358 26.40 -45.68 18.84
C ILE B 358 25.59 -46.50 19.86
N THR B 359 25.19 -45.87 20.96
CA THR B 359 24.20 -46.44 21.88
C THR B 359 22.92 -45.60 21.86
N SER B 360 21.79 -46.26 22.15
CA SER B 360 20.48 -45.62 22.07
C SER B 360 19.50 -46.35 22.99
N SER B 361 18.24 -45.91 22.98
CA SER B 361 17.25 -46.38 23.97
C SER B 361 16.32 -47.46 23.44
N ASP B 362 15.62 -47.23 22.31
CA ASP B 362 14.43 -47.98 21.84
C ASP B 362 13.28 -47.84 22.86
N SER B 363 12.89 -46.59 23.09
CA SER B 363 12.12 -46.20 24.28
C SER B 363 10.69 -46.75 24.29
N GLN B 364 10.35 -47.42 25.39
CA GLN B 364 9.05 -48.09 25.66
C GLN B 364 8.69 -49.14 24.60
N ALA B 365 9.68 -49.60 23.84
CA ALA B 365 9.52 -50.60 22.79
C ALA B 365 10.69 -51.59 22.85
N MET B 366 10.87 -52.20 24.03
CA MET B 366 12.09 -52.92 24.47
C MET B 366 13.28 -51.95 24.57
N GLY B 367 13.16 -51.05 25.53
CA GLY B 367 14.26 -50.19 25.93
C GLY B 367 13.85 -49.11 26.92
N ARG B 368 14.82 -48.51 27.60
CA ARG B 368 14.56 -47.66 28.76
C ARG B 368 15.15 -46.27 28.52
N VAL B 369 14.27 -45.27 28.39
CA VAL B 369 14.67 -43.95 27.90
C VAL B 369 15.51 -43.17 28.92
N GLY B 370 15.44 -43.50 30.20
CA GLY B 370 16.24 -42.79 31.17
C GLY B 370 17.54 -43.47 31.56
N GLU B 371 18.01 -44.45 30.77
CA GLU B 371 19.13 -45.28 31.19
C GLU B 371 20.24 -45.45 30.14
N VAL B 372 20.24 -44.65 29.07
CA VAL B 372 21.24 -44.82 28.00
C VAL B 372 22.65 -44.52 28.50
N ILE B 373 22.82 -43.37 29.16
CA ILE B 373 24.13 -42.95 29.66
C ILE B 373 24.63 -43.89 30.76
N THR B 374 23.73 -44.25 31.69
CA THR B 374 24.08 -45.15 32.79
C THR B 374 24.51 -46.53 32.30
N ARG B 375 23.77 -47.09 31.33
CA ARG B 375 24.15 -48.42 30.85
C ARG B 375 25.41 -48.40 29.99
N THR B 376 25.67 -47.27 29.30
CA THR B 376 26.95 -47.09 28.61
C THR B 376 28.12 -47.17 29.59
N TRP B 377 28.03 -46.44 30.71
CA TRP B 377 29.14 -46.43 31.65
C TRP B 377 29.25 -47.75 32.45
N GLN B 378 28.11 -48.42 32.69
CA GLN B 378 28.13 -49.76 33.28
C GLN B 378 28.86 -50.76 32.38
N THR B 379 28.63 -50.68 31.06
CA THR B 379 29.34 -51.55 30.12
C THR B 379 30.83 -51.26 30.09
N ALA B 380 31.21 -49.98 30.12
CA ALA B 380 32.63 -49.61 30.17
C ALA B 380 33.31 -50.14 31.42
N ASP B 381 32.64 -50.05 32.57
CA ASP B 381 33.21 -50.52 33.84
C ASP B 381 33.34 -52.05 33.86
N LYS B 382 32.33 -52.76 33.34
CA LYS B 382 32.41 -54.23 33.27
C LYS B 382 33.52 -54.69 32.35
N ASN B 383 33.70 -54.00 31.20
CA ASN B 383 34.79 -54.37 30.30
C ASN B 383 36.16 -54.06 30.88
N LYS B 384 36.30 -52.98 31.67
CA LYS B 384 37.59 -52.75 32.33
C LYS B 384 37.86 -53.81 33.40
N LYS B 385 36.83 -54.24 34.12
CA LYS B 385 37.03 -55.30 35.12
C LYS B 385 37.38 -56.64 34.47
N GLU B 386 36.85 -56.93 33.28
CA GLU B 386 37.12 -58.21 32.65
C GLU B 386 38.43 -58.23 31.83
N PHE B 387 38.65 -57.24 30.98
CA PHE B 387 39.79 -57.25 30.06
C PHE B 387 40.94 -56.34 30.46
N GLY B 388 40.82 -55.61 31.56
CA GLY B 388 41.89 -54.74 32.00
C GLY B 388 41.98 -53.44 31.23
N ARG B 389 43.04 -52.69 31.54
CA ARG B 389 43.29 -51.42 30.91
C ARG B 389 43.68 -51.59 29.45
N LEU B 390 43.16 -50.71 28.58
CA LEU B 390 43.40 -50.80 27.14
C LEU B 390 44.87 -50.54 26.80
N LYS B 391 45.32 -51.14 25.69
CA LYS B 391 46.71 -50.98 25.27
C LYS B 391 46.98 -49.62 24.64
N GLU B 392 45.95 -48.88 24.26
CA GLU B 392 46.13 -47.55 23.67
C GLU B 392 46.30 -46.46 24.71
N GLU B 393 46.26 -46.78 26.00
CA GLU B 393 46.36 -45.77 27.03
C GLU B 393 47.77 -45.24 27.15
N LYS B 394 47.87 -43.94 27.48
CA LYS B 394 49.14 -43.26 27.73
C LYS B 394 49.12 -42.79 29.17
N GLY B 395 49.86 -43.49 30.03
CA GLY B 395 49.89 -43.15 31.43
C GLY B 395 48.96 -44.03 32.26
N ASP B 396 48.95 -43.73 33.55
CA ASP B 396 48.19 -44.53 34.52
C ASP B 396 46.79 -43.95 34.70
N ASN B 397 46.02 -44.04 33.62
CA ASN B 397 44.64 -43.55 33.61
C ASN B 397 43.84 -44.32 32.57
N ASP B 398 42.57 -43.94 32.42
CA ASP B 398 41.66 -44.60 31.49
C ASP B 398 41.08 -43.61 30.47
N ASN B 399 41.86 -42.61 30.06
CA ASN B 399 41.34 -41.50 29.25
C ASN B 399 40.88 -41.95 27.86
N PHE B 400 41.59 -42.89 27.24
CA PHE B 400 41.20 -43.38 25.90
C PHE B 400 39.86 -44.11 25.95
N ARG B 401 39.67 -44.98 26.95
CA ARG B 401 38.40 -45.70 27.09
C ARG B 401 37.25 -44.74 27.40
N ILE B 402 37.54 -43.71 28.21
CA ILE B 402 36.53 -42.70 28.56
C ILE B 402 36.07 -41.95 27.31
N LYS B 403 37.03 -41.53 26.45
CA LYS B 403 36.67 -40.87 25.20
C LYS B 403 35.92 -41.79 24.25
N ARG B 404 36.32 -43.06 24.16
CA ARG B 404 35.65 -44.03 23.29
C ARG B 404 34.20 -44.25 23.69
N TYR B 405 33.94 -44.40 24.98
CA TYR B 405 32.55 -44.63 25.40
C TYR B 405 31.73 -43.33 25.43
N LEU B 406 32.35 -42.18 25.70
CA LEU B 406 31.61 -40.92 25.68
C LEU B 406 31.17 -40.55 24.27
N SER B 407 31.98 -40.90 23.25
CA SER B 407 31.62 -40.61 21.86
C SER B 407 30.37 -41.36 21.39
N LYS B 408 30.01 -42.47 22.05
CA LYS B 408 28.90 -43.30 21.59
C LYS B 408 27.54 -42.61 21.75
N TYR B 409 27.39 -41.71 22.72
CA TYR B 409 26.12 -41.01 22.86
C TYR B 409 26.20 -39.50 22.68
N THR B 410 27.35 -38.93 22.31
CA THR B 410 27.41 -37.49 22.05
C THR B 410 27.76 -37.17 20.60
N ILE B 411 28.97 -37.46 20.12
CA ILE B 411 29.39 -36.91 18.84
C ILE B 411 29.02 -37.83 17.67
N ASN B 412 29.08 -39.15 17.87
CA ASN B 412 28.77 -40.07 16.77
C ASN B 412 27.31 -40.05 16.30
N PRO B 413 26.28 -40.06 17.17
CA PRO B 413 24.91 -39.88 16.62
C PRO B 413 24.66 -38.52 15.98
N ALA B 414 25.34 -37.46 16.46
CA ALA B 414 25.22 -36.14 15.85
C ALA B 414 25.80 -36.13 14.44
N ILE B 415 26.93 -36.80 14.23
CA ILE B 415 27.50 -36.95 12.89
C ILE B 415 26.57 -37.78 12.01
N ALA B 416 26.02 -38.87 12.56
CA ALA B 416 25.18 -39.78 11.79
C ALA B 416 23.90 -39.11 11.29
N HIS B 417 23.32 -38.21 12.07
CA HIS B 417 22.10 -37.55 11.60
C HIS B 417 22.33 -36.12 11.12
N GLY B 418 23.57 -35.75 10.87
CA GLY B 418 23.90 -34.48 10.23
C GLY B 418 23.61 -33.22 11.02
N ILE B 419 23.81 -33.25 12.34
CA ILE B 419 23.60 -32.09 13.19
C ILE B 419 24.87 -31.73 13.97
N SER B 420 26.02 -32.27 13.56
CA SER B 420 27.26 -32.06 14.32
C SER B 420 27.82 -30.65 14.18
N GLU B 421 27.31 -29.83 13.27
CA GLU B 421 27.72 -28.43 13.28
C GLU B 421 27.05 -27.63 14.39
N TYR B 422 25.98 -28.16 14.99
CA TYR B 422 25.23 -27.47 16.03
C TYR B 422 25.48 -28.02 17.43
N VAL B 423 25.40 -29.34 17.62
CA VAL B 423 25.44 -29.96 18.94
C VAL B 423 26.44 -31.12 18.92
N GLY B 424 26.62 -31.73 20.08
CA GLY B 424 27.42 -32.95 20.20
C GLY B 424 28.72 -32.83 20.95
N SER B 425 29.25 -31.62 21.18
CA SER B 425 30.54 -31.48 21.84
C SER B 425 30.66 -30.07 22.43
N VAL B 426 31.69 -29.89 23.26
CA VAL B 426 31.97 -28.62 23.91
C VAL B 426 33.04 -27.92 23.06
N GLU B 427 32.60 -27.13 22.08
CA GLU B 427 33.50 -26.40 21.19
C GLU B 427 32.97 -25.01 20.93
N VAL B 428 33.88 -24.10 20.58
CA VAL B 428 33.53 -22.70 20.30
C VAL B 428 32.69 -22.64 19.03
N GLY B 429 31.55 -21.94 19.11
CA GLY B 429 30.65 -21.78 17.98
C GLY B 429 29.45 -22.71 17.99
N LYS B 430 29.41 -23.70 18.87
CA LYS B 430 28.28 -24.61 18.93
C LYS B 430 27.21 -24.10 19.90
N VAL B 431 26.03 -24.73 19.83
CA VAL B 431 24.91 -24.45 20.73
C VAL B 431 25.30 -24.85 22.15
N ALA B 432 25.01 -23.98 23.11
CA ALA B 432 25.35 -24.22 24.51
C ALA B 432 24.28 -25.11 25.17
N ASP B 433 24.35 -26.40 24.88
CA ASP B 433 23.58 -27.44 25.58
C ASP B 433 24.55 -28.23 26.44
N LEU B 434 24.62 -27.92 27.73
CA LEU B 434 25.65 -28.43 28.63
C LEU B 434 25.05 -29.05 29.88
N VAL B 435 25.78 -30.03 30.44
CA VAL B 435 25.36 -30.76 31.64
C VAL B 435 26.47 -30.67 32.69
N LEU B 436 26.10 -30.32 33.92
CA LEU B 436 27.02 -30.24 35.05
C LEU B 436 26.87 -31.46 35.95
N TRP B 437 27.97 -32.14 36.24
CA TRP B 437 27.98 -33.33 37.07
C TRP B 437 28.91 -33.16 38.27
N SER B 438 28.47 -33.66 39.43
CA SER B 438 29.38 -33.96 40.53
C SER B 438 30.07 -35.31 40.26
N PRO B 439 31.40 -35.40 40.49
CA PRO B 439 32.11 -36.65 40.16
C PRO B 439 31.65 -37.88 40.92
N ALA B 440 31.13 -37.72 42.15
CA ALA B 440 30.57 -38.86 42.86
C ALA B 440 29.29 -39.39 42.21
N PHE B 441 28.56 -38.53 41.50
CA PHE B 441 27.31 -38.92 40.86
C PHE B 441 27.43 -38.96 39.33
N PHE B 442 28.65 -39.07 38.79
CA PHE B 442 28.84 -39.01 37.34
C PHE B 442 28.21 -40.22 36.65
N GLY B 443 27.43 -39.96 35.61
CA GLY B 443 26.81 -40.99 34.83
C GLY B 443 25.43 -41.42 35.27
N VAL B 444 24.95 -40.98 36.43
CA VAL B 444 23.63 -41.40 36.89
C VAL B 444 22.71 -40.22 37.24
N LYS B 445 23.21 -39.23 37.97
CA LYS B 445 22.35 -38.11 38.39
C LYS B 445 23.06 -36.77 38.27
N PRO B 446 22.70 -35.93 37.31
CA PRO B 446 23.38 -34.65 37.12
C PRO B 446 22.93 -33.58 38.10
N ASN B 447 23.69 -32.47 38.14
CA ASN B 447 23.34 -31.34 38.98
C ASN B 447 22.37 -30.38 38.27
N MET B 448 22.70 -29.95 37.05
CA MET B 448 21.83 -29.02 36.32
C MET B 448 22.06 -29.15 34.82
N ILE B 449 21.07 -28.68 34.06
CA ILE B 449 21.08 -28.70 32.60
C ILE B 449 21.00 -27.25 32.10
N ILE B 450 21.92 -26.87 31.22
CA ILE B 450 21.88 -25.58 30.55
C ILE B 450 21.41 -25.81 29.12
N LYS B 451 20.33 -25.14 28.73
CA LYS B 451 19.70 -25.35 27.44
C LYS B 451 19.65 -24.03 26.68
N GLY B 452 20.36 -23.98 25.55
CA GLY B 452 20.40 -22.78 24.73
C GLY B 452 21.02 -21.58 25.41
N GLY B 453 21.94 -21.80 26.34
CA GLY B 453 22.57 -20.71 27.07
C GLY B 453 21.87 -20.23 28.32
N PHE B 454 20.82 -20.91 28.78
CA PHE B 454 20.10 -20.53 29.98
C PHE B 454 19.71 -21.80 30.74
N ILE B 455 19.61 -21.69 32.07
CA ILE B 455 19.39 -22.87 32.90
C ILE B 455 17.94 -23.34 32.78
N ALA B 456 17.75 -24.62 32.45
CA ALA B 456 16.44 -25.19 32.22
C ALA B 456 15.98 -26.19 33.28
N LEU B 457 16.89 -26.86 33.97
CA LEU B 457 16.54 -27.87 34.96
C LEU B 457 17.65 -27.95 35.99
N SER B 458 17.28 -28.20 37.25
CA SER B 458 18.27 -28.38 38.31
C SER B 458 17.67 -29.16 39.46
N GLN B 459 18.55 -29.77 40.26
CA GLN B 459 18.17 -30.23 41.59
C GLN B 459 17.80 -29.02 42.45
N MET B 460 16.73 -29.16 43.23
CA MET B 460 16.21 -28.02 43.97
C MET B 460 15.44 -28.48 45.19
N GLY B 461 15.71 -27.88 46.34
CA GLY B 461 14.99 -28.16 47.55
C GLY B 461 13.66 -27.43 47.63
N ASP B 462 13.05 -27.48 48.81
CA ASP B 462 11.69 -26.97 48.99
C ASP B 462 11.65 -25.45 48.88
N ALA B 463 10.55 -24.96 48.31
CA ALA B 463 10.47 -23.57 47.87
C ALA B 463 10.34 -22.59 49.03
N ASN B 464 9.83 -23.03 50.17
CA ASN B 464 9.66 -22.17 51.32
C ASN B 464 10.94 -22.03 52.16
N ALA B 465 12.00 -22.78 51.83
CA ALA B 465 13.18 -22.84 52.68
C ALA B 465 14.06 -21.60 52.56
N SER B 466 14.97 -21.44 53.51
CA SER B 466 15.88 -20.31 53.57
C SER B 466 17.11 -20.49 52.66
N ILE B 467 17.35 -21.68 52.13
CA ILE B 467 18.41 -21.95 51.16
C ILE B 467 17.90 -23.01 50.19
N PRO B 468 18.51 -23.13 48.99
CA PRO B 468 18.01 -24.14 48.04
C PRO B 468 18.36 -25.60 48.35
N THR B 469 19.22 -25.87 49.32
CA THR B 469 19.66 -27.22 49.68
C THR B 469 18.78 -28.15 50.54
N PRO B 470 17.99 -27.70 51.52
CA PRO B 470 17.31 -28.68 52.40
C PRO B 470 16.19 -29.49 51.74
N GLN B 471 15.89 -30.60 52.39
CA GLN B 471 15.08 -31.67 51.82
C GLN B 471 13.60 -31.29 51.77
N PRO B 472 12.83 -31.86 50.81
CA PRO B 472 13.18 -32.82 49.74
C PRO B 472 13.80 -32.17 48.51
N VAL B 473 14.83 -32.81 47.98
CA VAL B 473 15.54 -32.36 46.78
C VAL B 473 15.14 -33.28 45.63
N TYR B 474 14.57 -32.70 44.57
CA TYR B 474 14.31 -33.44 43.35
C TYR B 474 14.42 -32.47 42.16
N TYR B 475 14.32 -33.02 40.95
CA TYR B 475 14.52 -32.24 39.74
C TYR B 475 13.28 -31.40 39.41
N ARG B 476 13.48 -30.10 39.24
CA ARG B 476 12.40 -29.16 38.99
C ARG B 476 12.72 -28.28 37.78
N GLU B 477 11.68 -27.83 37.09
CA GLU B 477 11.83 -26.96 35.92
C GLU B 477 12.31 -25.57 36.34
N MET B 478 13.24 -25.01 35.57
CA MET B 478 13.78 -23.68 35.78
C MET B 478 13.19 -22.70 34.75
N PHE B 479 13.73 -21.48 34.69
CA PHE B 479 13.06 -20.40 33.95
C PHE B 479 13.13 -20.58 32.42
N ALA B 480 14.13 -21.28 31.91
CA ALA B 480 14.20 -21.53 30.47
C ALA B 480 13.14 -22.53 29.98
N HIS B 481 12.47 -23.23 30.89
CA HIS B 481 11.40 -24.18 30.62
C HIS B 481 10.05 -23.52 30.37
N HIS B 482 9.90 -22.22 30.62
CA HIS B 482 8.60 -21.59 30.78
C HIS B 482 8.40 -20.40 29.84
N GLY B 483 7.13 -20.07 29.62
CA GLY B 483 6.76 -18.83 28.93
C GLY B 483 7.16 -18.84 27.46
N LYS B 484 7.57 -17.67 26.97
CA LYS B 484 8.12 -17.55 25.63
C LYS B 484 9.63 -17.75 25.59
N ALA B 485 10.26 -17.92 26.76
CA ALA B 485 11.71 -18.20 26.81
C ALA B 485 12.05 -19.56 26.22
N LYS B 486 11.14 -20.54 26.36
CA LYS B 486 11.39 -21.88 25.84
C LYS B 486 11.43 -21.92 24.31
N TYR B 487 10.80 -20.95 23.64
CA TYR B 487 10.91 -20.86 22.19
C TYR B 487 12.32 -20.49 21.75
N ASP B 488 12.98 -19.62 22.51
CA ASP B 488 14.32 -19.18 22.15
C ASP B 488 15.41 -20.18 22.52
N ALA B 489 15.10 -21.14 23.39
CA ALA B 489 16.11 -22.06 23.90
C ALA B 489 16.10 -23.45 23.24
N ASN B 490 15.19 -23.71 22.30
CA ASN B 490 15.02 -25.05 21.74
C ASN B 490 15.02 -25.01 20.22
N ILE B 491 15.38 -26.15 19.62
CA ILE B 491 15.56 -26.28 18.17
C ILE B 491 14.68 -27.41 17.65
N THR B 492 13.99 -27.18 16.54
CA THR B 492 13.37 -28.24 15.75
C THR B 492 14.17 -28.42 14.46
N PHE B 493 14.72 -29.62 14.26
CA PHE B 493 15.49 -29.92 13.05
C PHE B 493 14.56 -30.41 11.93
N VAL B 494 14.81 -29.92 10.71
CA VAL B 494 14.06 -30.30 9.51
C VAL B 494 15.04 -30.55 8.37
N SER B 495 14.52 -30.99 7.23
CA SER B 495 15.34 -31.14 6.04
C SER B 495 15.62 -29.77 5.40
N GLN B 496 16.65 -29.73 4.55
CA GLN B 496 17.01 -28.49 3.86
C GLN B 496 15.92 -28.06 2.89
N ALA B 497 15.27 -29.02 2.22
CA ALA B 497 14.19 -28.71 1.29
C ALA B 497 12.98 -28.10 1.99
N ALA B 498 12.62 -28.62 3.17
CA ALA B 498 11.50 -28.05 3.91
C ALA B 498 11.87 -26.67 4.47
N TYR B 499 13.13 -26.49 4.87
CA TYR B 499 13.60 -25.19 5.35
C TYR B 499 13.53 -24.13 4.25
N ASP B 500 13.92 -24.51 3.02
CA ASP B 500 13.93 -23.54 1.93
C ASP B 500 12.52 -23.18 1.45
N LYS B 501 11.54 -24.07 1.61
CA LYS B 501 10.18 -23.75 1.23
C LYS B 501 9.42 -23.01 2.32
N GLY B 502 10.07 -22.67 3.43
CA GLY B 502 9.46 -21.88 4.49
C GLY B 502 8.49 -22.63 5.38
N ILE B 503 8.92 -23.77 5.93
CA ILE B 503 8.04 -24.58 6.78
C ILE B 503 7.77 -23.89 8.11
N LYS B 504 8.70 -23.06 8.61
CA LYS B 504 8.53 -22.37 9.88
C LYS B 504 7.36 -21.38 9.82
N GLU B 505 7.28 -20.62 8.74
CA GLU B 505 6.21 -19.65 8.57
C GLU B 505 4.89 -20.32 8.19
N GLU B 506 4.94 -21.41 7.42
CA GLU B 506 3.72 -22.08 6.98
C GLU B 506 2.97 -22.73 8.14
N LEU B 507 3.69 -23.36 9.06
CA LEU B 507 3.06 -24.02 10.21
C LEU B 507 2.98 -23.13 11.44
N GLY B 508 3.49 -21.91 11.39
CA GLY B 508 3.46 -21.01 12.53
C GLY B 508 4.30 -21.42 13.73
N LEU B 509 5.48 -21.99 13.50
CA LEU B 509 6.33 -22.43 14.59
C LEU B 509 7.11 -21.27 15.18
N GLU B 510 7.25 -21.26 16.50
CA GLU B 510 8.00 -20.21 17.19
C GLU B 510 9.36 -20.66 17.69
N ARG B 511 9.66 -21.96 17.69
CA ARG B 511 10.99 -22.46 18.02
C ARG B 511 11.98 -22.10 16.92
N GLN B 512 13.27 -22.22 17.22
CA GLN B 512 14.31 -22.17 16.19
C GLN B 512 14.17 -23.37 15.26
N VAL B 513 14.32 -23.14 13.96
CA VAL B 513 14.23 -24.20 12.95
C VAL B 513 15.52 -24.20 12.14
N LEU B 514 16.22 -25.34 12.11
CA LEU B 514 17.52 -25.47 11.46
C LEU B 514 17.56 -26.71 10.58
N PRO B 515 18.29 -26.67 9.47
CA PRO B 515 18.38 -27.84 8.58
C PRO B 515 19.53 -28.79 8.88
N VAL B 516 19.30 -30.08 8.62
CA VAL B 516 20.36 -31.07 8.69
C VAL B 516 21.14 -31.09 7.37
N LYS B 517 22.39 -31.54 7.43
CA LYS B 517 23.26 -31.54 6.26
C LYS B 517 24.40 -32.53 6.42
N ASN B 518 25.01 -32.90 5.28
CA ASN B 518 26.15 -33.83 5.19
C ASN B 518 25.81 -35.22 5.74
N CYS B 519 24.69 -35.78 5.28
CA CYS B 519 24.26 -37.10 5.73
C CYS B 519 24.71 -38.24 4.82
N ARG B 520 25.04 -37.96 3.56
CA ARG B 520 25.24 -39.03 2.58
C ARG B 520 26.70 -39.36 2.30
N ASN B 521 27.64 -38.52 2.70
CA ASN B 521 29.06 -38.72 2.38
C ASN B 521 29.87 -39.17 3.59
N ILE B 522 29.25 -39.88 4.52
CA ILE B 522 29.94 -40.34 5.72
C ILE B 522 29.94 -41.87 5.75
N THR B 523 31.00 -42.45 6.29
CA THR B 523 31.12 -43.89 6.46
C THR B 523 31.49 -44.23 7.90
N LYS B 524 31.84 -45.50 8.14
CA LYS B 524 32.30 -45.96 9.45
C LYS B 524 33.56 -45.23 9.90
N LYS B 525 34.40 -44.81 8.96
CA LYS B 525 35.63 -44.07 9.27
C LYS B 525 35.38 -42.67 9.83
N ASP B 526 34.17 -42.14 9.74
CA ASP B 526 33.86 -40.84 10.30
C ASP B 526 33.43 -40.90 11.77
N MET B 527 33.28 -42.09 12.35
CA MET B 527 32.91 -42.20 13.76
C MET B 527 34.14 -42.01 14.65
N GLN B 528 34.04 -41.08 15.60
CA GLN B 528 35.16 -40.75 16.47
C GLN B 528 35.42 -41.87 17.47
N PHE B 529 36.66 -42.36 17.52
CA PHE B 529 37.19 -43.40 18.43
C PHE B 529 36.53 -44.77 18.27
N ASN B 530 35.56 -44.93 17.36
CA ASN B 530 34.95 -46.24 17.11
C ASN B 530 34.83 -46.38 15.59
N ASP B 531 35.95 -46.73 14.95
CA ASP B 531 36.00 -46.73 13.49
C ASP B 531 36.58 -48.02 12.94
N THR B 532 36.55 -49.09 13.72
CA THR B 532 37.12 -50.38 13.33
C THR B 532 36.24 -51.08 12.30
N THR B 533 36.87 -51.54 11.22
CA THR B 533 36.25 -52.44 10.27
C THR B 533 36.93 -53.80 10.36
N ALA B 534 36.16 -54.86 10.14
CA ALA B 534 36.66 -56.22 10.23
C ALA B 534 35.75 -57.15 9.44
N HIS B 535 36.18 -58.40 9.31
CA HIS B 535 35.39 -59.45 8.69
C HIS B 535 34.77 -60.29 9.81
N ILE B 536 33.43 -60.38 9.82
CA ILE B 536 32.68 -61.00 10.91
C ILE B 536 31.91 -62.18 10.35
N GLU B 537 32.01 -63.33 11.04
CA GLU B 537 31.30 -64.55 10.64
C GLU B 537 30.51 -65.09 11.82
N VAL B 538 29.33 -65.62 11.53
CA VAL B 538 28.46 -66.26 12.51
C VAL B 538 28.22 -67.70 12.08
N ASN B 539 28.46 -68.64 12.99
CA ASN B 539 28.19 -70.04 12.70
C ASN B 539 26.70 -70.29 12.60
N PRO B 540 26.22 -70.91 11.53
CA PRO B 540 24.77 -71.10 11.35
C PRO B 540 24.13 -72.07 12.34
N GLU B 541 24.91 -72.88 13.04
CA GLU B 541 24.38 -73.90 13.95
C GLU B 541 24.57 -73.56 15.42
N THR B 542 25.79 -73.20 15.83
CA THR B 542 26.09 -72.91 17.23
C THR B 542 25.95 -71.43 17.58
N TYR B 543 25.79 -70.57 16.57
CA TYR B 543 25.67 -69.12 16.70
C TYR B 543 26.90 -68.45 17.31
N HIS B 544 28.08 -69.06 17.22
CA HIS B 544 29.30 -68.42 17.69
C HIS B 544 29.73 -67.32 16.72
N VAL B 545 30.40 -66.30 17.27
CA VAL B 545 30.77 -65.09 16.54
C VAL B 545 32.29 -65.03 16.43
N PHE B 546 32.79 -64.83 15.22
CA PHE B 546 34.21 -64.74 14.93
C PHE B 546 34.54 -63.40 14.29
N VAL B 547 35.63 -62.77 14.75
CA VAL B 547 36.12 -61.51 14.21
C VAL B 547 37.54 -61.75 13.71
N ASP B 548 37.71 -61.72 12.38
CA ASP B 548 38.97 -62.02 11.68
C ASP B 548 39.53 -63.38 12.10
N GLY B 549 38.65 -64.36 12.24
CA GLY B 549 39.01 -65.71 12.63
C GLY B 549 38.97 -65.98 14.13
N LYS B 550 39.11 -64.97 14.97
CA LYS B 550 39.17 -65.16 16.41
C LYS B 550 37.79 -65.10 17.03
N GLU B 551 37.51 -66.03 17.95
CA GLU B 551 36.24 -66.06 18.64
C GLU B 551 36.13 -64.90 19.64
N VAL B 552 34.95 -64.31 19.73
CA VAL B 552 34.71 -63.12 20.56
C VAL B 552 33.51 -63.40 21.45
N THR B 553 33.70 -63.25 22.76
CA THR B 553 32.63 -63.49 23.73
C THR B 553 32.95 -62.71 25.01
N SER B 554 32.05 -62.83 25.99
CA SER B 554 32.27 -62.28 27.32
C SER B 554 31.43 -63.06 28.32
N LYS B 555 31.63 -62.76 29.60
CA LYS B 555 30.96 -63.44 30.71
C LYS B 555 29.84 -62.57 31.28
N PRO B 556 28.72 -63.17 31.72
CA PRO B 556 27.68 -62.37 32.38
C PRO B 556 28.12 -61.91 33.75
N ALA B 557 27.51 -60.81 34.19
CA ALA B 557 27.83 -60.19 35.47
C ALA B 557 26.68 -60.36 36.45
N ASN B 558 27.02 -60.58 37.73
CA ASN B 558 26.02 -60.66 38.78
C ASN B 558 25.80 -59.35 39.52
N LYS B 559 26.61 -58.33 39.23
CA LYS B 559 26.52 -57.05 39.93
C LYS B 559 27.08 -55.96 39.03
N VAL B 560 26.41 -54.81 38.99
CA VAL B 560 26.87 -53.68 38.21
C VAL B 560 27.03 -52.46 39.12
N SER B 561 27.84 -51.52 38.68
CA SER B 561 27.96 -50.25 39.37
C SER B 561 26.82 -49.31 38.95
N LEU B 562 26.72 -48.18 39.64
CA LEU B 562 25.76 -47.11 39.38
C LEU B 562 24.30 -47.57 39.42
N ALA B 563 23.96 -48.58 40.22
CA ALA B 563 22.57 -49.02 40.27
C ALA B 563 21.93 -48.90 41.65
N GLN B 564 22.28 -49.74 42.61
CA GLN B 564 21.48 -49.78 43.84
C GLN B 564 21.98 -48.80 44.89
N LEU B 565 23.20 -48.29 44.73
CA LEU B 565 23.74 -47.27 45.64
C LEU B 565 23.01 -45.94 45.49
N PHE B 566 22.41 -45.65 44.34
CA PHE B 566 21.97 -44.31 44.00
C PHE B 566 20.45 -44.13 43.92
N SER B 567 19.67 -45.20 43.87
CA SER B 567 18.24 -45.08 43.60
C SER B 567 17.42 -45.85 44.63
N ILE B 568 16.33 -45.24 45.07
CA ILE B 568 15.43 -45.92 46.01
C ILE B 568 14.52 -46.92 45.29
N PHE B 569 14.33 -46.77 43.98
CA PHE B 569 13.60 -47.75 43.19
C PHE B 569 14.28 -47.96 41.84
N MET C 1 -16.18 49.51 34.66
CA MET C 1 -17.61 49.57 34.39
C MET C 1 -18.20 48.17 34.18
N LYS C 2 -17.41 47.29 33.57
CA LYS C 2 -17.82 45.93 33.17
C LYS C 2 -19.07 45.96 32.29
N LEU C 3 -18.99 46.68 31.18
CA LEU C 3 -20.10 46.76 30.24
C LEU C 3 -20.30 45.45 29.50
N THR C 4 -21.56 45.07 29.32
CA THR C 4 -22.05 43.96 28.53
C THR C 4 -22.36 44.44 27.10
N PRO C 5 -22.47 43.52 26.12
CA PRO C 5 -22.88 43.95 24.77
C PRO C 5 -24.25 44.62 24.69
N LYS C 6 -25.18 44.23 25.56
CA LYS C 6 -26.49 44.86 25.65
C LYS C 6 -26.38 46.35 26.00
N GLU C 7 -25.50 46.67 26.96
CA GLU C 7 -25.31 48.05 27.40
C GLU C 7 -24.74 48.91 26.26
N LEU C 8 -23.81 48.36 25.48
CA LEU C 8 -23.24 49.09 24.34
C LEU C 8 -24.29 49.36 23.25
N ASP C 9 -25.12 48.35 22.94
CA ASP C 9 -26.19 48.54 21.96
C ASP C 9 -27.20 49.60 22.41
N LYS C 10 -27.55 49.59 23.70
CA LYS C 10 -28.50 50.59 24.20
C LYS C 10 -27.89 51.99 24.25
N LEU C 11 -26.58 52.11 24.48
CA LEU C 11 -25.92 53.41 24.42
C LEU C 11 -25.97 54.01 23.01
N MET C 12 -25.73 53.16 21.99
CA MET C 12 -25.88 53.59 20.61
C MET C 12 -27.31 54.05 20.30
N LEU C 13 -28.30 53.30 20.78
CA LEU C 13 -29.71 53.66 20.56
C LEU C 13 -30.05 55.01 21.21
N HIS C 14 -29.52 55.25 22.42
CA HIS C 14 -29.76 56.52 23.10
C HIS C 14 -29.22 57.70 22.30
N TYR C 15 -28.02 57.58 21.74
CA TYR C 15 -27.51 58.74 21.01
C TYR C 15 -28.14 58.89 19.62
N ALA C 16 -28.66 57.81 19.02
CA ALA C 16 -29.51 57.97 17.84
C ALA C 16 -30.77 58.78 18.15
N GLY C 17 -31.40 58.48 19.29
CA GLY C 17 -32.55 59.26 19.72
C GLY C 17 -32.22 60.72 20.01
N GLU C 18 -31.03 60.97 20.58
CA GLU C 18 -30.61 62.35 20.85
C GLU C 18 -30.42 63.15 19.55
N LEU C 19 -29.85 62.51 18.52
CA LEU C 19 -29.73 63.17 17.22
C LEU C 19 -31.09 63.49 16.63
N ALA C 20 -32.04 62.56 16.76
CA ALA C 20 -33.40 62.82 16.29
C ALA C 20 -34.05 64.00 17.02
N ARG C 21 -33.82 64.10 18.33
CA ARG C 21 -34.40 65.20 19.10
C ARG C 21 -33.78 66.55 18.72
N LYS C 22 -32.47 66.59 18.46
CA LYS C 22 -31.84 67.83 18.00
C LYS C 22 -32.37 68.26 16.64
N ARG C 23 -32.57 67.30 15.73
CA ARG C 23 -33.12 67.63 14.42
C ARG C 23 -34.58 68.09 14.51
N LYS C 24 -35.35 67.55 15.45
CA LYS C 24 -36.70 68.05 15.68
C LYS C 24 -36.70 69.47 16.23
N GLU C 25 -35.74 69.79 17.11
CA GLU C 25 -35.64 71.15 17.63
C GLU C 25 -35.25 72.14 16.55
N LYS C 26 -34.50 71.71 15.53
CA LYS C 26 -34.18 72.64 14.45
C LYS C 26 -35.32 72.84 13.44
N GLY C 27 -36.45 72.16 13.60
CA GLY C 27 -37.57 72.32 12.69
C GLY C 27 -37.61 71.38 11.51
N ILE C 28 -36.87 70.28 11.55
CA ILE C 28 -36.80 69.33 10.44
C ILE C 28 -37.84 68.24 10.66
N LYS C 29 -38.61 67.91 9.62
CA LYS C 29 -39.59 66.83 9.70
C LYS C 29 -38.87 65.48 9.75
N LEU C 30 -39.20 64.67 10.76
CA LEU C 30 -38.47 63.43 11.02
C LEU C 30 -38.85 62.34 10.02
N ASN C 31 -37.88 61.48 9.70
CA ASN C 31 -38.14 60.32 8.86
C ASN C 31 -38.48 59.11 9.73
N TYR C 32 -38.48 57.92 9.12
CA TYR C 32 -38.87 56.68 9.80
C TYR C 32 -37.90 56.30 10.92
N VAL C 33 -36.59 56.29 10.61
CA VAL C 33 -35.56 55.89 11.56
C VAL C 33 -35.50 56.85 12.75
N GLU C 34 -35.58 58.16 12.47
CA GLU C 34 -35.51 59.18 13.51
C GLU C 34 -36.68 59.06 14.49
N ALA C 35 -37.90 58.83 13.97
CA ALA C 35 -39.08 58.70 14.83
C ALA C 35 -39.01 57.48 15.73
N VAL C 36 -38.59 56.33 15.17
CA VAL C 36 -38.45 55.11 15.98
C VAL C 36 -37.41 55.31 17.08
N ALA C 37 -36.27 55.93 16.73
CA ALA C 37 -35.20 56.16 17.71
C ALA C 37 -35.63 57.11 18.82
N LEU C 38 -36.38 58.17 18.47
CA LEU C 38 -36.82 59.15 19.47
C LEU C 38 -37.76 58.52 20.49
N ILE C 39 -38.72 57.72 20.03
CA ILE C 39 -39.68 57.08 20.94
C ILE C 39 -38.97 56.08 21.86
N SER C 40 -38.05 55.28 21.30
CA SER C 40 -37.32 54.28 22.09
C SER C 40 -36.46 54.93 23.18
N ALA C 41 -35.74 56.00 22.83
CA ALA C 41 -34.87 56.66 23.80
C ALA C 41 -35.65 57.31 24.93
N HIS C 42 -36.79 57.93 24.59
CA HIS C 42 -37.63 58.53 25.62
C HIS C 42 -38.14 57.50 26.63
N ILE C 43 -38.57 56.34 26.13
CA ILE C 43 -39.07 55.28 27.03
C ILE C 43 -37.96 54.78 27.97
N MET C 44 -36.74 54.60 27.43
CA MET C 44 -35.63 54.13 28.27
C MET C 44 -35.28 55.12 29.38
N GLU C 45 -35.28 56.42 29.08
CA GLU C 45 -34.98 57.41 30.13
C GLU C 45 -36.07 57.46 31.20
N GLU C 46 -37.35 57.37 30.78
CA GLU C 46 -38.44 57.39 31.75
C GLU C 46 -38.41 56.16 32.65
N ALA C 47 -38.02 55.01 32.11
CA ALA C 47 -37.91 53.83 32.97
C ALA C 47 -36.72 53.91 33.93
N ARG C 48 -35.62 54.56 33.52
CA ARG C 48 -34.50 54.76 34.44
C ARG C 48 -34.89 55.66 35.61
N ALA C 49 -35.74 56.66 35.35
CA ALA C 49 -36.15 57.59 36.41
C ALA C 49 -36.92 56.91 37.54
N GLY C 50 -37.70 55.87 37.23
CA GLY C 50 -38.27 55.02 38.27
C GLY C 50 -39.57 55.50 38.89
N LYS C 51 -40.27 56.45 38.28
CA LYS C 51 -41.49 56.97 38.86
C LYS C 51 -42.76 56.56 38.12
N LYS C 52 -42.65 55.74 37.08
CA LYS C 52 -43.80 55.34 36.28
C LYS C 52 -43.77 53.85 36.01
N THR C 53 -44.96 53.27 35.85
CA THR C 53 -45.09 51.87 35.50
C THR C 53 -44.96 51.67 33.99
N ALA C 54 -44.86 50.41 33.58
CA ALA C 54 -44.74 50.10 32.15
C ALA C 54 -46.03 50.38 31.40
N ALA C 55 -47.17 50.16 32.06
CA ALA C 55 -48.47 50.41 31.42
C ALA C 55 -48.71 51.89 31.19
N GLU C 56 -48.25 52.75 32.10
CA GLU C 56 -48.33 54.19 31.88
C GLU C 56 -47.41 54.64 30.75
N LEU C 57 -46.23 54.02 30.63
CA LEU C 57 -45.31 54.38 29.57
C LEU C 57 -45.83 53.95 28.20
N MET C 58 -46.61 52.86 28.15
CA MET C 58 -47.26 52.44 26.91
C MET C 58 -48.22 53.50 26.37
N GLN C 59 -48.88 54.25 27.25
CA GLN C 59 -49.74 55.35 26.82
C GLN C 59 -48.98 56.65 26.61
N GLU C 60 -47.92 56.87 27.39
CA GLU C 60 -47.14 58.10 27.26
C GLU C 60 -46.36 58.14 25.95
N GLY C 61 -46.01 56.96 25.41
CA GLY C 61 -45.30 56.92 24.14
C GLY C 61 -46.09 57.39 22.93
N ARG C 62 -47.42 57.49 23.06
CA ARG C 62 -48.29 57.89 21.96
C ARG C 62 -48.47 59.40 21.84
N THR C 63 -47.92 60.19 22.76
CA THR C 63 -48.10 61.63 22.74
C THR C 63 -46.83 62.37 22.32
N LEU C 64 -45.77 61.67 21.96
CA LEU C 64 -44.48 62.32 21.72
C LEU C 64 -44.41 63.04 20.38
N LEU C 65 -45.08 62.52 19.36
CA LEU C 65 -44.96 63.07 18.01
C LEU C 65 -46.34 63.41 17.46
N LYS C 66 -46.53 64.68 17.10
CA LYS C 66 -47.73 65.11 16.40
C LYS C 66 -47.67 64.66 14.95
N PRO C 67 -48.84 64.60 14.26
CA PRO C 67 -48.83 64.25 12.82
C PRO C 67 -48.05 65.22 11.93
N ASP C 68 -47.91 66.48 12.33
CA ASP C 68 -47.15 67.43 11.53
C ASP C 68 -45.65 67.37 11.76
N ASP C 69 -45.19 66.58 12.73
CA ASP C 69 -43.77 66.49 13.05
C ASP C 69 -43.00 65.55 12.13
N VAL C 70 -43.66 64.73 11.32
CA VAL C 70 -42.96 63.70 10.55
C VAL C 70 -43.25 63.90 9.07
N MET C 71 -42.40 63.29 8.24
CA MET C 71 -42.58 63.32 6.80
C MET C 71 -43.82 62.51 6.40
N ASP C 72 -44.32 62.81 5.21
CA ASP C 72 -45.47 62.10 4.67
C ASP C 72 -45.12 60.64 4.41
N GLY C 73 -45.93 59.74 4.97
CA GLY C 73 -45.71 58.32 4.85
C GLY C 73 -45.14 57.65 6.08
N VAL C 74 -44.60 58.40 7.03
CA VAL C 74 -43.97 57.82 8.21
C VAL C 74 -44.99 57.11 9.09
N ALA C 75 -46.15 57.74 9.31
CA ALA C 75 -47.14 57.21 10.25
C ALA C 75 -47.76 55.89 9.77
N SER C 76 -47.88 55.69 8.46
CA SER C 76 -48.41 54.42 7.98
C SER C 76 -47.38 53.29 8.06
N MET C 77 -46.09 53.60 8.16
CA MET C 77 -45.04 52.59 8.23
C MET C 77 -44.77 52.08 9.63
N ILE C 78 -45.12 52.84 10.67
CA ILE C 78 -44.81 52.49 12.05
C ILE C 78 -46.09 51.95 12.67
N HIS C 79 -46.17 50.63 12.79
CA HIS C 79 -47.33 50.02 13.43
C HIS C 79 -47.16 49.89 14.94
N GLU C 80 -45.95 49.54 15.39
CA GLU C 80 -45.66 49.48 16.81
C GLU C 80 -44.15 49.66 17.02
N VAL C 81 -43.79 50.16 18.19
CA VAL C 81 -42.39 50.26 18.62
C VAL C 81 -42.23 49.53 19.94
N GLY C 82 -41.29 48.59 19.98
CA GLY C 82 -40.99 47.84 21.18
C GLY C 82 -39.60 48.15 21.69
N ILE C 83 -39.45 48.15 23.02
CA ILE C 83 -38.17 48.44 23.66
C ILE C 83 -38.18 47.80 25.05
N GLU C 84 -37.09 47.15 25.41
CA GLU C 84 -36.90 46.64 26.76
C GLU C 84 -36.13 47.66 27.58
N ALA C 85 -36.59 47.87 28.82
CA ALA C 85 -35.96 48.84 29.70
C ALA C 85 -35.96 48.32 31.13
N MET C 86 -34.96 48.74 31.91
CA MET C 86 -34.79 48.26 33.27
C MET C 86 -35.48 49.22 34.25
N PHE C 87 -36.51 48.72 34.92
CA PHE C 87 -37.28 49.40 35.95
C PHE C 87 -36.63 49.10 37.30
N PRO C 88 -37.08 49.67 38.43
CA PRO C 88 -36.58 49.20 39.74
C PRO C 88 -36.88 47.73 40.03
N ASP C 89 -37.89 47.14 39.41
CA ASP C 89 -38.18 45.72 39.58
C ASP C 89 -37.62 44.85 38.46
N GLY C 90 -36.76 45.40 37.61
CA GLY C 90 -36.06 44.61 36.60
C GLY C 90 -36.46 44.98 35.18
N THR C 91 -35.95 44.18 34.24
CA THR C 91 -36.17 44.43 32.82
C THR C 91 -37.58 44.03 32.42
N LYS C 92 -38.28 44.93 31.72
CA LYS C 92 -39.62 44.69 31.22
C LYS C 92 -39.72 45.15 29.76
N LEU C 93 -40.63 44.52 29.01
CA LEU C 93 -40.88 44.91 27.63
C LEU C 93 -42.04 45.90 27.55
N VAL C 94 -41.82 47.01 26.86
CA VAL C 94 -42.83 48.04 26.65
C VAL C 94 -43.08 48.17 25.15
N THR C 95 -44.32 47.99 24.74
CA THR C 95 -44.73 48.10 23.35
C THR C 95 -45.69 49.28 23.19
N VAL C 96 -45.37 50.18 22.28
CA VAL C 96 -46.18 51.36 22.00
C VAL C 96 -46.97 51.12 20.72
N HIS C 97 -48.29 51.11 20.80
CA HIS C 97 -49.16 50.80 19.67
C HIS C 97 -49.64 52.06 18.98
N THR C 98 -49.43 52.12 17.65
CA THR C 98 -49.79 53.20 16.72
C THR C 98 -49.45 54.57 17.27
N PRO C 99 -48.16 54.94 17.35
CA PRO C 99 -47.81 56.17 18.07
C PRO C 99 -48.14 57.45 17.31
N ILE C 100 -48.27 57.42 15.99
CA ILE C 100 -48.46 58.62 15.19
C ILE C 100 -49.70 58.46 14.32
N GLU C 101 -50.57 59.46 14.31
CA GLU C 101 -51.66 59.52 13.34
C GLU C 101 -51.16 60.08 12.02
N ALA C 102 -51.78 59.64 10.92
CA ALA C 102 -51.39 60.07 9.59
C ALA C 102 -52.13 61.34 9.18
N ASN C 103 -51.50 62.12 8.30
CA ASN C 103 -52.13 63.34 7.79
C ASN C 103 -52.01 63.53 6.29
N GLY C 104 -51.21 62.73 5.58
CA GLY C 104 -51.11 62.80 4.14
C GLY C 104 -51.68 61.57 3.46
N LYS C 105 -51.45 61.50 2.15
CA LYS C 105 -52.03 60.45 1.32
C LYS C 105 -51.03 59.37 0.90
N LEU C 106 -49.72 59.59 1.09
CA LEU C 106 -48.73 58.63 0.64
C LEU C 106 -48.70 57.42 1.57
N VAL C 107 -48.97 56.24 1.03
CA VAL C 107 -48.87 54.99 1.76
C VAL C 107 -47.86 54.09 1.04
N PRO C 108 -46.65 53.95 1.57
CA PRO C 108 -45.68 53.03 0.96
C PRO C 108 -46.12 51.58 1.10
N GLY C 109 -45.97 50.83 0.01
CA GLY C 109 -46.43 49.45 -0.03
C GLY C 109 -47.94 49.29 0.04
N GLU C 110 -48.69 50.24 -0.52
CA GLU C 110 -50.14 50.21 -0.48
C GLU C 110 -50.71 49.08 -1.34
N LEU C 111 -51.76 48.44 -0.85
CA LEU C 111 -52.45 47.37 -1.57
C LEU C 111 -53.72 47.92 -2.23
N PHE C 112 -53.92 47.57 -3.50
CA PHE C 112 -55.13 47.91 -4.25
C PHE C 112 -55.84 46.61 -4.59
N LEU C 113 -56.95 46.33 -3.90
CA LEU C 113 -57.63 45.05 -4.01
C LEU C 113 -58.87 45.14 -4.88
N LYS C 114 -59.21 44.02 -5.52
CA LYS C 114 -60.53 43.88 -6.11
C LYS C 114 -61.58 43.68 -5.01
N ASN C 115 -62.84 43.83 -5.39
CA ASN C 115 -63.91 43.74 -4.41
C ASN C 115 -64.71 42.44 -4.48
N GLU C 116 -64.27 41.47 -5.27
CA GLU C 116 -64.97 40.19 -5.33
C GLU C 116 -64.52 39.27 -4.20
N ASP C 117 -65.47 38.52 -3.64
CA ASP C 117 -65.18 37.59 -2.58
C ASP C 117 -64.48 36.35 -3.12
N ILE C 118 -63.81 35.64 -2.22
CA ILE C 118 -63.11 34.39 -2.54
C ILE C 118 -63.95 33.23 -2.02
N THR C 119 -64.18 32.24 -2.88
CA THR C 119 -64.90 31.03 -2.51
C THR C 119 -63.90 29.94 -2.16
N ILE C 120 -63.92 29.47 -0.91
CA ILE C 120 -63.03 28.41 -0.46
C ILE C 120 -63.77 27.09 -0.44
N ASN C 121 -63.01 26.00 -0.64
CA ASN C 121 -63.51 24.62 -0.63
C ASN C 121 -64.63 24.41 -1.65
N GLU C 122 -64.38 24.83 -2.89
CA GLU C 122 -65.37 24.74 -3.95
C GLU C 122 -65.64 23.29 -4.32
N GLY C 123 -66.92 22.97 -4.50
CA GLY C 123 -67.32 21.61 -4.82
C GLY C 123 -67.43 20.68 -3.64
N LYS C 124 -67.23 21.17 -2.42
CA LYS C 124 -67.39 20.38 -1.21
C LYS C 124 -68.72 20.74 -0.56
N LYS C 125 -69.59 19.75 -0.39
CA LYS C 125 -70.89 19.97 0.24
C LYS C 125 -70.77 19.74 1.74
N ALA C 126 -71.33 20.66 2.52
CA ALA C 126 -71.20 20.64 3.97
C ALA C 126 -72.41 20.01 4.65
N VAL C 127 -72.20 19.47 5.85
CA VAL C 127 -73.27 19.00 6.73
C VAL C 127 -73.13 19.74 8.06
N SER C 128 -74.23 19.76 8.82
CA SER C 128 -74.32 20.52 10.07
C SER C 128 -74.50 19.56 11.26
N VAL C 129 -73.70 19.77 12.32
CA VAL C 129 -73.66 18.90 13.50
C VAL C 129 -73.71 19.77 14.76
N LYS C 130 -74.57 19.41 15.71
CA LYS C 130 -74.66 20.10 17.00
C LYS C 130 -73.67 19.50 18.01
N VAL C 131 -72.88 20.36 18.66
CA VAL C 131 -71.77 19.96 19.53
C VAL C 131 -71.94 20.64 20.89
N LYS C 132 -71.77 19.90 21.98
CA LYS C 132 -71.82 20.44 23.33
C LYS C 132 -70.59 20.05 24.14
N ASN C 133 -70.01 21.03 24.84
CA ASN C 133 -68.90 20.82 25.75
C ASN C 133 -69.45 20.54 27.15
N VAL C 134 -69.35 19.29 27.60
CA VAL C 134 -69.85 18.91 28.92
C VAL C 134 -68.73 18.83 29.95
N GLY C 135 -67.50 19.21 29.58
CA GLY C 135 -66.40 19.29 30.51
C GLY C 135 -66.36 20.63 31.23
N ASP C 136 -65.30 20.81 32.02
CA ASP C 136 -65.13 22.01 32.83
C ASP C 136 -63.98 22.90 32.35
N ARG C 137 -63.39 22.62 31.19
CA ARG C 137 -62.28 23.39 30.65
C ARG C 137 -62.53 23.73 29.19
N PRO C 138 -62.07 24.89 28.72
CA PRO C 138 -62.36 25.30 27.34
C PRO C 138 -61.59 24.49 26.30
N VAL C 139 -62.19 24.35 25.12
CA VAL C 139 -61.68 23.55 24.01
C VAL C 139 -61.73 24.39 22.73
N GLN C 140 -60.65 24.36 21.96
CA GLN C 140 -60.56 25.09 20.69
C GLN C 140 -60.01 24.17 19.60
N ILE C 141 -60.68 24.12 18.45
CA ILE C 141 -60.42 23.13 17.39
C ILE C 141 -60.04 23.85 16.10
N GLY C 142 -58.91 23.44 15.49
CA GLY C 142 -58.43 24.03 14.25
C GLY C 142 -59.13 23.50 12.99
N SER C 143 -58.78 24.11 11.85
CA SER C 143 -59.53 23.92 10.61
C SER C 143 -59.29 22.55 9.97
N HIS C 144 -58.11 21.96 10.15
CA HIS C 144 -57.76 20.72 9.48
C HIS C 144 -57.61 19.53 10.42
N PHE C 145 -58.07 19.65 11.65
CA PHE C 145 -58.08 18.51 12.57
C PHE C 145 -59.18 17.53 12.17
N HIS C 146 -58.89 16.23 12.30
CA HIS C 146 -59.91 15.20 12.05
C HIS C 146 -60.94 15.26 13.16
N PHE C 147 -62.14 15.76 12.83
CA PHE C 147 -63.12 16.15 13.85
C PHE C 147 -63.67 14.96 14.63
N PHE C 148 -63.61 13.76 14.06
CA PHE C 148 -63.99 12.53 14.78
C PHE C 148 -63.15 12.31 16.04
N GLU C 149 -61.91 12.79 16.06
CA GLU C 149 -60.96 12.44 17.11
C GLU C 149 -60.71 13.58 18.11
N VAL C 150 -61.62 14.55 18.21
CA VAL C 150 -61.45 15.67 19.14
C VAL C 150 -61.66 15.19 20.58
N ASN C 151 -61.34 16.08 21.54
CA ASN C 151 -61.42 15.88 22.99
C ASN C 151 -62.68 15.14 23.42
N ARG C 152 -62.49 14.09 24.23
CA ARG C 152 -63.56 13.16 24.58
C ARG C 152 -64.66 13.80 25.42
N CYS C 153 -64.43 14.97 26.00
CA CYS C 153 -65.47 15.69 26.72
C CYS C 153 -66.43 16.46 25.82
N LEU C 154 -66.19 16.51 24.50
CA LEU C 154 -67.18 17.06 23.59
C LEU C 154 -68.20 15.99 23.24
N ASP C 155 -69.48 16.34 23.31
CA ASP C 155 -70.57 15.39 23.07
C ASP C 155 -71.26 15.74 21.76
N PHE C 156 -71.25 14.79 20.82
CA PHE C 156 -71.89 14.94 19.52
C PHE C 156 -72.02 13.56 18.88
N ASP C 157 -72.81 13.48 17.82
CA ASP C 157 -73.00 12.25 17.06
C ASP C 157 -71.74 11.96 16.24
N ARG C 158 -70.82 11.17 16.80
CA ARG C 158 -69.50 11.02 16.20
C ARG C 158 -69.51 10.21 14.91
N GLU C 159 -70.54 9.39 14.70
CA GLU C 159 -70.65 8.57 13.49
C GLU C 159 -70.74 9.42 12.23
N LYS C 160 -71.42 10.56 12.32
CA LYS C 160 -71.61 11.43 11.16
C LYS C 160 -70.38 12.27 10.83
N THR C 161 -69.33 12.26 11.65
CA THR C 161 -68.18 13.11 11.46
C THR C 161 -66.93 12.36 11.02
N PHE C 162 -67.04 11.06 10.72
CA PHE C 162 -65.89 10.27 10.31
C PHE C 162 -65.38 10.73 8.95
N GLY C 163 -64.08 10.99 8.87
CA GLY C 163 -63.46 11.47 7.66
C GLY C 163 -63.74 12.91 7.30
N LYS C 164 -64.09 13.76 8.27
CA LYS C 164 -64.50 15.14 8.00
C LYS C 164 -63.70 16.13 8.83
N ARG C 165 -63.68 17.39 8.36
CA ARG C 165 -63.02 18.50 9.04
C ARG C 165 -63.89 19.74 8.93
N LEU C 166 -63.54 20.77 9.70
CA LEU C 166 -64.31 22.02 9.73
C LEU C 166 -64.21 22.79 8.42
N ASP C 167 -65.33 23.37 8.00
CA ASP C 167 -65.40 24.16 6.76
C ASP C 167 -65.24 25.65 7.09
N ILE C 168 -64.03 26.00 7.51
CA ILE C 168 -63.67 27.38 7.83
C ILE C 168 -62.38 27.71 7.08
N ALA C 169 -61.99 28.97 7.17
CA ALA C 169 -60.75 29.43 6.54
C ALA C 169 -59.55 28.74 7.16
N SER C 170 -58.60 28.36 6.31
CA SER C 170 -57.44 27.58 6.70
C SER C 170 -56.57 28.35 7.69
N GLY C 171 -56.36 27.77 8.87
CA GLY C 171 -55.62 28.41 9.93
C GLY C 171 -56.45 29.10 11.00
N THR C 172 -57.78 29.13 10.87
CA THR C 172 -58.66 29.67 11.90
C THR C 172 -59.20 28.53 12.77
N ALA C 173 -60.01 28.88 13.76
CA ALA C 173 -60.45 27.91 14.76
C ALA C 173 -61.83 28.27 15.32
N VAL C 174 -62.44 27.29 16.00
CA VAL C 174 -63.73 27.43 16.66
C VAL C 174 -63.56 27.08 18.14
N ARG C 175 -64.11 27.91 19.02
CA ARG C 175 -63.91 27.80 20.47
C ARG C 175 -65.19 27.35 21.17
N PHE C 176 -65.04 26.45 22.15
CA PHE C 176 -66.14 25.95 22.97
C PHE C 176 -65.84 26.25 24.44
N GLU C 177 -66.62 27.14 25.05
CA GLU C 177 -66.54 27.38 26.48
C GLU C 177 -67.17 26.21 27.24
N PRO C 178 -66.87 26.06 28.54
CA PRO C 178 -67.57 25.04 29.34
C PRO C 178 -69.08 25.26 29.38
N GLY C 179 -69.82 24.21 29.07
CA GLY C 179 -71.26 24.27 28.99
C GLY C 179 -71.83 24.81 27.69
N GLU C 180 -70.98 25.26 26.77
CA GLU C 180 -71.45 25.88 25.55
C GLU C 180 -71.91 24.83 24.53
N GLU C 181 -72.95 25.18 23.79
CA GLU C 181 -73.50 24.32 22.74
C GLU C 181 -73.76 25.15 21.49
N LYS C 182 -73.27 24.66 20.34
CA LYS C 182 -73.46 25.35 19.06
C LYS C 182 -73.30 24.33 17.94
N SER C 183 -73.66 24.75 16.72
CA SER C 183 -73.55 23.92 15.53
C SER C 183 -72.34 24.33 14.71
N VAL C 184 -71.75 23.34 14.02
CA VAL C 184 -70.59 23.55 13.15
C VAL C 184 -70.87 22.93 11.79
N GLU C 185 -70.09 23.35 10.80
CA GLU C 185 -70.18 22.86 9.42
C GLU C 185 -68.97 22.01 9.10
N LEU C 186 -69.19 20.83 8.52
CA LEU C 186 -68.12 19.89 8.24
C LEU C 186 -68.13 19.45 6.78
N ILE C 187 -66.92 19.28 6.21
CA ILE C 187 -66.73 18.82 4.84
C ILE C 187 -65.73 17.68 4.82
N ASP C 188 -65.73 16.92 3.72
CA ASP C 188 -64.86 15.76 3.58
C ASP C 188 -63.38 16.15 3.47
N ILE C 189 -62.52 15.33 4.11
CA ILE C 189 -61.08 15.44 3.94
C ILE C 189 -60.70 15.03 2.52
N GLY C 190 -59.81 15.80 1.90
CA GLY C 190 -59.37 15.55 0.53
C GLY C 190 -58.13 14.68 0.43
N GLY C 191 -57.53 14.69 -0.75
CA GLY C 191 -56.33 13.92 -1.01
C GLY C 191 -56.58 12.42 -1.07
N ASN C 192 -55.60 11.67 -0.60
CA ASN C 192 -55.70 10.22 -0.53
C ASN C 192 -56.57 9.72 0.63
N ARG C 193 -56.96 10.61 1.54
CA ARG C 193 -57.78 10.30 2.72
C ARG C 193 -57.13 9.22 3.60
N ARG C 194 -55.81 9.33 3.79
CA ARG C 194 -55.06 8.47 4.71
C ARG C 194 -54.83 9.25 6.00
N ILE C 195 -55.39 8.76 7.10
CA ILE C 195 -55.44 9.49 8.36
C ILE C 195 -54.49 8.82 9.34
N PHE C 196 -53.40 9.50 9.69
CA PHE C 196 -52.41 8.97 10.62
C PHE C 196 -52.19 9.95 11.77
N GLY C 197 -52.29 9.43 12.99
CA GLY C 197 -52.11 10.24 14.19
C GLY C 197 -53.41 10.62 14.90
N PHE C 198 -53.38 11.80 15.50
CA PHE C 198 -54.45 12.61 16.12
C PHE C 198 -55.05 12.11 17.41
N ASN C 199 -55.28 10.80 17.55
CA ASN C 199 -55.56 10.12 18.81
C ASN C 199 -55.28 8.64 18.62
N ALA C 200 -54.76 8.29 17.44
CA ALA C 200 -54.55 6.91 16.97
C ALA C 200 -55.84 6.10 16.99
N LEU C 201 -56.95 6.71 16.54
CA LEU C 201 -58.19 5.96 16.39
C LEU C 201 -58.36 5.38 15.00
N VAL C 202 -57.62 5.85 13.99
CA VAL C 202 -57.73 5.27 12.66
C VAL C 202 -56.41 4.64 12.22
N ASP C 203 -55.39 5.48 12.01
CA ASP C 203 -54.03 5.07 11.58
C ASP C 203 -54.03 4.22 10.30
N ARG C 204 -54.95 4.48 9.37
CA ARG C 204 -55.04 3.72 8.12
C ARG C 204 -55.88 4.51 7.12
N GLN C 205 -56.18 3.88 5.98
CA GLN C 205 -57.09 4.44 4.99
C GLN C 205 -58.49 4.61 5.55
N ALA C 206 -59.09 5.78 5.32
CA ALA C 206 -60.44 6.04 5.79
C ALA C 206 -61.45 5.49 4.79
N ASP C 207 -62.30 4.58 5.24
CA ASP C 207 -63.39 4.00 4.45
C ASP C 207 -64.42 3.44 5.43
N ASN C 208 -65.43 2.76 4.89
CA ASN C 208 -66.51 2.23 5.73
C ASN C 208 -66.05 1.04 6.58
N GLU C 209 -65.07 0.26 6.09
CA GLU C 209 -64.51 -0.82 6.90
C GLU C 209 -63.74 -0.26 8.09
N SER C 210 -62.95 0.80 7.89
CA SER C 210 -62.17 1.36 8.99
C SER C 210 -63.04 2.17 9.95
N LYS C 211 -64.25 2.56 9.56
CA LYS C 211 -65.13 3.32 10.45
C LYS C 211 -65.62 2.47 11.63
N LYS C 212 -65.90 1.20 11.39
CA LYS C 212 -66.37 0.30 12.46
C LYS C 212 -65.30 0.08 13.53
N ILE C 213 -64.06 -0.12 13.09
CA ILE C 213 -62.92 -0.27 14.02
C ILE C 213 -62.72 1.00 14.83
N ALA C 214 -62.81 2.16 14.17
CA ALA C 214 -62.62 3.45 14.84
C ALA C 214 -63.73 3.71 15.86
N LEU C 215 -64.97 3.34 15.54
CA LEU C 215 -66.07 3.52 16.48
C LEU C 215 -65.93 2.60 17.70
N HIS C 216 -65.48 1.35 17.47
CA HIS C 216 -65.26 0.44 18.60
C HIS C 216 -64.13 0.94 19.50
N ARG C 217 -63.03 1.42 18.91
CA ARG C 217 -61.92 1.97 19.67
C ARG C 217 -62.33 3.21 20.44
N ALA C 218 -63.16 4.07 19.83
CA ALA C 218 -63.60 5.30 20.50
C ALA C 218 -64.54 4.99 21.66
N LYS C 219 -65.39 3.96 21.52
CA LYS C 219 -66.26 3.59 22.64
C LYS C 219 -65.45 3.00 23.80
N GLU C 220 -64.44 2.18 23.51
CA GLU C 220 -63.66 1.58 24.58
C GLU C 220 -62.82 2.61 25.35
N ARG C 221 -62.46 3.72 24.71
CA ARG C 221 -61.68 4.77 25.36
C ARG C 221 -62.55 5.92 25.86
N GLY C 222 -63.87 5.77 25.85
CA GLY C 222 -64.75 6.72 26.51
C GLY C 222 -64.99 8.05 25.81
N PHE C 223 -64.94 8.09 24.49
CA PHE C 223 -65.28 9.31 23.76
C PHE C 223 -66.80 9.48 23.74
N HIS C 224 -67.27 10.67 24.10
CA HIS C 224 -68.70 10.91 24.26
C HIS C 224 -69.43 10.92 22.93
N GLY C 225 -70.62 10.33 22.92
CA GLY C 225 -71.48 10.33 21.75
C GLY C 225 -71.19 9.26 20.73
N THR C 226 -70.29 8.33 21.03
CA THR C 226 -69.96 7.26 20.11
C THR C 226 -70.92 6.09 20.32
N LYS C 227 -71.55 5.65 19.25
CA LYS C 227 -72.52 4.56 19.30
C LYS C 227 -72.03 3.44 18.38
N SER C 228 -71.51 2.37 18.98
CA SER C 228 -71.20 1.15 18.27
C SER C 228 -71.92 0.00 18.94
N ASP C 229 -72.46 -0.91 18.14
CA ASP C 229 -73.37 -1.94 18.63
C ASP C 229 -72.61 -2.99 19.43
N ASP C 230 -73.36 -3.68 20.29
CA ASP C 230 -72.81 -4.80 21.03
C ASP C 230 -72.62 -6.00 20.09
N ASN C 231 -71.91 -7.01 20.60
CA ASN C 231 -71.46 -8.19 19.84
C ASN C 231 -70.66 -7.78 18.60
N TYR C 232 -69.64 -6.96 18.83
CA TYR C 232 -68.70 -6.56 17.80
C TYR C 232 -67.82 -7.75 17.40
N VAL C 233 -67.53 -7.85 16.11
CA VAL C 233 -66.72 -8.94 15.56
C VAL C 233 -65.34 -8.38 15.21
N LYS C 234 -64.30 -8.93 15.84
CA LYS C 234 -62.94 -8.49 15.60
C LYS C 234 -62.43 -8.98 14.24
N THR C 235 -61.47 -8.25 13.68
CA THR C 235 -60.74 -8.67 12.49
C THR C 235 -59.34 -9.16 12.90
N ILE C 236 -58.57 -9.59 11.90
CA ILE C 236 -57.23 -10.12 12.16
C ILE C 236 -56.24 -9.02 12.52
N LYS C 237 -56.47 -7.77 12.10
CA LYS C 237 -55.57 -6.67 12.42
C LYS C 237 -56.39 -5.49 12.90
N GLU C 238 -56.34 -5.23 14.21
CA GLU C 238 -57.04 -4.10 14.81
C GLU C 238 -56.05 -3.22 15.57
N MET D 1 60.31 -7.85 -15.83
CA MET D 1 60.89 -6.64 -15.24
C MET D 1 60.19 -6.23 -13.95
N LYS D 2 58.88 -6.45 -13.91
CA LYS D 2 57.98 -6.04 -12.82
C LYS D 2 58.08 -4.53 -12.54
N LEU D 3 57.84 -3.75 -13.58
CA LEU D 3 57.88 -2.29 -13.44
C LEU D 3 56.70 -1.77 -12.62
N THR D 4 56.99 -0.81 -11.75
CA THR D 4 56.04 -0.02 -10.96
C THR D 4 55.65 1.24 -11.72
N PRO D 5 54.54 1.91 -11.35
CA PRO D 5 54.21 3.20 -11.99
C PRO D 5 55.26 4.29 -11.84
N LYS D 6 56.00 4.29 -10.72
CA LYS D 6 57.10 5.22 -10.51
C LYS D 6 58.19 5.06 -11.57
N GLU D 7 58.54 3.81 -11.88
CA GLU D 7 59.56 3.52 -12.88
C GLU D 7 59.16 4.01 -14.27
N LEU D 8 57.88 3.85 -14.63
CA LEU D 8 57.37 4.32 -15.91
C LEU D 8 57.41 5.85 -16.01
N ASP D 9 57.00 6.54 -14.94
CA ASP D 9 57.07 8.00 -14.92
C ASP D 9 58.50 8.52 -15.05
N LYS D 10 59.44 7.87 -14.36
CA LYS D 10 60.84 8.30 -14.45
C LYS D 10 61.46 7.99 -15.81
N LEU D 11 61.01 6.91 -16.48
CA LEU D 11 61.46 6.63 -17.84
C LEU D 11 61.03 7.73 -18.82
N MET D 12 59.77 8.18 -18.68
CA MET D 12 59.29 9.30 -19.49
C MET D 12 60.10 10.58 -19.23
N LEU D 13 60.40 10.86 -17.96
CA LEU D 13 61.19 12.04 -17.61
C LEU D 13 62.60 11.98 -18.21
N HIS D 14 63.22 10.79 -18.20
CA HIS D 14 64.55 10.62 -18.79
C HIS D 14 64.54 10.94 -20.28
N TYR D 15 63.54 10.46 -21.01
CA TYR D 15 63.58 10.75 -22.44
C TYR D 15 63.16 12.18 -22.79
N ALA D 16 62.38 12.84 -21.93
CA ALA D 16 62.19 14.29 -22.08
C ALA D 16 63.51 15.05 -21.93
N GLY D 17 64.32 14.66 -20.94
CA GLY D 17 65.64 15.26 -20.78
C GLY D 17 66.57 14.98 -21.96
N GLU D 18 66.48 13.78 -22.54
CA GLU D 18 67.30 13.45 -23.71
C GLU D 18 66.93 14.31 -24.92
N LEU D 19 65.63 14.56 -25.13
CA LEU D 19 65.21 15.45 -26.20
C LEU D 19 65.73 16.87 -25.98
N ALA D 20 65.70 17.35 -24.73
CA ALA D 20 66.25 18.67 -24.42
C ALA D 20 67.74 18.74 -24.71
N ARG D 21 68.49 17.66 -24.40
CA ARG D 21 69.93 17.65 -24.66
C ARG D 21 70.24 17.65 -26.15
N LYS D 22 69.46 16.90 -26.94
CA LYS D 22 69.66 16.92 -28.40
C LYS D 22 69.39 18.29 -28.99
N ARG D 23 68.33 18.97 -28.51
CA ARG D 23 68.03 20.31 -28.99
C ARG D 23 69.09 21.32 -28.57
N LYS D 24 69.70 21.14 -27.39
CA LYS D 24 70.82 22.00 -26.98
C LYS D 24 72.04 21.76 -27.87
N GLU D 25 72.29 20.51 -28.26
CA GLU D 25 73.42 20.22 -29.16
C GLU D 25 73.19 20.81 -30.54
N LYS D 26 71.95 20.95 -30.99
CA LYS D 26 71.72 21.60 -32.29
C LYS D 26 71.81 23.13 -32.25
N GLY D 27 72.04 23.74 -31.08
CA GLY D 27 72.16 25.18 -31.00
C GLY D 27 70.87 25.94 -30.71
N ILE D 28 69.83 25.26 -30.23
CA ILE D 28 68.54 25.88 -29.96
C ILE D 28 68.50 26.33 -28.50
N LYS D 29 68.06 27.57 -28.28
CA LYS D 29 67.89 28.08 -26.92
C LYS D 29 66.73 27.39 -26.22
N LEU D 30 66.98 26.83 -25.05
CA LEU D 30 65.99 25.99 -24.36
C LEU D 30 64.89 26.85 -23.72
N ASN D 31 63.68 26.29 -23.67
CA ASN D 31 62.58 26.93 -22.98
C ASN D 31 62.50 26.42 -21.54
N TYR D 32 61.38 26.71 -20.86
CA TYR D 32 61.20 26.38 -19.46
C TYR D 32 61.15 24.86 -19.22
N VAL D 33 60.31 24.16 -20.00
CA VAL D 33 60.11 22.72 -19.84
C VAL D 33 61.39 21.95 -20.14
N GLU D 34 62.10 22.35 -21.22
CA GLU D 34 63.33 21.68 -21.63
C GLU D 34 64.43 21.81 -20.56
N ALA D 35 64.56 23.00 -19.96
CA ALA D 35 65.58 23.22 -18.94
C ALA D 35 65.32 22.40 -17.69
N VAL D 36 64.05 22.38 -17.23
CA VAL D 36 63.69 21.57 -16.06
C VAL D 36 63.95 20.08 -16.31
N ALA D 37 63.59 19.60 -17.50
CA ALA D 37 63.79 18.19 -17.84
C ALA D 37 65.26 17.81 -17.91
N LEU D 38 66.09 18.70 -18.48
CA LEU D 38 67.52 18.43 -18.62
C LEU D 38 68.20 18.30 -17.26
N ILE D 39 67.90 19.22 -16.34
CA ILE D 39 68.51 19.18 -15.01
C ILE D 39 68.08 17.92 -14.25
N SER D 40 66.78 17.59 -14.32
CA SER D 40 66.27 16.39 -13.61
C SER D 40 66.91 15.10 -14.12
N ALA D 41 67.02 14.96 -15.45
CA ALA D 41 67.57 13.73 -16.03
C ALA D 41 69.05 13.57 -15.69
N HIS D 42 69.81 14.68 -15.71
CA HIS D 42 71.22 14.62 -15.35
C HIS D 42 71.41 14.16 -13.91
N ILE D 43 70.59 14.68 -12.98
CA ILE D 43 70.71 14.28 -11.58
C ILE D 43 70.41 12.79 -11.39
N MET D 44 69.37 12.28 -12.08
CA MET D 44 69.02 10.86 -11.96
C MET D 44 70.14 9.95 -12.45
N GLU D 45 70.79 10.30 -13.58
CA GLU D 45 71.89 9.46 -14.07
C GLU D 45 73.10 9.49 -13.14
N GLU D 46 73.43 10.67 -12.59
CA GLU D 46 74.55 10.76 -11.67
C GLU D 46 74.31 9.98 -10.39
N ALA D 47 73.06 9.94 -9.92
CA ALA D 47 72.78 9.14 -8.74
C ALA D 47 72.81 7.64 -9.03
N ARG D 48 72.43 7.23 -10.25
CA ARG D 48 72.56 5.82 -10.61
C ARG D 48 74.02 5.37 -10.65
N ALA D 49 74.91 6.26 -11.09
CA ALA D 49 76.34 5.91 -11.18
C ALA D 49 76.96 5.59 -9.82
N GLY D 50 76.50 6.24 -8.75
CA GLY D 50 76.88 5.81 -7.41
C GLY D 50 78.18 6.34 -6.87
N LYS D 51 78.76 7.38 -7.48
CA LYS D 51 80.05 7.89 -7.03
C LYS D 51 79.97 9.26 -6.36
N LYS D 52 78.77 9.81 -6.18
CA LYS D 52 78.62 11.14 -5.61
C LYS D 52 77.50 11.14 -4.57
N THR D 53 77.63 12.02 -3.60
CA THR D 53 76.60 12.20 -2.59
C THR D 53 75.51 13.15 -3.10
N ALA D 54 74.41 13.23 -2.34
CA ALA D 54 73.31 14.10 -2.72
C ALA D 54 73.69 15.57 -2.57
N ALA D 55 74.50 15.89 -1.56
CA ALA D 55 74.92 17.28 -1.33
C ALA D 55 75.84 17.78 -2.44
N GLU D 56 76.68 16.90 -2.98
CA GLU D 56 77.50 17.28 -4.13
C GLU D 56 76.66 17.48 -5.38
N LEU D 57 75.61 16.66 -5.55
CA LEU D 57 74.74 16.80 -6.71
C LEU D 57 73.92 18.08 -6.65
N MET D 58 73.58 18.54 -5.44
CA MET D 58 72.90 19.81 -5.27
C MET D 58 73.72 20.99 -5.81
N GLN D 59 75.04 20.92 -5.70
CA GLN D 59 75.90 21.95 -6.28
C GLN D 59 76.23 21.70 -7.74
N GLU D 60 76.32 20.43 -8.15
CA GLU D 60 76.63 20.11 -9.53
C GLU D 60 75.47 20.50 -10.47
N GLY D 61 74.24 20.50 -9.97
CA GLY D 61 73.10 20.87 -10.79
C GLY D 61 73.07 22.34 -11.20
N ARG D 62 73.87 23.19 -10.57
CA ARG D 62 73.89 24.62 -10.85
C ARG D 62 74.87 25.00 -11.96
N THR D 63 75.64 24.06 -12.49
CA THR D 63 76.62 24.36 -13.52
C THR D 63 76.21 23.84 -14.89
N LEU D 64 75.03 23.26 -15.04
CA LEU D 64 74.67 22.60 -16.28
C LEU D 64 74.28 23.57 -17.39
N LEU D 65 73.67 24.71 -17.06
CA LEU D 65 73.15 25.62 -18.06
C LEU D 65 73.72 27.02 -17.84
N LYS D 66 74.39 27.55 -18.85
CA LYS D 66 74.85 28.93 -18.85
C LYS D 66 73.67 29.87 -19.10
N PRO D 67 73.79 31.15 -18.72
CA PRO D 67 72.71 32.11 -19.02
C PRO D 67 72.41 32.30 -20.51
N ASP D 68 73.37 32.06 -21.39
CA ASP D 68 73.11 32.20 -22.82
C ASP D 68 72.47 30.97 -23.44
N ASP D 69 72.32 29.87 -22.69
CA ASP D 69 71.76 28.65 -23.23
C ASP D 69 70.22 28.64 -23.26
N VAL D 70 69.56 29.58 -22.60
CA VAL D 70 68.11 29.52 -22.47
C VAL D 70 67.48 30.78 -23.05
N MET D 71 66.18 30.69 -23.34
CA MET D 71 65.43 31.83 -23.83
C MET D 71 65.29 32.89 -22.74
N ASP D 72 65.02 34.12 -23.17
CA ASP D 72 64.82 35.23 -22.24
C ASP D 72 63.57 34.99 -21.40
N GLY D 73 63.73 35.07 -20.09
CA GLY D 73 62.66 34.85 -19.15
C GLY D 73 62.68 33.50 -18.45
N VAL D 74 63.47 32.55 -18.94
CA VAL D 74 63.49 31.20 -18.34
C VAL D 74 64.08 31.23 -16.94
N ALA D 75 65.17 31.97 -16.74
CA ALA D 75 65.89 31.94 -15.47
C ALA D 75 65.08 32.56 -14.34
N SER D 76 64.23 33.55 -14.63
CA SER D 76 63.40 34.11 -13.57
C SER D 76 62.23 33.21 -13.19
N MET D 77 61.85 32.26 -14.05
CA MET D 77 60.74 31.36 -13.78
C MET D 77 61.12 30.13 -12.98
N ILE D 78 62.39 29.74 -12.99
CA ILE D 78 62.84 28.51 -12.35
C ILE D 78 63.51 28.92 -11.03
N HIS D 79 62.79 28.74 -9.92
CA HIS D 79 63.35 29.04 -8.62
C HIS D 79 64.09 27.85 -8.02
N GLU D 80 63.54 26.64 -8.18
CA GLU D 80 64.20 25.43 -7.74
C GLU D 80 63.69 24.25 -8.56
N VAL D 81 64.53 23.22 -8.67
CA VAL D 81 64.16 21.96 -9.31
C VAL D 81 64.41 20.83 -8.30
N GLY D 82 63.38 20.04 -8.05
CA GLY D 82 63.48 18.89 -7.15
C GLY D 82 63.29 17.60 -7.91
N ILE D 83 64.01 16.56 -7.47
CA ILE D 83 63.94 15.24 -8.08
C ILE D 83 64.38 14.21 -7.05
N GLU D 84 63.64 13.11 -6.97
CA GLU D 84 64.02 11.97 -6.15
C GLU D 84 64.79 10.97 -7.00
N ALA D 85 65.88 10.45 -6.45
CA ALA D 85 66.70 9.49 -7.17
C ALA D 85 67.24 8.43 -6.21
N MET D 86 67.47 7.23 -6.75
CA MET D 86 67.91 6.11 -5.93
C MET D 86 69.43 6.01 -5.94
N PHE D 87 70.03 6.21 -4.78
CA PHE D 87 71.46 6.11 -4.49
C PHE D 87 71.75 4.68 -4.07
N PRO D 88 73.00 4.27 -3.84
CA PRO D 88 73.24 2.94 -3.22
C PRO D 88 72.63 2.78 -1.83
N ASP D 89 72.40 3.86 -1.09
CA ASP D 89 71.75 3.79 0.20
C ASP D 89 70.25 4.08 0.15
N GLY D 90 69.66 4.14 -1.03
CA GLY D 90 68.23 4.26 -1.18
C GLY D 90 67.80 5.58 -1.82
N THR D 91 66.49 5.78 -1.83
CA THR D 91 65.89 6.96 -2.45
C THR D 91 66.10 8.20 -1.59
N LYS D 92 66.59 9.28 -2.19
CA LYS D 92 66.81 10.55 -1.53
C LYS D 92 66.27 11.69 -2.39
N LEU D 93 65.89 12.79 -1.75
CA LEU D 93 65.42 13.97 -2.46
C LEU D 93 66.57 14.95 -2.65
N VAL D 94 66.76 15.41 -3.89
CA VAL D 94 67.79 16.39 -4.25
C VAL D 94 67.10 17.62 -4.80
N THR D 95 67.35 18.77 -4.18
CA THR D 95 66.78 20.04 -4.62
C THR D 95 67.91 20.97 -5.09
N VAL D 96 67.77 21.48 -6.30
CA VAL D 96 68.76 22.38 -6.90
C VAL D 96 68.22 23.81 -6.82
N HIS D 97 68.93 24.67 -6.09
CA HIS D 97 68.48 26.04 -5.85
C HIS D 97 69.11 27.01 -6.85
N THR D 98 68.24 27.80 -7.52
CA THR D 98 68.53 28.83 -8.52
C THR D 98 69.57 28.35 -9.54
N PRO D 99 69.22 27.43 -10.44
CA PRO D 99 70.24 26.82 -11.29
C PRO D 99 70.76 27.73 -12.40
N ILE D 100 70.01 28.75 -12.82
CA ILE D 100 70.39 29.57 -13.97
C ILE D 100 70.37 31.04 -13.55
N GLU D 101 71.44 31.77 -13.88
CA GLU D 101 71.42 33.22 -13.74
C GLU D 101 70.74 33.86 -14.95
N ALA D 102 70.12 35.01 -14.71
CA ALA D 102 69.40 35.73 -15.76
C ALA D 102 70.33 36.67 -16.52
N ASN D 103 69.98 36.93 -17.78
CA ASN D 103 70.76 37.86 -18.60
C ASN D 103 69.92 38.86 -19.39
N GLY D 104 68.60 38.70 -19.46
CA GLY D 104 67.73 39.65 -20.12
C GLY D 104 66.83 40.39 -19.16
N LYS D 105 65.89 41.14 -19.73
CA LYS D 105 65.02 42.00 -18.94
C LYS D 105 63.60 41.47 -18.79
N LEU D 106 63.20 40.45 -19.55
CA LEU D 106 61.83 39.96 -19.49
C LEU D 106 61.61 39.15 -18.21
N VAL D 107 60.68 39.59 -17.38
CA VAL D 107 60.27 38.85 -16.19
C VAL D 107 58.78 38.56 -16.30
N PRO D 108 58.40 37.32 -16.59
CA PRO D 108 56.98 36.96 -16.63
C PRO D 108 56.37 37.00 -15.23
N GLY D 109 55.17 37.58 -15.15
CA GLY D 109 54.51 37.78 -13.88
C GLY D 109 55.18 38.78 -12.96
N GLU D 110 55.82 39.80 -13.52
CA GLU D 110 56.55 40.80 -12.74
C GLU D 110 55.60 41.67 -11.92
N LEU D 111 56.02 41.99 -10.70
CA LEU D 111 55.26 42.87 -9.82
C LEU D 111 55.82 44.29 -9.85
N PHE D 112 54.95 45.27 -9.97
CA PHE D 112 55.31 46.70 -9.91
C PHE D 112 54.65 47.29 -8.67
N LEU D 113 55.42 47.56 -7.64
CA LEU D 113 54.88 47.96 -6.35
C LEU D 113 55.03 49.47 -6.13
N LYS D 114 54.12 50.02 -5.34
CA LYS D 114 54.32 51.35 -4.79
C LYS D 114 55.37 51.30 -3.68
N ASN D 115 55.87 52.47 -3.29
CA ASN D 115 56.93 52.52 -2.30
C ASN D 115 56.47 53.00 -0.93
N GLU D 116 55.16 53.13 -0.71
CA GLU D 116 54.66 53.52 0.61
C GLU D 116 54.53 52.31 1.52
N ASP D 117 54.87 52.51 2.79
CA ASP D 117 54.77 51.46 3.79
C ASP D 117 53.31 51.19 4.17
N ILE D 118 53.07 50.01 4.73
CA ILE D 118 51.75 49.60 5.20
C ILE D 118 51.74 49.70 6.72
N THR D 119 50.72 50.35 7.26
CA THR D 119 50.53 50.47 8.70
C THR D 119 49.55 49.40 9.17
N ILE D 120 50.02 48.48 10.02
CA ILE D 120 49.19 47.42 10.55
C ILE D 120 48.73 47.78 11.96
N ASN D 121 47.55 47.27 12.33
CA ASN D 121 46.92 47.46 13.65
C ASN D 121 46.74 48.93 13.98
N GLU D 122 46.14 49.68 13.04
CA GLU D 122 45.94 51.11 13.20
C GLU D 122 44.94 51.41 14.32
N GLY D 123 45.26 52.39 15.15
CA GLY D 123 44.40 52.74 16.26
C GLY D 123 44.58 51.89 17.50
N LYS D 124 45.52 50.95 17.50
CA LYS D 124 45.82 50.13 18.66
C LYS D 124 47.10 50.63 19.31
N LYS D 125 47.01 51.03 20.57
CA LYS D 125 48.16 51.53 21.32
C LYS D 125 48.86 50.36 22.03
N ALA D 126 50.18 50.30 21.90
CA ALA D 126 50.97 49.20 22.41
C ALA D 126 51.58 49.52 23.78
N VAL D 127 51.85 48.47 24.55
CA VAL D 127 52.61 48.54 25.80
C VAL D 127 53.80 47.59 25.67
N SER D 128 54.81 47.84 26.52
CA SER D 128 56.08 47.10 26.47
C SER D 128 56.28 46.29 27.75
N VAL D 129 56.66 45.02 27.60
CA VAL D 129 56.79 44.07 28.70
C VAL D 129 58.11 43.31 28.55
N LYS D 130 58.88 43.21 29.64
CA LYS D 130 60.12 42.44 29.65
C LYS D 130 59.86 40.98 30.00
N VAL D 131 60.40 40.07 29.19
CA VAL D 131 60.12 38.62 29.28
C VAL D 131 61.44 37.87 29.36
N LYS D 132 61.55 36.90 30.28
CA LYS D 132 62.73 36.05 30.42
C LYS D 132 62.36 34.58 30.40
N ASN D 133 63.11 33.79 29.63
CA ASN D 133 62.96 32.33 29.58
C ASN D 133 63.90 31.71 30.61
N VAL D 134 63.34 31.19 31.71
CA VAL D 134 64.13 30.57 32.76
C VAL D 134 64.13 29.05 32.65
N GLY D 135 63.54 28.49 31.59
CA GLY D 135 63.61 27.07 31.32
C GLY D 135 64.86 26.68 30.55
N ASP D 136 64.92 25.40 30.19
CA ASP D 136 66.07 24.85 29.49
C ASP D 136 65.79 24.49 28.03
N ARG D 137 64.63 24.85 27.51
CA ARG D 137 64.24 24.53 26.14
C ARG D 137 63.71 25.76 25.43
N PRO D 138 63.93 25.90 24.12
CA PRO D 138 63.50 27.12 23.41
C PRO D 138 62.00 27.21 23.25
N VAL D 139 61.50 28.45 23.21
CA VAL D 139 60.07 28.77 23.12
C VAL D 139 59.86 29.80 22.01
N GLN D 140 58.85 29.58 21.17
CA GLN D 140 58.51 30.49 20.07
C GLN D 140 57.00 30.76 20.08
N ILE D 141 56.62 32.04 20.02
CA ILE D 141 55.24 32.48 20.23
C ILE D 141 54.73 33.20 18.98
N GLY D 142 53.54 32.79 18.49
CA GLY D 142 52.94 33.38 17.31
C GLY D 142 52.19 34.70 17.58
N SER D 143 51.73 35.32 16.49
CA SER D 143 51.23 36.69 16.54
C SER D 143 49.86 36.82 17.21
N HIS D 144 49.02 35.79 17.14
CA HIS D 144 47.66 35.89 17.65
C HIS D 144 47.40 34.99 18.85
N PHE D 145 48.44 34.46 19.47
CA PHE D 145 48.27 33.70 20.71
C PHE D 145 47.96 34.64 21.87
N HIS D 146 47.08 34.21 22.77
CA HIS D 146 46.78 34.98 23.98
C HIS D 146 47.99 34.94 24.90
N PHE D 147 48.71 36.07 24.99
CA PHE D 147 50.05 36.10 25.59
C PHE D 147 50.04 35.80 27.08
N PHE D 148 48.91 36.01 27.76
CA PHE D 148 48.74 35.64 29.16
C PHE D 148 48.95 34.14 29.41
N GLU D 149 48.65 33.30 28.41
CA GLU D 149 48.59 31.86 28.61
C GLU D 149 49.78 31.11 27.99
N VAL D 150 50.90 31.79 27.75
CA VAL D 150 52.07 31.14 27.17
C VAL D 150 52.75 30.23 28.19
N ASN D 151 53.71 29.43 27.73
CA ASN D 151 54.49 28.45 28.49
C ASN D 151 54.91 28.95 29.87
N ARG D 152 54.63 28.14 30.88
CA ARG D 152 54.79 28.55 32.28
C ARG D 152 56.24 28.79 32.69
N CYS D 153 57.21 28.37 31.89
CA CYS D 153 58.62 28.66 32.14
C CYS D 153 59.02 30.06 31.68
N LEU D 154 58.16 30.81 31.02
CA LEU D 154 58.45 32.22 30.74
C LEU D 154 58.07 33.06 31.96
N ASP D 155 58.96 33.95 32.36
CA ASP D 155 58.75 34.78 33.55
C ASP D 155 58.54 36.23 33.13
N PHE D 156 57.37 36.77 33.48
CA PHE D 156 57.01 38.16 33.19
C PHE D 156 55.82 38.54 34.07
N ASP D 157 55.53 39.83 34.11
CA ASP D 157 54.40 40.36 34.86
C ASP D 157 53.10 40.02 34.13
N ARG D 158 52.48 38.89 34.48
CA ARG D 158 51.37 38.36 33.69
C ARG D 158 50.10 39.18 33.82
N GLU D 159 49.96 39.97 34.89
CA GLU D 159 48.76 40.79 35.10
C GLU D 159 48.61 41.84 34.00
N LYS D 160 49.71 42.38 33.50
CA LYS D 160 49.65 43.42 32.48
C LYS D 160 49.38 42.89 31.08
N THR D 161 49.34 41.56 30.89
CA THR D 161 49.20 40.99 29.56
C THR D 161 47.84 40.33 29.34
N PHE D 162 46.90 40.47 30.27
CA PHE D 162 45.59 39.85 30.14
C PHE D 162 44.81 40.50 28.99
N GLY D 163 44.29 39.67 28.10
CA GLY D 163 43.56 40.14 26.93
C GLY D 163 44.40 40.75 25.83
N LYS D 164 45.69 40.42 25.74
CA LYS D 164 46.59 41.05 24.79
C LYS D 164 47.32 40.00 23.94
N ARG D 165 47.82 40.46 22.79
CA ARG D 165 48.60 39.65 21.86
C ARG D 165 49.75 40.47 21.31
N LEU D 166 50.70 39.81 20.64
CA LEU D 166 51.87 40.47 20.09
C LEU D 166 51.52 41.40 18.93
N ASP D 167 52.20 42.56 18.89
CA ASP D 167 51.99 43.55 17.84
C ASP D 167 53.05 43.38 16.75
N ILE D 168 52.92 42.27 16.02
CA ILE D 168 53.80 41.95 14.90
C ILE D 168 52.93 41.61 13.70
N ALA D 169 53.58 41.40 12.56
CA ALA D 169 52.88 41.03 11.34
C ALA D 169 52.22 39.66 11.50
N SER D 170 51.00 39.55 10.97
CA SER D 170 50.18 38.37 11.14
C SER D 170 50.81 37.15 10.49
N GLY D 171 51.05 36.11 11.29
CA GLY D 171 51.74 34.92 10.83
C GLY D 171 53.21 34.83 11.15
N THR D 172 53.80 35.87 11.75
CA THR D 172 55.19 35.82 12.17
C THR D 172 55.27 35.47 13.67
N ALA D 173 56.49 35.38 14.20
CA ALA D 173 56.69 34.88 15.55
C ALA D 173 57.93 35.50 16.19
N VAL D 174 58.03 35.35 17.52
CA VAL D 174 59.15 35.81 18.34
C VAL D 174 59.72 34.61 19.09
N ARG D 175 61.05 34.48 19.07
CA ARG D 175 61.74 33.31 19.62
C ARG D 175 62.51 33.66 20.89
N PHE D 176 62.45 32.78 21.89
CA PHE D 176 63.18 32.92 23.15
C PHE D 176 64.09 31.70 23.34
N GLU D 177 65.40 31.93 23.28
CA GLU D 177 66.38 30.91 23.62
C GLU D 177 66.40 30.68 25.14
N PRO D 178 66.94 29.55 25.60
CA PRO D 178 67.11 29.36 27.05
C PRO D 178 68.03 30.41 27.67
N GLY D 179 67.55 31.04 28.73
CA GLY D 179 68.25 32.12 29.39
C GLY D 179 68.09 33.48 28.77
N GLU D 180 67.41 33.58 27.62
CA GLU D 180 67.30 34.84 26.90
C GLU D 180 66.26 35.76 27.55
N GLU D 181 66.54 37.06 27.53
CA GLU D 181 65.65 38.09 28.05
C GLU D 181 65.55 39.23 27.06
N LYS D 182 64.32 39.64 26.74
CA LYS D 182 64.08 40.74 25.82
C LYS D 182 62.68 41.30 26.08
N SER D 183 62.40 42.46 25.47
CA SER D 183 61.11 43.12 25.58
C SER D 183 60.27 42.88 24.33
N VAL D 184 58.95 42.85 24.52
CA VAL D 184 57.99 42.67 23.43
C VAL D 184 56.92 43.75 23.52
N GLU D 185 56.22 43.94 22.41
CA GLU D 185 55.13 44.91 22.30
C GLU D 185 53.80 44.19 22.21
N LEU D 186 52.82 44.62 23.01
CA LEU D 186 51.52 43.96 23.08
C LEU D 186 50.37 44.93 22.86
N ILE D 187 49.34 44.47 22.15
CA ILE D 187 48.12 45.24 21.87
C ILE D 187 46.90 44.42 22.23
N ASP D 188 45.77 45.11 22.38
CA ASP D 188 44.52 44.46 22.78
C ASP D 188 43.96 43.53 21.69
N ILE D 189 43.41 42.41 22.12
CA ILE D 189 42.66 41.52 21.24
C ILE D 189 41.38 42.20 20.80
N GLY D 190 41.04 42.10 19.52
CA GLY D 190 39.85 42.71 18.96
C GLY D 190 38.63 41.82 18.96
N GLY D 191 37.64 42.22 18.17
CA GLY D 191 36.40 41.47 18.06
C GLY D 191 35.55 41.52 19.32
N ASN D 192 34.85 40.41 19.58
CA ASN D 192 34.04 40.27 20.77
C ASN D 192 34.84 40.02 22.04
N ARG D 193 36.15 39.75 21.91
CA ARG D 193 37.05 39.46 23.04
C ARG D 193 36.58 38.26 23.87
N ARG D 194 36.11 37.22 23.19
CA ARG D 194 35.75 35.95 23.81
C ARG D 194 36.90 34.97 23.61
N ILE D 195 37.53 34.54 24.70
CA ILE D 195 38.77 33.78 24.66
C ILE D 195 38.46 32.35 25.07
N PHE D 196 38.56 31.41 24.13
CA PHE D 196 38.28 30.00 24.39
C PHE D 196 39.48 29.15 23.98
N GLY D 197 39.94 28.30 24.90
CA GLY D 197 41.08 27.44 24.66
C GLY D 197 42.38 27.88 25.31
N PHE D 198 43.47 27.58 24.60
CA PHE D 198 44.88 27.99 24.76
C PHE D 198 45.64 27.44 25.97
N ASN D 199 45.01 27.37 27.14
CA ASN D 199 45.46 26.61 28.30
C ASN D 199 44.27 26.38 29.23
N ALA D 200 43.09 26.80 28.76
CA ALA D 200 41.84 26.84 29.53
C ALA D 200 41.97 27.64 30.82
N LEU D 201 42.65 28.79 30.74
CA LEU D 201 42.71 29.69 31.88
C LEU D 201 41.58 30.72 31.88
N VAL D 202 40.91 30.96 30.75
CA VAL D 202 39.80 31.91 30.73
C VAL D 202 38.49 31.22 30.37
N ASP D 203 38.38 30.74 29.12
CA ASP D 203 37.21 30.04 28.58
C ASP D 203 35.90 30.83 28.74
N ARG D 204 35.97 32.17 28.65
CA ARG D 204 34.78 33.02 28.79
C ARG D 204 35.10 34.40 28.22
N GLN D 205 34.17 35.34 28.42
CA GLN D 205 34.37 36.74 28.07
C GLN D 205 35.51 37.35 28.87
N ALA D 206 36.40 38.06 28.19
CA ALA D 206 37.52 38.72 28.85
C ALA D 206 37.08 40.07 29.39
N ASP D 207 37.20 40.25 30.71
CA ASP D 207 36.90 41.51 31.40
C ASP D 207 37.64 41.48 32.73
N ASN D 208 37.38 42.50 33.57
CA ASN D 208 38.08 42.60 34.85
C ASN D 208 37.61 41.55 35.85
N GLU D 209 36.35 41.12 35.76
CA GLU D 209 35.87 40.03 36.62
C GLU D 209 36.56 38.71 36.26
N SER D 210 36.72 38.43 34.97
CA SER D 210 37.35 37.17 34.57
C SER D 210 38.86 37.19 34.76
N LYS D 211 39.46 38.36 34.93
CA LYS D 211 40.91 38.44 35.13
C LYS D 211 41.33 37.87 36.49
N LYS D 212 40.52 38.10 37.53
CA LYS D 212 40.82 37.58 38.87
C LYS D 212 40.80 36.06 38.91
N ILE D 213 39.80 35.45 38.26
CA ILE D 213 39.68 33.99 38.16
C ILE D 213 40.88 33.42 37.40
N ALA D 214 41.26 34.07 36.29
CA ALA D 214 42.37 33.62 35.47
C ALA D 214 43.70 33.71 36.23
N LEU D 215 43.89 34.77 37.02
CA LEU D 215 45.11 34.90 37.81
C LEU D 215 45.19 33.85 38.92
N HIS D 216 44.05 33.56 39.56
CA HIS D 216 44.03 32.50 40.59
C HIS D 216 44.33 31.13 39.98
N ARG D 217 43.74 30.83 38.82
CA ARG D 217 43.98 29.57 38.12
C ARG D 217 45.44 29.46 37.68
N ALA D 218 46.02 30.57 37.21
CA ALA D 218 47.41 30.55 36.75
C ALA D 218 48.37 30.36 37.92
N LYS D 219 48.06 30.94 39.08
CA LYS D 219 48.93 30.73 40.24
C LYS D 219 48.86 29.29 40.74
N GLU D 220 47.65 28.69 40.75
CA GLU D 220 47.53 27.31 41.23
C GLU D 220 48.23 26.31 40.30
N ARG D 221 48.37 26.61 39.02
CA ARG D 221 49.03 25.73 38.08
C ARG D 221 50.48 26.12 37.82
N GLY D 222 51.03 27.04 38.60
CA GLY D 222 52.46 27.30 38.58
C GLY D 222 53.01 28.11 37.41
N PHE D 223 52.21 29.01 36.85
CA PHE D 223 52.72 29.89 35.80
C PHE D 223 53.57 31.00 36.43
N HIS D 224 54.77 31.21 35.90
CA HIS D 224 55.72 32.14 36.50
C HIS D 224 55.29 33.59 36.35
N GLY D 225 55.50 34.36 37.41
CA GLY D 225 55.23 35.78 37.39
C GLY D 225 53.80 36.17 37.66
N THR D 226 52.94 35.23 38.03
CA THR D 226 51.55 35.52 38.33
C THR D 226 51.42 35.91 39.80
N LYS D 227 50.82 37.07 40.05
CA LYS D 227 50.64 37.59 41.39
C LYS D 227 49.14 37.77 41.64
N SER D 228 48.57 36.87 42.43
CA SER D 228 47.21 37.01 42.93
C SER D 228 47.25 36.90 44.45
N ASP D 229 46.47 37.76 45.11
CA ASP D 229 46.57 37.93 46.55
C ASP D 229 46.00 36.72 47.28
N ASP D 230 46.44 36.56 48.53
CA ASP D 230 45.91 35.53 49.40
C ASP D 230 44.50 35.93 49.86
N ASN D 231 43.81 34.95 50.48
CA ASN D 231 42.40 35.05 50.86
C ASN D 231 41.51 35.39 49.65
N TYR D 232 41.67 34.60 48.59
CA TYR D 232 40.84 34.71 47.40
C TYR D 232 39.42 34.23 47.70
N VAL D 233 38.43 34.93 47.14
CA VAL D 233 37.02 34.61 47.34
C VAL D 233 36.49 33.94 46.08
N LYS D 234 36.01 32.72 46.22
CA LYS D 234 35.45 31.98 45.09
C LYS D 234 34.08 32.51 44.69
N THR D 235 33.74 32.31 43.42
CA THR D 235 32.40 32.57 42.90
C THR D 235 31.64 31.26 42.74
N ILE D 236 30.39 31.36 42.27
CA ILE D 236 29.55 30.18 42.11
C ILE D 236 29.97 29.35 40.88
N LYS D 237 30.62 29.95 39.89
CA LYS D 237 31.06 29.22 38.70
C LYS D 237 32.50 29.59 38.40
N GLU D 238 33.42 28.67 38.69
CA GLU D 238 34.84 28.86 38.41
C GLU D 238 35.36 27.73 37.54
N MET E 1 -9.23 61.12 9.27
CA MET E 1 -8.96 61.21 10.70
C MET E 1 -7.88 60.22 11.15
N LYS E 2 -7.88 59.04 10.52
CA LYS E 2 -7.02 57.90 10.86
C LYS E 2 -7.15 57.51 12.34
N LEU E 3 -8.37 57.21 12.74
CA LEU E 3 -8.63 56.80 14.12
C LEU E 3 -8.07 55.41 14.41
N THR E 4 -7.49 55.25 15.59
CA THR E 4 -7.02 54.00 16.18
C THR E 4 -8.12 53.39 17.03
N PRO E 5 -8.03 52.09 17.37
CA PRO E 5 -9.02 51.49 18.28
C PRO E 5 -9.10 52.14 19.66
N LYS E 6 -7.97 52.65 20.16
CA LYS E 6 -7.95 53.38 21.43
C LYS E 6 -8.83 54.62 21.39
N GLU E 7 -8.77 55.37 20.28
CA GLU E 7 -9.56 56.58 20.12
C GLU E 7 -11.06 56.28 20.10
N LEU E 8 -11.46 55.17 19.46
CA LEU E 8 -12.85 54.76 19.43
C LEU E 8 -13.37 54.36 20.82
N ASP E 9 -12.55 53.60 21.56
CA ASP E 9 -12.93 53.22 22.93
C ASP E 9 -13.08 54.44 23.84
N LYS E 10 -12.18 55.41 23.71
CA LYS E 10 -12.27 56.61 24.53
C LYS E 10 -13.45 57.50 24.13
N LEU E 11 -13.83 57.51 22.85
CA LEU E 11 -15.03 58.24 22.43
C LEU E 11 -16.30 57.65 23.06
N MET E 12 -16.39 56.31 23.09
CA MET E 12 -17.50 55.65 23.77
C MET E 12 -17.54 56.00 25.26
N LEU E 13 -16.36 56.00 25.92
CA LEU E 13 -16.30 56.34 27.34
C LEU E 13 -16.76 57.78 27.60
N HIS E 14 -16.38 58.71 26.72
CA HIS E 14 -16.79 60.11 26.85
C HIS E 14 -18.31 60.25 26.79
N TYR E 15 -18.96 59.55 25.86
CA TYR E 15 -20.41 59.73 25.80
C TYR E 15 -21.17 58.97 26.89
N ALA E 16 -20.58 57.91 27.45
CA ALA E 16 -21.13 57.31 28.67
C ALA E 16 -21.09 58.32 29.83
N GLY E 17 -19.98 59.04 29.97
CA GLY E 17 -19.89 60.07 30.99
C GLY E 17 -20.88 61.22 30.76
N GLU E 18 -21.11 61.58 29.49
CA GLU E 18 -22.08 62.64 29.19
C GLU E 18 -23.50 62.23 29.58
N LEU E 19 -23.87 60.96 29.33
CA LEU E 19 -25.18 60.47 29.76
C LEU E 19 -25.31 60.51 31.27
N ALA E 20 -24.25 60.13 31.99
CA ALA E 20 -24.26 60.22 33.46
C ALA E 20 -24.45 61.66 33.94
N ARG E 21 -23.80 62.62 33.26
CA ARG E 21 -23.94 64.02 33.67
C ARG E 21 -25.34 64.56 33.42
N LYS E 22 -25.96 64.17 32.30
CA LYS E 22 -27.34 64.58 32.03
C LYS E 22 -28.31 64.01 33.07
N ARG E 23 -28.11 62.73 33.45
CA ARG E 23 -28.96 62.13 34.47
C ARG E 23 -28.75 62.77 35.84
N LYS E 24 -27.53 63.20 36.15
CA LYS E 24 -27.30 63.94 37.40
C LYS E 24 -27.99 65.30 37.37
N GLU E 25 -27.99 65.97 36.21
CA GLU E 25 -28.69 67.24 36.11
C GLU E 25 -30.20 67.09 36.25
N LYS E 26 -30.76 65.94 35.87
CA LYS E 26 -32.20 65.75 36.07
C LYS E 26 -32.57 65.37 37.51
N GLY E 27 -31.60 65.23 38.43
CA GLY E 27 -31.91 64.89 39.80
C GLY E 27 -31.94 63.41 40.14
N ILE E 28 -31.37 62.56 39.30
CA ILE E 28 -31.38 61.12 39.51
C ILE E 28 -30.11 60.72 40.25
N LYS E 29 -30.26 59.89 41.29
CA LYS E 29 -29.11 59.38 42.03
C LYS E 29 -28.34 58.37 41.17
N LEU E 30 -27.04 58.59 41.02
CA LEU E 30 -26.23 57.80 40.09
C LEU E 30 -25.92 56.41 40.66
N ASN E 31 -25.82 55.43 39.76
CA ASN E 31 -25.41 54.08 40.16
C ASN E 31 -23.89 53.94 40.00
N TYR E 32 -23.41 52.69 40.06
CA TYR E 32 -21.98 52.39 40.03
C TYR E 32 -21.35 52.76 38.68
N VAL E 33 -21.97 52.31 37.59
CA VAL E 33 -21.44 52.52 36.24
C VAL E 33 -21.43 54.01 35.88
N GLU E 34 -22.51 54.71 36.22
CA GLU E 34 -22.63 56.14 35.92
C GLU E 34 -21.56 56.96 36.64
N ALA E 35 -21.30 56.64 37.92
CA ALA E 35 -20.30 57.38 38.70
C ALA E 35 -18.90 57.17 38.15
N VAL E 36 -18.55 55.92 37.82
CA VAL E 36 -17.23 55.62 37.25
C VAL E 36 -17.04 56.36 35.91
N ALA E 37 -18.08 56.34 35.07
CA ALA E 37 -18.01 57.00 33.76
C ALA E 37 -17.87 58.51 33.89
N LEU E 38 -18.59 59.12 34.83
CA LEU E 38 -18.55 60.58 35.01
C LEU E 38 -17.16 61.04 35.43
N ILE E 39 -16.55 60.33 36.40
CA ILE E 39 -15.21 60.71 36.88
C ILE E 39 -14.17 60.56 35.77
N SER E 40 -14.24 59.44 35.01
CA SER E 40 -13.27 59.20 33.93
C SER E 40 -13.36 60.27 32.84
N ALA E 41 -14.58 60.62 32.42
CA ALA E 41 -14.77 61.60 31.34
C ALA E 41 -14.29 62.98 31.76
N HIS E 42 -14.56 63.37 33.01
CA HIS E 42 -14.09 64.67 33.50
C HIS E 42 -12.57 64.77 33.49
N ILE E 43 -11.88 63.69 33.91
CA ILE E 43 -10.42 63.69 33.92
C ILE E 43 -9.85 63.82 32.50
N MET E 44 -10.44 63.10 31.53
CA MET E 44 -9.97 63.17 30.15
C MET E 44 -10.12 64.58 29.55
N GLU E 45 -11.24 65.25 29.82
CA GLU E 45 -11.41 66.62 29.30
C GLU E 45 -10.43 67.60 29.95
N GLU E 46 -10.20 67.48 31.26
CA GLU E 46 -9.26 68.37 31.94
C GLU E 46 -7.83 68.16 31.43
N ALA E 47 -7.47 66.92 31.11
CA ALA E 47 -6.13 66.72 30.56
C ALA E 47 -6.00 67.24 29.12
N ARG E 48 -7.09 67.19 28.33
CA ARG E 48 -7.04 67.79 26.99
C ARG E 48 -6.84 69.30 27.06
N ALA E 49 -7.44 69.95 28.07
CA ALA E 49 -7.33 71.41 28.19
C ALA E 49 -5.89 71.88 28.42
N GLY E 50 -5.07 71.08 29.10
CA GLY E 50 -3.65 71.34 29.16
C GLY E 50 -3.18 72.34 30.20
N LYS E 51 -4.00 72.68 31.19
CA LYS E 51 -3.60 73.67 32.19
C LYS E 51 -3.35 73.08 33.57
N LYS E 52 -3.41 71.76 33.73
CA LYS E 52 -3.24 71.13 35.03
C LYS E 52 -2.33 69.92 34.91
N THR E 53 -1.63 69.62 35.99
CA THR E 53 -0.78 68.43 36.06
C THR E 53 -1.61 67.21 36.44
N ALA E 54 -0.98 66.03 36.34
CA ALA E 54 -1.67 64.80 36.69
C ALA E 54 -1.91 64.69 38.19
N ALA E 55 -0.96 65.20 38.99
CA ALA E 55 -1.10 65.16 40.44
C ALA E 55 -2.22 66.04 40.94
N GLU E 56 -2.44 67.19 40.29
CA GLU E 56 -3.58 68.03 40.63
C GLU E 56 -4.90 67.38 40.24
N LEU E 57 -4.91 66.66 39.11
CA LEU E 57 -6.14 65.98 38.68
C LEU E 57 -6.49 64.82 39.60
N MET E 58 -5.47 64.17 40.19
CA MET E 58 -5.71 63.12 41.19
C MET E 58 -6.48 63.63 42.39
N GLN E 59 -6.27 64.89 42.79
CA GLN E 59 -7.03 65.47 43.89
C GLN E 59 -8.35 66.09 43.41
N GLU E 60 -8.38 66.62 42.19
CA GLU E 60 -9.61 67.22 41.68
C GLU E 60 -10.69 66.17 41.42
N GLY E 61 -10.30 64.92 41.14
CA GLY E 61 -11.28 63.87 40.92
C GLY E 61 -12.08 63.47 42.15
N ARG E 62 -11.64 63.87 43.35
CA ARG E 62 -12.30 63.51 44.59
C ARG E 62 -13.40 64.50 44.99
N THR E 63 -13.59 65.58 44.27
CA THR E 63 -14.59 66.58 44.62
C THR E 63 -15.80 66.57 43.69
N LEU E 64 -15.86 65.65 42.73
CA LEU E 64 -16.91 65.70 41.71
C LEU E 64 -18.27 65.22 42.22
N LEU E 65 -18.29 64.26 43.13
CA LEU E 65 -19.55 63.66 43.58
C LEU E 65 -19.67 63.75 45.09
N LYS E 66 -20.73 64.39 45.56
CA LYS E 66 -21.07 64.40 46.97
C LYS E 66 -21.66 63.05 47.39
N PRO E 67 -21.64 62.72 48.69
CA PRO E 67 -22.27 61.47 49.14
C PRO E 67 -23.77 61.37 48.87
N ASP E 68 -24.48 62.47 48.76
CA ASP E 68 -25.91 62.43 48.46
C ASP E 68 -26.22 62.28 46.98
N ASP E 69 -25.21 62.35 46.11
CA ASP E 69 -25.43 62.26 44.67
C ASP E 69 -25.57 60.83 44.16
N VAL E 70 -25.26 59.82 44.95
CA VAL E 70 -25.21 58.45 44.46
C VAL E 70 -26.16 57.58 45.27
N MET E 71 -26.51 56.42 44.69
CA MET E 71 -27.35 55.46 45.38
C MET E 71 -26.60 54.84 46.56
N ASP E 72 -27.38 54.29 47.49
CA ASP E 72 -26.80 53.63 48.66
C ASP E 72 -26.03 52.38 48.24
N GLY E 73 -24.78 52.31 48.67
CA GLY E 73 -23.90 51.22 48.33
C GLY E 73 -22.86 51.52 47.27
N VAL E 74 -23.00 52.63 46.53
CA VAL E 74 -22.07 52.95 45.46
C VAL E 74 -20.69 53.27 46.00
N ALA E 75 -20.61 54.05 47.08
CA ALA E 75 -19.33 54.54 47.60
C ALA E 75 -18.47 53.42 48.16
N SER E 76 -19.08 52.37 48.72
CA SER E 76 -18.29 51.25 49.22
C SER E 76 -17.77 50.35 48.10
N MET E 77 -18.36 50.42 46.90
CA MET E 77 -17.94 49.59 45.78
C MET E 77 -16.81 50.19 44.97
N ILE E 78 -16.62 51.50 45.01
CA ILE E 78 -15.62 52.19 44.19
C ILE E 78 -14.43 52.49 45.09
N HIS E 79 -13.38 51.70 44.96
CA HIS E 79 -12.16 51.92 45.72
C HIS E 79 -11.21 52.87 45.01
N GLU E 80 -11.07 52.74 43.69
CA GLU E 80 -10.26 53.66 42.90
C GLU E 80 -10.76 53.66 41.46
N VAL E 81 -10.54 54.77 40.77
CA VAL E 81 -10.82 54.90 39.34
C VAL E 81 -9.53 55.30 38.63
N GLY E 82 -9.15 54.52 37.62
CA GLY E 82 -7.98 54.81 36.82
C GLY E 82 -8.36 55.15 35.38
N ILE E 83 -7.59 56.05 34.78
CA ILE E 83 -7.83 56.48 33.41
C ILE E 83 -6.52 57.03 32.85
N GLU E 84 -6.21 56.65 31.62
CA GLU E 84 -5.08 57.22 30.90
C GLU E 84 -5.56 58.37 30.03
N ALA E 85 -4.81 59.47 30.04
CA ALA E 85 -5.18 60.64 29.26
C ALA E 85 -3.93 61.31 28.69
N MET E 86 -4.10 61.96 27.55
CA MET E 86 -2.98 62.58 26.85
C MET E 86 -2.85 64.04 27.26
N PHE E 87 -1.74 64.36 27.91
CA PHE E 87 -1.33 65.69 28.34
C PHE E 87 -0.51 66.33 27.23
N PRO E 88 -0.09 67.59 27.32
CA PRO E 88 0.88 68.12 26.33
C PRO E 88 2.22 67.37 26.31
N ASP E 89 2.60 66.71 27.40
CA ASP E 89 3.83 65.91 27.42
C ASP E 89 3.58 64.43 27.18
N GLY E 90 2.38 64.05 26.77
CA GLY E 90 2.10 62.67 26.38
C GLY E 90 1.10 61.99 27.29
N THR E 91 0.93 60.69 27.05
CA THR E 91 -0.03 59.88 27.79
C THR E 91 0.49 59.57 29.19
N LYS E 92 -0.36 59.82 30.20
CA LYS E 92 -0.05 59.54 31.59
C LYS E 92 -1.23 58.83 32.25
N LEU E 93 -0.94 58.04 33.28
CA LEU E 93 -1.98 57.37 34.06
C LEU E 93 -2.35 58.19 35.28
N VAL E 94 -3.65 58.42 35.47
CA VAL E 94 -4.18 59.15 36.61
C VAL E 94 -5.10 58.23 37.39
N THR E 95 -4.81 58.02 38.67
CA THR E 95 -5.61 57.18 39.54
C THR E 95 -6.22 58.04 40.65
N VAL E 96 -7.54 57.96 40.79
CA VAL E 96 -8.29 58.72 41.80
C VAL E 96 -8.63 57.78 42.95
N HIS E 97 -8.13 58.07 44.14
CA HIS E 97 -8.30 57.21 45.31
C HIS E 97 -9.47 57.67 46.16
N THR E 98 -10.39 56.72 46.45
CA THR E 98 -11.63 56.86 47.24
C THR E 98 -12.39 58.13 46.91
N PRO E 99 -13.03 58.21 45.73
CA PRO E 99 -13.60 59.49 45.31
C PRO E 99 -14.87 59.89 46.05
N ILE E 100 -15.61 58.96 46.63
CA ILE E 100 -16.91 59.25 47.25
C ILE E 100 -16.91 58.72 48.68
N GLU E 101 -17.35 59.56 49.62
CA GLU E 101 -17.60 59.11 50.97
C GLU E 101 -18.99 58.46 51.05
N ALA E 102 -19.12 57.50 51.97
CA ALA E 102 -20.38 56.78 52.14
C ALA E 102 -21.30 57.49 53.12
N ASN E 103 -22.60 57.29 52.95
CA ASN E 103 -23.58 57.86 53.87
C ASN E 103 -24.67 56.91 54.32
N GLY E 104 -24.80 55.72 53.73
CA GLY E 104 -25.76 54.73 54.15
C GLY E 104 -25.11 53.51 54.77
N LYS E 105 -25.92 52.49 55.00
CA LYS E 105 -25.47 51.29 55.70
C LYS E 105 -25.29 50.08 54.79
N LEU E 106 -25.76 50.13 53.55
CA LEU E 106 -25.68 48.98 52.65
C LEU E 106 -24.25 48.80 52.15
N VAL E 107 -23.64 47.66 52.44
CA VAL E 107 -22.33 47.30 51.92
C VAL E 107 -22.46 46.01 51.14
N PRO E 108 -22.44 46.08 49.80
CA PRO E 108 -22.48 44.85 49.00
C PRO E 108 -21.20 44.03 49.17
N GLY E 109 -21.37 42.71 49.32
CA GLY E 109 -20.24 41.84 49.60
C GLY E 109 -19.59 42.03 50.94
N GLU E 110 -20.36 42.42 51.96
CA GLU E 110 -19.83 42.69 53.28
C GLU E 110 -19.36 41.41 53.98
N LEU E 111 -18.23 41.51 54.69
CA LEU E 111 -17.69 40.39 55.45
C LEU E 111 -18.07 40.52 56.93
N PHE E 112 -18.52 39.42 57.51
CA PHE E 112 -18.82 39.33 58.95
C PHE E 112 -17.85 38.33 59.56
N LEU E 113 -16.86 38.82 60.31
CA LEU E 113 -15.77 37.99 60.81
C LEU E 113 -15.96 37.66 62.28
N LYS E 114 -15.43 36.50 62.68
CA LYS E 114 -15.25 36.21 64.09
C LYS E 114 -14.10 37.04 64.65
N ASN E 115 -14.00 37.10 65.97
CA ASN E 115 -12.99 37.93 66.61
C ASN E 115 -11.84 37.13 67.21
N GLU E 116 -11.76 35.83 66.95
CA GLU E 116 -10.64 35.04 67.46
C GLU E 116 -9.45 35.13 66.53
N ASP E 117 -8.25 35.19 67.11
CA ASP E 117 -7.02 35.25 66.35
C ASP E 117 -6.70 33.89 65.72
N ILE E 118 -5.85 33.93 64.69
CA ILE E 118 -5.39 32.74 64.00
C ILE E 118 -3.96 32.45 64.45
N THR E 119 -3.70 31.21 64.84
CA THR E 119 -2.36 30.78 65.22
C THR E 119 -1.69 30.10 64.03
N ILE E 120 -0.59 30.68 63.55
CA ILE E 120 0.15 30.12 62.42
C ILE E 120 1.36 29.36 62.94
N ASN E 121 1.78 28.35 62.17
CA ASN E 121 2.94 27.49 62.44
C ASN E 121 2.84 26.82 63.82
N GLU E 122 1.70 26.19 64.08
CA GLU E 122 1.45 25.55 65.36
C GLU E 122 2.36 24.35 65.56
N GLY E 123 2.91 24.22 66.77
CA GLY E 123 3.82 23.13 67.06
C GLY E 123 5.25 23.36 66.64
N LYS E 124 5.58 24.52 66.09
CA LYS E 124 6.93 24.87 65.70
C LYS E 124 7.52 25.82 66.75
N LYS E 125 8.62 25.41 67.37
CA LYS E 125 9.28 26.24 68.38
C LYS E 125 10.32 27.13 67.70
N ALA E 126 10.31 28.41 68.05
CA ALA E 126 11.17 29.40 67.42
C ALA E 126 12.43 29.66 68.23
N VAL E 127 13.49 30.10 67.54
CA VAL E 127 14.71 30.60 68.15
C VAL E 127 14.95 32.03 67.65
N SER E 128 15.77 32.78 68.39
CA SER E 128 16.01 34.20 68.12
C SER E 128 17.48 34.42 67.75
N VAL E 129 17.71 35.17 66.67
CA VAL E 129 19.04 35.41 66.10
C VAL E 129 19.20 36.90 65.81
N LYS E 130 20.33 37.48 66.22
CA LYS E 130 20.64 38.88 65.93
C LYS E 130 21.37 39.01 64.58
N VAL E 131 20.88 39.92 63.73
CA VAL E 131 21.33 40.07 62.35
C VAL E 131 21.71 41.53 62.10
N LYS E 132 22.87 41.76 61.46
CA LYS E 132 23.32 43.11 61.11
C LYS E 132 23.68 43.19 59.63
N ASN E 133 23.21 44.26 58.97
CA ASN E 133 23.55 44.56 57.58
C ASN E 133 24.78 45.46 57.57
N VAL E 134 25.93 44.91 57.16
CA VAL E 134 27.16 45.68 57.10
C VAL E 134 27.47 46.15 55.68
N GLY E 135 26.57 45.93 54.73
CA GLY E 135 26.70 46.45 53.39
C GLY E 135 26.17 47.86 53.26
N ASP E 136 26.17 48.36 52.03
CA ASP E 136 25.74 49.72 51.74
C ASP E 136 24.43 49.80 50.96
N ARG E 137 23.73 48.68 50.79
CA ARG E 137 22.48 48.62 50.05
C ARG E 137 21.42 47.85 50.84
N PRO E 138 20.15 48.24 50.73
CA PRO E 138 19.10 47.58 51.54
C PRO E 138 18.79 46.16 51.09
N VAL E 139 18.39 45.33 52.06
CA VAL E 139 18.11 43.91 51.87
C VAL E 139 16.75 43.58 52.47
N GLN E 140 15.93 42.82 51.74
CA GLN E 140 14.61 42.41 52.21
C GLN E 140 14.42 40.91 51.97
N ILE E 141 13.98 40.18 53.00
CA ILE E 141 13.95 38.71 53.00
C ILE E 141 12.53 38.22 53.19
N GLY E 142 12.08 37.30 52.31
CA GLY E 142 10.74 36.74 52.39
C GLY E 142 10.59 35.60 53.41
N SER E 143 9.34 35.16 53.57
CA SER E 143 8.97 34.27 54.68
C SER E 143 9.48 32.84 54.50
N HIS E 144 9.63 32.36 53.27
CA HIS E 144 9.99 30.97 53.04
C HIS E 144 11.37 30.80 52.40
N PHE E 145 12.20 31.85 52.42
CA PHE E 145 13.57 31.72 51.95
C PHE E 145 14.40 30.96 52.98
N HIS E 146 15.31 30.12 52.51
CA HIS E 146 16.24 29.41 53.40
C HIS E 146 17.22 30.43 53.98
N PHE E 147 17.06 30.75 55.27
CA PHE E 147 17.72 31.91 55.86
C PHE E 147 19.25 31.76 55.95
N PHE E 148 19.75 30.51 55.92
CA PHE E 148 21.18 30.25 55.86
C PHE E 148 21.84 30.85 54.62
N GLU E 149 21.08 30.97 53.52
CA GLU E 149 21.66 31.31 52.23
C GLU E 149 21.37 32.75 51.78
N VAL E 150 21.04 33.65 52.72
CA VAL E 150 20.75 35.04 52.37
C VAL E 150 22.03 35.77 52.01
N ASN E 151 21.87 36.99 51.48
CA ASN E 151 22.92 37.90 51.01
C ASN E 151 24.14 37.93 51.93
N ARG E 152 25.33 37.75 51.34
CA ARG E 152 26.56 37.56 52.08
C ARG E 152 26.99 38.79 52.88
N CYS E 153 26.41 39.95 52.61
CA CYS E 153 26.68 41.14 53.41
C CYS E 153 25.89 41.19 54.72
N LEU E 154 24.98 40.25 54.97
CA LEU E 154 24.36 40.15 56.28
C LEU E 154 25.26 39.36 57.21
N ASP E 155 25.47 39.87 58.42
CA ASP E 155 26.37 39.24 59.39
C ASP E 155 25.56 38.68 60.55
N PHE E 156 25.66 37.36 60.75
CA PHE E 156 24.97 36.66 61.82
C PHE E 156 25.61 35.28 61.99
N ASP E 157 25.29 34.62 63.09
CA ASP E 157 25.78 33.27 63.37
C ASP E 157 25.08 32.28 62.46
N ARG E 158 25.68 31.97 61.32
CA ARG E 158 24.98 31.20 60.28
C ARG E 158 24.78 29.74 60.65
N GLU E 159 25.58 29.21 61.57
CA GLU E 159 25.47 27.81 61.98
C GLU E 159 24.12 27.52 62.64
N LYS E 160 23.58 28.48 63.37
CA LYS E 160 22.31 28.29 64.07
C LYS E 160 21.09 28.40 63.15
N THR E 161 21.26 28.79 61.90
CA THR E 161 20.14 29.03 61.01
C THR E 161 20.00 27.98 59.91
N PHE E 162 20.79 26.91 59.95
CA PHE E 162 20.73 25.88 58.93
C PHE E 162 19.39 25.13 59.00
N GLY E 163 18.73 25.03 57.85
CA GLY E 163 17.44 24.39 57.77
C GLY E 163 16.27 25.17 58.34
N LYS E 164 16.37 26.50 58.44
CA LYS E 164 15.35 27.31 59.08
C LYS E 164 14.88 28.44 58.17
N ARG E 165 13.69 28.96 58.49
CA ARG E 165 13.07 30.08 57.77
C ARG E 165 12.40 31.01 58.78
N LEU E 166 12.01 32.20 58.31
CA LEU E 166 11.40 33.21 59.18
C LEU E 166 10.00 32.79 59.65
N ASP E 167 9.70 33.08 60.91
CA ASP E 167 8.40 32.75 61.51
C ASP E 167 7.48 33.97 61.44
N ILE E 168 7.08 34.30 60.21
CA ILE E 168 6.17 35.39 59.95
C ILE E 168 5.04 34.87 59.07
N ALA E 169 4.05 35.73 58.82
CA ALA E 169 2.93 35.36 57.96
C ALA E 169 3.41 35.12 56.53
N SER E 170 2.84 34.09 55.91
CA SER E 170 3.26 33.63 54.59
C SER E 170 3.01 34.70 53.54
N GLY E 171 4.08 35.11 52.86
CA GLY E 171 4.01 36.17 51.87
C GLY E 171 4.45 37.54 52.36
N THR E 172 4.80 37.70 53.63
CA THR E 172 5.32 38.95 54.14
C THR E 172 6.85 38.89 54.19
N ALA E 173 7.48 39.99 54.64
CA ALA E 173 8.93 40.10 54.57
C ALA E 173 9.47 40.99 55.69
N VAL E 174 10.79 40.92 55.89
CA VAL E 174 11.53 41.71 56.88
C VAL E 174 12.62 42.48 56.14
N ARG E 175 12.75 43.78 56.45
CA ARG E 175 13.64 44.69 55.73
C ARG E 175 14.82 45.11 56.61
N PHE E 176 16.01 45.16 56.01
CA PHE E 176 17.23 45.60 56.68
C PHE E 176 17.82 46.80 55.91
N GLU E 177 17.80 47.96 56.53
CA GLU E 177 18.48 49.14 56.00
C GLU E 177 20.00 48.99 56.15
N PRO E 178 20.79 49.75 55.39
CA PRO E 178 22.25 49.75 55.62
C PRO E 178 22.61 50.20 57.03
N GLY E 179 23.43 49.39 57.71
CA GLY E 179 23.83 49.64 59.07
C GLY E 179 22.83 49.18 60.12
N GLU E 180 21.66 48.68 59.72
CA GLU E 180 20.62 48.32 60.67
C GLU E 180 20.92 46.97 61.32
N GLU E 181 20.56 46.86 62.59
CA GLU E 181 20.72 45.63 63.36
C GLU E 181 19.44 45.35 64.15
N LYS E 182 18.93 44.12 64.05
CA LYS E 182 17.73 43.72 64.76
C LYS E 182 17.72 42.19 64.88
N SER E 183 16.81 41.69 65.70
CA SER E 183 16.63 40.26 65.92
C SER E 183 15.43 39.72 65.13
N VAL E 184 15.52 38.47 64.71
CA VAL E 184 14.46 37.79 63.97
C VAL E 184 14.17 36.44 64.64
N GLU E 185 13.00 35.89 64.32
CA GLU E 185 12.55 34.60 64.83
C GLU E 185 12.56 33.57 63.71
N LEU E 186 13.13 32.40 63.98
CA LEU E 186 13.29 31.36 62.96
C LEU E 186 12.72 30.03 63.42
N ILE E 187 12.09 29.30 62.50
CA ILE E 187 11.51 27.98 62.75
C ILE E 187 12.01 27.01 61.68
N ASP E 188 11.87 25.72 61.97
CA ASP E 188 12.34 24.66 61.06
C ASP E 188 11.50 24.59 59.78
N ILE E 189 12.18 24.33 58.66
CA ILE E 189 11.52 24.04 57.40
C ILE E 189 10.83 22.68 57.50
N GLY E 190 9.59 22.61 57.00
CA GLY E 190 8.81 21.40 57.04
C GLY E 190 8.95 20.51 55.81
N GLY E 191 8.01 19.57 55.69
CA GLY E 191 8.01 18.65 54.56
C GLY E 191 9.14 17.63 54.62
N ASN E 192 9.64 17.27 53.44
CA ASN E 192 10.77 16.35 53.33
C ASN E 192 12.11 16.98 53.65
N ARG E 193 12.17 18.31 53.81
CA ARG E 193 13.39 19.08 54.10
C ARG E 193 14.48 18.85 53.05
N ARG E 194 14.08 18.82 51.78
CA ARG E 194 15.00 18.76 50.65
C ARG E 194 15.16 20.17 50.08
N ILE E 195 16.36 20.71 50.15
CA ILE E 195 16.62 22.11 49.84
C ILE E 195 17.38 22.18 48.53
N PHE E 196 16.75 22.70 47.49
CA PHE E 196 17.36 22.82 46.16
C PHE E 196 17.29 24.26 45.69
N GLY E 197 18.43 24.80 45.27
CA GLY E 197 18.53 26.17 44.80
C GLY E 197 19.12 27.16 45.78
N PHE E 198 18.62 28.39 45.70
CA PHE E 198 18.76 29.57 46.56
C PHE E 198 20.12 30.25 46.60
N ASN E 199 21.22 29.49 46.60
CA ASN E 199 22.58 29.97 46.32
C ASN E 199 23.43 28.77 45.94
N ALA E 200 22.78 27.61 45.84
CA ALA E 200 23.42 26.30 45.64
C ALA E 200 24.45 25.98 46.72
N LEU E 201 24.11 26.28 47.98
CA LEU E 201 24.97 25.89 49.09
C LEU E 201 24.60 24.52 49.66
N VAL E 202 23.40 24.01 49.40
CA VAL E 202 23.04 22.68 49.89
C VAL E 202 22.79 21.71 48.74
N ASP E 203 21.70 21.95 47.99
CA ASP E 203 21.29 21.12 46.83
C ASP E 203 21.13 19.64 47.17
N ARG E 204 20.68 19.32 48.39
CA ARG E 204 20.49 17.93 48.82
C ARG E 204 19.60 17.91 50.05
N GLN E 205 19.47 16.72 50.66
CA GLN E 205 18.75 16.56 51.92
C GLN E 205 19.45 17.33 53.04
N ALA E 206 18.66 18.06 53.82
CA ALA E 206 19.20 18.82 54.95
C ALA E 206 19.32 17.90 56.16
N ASP E 207 20.53 17.77 56.68
CA ASP E 207 20.83 17.01 57.88
C ASP E 207 22.18 17.49 58.42
N ASN E 208 22.68 16.82 59.46
CA ASN E 208 23.93 17.25 60.09
C ASN E 208 25.15 16.95 59.22
N GLU E 209 25.10 15.91 58.39
CA GLU E 209 26.17 15.65 57.44
C GLU E 209 26.24 16.74 56.37
N SER E 210 25.09 17.18 55.85
CA SER E 210 25.10 18.20 54.82
C SER E 210 25.39 19.60 55.37
N LYS E 211 25.28 19.79 56.69
CA LYS E 211 25.56 21.10 57.28
C LYS E 211 27.04 21.45 57.21
N LYS E 212 27.92 20.46 57.40
CA LYS E 212 29.37 20.69 57.34
C LYS E 212 29.82 21.11 55.94
N ILE E 213 29.29 20.44 54.91
CA ILE E 213 29.58 20.78 53.52
C ILE E 213 29.10 22.20 53.20
N ALA E 214 27.89 22.54 53.66
CA ALA E 214 27.31 23.86 53.42
C ALA E 214 28.12 24.95 54.11
N LEU E 215 28.60 24.70 55.33
CA LEU E 215 29.41 25.69 56.04
C LEU E 215 30.75 25.88 55.36
N HIS E 216 31.37 24.80 54.87
CA HIS E 216 32.64 24.93 54.14
C HIS E 216 32.46 25.72 52.84
N ARG E 217 31.38 25.42 52.10
CA ARG E 217 31.08 26.15 50.86
C ARG E 217 30.79 27.62 51.14
N ALA E 218 30.08 27.92 52.22
CA ALA E 218 29.75 29.30 52.56
C ALA E 218 30.99 30.08 52.97
N LYS E 219 31.93 29.43 53.68
CA LYS E 219 33.16 30.13 54.04
C LYS E 219 34.03 30.41 52.81
N GLU E 220 34.11 29.45 51.86
CA GLU E 220 34.93 29.67 50.68
C GLU E 220 34.38 30.77 49.77
N ARG E 221 33.08 31.02 49.80
CA ARG E 221 32.46 32.05 48.99
C ARG E 221 32.22 33.34 49.75
N GLY E 222 32.75 33.47 50.97
CA GLY E 222 32.77 34.74 51.66
C GLY E 222 31.48 35.19 52.30
N PHE E 223 30.63 34.27 52.74
CA PHE E 223 29.42 34.66 53.46
C PHE E 223 29.78 35.02 54.90
N HIS E 224 29.30 36.17 55.37
CA HIS E 224 29.70 36.71 56.66
C HIS E 224 29.12 35.89 57.82
N GLY E 225 29.94 35.70 58.85
CA GLY E 225 29.52 35.03 60.05
C GLY E 225 29.56 33.52 60.01
N THR E 226 30.12 32.94 58.95
CA THR E 226 30.22 31.48 58.83
C THR E 226 31.51 31.01 59.50
N LYS E 227 31.38 30.06 60.42
CA LYS E 227 32.52 29.52 61.15
C LYS E 227 32.60 28.03 60.88
N SER E 228 33.56 27.63 60.06
CA SER E 228 33.90 26.23 59.85
C SER E 228 35.38 26.05 60.13
N ASP E 229 35.73 24.96 60.81
CA ASP E 229 37.07 24.78 61.34
C ASP E 229 38.06 24.49 60.22
N ASP E 230 39.33 24.75 60.52
CA ASP E 230 40.41 24.42 59.60
C ASP E 230 40.63 22.90 59.61
N ASN E 231 41.44 22.44 58.64
CA ASN E 231 41.67 21.03 58.35
C ASN E 231 40.35 20.28 58.09
N TYR E 232 39.57 20.83 57.18
CA TYR E 232 38.34 20.20 56.72
C TYR E 232 38.65 18.96 55.89
N VAL E 233 37.85 17.91 56.07
CA VAL E 233 38.02 16.64 55.37
C VAL E 233 36.95 16.53 54.29
N LYS E 234 37.39 16.42 53.03
CA LYS E 234 36.46 16.30 51.91
C LYS E 234 35.82 14.91 51.86
N THR E 235 34.63 14.85 51.26
CA THR E 235 33.98 13.59 50.96
C THR E 235 34.11 13.29 49.47
N ILE E 236 33.56 12.16 49.04
CA ILE E 236 33.64 11.74 47.64
C ILE E 236 32.74 12.57 46.73
N LYS E 237 31.67 13.17 47.26
CA LYS E 237 30.76 13.98 46.46
C LYS E 237 30.48 15.28 47.19
N GLU E 238 31.08 16.37 46.73
CA GLU E 238 30.86 17.69 47.29
C GLU E 238 30.37 18.66 46.22
N MET F 1 -42.94 -6.39 -45.04
CA MET F 1 -43.87 -7.30 -44.39
C MET F 1 -43.96 -7.06 -42.89
N LYS F 2 -42.81 -6.71 -42.29
CA LYS F 2 -42.62 -6.54 -40.85
C LYS F 2 -43.04 -7.79 -40.07
N LEU F 3 -42.42 -8.91 -40.42
CA LEU F 3 -42.71 -10.17 -39.74
C LEU F 3 -42.16 -10.18 -38.32
N THR F 4 -42.95 -10.72 -37.39
CA THR F 4 -42.62 -11.01 -36.00
C THR F 4 -42.07 -12.43 -35.87
N PRO F 5 -41.38 -12.75 -34.77
CA PRO F 5 -40.93 -14.15 -34.56
C PRO F 5 -42.05 -15.19 -34.54
N LYS F 6 -43.24 -14.80 -34.04
CA LYS F 6 -44.41 -15.67 -34.04
C LYS F 6 -44.81 -16.07 -35.46
N GLU F 7 -44.79 -15.11 -36.38
CA GLU F 7 -45.17 -15.37 -37.77
C GLU F 7 -44.19 -16.34 -38.44
N LEU F 8 -42.89 -16.22 -38.14
CA LEU F 8 -41.88 -17.12 -38.69
C LEU F 8 -42.06 -18.55 -38.16
N ASP F 9 -42.33 -18.69 -36.85
CA ASP F 9 -42.56 -20.01 -36.26
C ASP F 9 -43.81 -20.68 -36.86
N LYS F 10 -44.87 -19.90 -37.07
CA LYS F 10 -46.09 -20.47 -37.65
C LYS F 10 -45.91 -20.82 -39.13
N LEU F 11 -45.07 -20.08 -39.86
CA LEU F 11 -44.76 -20.44 -41.25
C LEU F 11 -44.04 -21.79 -41.32
N MET F 12 -43.07 -22.01 -40.42
CA MET F 12 -42.41 -23.31 -40.34
C MET F 12 -43.39 -24.43 -40.02
N LEU F 13 -44.31 -24.19 -39.08
CA LEU F 13 -45.32 -25.20 -38.73
C LEU F 13 -46.23 -25.54 -39.91
N HIS F 14 -46.62 -24.52 -40.70
CA HIS F 14 -47.45 -24.75 -41.87
C HIS F 14 -46.76 -25.66 -42.88
N TYR F 15 -45.48 -25.42 -43.14
CA TYR F 15 -44.84 -26.29 -44.14
C TYR F 15 -44.49 -27.68 -43.62
N ALA F 16 -44.33 -27.84 -42.30
CA ALA F 16 -44.26 -29.19 -41.72
C ALA F 16 -45.57 -29.95 -41.96
N GLY F 17 -46.70 -29.27 -41.76
CA GLY F 17 -48.00 -29.88 -42.05
C GLY F 17 -48.19 -30.22 -43.52
N GLU F 18 -47.68 -29.36 -44.42
CA GLU F 18 -47.77 -29.64 -45.85
C GLU F 18 -46.97 -30.88 -46.24
N LEU F 19 -45.77 -31.05 -45.66
CA LEU F 19 -45.00 -32.27 -45.90
C LEU F 19 -45.73 -33.52 -45.42
N ALA F 20 -46.37 -33.42 -44.25
CA ALA F 20 -47.17 -34.54 -43.75
C ALA F 20 -48.33 -34.88 -44.69
N ARG F 21 -48.98 -33.86 -45.24
CA ARG F 21 -50.10 -34.10 -46.16
C ARG F 21 -49.64 -34.75 -47.47
N LYS F 22 -48.48 -34.32 -48.00
CA LYS F 22 -47.95 -34.96 -49.20
C LYS F 22 -47.58 -36.43 -48.95
N ARG F 23 -46.99 -36.72 -47.78
CA ARG F 23 -46.67 -38.11 -47.45
C ARG F 23 -47.92 -38.95 -47.25
N LYS F 24 -49.00 -38.37 -46.71
CA LYS F 24 -50.27 -39.10 -46.61
C LYS F 24 -50.86 -39.37 -48.00
N GLU F 25 -50.73 -38.42 -48.92
CA GLU F 25 -51.22 -38.65 -50.29
C GLU F 25 -50.43 -39.74 -51.01
N LYS F 26 -49.15 -39.93 -50.67
CA LYS F 26 -48.40 -41.02 -51.29
C LYS F 26 -48.69 -42.39 -50.68
N GLY F 27 -49.54 -42.49 -49.65
CA GLY F 27 -49.86 -43.77 -49.05
C GLY F 27 -48.98 -44.20 -47.89
N ILE F 28 -48.24 -43.28 -47.28
CA ILE F 28 -47.34 -43.60 -46.19
C ILE F 28 -48.06 -43.40 -44.86
N LYS F 29 -47.95 -44.38 -43.96
CA LYS F 29 -48.55 -44.26 -42.63
C LYS F 29 -47.79 -43.22 -41.80
N LEU F 30 -48.51 -42.26 -41.25
CA LEU F 30 -47.89 -41.12 -40.58
C LEU F 30 -47.37 -41.51 -39.19
N ASN F 31 -46.27 -40.86 -38.79
CA ASN F 31 -45.74 -41.04 -37.44
C ASN F 31 -46.31 -39.97 -36.51
N TYR F 32 -45.72 -39.83 -35.32
CA TYR F 32 -46.21 -38.92 -34.28
C TYR F 32 -46.10 -37.45 -34.70
N VAL F 33 -44.90 -37.06 -35.18
CA VAL F 33 -44.62 -35.67 -35.55
C VAL F 33 -45.49 -35.24 -36.72
N GLU F 34 -45.62 -36.11 -37.73
CA GLU F 34 -46.40 -35.82 -38.93
C GLU F 34 -47.88 -35.60 -38.60
N ALA F 35 -48.44 -36.44 -37.72
CA ALA F 35 -49.85 -36.32 -37.35
C ALA F 35 -50.13 -35.03 -36.59
N VAL F 36 -49.25 -34.68 -35.63
CA VAL F 36 -49.42 -33.44 -34.88
C VAL F 36 -49.34 -32.22 -35.81
N ALA F 37 -48.38 -32.24 -36.74
CA ALA F 37 -48.20 -31.13 -37.68
C ALA F 37 -49.40 -30.98 -38.61
N LEU F 38 -49.94 -32.10 -39.11
CA LEU F 38 -51.08 -32.06 -40.03
C LEU F 38 -52.31 -31.44 -39.38
N ILE F 39 -52.61 -31.87 -38.14
CA ILE F 39 -53.79 -31.34 -37.44
C ILE F 39 -53.64 -29.85 -37.15
N SER F 40 -52.44 -29.43 -36.70
CA SER F 40 -52.19 -28.02 -36.39
C SER F 40 -52.34 -27.12 -37.63
N ALA F 41 -51.76 -27.55 -38.76
CA ALA F 41 -51.80 -26.74 -39.97
C ALA F 41 -53.22 -26.61 -40.52
N HIS F 42 -54.00 -27.71 -40.46
CA HIS F 42 -55.39 -27.64 -40.90
C HIS F 42 -56.21 -26.65 -40.08
N ILE F 43 -56.02 -26.65 -38.75
CA ILE F 43 -56.76 -25.72 -37.89
C ILE F 43 -56.41 -24.27 -38.21
N MET F 44 -55.11 -23.99 -38.43
CA MET F 44 -54.69 -22.61 -38.74
C MET F 44 -55.31 -22.10 -40.06
N GLU F 45 -55.35 -22.95 -41.10
CA GLU F 45 -55.95 -22.52 -42.36
C GLU F 45 -57.46 -22.29 -42.23
N GLU F 46 -58.16 -23.16 -41.49
CA GLU F 46 -59.59 -22.99 -41.31
C GLU F 46 -59.91 -21.71 -40.52
N ALA F 47 -59.05 -21.35 -39.55
CA ALA F 47 -59.30 -20.11 -38.83
C ALA F 47 -58.99 -18.88 -39.69
N ARG F 48 -58.01 -18.97 -40.61
CA ARG F 48 -57.76 -17.85 -41.52
C ARG F 48 -58.96 -17.62 -42.45
N ALA F 49 -59.63 -18.70 -42.88
CA ALA F 49 -60.76 -18.57 -43.79
C ALA F 49 -61.93 -17.79 -43.19
N GLY F 50 -62.13 -17.87 -41.88
CA GLY F 50 -63.06 -16.98 -41.21
C GLY F 50 -64.53 -17.37 -41.23
N LYS F 51 -64.85 -18.62 -41.56
CA LYS F 51 -66.25 -19.03 -41.64
C LYS F 51 -66.67 -19.98 -40.53
N LYS F 52 -65.80 -20.29 -39.58
CA LYS F 52 -66.11 -21.23 -38.51
C LYS F 52 -65.66 -20.68 -37.17
N THR F 53 -66.36 -21.10 -36.12
CA THR F 53 -65.99 -20.73 -34.76
C THR F 53 -64.92 -21.68 -34.23
N ALA F 54 -64.36 -21.33 -33.07
CA ALA F 54 -63.32 -22.15 -32.46
C ALA F 54 -63.90 -23.46 -31.92
N ALA F 55 -65.14 -23.43 -31.43
CA ALA F 55 -65.79 -24.62 -30.90
C ALA F 55 -66.10 -25.63 -32.00
N GLU F 56 -66.46 -25.15 -33.19
CA GLU F 56 -66.65 -26.05 -34.32
C GLU F 56 -65.33 -26.66 -34.78
N LEU F 57 -64.25 -25.88 -34.73
CA LEU F 57 -62.94 -26.41 -35.14
C LEU F 57 -62.41 -27.45 -34.15
N MET F 58 -62.78 -27.32 -32.87
CA MET F 58 -62.44 -28.34 -31.87
C MET F 58 -63.02 -29.70 -32.21
N GLN F 59 -64.22 -29.74 -32.82
CA GLN F 59 -64.79 -31.00 -33.26
C GLN F 59 -64.33 -31.41 -34.66
N GLU F 60 -64.05 -30.45 -35.53
CA GLU F 60 -63.60 -30.77 -36.87
C GLU F 60 -62.20 -31.37 -36.87
N GLY F 61 -61.38 -31.03 -35.86
CA GLY F 61 -60.04 -31.60 -35.78
C GLY F 61 -59.99 -33.10 -35.49
N ARG F 62 -61.10 -33.68 -35.04
CA ARG F 62 -61.16 -35.10 -34.69
C ARG F 62 -61.50 -36.01 -35.86
N THR F 63 -61.79 -35.45 -37.03
CA THR F 63 -62.16 -36.25 -38.19
C THR F 63 -61.08 -36.32 -39.26
N LEU F 64 -59.91 -35.72 -39.02
CA LEU F 64 -58.91 -35.60 -40.06
C LEU F 64 -58.16 -36.90 -40.32
N LEU F 65 -57.93 -37.72 -39.30
CA LEU F 65 -57.11 -38.92 -39.44
C LEU F 65 -57.89 -40.14 -38.98
N LYS F 66 -58.04 -41.11 -39.88
CA LYS F 66 -58.60 -42.41 -39.53
C LYS F 66 -57.58 -43.23 -38.76
N PRO F 67 -58.03 -44.25 -38.01
CA PRO F 67 -57.07 -45.14 -37.31
C PRO F 67 -56.10 -45.89 -38.22
N ASP F 68 -56.47 -46.14 -39.48
CA ASP F 68 -55.56 -46.83 -40.39
C ASP F 68 -54.55 -45.91 -41.05
N ASP F 69 -54.66 -44.59 -40.85
CA ASP F 69 -53.75 -43.64 -41.48
C ASP F 69 -52.42 -43.49 -40.75
N VAL F 70 -52.28 -44.00 -39.53
CA VAL F 70 -51.08 -43.74 -38.74
C VAL F 70 -50.42 -45.06 -38.36
N MET F 71 -49.15 -44.96 -37.97
CA MET F 71 -48.40 -46.12 -37.50
C MET F 71 -48.95 -46.60 -36.17
N ASP F 72 -48.65 -47.87 -35.86
CA ASP F 72 -49.07 -48.47 -34.61
C ASP F 72 -48.38 -47.78 -33.43
N GLY F 73 -49.18 -47.32 -32.48
CA GLY F 73 -48.68 -46.62 -31.32
C GLY F 73 -48.87 -45.10 -31.34
N VAL F 74 -49.20 -44.52 -32.50
CA VAL F 74 -49.34 -43.07 -32.61
C VAL F 74 -50.54 -42.57 -31.80
N ALA F 75 -51.66 -43.28 -31.89
CA ALA F 75 -52.91 -42.80 -31.29
C ALA F 75 -52.84 -42.81 -29.76
N SER F 76 -52.09 -43.72 -29.16
CA SER F 76 -51.97 -43.72 -27.70
C SER F 76 -51.02 -42.62 -27.21
N MET F 77 -50.16 -42.08 -28.07
CA MET F 77 -49.22 -41.04 -27.67
C MET F 77 -49.79 -39.63 -27.75
N ILE F 78 -50.82 -39.41 -28.55
CA ILE F 78 -51.37 -38.09 -28.77
C ILE F 78 -52.65 -37.98 -27.93
N HIS F 79 -52.54 -37.29 -26.81
CA HIS F 79 -53.71 -37.08 -25.95
C HIS F 79 -54.49 -35.82 -26.34
N GLU F 80 -53.79 -34.75 -26.69
CA GLU F 80 -54.42 -33.53 -27.18
C GLU F 80 -53.44 -32.76 -28.03
N VAL F 81 -53.98 -31.95 -28.96
CA VAL F 81 -53.18 -31.04 -29.77
C VAL F 81 -53.75 -29.63 -29.58
N GLY F 82 -52.89 -28.69 -29.20
CA GLY F 82 -53.26 -27.31 -29.03
C GLY F 82 -52.58 -26.43 -30.05
N ILE F 83 -53.28 -25.38 -30.49
CA ILE F 83 -52.75 -24.44 -31.47
C ILE F 83 -53.50 -23.12 -31.31
N GLU F 84 -52.77 -22.02 -31.33
CA GLU F 84 -53.37 -20.69 -31.36
C GLU F 84 -53.48 -20.21 -32.80
N ALA F 85 -54.63 -19.63 -33.13
CA ALA F 85 -54.87 -19.14 -34.49
C ALA F 85 -55.66 -17.84 -34.45
N MET F 86 -55.46 -17.01 -35.46
CA MET F 86 -56.09 -15.70 -35.51
C MET F 86 -57.39 -15.78 -36.31
N PHE F 87 -58.49 -15.53 -35.63
CA PHE F 87 -59.85 -15.47 -36.16
C PHE F 87 -60.13 -14.03 -36.57
N PRO F 88 -61.28 -13.70 -37.18
CA PRO F 88 -61.62 -12.27 -37.37
C PRO F 88 -61.76 -11.48 -36.08
N ASP F 89 -62.04 -12.13 -34.94
CA ASP F 89 -62.12 -11.46 -33.66
C ASP F 89 -60.83 -11.58 -32.84
N GLY F 90 -59.75 -12.08 -33.43
CA GLY F 90 -58.46 -12.09 -32.78
C GLY F 90 -57.94 -13.50 -32.52
N THR F 91 -56.83 -13.55 -31.80
CA THR F 91 -56.16 -14.82 -31.50
C THR F 91 -56.91 -15.60 -30.43
N LYS F 92 -57.18 -16.88 -30.71
CA LYS F 92 -57.85 -17.78 -29.78
C LYS F 92 -57.11 -19.11 -29.71
N LEU F 93 -57.23 -19.80 -28.58
CA LEU F 93 -56.64 -21.11 -28.40
C LEU F 93 -57.65 -22.20 -28.73
N VAL F 94 -57.26 -23.15 -29.59
CA VAL F 94 -58.10 -24.28 -29.96
C VAL F 94 -57.38 -25.56 -29.54
N THR F 95 -58.04 -26.37 -28.72
CA THR F 95 -57.50 -27.64 -28.26
C THR F 95 -58.36 -28.78 -28.79
N VAL F 96 -57.72 -29.74 -29.45
CA VAL F 96 -58.39 -30.91 -30.03
C VAL F 96 -58.14 -32.10 -29.11
N HIS F 97 -59.21 -32.66 -28.56
CA HIS F 97 -59.12 -33.75 -27.59
C HIS F 97 -59.29 -35.11 -28.27
N THR F 98 -58.32 -36.01 -28.03
CA THR F 98 -58.20 -37.38 -28.53
C THR F 98 -58.53 -37.48 -30.02
N PRO F 99 -57.68 -36.98 -30.91
CA PRO F 99 -58.06 -36.89 -32.33
C PRO F 99 -58.09 -38.22 -33.05
N ILE F 100 -57.36 -39.24 -32.60
CA ILE F 100 -57.23 -40.50 -33.32
C ILE F 100 -57.60 -41.65 -32.39
N GLU F 101 -58.45 -42.56 -32.87
CA GLU F 101 -58.68 -43.81 -32.17
C GLU F 101 -57.59 -44.82 -32.50
N ALA F 102 -57.32 -45.71 -31.54
CA ALA F 102 -56.27 -46.70 -31.70
C ALA F 102 -56.81 -47.98 -32.35
N ASN F 103 -55.93 -48.70 -33.04
CA ASN F 103 -56.32 -49.96 -33.67
C ASN F 103 -55.33 -51.09 -33.45
N GLY F 104 -54.13 -50.84 -32.92
CA GLY F 104 -53.18 -51.88 -32.61
C GLY F 104 -52.97 -52.06 -31.12
N LYS F 105 -51.97 -52.87 -30.79
CA LYS F 105 -51.71 -53.24 -29.41
C LYS F 105 -50.49 -52.55 -28.80
N LEU F 106 -49.66 -51.91 -29.60
CA LEU F 106 -48.43 -51.29 -29.08
C LEU F 106 -48.77 -50.01 -28.33
N VAL F 107 -48.43 -49.97 -27.04
CA VAL F 107 -48.57 -48.77 -26.22
C VAL F 107 -47.20 -48.39 -25.69
N PRO F 108 -46.57 -47.34 -26.24
CA PRO F 108 -45.29 -46.89 -25.70
C PRO F 108 -45.44 -46.28 -24.32
N GLY F 109 -44.52 -46.65 -23.43
CA GLY F 109 -44.60 -46.23 -22.04
C GLY F 109 -45.76 -46.83 -21.26
N GLU F 110 -46.15 -48.05 -21.59
CA GLU F 110 -47.29 -48.70 -20.96
C GLU F 110 -46.99 -49.06 -19.50
N LEU F 111 -47.99 -48.89 -18.63
CA LEU F 111 -47.87 -49.23 -17.22
C LEU F 111 -48.52 -50.58 -16.95
N PHE F 112 -47.83 -51.45 -16.20
CA PHE F 112 -48.35 -52.73 -15.76
C PHE F 112 -48.45 -52.68 -14.23
N LEU F 113 -49.67 -52.58 -13.72
CA LEU F 113 -49.88 -52.36 -12.29
C LEU F 113 -50.32 -53.64 -11.58
N LYS F 114 -49.98 -53.72 -10.30
CA LYS F 114 -50.59 -54.73 -9.44
C LYS F 114 -52.03 -54.32 -9.13
N ASN F 115 -52.80 -55.27 -8.60
CA ASN F 115 -54.21 -55.02 -8.33
C ASN F 115 -54.54 -54.84 -6.86
N GLU F 116 -53.53 -54.73 -5.99
CA GLU F 116 -53.80 -54.48 -4.58
C GLU F 116 -53.98 -52.99 -4.30
N ASP F 117 -54.92 -52.68 -3.42
CA ASP F 117 -55.19 -51.31 -3.04
C ASP F 117 -54.09 -50.76 -2.13
N ILE F 118 -54.01 -49.43 -2.07
CA ILE F 118 -53.04 -48.73 -1.22
C ILE F 118 -53.79 -48.19 -0.01
N THR F 119 -53.26 -48.45 1.19
CA THR F 119 -53.82 -47.94 2.43
C THR F 119 -53.08 -46.67 2.84
N ILE F 120 -53.78 -45.55 2.88
CA ILE F 120 -53.18 -44.27 3.27
C ILE F 120 -53.53 -43.98 4.72
N ASN F 121 -52.63 -43.23 5.38
CA ASN F 121 -52.75 -42.79 6.78
C ASN F 121 -52.94 -43.97 7.73
N GLU F 122 -52.07 -44.96 7.61
CA GLU F 122 -52.15 -46.17 8.41
C GLU F 122 -51.86 -45.87 9.88
N GLY F 123 -52.67 -46.46 10.76
CA GLY F 123 -52.52 -46.21 12.19
C GLY F 123 -53.18 -44.96 12.70
N LYS F 124 -53.87 -44.20 11.85
CA LYS F 124 -54.60 -43.01 12.26
C LYS F 124 -56.08 -43.34 12.32
N LYS F 125 -56.67 -43.17 13.50
CA LYS F 125 -58.09 -43.42 13.71
C LYS F 125 -58.90 -42.15 13.42
N ALA F 126 -59.96 -42.29 12.65
CA ALA F 126 -60.75 -41.16 12.21
C ALA F 126 -61.99 -40.95 13.08
N VAL F 127 -62.47 -39.70 13.11
CA VAL F 127 -63.75 -39.33 13.72
C VAL F 127 -64.60 -38.65 12.65
N SER F 128 -65.92 -38.62 12.89
CA SER F 128 -66.89 -38.11 11.93
C SER F 128 -67.59 -36.87 12.48
N VAL F 129 -67.67 -35.82 11.66
CA VAL F 129 -68.21 -34.51 12.05
C VAL F 129 -69.18 -34.03 10.98
N LYS F 130 -70.37 -33.57 11.39
CA LYS F 130 -71.36 -33.00 10.47
C LYS F 130 -71.12 -31.50 10.27
N VAL F 131 -71.07 -31.07 9.01
CA VAL F 131 -70.70 -29.70 8.63
C VAL F 131 -71.78 -29.12 7.71
N LYS F 132 -72.20 -27.87 7.98
CA LYS F 132 -73.17 -27.18 7.16
C LYS F 132 -72.66 -25.81 6.72
N ASN F 133 -72.84 -25.49 5.44
CA ASN F 133 -72.50 -24.19 4.87
C ASN F 133 -73.74 -23.30 4.95
N VAL F 134 -73.72 -22.31 5.86
CA VAL F 134 -74.84 -21.39 6.02
C VAL F 134 -74.61 -20.07 5.31
N GLY F 135 -73.51 -19.94 4.56
CA GLY F 135 -73.26 -18.77 3.75
C GLY F 135 -73.92 -18.87 2.38
N ASP F 136 -73.63 -17.87 1.55
CA ASP F 136 -74.22 -17.78 0.22
C ASP F 136 -73.21 -18.03 -0.91
N ARG F 137 -71.99 -18.46 -0.60
CA ARG F 137 -70.95 -18.68 -1.58
C ARG F 137 -70.29 -20.04 -1.35
N PRO F 138 -69.86 -20.73 -2.41
CA PRO F 138 -69.30 -22.07 -2.24
C PRO F 138 -67.92 -22.08 -1.60
N VAL F 139 -67.63 -23.16 -0.87
CA VAL F 139 -66.40 -23.33 -0.10
C VAL F 139 -65.81 -24.71 -0.42
N GLN F 140 -64.49 -24.75 -0.66
CA GLN F 140 -63.78 -26.00 -0.96
C GLN F 140 -62.52 -26.07 -0.10
N ILE F 141 -62.31 -27.22 0.57
CA ILE F 141 -61.28 -27.39 1.59
C ILE F 141 -60.31 -28.50 1.18
N GLY F 142 -58.99 -28.21 1.23
CA GLY F 142 -57.98 -29.18 0.86
C GLY F 142 -57.63 -30.17 1.97
N SER F 143 -56.77 -31.14 1.61
CA SER F 143 -56.54 -32.30 2.47
C SER F 143 -55.71 -32.00 3.70
N HIS F 144 -54.81 -31.02 3.64
CA HIS F 144 -53.90 -30.75 4.75
C HIS F 144 -54.16 -29.41 5.43
N PHE F 145 -55.30 -28.78 5.18
CA PHE F 145 -55.66 -27.57 5.89
C PHE F 145 -56.07 -27.90 7.33
N HIS F 146 -55.70 -27.05 8.28
CA HIS F 146 -56.13 -27.21 9.68
C HIS F 146 -57.63 -26.92 9.76
N PHE F 147 -58.43 -27.98 9.95
CA PHE F 147 -59.88 -27.89 9.74
C PHE F 147 -60.56 -27.00 10.77
N PHE F 148 -59.94 -26.80 11.95
CA PHE F 148 -60.44 -25.86 12.95
C PHE F 148 -60.55 -24.43 12.42
N GLU F 149 -59.70 -24.06 11.46
CA GLU F 149 -59.56 -22.67 11.05
C GLU F 149 -60.20 -22.37 9.69
N VAL F 150 -61.13 -23.20 9.22
CA VAL F 150 -61.78 -22.97 7.93
C VAL F 150 -62.75 -21.80 8.02
N ASN F 151 -63.26 -21.36 6.85
CA ASN F 151 -64.18 -20.24 6.64
C ASN F 151 -65.28 -20.18 7.70
N ARG F 152 -65.44 -18.99 8.29
CA ARG F 152 -66.30 -18.79 9.45
C ARG F 152 -67.78 -19.00 9.15
N CYS F 153 -68.18 -19.04 7.88
CA CYS F 153 -69.55 -19.35 7.50
C CYS F 153 -69.86 -20.85 7.51
N LEU F 154 -68.87 -21.72 7.74
CA LEU F 154 -69.16 -23.13 7.96
C LEU F 154 -69.53 -23.35 9.42
N ASP F 155 -70.62 -24.08 9.65
CA ASP F 155 -71.13 -24.32 11.01
C ASP F 155 -70.92 -25.78 11.39
N PHE F 156 -70.15 -26.01 12.45
CA PHE F 156 -69.87 -27.34 12.97
C PHE F 156 -69.31 -27.19 14.39
N ASP F 157 -69.26 -28.31 15.10
CA ASP F 157 -68.71 -28.37 16.45
C ASP F 157 -67.19 -28.22 16.39
N ARG F 158 -66.68 -26.99 16.51
CA ARG F 158 -65.28 -26.72 16.23
C ARG F 158 -64.34 -27.28 17.30
N GLU F 159 -64.84 -27.53 18.50
CA GLU F 159 -64.02 -28.07 19.59
C GLU F 159 -63.48 -29.45 19.26
N LYS F 160 -64.25 -30.27 18.55
CA LYS F 160 -63.84 -31.62 18.22
C LYS F 160 -62.85 -31.69 17.06
N THR F 161 -62.55 -30.58 16.40
CA THR F 161 -61.71 -30.58 15.21
C THR F 161 -60.34 -29.94 15.45
N PHE F 162 -60.01 -29.59 16.68
CA PHE F 162 -58.73 -28.95 16.98
C PHE F 162 -57.58 -29.93 16.75
N GLY F 163 -56.59 -29.49 15.98
CA GLY F 163 -55.45 -30.32 15.65
C GLY F 163 -55.71 -31.41 14.63
N LYS F 164 -56.73 -31.29 13.79
CA LYS F 164 -57.12 -32.34 12.86
C LYS F 164 -57.21 -31.83 11.43
N ARG F 165 -57.13 -32.77 10.49
CA ARG F 165 -57.24 -32.50 9.05
C ARG F 165 -58.08 -33.60 8.39
N LEU F 166 -58.47 -33.36 7.14
CA LEU F 166 -59.30 -34.32 6.40
C LEU F 166 -58.55 -35.61 6.08
N ASP F 167 -59.26 -36.74 6.19
CA ASP F 167 -58.69 -38.05 5.89
C ASP F 167 -59.04 -38.45 4.46
N ILE F 168 -58.44 -37.74 3.51
CA ILE F 168 -58.61 -38.01 2.09
C ILE F 168 -57.23 -38.11 1.46
N ALA F 169 -57.21 -38.46 0.17
CA ALA F 169 -55.96 -38.55 -0.57
C ALA F 169 -55.29 -37.18 -0.67
N SER F 170 -53.98 -37.18 -0.52
CA SER F 170 -53.20 -35.94 -0.47
C SER F 170 -53.27 -35.18 -1.79
N GLY F 171 -53.74 -33.95 -1.72
CA GLY F 171 -53.95 -33.13 -2.89
C GLY F 171 -55.38 -33.07 -3.41
N THR F 172 -56.30 -33.81 -2.82
CA THR F 172 -57.71 -33.74 -3.21
C THR F 172 -58.46 -32.81 -2.24
N ALA F 173 -59.77 -32.64 -2.47
CA ALA F 173 -60.54 -31.65 -1.73
C ALA F 173 -62.00 -32.07 -1.60
N VAL F 174 -62.71 -31.39 -0.70
CA VAL F 174 -64.14 -31.59 -0.44
C VAL F 174 -64.85 -30.25 -0.64
N ARG F 175 -65.97 -30.27 -1.36
CA ARG F 175 -66.69 -29.07 -1.76
C ARG F 175 -68.02 -28.94 -1.02
N PHE F 176 -68.34 -27.72 -0.58
CA PHE F 176 -69.61 -27.40 0.08
C PHE F 176 -70.34 -26.32 -0.72
N GLU F 177 -71.47 -26.68 -1.32
CA GLU F 177 -72.35 -25.72 -1.97
C GLU F 177 -73.08 -24.89 -0.91
N PRO F 178 -73.63 -23.73 -1.28
CA PRO F 178 -74.47 -22.97 -0.33
C PRO F 178 -75.70 -23.77 0.12
N GLY F 179 -75.88 -23.84 1.44
CA GLY F 179 -76.95 -24.63 2.03
C GLY F 179 -76.66 -26.10 2.19
N GLU F 180 -75.53 -26.59 1.69
CA GLU F 180 -75.24 -28.01 1.71
C GLU F 180 -74.79 -28.46 3.09
N GLU F 181 -75.18 -29.68 3.46
CA GLU F 181 -74.80 -30.30 4.73
C GLU F 181 -74.37 -31.73 4.49
N LYS F 182 -73.20 -32.11 5.01
CA LYS F 182 -72.68 -33.47 4.88
C LYS F 182 -71.67 -33.72 5.99
N SER F 183 -71.28 -34.99 6.14
CA SER F 183 -70.30 -35.41 7.13
C SER F 183 -68.94 -35.63 6.50
N VAL F 184 -67.88 -35.37 7.28
CA VAL F 184 -66.50 -35.55 6.85
C VAL F 184 -65.75 -36.39 7.88
N GLU F 185 -64.62 -36.95 7.47
CA GLU F 185 -63.76 -37.76 8.31
C GLU F 185 -62.47 -37.00 8.62
N LEU F 186 -62.07 -36.96 9.89
CA LEU F 186 -60.91 -36.20 10.31
C LEU F 186 -59.93 -37.05 11.10
N ILE F 187 -58.63 -36.82 10.89
CA ILE F 187 -57.55 -37.51 11.57
C ILE F 187 -56.56 -36.48 12.14
N ASP F 188 -55.74 -36.93 13.08
CA ASP F 188 -54.78 -36.05 13.74
C ASP F 188 -53.65 -35.61 12.81
N ILE F 189 -53.25 -34.35 12.95
CA ILE F 189 -52.06 -33.83 12.27
C ILE F 189 -50.82 -34.49 12.86
N GLY F 190 -49.89 -34.91 12.00
CA GLY F 190 -48.67 -35.56 12.41
C GLY F 190 -47.50 -34.63 12.65
N GLY F 191 -46.30 -35.22 12.71
CA GLY F 191 -45.08 -34.45 12.92
C GLY F 191 -44.97 -33.89 14.33
N ASN F 192 -44.37 -32.70 14.42
CA ASN F 192 -44.23 -32.00 15.69
C ASN F 192 -45.51 -31.32 16.16
N ARG F 193 -46.55 -31.28 15.30
CA ARG F 193 -47.85 -30.65 15.59
C ARG F 193 -47.69 -29.17 15.98
N ARG F 194 -46.82 -28.46 15.27
CA ARG F 194 -46.66 -27.02 15.40
C ARG F 194 -47.43 -26.33 14.27
N ILE F 195 -48.45 -25.55 14.63
CA ILE F 195 -49.40 -25.00 13.67
C ILE F 195 -49.16 -23.51 13.55
N PHE F 196 -48.67 -23.07 12.40
CA PHE F 196 -48.38 -21.65 12.17
C PHE F 196 -49.10 -21.19 10.91
N GLY F 197 -49.84 -20.09 11.04
CA GLY F 197 -50.60 -19.51 9.94
C GLY F 197 -52.09 -19.79 9.97
N PHE F 198 -52.66 -19.93 8.77
CA PHE F 198 -54.00 -20.37 8.37
C PHE F 198 -55.18 -19.46 8.69
N ASN F 199 -55.20 -18.84 9.88
CA ASN F 199 -56.07 -17.71 10.22
C ASN F 199 -55.46 -17.00 11.42
N ALA F 200 -54.27 -17.46 11.83
CA ALA F 200 -53.56 -17.04 13.05
C ALA F 200 -54.42 -17.24 14.30
N LEU F 201 -55.10 -18.38 14.38
CA LEU F 201 -55.82 -18.73 15.59
C LEU F 201 -54.99 -19.55 16.58
N VAL F 202 -53.89 -20.16 16.13
CA VAL F 202 -53.04 -20.91 17.06
C VAL F 202 -51.65 -20.30 17.14
N ASP F 203 -50.88 -20.38 16.04
CA ASP F 203 -49.50 -19.84 15.92
C ASP F 203 -48.56 -20.37 17.01
N ARG F 204 -48.74 -21.60 17.46
CA ARG F 204 -47.88 -22.20 18.50
C ARG F 204 -48.06 -23.72 18.48
N GLN F 205 -47.48 -24.38 19.47
CA GLN F 205 -47.65 -25.82 19.67
C GLN F 205 -49.11 -26.16 19.98
N ALA F 206 -49.63 -27.18 19.29
CA ALA F 206 -51.00 -27.61 19.51
C ALA F 206 -51.05 -28.57 20.71
N ASP F 207 -51.83 -28.19 21.72
CA ASP F 207 -52.06 -29.01 22.92
C ASP F 207 -53.34 -28.52 23.57
N ASN F 208 -53.67 -29.06 24.74
CA ASN F 208 -54.90 -28.69 25.42
C ASN F 208 -54.86 -27.28 26.00
N GLU F 209 -53.68 -26.79 26.39
CA GLU F 209 -53.55 -25.42 26.82
C GLU F 209 -53.80 -24.44 25.68
N SER F 210 -53.27 -24.74 24.49
CA SER F 210 -53.45 -23.82 23.37
C SER F 210 -54.85 -23.92 22.76
N LYS F 211 -55.61 -24.97 23.08
CA LYS F 211 -56.97 -25.11 22.54
C LYS F 211 -57.92 -24.08 23.15
N LYS F 212 -57.76 -23.77 24.44
CA LYS F 212 -58.62 -22.78 25.10
C LYS F 212 -58.42 -21.38 24.52
N ILE F 213 -57.16 -21.00 24.28
CA ILE F 213 -56.84 -19.71 23.66
C ILE F 213 -57.42 -19.63 22.25
N ALA F 214 -57.29 -20.72 21.48
CA ALA F 214 -57.79 -20.77 20.11
C ALA F 214 -59.31 -20.67 20.08
N LEU F 215 -60.00 -21.32 21.01
CA LEU F 215 -61.46 -21.24 21.08
C LEU F 215 -61.93 -19.84 21.46
N HIS F 216 -61.23 -19.18 22.40
CA HIS F 216 -61.58 -17.81 22.76
C HIS F 216 -61.37 -16.85 21.58
N ARG F 217 -60.25 -16.99 20.88
CA ARG F 217 -59.97 -16.17 19.70
C ARG F 217 -61.00 -16.41 18.60
N ALA F 218 -61.41 -17.67 18.39
CA ALA F 218 -62.38 -17.99 17.35
C ALA F 218 -63.76 -17.43 17.69
N LYS F 219 -64.13 -17.44 18.97
CA LYS F 219 -65.42 -16.85 19.34
C LYS F 219 -65.42 -15.34 19.18
N GLU F 220 -64.31 -14.67 19.53
CA GLU F 220 -64.27 -13.21 19.40
C GLU F 220 -64.29 -12.76 17.94
N ARG F 221 -63.83 -13.58 17.01
CA ARG F 221 -63.83 -13.25 15.60
C ARG F 221 -65.01 -13.85 14.83
N GLY F 222 -65.97 -14.42 15.54
CA GLY F 222 -67.23 -14.82 14.92
C GLY F 222 -67.22 -16.07 14.09
N PHE F 223 -66.38 -17.05 14.41
CA PHE F 223 -66.42 -18.33 13.71
C PHE F 223 -67.59 -19.16 14.24
N HIS F 224 -68.39 -19.70 13.32
CA HIS F 224 -69.63 -20.39 13.69
C HIS F 224 -69.37 -21.72 14.38
N GLY F 225 -70.16 -22.01 15.40
CA GLY F 225 -70.10 -23.27 16.10
C GLY F 225 -69.05 -23.36 17.18
N THR F 226 -68.37 -22.26 17.50
CA THR F 226 -67.36 -22.25 18.54
C THR F 226 -68.00 -21.99 19.90
N LYS F 227 -67.75 -22.87 20.85
CA LYS F 227 -68.32 -22.77 22.19
C LYS F 227 -67.17 -22.66 23.19
N SER F 228 -66.95 -21.46 23.71
CA SER F 228 -66.04 -21.24 24.83
C SER F 228 -66.81 -20.52 25.93
N ASP F 229 -66.57 -20.94 27.17
CA ASP F 229 -67.38 -20.51 28.30
C ASP F 229 -67.10 -19.05 28.65
N ASP F 230 -68.06 -18.44 29.32
CA ASP F 230 -67.91 -17.09 29.84
C ASP F 230 -66.97 -17.11 31.04
N ASN F 231 -66.55 -15.91 31.46
CA ASN F 231 -65.53 -15.69 32.49
C ASN F 231 -64.22 -16.41 32.14
N TYR F 232 -63.74 -16.14 30.92
CA TYR F 232 -62.45 -16.65 30.47
C TYR F 232 -61.32 -15.94 31.21
N VAL F 233 -60.27 -16.70 31.55
CA VAL F 233 -59.12 -16.19 32.28
C VAL F 233 -57.95 -16.05 31.30
N LYS F 234 -57.44 -14.83 31.14
CA LYS F 234 -56.33 -14.58 30.24
C LYS F 234 -55.01 -15.08 30.83
N THR F 235 -54.07 -15.39 29.95
CA THR F 235 -52.70 -15.71 30.33
C THR F 235 -51.80 -14.50 30.03
N ILE F 236 -50.51 -14.65 30.34
CA ILE F 236 -49.54 -13.58 30.14
C ILE F 236 -49.21 -13.37 28.66
N LYS F 237 -49.35 -14.39 27.82
CA LYS F 237 -49.06 -14.28 26.39
C LYS F 237 -50.21 -14.88 25.60
N GLU F 238 -51.02 -14.02 24.99
CA GLU F 238 -52.14 -14.46 24.16
C GLU F 238 -52.01 -13.85 22.77
N MET G 1 -44.25 -31.28 -31.00
CA MET G 1 -43.44 -31.98 -31.97
C MET G 1 -42.07 -32.36 -31.43
N LYS G 2 -41.52 -31.49 -30.57
CA LYS G 2 -40.17 -31.59 -30.01
C LYS G 2 -39.10 -31.71 -31.11
N LEU G 3 -39.08 -30.73 -32.01
CA LEU G 3 -38.11 -30.73 -33.09
C LEU G 3 -36.70 -30.42 -32.57
N THR G 4 -35.72 -31.14 -33.12
CA THR G 4 -34.30 -30.97 -32.93
C THR G 4 -33.74 -30.03 -34.01
N PRO G 5 -32.54 -29.45 -33.81
CA PRO G 5 -31.93 -28.63 -34.88
C PRO G 5 -31.70 -29.38 -36.20
N LYS G 6 -31.40 -30.68 -36.13
CA LYS G 6 -31.24 -31.51 -37.32
C LYS G 6 -32.52 -31.54 -38.16
N GLU G 7 -33.67 -31.68 -37.49
CA GLU G 7 -34.96 -31.72 -38.18
C GLU G 7 -35.26 -30.41 -38.90
N LEU G 8 -34.93 -29.28 -38.27
CA LEU G 8 -35.12 -27.96 -38.89
C LEU G 8 -34.24 -27.78 -40.12
N ASP G 9 -32.96 -28.17 -40.03
CA ASP G 9 -32.05 -28.09 -41.17
C ASP G 9 -32.52 -28.96 -42.34
N LYS G 10 -33.02 -30.16 -42.04
CA LYS G 10 -33.51 -31.04 -43.11
C LYS G 10 -34.81 -30.53 -43.73
N LEU G 11 -35.66 -29.86 -42.94
CA LEU G 11 -36.87 -29.24 -43.49
C LEU G 11 -36.52 -28.14 -44.49
N MET G 12 -35.52 -27.31 -44.15
CA MET G 12 -35.04 -26.29 -45.09
C MET G 12 -34.50 -26.91 -46.37
N LEU G 13 -33.72 -28.00 -46.24
CA LEU G 13 -33.17 -28.69 -47.42
C LEU G 13 -34.27 -29.25 -48.32
N HIS G 14 -35.33 -29.81 -47.70
CA HIS G 14 -36.46 -30.34 -48.47
C HIS G 14 -37.13 -29.25 -49.31
N TYR G 15 -37.35 -28.08 -48.73
CA TYR G 15 -38.03 -27.06 -49.53
C TYR G 15 -37.12 -26.38 -50.55
N ALA G 16 -35.79 -26.38 -50.33
CA ALA G 16 -34.87 -25.99 -51.40
C ALA G 16 -34.97 -26.95 -52.59
N GLY G 17 -35.05 -28.25 -52.31
CA GLY G 17 -35.25 -29.23 -53.38
C GLY G 17 -36.58 -29.09 -54.10
N GLU G 18 -37.64 -28.73 -53.36
CA GLU G 18 -38.95 -28.51 -53.97
C GLU G 18 -38.92 -27.32 -54.93
N LEU G 19 -38.24 -26.23 -54.54
CA LEU G 19 -38.09 -25.08 -55.44
C LEU G 19 -37.33 -25.47 -56.71
N ALA G 20 -36.28 -26.28 -56.56
CA ALA G 20 -35.53 -26.75 -57.74
C ALA G 20 -36.42 -27.60 -58.66
N ARG G 21 -37.28 -28.43 -58.08
CA ARG G 21 -38.17 -29.26 -58.91
C ARG G 21 -39.21 -28.43 -59.65
N LYS G 22 -39.76 -27.39 -58.99
CA LYS G 22 -40.70 -26.51 -59.69
C LYS G 22 -40.04 -25.76 -60.84
N ARG G 23 -38.80 -25.30 -60.62
CA ARG G 23 -38.07 -24.62 -61.70
C ARG G 23 -37.73 -25.56 -62.84
N LYS G 24 -37.45 -26.83 -62.55
CA LYS G 24 -37.24 -27.81 -63.61
C LYS G 24 -38.53 -28.06 -64.39
N GLU G 25 -39.68 -28.09 -63.70
CA GLU G 25 -40.95 -28.27 -64.41
C GLU G 25 -41.28 -27.08 -65.31
N LYS G 26 -40.82 -25.88 -64.96
CA LYS G 26 -41.06 -24.75 -65.85
C LYS G 26 -40.12 -24.68 -67.05
N GLY G 27 -39.17 -25.60 -67.18
CA GLY G 27 -38.25 -25.60 -68.31
C GLY G 27 -36.97 -24.83 -68.13
N ILE G 28 -36.59 -24.52 -66.90
CA ILE G 28 -35.38 -23.74 -66.62
C ILE G 28 -34.22 -24.69 -66.38
N LYS G 29 -33.08 -24.42 -67.00
CA LYS G 29 -31.88 -25.23 -66.79
C LYS G 29 -31.32 -24.96 -65.39
N LEU G 30 -31.11 -26.02 -64.62
CA LEU G 30 -30.73 -25.90 -63.22
C LEU G 30 -29.27 -25.50 -63.05
N ASN G 31 -28.98 -24.74 -62.00
CA ASN G 31 -27.61 -24.39 -61.67
C ASN G 31 -27.04 -25.41 -60.67
N TYR G 32 -25.90 -25.07 -60.05
CA TYR G 32 -25.18 -25.98 -59.15
C TYR G 32 -25.99 -26.26 -57.88
N VAL G 33 -26.47 -25.19 -57.22
CA VAL G 33 -27.19 -25.30 -55.95
C VAL G 33 -28.49 -26.06 -56.13
N GLU G 34 -29.23 -25.75 -57.21
CA GLU G 34 -30.51 -26.39 -57.49
C GLU G 34 -30.36 -27.90 -57.72
N ALA G 35 -29.32 -28.30 -58.46
CA ALA G 35 -29.10 -29.71 -58.75
C ALA G 35 -28.74 -30.51 -57.49
N VAL G 36 -27.86 -29.94 -56.65
CA VAL G 36 -27.49 -30.59 -55.39
C VAL G 36 -28.71 -30.76 -54.49
N ALA G 37 -29.54 -29.70 -54.39
CA ALA G 37 -30.73 -29.73 -53.53
C ALA G 37 -31.75 -30.75 -54.03
N LEU G 38 -31.94 -30.84 -55.35
CA LEU G 38 -32.92 -31.77 -55.92
C LEU G 38 -32.55 -33.22 -55.62
N ILE G 39 -31.27 -33.57 -55.83
CA ILE G 39 -30.82 -34.95 -55.57
C ILE G 39 -30.95 -35.31 -54.09
N SER G 40 -30.55 -34.38 -53.19
CA SER G 40 -30.63 -34.64 -51.75
C SER G 40 -32.06 -34.85 -51.28
N ALA G 41 -32.99 -34.01 -51.75
CA ALA G 41 -34.39 -34.10 -51.31
C ALA G 41 -35.04 -35.39 -51.80
N HIS G 42 -34.73 -35.79 -53.04
CA HIS G 42 -35.27 -37.05 -53.57
C HIS G 42 -34.81 -38.26 -52.74
N ILE G 43 -33.52 -38.28 -52.37
CA ILE G 43 -33.01 -39.40 -51.58
C ILE G 43 -33.69 -39.46 -50.20
N MET G 44 -33.90 -38.30 -49.55
CA MET G 44 -34.55 -38.28 -48.24
C MET G 44 -35.99 -38.81 -48.29
N GLU G 45 -36.75 -38.42 -49.33
CA GLU G 45 -38.12 -38.92 -49.44
C GLU G 45 -38.16 -40.43 -49.70
N GLU G 46 -37.26 -40.93 -50.57
CA GLU G 46 -37.23 -42.36 -50.84
C GLU G 46 -36.85 -43.17 -49.61
N ALA G 47 -35.97 -42.64 -48.76
CA ALA G 47 -35.64 -43.36 -47.54
C ALA G 47 -36.78 -43.32 -46.53
N ARG G 48 -37.56 -42.23 -46.49
CA ARG G 48 -38.74 -42.20 -45.61
C ARG G 48 -39.77 -43.25 -46.03
N ALA G 49 -39.92 -43.47 -47.33
CA ALA G 49 -40.92 -44.43 -47.82
C ALA G 49 -40.64 -45.87 -47.36
N GLY G 50 -39.36 -46.23 -47.19
CA GLY G 50 -39.04 -47.48 -46.54
C GLY G 50 -39.04 -48.73 -47.39
N LYS G 51 -39.05 -48.61 -48.72
CA LYS G 51 -39.10 -49.78 -49.59
C LYS G 51 -37.80 -50.06 -50.33
N LYS G 52 -36.74 -49.30 -50.08
CA LYS G 52 -35.48 -49.46 -50.80
C LYS G 52 -34.31 -49.41 -49.83
N THR G 53 -33.24 -50.11 -50.19
CA THR G 53 -32.02 -50.08 -49.41
C THR G 53 -31.17 -48.86 -49.79
N ALA G 54 -30.12 -48.63 -49.00
CA ALA G 54 -29.23 -47.50 -49.25
C ALA G 54 -28.40 -47.72 -50.52
N ALA G 55 -28.02 -48.98 -50.78
CA ALA G 55 -27.22 -49.29 -51.96
C ALA G 55 -28.02 -49.10 -53.25
N GLU G 56 -29.32 -49.40 -53.21
CA GLU G 56 -30.17 -49.12 -54.37
C GLU G 56 -30.36 -47.63 -54.59
N LEU G 57 -30.45 -46.85 -53.50
CA LEU G 57 -30.60 -45.41 -53.63
C LEU G 57 -29.34 -44.75 -54.16
N MET G 58 -28.17 -45.33 -53.87
CA MET G 58 -26.91 -44.84 -54.44
C MET G 58 -26.90 -44.93 -55.97
N GLN G 59 -27.55 -45.94 -56.54
CA GLN G 59 -27.67 -46.03 -58.00
C GLN G 59 -28.85 -45.24 -58.55
N GLU G 60 -29.94 -45.14 -57.77
CA GLU G 60 -31.11 -44.41 -58.24
C GLU G 60 -30.84 -42.91 -58.31
N GLY G 61 -29.91 -42.40 -57.49
CA GLY G 61 -29.58 -40.98 -57.54
C GLY G 61 -28.90 -40.52 -58.80
N ARG G 62 -28.37 -41.45 -59.60
CA ARG G 62 -27.66 -41.12 -60.84
C ARG G 62 -28.56 -40.98 -62.06
N THR G 63 -29.85 -41.25 -61.93
CA THR G 63 -30.77 -41.17 -63.06
C THR G 63 -31.70 -39.97 -63.00
N LEU G 64 -31.54 -39.08 -62.01
CA LEU G 64 -32.51 -38.02 -61.80
C LEU G 64 -32.35 -36.87 -62.80
N LEU G 65 -31.13 -36.56 -63.22
CA LEU G 65 -30.88 -35.40 -64.07
C LEU G 65 -30.16 -35.83 -65.33
N LYS G 66 -30.75 -35.53 -66.48
CA LYS G 66 -30.10 -35.72 -67.77
C LYS G 66 -29.07 -34.62 -67.99
N PRO G 67 -28.10 -34.84 -68.90
CA PRO G 67 -27.11 -33.78 -69.21
C PRO G 67 -27.71 -32.50 -69.78
N ASP G 68 -28.88 -32.56 -70.43
CA ASP G 68 -29.50 -31.37 -70.97
C ASP G 68 -30.32 -30.60 -69.95
N ASP G 69 -30.50 -31.14 -68.73
CA ASP G 69 -31.30 -30.48 -67.71
C ASP G 69 -30.55 -29.39 -66.95
N VAL G 70 -29.23 -29.29 -67.07
CA VAL G 70 -28.46 -28.38 -66.24
C VAL G 70 -27.69 -27.40 -67.13
N MET G 71 -27.26 -26.30 -66.52
CA MET G 71 -26.45 -25.32 -67.20
C MET G 71 -25.06 -25.88 -67.52
N ASP G 72 -24.40 -25.26 -68.49
CA ASP G 72 -23.06 -25.67 -68.89
C ASP G 72 -22.08 -25.41 -67.74
N GLY G 73 -21.34 -26.45 -67.36
CA GLY G 73 -20.39 -26.39 -66.29
C GLY G 73 -20.84 -27.03 -64.99
N VAL G 74 -22.14 -27.33 -64.84
CA VAL G 74 -22.64 -27.89 -63.58
C VAL G 74 -22.09 -29.30 -63.35
N ALA G 75 -22.07 -30.12 -64.40
CA ALA G 75 -21.70 -31.53 -64.24
C ALA G 75 -20.23 -31.71 -63.86
N SER G 76 -19.35 -30.82 -64.30
CA SER G 76 -17.95 -30.92 -63.90
C SER G 76 -17.71 -30.45 -62.47
N MET G 77 -18.62 -29.68 -61.89
CA MET G 77 -18.47 -29.18 -60.53
C MET G 77 -18.97 -30.14 -59.46
N ILE G 78 -19.87 -31.05 -59.80
CA ILE G 78 -20.49 -31.95 -58.83
C ILE G 78 -19.80 -33.30 -58.96
N HIS G 79 -18.89 -33.59 -58.03
CA HIS G 79 -18.22 -34.89 -58.03
C HIS G 79 -18.99 -35.94 -57.25
N GLU G 80 -19.58 -35.56 -56.11
CA GLU G 80 -20.43 -36.46 -55.34
C GLU G 80 -21.39 -35.64 -54.50
N VAL G 81 -22.53 -36.25 -54.17
CA VAL G 81 -23.52 -35.66 -53.26
C VAL G 81 -23.76 -36.66 -52.14
N GLY G 82 -23.59 -36.19 -50.90
CA GLY G 82 -23.84 -37.00 -49.71
C GLY G 82 -25.02 -36.47 -48.92
N ILE G 83 -25.76 -37.38 -48.32
CA ILE G 83 -26.93 -37.03 -47.51
C ILE G 83 -27.20 -38.17 -46.54
N GLU G 84 -27.48 -37.81 -45.29
CA GLU G 84 -27.91 -38.78 -44.29
C GLU G 84 -29.42 -38.81 -44.24
N ALA G 85 -29.99 -40.02 -44.17
CA ALA G 85 -31.42 -40.18 -44.13
C ALA G 85 -31.80 -41.33 -43.21
N MET G 86 -32.99 -41.24 -42.62
CA MET G 86 -33.45 -42.23 -41.66
C MET G 86 -34.28 -43.30 -42.35
N PHE G 87 -33.78 -44.52 -42.35
CA PHE G 87 -34.39 -45.72 -42.88
C PHE G 87 -35.20 -46.37 -41.75
N PRO G 88 -35.95 -47.45 -41.99
CA PRO G 88 -36.55 -48.19 -40.84
C PRO G 88 -35.54 -48.76 -39.87
N ASP G 89 -34.29 -49.01 -40.29
CA ASP G 89 -33.25 -49.49 -39.40
C ASP G 89 -32.34 -48.37 -38.88
N GLY G 90 -32.70 -47.10 -39.10
CA GLY G 90 -31.99 -45.99 -38.53
C GLY G 90 -31.31 -45.11 -39.57
N THR G 91 -30.53 -44.16 -39.07
CA THR G 91 -29.85 -43.19 -39.93
C THR G 91 -28.66 -43.82 -40.63
N LYS G 92 -28.59 -43.63 -41.96
CA LYS G 92 -27.50 -44.13 -42.78
C LYS G 92 -27.02 -43.03 -43.72
N LEU G 93 -25.75 -43.11 -44.12
CA LEU G 93 -25.18 -42.17 -45.07
C LEU G 93 -25.26 -42.75 -46.49
N VAL G 94 -25.79 -41.95 -47.42
CA VAL G 94 -25.90 -42.32 -48.83
C VAL G 94 -25.09 -41.32 -49.65
N THR G 95 -24.13 -41.83 -50.41
CA THR G 95 -23.30 -41.00 -51.28
C THR G 95 -23.56 -41.36 -52.73
N VAL G 96 -23.88 -40.36 -53.55
CA VAL G 96 -24.15 -40.54 -54.96
C VAL G 96 -22.93 -40.09 -55.76
N HIS G 97 -22.32 -41.00 -56.50
CA HIS G 97 -21.08 -40.73 -57.23
C HIS G 97 -21.37 -40.37 -58.68
N THR G 98 -20.83 -39.21 -59.11
CA THR G 98 -20.92 -38.61 -60.45
C THR G 98 -22.34 -38.65 -61.01
N PRO G 99 -23.28 -37.86 -60.46
CA PRO G 99 -24.68 -38.04 -60.86
C PRO G 99 -25.02 -37.53 -62.25
N ILE G 100 -24.25 -36.61 -62.81
CA ILE G 100 -24.58 -35.98 -64.09
C ILE G 100 -23.41 -36.12 -65.05
N GLU G 101 -23.67 -36.56 -66.27
CA GLU G 101 -22.67 -36.50 -67.33
C GLU G 101 -22.63 -35.12 -67.95
N ALA G 102 -21.45 -34.73 -68.43
CA ALA G 102 -21.26 -33.42 -69.03
C ALA G 102 -21.56 -33.43 -70.52
N ASN G 103 -21.96 -32.28 -71.04
CA ASN G 103 -22.24 -32.14 -72.47
C ASN G 103 -21.65 -30.91 -73.12
N GLY G 104 -21.14 -29.94 -72.36
CA GLY G 104 -20.50 -28.78 -72.91
C GLY G 104 -19.00 -28.76 -72.65
N LYS G 105 -18.39 -27.62 -72.97
CA LYS G 105 -16.94 -27.48 -72.89
C LYS G 105 -16.46 -26.65 -71.71
N LEU G 106 -17.35 -25.93 -71.03
CA LEU G 106 -16.94 -25.06 -69.92
C LEU G 106 -16.60 -25.89 -68.69
N VAL G 107 -15.35 -25.78 -68.23
CA VAL G 107 -14.91 -26.41 -67.00
C VAL G 107 -14.40 -25.32 -66.06
N PRO G 108 -15.19 -24.97 -65.03
CA PRO G 108 -14.70 -23.99 -64.05
C PRO G 108 -13.55 -24.54 -63.22
N GLY G 109 -12.54 -23.70 -63.03
CA GLY G 109 -11.32 -24.12 -62.35
C GLY G 109 -10.49 -25.14 -63.09
N GLU G 110 -10.50 -25.09 -64.43
CA GLU G 110 -9.78 -26.05 -65.25
C GLU G 110 -8.27 -25.89 -65.13
N LEU G 111 -7.55 -27.01 -65.10
CA LEU G 111 -6.09 -27.01 -65.03
C LEU G 111 -5.51 -27.25 -66.43
N PHE G 112 -4.51 -26.45 -66.79
CA PHE G 112 -3.76 -26.61 -68.04
C PHE G 112 -2.32 -26.95 -67.67
N LEU G 113 -1.94 -28.21 -67.87
CA LEU G 113 -0.64 -28.70 -67.40
C LEU G 113 0.35 -28.83 -68.54
N LYS G 114 1.63 -28.69 -68.20
CA LYS G 114 2.69 -29.08 -69.11
C LYS G 114 2.78 -30.61 -69.16
N ASN G 115 3.50 -31.11 -70.16
CA ASN G 115 3.58 -32.56 -70.35
C ASN G 115 4.92 -33.15 -69.94
N GLU G 116 5.80 -32.38 -69.29
CA GLU G 116 7.07 -32.93 -68.83
C GLU G 116 6.90 -33.60 -67.47
N ASP G 117 7.61 -34.71 -67.29
CA ASP G 117 7.57 -35.46 -66.04
C ASP G 117 8.36 -34.73 -64.95
N ILE G 118 8.06 -35.07 -63.69
CA ILE G 118 8.75 -34.52 -62.54
C ILE G 118 9.71 -35.57 -62.01
N THR G 119 10.96 -35.17 -61.78
CA THR G 119 11.97 -36.06 -61.22
C THR G 119 12.07 -35.81 -59.71
N ILE G 120 11.75 -36.83 -58.91
CA ILE G 120 11.82 -36.72 -57.45
C ILE G 120 13.10 -37.36 -56.96
N ASN G 121 13.58 -36.85 -55.82
CA ASN G 121 14.79 -37.32 -55.13
C ASN G 121 16.03 -37.28 -56.04
N GLU G 122 16.24 -36.13 -56.67
CA GLU G 122 17.35 -35.96 -57.61
C GLU G 122 18.69 -36.02 -56.89
N GLY G 123 19.64 -36.72 -57.49
CA GLY G 123 20.94 -36.88 -56.89
C GLY G 123 21.04 -37.98 -55.83
N LYS G 124 19.97 -38.72 -55.59
CA LYS G 124 19.98 -39.83 -54.66
C LYS G 124 20.05 -41.14 -55.44
N LYS G 125 21.09 -41.93 -55.20
CA LYS G 125 21.26 -43.21 -55.87
C LYS G 125 20.58 -44.31 -55.05
N ALA G 126 19.80 -45.16 -55.72
CA ALA G 126 19.01 -46.18 -55.06
C ALA G 126 19.70 -47.54 -55.09
N VAL G 127 19.36 -48.38 -54.11
CA VAL G 127 19.75 -49.78 -54.06
C VAL G 127 18.48 -50.63 -53.98
N SER G 128 18.61 -51.92 -54.34
CA SER G 128 17.48 -52.83 -54.43
C SER G 128 17.62 -53.96 -53.41
N VAL G 129 16.54 -54.24 -52.68
CA VAL G 129 16.52 -55.21 -51.59
C VAL G 129 15.28 -56.10 -51.73
N LYS G 130 15.47 -57.42 -51.61
CA LYS G 130 14.37 -58.38 -51.65
C LYS G 130 13.78 -58.58 -50.25
N VAL G 131 12.45 -58.48 -50.14
CA VAL G 131 11.73 -58.49 -48.86
C VAL G 131 10.63 -59.54 -48.92
N LYS G 132 10.52 -60.36 -47.86
CA LYS G 132 9.47 -61.36 -47.75
C LYS G 132 8.70 -61.23 -46.44
N ASN G 133 7.37 -61.30 -46.51
CA ASN G 133 6.49 -61.31 -45.34
C ASN G 133 6.24 -62.75 -44.93
N VAL G 134 6.84 -63.18 -43.82
CA VAL G 134 6.66 -64.54 -43.32
C VAL G 134 5.63 -64.61 -42.20
N GLY G 135 4.96 -63.50 -41.89
CA GLY G 135 3.86 -63.50 -40.94
C GLY G 135 2.54 -63.87 -41.57
N ASP G 136 1.49 -63.78 -40.77
CA ASP G 136 0.14 -64.15 -41.20
C ASP G 136 -0.80 -62.97 -41.34
N ARG G 137 -0.29 -61.74 -41.25
CA ARG G 137 -1.11 -60.53 -41.34
C ARG G 137 -0.47 -59.53 -42.29
N PRO G 138 -1.26 -58.75 -43.03
CA PRO G 138 -0.70 -57.83 -44.03
C PRO G 138 0.03 -56.64 -43.40
N VAL G 139 1.04 -56.15 -44.13
CA VAL G 139 1.91 -55.06 -43.68
C VAL G 139 2.01 -54.03 -44.80
N GLN G 140 1.89 -52.75 -44.45
CA GLN G 140 2.00 -51.64 -45.41
C GLN G 140 2.93 -50.57 -44.86
N ILE G 141 3.90 -50.13 -45.67
CA ILE G 141 5.00 -49.27 -45.23
C ILE G 141 4.97 -47.95 -46.02
N GLY G 142 5.02 -46.82 -45.29
CA GLY G 142 5.02 -45.50 -45.91
C GLY G 142 6.38 -45.04 -46.43
N SER G 143 6.37 -43.88 -47.11
CA SER G 143 7.52 -43.44 -47.90
C SER G 143 8.68 -42.95 -47.04
N HIS G 144 8.41 -42.40 -45.85
CA HIS G 144 9.46 -41.80 -45.04
C HIS G 144 9.73 -42.56 -43.74
N PHE G 145 9.24 -43.78 -43.62
CA PHE G 145 9.56 -44.61 -42.46
C PHE G 145 11.00 -45.12 -42.57
N HIS G 146 11.70 -45.18 -41.44
CA HIS G 146 13.05 -45.74 -41.40
C HIS G 146 12.95 -47.25 -41.62
N PHE G 147 13.36 -47.71 -42.82
CA PHE G 147 13.05 -49.06 -43.27
C PHE G 147 13.75 -50.15 -42.46
N PHE G 148 14.85 -49.82 -41.78
CA PHE G 148 15.52 -50.73 -40.86
C PHE G 148 14.61 -51.19 -39.72
N GLU G 149 13.65 -50.36 -39.32
CA GLU G 149 12.87 -50.59 -38.11
C GLU G 149 11.45 -51.06 -38.37
N VAL G 150 11.17 -51.62 -39.56
CA VAL G 150 9.82 -52.09 -39.88
C VAL G 150 9.52 -53.38 -39.11
N ASN G 151 8.24 -53.80 -39.17
CA ASN G 151 7.67 -54.99 -38.51
C ASN G 151 8.59 -56.20 -38.57
N ARG G 152 8.81 -56.81 -37.40
CA ARG G 152 9.81 -57.85 -37.24
C ARG G 152 9.48 -59.13 -38.00
N CYS G 153 8.25 -59.29 -38.48
CA CYS G 153 7.88 -60.43 -39.32
C CYS G 153 8.29 -60.26 -40.78
N LEU G 154 8.81 -59.10 -41.19
CA LEU G 154 9.39 -58.97 -42.51
C LEU G 154 10.82 -59.48 -42.50
N ASP G 155 11.18 -60.30 -43.47
CA ASP G 155 12.50 -60.92 -43.54
C ASP G 155 13.28 -60.34 -44.71
N PHE G 156 14.42 -59.71 -44.40
CA PHE G 156 15.31 -59.12 -45.39
C PHE G 156 16.67 -58.86 -44.73
N ASP G 157 17.66 -58.57 -45.57
CA ASP G 157 19.00 -58.25 -45.11
C ASP G 157 19.01 -56.85 -44.47
N ARG G 158 18.82 -56.78 -43.15
CA ARG G 158 18.57 -55.50 -42.51
C ARG G 158 19.82 -54.62 -42.43
N GLU G 159 21.01 -55.20 -42.54
CA GLU G 159 22.25 -54.43 -42.50
C GLU G 159 22.35 -53.45 -43.66
N LYS G 160 21.85 -53.81 -44.83
CA LYS G 160 21.94 -52.95 -45.99
C LYS G 160 20.91 -51.82 -46.00
N THR G 161 19.98 -51.79 -45.04
CA THR G 161 18.91 -50.81 -45.05
C THR G 161 19.05 -49.75 -43.94
N PHE G 162 20.16 -49.75 -43.21
CA PHE G 162 20.35 -48.79 -42.13
C PHE G 162 20.48 -47.38 -42.68
N GLY G 163 19.69 -46.46 -42.13
CA GLY G 163 19.68 -45.08 -42.58
C GLY G 163 19.00 -44.83 -43.91
N LYS G 164 18.07 -45.70 -44.34
CA LYS G 164 17.45 -45.60 -45.65
C LYS G 164 15.94 -45.61 -45.56
N ARG G 165 15.29 -45.10 -46.61
CA ARG G 165 13.83 -45.06 -46.74
C ARG G 165 13.45 -45.41 -48.18
N LEU G 166 12.16 -45.66 -48.40
CA LEU G 166 11.66 -46.03 -49.73
C LEU G 166 11.75 -44.88 -50.72
N ASP G 167 12.12 -45.20 -51.96
CA ASP G 167 12.24 -44.21 -53.04
C ASP G 167 10.95 -44.20 -53.87
N ILE G 168 9.88 -43.70 -53.24
CA ILE G 168 8.58 -43.57 -53.87
C ILE G 168 8.10 -42.14 -53.65
N ALA G 169 6.97 -41.81 -54.27
CA ALA G 169 6.37 -40.49 -54.11
C ALA G 169 5.93 -40.27 -52.66
N SER G 170 6.17 -39.07 -52.17
CA SER G 170 5.93 -38.72 -50.77
C SER G 170 4.46 -38.82 -50.41
N GLY G 171 4.15 -39.66 -49.43
CA GLY G 171 2.78 -39.92 -49.04
C GLY G 171 2.17 -41.19 -49.59
N THR G 172 2.87 -41.93 -50.44
CA THR G 172 2.40 -43.21 -50.94
C THR G 172 3.01 -44.35 -50.12
N ALA G 173 2.65 -45.60 -50.46
CA ALA G 173 3.04 -46.74 -49.65
C ALA G 173 3.18 -48.00 -50.50
N VAL G 174 3.81 -49.02 -49.91
CA VAL G 174 4.02 -50.33 -50.51
C VAL G 174 3.41 -51.39 -49.57
N ARG G 175 2.65 -52.32 -50.15
CA ARG G 175 1.87 -53.30 -49.39
C ARG G 175 2.46 -54.71 -49.55
N PHE G 176 2.52 -55.46 -48.44
CA PHE G 176 2.97 -56.85 -48.43
C PHE G 176 1.86 -57.74 -47.89
N GLU G 177 1.31 -58.59 -48.74
CA GLU G 177 0.37 -59.62 -48.31
C GLU G 177 1.10 -60.72 -47.55
N PRO G 178 0.39 -61.55 -46.76
CA PRO G 178 1.04 -62.71 -46.14
C PRO G 178 1.61 -63.68 -47.18
N GLY G 179 2.87 -64.05 -46.99
CA GLY G 179 3.59 -64.90 -47.92
C GLY G 179 4.16 -64.20 -49.13
N GLU G 180 3.89 -62.91 -49.32
CA GLU G 180 4.32 -62.20 -50.51
C GLU G 180 5.81 -61.84 -50.42
N GLU G 181 6.47 -61.89 -51.59
CA GLU G 181 7.88 -61.54 -51.72
C GLU G 181 8.07 -60.66 -52.94
N LYS G 182 8.77 -59.53 -52.75
CA LYS G 182 9.05 -58.60 -53.84
C LYS G 182 10.26 -57.75 -53.47
N SER G 183 10.77 -57.02 -54.46
CA SER G 183 11.90 -56.12 -54.27
C SER G 183 11.45 -54.68 -54.16
N VAL G 184 12.20 -53.89 -53.38
CA VAL G 184 11.93 -52.46 -53.19
C VAL G 184 13.21 -51.67 -53.44
N GLU G 185 13.03 -50.37 -53.67
CA GLU G 185 14.13 -49.43 -53.91
C GLU G 185 14.29 -48.51 -52.72
N LEU G 186 15.53 -48.35 -52.24
CA LEU G 186 15.81 -47.56 -51.05
C LEU G 186 16.87 -46.50 -51.31
N ILE G 187 16.68 -45.31 -50.71
CA ILE G 187 17.62 -44.20 -50.81
C ILE G 187 17.94 -43.67 -49.40
N ASP G 188 19.03 -42.92 -49.31
CA ASP G 188 19.48 -42.38 -48.02
C ASP G 188 18.53 -41.32 -47.47
N ILE G 189 18.35 -41.35 -46.14
CA ILE G 189 17.65 -40.29 -45.44
C ILE G 189 18.48 -39.01 -45.47
N GLY G 190 17.83 -37.88 -45.73
CA GLY G 190 18.48 -36.59 -45.82
C GLY G 190 18.54 -35.83 -44.52
N GLY G 191 18.84 -34.53 -44.63
CA GLY G 191 18.92 -33.66 -43.48
C GLY G 191 20.12 -33.94 -42.60
N ASN G 192 19.92 -33.76 -41.29
CA ASN G 192 20.95 -34.04 -40.30
C ASN G 192 21.12 -35.53 -40.01
N ARG G 193 20.21 -36.38 -40.52
CA ARG G 193 20.23 -37.84 -40.31
C ARG G 193 20.21 -38.21 -38.83
N ARG G 194 19.39 -37.50 -38.06
CA ARG G 194 19.14 -37.82 -36.65
C ARG G 194 17.82 -38.58 -36.56
N ILE G 195 17.86 -39.83 -36.11
CA ILE G 195 16.73 -40.73 -36.17
C ILE G 195 16.22 -40.96 -34.75
N PHE G 196 15.03 -40.45 -34.45
CA PHE G 196 14.44 -40.58 -33.13
C PHE G 196 13.05 -41.21 -33.25
N GLY G 197 12.81 -42.26 -32.46
CA GLY G 197 11.56 -42.98 -32.46
C GLY G 197 11.56 -44.30 -33.21
N PHE G 198 10.41 -44.61 -33.80
CA PHE G 198 10.05 -45.66 -34.76
C PHE G 198 10.03 -47.10 -34.26
N ASN G 199 10.99 -47.50 -33.42
CA ASN G 199 10.96 -48.71 -32.60
C ASN G 199 11.96 -48.54 -31.47
N ALA G 200 12.55 -47.35 -31.39
CA ALA G 200 13.66 -47.01 -30.47
C ALA G 200 14.85 -47.95 -30.65
N LEU G 201 15.20 -48.24 -31.90
CA LEU G 201 16.41 -49.00 -32.18
C LEU G 201 17.63 -48.12 -32.40
N VAL G 202 17.45 -46.82 -32.69
CA VAL G 202 18.60 -45.94 -32.86
C VAL G 202 18.60 -44.84 -31.81
N ASP G 203 17.64 -43.92 -31.89
CA ASP G 203 17.46 -42.78 -30.97
C ASP G 203 18.71 -41.90 -30.85
N ARG G 204 19.47 -41.76 -31.95
CA ARG G 204 20.69 -40.94 -31.95
C ARG G 204 21.07 -40.63 -33.40
N GLN G 205 22.25 -40.03 -33.56
CA GLN G 205 22.82 -39.78 -34.89
C GLN G 205 23.11 -41.09 -35.62
N ALA G 206 22.70 -41.16 -36.88
CA ALA G 206 22.94 -42.35 -37.70
C ALA G 206 24.35 -42.28 -38.29
N ASP G 207 25.17 -43.28 -37.98
CA ASP G 207 26.52 -43.44 -38.51
C ASP G 207 26.92 -44.90 -38.35
N ASN G 208 28.18 -45.22 -38.67
CA ASN G 208 28.64 -46.59 -38.59
C ASN G 208 28.81 -47.08 -37.16
N GLU G 209 29.13 -46.18 -36.22
CA GLU G 209 29.17 -46.56 -34.81
C GLU G 209 27.79 -46.92 -34.28
N SER G 210 26.77 -46.14 -34.65
CA SER G 210 25.42 -46.42 -34.16
C SER G 210 24.78 -47.61 -34.86
N LYS G 211 25.32 -48.04 -36.00
CA LYS G 211 24.76 -49.19 -36.72
C LYS G 211 24.99 -50.49 -35.95
N LYS G 212 26.15 -50.64 -35.32
CA LYS G 212 26.45 -51.86 -34.54
C LYS G 212 25.52 -52.01 -33.35
N ILE G 213 25.26 -50.91 -32.63
CA ILE G 213 24.34 -50.91 -31.49
C ILE G 213 22.93 -51.27 -31.96
N ALA G 214 22.50 -50.68 -33.08
CA ALA G 214 21.17 -50.93 -33.62
C ALA G 214 21.00 -52.38 -34.06
N LEU G 215 22.03 -52.97 -34.66
CA LEU G 215 21.97 -54.37 -35.06
C LEU G 215 21.92 -55.30 -33.86
N HIS G 216 22.68 -55.00 -32.80
CA HIS G 216 22.62 -55.81 -31.58
C HIS G 216 21.25 -55.74 -30.92
N ARG G 217 20.69 -54.52 -30.84
CA ARG G 217 19.35 -54.32 -30.28
C ARG G 217 18.29 -55.05 -31.10
N ALA G 218 18.41 -55.01 -32.43
CA ALA G 218 17.44 -55.66 -33.29
C ALA G 218 17.51 -57.17 -33.18
N LYS G 219 18.72 -57.73 -33.01
CA LYS G 219 18.83 -59.17 -32.83
C LYS G 219 18.25 -59.61 -31.48
N GLU G 220 18.48 -58.84 -30.42
CA GLU G 220 17.95 -59.22 -29.11
C GLU G 220 16.42 -59.16 -29.04
N ARG G 221 15.80 -58.32 -29.87
CA ARG G 221 14.34 -58.21 -29.89
C ARG G 221 13.70 -59.01 -31.02
N GLY G 222 14.48 -59.85 -31.71
CA GLY G 222 13.91 -60.81 -32.64
C GLY G 222 13.45 -60.28 -33.98
N PHE G 223 14.09 -59.24 -34.51
CA PHE G 223 13.78 -58.77 -35.85
C PHE G 223 14.43 -59.70 -36.88
N HIS G 224 13.63 -60.14 -37.86
CA HIS G 224 14.09 -61.15 -38.81
C HIS G 224 15.14 -60.59 -39.77
N GLY G 225 16.14 -61.41 -40.06
CA GLY G 225 17.17 -61.08 -41.01
C GLY G 225 18.30 -60.22 -40.48
N THR G 226 18.35 -59.98 -39.18
CA THR G 226 19.42 -59.20 -38.59
C THR G 226 20.60 -60.10 -38.25
N LYS G 227 21.77 -59.73 -38.73
CA LYS G 227 22.99 -60.50 -38.51
C LYS G 227 24.00 -59.62 -37.80
N SER G 228 24.18 -59.86 -36.50
CA SER G 228 25.25 -59.26 -35.73
C SER G 228 26.06 -60.37 -35.07
N ASP G 229 27.38 -60.20 -35.07
CA ASP G 229 28.28 -61.27 -34.69
C ASP G 229 28.24 -61.51 -33.18
N ASP G 230 28.65 -62.72 -32.80
CA ASP G 230 28.78 -63.07 -31.40
C ASP G 230 30.01 -62.37 -30.81
N ASN G 231 30.10 -62.41 -29.47
CA ASN G 231 31.10 -61.68 -28.68
C ASN G 231 31.05 -60.18 -28.97
N TYR G 232 29.85 -59.61 -28.86
CA TYR G 232 29.64 -58.18 -28.98
C TYR G 232 30.23 -57.44 -27.78
N VAL G 233 30.83 -56.29 -28.04
CA VAL G 233 31.47 -55.47 -27.01
C VAL G 233 30.58 -54.28 -26.72
N LYS G 234 30.12 -54.15 -25.48
CA LYS G 234 29.26 -53.05 -25.08
C LYS G 234 30.07 -51.74 -24.95
N THR G 235 29.37 -50.62 -25.12
CA THR G 235 29.91 -49.30 -24.85
C THR G 235 29.36 -48.78 -23.53
N ILE G 236 29.78 -47.57 -23.16
CA ILE G 236 29.36 -46.97 -21.89
C ILE G 236 27.90 -46.49 -21.94
N LYS G 237 27.37 -46.18 -23.13
CA LYS G 237 26.00 -45.72 -23.25
C LYS G 237 25.32 -46.48 -24.38
N GLU G 238 24.45 -47.42 -24.02
CA GLU G 238 23.69 -48.19 -25.00
C GLU G 238 22.20 -48.05 -24.74
N MET H 1 -3.86 -50.84 36.86
CA MET H 1 -4.80 -50.36 37.86
C MET H 1 -5.83 -49.41 37.27
N LYS H 2 -5.40 -48.61 36.29
CA LYS H 2 -6.18 -47.54 35.66
C LYS H 2 -6.74 -46.55 36.68
N LEU H 3 -5.84 -45.97 37.46
CA LEU H 3 -6.23 -44.99 38.47
C LEU H 3 -6.70 -43.68 37.82
N THR H 4 -7.75 -43.11 38.37
CA THR H 4 -8.32 -41.80 38.07
C THR H 4 -7.70 -40.75 39.00
N PRO H 5 -7.80 -39.44 38.66
CA PRO H 5 -7.31 -38.40 39.58
C PRO H 5 -7.99 -38.41 40.96
N LYS H 6 -9.27 -38.78 41.02
CA LYS H 6 -10.00 -38.91 42.28
C LYS H 6 -9.34 -39.94 43.21
N GLU H 7 -8.94 -41.08 42.64
CA GLU H 7 -8.31 -42.14 43.41
C GLU H 7 -6.98 -41.70 44.00
N LEU H 8 -6.19 -40.93 43.22
CA LEU H 8 -4.92 -40.41 43.70
C LEU H 8 -5.10 -39.40 44.85
N ASP H 9 -6.08 -38.51 44.71
CA ASP H 9 -6.37 -37.54 45.77
C ASP H 9 -6.82 -38.23 47.06
N LYS H 10 -7.65 -39.27 46.94
CA LYS H 10 -8.10 -39.99 48.12
C LYS H 10 -6.98 -40.81 48.76
N LEU H 11 -6.03 -41.32 47.96
CA LEU H 11 -4.87 -42.01 48.53
C LEU H 11 -4.01 -41.07 49.37
N MET H 12 -3.80 -39.84 48.87
CA MET H 12 -3.08 -38.82 49.66
C MET H 12 -3.81 -38.51 50.96
N LEU H 13 -5.14 -38.37 50.90
CA LEU H 13 -5.94 -38.08 52.10
C LEU H 13 -5.83 -39.21 53.13
N HIS H 14 -5.84 -40.47 52.67
CA HIS H 14 -5.69 -41.62 53.56
C HIS H 14 -4.37 -41.59 54.31
N TYR H 15 -3.27 -41.29 53.61
CA TYR H 15 -2.01 -41.29 54.34
C TYR H 15 -1.80 -40.06 55.22
N ALA H 16 -2.45 -38.93 54.91
CA ALA H 16 -2.51 -37.83 55.87
C ALA H 16 -3.21 -38.23 57.16
N GLY H 17 -4.32 -38.96 57.04
CA GLY H 17 -5.01 -39.47 58.21
C GLY H 17 -4.18 -40.49 59.00
N GLU H 18 -3.40 -41.31 58.30
CA GLU H 18 -2.53 -42.28 58.98
C GLU H 18 -1.44 -41.58 59.78
N LEU H 19 -0.86 -40.50 59.24
CA LEU H 19 0.13 -39.72 59.99
C LEU H 19 -0.49 -39.11 61.24
N ALA H 20 -1.72 -38.59 61.11
CA ALA H 20 -2.42 -38.04 62.28
C ALA H 20 -2.66 -39.11 63.35
N ARG H 21 -3.00 -40.33 62.93
CA ARG H 21 -3.25 -41.40 63.90
C ARG H 21 -1.96 -41.83 64.61
N LYS H 22 -0.84 -41.88 63.88
CA LYS H 22 0.44 -42.20 64.53
C LYS H 22 0.84 -41.13 65.54
N ARG H 23 0.62 -39.85 65.19
CA ARG H 23 0.94 -38.77 66.13
C ARG H 23 0.02 -38.80 67.36
N LYS H 24 -1.24 -39.19 67.19
CA LYS H 24 -2.13 -39.36 68.33
C LYS H 24 -1.67 -40.51 69.23
N GLU H 25 -1.18 -41.60 68.63
CA GLU H 25 -0.67 -42.72 69.43
C GLU H 25 0.59 -42.33 70.21
N LYS H 26 1.39 -41.41 69.70
CA LYS H 26 2.56 -40.97 70.47
C LYS H 26 2.22 -39.98 71.59
N GLY H 27 0.97 -39.58 71.75
CA GLY H 27 0.60 -38.66 72.81
C GLY H 27 0.63 -37.18 72.46
N ILE H 28 0.64 -36.84 71.18
CA ILE H 28 0.71 -35.46 70.73
C ILE H 28 -0.71 -34.92 70.52
N LYS H 29 -0.98 -33.73 71.04
CA LYS H 29 -2.28 -33.09 70.83
C LYS H 29 -2.42 -32.65 69.38
N LEU H 30 -3.50 -33.06 68.72
CA LEU H 30 -3.66 -32.83 67.29
C LEU H 30 -4.05 -31.38 66.99
N ASN H 31 -3.59 -30.88 65.84
CA ASN H 31 -3.99 -29.57 65.37
C ASN H 31 -5.21 -29.67 64.46
N TYR H 32 -5.52 -28.59 63.74
CA TYR H 32 -6.71 -28.51 62.90
C TYR H 32 -6.64 -29.48 61.72
N VAL H 33 -5.52 -29.46 60.99
CA VAL H 33 -5.35 -30.28 59.79
C VAL H 33 -5.37 -31.77 60.13
N GLU H 34 -4.67 -32.13 61.22
CA GLU H 34 -4.58 -33.53 61.65
C GLU H 34 -5.95 -34.09 62.04
N ALA H 35 -6.75 -33.30 62.75
CA ALA H 35 -8.09 -33.75 63.18
C ALA H 35 -9.02 -33.96 61.99
N VAL H 36 -9.01 -33.01 61.04
CA VAL H 36 -9.84 -33.15 59.84
C VAL H 36 -9.44 -34.39 59.04
N ALA H 37 -8.13 -34.62 58.88
CA ALA H 37 -7.63 -35.77 58.12
C ALA H 37 -7.99 -37.09 58.79
N LEU H 38 -7.89 -37.15 60.13
CA LEU H 38 -8.18 -38.38 60.86
C LEU H 38 -9.65 -38.79 60.71
N ILE H 39 -10.56 -37.81 60.86
CA ILE H 39 -11.99 -38.11 60.73
C ILE H 39 -12.34 -38.58 59.31
N SER H 40 -11.79 -37.88 58.30
CA SER H 40 -12.08 -38.24 56.91
C SER H 40 -11.59 -39.65 56.55
N ALA H 41 -10.37 -39.99 56.97
CA ALA H 41 -9.79 -41.29 56.65
C ALA H 41 -10.56 -42.43 57.34
N HIS H 42 -10.98 -42.22 58.59
CA HIS H 42 -11.78 -43.23 59.29
C HIS H 42 -13.11 -43.50 58.58
N ILE H 43 -13.78 -42.44 58.12
CA ILE H 43 -15.06 -42.61 57.42
C ILE H 43 -14.87 -43.39 56.11
N MET H 44 -13.81 -43.08 55.35
CA MET H 44 -13.56 -43.80 54.09
C MET H 44 -13.30 -45.29 54.30
N GLU H 45 -12.54 -45.65 55.34
CA GLU H 45 -12.29 -47.08 55.59
C GLU H 45 -13.56 -47.80 56.04
N GLU H 46 -14.38 -47.16 56.88
CA GLU H 46 -15.63 -47.80 57.31
C GLU H 46 -16.60 -47.99 56.15
N ALA H 47 -16.62 -47.06 55.20
CA ALA H 47 -17.48 -47.26 54.05
C ALA H 47 -16.96 -48.34 53.11
N ARG H 48 -15.64 -48.51 53.01
CA ARG H 48 -15.10 -49.61 52.21
C ARG H 48 -15.47 -50.97 52.81
N ALA H 49 -15.51 -51.06 54.14
CA ALA H 49 -15.83 -52.33 54.79
C ALA H 49 -17.25 -52.83 54.48
N GLY H 50 -18.19 -51.93 54.28
CA GLY H 50 -19.49 -52.30 53.75
C GLY H 50 -20.52 -52.81 54.74
N LYS H 51 -20.32 -52.60 56.03
CA LYS H 51 -21.25 -53.12 57.03
C LYS H 51 -22.09 -52.04 57.71
N LYS H 52 -21.95 -50.78 57.30
CA LYS H 52 -22.66 -49.68 57.95
C LYS H 52 -23.25 -48.76 56.91
N THR H 53 -24.36 -48.11 57.26
CA THR H 53 -24.98 -47.12 56.41
C THR H 53 -24.31 -45.76 56.59
N ALA H 54 -24.67 -44.82 55.70
CA ALA H 54 -24.11 -43.48 55.78
C ALA H 54 -24.63 -42.72 57.00
N ALA H 55 -25.88 -42.96 57.38
CA ALA H 55 -26.47 -42.28 58.53
C ALA H 55 -25.83 -42.74 59.84
N GLU H 56 -25.46 -44.02 59.92
CA GLU H 56 -24.73 -44.49 61.09
C GLU H 56 -23.32 -43.91 61.16
N LEU H 57 -22.68 -43.74 60.00
CA LEU H 57 -21.34 -43.17 59.97
C LEU H 57 -21.34 -41.69 60.34
N MET H 58 -22.44 -40.99 60.04
CA MET H 58 -22.60 -39.59 60.47
C MET H 58 -22.57 -39.45 61.99
N GLN H 59 -23.09 -40.43 62.72
CA GLN H 59 -23.02 -40.42 64.17
C GLN H 59 -21.72 -41.01 64.71
N GLU H 60 -21.16 -41.99 64.01
CA GLU H 60 -19.91 -42.60 64.47
C GLU H 60 -18.73 -41.64 64.34
N GLY H 61 -18.80 -40.68 63.41
CA GLY H 61 -17.72 -39.72 63.28
C GLY H 61 -17.57 -38.75 64.44
N ARG H 62 -18.58 -38.66 65.30
CA ARG H 62 -18.57 -37.72 66.43
C ARG H 62 -17.93 -38.30 67.68
N THR H 63 -17.53 -39.57 67.68
CA THR H 63 -16.95 -40.20 68.85
C THR H 63 -15.44 -40.44 68.72
N LEU H 64 -14.82 -40.01 67.63
CA LEU H 64 -13.43 -40.36 67.38
C LEU H 64 -12.45 -39.56 68.22
N LEU H 65 -12.75 -38.30 68.52
CA LEU H 65 -11.81 -37.43 69.22
C LEU H 65 -12.44 -36.85 70.47
N LYS H 66 -11.82 -37.09 71.61
CA LYS H 66 -12.21 -36.48 72.87
C LYS H 66 -11.75 -35.02 72.90
N PRO H 67 -12.36 -34.18 73.75
CA PRO H 67 -11.90 -32.79 73.87
C PRO H 67 -10.46 -32.63 74.34
N ASP H 68 -9.90 -33.59 75.07
CA ASP H 68 -8.52 -33.50 75.51
C ASP H 68 -7.52 -33.97 74.46
N ASP H 69 -7.97 -34.51 73.34
CA ASP H 69 -7.08 -35.01 72.30
C ASP H 69 -6.54 -33.92 71.36
N VAL H 70 -7.09 -32.72 71.40
CA VAL H 70 -6.73 -31.69 70.42
C VAL H 70 -6.21 -30.46 71.14
N MET H 71 -5.50 -29.63 70.38
CA MET H 71 -4.99 -28.37 70.89
C MET H 71 -6.14 -27.39 71.17
N ASP H 72 -5.86 -26.42 72.02
CA ASP H 72 -6.85 -25.40 72.36
C ASP H 72 -7.18 -24.56 71.14
N GLY H 73 -8.46 -24.45 70.83
CA GLY H 73 -8.94 -23.72 69.69
C GLY H 73 -9.37 -24.56 68.50
N VAL H 74 -9.00 -25.85 68.47
CA VAL H 74 -9.33 -26.71 67.33
C VAL H 74 -10.84 -26.93 67.22
N ALA H 75 -11.50 -27.19 68.35
CA ALA H 75 -12.91 -27.55 68.33
C ALA H 75 -13.81 -26.41 67.87
N SER H 76 -13.44 -25.17 68.15
CA SER H 76 -14.24 -24.04 67.67
C SER H 76 -14.04 -23.77 66.18
N MET H 77 -12.95 -24.26 65.58
CA MET H 77 -12.68 -24.04 64.16
C MET H 77 -13.35 -25.06 63.25
N ILE H 78 -13.68 -26.24 63.75
CA ILE H 78 -14.22 -27.32 62.93
C ILE H 78 -15.73 -27.35 63.17
N HIS H 79 -16.48 -26.82 62.22
CA HIS H 79 -17.93 -26.84 62.31
C HIS H 79 -18.52 -28.11 61.71
N GLU H 80 -17.99 -28.57 60.58
CA GLU H 80 -18.40 -29.82 59.97
C GLU H 80 -17.27 -30.37 59.11
N VAL H 81 -17.26 -31.69 58.94
CA VAL H 81 -16.34 -32.37 58.04
C VAL H 81 -17.15 -33.18 57.04
N GLY H 82 -16.92 -32.96 55.76
CA GLY H 82 -17.58 -33.70 54.69
C GLY H 82 -16.60 -34.55 53.93
N ILE H 83 -17.06 -35.72 53.48
CA ILE H 83 -16.23 -36.66 52.72
C ILE H 83 -17.17 -37.54 51.89
N GLU H 84 -16.79 -37.74 50.63
CA GLU H 84 -17.49 -38.70 49.78
C GLU H 84 -16.78 -40.05 49.83
N ALA H 85 -17.56 -41.13 49.94
CA ALA H 85 -17.00 -42.46 50.02
C ALA H 85 -17.88 -43.44 49.27
N MET H 86 -17.26 -44.50 48.75
CA MET H 86 -17.96 -45.48 47.93
C MET H 86 -18.44 -46.64 48.80
N PHE H 87 -19.75 -46.78 48.90
CA PHE H 87 -20.46 -47.84 49.61
C PHE H 87 -20.70 -48.98 48.62
N PRO H 88 -21.26 -50.13 49.03
CA PRO H 88 -21.69 -51.13 48.02
C PRO H 88 -22.75 -50.63 47.04
N ASP H 89 -23.54 -49.62 47.40
CA ASP H 89 -24.52 -49.04 46.50
C ASP H 89 -24.02 -47.77 45.80
N GLY H 90 -22.73 -47.46 45.90
CA GLY H 90 -22.15 -46.37 45.16
C GLY H 90 -21.65 -45.25 46.05
N THR H 91 -21.23 -44.16 45.39
CA THR H 91 -20.66 -43.01 46.08
C THR H 91 -21.75 -42.20 46.78
N LYS H 92 -21.54 -41.89 48.06
CA LYS H 92 -22.45 -41.09 48.86
C LYS H 92 -21.67 -40.04 49.64
N LEU H 93 -22.33 -38.93 49.96
CA LEU H 93 -21.72 -37.87 50.77
C LEU H 93 -22.09 -38.05 52.23
N VAL H 94 -21.08 -38.02 53.10
CA VAL H 94 -21.26 -38.14 54.54
C VAL H 94 -20.73 -36.87 55.19
N THR H 95 -21.59 -36.19 55.95
CA THR H 95 -21.21 -34.96 56.65
C THR H 95 -21.32 -35.20 58.15
N VAL H 96 -20.23 -34.90 58.86
CA VAL H 96 -20.16 -35.07 60.32
C VAL H 96 -20.31 -33.71 60.96
N HIS H 97 -21.35 -33.51 61.76
CA HIS H 97 -21.67 -32.24 62.37
C HIS H 97 -21.12 -32.14 63.79
N THR H 98 -20.35 -31.07 64.05
CA THR H 98 -19.70 -30.70 65.31
C THR H 98 -19.01 -31.90 65.96
N PRO H 99 -17.89 -32.39 65.41
CA PRO H 99 -17.34 -33.66 65.91
C PRO H 99 -16.64 -33.55 67.25
N ILE H 100 -16.18 -32.37 67.65
CA ILE H 100 -15.39 -32.22 68.88
C ILE H 100 -16.02 -31.15 69.77
N GLU H 101 -16.19 -31.45 71.05
CA GLU H 101 -16.57 -30.44 72.02
C GLU H 101 -15.33 -29.66 72.48
N ALA H 102 -15.54 -28.40 72.83
CA ALA H 102 -14.46 -27.53 73.26
C ALA H 102 -14.23 -27.64 74.76
N ASN H 103 -12.98 -27.37 75.17
CA ASN H 103 -12.65 -27.39 76.59
C ASN H 103 -11.81 -26.21 77.07
N GLY H 104 -11.27 -25.39 76.17
CA GLY H 104 -10.53 -24.20 76.54
C GLY H 104 -11.27 -22.92 76.17
N LYS H 105 -10.56 -21.80 76.32
CA LYS H 105 -11.15 -20.49 76.13
C LYS H 105 -10.73 -19.81 74.83
N LEU H 106 -9.72 -20.32 74.13
CA LEU H 106 -9.23 -19.67 72.92
C LEU H 106 -10.20 -19.90 71.76
N VAL H 107 -10.75 -18.82 71.21
CA VAL H 107 -11.60 -18.88 70.03
C VAL H 107 -10.96 -18.03 68.94
N PRO H 108 -10.34 -18.65 67.93
CA PRO H 108 -9.77 -17.87 66.82
C PRO H 108 -10.88 -17.22 65.98
N GLY H 109 -10.65 -15.96 65.63
CA GLY H 109 -11.66 -15.19 64.92
C GLY H 109 -12.91 -14.88 65.72
N GLU H 110 -12.77 -14.69 67.03
CA GLU H 110 -13.90 -14.45 67.91
C GLU H 110 -14.50 -13.06 67.67
N LEU H 111 -15.83 -12.98 67.72
CA LEU H 111 -16.55 -11.72 67.56
C LEU H 111 -16.95 -11.17 68.93
N PHE H 112 -16.72 -9.87 69.13
CA PHE H 112 -17.15 -9.15 70.34
C PHE H 112 -18.17 -8.11 69.91
N LEU H 113 -19.44 -8.35 70.22
CA LEU H 113 -20.53 -7.53 69.72
C LEU H 113 -21.05 -6.59 70.80
N LYS H 114 -21.57 -5.44 70.36
CA LYS H 114 -22.38 -4.60 71.23
C LYS H 114 -23.74 -5.26 71.45
N ASN H 115 -24.47 -4.76 72.45
CA ASN H 115 -25.76 -5.36 72.79
C ASN H 115 -26.95 -4.52 72.36
N GLU H 116 -26.75 -3.47 71.58
CA GLU H 116 -27.88 -2.68 71.09
C GLU H 116 -28.47 -3.29 69.83
N ASP H 117 -29.80 -3.24 69.73
CA ASP H 117 -30.50 -3.77 68.58
C ASP H 117 -30.33 -2.85 67.36
N ILE H 118 -30.56 -3.42 66.19
CA ILE H 118 -30.50 -2.70 64.93
C ILE H 118 -31.92 -2.42 64.45
N THR H 119 -32.20 -1.17 64.10
CA THR H 119 -33.49 -0.77 63.56
C THR H 119 -33.43 -0.75 62.04
N ILE H 120 -34.21 -1.61 61.38
CA ILE H 120 -34.23 -1.66 59.93
C ILE H 120 -35.46 -0.91 59.42
N ASN H 121 -35.33 -0.37 58.20
CA ASN H 121 -36.38 0.38 57.49
C ASN H 121 -36.89 1.57 58.30
N GLU H 122 -35.94 2.38 58.79
CA GLU H 122 -36.28 3.53 59.62
C GLU H 122 -37.03 4.59 58.82
N GLY H 123 -38.07 5.15 59.43
CA GLY H 123 -38.89 6.13 58.76
C GLY H 123 -39.94 5.58 57.84
N LYS H 124 -40.09 4.27 57.75
CA LYS H 124 -41.13 3.63 56.95
C LYS H 124 -42.24 3.16 57.87
N LYS H 125 -43.45 3.65 57.65
CA LYS H 125 -44.61 3.26 58.44
C LYS H 125 -45.29 2.05 57.80
N ALA H 126 -45.59 1.04 58.61
CA ALA H 126 -46.15 -0.22 58.13
C ALA H 126 -47.67 -0.26 58.26
N VAL H 127 -48.29 -1.08 57.40
CA VAL H 127 -49.70 -1.42 57.49
C VAL H 127 -49.83 -2.93 57.60
N SER H 128 -50.99 -3.38 58.09
CA SER H 128 -51.23 -4.80 58.37
C SER H 128 -52.34 -5.34 57.46
N VAL H 129 -52.11 -6.50 56.84
CA VAL H 129 -53.01 -7.10 55.86
C VAL H 129 -53.17 -8.59 56.19
N LYS H 130 -54.42 -9.07 56.22
CA LYS H 130 -54.72 -10.49 56.43
C LYS H 130 -54.70 -11.27 55.11
N VAL H 131 -53.96 -12.38 55.08
CA VAL H 131 -53.70 -13.16 53.86
C VAL H 131 -54.09 -14.62 54.10
N LYS H 132 -54.80 -15.23 53.16
CA LYS H 132 -55.17 -16.63 53.23
C LYS H 132 -54.77 -17.39 51.96
N ASN H 133 -54.17 -18.57 52.14
CA ASN H 133 -53.82 -19.47 51.04
C ASN H 133 -54.99 -20.42 50.81
N VAL H 134 -55.72 -20.23 49.72
CA VAL H 134 -56.86 -21.10 49.39
C VAL H 134 -56.49 -22.16 48.36
N GLY H 135 -55.22 -22.26 47.98
CA GLY H 135 -54.74 -23.31 47.10
C GLY H 135 -54.37 -24.56 47.86
N ASP H 136 -53.83 -25.53 47.13
CA ASP H 136 -53.48 -26.83 47.68
C ASP H 136 -51.97 -27.06 47.76
N ARG H 137 -51.15 -26.05 47.49
CA ARG H 137 -49.71 -26.16 47.50
C ARG H 137 -49.09 -25.02 48.29
N PRO H 138 -47.96 -25.25 48.98
CA PRO H 138 -47.38 -24.20 49.83
C PRO H 138 -46.74 -23.08 49.04
N VAL H 139 -46.76 -21.88 49.63
CA VAL H 139 -46.27 -20.65 49.01
C VAL H 139 -45.34 -19.93 49.98
N GLN H 140 -44.19 -19.46 49.51
CA GLN H 140 -43.22 -18.74 50.33
C GLN H 140 -42.78 -17.47 49.59
N ILE H 141 -42.81 -16.32 50.28
CA ILE H 141 -42.63 -15.01 49.68
C ILE H 141 -41.43 -14.31 50.31
N GLY H 142 -40.51 -13.80 49.46
CA GLY H 142 -39.32 -13.10 49.93
C GLY H 142 -39.55 -11.63 50.31
N SER H 143 -38.49 -11.02 50.85
CA SER H 143 -38.61 -9.71 51.49
C SER H 143 -38.81 -8.57 50.51
N HIS H 144 -38.28 -8.66 49.29
CA HIS H 144 -38.33 -7.56 48.34
C HIS H 144 -39.20 -7.84 47.12
N PHE H 145 -40.03 -8.87 47.17
CA PHE H 145 -40.99 -9.11 46.10
C PHE H 145 -42.12 -8.09 46.17
N HIS H 146 -42.60 -7.64 45.00
CA HIS H 146 -43.75 -6.75 44.95
C HIS H 146 -44.99 -7.53 45.35
N PHE H 147 -45.52 -7.25 46.55
CA PHE H 147 -46.52 -8.12 47.18
C PHE H 147 -47.85 -8.13 46.43
N PHE H 148 -48.14 -7.09 45.66
CA PHE H 148 -49.33 -7.04 44.81
C PHE H 148 -49.36 -8.18 43.79
N GLU H 149 -48.19 -8.67 43.36
CA GLU H 149 -48.10 -9.60 42.23
C GLU H 149 -47.79 -11.03 42.65
N VAL H 150 -48.06 -11.41 43.90
CA VAL H 150 -47.79 -12.77 44.36
C VAL H 150 -48.81 -13.73 43.77
N ASN H 151 -48.56 -15.04 43.96
CA ASN H 151 -49.35 -16.18 43.48
C ASN H 151 -50.86 -15.96 43.61
N ARG H 152 -51.57 -16.19 42.51
CA ARG H 152 -52.98 -15.85 42.40
C ARG H 152 -53.88 -16.66 43.32
N CYS H 153 -53.38 -17.75 43.89
CA CYS H 153 -54.14 -18.53 44.88
C CYS H 153 -54.09 -17.93 46.28
N LEU H 154 -53.32 -16.87 46.52
CA LEU H 154 -53.40 -16.15 47.78
C LEU H 154 -54.54 -15.15 47.72
N ASP H 155 -55.37 -15.12 48.75
CA ASP H 155 -56.54 -14.26 48.80
C ASP H 155 -56.35 -13.17 49.85
N PHE H 156 -56.38 -11.91 49.39
CA PHE H 156 -56.22 -10.74 50.25
C PHE H 156 -56.70 -9.52 49.48
N ASP H 157 -56.89 -8.41 50.20
CA ASP H 157 -57.30 -7.14 49.61
C ASP H 157 -56.13 -6.55 48.84
N ARG H 158 -56.06 -6.82 47.53
CA ARG H 158 -54.87 -6.49 46.76
C ARG H 158 -54.70 -5.00 46.51
N GLU H 159 -55.79 -4.23 46.61
CA GLU H 159 -55.73 -2.78 46.39
C GLU H 159 -54.85 -2.09 47.42
N LYS H 160 -54.84 -2.57 48.65
CA LYS H 160 -54.06 -1.95 49.71
C LYS H 160 -52.57 -2.30 49.66
N THR H 161 -52.16 -3.20 48.77
CA THR H 161 -50.78 -3.66 48.73
C THR H 161 -50.01 -3.16 47.51
N PHE H 162 -50.59 -2.28 46.71
CA PHE H 162 -49.92 -1.76 45.52
C PHE H 162 -48.71 -0.91 45.89
N GLY H 163 -47.57 -1.22 45.30
CA GLY H 163 -46.33 -0.52 45.59
C GLY H 163 -45.69 -0.85 46.93
N LYS H 164 -45.98 -2.02 47.51
CA LYS H 164 -45.50 -2.35 48.84
C LYS H 164 -44.77 -3.70 48.85
N ARG H 165 -43.94 -3.90 49.89
CA ARG H 165 -43.19 -5.12 50.11
C ARG H 165 -43.21 -5.46 51.60
N LEU H 166 -42.78 -6.68 51.93
CA LEU H 166 -42.77 -7.14 53.32
C LEU H 166 -41.74 -6.40 54.17
N ASP H 167 -42.13 -6.09 55.41
CA ASP H 167 -41.26 -5.39 56.36
C ASP H 167 -40.56 -6.42 57.27
N ILE H 168 -39.65 -7.18 56.66
CA ILE H 168 -38.85 -8.17 57.37
C ILE H 168 -37.39 -7.92 57.01
N ALA H 169 -36.52 -8.68 57.66
CA ALA H 169 -35.08 -8.59 57.40
C ALA H 169 -34.78 -9.04 55.96
N SER H 170 -33.87 -8.30 55.32
CA SER H 170 -33.55 -8.50 53.92
C SER H 170 -32.94 -9.88 53.68
N GLY H 171 -33.59 -10.65 52.82
CA GLY H 171 -33.17 -12.01 52.55
C GLY H 171 -33.93 -13.09 53.28
N THR H 172 -34.87 -12.74 54.16
CA THR H 172 -35.71 -13.72 54.83
C THR H 172 -37.06 -13.82 54.11
N ALA H 173 -37.94 -14.69 54.61
CA ALA H 173 -39.19 -14.99 53.90
C ALA H 173 -40.29 -15.38 54.88
N VAL H 174 -41.53 -15.39 54.36
CA VAL H 174 -42.73 -15.77 55.10
C VAL H 174 -43.41 -16.91 54.34
N ARG H 175 -43.82 -17.96 55.06
CA ARG H 175 -44.35 -19.18 54.47
C ARG H 175 -45.84 -19.33 54.75
N PHE H 176 -46.60 -19.76 53.72
CA PHE H 176 -48.03 -20.04 53.84
C PHE H 176 -48.30 -21.50 53.47
N GLU H 177 -48.71 -22.29 54.46
CA GLU H 177 -49.18 -23.65 54.20
C GLU H 177 -50.55 -23.63 53.53
N PRO H 178 -50.96 -24.73 52.89
CA PRO H 178 -52.34 -24.79 52.36
C PRO H 178 -53.39 -24.66 53.46
N GLY H 179 -54.33 -23.74 53.23
CA GLY H 179 -55.36 -23.42 54.20
C GLY H 179 -54.96 -22.45 55.28
N GLU H 180 -53.69 -22.04 55.33
CA GLU H 180 -53.21 -21.19 56.41
C GLU H 180 -53.63 -19.74 56.19
N GLU H 181 -53.92 -19.06 57.30
CA GLU H 181 -54.29 -17.65 57.29
C GLU H 181 -53.53 -16.91 58.39
N LYS H 182 -52.90 -15.80 58.04
CA LYS H 182 -52.16 -14.98 58.99
C LYS H 182 -52.04 -13.56 58.45
N SER H 183 -51.60 -12.65 59.30
CA SER H 183 -51.37 -11.26 58.94
C SER H 183 -49.90 -10.97 58.70
N VAL H 184 -49.63 -10.02 57.79
CA VAL H 184 -48.28 -9.60 57.45
C VAL H 184 -48.19 -8.08 57.54
N GLU H 185 -46.96 -7.58 57.63
CA GLU H 185 -46.67 -6.15 57.69
C GLU H 185 -46.02 -5.69 56.39
N LEU H 186 -46.52 -4.60 55.82
CA LEU H 186 -46.04 -4.12 54.52
C LEU H 186 -45.62 -2.66 54.59
N ILE H 187 -44.55 -2.31 53.88
CA ILE H 187 -44.01 -0.96 53.78
C ILE H 187 -43.81 -0.60 52.32
N ASP H 188 -43.69 0.71 52.05
CA ASP H 188 -43.53 1.21 50.70
C ASP H 188 -42.18 0.84 50.09
N ILE H 189 -42.21 0.52 48.80
CA ILE H 189 -40.99 0.33 48.01
C ILE H 189 -40.28 1.67 47.86
N GLY H 190 -38.96 1.68 48.03
CA GLY H 190 -38.15 2.88 47.93
C GLY H 190 -37.59 3.14 46.54
N GLY H 191 -36.61 4.05 46.50
CA GLY H 191 -35.96 4.39 45.25
C GLY H 191 -36.86 5.20 44.32
N ASN H 192 -36.68 4.97 43.02
CA ASN H 192 -37.49 5.62 42.00
C ASN H 192 -38.89 5.03 41.87
N ARG H 193 -39.17 3.89 42.53
CA ARG H 193 -40.45 3.18 42.49
C ARG H 193 -40.86 2.81 41.06
N ARG H 194 -39.90 2.35 40.27
CA ARG H 194 -40.14 1.82 38.93
C ARG H 194 -40.16 0.29 39.02
N ILE H 195 -41.30 -0.31 38.71
CA ILE H 195 -41.53 -1.73 38.94
C ILE H 195 -41.57 -2.44 37.60
N PHE H 196 -40.57 -3.27 37.32
CA PHE H 196 -40.47 -4.01 36.06
C PHE H 196 -40.34 -5.49 36.35
N GLY H 197 -41.19 -6.29 35.70
CA GLY H 197 -41.20 -7.73 35.86
C GLY H 197 -42.30 -8.28 36.76
N PHE H 198 -41.96 -9.36 37.46
CA PHE H 198 -42.64 -10.06 38.55
C PHE H 198 -43.92 -10.83 38.21
N ASN H 199 -44.79 -10.28 37.37
CA ASN H 199 -45.87 -10.99 36.70
C ASN H 199 -46.30 -10.17 35.49
N ALA H 200 -45.56 -9.08 35.23
CA ALA H 200 -45.86 -8.08 34.21
C ALA H 200 -47.25 -7.46 34.41
N LEU H 201 -47.59 -7.15 35.66
CA LEU H 201 -48.83 -6.44 35.94
C LEU H 201 -48.64 -4.92 35.98
N VAL H 202 -47.41 -4.43 36.13
CA VAL H 202 -47.19 -2.99 36.13
C VAL H 202 -46.30 -2.56 34.96
N ASP H 203 -45.02 -2.97 35.00
CA ASP H 203 -44.01 -2.67 33.96
C ASP H 203 -43.86 -1.17 33.68
N ARG H 204 -44.03 -0.31 34.69
CA ARG H 204 -43.92 1.13 34.52
C ARG H 204 -43.74 1.78 35.89
N GLN H 205 -43.79 3.11 35.91
CA GLN H 205 -43.76 3.88 37.16
C GLN H 205 -45.00 3.58 38.01
N ALA H 206 -44.77 3.35 39.30
CA ALA H 206 -45.87 3.08 40.22
C ALA H 206 -46.46 4.39 40.71
N ASP H 207 -47.75 4.60 40.45
CA ASP H 207 -48.51 5.75 40.91
C ASP H 207 -49.99 5.39 40.88
N ASN H 208 -50.86 6.36 41.15
CA ASN H 208 -52.29 6.10 41.21
C ASN H 208 -52.89 5.85 39.82
N GLU H 209 -52.31 6.44 38.78
CA GLU H 209 -52.76 6.14 37.41
C GLU H 209 -52.44 4.71 37.03
N SER H 210 -51.24 4.23 37.37
CA SER H 210 -50.86 2.87 37.00
C SER H 210 -51.53 1.82 37.87
N LYS H 211 -52.09 2.22 39.03
CA LYS H 211 -52.77 1.26 39.90
C LYS H 211 -54.06 0.74 39.27
N LYS H 212 -54.81 1.61 38.57
CA LYS H 212 -56.06 1.20 37.93
C LYS H 212 -55.82 0.18 36.82
N ILE H 213 -54.78 0.41 36.00
CA ILE H 213 -54.41 -0.52 34.94
C ILE H 213 -53.99 -1.87 35.53
N ALA H 214 -53.20 -1.84 36.61
CA ALA H 214 -52.74 -3.05 37.26
C ALA H 214 -53.89 -3.85 37.87
N LEU H 215 -54.87 -3.16 38.46
CA LEU H 215 -56.03 -3.84 39.03
C LEU H 215 -56.89 -4.47 37.94
N HIS H 216 -57.08 -3.78 36.81
CA HIS H 216 -57.83 -4.35 35.70
C HIS H 216 -57.13 -5.58 35.12
N ARG H 217 -55.80 -5.51 34.95
CA ARG H 217 -55.02 -6.64 34.45
C ARG H 217 -55.08 -7.82 35.42
N ALA H 218 -55.01 -7.55 36.73
CA ALA H 218 -55.05 -8.60 37.73
C ALA H 218 -56.42 -9.28 37.77
N LYS H 219 -57.50 -8.52 37.59
CA LYS H 219 -58.82 -9.13 37.56
C LYS H 219 -59.01 -10.00 36.32
N GLU H 220 -58.51 -9.55 35.16
CA GLU H 220 -58.67 -10.35 33.94
C GLU H 220 -57.89 -11.65 33.98
N ARG H 221 -56.79 -11.70 34.74
CA ARG H 221 -55.98 -12.90 34.85
C ARG H 221 -56.28 -13.71 36.10
N GLY H 222 -57.35 -13.38 36.82
CA GLY H 222 -57.85 -14.22 37.89
C GLY H 222 -57.09 -14.21 39.20
N PHE H 223 -56.45 -13.10 39.55
CA PHE H 223 -55.81 -12.99 40.85
C PHE H 223 -56.86 -12.76 41.94
N HIS H 224 -56.79 -13.55 43.01
CA HIS H 224 -57.83 -13.53 44.04
C HIS H 224 -57.80 -12.23 44.85
N GLY H 225 -58.98 -11.73 45.17
CA GLY H 225 -59.12 -10.55 46.01
C GLY H 225 -58.97 -9.23 45.31
N THR H 226 -58.88 -9.21 43.98
CA THR H 226 -58.74 -7.98 43.24
C THR H 226 -60.13 -7.43 42.92
N LYS H 227 -60.36 -6.17 43.28
CA LYS H 227 -61.64 -5.50 43.07
C LYS H 227 -61.41 -4.29 42.19
N SER H 228 -61.79 -4.40 40.92
CA SER H 228 -61.85 -3.26 40.02
C SER H 228 -63.24 -3.16 39.44
N ASP H 229 -63.75 -1.94 39.33
CA ASP H 229 -65.14 -1.70 39.00
C ASP H 229 -65.43 -2.03 37.54
N ASP H 230 -66.70 -2.30 37.27
CA ASP H 230 -67.16 -2.50 35.91
C ASP H 230 -67.18 -1.17 35.16
N ASN H 231 -67.37 -1.27 33.84
CA ASN H 231 -67.26 -0.14 32.90
C ASN H 231 -65.91 0.58 33.02
N TYR H 232 -64.85 -0.21 32.94
CA TYR H 232 -63.48 0.31 32.91
C TYR H 232 -63.22 1.04 31.60
N VAL H 233 -62.49 2.15 31.69
CA VAL H 233 -62.15 2.98 30.53
C VAL H 233 -60.69 2.75 30.17
N LYS H 234 -60.45 2.27 28.95
CA LYS H 234 -59.09 2.01 28.49
C LYS H 234 -58.36 3.31 28.16
N THR H 235 -57.03 3.27 28.26
CA THR H 235 -56.16 4.34 27.80
C THR H 235 -55.53 3.96 26.46
N ILE H 236 -54.71 4.86 25.93
CA ILE H 236 -54.06 4.64 24.64
C ILE H 236 -52.92 3.62 24.73
N LYS H 237 -52.32 3.43 25.91
CA LYS H 237 -51.24 2.47 26.08
C LYS H 237 -51.50 1.64 27.32
N GLU H 238 -51.91 0.39 27.14
CA GLU H 238 -52.15 -0.52 28.25
C GLU H 238 -51.31 -1.78 28.06
N MET I 1 48.85 6.45 -38.45
CA MET I 1 49.62 5.25 -38.10
C MET I 1 48.73 4.07 -37.73
N LYS I 2 47.60 4.38 -37.09
CA LYS I 2 46.64 3.42 -36.52
C LYS I 2 47.32 2.42 -35.58
N LEU I 3 47.97 2.97 -34.54
CA LEU I 3 48.65 2.14 -33.56
C LEU I 3 47.64 1.39 -32.67
N THR I 4 47.95 0.14 -32.39
CA THR I 4 47.27 -0.75 -31.45
C THR I 4 47.90 -0.64 -30.07
N PRO I 5 47.22 -1.08 -29.00
CA PRO I 5 47.86 -1.09 -27.67
C PRO I 5 49.14 -1.94 -27.57
N LYS I 6 49.21 -3.03 -28.34
CA LYS I 6 50.41 -3.86 -28.40
C LYS I 6 51.61 -3.06 -28.90
N GLU I 7 51.42 -2.25 -29.94
CA GLU I 7 52.49 -1.45 -30.51
C GLU I 7 53.01 -0.42 -29.51
N LEU I 8 52.12 0.20 -28.73
CA LEU I 8 52.51 1.16 -27.70
C LEU I 8 53.33 0.50 -26.58
N ASP I 9 52.88 -0.69 -26.13
CA ASP I 9 53.62 -1.42 -25.10
C ASP I 9 55.02 -1.82 -25.58
N LYS I 10 55.13 -2.25 -26.84
CA LYS I 10 56.43 -2.64 -27.37
C LYS I 10 57.35 -1.43 -27.59
N LEU I 11 56.78 -0.27 -27.92
CA LEU I 11 57.58 0.96 -28.02
C LEU I 11 58.19 1.34 -26.67
N MET I 12 57.40 1.23 -25.59
CA MET I 12 57.92 1.47 -24.25
C MET I 12 59.03 0.49 -23.90
N LEU I 13 58.85 -0.80 -24.24
CA LEU I 13 59.89 -1.80 -23.97
C LEU I 13 61.19 -1.52 -24.71
N HIS I 14 61.07 -1.06 -25.97
CA HIS I 14 62.26 -0.71 -26.76
C HIS I 14 63.05 0.41 -26.10
N TYR I 15 62.38 1.45 -25.62
CA TYR I 15 63.16 2.53 -25.03
C TYR I 15 63.68 2.22 -23.62
N ALA I 16 63.04 1.29 -22.90
CA ALA I 16 63.64 0.76 -21.68
C ALA I 16 64.96 0.03 -21.99
N GLY I 17 64.96 -0.77 -23.06
CA GLY I 17 66.19 -1.43 -23.48
C GLY I 17 67.27 -0.47 -23.94
N GLU I 18 66.87 0.63 -24.59
CA GLU I 18 67.84 1.64 -25.01
C GLU I 18 68.50 2.33 -23.81
N LEU I 19 67.72 2.63 -22.76
CA LEU I 19 68.29 3.19 -21.54
C LEU I 19 69.28 2.23 -20.89
N ALA I 20 68.95 0.93 -20.88
CA ALA I 20 69.87 -0.08 -20.35
C ALA I 20 71.17 -0.13 -21.15
N ARG I 21 71.08 0.00 -22.48
CA ARG I 21 72.28 -0.05 -23.31
C ARG I 21 73.17 1.18 -23.09
N LYS I 22 72.56 2.36 -22.93
CA LYS I 22 73.35 3.56 -22.62
C LYS I 22 74.05 3.45 -21.27
N ARG I 23 73.36 2.90 -20.26
CA ARG I 23 73.98 2.72 -18.97
C ARG I 23 75.11 1.68 -19.01
N LYS I 24 74.97 0.65 -19.84
CA LYS I 24 76.07 -0.30 -20.03
C LYS I 24 77.27 0.35 -20.71
N GLU I 25 77.01 1.24 -21.67
CA GLU I 25 78.12 1.95 -22.33
C GLU I 25 78.85 2.89 -21.37
N LYS I 26 78.15 3.42 -20.36
CA LYS I 26 78.85 4.26 -19.39
C LYS I 26 79.63 3.48 -18.34
N GLY I 27 79.60 2.15 -18.36
CA GLY I 27 80.35 1.35 -17.40
C GLY I 27 79.61 0.97 -16.14
N ILE I 28 78.29 1.06 -16.12
CA ILE I 28 77.49 0.77 -14.93
C ILE I 28 77.04 -0.69 -14.98
N LYS I 29 77.20 -1.40 -13.88
CA LYS I 29 76.74 -2.79 -13.79
C LYS I 29 75.22 -2.84 -13.76
N LEU I 30 74.63 -3.62 -14.66
CA LEU I 30 73.18 -3.63 -14.85
C LEU I 30 72.47 -4.39 -13.72
N ASN I 31 71.26 -3.94 -13.39
CA ASN I 31 70.43 -4.66 -12.43
C ASN I 31 69.50 -5.63 -13.17
N TYR I 32 68.50 -6.14 -12.44
CA TYR I 32 67.59 -7.16 -12.98
C TYR I 32 66.72 -6.62 -14.12
N VAL I 33 66.08 -5.46 -13.89
CA VAL I 33 65.17 -4.86 -14.87
C VAL I 33 65.91 -4.47 -16.13
N GLU I 34 67.09 -3.85 -15.98
CA GLU I 34 67.90 -3.41 -17.11
C GLU I 34 68.33 -4.58 -18.01
N ALA I 35 68.75 -5.69 -17.39
CA ALA I 35 69.19 -6.86 -18.15
C ALA I 35 68.06 -7.48 -18.94
N VAL I 36 66.87 -7.63 -18.30
CA VAL I 36 65.71 -8.19 -18.99
C VAL I 36 65.31 -7.31 -20.17
N ALA I 37 65.30 -5.98 -19.96
CA ALA I 37 64.92 -5.04 -21.02
C ALA I 37 65.90 -5.07 -22.19
N LEU I 38 67.20 -5.15 -21.90
CA LEU I 38 68.22 -5.15 -22.95
C LEU I 38 68.10 -6.38 -23.85
N ILE I 39 67.91 -7.56 -23.24
CA ILE I 39 67.78 -8.80 -24.03
C ILE I 39 66.52 -8.76 -24.90
N SER I 40 65.38 -8.31 -24.32
CA SER I 40 64.13 -8.25 -25.06
C SER I 40 64.21 -7.30 -26.27
N ALA I 41 64.79 -6.11 -26.06
CA ALA I 41 64.88 -5.12 -27.14
C ALA I 41 65.78 -5.59 -28.27
N HIS I 42 66.91 -6.25 -27.93
CA HIS I 42 67.80 -6.78 -28.96
C HIS I 42 67.10 -7.83 -29.82
N ILE I 43 66.32 -8.73 -29.19
CA ILE I 43 65.62 -9.77 -29.95
C ILE I 43 64.59 -9.15 -30.90
N MET I 44 63.84 -8.13 -30.44
CA MET I 44 62.85 -7.48 -31.29
C MET I 44 63.48 -6.81 -32.52
N GLU I 45 64.61 -6.13 -32.34
CA GLU I 45 65.27 -5.50 -33.50
C GLU I 45 65.80 -6.53 -34.49
N GLU I 46 66.38 -7.63 -33.99
CA GLU I 46 66.89 -8.67 -34.88
C GLU I 46 65.77 -9.34 -35.67
N ALA I 47 64.60 -9.50 -35.05
CA ALA I 47 63.49 -10.08 -35.80
C ALA I 47 62.92 -9.11 -36.83
N ARG I 48 62.95 -7.80 -36.55
CA ARG I 48 62.52 -6.82 -37.55
C ARG I 48 63.44 -6.84 -38.78
N ALA I 49 64.74 -7.05 -38.57
CA ALA I 49 65.69 -7.06 -39.68
C ALA I 49 65.43 -8.18 -40.68
N GLY I 50 64.93 -9.32 -40.23
CA GLY I 50 64.44 -10.34 -41.14
C GLY I 50 65.45 -11.30 -41.72
N LYS I 51 66.67 -11.38 -41.16
CA LYS I 51 67.69 -12.24 -41.72
C LYS I 51 68.00 -13.46 -40.86
N LYS I 52 67.29 -13.66 -39.76
CA LYS I 52 67.56 -14.77 -38.85
C LYS I 52 66.26 -15.45 -38.45
N THR I 53 66.36 -16.74 -38.16
CA THR I 53 65.23 -17.51 -37.67
C THR I 53 65.07 -17.34 -36.16
N ALA I 54 63.95 -17.83 -35.64
CA ALA I 54 63.69 -17.73 -34.20
C ALA I 54 64.62 -18.63 -33.40
N ALA I 55 64.96 -19.79 -33.96
CA ALA I 55 65.85 -20.74 -33.27
C ALA I 55 67.27 -20.19 -33.16
N GLU I 56 67.73 -19.46 -34.18
CA GLU I 56 69.03 -18.81 -34.09
C GLU I 56 69.02 -17.68 -33.06
N LEU I 57 67.90 -16.95 -32.96
CA LEU I 57 67.81 -15.87 -31.99
C LEU I 57 67.77 -16.39 -30.56
N MET I 58 67.21 -17.60 -30.36
CA MET I 58 67.23 -18.24 -29.05
C MET I 58 68.65 -18.49 -28.56
N GLN I 59 69.59 -18.78 -29.46
CA GLN I 59 70.99 -18.94 -29.07
C GLN I 59 71.75 -17.62 -29.05
N GLU I 60 71.38 -16.68 -29.91
CA GLU I 60 72.06 -15.39 -29.95
C GLU I 60 71.77 -14.57 -28.69
N GLY I 61 70.61 -14.78 -28.06
CA GLY I 61 70.28 -14.05 -26.84
C GLY I 61 71.14 -14.40 -25.64
N ARG I 62 71.88 -15.51 -25.69
CA ARG I 62 72.71 -15.95 -24.58
C ARG I 62 74.12 -15.36 -24.59
N THR I 63 74.48 -14.59 -25.61
CA THR I 63 75.81 -14.02 -25.72
C THR I 63 75.85 -12.52 -25.45
N LEU I 64 74.72 -11.91 -25.10
CA LEU I 64 74.66 -10.46 -25.00
C LEU I 64 75.32 -9.91 -23.74
N LEU I 65 75.27 -10.63 -22.63
CA LEU I 65 75.74 -10.13 -21.35
C LEU I 65 76.75 -11.10 -20.74
N LYS I 66 77.96 -10.61 -20.50
CA LYS I 66 78.97 -11.36 -19.77
C LYS I 66 78.64 -11.38 -18.28
N PRO I 67 79.19 -12.35 -17.52
CA PRO I 67 78.94 -12.37 -16.06
C PRO I 67 79.45 -11.13 -15.32
N ASP I 68 80.45 -10.43 -15.84
CA ASP I 68 80.94 -9.22 -15.17
C ASP I 68 80.11 -7.98 -15.50
N ASP I 69 79.15 -8.07 -16.42
CA ASP I 69 78.36 -6.92 -16.81
C ASP I 69 77.21 -6.60 -15.87
N VAL I 70 76.87 -7.50 -14.94
CA VAL I 70 75.68 -7.34 -14.12
C VAL I 70 76.06 -7.33 -12.65
N MET I 71 75.15 -6.81 -11.82
CA MET I 71 75.34 -6.81 -10.39
C MET I 71 75.26 -8.23 -9.84
N ASP I 72 75.84 -8.41 -8.65
CA ASP I 72 75.82 -9.69 -7.97
C ASP I 72 74.40 -10.08 -7.60
N GLY I 73 73.99 -11.28 -8.02
CA GLY I 73 72.66 -11.78 -7.78
C GLY I 73 71.72 -11.72 -8.97
N VAL I 74 72.07 -10.99 -10.02
CA VAL I 74 71.19 -10.85 -11.18
C VAL I 74 71.04 -12.18 -11.93
N ALA I 75 72.16 -12.89 -12.13
CA ALA I 75 72.14 -14.10 -12.95
C ALA I 75 71.33 -15.23 -12.32
N SER I 76 71.28 -15.31 -10.99
CA SER I 76 70.46 -16.34 -10.36
C SER I 76 68.98 -16.02 -10.39
N MET I 77 68.60 -14.75 -10.61
CA MET I 77 67.20 -14.35 -10.64
C MET I 77 66.55 -14.51 -12.01
N ILE I 78 67.33 -14.53 -13.08
CA ILE I 78 66.81 -14.58 -14.44
C ILE I 78 66.94 -16.02 -14.93
N HIS I 79 65.84 -16.75 -14.93
CA HIS I 79 65.84 -18.12 -15.43
C HIS I 79 65.57 -18.19 -16.92
N GLU I 80 64.64 -17.37 -17.42
CA GLU I 80 64.38 -17.27 -18.84
C GLU I 80 63.77 -15.91 -19.16
N VAL I 81 63.96 -15.46 -20.40
CA VAL I 81 63.34 -14.25 -20.92
C VAL I 81 62.56 -14.61 -22.17
N GLY I 82 61.28 -14.26 -22.18
CA GLY I 82 60.41 -14.49 -23.33
C GLY I 82 59.98 -13.18 -23.95
N ILE I 83 59.83 -13.19 -25.28
CA ILE I 83 59.41 -12.01 -26.03
C ILE I 83 58.80 -12.48 -27.34
N GLU I 84 57.67 -11.88 -27.71
CA GLU I 84 57.06 -12.10 -29.01
C GLU I 84 57.53 -11.03 -29.99
N ALA I 85 57.87 -11.44 -31.20
CA ALA I 85 58.35 -10.51 -32.21
C ALA I 85 57.83 -10.91 -33.58
N MET I 86 57.66 -9.92 -34.45
CA MET I 86 57.10 -10.15 -35.78
C MET I 86 58.22 -10.36 -36.79
N PHE I 87 58.27 -11.56 -37.34
CA PHE I 87 59.19 -12.01 -38.38
C PHE I 87 58.54 -11.73 -39.74
N PRO I 88 59.20 -11.97 -40.88
CA PRO I 88 58.48 -11.89 -42.17
C PRO I 88 57.33 -12.90 -42.30
N ASP I 89 57.35 -14.00 -41.57
CA ASP I 89 56.27 -14.97 -41.59
C ASP I 89 55.28 -14.79 -40.43
N GLY I 90 55.38 -13.70 -39.69
CA GLY I 90 54.41 -13.38 -38.66
C GLY I 90 55.00 -13.39 -37.26
N THR I 91 54.10 -13.24 -36.28
CA THR I 91 54.48 -13.18 -34.87
C THR I 91 54.85 -14.56 -34.35
N LYS I 92 56.02 -14.64 -33.70
CA LYS I 92 56.51 -15.88 -33.08
C LYS I 92 57.02 -15.58 -31.68
N LEU I 93 56.98 -16.59 -30.82
CA LEU I 93 57.50 -16.48 -29.46
C LEU I 93 58.95 -16.99 -29.41
N VAL I 94 59.83 -16.19 -28.84
CA VAL I 94 61.23 -16.54 -28.66
C VAL I 94 61.55 -16.54 -27.18
N THR I 95 62.03 -17.67 -26.66
CA THR I 95 62.40 -17.81 -25.26
C THR I 95 63.90 -18.05 -25.16
N VAL I 96 64.57 -17.24 -24.35
CA VAL I 96 66.01 -17.34 -24.14
C VAL I 96 66.26 -18.01 -22.79
N HIS I 97 66.90 -19.16 -22.79
CA HIS I 97 67.12 -19.96 -21.59
C HIS I 97 68.49 -19.68 -20.98
N THR I 98 68.50 -19.34 -19.69
CA THR I 98 69.66 -19.02 -18.83
C THR I 98 70.65 -18.10 -19.54
N PRO I 99 70.32 -16.82 -19.74
CA PRO I 99 71.18 -15.98 -20.58
C PRO I 99 72.49 -15.57 -19.93
N ILE I 100 72.60 -15.56 -18.60
CA ILE I 100 73.78 -15.05 -17.91
C ILE I 100 74.28 -16.11 -16.94
N GLU I 101 75.59 -16.38 -16.98
CA GLU I 101 76.22 -17.19 -15.95
C GLU I 101 76.53 -16.35 -14.72
N ALA I 102 76.52 -16.99 -13.55
CA ALA I 102 76.76 -16.31 -12.29
C ALA I 102 78.25 -16.28 -11.96
N ASN I 103 78.66 -15.26 -11.20
CA ASN I 103 80.05 -15.16 -10.77
C ASN I 103 80.23 -14.81 -9.30
N GLY I 104 79.18 -14.44 -8.57
CA GLY I 104 79.26 -14.17 -7.16
C GLY I 104 78.52 -15.20 -6.33
N LYS I 105 78.40 -14.90 -5.04
CA LYS I 105 77.82 -15.84 -4.08
C LYS I 105 76.41 -15.46 -3.62
N LEU I 106 75.95 -14.25 -3.90
CA LEU I 106 74.64 -13.80 -3.44
C LEU I 106 73.53 -14.47 -4.24
N VAL I 107 72.67 -15.22 -3.58
CA VAL I 107 71.50 -15.83 -4.19
C VAL I 107 70.26 -15.33 -3.46
N PRO I 108 69.51 -14.40 -4.05
CA PRO I 108 68.26 -13.94 -3.42
C PRO I 108 67.21 -15.05 -3.40
N GLY I 109 66.54 -15.18 -2.26
CA GLY I 109 65.58 -16.26 -2.06
C GLY I 109 66.18 -17.65 -2.01
N GLU I 110 67.41 -17.77 -1.50
CA GLU I 110 68.11 -19.05 -1.44
C GLU I 110 67.46 -20.01 -0.45
N LEU I 111 67.40 -21.29 -0.82
CA LEU I 111 66.85 -22.33 0.04
C LEU I 111 67.99 -23.08 0.73
N PHE I 112 67.85 -23.30 2.05
CA PHE I 112 68.78 -24.11 2.83
C PHE I 112 68.02 -25.33 3.33
N LEU I 113 68.30 -26.50 2.75
CA LEU I 113 67.53 -27.70 3.02
C LEU I 113 68.27 -28.64 3.96
N LYS I 114 67.51 -29.42 4.71
CA LYS I 114 68.06 -30.57 5.41
C LYS I 114 68.36 -31.68 4.40
N ASN I 115 69.13 -32.67 4.83
CA ASN I 115 69.55 -33.74 3.93
C ASN I 115 68.82 -35.06 4.19
N GLU I 116 67.80 -35.08 5.03
CA GLU I 116 67.05 -36.31 5.25
C GLU I 116 65.97 -36.48 4.19
N ASP I 117 65.77 -37.73 3.77
CA ASP I 117 64.76 -38.05 2.78
C ASP I 117 63.36 -37.99 3.38
N ILE I 118 62.36 -37.85 2.51
CA ILE I 118 60.95 -37.82 2.90
C ILE I 118 60.34 -39.17 2.56
N THR I 119 59.64 -39.77 3.51
CA THR I 119 58.94 -41.03 3.31
C THR I 119 57.47 -40.74 2.99
N ILE I 120 57.02 -41.11 1.80
CA ILE I 120 55.63 -40.90 1.39
C ILE I 120 54.86 -42.19 1.55
N ASN I 121 53.55 -42.05 1.80
CA ASN I 121 52.60 -43.17 1.94
C ASN I 121 53.02 -44.13 3.06
N GLU I 122 53.32 -43.58 4.22
CA GLU I 122 53.80 -44.37 5.35
C GLU I 122 52.69 -45.29 5.87
N GLY I 123 53.06 -46.53 6.17
CA GLY I 123 52.09 -47.50 6.63
C GLY I 123 51.28 -48.19 5.55
N LYS I 124 51.55 -47.90 4.29
CA LYS I 124 50.88 -48.55 3.17
C LYS I 124 51.83 -49.58 2.56
N LYS I 125 51.40 -50.85 2.55
CA LYS I 125 52.19 -51.92 1.99
C LYS I 125 51.86 -52.08 0.50
N ALA I 126 52.90 -52.19 -0.32
CA ALA I 126 52.74 -52.24 -1.77
C ALA I 126 52.77 -53.66 -2.29
N VAL I 127 52.13 -53.87 -3.44
CA VAL I 127 52.21 -55.10 -4.22
C VAL I 127 52.72 -54.77 -5.62
N SER I 128 53.24 -55.79 -6.31
CA SER I 128 53.87 -55.61 -7.62
C SER I 128 53.08 -56.36 -8.70
N VAL I 129 52.82 -55.67 -9.82
CA VAL I 129 51.99 -56.19 -10.91
C VAL I 129 52.70 -55.92 -12.24
N LYS I 130 52.77 -56.95 -13.10
CA LYS I 130 53.34 -56.81 -14.44
C LYS I 130 52.28 -56.36 -15.45
N VAL I 131 52.61 -55.31 -16.22
CA VAL I 131 51.66 -54.65 -17.13
C VAL I 131 52.27 -54.58 -18.52
N LYS I 132 51.47 -54.92 -19.55
CA LYS I 132 51.92 -54.85 -20.94
C LYS I 132 50.93 -54.05 -21.79
N ASN I 133 51.45 -53.13 -22.61
CA ASN I 133 50.67 -52.36 -23.57
C ASN I 133 50.63 -53.12 -24.90
N VAL I 134 49.48 -53.71 -25.24
CA VAL I 134 49.33 -54.44 -26.48
C VAL I 134 48.64 -53.62 -27.56
N GLY I 135 48.39 -52.33 -27.30
CA GLY I 135 47.87 -51.44 -28.31
C GLY I 135 48.96 -50.81 -29.15
N ASP I 136 48.55 -49.89 -30.02
CA ASP I 136 49.47 -49.24 -30.94
C ASP I 136 49.70 -47.76 -30.63
N ARG I 137 49.22 -47.27 -29.48
CA ARG I 137 49.36 -45.87 -29.10
C ARG I 137 49.84 -45.77 -27.66
N PRO I 138 50.65 -44.75 -27.33
CA PRO I 138 51.21 -44.66 -25.97
C PRO I 138 50.18 -44.29 -24.92
N VAL I 139 50.42 -44.76 -23.69
CA VAL I 139 49.52 -44.59 -22.55
C VAL I 139 50.33 -44.11 -21.36
N GLN I 140 49.82 -43.10 -20.64
CA GLN I 140 50.47 -42.54 -19.47
C GLN I 140 49.45 -42.41 -18.33
N ILE I 141 49.81 -42.90 -17.14
CA ILE I 141 48.87 -43.05 -16.01
C ILE I 141 49.36 -42.23 -14.82
N GLY I 142 48.48 -41.40 -14.25
CA GLY I 142 48.82 -40.57 -13.10
C GLY I 142 48.76 -41.30 -11.75
N SER I 143 49.18 -40.58 -10.71
CA SER I 143 49.45 -41.20 -9.41
C SER I 143 48.17 -41.59 -8.66
N HIS I 144 47.07 -40.89 -8.87
CA HIS I 144 45.85 -41.13 -8.09
C HIS I 144 44.70 -41.68 -8.93
N PHE I 145 44.98 -42.15 -10.14
CA PHE I 145 43.94 -42.80 -10.94
C PHE I 145 43.66 -44.19 -10.38
N HIS I 146 42.39 -44.60 -10.40
CA HIS I 146 42.00 -45.96 -10.00
C HIS I 146 42.52 -46.94 -11.03
N PHE I 147 43.58 -47.70 -10.68
CA PHE I 147 44.34 -48.46 -11.66
C PHE I 147 43.55 -49.59 -12.30
N PHE I 148 42.50 -50.08 -11.63
CA PHE I 148 41.60 -51.07 -12.20
C PHE I 148 40.92 -50.59 -13.48
N GLU I 149 40.71 -49.28 -13.63
CA GLU I 149 39.90 -48.73 -14.71
C GLU I 149 40.71 -48.05 -15.81
N VAL I 150 41.99 -48.38 -15.95
CA VAL I 150 42.83 -47.78 -17.00
C VAL I 150 42.46 -48.34 -18.36
N ASN I 151 43.01 -47.73 -19.41
CA ASN I 151 42.80 -48.04 -20.84
C ASN I 151 42.77 -49.54 -21.11
N ARG I 152 41.73 -49.97 -21.83
CA ARG I 152 41.44 -51.39 -22.02
C ARG I 152 42.49 -52.12 -22.85
N CYS I 153 43.37 -51.40 -23.54
CA CYS I 153 44.47 -52.01 -24.27
C CYS I 153 45.66 -52.38 -23.38
N LEU I 154 45.65 -52.02 -22.10
CA LEU I 154 46.66 -52.51 -21.18
C LEU I 154 46.26 -53.88 -20.67
N ASP I 155 47.19 -54.82 -20.68
CA ASP I 155 46.93 -56.20 -20.29
C ASP I 155 47.63 -56.51 -18.98
N PHE I 156 46.85 -56.86 -17.95
CA PHE I 156 47.37 -57.21 -16.63
C PHE I 156 46.27 -57.92 -15.86
N ASP I 157 46.66 -58.55 -14.75
CA ASP I 157 45.72 -59.24 -13.87
C ASP I 157 44.89 -58.22 -13.10
N ARG I 158 43.71 -57.86 -13.64
CA ARG I 158 42.96 -56.73 -13.12
C ARG I 158 42.32 -57.01 -11.76
N GLU I 159 42.13 -58.28 -11.40
CA GLU I 159 41.53 -58.65 -10.13
C GLU I 159 42.39 -58.18 -8.95
N LYS I 160 43.71 -58.22 -9.10
CA LYS I 160 44.60 -57.84 -8.02
C LYS I 160 44.74 -56.33 -7.84
N THR I 161 44.16 -55.53 -8.73
CA THR I 161 44.35 -54.08 -8.68
C THR I 161 43.09 -53.33 -8.25
N PHE I 162 42.04 -54.02 -7.84
CA PHE I 162 40.81 -53.38 -7.43
C PHE I 162 41.02 -52.57 -6.15
N GLY I 163 40.60 -51.31 -6.18
CA GLY I 163 40.77 -50.41 -5.05
C GLY I 163 42.18 -49.91 -4.82
N LYS I 164 43.03 -49.90 -5.84
CA LYS I 164 44.44 -49.55 -5.67
C LYS I 164 44.87 -48.45 -6.65
N ARG I 165 45.97 -47.77 -6.30
CA ARG I 165 46.56 -46.72 -7.12
C ARG I 165 48.08 -46.86 -7.08
N LEU I 166 48.76 -46.12 -7.96
CA LEU I 166 50.22 -46.18 -8.06
C LEU I 166 50.91 -45.58 -6.83
N ASP I 167 51.99 -46.23 -6.39
CA ASP I 167 52.77 -45.77 -5.23
C ASP I 167 53.96 -44.94 -5.71
N ILE I 168 53.65 -43.76 -6.24
CA ILE I 168 54.65 -42.80 -6.70
C ILE I 168 54.32 -41.46 -6.07
N ALA I 169 55.22 -40.50 -6.31
CA ALA I 169 55.03 -39.14 -5.79
C ALA I 169 53.81 -38.50 -6.43
N SER I 170 53.04 -37.78 -5.60
CA SER I 170 51.77 -37.20 -6.01
C SER I 170 51.95 -36.17 -7.11
N GLY I 171 51.30 -36.39 -8.24
CA GLY I 171 51.44 -35.54 -9.40
C GLY I 171 52.39 -36.04 -10.47
N THR I 172 53.07 -37.16 -10.26
CA THR I 172 53.93 -37.76 -11.28
C THR I 172 53.17 -38.87 -12.00
N ALA I 173 53.83 -39.50 -12.98
CA ALA I 173 53.15 -40.47 -13.84
C ALA I 173 54.13 -41.54 -14.35
N VAL I 174 53.55 -42.60 -14.89
CA VAL I 174 54.28 -43.73 -15.48
C VAL I 174 53.81 -43.90 -16.92
N ARG I 175 54.77 -44.06 -17.84
CA ARG I 175 54.50 -44.08 -19.28
C ARG I 175 54.71 -45.48 -19.87
N PHE I 176 53.80 -45.90 -20.75
CA PHE I 176 53.89 -47.17 -21.46
C PHE I 176 53.91 -46.92 -22.96
N GLU I 177 55.04 -47.21 -23.61
CA GLU I 177 55.15 -47.18 -25.05
C GLU I 177 54.40 -48.37 -25.66
N PRO I 178 54.07 -48.33 -26.95
CA PRO I 178 53.48 -49.51 -27.61
C PRO I 178 54.43 -50.70 -27.58
N GLY I 179 53.90 -51.84 -27.13
CA GLY I 179 54.67 -53.05 -26.96
C GLY I 179 55.47 -53.14 -25.68
N GLU I 180 55.50 -52.09 -24.86
CA GLU I 180 56.32 -52.07 -23.67
C GLU I 180 55.70 -52.88 -22.54
N GLU I 181 56.56 -53.54 -21.77
CA GLU I 181 56.14 -54.33 -20.61
C GLU I 181 57.04 -54.01 -19.43
N LYS I 182 56.44 -53.71 -18.27
CA LYS I 182 57.18 -53.42 -17.05
C LYS I 182 56.28 -53.66 -15.85
N SER I 183 56.89 -53.65 -14.67
CA SER I 183 56.17 -53.83 -13.41
C SER I 183 55.97 -52.50 -12.70
N VAL I 184 54.85 -52.39 -11.97
CA VAL I 184 54.51 -51.21 -11.20
C VAL I 184 54.17 -51.61 -9.76
N GLU I 185 54.21 -50.64 -8.87
CA GLU I 185 53.89 -50.82 -7.45
C GLU I 185 52.56 -50.15 -7.13
N LEU I 186 51.68 -50.87 -6.43
CA LEU I 186 50.34 -50.38 -6.13
C LEU I 186 50.04 -50.45 -4.64
N ILE I 187 49.33 -49.43 -4.13
CA ILE I 187 48.91 -49.35 -2.73
C ILE I 187 47.41 -49.05 -2.68
N ASP I 188 46.82 -49.30 -1.52
CA ASP I 188 45.38 -49.11 -1.32
C ASP I 188 44.98 -47.63 -1.35
N ILE I 189 43.82 -47.35 -1.95
CA ILE I 189 43.21 -46.03 -1.88
C ILE I 189 42.74 -45.76 -0.46
N GLY I 190 42.99 -44.55 0.03
CA GLY I 190 42.62 -44.16 1.38
C GLY I 190 41.26 -43.51 1.49
N GLY I 191 41.03 -42.85 2.62
CA GLY I 191 39.78 -42.16 2.87
C GLY I 191 38.61 -43.12 3.09
N ASN I 192 37.44 -42.67 2.63
CA ASN I 192 36.24 -43.49 2.71
C ASN I 192 36.18 -44.60 1.66
N ARG I 193 37.10 -44.59 0.69
CA ARG I 193 37.16 -45.58 -0.41
C ARG I 193 35.87 -45.63 -1.22
N ARG I 194 35.30 -44.45 -1.50
CA ARG I 194 34.15 -44.31 -2.38
C ARG I 194 34.64 -43.87 -3.76
N ILE I 195 34.44 -44.71 -4.76
CA ILE I 195 35.03 -44.52 -6.08
C ILE I 195 33.93 -44.13 -7.06
N PHE I 196 33.96 -42.88 -7.53
CA PHE I 196 32.95 -42.38 -8.46
C PHE I 196 33.64 -41.84 -9.71
N GLY I 197 33.18 -42.29 -10.88
CA GLY I 197 33.74 -41.87 -12.15
C GLY I 197 34.67 -42.87 -12.82
N PHE I 198 35.65 -42.32 -13.51
CA PHE I 198 36.84 -42.91 -14.14
C PHE I 198 36.64 -43.82 -15.35
N ASN I 199 35.62 -44.67 -15.35
CA ASN I 199 35.11 -45.38 -16.51
C ASN I 199 33.70 -45.84 -16.20
N ALA I 200 33.20 -45.44 -15.02
CA ALA I 200 31.93 -45.89 -14.44
C ALA I 200 31.86 -47.41 -14.30
N LEU I 201 32.96 -48.02 -13.86
CA LEU I 201 32.94 -49.44 -13.56
C LEU I 201 32.59 -49.74 -12.10
N VAL I 202 32.68 -48.77 -11.20
CA VAL I 202 32.30 -49.01 -9.81
C VAL I 202 31.12 -48.13 -9.40
N ASP I 203 31.35 -46.81 -9.32
CA ASP I 203 30.34 -45.79 -8.95
C ASP I 203 29.67 -46.08 -7.60
N ARG I 204 30.40 -46.66 -6.65
CA ARG I 204 29.85 -46.98 -5.32
C ARG I 204 31.00 -47.22 -4.35
N GLN I 205 30.65 -47.69 -3.15
CA GLN I 205 31.64 -48.09 -2.14
C GLN I 205 32.46 -49.28 -2.64
N ALA I 206 33.78 -49.19 -2.48
CA ALA I 206 34.67 -50.27 -2.88
C ALA I 206 34.74 -51.32 -1.77
N ASP I 207 34.35 -52.56 -2.09
CA ASP I 207 34.43 -53.69 -1.18
C ASP I 207 34.40 -54.97 -2.03
N ASN I 208 34.34 -56.12 -1.37
CA ASN I 208 34.37 -57.40 -2.09
C ASN I 208 33.07 -57.67 -2.85
N GLU I 209 31.94 -57.16 -2.35
CA GLU I 209 30.68 -57.27 -3.10
C GLU I 209 30.72 -56.46 -4.38
N SER I 210 31.26 -55.25 -4.32
CA SER I 210 31.30 -54.40 -5.51
C SER I 210 32.38 -54.85 -6.50
N LYS I 211 33.35 -55.67 -6.07
CA LYS I 211 34.40 -56.14 -6.96
C LYS I 211 33.86 -57.10 -8.02
N LYS I 212 32.90 -57.95 -7.65
CA LYS I 212 32.31 -58.90 -8.60
C LYS I 212 31.54 -58.19 -9.71
N ILE I 213 30.75 -57.17 -9.34
CA ILE I 213 30.01 -56.36 -10.30
C ILE I 213 30.98 -55.64 -11.25
N ALA I 214 32.05 -55.08 -10.70
CA ALA I 214 33.05 -54.36 -11.50
C ALA I 214 33.77 -55.28 -12.47
N LEU I 215 34.09 -56.51 -12.04
CA LEU I 215 34.73 -57.47 -12.92
C LEU I 215 33.81 -57.92 -14.05
N HIS I 216 32.52 -58.13 -13.74
CA HIS I 216 31.56 -58.49 -14.78
C HIS I 216 31.39 -57.36 -15.80
N ARG I 217 31.28 -56.12 -15.31
CA ARG I 217 31.18 -54.96 -16.20
C ARG I 217 32.42 -54.79 -17.06
N ALA I 218 33.60 -55.02 -16.48
CA ALA I 218 34.85 -54.87 -17.24
C ALA I 218 35.00 -55.94 -18.30
N LYS I 219 34.54 -57.17 -18.01
CA LYS I 219 34.58 -58.21 -19.03
C LYS I 219 33.62 -57.93 -20.17
N GLU I 220 32.41 -57.43 -19.87
CA GLU I 220 31.45 -57.16 -20.94
C GLU I 220 31.89 -56.00 -21.84
N ARG I 221 32.71 -55.09 -21.34
CA ARG I 221 33.20 -53.96 -22.13
C ARG I 221 34.60 -54.20 -22.68
N GLY I 222 35.13 -55.41 -22.57
CA GLY I 222 36.34 -55.77 -23.26
C GLY I 222 37.65 -55.26 -22.68
N PHE I 223 37.73 -55.07 -21.36
CA PHE I 223 38.99 -54.69 -20.75
C PHE I 223 39.90 -55.92 -20.64
N HIS I 224 41.15 -55.77 -21.09
CA HIS I 224 42.06 -56.90 -21.18
C HIS I 224 42.50 -57.40 -19.80
N GLY I 225 42.58 -58.72 -19.66
CA GLY I 225 43.06 -59.34 -18.45
C GLY I 225 42.04 -59.51 -17.35
N THR I 226 40.77 -59.22 -17.62
CA THR I 226 39.73 -59.37 -16.61
C THR I 226 39.18 -60.79 -16.66
N LYS I 227 39.17 -61.46 -15.51
CA LYS I 227 38.71 -62.83 -15.40
C LYS I 227 37.54 -62.86 -14.42
N SER I 228 36.33 -63.00 -14.94
CA SER I 228 35.15 -63.26 -14.13
C SER I 228 34.47 -64.52 -14.66
N ASP I 229 34.00 -65.36 -13.74
CA ASP I 229 33.54 -66.68 -14.08
C ASP I 229 32.21 -66.63 -14.82
N ASP I 230 31.93 -67.69 -15.56
CA ASP I 230 30.65 -67.86 -16.22
C ASP I 230 29.57 -68.18 -15.20
N ASN I 231 28.31 -68.12 -15.65
CA ASN I 231 27.11 -68.23 -14.81
C ASN I 231 27.13 -67.21 -13.68
N TYR I 232 27.33 -65.95 -14.05
CA TYR I 232 27.25 -64.83 -13.12
C TYR I 232 25.81 -64.61 -12.67
N VAL I 233 25.63 -64.28 -11.38
CA VAL I 233 24.31 -64.06 -10.79
C VAL I 233 24.14 -62.55 -10.59
N LYS I 234 23.11 -61.99 -11.23
CA LYS I 234 22.83 -60.57 -11.11
C LYS I 234 22.21 -60.23 -9.75
N THR I 235 22.40 -58.99 -9.32
CA THR I 235 21.73 -58.44 -8.15
C THR I 235 20.58 -57.52 -8.60
N ILE I 236 19.88 -56.96 -7.62
CA ILE I 236 18.74 -56.08 -7.91
C ILE I 236 19.19 -54.71 -8.43
N LYS I 237 20.40 -54.26 -8.11
CA LYS I 237 20.90 -52.97 -8.58
C LYS I 237 22.31 -53.16 -9.13
N GLU I 238 22.44 -53.13 -10.45
CA GLU I 238 23.73 -53.23 -11.12
C GLU I 238 23.96 -52.03 -12.01
N MET J 1 18.27 -35.82 47.85
CA MET J 1 17.89 -37.15 47.36
C MET J 1 18.04 -37.25 45.84
N LYS J 2 17.76 -36.15 45.15
CA LYS J 2 17.72 -36.04 43.69
C LYS J 2 16.80 -37.10 43.06
N LEU J 3 15.53 -37.07 43.49
CA LEU J 3 14.54 -38.00 42.96
C LEU J 3 14.18 -37.68 41.51
N THR J 4 14.04 -38.71 40.70
CA THR J 4 13.55 -38.71 39.34
C THR J 4 12.04 -38.93 39.32
N PRO J 5 11.34 -38.61 38.21
CA PRO J 5 9.90 -38.92 38.14
C PRO J 5 9.55 -40.40 38.27
N LYS J 6 10.43 -41.29 37.81
CA LYS J 6 10.25 -42.73 37.98
C LYS J 6 10.19 -43.13 39.45
N GLU J 7 11.07 -42.55 40.27
CA GLU J 7 11.11 -42.85 41.70
C GLU J 7 9.83 -42.41 42.40
N LEU J 8 9.28 -41.24 42.01
CA LEU J 8 8.03 -40.76 42.59
C LEU J 8 6.85 -41.66 42.23
N ASP J 9 6.78 -42.08 40.95
CA ASP J 9 5.71 -42.99 40.52
C ASP J 9 5.78 -44.33 41.25
N LYS J 10 6.99 -44.87 41.45
CA LYS J 10 7.13 -46.13 42.16
C LYS J 10 6.82 -46.00 43.65
N LEU J 11 7.09 -44.84 44.26
CA LEU J 11 6.71 -44.60 45.65
C LEU J 11 5.20 -44.61 45.83
N MET J 12 4.47 -43.98 44.89
CA MET J 12 3.01 -44.04 44.90
C MET J 12 2.50 -45.47 44.77
N LEU J 13 3.11 -46.25 43.86
CA LEU J 13 2.71 -47.64 43.67
C LEU J 13 2.92 -48.48 44.94
N HIS J 14 4.04 -48.24 45.63
CA HIS J 14 4.33 -48.96 46.88
C HIS J 14 3.28 -48.69 47.94
N TYR J 15 2.85 -47.43 48.09
CA TYR J 15 1.86 -47.20 49.13
C TYR J 15 0.44 -47.62 48.74
N ALA J 16 0.14 -47.70 47.43
CA ALA J 16 -1.10 -48.35 47.00
C ALA J 16 -1.11 -49.84 47.39
N GLY J 17 0.03 -50.51 47.19
CA GLY J 17 0.15 -51.89 47.62
C GLY J 17 0.05 -52.08 49.13
N GLU J 18 0.59 -51.13 49.89
CA GLU J 18 0.48 -51.18 51.35
C GLU J 18 -0.96 -51.05 51.82
N LEU J 19 -1.73 -50.16 51.19
CA LEU J 19 -3.16 -50.04 51.52
C LEU J 19 -3.91 -51.34 51.21
N ALA J 20 -3.58 -51.97 50.08
CA ALA J 20 -4.20 -53.25 49.74
C ALA J 20 -3.86 -54.33 50.77
N ARG J 21 -2.63 -54.34 51.27
CA ARG J 21 -2.22 -55.34 52.26
C ARG J 21 -2.93 -55.12 53.59
N LYS J 22 -3.10 -53.86 54.01
CA LYS J 22 -3.85 -53.57 55.25
C LYS J 22 -5.31 -53.99 55.13
N ARG J 23 -5.93 -53.74 53.96
CA ARG J 23 -7.30 -54.17 53.76
C ARG J 23 -7.45 -55.68 53.72
N LYS J 24 -6.44 -56.39 53.18
CA LYS J 24 -6.45 -57.86 53.24
C LYS J 24 -6.32 -58.36 54.68
N GLU J 25 -5.50 -57.70 55.49
CA GLU J 25 -5.38 -58.09 56.90
C GLU J 25 -6.68 -57.86 57.68
N LYS J 26 -7.48 -56.87 57.29
CA LYS J 26 -8.75 -56.68 57.97
C LYS J 26 -9.84 -57.66 57.53
N GLY J 27 -9.58 -58.55 56.57
CA GLY J 27 -10.57 -59.51 56.12
C GLY J 27 -11.44 -59.08 54.96
N ILE J 28 -11.05 -58.05 54.21
CA ILE J 28 -11.84 -57.54 53.10
C ILE J 28 -11.39 -58.21 51.82
N LYS J 29 -12.34 -58.68 51.01
CA LYS J 29 -12.03 -59.27 49.72
C LYS J 29 -11.56 -58.20 48.75
N LEU J 30 -10.39 -58.41 48.15
CA LEU J 30 -9.75 -57.40 47.32
C LEU J 30 -10.42 -57.27 45.96
N ASN J 31 -10.42 -56.05 45.42
CA ASN J 31 -10.93 -55.81 44.07
C ASN J 31 -9.77 -55.89 43.06
N TYR J 32 -10.02 -55.43 41.84
CA TYR J 32 -9.05 -55.53 40.74
C TYR J 32 -7.81 -54.67 41.00
N VAL J 33 -8.02 -53.39 41.35
CA VAL J 33 -6.93 -52.44 41.56
C VAL J 33 -6.05 -52.86 42.74
N GLU J 34 -6.69 -53.29 43.84
CA GLU J 34 -5.96 -53.70 45.04
C GLU J 34 -5.08 -54.92 44.78
N ALA J 35 -5.59 -55.90 44.04
CA ALA J 35 -4.81 -57.11 43.74
C ALA J 35 -3.60 -56.81 42.86
N VAL J 36 -3.79 -55.98 41.83
CA VAL J 36 -2.66 -55.60 40.96
C VAL J 36 -1.60 -54.84 41.75
N ALA J 37 -2.03 -53.92 42.62
CA ALA J 37 -1.09 -53.13 43.42
C ALA J 37 -0.31 -54.00 44.41
N LEU J 38 -0.99 -54.97 45.04
CA LEU J 38 -0.35 -55.83 46.02
C LEU J 38 0.76 -56.68 45.39
N ILE J 39 0.46 -57.28 44.22
CA ILE J 39 1.45 -58.12 43.54
C ILE J 39 2.66 -57.29 43.10
N SER J 40 2.41 -56.09 42.53
CA SER J 40 3.49 -55.22 42.06
C SER J 40 4.43 -54.79 43.20
N ALA J 41 3.83 -54.37 44.33
CA ALA J 41 4.63 -53.89 45.47
C ALA J 41 5.47 -55.01 46.08
N HIS J 42 4.90 -56.22 46.17
CA HIS J 42 5.67 -57.36 46.69
C HIS J 42 6.88 -57.68 45.83
N ILE J 43 6.71 -57.64 44.50
CA ILE J 43 7.82 -57.93 43.59
C ILE J 43 8.93 -56.88 43.74
N MET J 44 8.55 -55.60 43.85
CA MET J 44 9.56 -54.53 43.99
C MET J 44 10.38 -54.68 45.28
N GLU J 45 9.73 -55.03 46.40
CA GLU J 45 10.48 -55.21 47.64
C GLU J 45 11.41 -56.42 47.58
N GLU J 46 10.95 -57.52 46.98
CA GLU J 46 11.81 -58.70 46.87
C GLU J 46 13.01 -58.45 45.97
N ALA J 47 12.85 -57.63 44.93
CA ALA J 47 14.00 -57.31 44.10
C ALA J 47 14.98 -56.37 44.80
N ARG J 48 14.47 -55.46 45.66
CA ARG J 48 15.38 -54.62 46.44
C ARG J 48 16.21 -55.44 47.41
N ALA J 49 15.63 -56.50 47.98
CA ALA J 49 16.37 -57.33 48.95
C ALA J 49 17.58 -58.02 48.34
N GLY J 50 17.52 -58.38 47.06
CA GLY J 50 18.71 -58.83 46.36
C GLY J 50 19.09 -60.28 46.50
N LYS J 51 18.20 -61.13 46.99
CA LYS J 51 18.53 -62.55 47.19
C LYS J 51 17.86 -63.49 46.21
N LYS J 52 17.10 -62.98 45.25
CA LYS J 52 16.36 -63.81 44.31
C LYS J 52 16.53 -63.30 42.89
N THR J 53 16.46 -64.21 41.93
CA THR J 53 16.51 -63.85 40.52
C THR J 53 15.12 -63.43 40.03
N ALA J 54 15.09 -62.89 38.81
CA ALA J 54 13.82 -62.46 38.22
C ALA J 54 12.93 -63.65 37.87
N ALA J 55 13.55 -64.76 37.44
CA ALA J 55 12.80 -65.96 37.07
C ALA J 55 12.13 -66.60 38.29
N GLU J 56 12.80 -66.56 39.45
CA GLU J 56 12.18 -67.05 40.68
C GLU J 56 11.03 -66.15 41.11
N LEU J 57 11.17 -64.83 40.92
CA LEU J 57 10.10 -63.91 41.29
C LEU J 57 8.87 -64.06 40.40
N MET J 58 9.08 -64.45 39.13
CA MET J 58 7.97 -64.74 38.23
C MET J 58 7.10 -65.89 38.74
N GLN J 59 7.69 -66.87 39.42
CA GLN J 59 6.90 -67.94 40.03
C GLN J 59 6.40 -67.60 41.42
N GLU J 60 7.15 -66.79 42.17
CA GLU J 60 6.73 -66.41 43.51
C GLU J 60 5.52 -65.49 43.49
N GLY J 61 5.35 -64.72 42.41
CA GLY J 61 4.19 -63.84 42.30
C GLY J 61 2.85 -64.55 42.17
N ARG J 62 2.86 -65.84 41.84
CA ARG J 62 1.64 -66.62 41.65
C ARG J 62 1.09 -67.22 42.93
N THR J 63 1.79 -67.10 44.06
CA THR J 63 1.35 -67.68 45.31
C THR J 63 0.83 -66.67 46.31
N LEU J 64 0.75 -65.39 45.94
CA LEU J 64 0.43 -64.35 46.90
C LEU J 64 -1.06 -64.30 47.25
N LEU J 65 -1.94 -64.61 46.30
CA LEU J 65 -3.38 -64.46 46.51
C LEU J 65 -4.09 -65.77 46.23
N LYS J 66 -4.80 -66.28 47.23
CA LYS J 66 -5.67 -67.43 47.06
C LYS J 66 -6.95 -67.03 46.32
N PRO J 67 -7.65 -67.99 45.70
CA PRO J 67 -8.93 -67.66 45.04
C PRO J 67 -9.99 -67.09 45.96
N ASP J 68 -9.96 -67.40 47.26
CA ASP J 68 -10.95 -66.85 48.19
C ASP J 68 -10.60 -65.45 48.68
N ASP J 69 -9.42 -64.94 48.35
CA ASP J 69 -9.00 -63.61 48.82
C ASP J 69 -9.57 -62.46 48.00
N VAL J 70 -10.16 -62.71 46.84
CA VAL J 70 -10.57 -61.63 45.95
C VAL J 70 -12.06 -61.73 45.67
N MET J 71 -12.62 -60.62 45.20
CA MET J 71 -14.03 -60.57 44.81
C MET J 71 -14.26 -61.43 43.57
N ASP J 72 -15.52 -61.82 43.38
CA ASP J 72 -15.91 -62.60 42.22
C ASP J 72 -15.72 -61.78 40.94
N GLY J 73 -15.00 -62.35 39.98
CA GLY J 73 -14.70 -61.71 38.74
C GLY J 73 -13.29 -61.14 38.62
N VAL J 74 -12.56 -61.01 39.72
CA VAL J 74 -11.22 -60.42 39.69
C VAL J 74 -10.25 -61.31 38.91
N ALA J 75 -10.30 -62.62 39.15
CA ALA J 75 -9.31 -63.53 38.57
C ALA J 75 -9.44 -63.63 37.05
N SER J 76 -10.64 -63.48 36.50
CA SER J 76 -10.79 -63.52 35.05
C SER J 76 -10.33 -62.23 34.38
N MET J 77 -10.24 -61.13 35.13
CA MET J 77 -9.82 -59.84 34.58
C MET J 77 -8.30 -59.65 34.54
N ILE J 78 -7.56 -60.36 35.37
CA ILE J 78 -6.12 -60.18 35.49
C ILE J 78 -5.45 -61.31 34.73
N HIS J 79 -4.98 -61.01 33.52
CA HIS J 79 -4.27 -62.01 32.72
C HIS J 79 -2.78 -62.04 33.03
N GLU J 80 -2.16 -60.87 33.22
CA GLU J 80 -0.77 -60.78 33.62
C GLU J 80 -0.53 -59.46 34.33
N VAL J 81 0.49 -59.44 35.20
CA VAL J 81 0.96 -58.24 35.87
C VAL J 81 2.44 -58.07 35.57
N GLY J 82 2.80 -56.90 35.04
CA GLY J 82 4.19 -56.58 34.75
C GLY J 82 4.68 -55.44 35.63
N ILE J 83 5.96 -55.50 35.99
CA ILE J 83 6.58 -54.48 36.84
C ILE J 83 8.08 -54.52 36.60
N GLU J 84 8.68 -53.34 36.45
CA GLU J 84 10.13 -53.22 36.39
C GLU J 84 10.69 -52.94 37.76
N ALA J 85 11.78 -53.61 38.10
CA ALA J 85 12.40 -53.45 39.41
C ALA J 85 13.92 -53.52 39.29
N MET J 86 14.60 -52.83 40.19
CA MET J 86 16.06 -52.74 40.15
C MET J 86 16.68 -53.82 41.03
N PHE J 87 17.39 -54.74 40.40
CA PHE J 87 18.13 -55.83 41.00
C PHE J 87 19.56 -55.33 41.27
N PRO J 88 20.44 -56.11 41.92
CA PRO J 88 21.86 -55.69 41.97
C PRO J 88 22.54 -55.56 40.61
N ASP J 89 22.05 -56.24 39.58
CA ASP J 89 22.59 -56.11 38.23
C ASP J 89 21.79 -55.14 37.35
N GLY J 90 20.88 -54.37 37.93
CA GLY J 90 20.19 -53.33 37.21
C GLY J 90 18.69 -53.59 37.06
N THR J 91 18.06 -52.73 36.29
CA THR J 91 16.62 -52.78 36.08
C THR J 91 16.24 -53.93 35.14
N LYS J 92 15.28 -54.75 35.56
CA LYS J 92 14.77 -55.86 34.78
C LYS J 92 13.24 -55.87 34.81
N LEU J 93 12.64 -56.43 33.76
CA LEU J 93 11.19 -56.57 33.69
C LEU J 93 10.76 -57.94 34.18
N VAL J 94 9.80 -57.97 35.10
CA VAL J 94 9.25 -59.21 35.65
C VAL J 94 7.76 -59.26 35.32
N THR J 95 7.34 -60.31 34.63
CA THR J 95 5.94 -60.49 34.27
C THR J 95 5.40 -61.73 34.97
N VAL J 96 4.29 -61.57 35.68
CA VAL J 96 3.64 -62.66 36.42
C VAL J 96 2.42 -63.12 35.63
N HIS J 97 2.43 -64.38 35.19
CA HIS J 97 1.38 -64.93 34.34
C HIS J 97 0.33 -65.65 35.16
N THR J 98 -0.95 -65.28 34.97
CA THR J 98 -2.17 -65.79 35.60
C THR J 98 -2.01 -65.97 37.11
N PRO J 99 -1.94 -64.89 37.88
CA PRO J 99 -1.57 -65.04 39.30
C PRO J 99 -2.68 -65.63 40.17
N ILE J 100 -3.95 -65.53 39.78
CA ILE J 100 -5.06 -65.97 40.62
C ILE J 100 -5.94 -66.94 39.83
N GLU J 101 -6.28 -68.06 40.45
CA GLU J 101 -7.29 -68.95 39.91
C GLU J 101 -8.68 -68.45 40.26
N ALA J 102 -9.65 -68.74 39.39
CA ALA J 102 -11.02 -68.30 39.59
C ALA J 102 -11.82 -69.32 40.40
N ASN J 103 -12.84 -68.83 41.11
CA ASN J 103 -13.71 -69.70 41.88
C ASN J 103 -15.20 -69.42 41.73
N GLY J 104 -15.60 -68.32 41.10
CA GLY J 104 -16.99 -68.02 40.85
C GLY J 104 -17.33 -68.09 39.37
N LYS J 105 -18.55 -67.64 39.06
CA LYS J 105 -19.08 -67.74 37.71
C LYS J 105 -19.12 -66.41 36.97
N LEU J 106 -18.92 -65.29 37.64
CA LEU J 106 -19.02 -63.98 36.99
C LEU J 106 -17.78 -63.73 36.12
N VAL J 107 -17.99 -63.54 34.83
CA VAL J 107 -16.93 -63.17 33.90
C VAL J 107 -17.31 -61.85 33.25
N PRO J 108 -16.67 -60.75 33.65
CA PRO J 108 -16.94 -59.46 32.99
C PRO J 108 -16.43 -59.45 31.55
N GLY J 109 -17.25 -58.91 30.66
CA GLY J 109 -16.94 -58.93 29.24
C GLY J 109 -16.92 -60.30 28.61
N GLU J 110 -17.78 -61.21 29.07
CA GLU J 110 -17.83 -62.59 28.58
C GLU J 110 -18.38 -62.64 27.15
N LEU J 111 -17.78 -63.51 26.34
CA LEU J 111 -18.23 -63.73 24.96
C LEU J 111 -19.10 -64.97 24.88
N PHE J 112 -20.23 -64.86 24.18
CA PHE J 112 -21.12 -65.98 23.90
C PHE J 112 -21.12 -66.21 22.40
N LEU J 113 -20.47 -67.26 21.94
CA LEU J 113 -20.26 -67.50 20.52
C LEU J 113 -21.20 -68.56 19.98
N LYS J 114 -21.52 -68.44 18.69
CA LYS J 114 -22.13 -69.55 17.97
C LYS J 114 -21.10 -70.64 17.71
N ASN J 115 -21.57 -71.82 17.33
CA ASN J 115 -20.68 -72.96 17.13
C ASN J 115 -20.45 -73.29 15.66
N GLU J 116 -20.90 -72.47 14.73
CA GLU J 116 -20.64 -72.73 13.32
C GLU J 116 -19.28 -72.19 12.91
N ASP J 117 -18.60 -72.95 12.05
CA ASP J 117 -17.29 -72.56 11.55
C ASP J 117 -17.41 -71.42 10.52
N ILE J 118 -16.31 -70.72 10.32
CA ILE J 118 -16.22 -69.63 9.35
C ILE J 118 -15.47 -70.15 8.13
N THR J 119 -16.02 -69.94 6.94
CA THR J 119 -15.38 -70.30 5.69
C THR J 119 -14.67 -69.08 5.11
N ILE J 120 -13.34 -69.16 4.98
CA ILE J 120 -12.55 -68.05 4.44
C ILE J 120 -12.21 -68.36 2.98
N ASN J 121 -12.05 -67.29 2.19
CA ASN J 121 -11.69 -67.33 0.77
C ASN J 121 -12.68 -68.17 -0.04
N GLU J 122 -13.97 -67.86 0.13
CA GLU J 122 -15.03 -68.61 -0.54
C GLU J 122 -14.99 -68.37 -2.05
N GLY J 123 -15.16 -69.44 -2.81
CA GLY J 123 -15.11 -69.35 -4.26
C GLY J 123 -13.71 -69.35 -4.86
N LYS J 124 -12.68 -69.51 -4.05
CA LYS J 124 -11.31 -69.60 -4.53
C LYS J 124 -10.87 -71.06 -4.49
N LYS J 125 -10.50 -71.61 -5.64
CA LYS J 125 -10.04 -72.99 -5.72
C LYS J 125 -8.52 -73.04 -5.52
N ALA J 126 -8.07 -73.95 -4.67
CA ALA J 126 -6.66 -74.05 -4.30
C ALA J 126 -5.93 -75.12 -5.12
N VAL J 127 -4.62 -74.93 -5.26
CA VAL J 127 -3.71 -75.92 -5.82
C VAL J 127 -2.63 -76.23 -4.78
N SER J 128 -1.98 -77.38 -4.94
CA SER J 128 -1.00 -77.88 -3.98
C SER J 128 0.39 -77.95 -4.61
N VAL J 129 1.40 -77.42 -3.90
CA VAL J 129 2.78 -77.30 -4.39
C VAL J 129 3.73 -77.80 -3.31
N LYS J 130 4.70 -78.64 -3.70
CA LYS J 130 5.73 -79.14 -2.78
C LYS J 130 6.93 -78.18 -2.75
N VAL J 131 7.36 -77.80 -1.55
CA VAL J 131 8.39 -76.78 -1.34
C VAL J 131 9.48 -77.34 -0.43
N LYS J 132 10.75 -77.12 -0.80
CA LYS J 132 11.89 -77.55 0.01
C LYS J 132 12.85 -76.40 0.27
N ASN J 133 13.29 -76.26 1.53
CA ASN J 133 14.30 -75.29 1.92
C ASN J 133 15.67 -75.94 1.82
N VAL J 134 16.46 -75.54 0.82
CA VAL J 134 17.80 -76.09 0.64
C VAL J 134 18.88 -75.16 1.19
N GLY J 135 18.50 -74.07 1.86
CA GLY J 135 19.44 -73.20 2.53
C GLY J 135 19.75 -73.68 3.93
N ASP J 136 20.53 -72.86 4.65
CA ASP J 136 20.98 -73.18 5.99
C ASP J 136 20.35 -72.32 7.07
N ARG J 137 19.35 -71.50 6.73
CA ARG J 137 18.70 -70.60 7.66
C ARG J 137 17.18 -70.71 7.54
N PRO J 138 16.44 -70.57 8.64
CA PRO J 138 14.98 -70.74 8.58
C PRO J 138 14.27 -69.61 7.84
N VAL J 139 13.13 -69.97 7.23
CA VAL J 139 12.34 -69.06 6.40
C VAL J 139 10.87 -69.17 6.83
N GLN J 140 10.20 -68.02 6.99
CA GLN J 140 8.79 -67.97 7.37
C GLN J 140 8.04 -67.01 6.45
N ILE J 141 6.91 -67.45 5.90
CA ILE J 141 6.19 -66.75 4.84
C ILE J 141 4.77 -66.40 5.30
N GLY J 142 4.39 -65.12 5.15
CA GLY J 142 3.07 -64.67 5.54
C GLY J 142 1.96 -64.96 4.52
N SER J 143 0.72 -64.65 4.93
CA SER J 143 -0.46 -65.10 4.19
C SER J 143 -0.68 -64.35 2.88
N HIS J 144 -0.26 -63.09 2.78
CA HIS J 144 -0.54 -62.30 1.60
C HIS J 144 0.71 -61.92 0.80
N PHE J 145 1.83 -62.59 1.05
CA PHE J 145 3.02 -62.39 0.24
C PHE J 145 2.84 -63.07 -1.13
N HIS J 146 3.34 -62.42 -2.18
CA HIS J 146 3.33 -63.02 -3.52
C HIS J 146 4.31 -64.19 -3.54
N PHE J 147 3.77 -65.42 -3.57
CA PHE J 147 4.58 -66.61 -3.30
C PHE J 147 5.62 -66.89 -4.36
N PHE J 148 5.42 -66.37 -5.58
CA PHE J 148 6.42 -66.46 -6.65
C PHE J 148 7.75 -65.80 -6.27
N GLU J 149 7.72 -64.78 -5.41
CA GLU J 149 8.88 -63.95 -5.14
C GLU J 149 9.54 -64.21 -3.79
N VAL J 150 9.30 -65.38 -3.19
CA VAL J 150 9.89 -65.70 -1.89
C VAL J 150 11.38 -65.98 -2.04
N ASN J 151 12.07 -66.09 -0.89
CA ASN J 151 13.52 -66.33 -0.74
C ASN J 151 14.06 -67.36 -1.74
N ARG J 152 15.13 -66.98 -2.43
CA ARG J 152 15.65 -67.76 -3.55
C ARG J 152 16.22 -69.12 -3.14
N CYS J 153 16.45 -69.35 -1.84
CA CYS J 153 16.88 -70.65 -1.36
C CYS J 153 15.73 -71.64 -1.20
N LEU J 154 14.49 -71.24 -1.40
CA LEU J 154 13.38 -72.20 -1.45
C LEU J 154 13.28 -72.77 -2.85
N ASP J 155 13.17 -74.09 -2.94
CA ASP J 155 13.13 -74.78 -4.23
C ASP J 155 11.74 -75.36 -4.47
N PHE J 156 11.10 -74.90 -5.55
CA PHE J 156 9.77 -75.36 -5.95
C PHE J 156 9.54 -74.95 -7.40
N ASP J 157 8.49 -75.52 -8.00
CA ASP J 157 8.09 -75.21 -9.37
C ASP J 157 7.48 -73.81 -9.41
N ARG J 158 8.29 -72.79 -9.69
CA ARG J 158 7.84 -71.41 -9.52
C ARG J 158 6.83 -70.97 -10.58
N GLU J 159 6.80 -71.66 -11.72
CA GLU J 159 5.86 -71.32 -12.79
C GLU J 159 4.41 -71.48 -12.36
N LYS J 160 4.13 -72.47 -11.52
CA LYS J 160 2.76 -72.74 -11.08
C LYS J 160 2.29 -71.79 -9.98
N THR J 161 3.15 -70.92 -9.45
CA THR J 161 2.80 -70.07 -8.33
C THR J 161 2.68 -68.60 -8.70
N PHE J 162 2.75 -68.26 -10.00
CA PHE J 162 2.66 -66.88 -10.43
C PHE J 162 1.25 -66.33 -10.18
N GLY J 163 1.19 -65.18 -9.51
CA GLY J 163 -0.07 -64.55 -9.16
C GLY J 163 -0.84 -65.20 -8.03
N LYS J 164 -0.16 -65.94 -7.15
CA LYS J 164 -0.84 -66.70 -6.10
C LYS J 164 -0.26 -66.38 -4.72
N ARG J 165 -1.06 -66.67 -3.69
CA ARG J 165 -0.69 -66.49 -2.29
C ARG J 165 -1.18 -67.68 -1.47
N LEU J 166 -0.72 -67.77 -0.22
CA LEU J 166 -1.09 -68.88 0.65
C LEU J 166 -2.55 -68.82 1.07
N ASP J 167 -3.20 -69.98 1.12
CA ASP J 167 -4.60 -70.11 1.52
C ASP J 167 -4.69 -70.45 3.01
N ILE J 168 -4.31 -69.49 3.83
CA ILE J 168 -4.37 -69.62 5.29
C ILE J 168 -5.10 -68.40 5.83
N ALA J 169 -5.33 -68.42 7.14
CA ALA J 169 -5.99 -67.31 7.81
C ALA J 169 -5.11 -66.05 7.75
N SER J 170 -5.76 -64.92 7.51
CA SER J 170 -5.09 -63.65 7.28
C SER J 170 -4.30 -63.22 8.51
N GLY J 171 -3.00 -63.02 8.34
CA GLY J 171 -2.12 -62.69 9.43
C GLY J 171 -1.34 -63.84 10.04
N THR J 172 -1.56 -65.08 9.58
CA THR J 172 -0.78 -66.22 10.04
C THR J 172 0.33 -66.53 9.03
N ALA J 173 1.14 -67.55 9.32
CA ALA J 173 2.33 -67.81 8.53
C ALA J 173 2.68 -69.31 8.53
N VAL J 174 3.56 -69.69 7.61
CA VAL J 174 4.07 -71.05 7.46
C VAL J 174 5.60 -71.00 7.56
N ARG J 175 6.18 -71.91 8.35
CA ARG J 175 7.60 -71.91 8.66
C ARG J 175 8.32 -73.08 8.00
N PHE J 176 9.52 -72.82 7.46
CA PHE J 176 10.37 -73.83 6.85
C PHE J 176 11.72 -73.86 7.57
N GLU J 177 11.99 -74.96 8.28
CA GLU J 177 13.30 -75.19 8.86
C GLU J 177 14.32 -75.53 7.77
N PRO J 178 15.62 -75.41 8.05
CA PRO J 178 16.63 -75.88 7.08
C PRO J 178 16.51 -77.36 6.80
N GLY J 179 16.46 -77.71 5.50
CA GLY J 179 16.27 -79.06 5.06
C GLY J 179 14.84 -79.55 5.04
N GLU J 180 13.89 -78.76 5.52
CA GLU J 180 12.51 -79.19 5.64
C GLU J 180 11.81 -79.15 4.28
N GLU J 181 10.92 -80.13 4.06
CA GLU J 181 10.12 -80.22 2.84
C GLU J 181 8.67 -80.51 3.21
N LYS J 182 7.75 -79.74 2.65
CA LYS J 182 6.32 -79.93 2.89
C LYS J 182 5.53 -79.29 1.75
N SER J 183 4.24 -79.58 1.71
CA SER J 183 3.33 -79.03 0.71
C SER J 183 2.50 -77.89 1.28
N VAL J 184 2.15 -76.93 0.41
CA VAL J 184 1.35 -75.77 0.78
C VAL J 184 0.19 -75.64 -0.21
N GLU J 185 -0.82 -74.88 0.19
CA GLU J 185 -2.01 -74.61 -0.61
C GLU J 185 -2.00 -73.15 -1.07
N LEU J 186 -2.24 -72.93 -2.36
CA LEU J 186 -2.17 -71.59 -2.92
C LEU J 186 -3.45 -71.24 -3.68
N ILE J 187 -3.87 -69.96 -3.57
CA ILE J 187 -5.04 -69.43 -4.25
C ILE J 187 -4.67 -68.14 -4.96
N ASP J 188 -5.51 -67.74 -5.92
CA ASP J 188 -5.26 -66.54 -6.72
C ASP J 188 -5.37 -65.26 -5.90
N ILE J 189 -4.49 -64.31 -6.20
CA ILE J 189 -4.58 -62.95 -5.66
C ILE J 189 -5.80 -62.26 -6.25
N GLY J 190 -6.56 -61.56 -5.41
CA GLY J 190 -7.76 -60.86 -5.83
C GLY J 190 -7.53 -59.41 -6.23
N GLY J 191 -8.64 -58.67 -6.29
CA GLY J 191 -8.59 -57.27 -6.65
C GLY J 191 -8.24 -57.04 -8.12
N ASN J 192 -7.51 -55.95 -8.36
CA ASN J 192 -7.05 -55.62 -9.70
C ASN J 192 -5.86 -56.46 -10.16
N ARG J 193 -5.26 -57.24 -9.26
CA ARG J 193 -4.08 -58.09 -9.53
C ARG J 193 -2.91 -57.28 -10.09
N ARG J 194 -2.67 -56.11 -9.50
CA ARG J 194 -1.50 -55.29 -9.80
C ARG J 194 -0.46 -55.51 -8.70
N ILE J 195 0.69 -56.05 -9.08
CA ILE J 195 1.69 -56.52 -8.12
C ILE J 195 2.88 -55.58 -8.17
N PHE J 196 3.10 -54.81 -7.11
CA PHE J 196 4.20 -53.86 -7.03
C PHE J 196 5.03 -54.13 -5.79
N GLY J 197 6.35 -54.24 -5.98
CA GLY J 197 7.29 -54.52 -4.91
C GLY J 197 7.78 -55.95 -4.82
N PHE J 198 8.01 -56.38 -3.58
CA PHE J 198 8.31 -57.71 -3.05
C PHE J 198 9.66 -58.34 -3.40
N ASN J 199 10.13 -58.18 -4.64
CA ASN J 199 11.51 -58.42 -5.05
C ASN J 199 11.76 -57.68 -6.34
N ALA J 200 10.76 -56.90 -6.77
CA ALA J 200 10.71 -56.22 -8.07
C ALA J 200 10.87 -57.19 -9.24
N LEU J 201 10.21 -58.34 -9.17
CA LEU J 201 10.19 -59.26 -10.29
C LEU J 201 9.01 -59.03 -11.23
N VAL J 202 7.96 -58.33 -10.79
CA VAL J 202 6.83 -58.04 -11.68
C VAL J 202 6.69 -56.54 -11.92
N ASP J 203 6.30 -55.81 -10.86
CA ASP J 203 6.10 -54.35 -10.89
C ASP J 203 5.11 -53.88 -11.97
N ARG J 204 4.10 -54.69 -12.28
CA ARG J 204 3.09 -54.35 -13.30
C ARG J 204 1.86 -55.22 -13.10
N GLN J 205 0.93 -55.14 -14.06
CA GLN J 205 -0.24 -56.01 -14.09
C GLN J 205 0.16 -57.47 -14.27
N ALA J 206 -0.42 -58.35 -13.46
CA ALA J 206 -0.15 -59.78 -13.56
C ALA J 206 -1.02 -60.40 -14.64
N ASP J 207 -0.37 -61.00 -15.64
CA ASP J 207 -1.04 -61.72 -16.73
C ASP J 207 -0.02 -62.67 -17.35
N ASN J 208 -0.41 -63.33 -18.44
CA ASN J 208 0.47 -64.31 -19.08
C ASN J 208 1.65 -63.64 -19.80
N GLU J 209 1.47 -62.42 -20.30
CA GLU J 209 2.58 -61.68 -20.89
C GLU J 209 3.62 -61.31 -19.84
N SER J 210 3.18 -60.87 -18.65
CA SER J 210 4.13 -60.48 -17.62
C SER J 210 4.77 -61.67 -16.93
N LYS J 211 4.20 -62.88 -17.09
CA LYS J 211 4.78 -64.06 -16.46
C LYS J 211 6.11 -64.45 -17.12
N LYS J 212 6.23 -64.30 -18.43
CA LYS J 212 7.47 -64.63 -19.15
C LYS J 212 8.62 -63.72 -18.72
N ILE J 213 8.34 -62.42 -18.59
CA ILE J 213 9.34 -61.46 -18.13
C ILE J 213 9.78 -61.77 -16.71
N ALA J 214 8.82 -62.10 -15.84
CA ALA J 214 9.12 -62.42 -14.45
C ALA J 214 9.95 -63.70 -14.32
N LEU J 215 9.66 -64.71 -15.15
CA LEU J 215 10.44 -65.94 -15.13
C LEU J 215 11.87 -65.71 -15.63
N HIS J 216 12.03 -64.88 -16.68
CA HIS J 216 13.38 -64.56 -17.15
C HIS J 216 14.19 -63.79 -16.10
N ARG J 217 13.55 -62.82 -15.44
CA ARG J 217 14.20 -62.05 -14.38
C ARG J 217 14.57 -62.94 -13.20
N ALA J 218 13.69 -63.89 -12.84
CA ALA J 218 13.95 -64.78 -11.72
C ALA J 218 15.09 -65.74 -12.02
N LYS J 219 15.19 -66.20 -13.27
CA LYS J 219 16.31 -67.08 -13.63
C LYS J 219 17.63 -66.32 -13.62
N GLU J 220 17.65 -65.08 -14.11
CA GLU J 220 18.90 -64.31 -14.12
C GLU J 220 19.40 -63.97 -12.72
N ARG J 221 18.50 -63.87 -11.75
CA ARG J 221 18.88 -63.56 -10.37
C ARG J 221 18.98 -64.80 -9.49
N GLY J 222 18.92 -65.99 -10.07
CA GLY J 222 19.24 -67.21 -9.34
C GLY J 222 18.18 -67.72 -8.38
N PHE J 223 16.90 -67.50 -8.66
CA PHE J 223 15.85 -68.08 -7.83
C PHE J 223 15.68 -69.55 -8.20
N HIS J 224 15.65 -70.42 -7.18
CA HIS J 224 15.65 -71.86 -7.40
C HIS J 224 14.32 -72.35 -7.96
N GLY J 225 14.40 -73.28 -8.89
CA GLY J 225 13.23 -73.90 -9.46
C GLY J 225 12.57 -73.14 -10.59
N THR J 226 13.17 -72.07 -11.06
CA THR J 226 12.61 -71.29 -12.16
C THR J 226 13.08 -71.87 -13.49
N LYS J 227 12.13 -72.16 -14.36
CA LYS J 227 12.42 -72.75 -15.66
C LYS J 227 11.89 -71.81 -16.74
N SER J 228 12.78 -71.09 -17.40
CA SER J 228 12.46 -70.32 -18.58
C SER J 228 13.40 -70.75 -19.71
N ASP J 229 12.84 -70.86 -20.91
CA ASP J 229 13.54 -71.47 -22.02
C ASP J 229 14.66 -70.56 -22.54
N ASP J 230 15.63 -71.18 -23.21
CA ASP J 230 16.68 -70.44 -23.87
C ASP J 230 16.13 -69.75 -25.11
N ASN J 231 16.95 -68.86 -25.68
CA ASN J 231 16.58 -67.96 -26.79
C ASN J 231 15.33 -67.13 -26.45
N TYR J 232 15.39 -66.47 -25.30
CA TYR J 232 14.35 -65.55 -24.88
C TYR J 232 14.36 -64.30 -25.75
N VAL J 233 13.16 -63.79 -26.07
CA VAL J 233 13.00 -62.61 -26.92
C VAL J 233 12.61 -61.43 -26.03
N LYS J 234 13.43 -60.39 -26.03
CA LYS J 234 13.15 -59.20 -25.23
C LYS J 234 12.03 -58.36 -25.84
N THR J 235 11.35 -57.60 -24.99
CA THR J 235 10.39 -56.60 -25.42
C THR J 235 11.00 -55.21 -25.30
N ILE J 236 10.22 -54.19 -25.68
CA ILE J 236 10.70 -52.82 -25.64
C ILE J 236 10.80 -52.27 -24.22
N LYS J 237 10.04 -52.80 -23.27
CA LYS J 237 10.08 -52.34 -21.89
C LYS J 237 10.16 -53.55 -20.96
N GLU J 238 11.35 -53.78 -20.40
CA GLU J 238 11.56 -54.88 -19.46
C GLU J 238 12.12 -54.33 -18.15
N MET K 1 -23.73 -27.05 -51.33
CA MET K 1 -24.44 -25.91 -51.92
C MET K 1 -23.71 -24.58 -51.66
N LYS K 2 -23.09 -24.47 -50.48
CA LYS K 2 -22.44 -23.27 -49.97
C LYS K 2 -23.38 -22.06 -49.98
N LEU K 3 -24.50 -22.21 -49.29
CA LEU K 3 -25.49 -21.13 -49.20
C LEU K 3 -24.97 -19.99 -48.33
N THR K 4 -25.24 -18.76 -48.76
CA THR K 4 -25.01 -17.51 -48.06
C THR K 4 -26.25 -17.11 -47.27
N PRO K 5 -26.14 -16.20 -46.29
CA PRO K 5 -27.35 -15.73 -45.58
C PRO K 5 -28.40 -15.06 -46.48
N LYS K 6 -27.96 -14.39 -47.56
CA LYS K 6 -28.87 -13.80 -48.53
C LYS K 6 -29.76 -14.86 -49.19
N GLU K 7 -29.16 -16.00 -49.56
CA GLU K 7 -29.91 -17.08 -50.20
C GLU K 7 -30.96 -17.66 -49.27
N LEU K 8 -30.64 -17.81 -47.98
CA LEU K 8 -31.59 -18.31 -46.99
C LEU K 8 -32.78 -17.35 -46.80
N ASP K 9 -32.48 -16.05 -46.72
CA ASP K 9 -33.54 -15.05 -46.58
C ASP K 9 -34.46 -15.04 -47.80
N LYS K 10 -33.89 -15.16 -49.00
CA LYS K 10 -34.72 -15.18 -50.21
C LYS K 10 -35.53 -16.46 -50.34
N LEU K 11 -35.01 -17.59 -49.83
CA LEU K 11 -35.79 -18.83 -49.81
C LEU K 11 -37.03 -18.70 -48.92
N MET K 12 -36.86 -18.08 -47.74
CA MET K 12 -38.00 -17.80 -46.87
C MET K 12 -39.02 -16.90 -47.55
N LEU K 13 -38.56 -15.86 -48.25
CA LEU K 13 -39.46 -14.94 -48.95
C LEU K 13 -40.25 -15.66 -50.05
N HIS K 14 -39.59 -16.57 -50.78
CA HIS K 14 -40.26 -17.34 -51.82
C HIS K 14 -41.40 -18.18 -51.26
N TYR K 15 -41.17 -18.85 -50.13
CA TYR K 15 -42.25 -19.68 -49.62
C TYR K 15 -43.36 -18.89 -48.93
N ALA K 16 -43.06 -17.68 -48.42
CA ALA K 16 -44.13 -16.77 -48.00
C ALA K 16 -45.03 -16.38 -49.18
N GLY K 17 -44.40 -16.09 -50.33
CA GLY K 17 -45.18 -15.80 -51.53
C GLY K 17 -46.01 -16.98 -52.02
N GLU K 18 -45.46 -18.20 -51.89
CA GLU K 18 -46.21 -19.40 -52.27
C GLU K 18 -47.44 -19.61 -51.40
N LEU K 19 -47.32 -19.36 -50.10
CA LEU K 19 -48.47 -19.45 -49.20
C LEU K 19 -49.54 -18.43 -49.59
N ALA K 20 -49.11 -17.20 -49.93
CA ALA K 20 -50.05 -16.18 -50.38
C ALA K 20 -50.78 -16.60 -51.66
N ARG K 21 -50.06 -17.23 -52.59
CA ARG K 21 -50.68 -17.68 -53.84
C ARG K 21 -51.68 -18.80 -53.61
N LYS K 22 -51.38 -19.74 -52.70
CA LYS K 22 -52.34 -20.80 -52.37
C LYS K 22 -53.60 -20.23 -51.73
N ARG K 23 -53.44 -19.25 -50.84
CA ARG K 23 -54.60 -18.61 -50.21
C ARG K 23 -55.43 -17.82 -51.22
N LYS K 24 -54.79 -17.20 -52.22
CA LYS K 24 -55.53 -16.54 -53.28
C LYS K 24 -56.30 -17.54 -54.14
N GLU K 25 -55.72 -18.72 -54.39
CA GLU K 25 -56.43 -19.74 -55.16
C GLU K 25 -57.63 -20.29 -54.39
N LYS K 26 -57.59 -20.30 -53.06
CA LYS K 26 -58.76 -20.74 -52.31
C LYS K 26 -59.88 -19.69 -52.21
N GLY K 27 -59.68 -18.50 -52.75
CA GLY K 27 -60.71 -17.47 -52.71
C GLY K 27 -60.65 -16.52 -51.51
N ILE K 28 -59.53 -16.45 -50.81
CA ILE K 28 -59.40 -15.62 -49.63
C ILE K 28 -58.82 -14.26 -50.04
N LYS K 29 -59.43 -13.18 -49.55
CA LYS K 29 -58.92 -11.84 -49.82
C LYS K 29 -57.61 -11.62 -49.07
N LEU K 30 -56.57 -11.21 -49.79
CA LEU K 30 -55.23 -11.10 -49.21
C LEU K 30 -55.08 -9.88 -48.32
N ASN K 31 -54.26 -10.01 -47.28
CA ASN K 31 -53.93 -8.88 -46.42
C ASN K 31 -52.66 -8.19 -46.91
N TYR K 32 -52.09 -7.32 -46.08
CA TYR K 32 -50.93 -6.51 -46.45
C TYR K 32 -49.68 -7.37 -46.68
N VAL K 33 -49.37 -8.25 -45.73
CA VAL K 33 -48.17 -9.09 -45.78
C VAL K 33 -48.23 -10.05 -46.97
N GLU K 34 -49.40 -10.66 -47.18
CA GLU K 34 -49.57 -11.63 -48.27
C GLU K 34 -49.38 -10.97 -49.64
N ALA K 35 -49.92 -9.76 -49.83
CA ALA K 35 -49.80 -9.06 -51.10
C ALA K 35 -48.35 -8.68 -51.41
N VAL K 36 -47.64 -8.15 -50.40
CA VAL K 36 -46.23 -7.80 -50.57
C VAL K 36 -45.40 -9.03 -50.93
N ALA K 37 -45.64 -10.15 -50.23
CA ALA K 37 -44.90 -11.39 -50.48
C ALA K 37 -45.16 -11.95 -51.86
N LEU K 38 -46.42 -11.90 -52.32
CA LEU K 38 -46.79 -12.44 -53.64
C LEU K 38 -46.09 -11.67 -54.76
N ILE K 39 -46.10 -10.33 -54.68
CA ILE K 39 -45.45 -9.52 -55.72
C ILE K 39 -43.95 -9.76 -55.75
N SER K 40 -43.31 -9.81 -54.57
CA SER K 40 -41.85 -10.02 -54.50
C SER K 40 -41.44 -11.38 -55.08
N ALA K 41 -42.18 -12.45 -54.73
CA ALA K 41 -41.83 -13.78 -55.19
C ALA K 41 -42.00 -13.92 -56.70
N HIS K 42 -43.06 -13.31 -57.26
CA HIS K 42 -43.27 -13.35 -58.71
C HIS K 42 -42.13 -12.66 -59.46
N ILE K 43 -41.67 -11.50 -58.95
CA ILE K 43 -40.56 -10.79 -59.60
C ILE K 43 -39.28 -11.62 -59.58
N MET K 44 -38.99 -12.28 -58.44
CA MET K 44 -37.77 -13.10 -58.35
C MET K 44 -37.78 -14.27 -59.33
N GLU K 45 -38.92 -14.94 -59.49
CA GLU K 45 -38.99 -16.06 -60.44
C GLU K 45 -38.85 -15.58 -61.88
N GLU K 46 -39.48 -14.45 -62.23
CA GLU K 46 -39.36 -13.93 -63.59
C GLU K 46 -37.92 -13.50 -63.91
N ALA K 47 -37.20 -12.98 -62.92
CA ALA K 47 -35.81 -12.64 -63.18
C ALA K 47 -34.92 -13.86 -63.31
N ARG K 48 -35.23 -14.95 -62.58
CA ARG K 48 -34.47 -16.19 -62.75
C ARG K 48 -34.66 -16.77 -64.14
N ALA K 49 -35.86 -16.64 -64.71
CA ALA K 49 -36.15 -17.20 -66.04
C ALA K 49 -35.29 -16.56 -67.14
N GLY K 50 -34.95 -15.28 -67.00
CA GLY K 50 -33.96 -14.66 -67.88
C GLY K 50 -34.45 -14.15 -69.21
N LYS K 51 -35.76 -13.99 -69.41
CA LYS K 51 -36.27 -13.54 -70.69
C LYS K 51 -36.83 -12.13 -70.67
N LYS K 52 -36.73 -11.41 -69.56
CA LYS K 52 -37.29 -10.08 -69.44
C LYS K 52 -36.29 -9.14 -68.77
N THR K 53 -36.37 -7.86 -69.12
CA THR K 53 -35.56 -6.84 -68.49
C THR K 53 -36.18 -6.37 -67.19
N ALA K 54 -35.41 -5.59 -66.43
CA ALA K 54 -35.90 -5.07 -65.15
C ALA K 54 -37.01 -4.03 -65.36
N ALA K 55 -36.89 -3.23 -66.43
CA ALA K 55 -37.89 -2.20 -66.73
C ALA K 55 -39.23 -2.81 -67.12
N GLU K 56 -39.21 -3.94 -67.83
CA GLU K 56 -40.45 -4.65 -68.13
C GLU K 56 -41.07 -5.25 -66.88
N LEU K 57 -40.24 -5.75 -65.96
CA LEU K 57 -40.76 -6.33 -64.73
C LEU K 57 -41.37 -5.27 -63.82
N MET K 58 -40.86 -4.04 -63.88
CA MET K 58 -41.45 -2.92 -63.14
C MET K 58 -42.89 -2.65 -63.57
N GLN K 59 -43.22 -2.86 -64.83
CA GLN K 59 -44.60 -2.72 -65.29
C GLN K 59 -45.42 -3.99 -65.11
N GLU K 60 -44.78 -5.15 -65.21
CA GLU K 60 -45.49 -6.41 -65.05
C GLU K 60 -45.95 -6.62 -63.61
N GLY K 61 -45.24 -6.04 -62.65
CA GLY K 61 -45.63 -6.17 -61.25
C GLY K 61 -46.94 -5.47 -60.88
N ARG K 62 -47.42 -4.57 -61.74
CA ARG K 62 -48.64 -3.81 -61.47
C ARG K 62 -49.91 -4.51 -61.94
N THR K 63 -49.80 -5.67 -62.59
CA THR K 63 -50.96 -6.37 -63.09
C THR K 63 -51.30 -7.62 -62.30
N LEU K 64 -50.57 -7.91 -61.22
CA LEU K 64 -50.73 -9.18 -60.54
C LEU K 64 -51.98 -9.25 -59.67
N LEU K 65 -52.39 -8.13 -59.07
CA LEU K 65 -53.50 -8.12 -58.12
C LEU K 65 -54.56 -7.12 -58.55
N LYS K 66 -55.78 -7.60 -58.75
CA LYS K 66 -56.92 -6.73 -59.00
C LYS K 66 -57.37 -6.08 -57.69
N PRO K 67 -58.10 -4.95 -57.76
CA PRO K 67 -58.62 -4.33 -56.54
C PRO K 67 -59.55 -5.19 -55.70
N ASP K 68 -60.25 -6.15 -56.32
CA ASP K 68 -61.13 -7.04 -55.56
C ASP K 68 -60.40 -8.20 -54.91
N ASP K 69 -59.11 -8.39 -55.18
CA ASP K 69 -58.36 -9.51 -54.62
C ASP K 69 -57.87 -9.26 -53.20
N VAL K 70 -57.92 -8.04 -52.67
CA VAL K 70 -57.31 -7.73 -51.39
C VAL K 70 -58.37 -7.18 -50.44
N MET K 71 -58.05 -7.21 -49.16
CA MET K 71 -58.93 -6.66 -48.14
C MET K 71 -58.98 -5.14 -48.25
N ASP K 72 -60.04 -4.56 -47.69
CA ASP K 72 -60.22 -3.11 -47.68
C ASP K 72 -59.12 -2.45 -46.85
N GLY K 73 -58.43 -1.49 -47.46
CA GLY K 73 -57.34 -0.79 -46.83
C GLY K 73 -55.95 -1.21 -47.25
N VAL K 74 -55.82 -2.35 -47.94
CA VAL K 74 -54.50 -2.84 -48.34
C VAL K 74 -53.85 -1.92 -49.38
N ALA K 75 -54.64 -1.48 -50.37
CA ALA K 75 -54.09 -0.71 -51.48
C ALA K 75 -53.57 0.66 -51.05
N SER K 76 -54.18 1.27 -50.04
CA SER K 76 -53.67 2.55 -49.57
C SER K 76 -52.41 2.41 -48.73
N MET K 77 -52.12 1.22 -48.20
CA MET K 77 -50.93 1.00 -47.38
C MET K 77 -49.68 0.67 -48.18
N ILE K 78 -49.83 0.17 -49.40
CA ILE K 78 -48.69 -0.28 -50.20
C ILE K 78 -48.41 0.81 -51.23
N HIS K 79 -47.38 1.60 -50.98
CA HIS K 79 -46.98 2.64 -51.92
C HIS K 79 -46.00 2.13 -52.96
N GLU K 80 -45.05 1.29 -52.55
CA GLU K 80 -44.12 0.66 -53.48
C GLU K 80 -43.60 -0.64 -52.87
N VAL K 81 -43.21 -1.57 -53.74
CA VAL K 81 -42.55 -2.81 -53.34
C VAL K 81 -41.22 -2.90 -54.06
N GLY K 82 -40.14 -3.07 -53.31
CA GLY K 82 -38.81 -3.24 -53.86
C GLY K 82 -38.27 -4.62 -53.59
N ILE K 83 -37.49 -5.14 -54.54
CA ILE K 83 -36.89 -6.47 -54.43
C ILE K 83 -35.66 -6.50 -55.33
N GLU K 84 -34.57 -7.07 -54.81
CA GLU K 84 -33.38 -7.33 -55.62
C GLU K 84 -33.43 -8.74 -56.15
N ALA K 85 -33.08 -8.90 -57.43
CA ALA K 85 -33.10 -10.21 -58.06
C ALA K 85 -31.93 -10.34 -59.03
N MET K 86 -31.46 -11.57 -59.21
CA MET K 86 -30.30 -11.84 -60.04
C MET K 86 -30.75 -12.17 -61.47
N PHE K 87 -30.38 -11.31 -62.40
CA PHE K 87 -30.60 -11.43 -63.84
C PHE K 87 -29.41 -12.17 -64.45
N PRO K 88 -29.39 -12.50 -65.74
CA PRO K 88 -28.14 -13.00 -66.35
C PRO K 88 -26.97 -12.01 -66.30
N ASP K 89 -27.23 -10.72 -66.19
CA ASP K 89 -26.17 -9.72 -66.06
C ASP K 89 -25.92 -9.30 -64.62
N GLY K 90 -26.49 -10.00 -63.65
CA GLY K 90 -26.19 -9.76 -62.24
C GLY K 90 -27.39 -9.25 -61.46
N THR K 91 -27.11 -8.90 -60.21
CA THR K 91 -28.14 -8.43 -59.28
C THR K 91 -28.58 -7.01 -59.62
N LYS K 92 -29.88 -6.80 -59.73
CA LYS K 92 -30.47 -5.49 -60.01
C LYS K 92 -31.64 -5.25 -59.05
N LEU K 93 -31.92 -3.97 -58.78
CA LEU K 93 -33.05 -3.58 -57.95
C LEU K 93 -34.26 -3.26 -58.82
N VAL K 94 -35.40 -3.86 -58.50
CA VAL K 94 -36.66 -3.63 -59.20
C VAL K 94 -37.67 -3.07 -58.20
N THR K 95 -38.20 -1.89 -58.51
CA THR K 95 -39.19 -1.23 -57.66
C THR K 95 -40.51 -1.14 -58.42
N VAL K 96 -41.58 -1.63 -57.80
CA VAL K 96 -42.91 -1.61 -58.40
C VAL K 96 -43.72 -0.49 -57.74
N HIS K 97 -44.15 0.49 -58.54
CA HIS K 97 -44.83 1.67 -58.03
C HIS K 97 -46.35 1.51 -58.13
N THR K 98 -47.05 1.72 -57.00
CA THR K 98 -48.49 1.65 -56.78
C THR K 98 -49.10 0.42 -57.44
N PRO K 99 -48.87 -0.78 -56.92
CA PRO K 99 -49.28 -1.98 -57.65
C PRO K 99 -50.78 -2.25 -57.63
N ILE K 100 -51.53 -1.73 -56.66
CA ILE K 100 -52.95 -2.04 -56.50
C ILE K 100 -53.74 -0.74 -56.44
N GLU K 101 -54.82 -0.67 -57.21
CA GLU K 101 -55.78 0.41 -57.07
C GLU K 101 -56.75 0.11 -55.92
N ALA K 102 -57.24 1.16 -55.28
CA ALA K 102 -58.15 1.03 -54.16
C ALA K 102 -59.61 0.97 -54.62
N ASN K 103 -60.44 0.31 -53.82
CA ASN K 103 -61.87 0.23 -54.13
C ASN K 103 -62.79 0.49 -52.95
N GLY K 104 -62.28 0.56 -51.72
CA GLY K 104 -63.08 0.89 -50.56
C GLY K 104 -62.73 2.24 -49.97
N LYS K 105 -63.31 2.51 -48.80
CA LYS K 105 -63.17 3.80 -48.15
C LYS K 105 -62.21 3.81 -46.96
N LEU K 106 -61.82 2.64 -46.46
CA LEU K 106 -60.97 2.59 -45.28
C LEU K 106 -59.53 2.99 -45.62
N VAL K 107 -59.03 4.04 -44.99
CA VAL K 107 -57.65 4.46 -45.13
C VAL K 107 -57.00 4.45 -43.74
N PRO K 108 -56.16 3.45 -43.46
CA PRO K 108 -55.46 3.44 -42.18
C PRO K 108 -54.44 4.57 -42.08
N GLY K 109 -54.41 5.23 -40.93
CA GLY K 109 -53.56 6.39 -40.75
C GLY K 109 -53.95 7.61 -41.57
N GLU K 110 -55.23 7.79 -41.82
CA GLU K 110 -55.73 8.89 -42.65
C GLU K 110 -55.55 10.24 -41.94
N LEU K 111 -55.17 11.25 -42.71
CA LEU K 111 -55.01 12.61 -42.20
C LEU K 111 -56.24 13.45 -42.54
N PHE K 112 -56.74 14.19 -41.55
CA PHE K 112 -57.84 15.14 -41.73
C PHE K 112 -57.30 16.54 -41.46
N LEU K 113 -57.13 17.32 -42.52
CA LEU K 113 -56.46 18.61 -42.42
C LEU K 113 -57.46 19.76 -42.45
N LYS K 114 -57.08 20.86 -41.80
CA LYS K 114 -57.77 22.12 -42.01
C LYS K 114 -57.41 22.68 -43.38
N ASN K 115 -58.18 23.67 -43.84
CA ASN K 115 -57.97 24.23 -45.16
C ASN K 115 -57.32 25.62 -45.14
N GLU K 116 -56.85 26.09 -43.99
CA GLU K 116 -56.17 27.38 -43.96
C GLU K 116 -54.70 27.23 -44.30
N ASP K 117 -54.18 28.22 -45.04
CA ASP K 117 -52.78 28.22 -45.43
C ASP K 117 -51.87 28.56 -44.25
N ILE K 118 -50.60 28.20 -44.37
CA ILE K 118 -49.59 28.49 -43.37
C ILE K 118 -48.73 29.64 -43.88
N THR K 119 -48.54 30.66 -43.03
CA THR K 119 -47.69 31.79 -43.36
C THR K 119 -46.30 31.57 -42.75
N ILE K 120 -45.28 31.47 -43.61
CA ILE K 120 -43.91 31.27 -43.15
C ILE K 120 -43.17 32.59 -43.18
N ASN K 121 -42.19 32.72 -42.28
CA ASN K 121 -41.31 33.90 -42.14
C ASN K 121 -42.11 35.18 -41.90
N GLU K 122 -43.01 35.11 -40.92
CA GLU K 122 -43.89 36.25 -40.60
C GLU K 122 -43.08 37.40 -40.03
N GLY K 123 -43.41 38.61 -40.49
CA GLY K 123 -42.69 39.80 -40.04
C GLY K 123 -41.39 40.06 -40.76
N LYS K 124 -41.02 39.25 -41.75
CA LYS K 124 -39.82 39.47 -42.54
C LYS K 124 -40.22 40.06 -43.89
N LYS K 125 -39.71 41.25 -44.20
CA LYS K 125 -39.99 41.91 -45.47
C LYS K 125 -38.96 41.50 -46.50
N ALA K 126 -39.44 41.13 -47.70
CA ALA K 126 -38.57 40.61 -48.75
C ALA K 126 -38.19 41.70 -49.76
N VAL K 127 -37.04 41.48 -50.41
CA VAL K 127 -36.59 42.28 -51.55
C VAL K 127 -36.38 41.35 -52.74
N SER K 128 -36.37 41.93 -53.94
CA SER K 128 -36.29 41.18 -55.19
C SER K 128 -35.00 41.51 -55.93
N VAL K 129 -34.29 40.46 -56.38
CA VAL K 129 -32.98 40.58 -57.02
C VAL K 129 -32.96 39.72 -58.29
N LYS K 130 -32.48 40.29 -59.40
CA LYS K 130 -32.33 39.56 -60.66
C LYS K 130 -30.98 38.87 -60.73
N VAL K 131 -30.98 37.57 -61.06
CA VAL K 131 -29.80 36.71 -61.02
C VAL K 131 -29.65 36.01 -62.37
N LYS K 132 -28.42 35.99 -62.91
CA LYS K 132 -28.12 35.31 -64.16
C LYS K 132 -26.94 34.35 -64.00
N ASN K 133 -27.09 33.14 -64.53
CA ASN K 133 -26.01 32.14 -64.57
C ASN K 133 -25.25 32.29 -65.88
N VAL K 134 -24.02 32.82 -65.81
CA VAL K 134 -23.20 33.00 -66.99
C VAL K 134 -22.17 31.89 -67.15
N GLY K 135 -22.21 30.85 -66.31
CA GLY K 135 -21.37 29.69 -66.46
C GLY K 135 -21.97 28.66 -67.40
N ASP K 136 -21.29 27.52 -67.50
CA ASP K 136 -21.70 26.45 -68.39
C ASP K 136 -22.23 25.20 -67.67
N ARG K 137 -22.43 25.28 -66.35
CA ARG K 137 -22.90 24.16 -65.55
C ARG K 137 -24.04 24.59 -64.65
N PRO K 138 -25.01 23.71 -64.37
CA PRO K 138 -26.18 24.11 -63.57
C PRO K 138 -25.85 24.32 -62.10
N VAL K 139 -26.60 25.22 -61.48
CA VAL K 139 -26.41 25.63 -60.08
C VAL K 139 -27.76 25.58 -59.36
N GLN K 140 -27.78 25.00 -58.15
CA GLN K 140 -28.99 24.91 -57.33
C GLN K 140 -28.68 25.36 -55.91
N ILE K 141 -29.52 26.25 -55.36
CA ILE K 141 -29.25 26.94 -54.09
C ILE K 141 -30.35 26.62 -53.09
N GLY K 142 -29.96 26.21 -51.88
CA GLY K 142 -30.91 25.88 -50.83
C GLY K 142 -31.45 27.11 -50.05
N SER K 143 -32.41 26.82 -49.16
CA SER K 143 -33.21 27.88 -48.54
C SER K 143 -32.43 28.68 -47.49
N HIS K 144 -31.46 28.08 -46.82
CA HIS K 144 -30.77 28.75 -45.72
C HIS K 144 -29.30 29.04 -46.02
N PHE K 145 -28.89 28.94 -47.29
CA PHE K 145 -27.53 29.33 -47.66
C PHE K 145 -27.40 30.85 -47.65
N HIS K 146 -26.25 31.36 -47.20
CA HIS K 146 -25.98 32.79 -47.25
C HIS K 146 -25.79 33.20 -48.71
N PHE K 147 -26.78 33.91 -49.25
CA PHE K 147 -26.88 34.13 -50.70
C PHE K 147 -25.76 34.99 -51.27
N PHE K 148 -25.12 35.81 -50.42
CA PHE K 148 -23.95 36.59 -50.81
C PHE K 148 -22.79 35.71 -51.28
N GLU K 149 -22.69 34.48 -50.76
CA GLU K 149 -21.51 33.65 -50.96
C GLU K 149 -21.74 32.49 -51.94
N VAL K 150 -22.75 32.59 -52.81
CA VAL K 150 -23.02 31.53 -53.78
C VAL K 150 -21.96 31.53 -54.88
N ASN K 151 -21.99 30.48 -55.72
CA ASN K 151 -21.08 30.21 -56.84
C ASN K 151 -20.74 31.46 -57.64
N ARG K 152 -19.45 31.68 -57.85
CA ARG K 152 -18.94 32.92 -58.43
C ARG K 152 -19.35 33.12 -59.88
N CYS K 153 -19.85 32.09 -60.56
CA CYS K 153 -20.37 32.24 -61.91
C CYS K 153 -21.79 32.79 -61.95
N LEU K 154 -22.46 32.98 -60.82
CA LEU K 154 -23.73 33.69 -60.81
C LEU K 154 -23.48 35.19 -60.77
N ASP K 155 -24.17 35.93 -61.62
CA ASP K 155 -23.99 37.37 -61.75
C ASP K 155 -25.21 38.10 -61.21
N PHE K 156 -25.00 38.92 -60.19
CA PHE K 156 -26.06 39.72 -59.57
C PHE K 156 -25.41 40.81 -58.72
N ASP K 157 -26.22 41.78 -58.31
CA ASP K 157 -25.77 42.86 -57.45
C ASP K 157 -25.54 42.34 -56.03
N ARG K 158 -24.30 41.94 -55.72
CA ARG K 158 -24.03 41.20 -54.48
C ARG K 158 -24.13 42.07 -53.24
N GLU K 159 -23.99 43.39 -53.40
CA GLU K 159 -24.07 44.32 -52.26
C GLU K 159 -25.44 44.28 -51.58
N LYS K 160 -26.50 44.10 -52.37
CA LYS K 160 -27.85 44.08 -51.82
C LYS K 160 -28.22 42.77 -51.15
N THR K 161 -27.38 41.75 -51.21
CA THR K 161 -27.72 40.43 -50.69
C THR K 161 -26.94 40.06 -49.43
N PHE K 162 -26.15 40.99 -48.88
CA PHE K 162 -25.36 40.70 -47.68
C PHE K 162 -26.27 40.46 -46.48
N GLY K 163 -26.04 39.35 -45.79
CA GLY K 163 -26.84 38.98 -44.65
C GLY K 163 -28.23 38.45 -44.95
N LYS K 164 -28.46 37.94 -46.15
CA LYS K 164 -29.80 37.53 -46.58
C LYS K 164 -29.80 36.08 -47.09
N ARG K 165 -31.00 35.49 -47.10
CA ARG K 165 -31.24 34.14 -47.59
C ARG K 165 -32.55 34.10 -48.36
N LEU K 166 -32.78 33.01 -49.08
CA LEU K 166 -33.99 32.85 -49.90
C LEU K 166 -35.25 32.73 -49.05
N ASP K 167 -36.32 33.37 -49.50
CA ASP K 167 -37.62 33.34 -48.82
C ASP K 167 -38.50 32.26 -49.43
N ILE K 168 -38.11 31.00 -49.21
CA ILE K 168 -38.84 29.84 -49.67
C ILE K 168 -39.04 28.91 -48.48
N ALA K 169 -39.80 27.84 -48.72
CA ALA K 169 -40.04 26.84 -47.68
C ALA K 169 -38.74 26.14 -47.30
N SER K 170 -38.57 25.90 -46.00
CA SER K 170 -37.35 25.36 -45.44
C SER K 170 -37.07 23.95 -45.97
N GLY K 171 -35.92 23.78 -46.61
CA GLY K 171 -35.57 22.52 -47.22
C GLY K 171 -35.80 22.43 -48.72
N THR K 172 -36.37 23.45 -49.34
CA THR K 172 -36.54 23.48 -50.79
C THR K 172 -35.41 24.29 -51.43
N ALA K 173 -35.41 24.39 -52.76
CA ALA K 173 -34.30 25.00 -53.49
C ALA K 173 -34.77 25.64 -54.78
N VAL K 174 -33.89 26.47 -55.36
CA VAL K 174 -34.10 27.17 -56.62
C VAL K 174 -32.96 26.79 -57.57
N ARG K 175 -33.31 26.45 -58.82
CA ARG K 175 -32.38 25.92 -59.81
C ARG K 175 -32.11 26.93 -60.92
N PHE K 176 -30.84 27.05 -61.33
CA PHE K 176 -30.42 27.92 -62.43
C PHE K 176 -29.73 27.08 -63.50
N GLU K 177 -30.36 26.95 -64.67
CA GLU K 177 -29.74 26.33 -65.82
C GLU K 177 -28.66 27.24 -66.40
N PRO K 178 -27.73 26.72 -67.21
CA PRO K 178 -26.78 27.59 -67.91
C PRO K 178 -27.47 28.59 -68.84
N GLY K 179 -27.11 29.86 -68.69
CA GLY K 179 -27.73 30.94 -69.44
C GLY K 179 -29.04 31.45 -68.88
N GLU K 180 -29.58 30.82 -67.85
CA GLU K 180 -30.88 31.18 -67.32
C GLU K 180 -30.81 32.45 -66.47
N GLU K 181 -31.86 33.26 -66.56
CA GLU K 181 -31.98 34.49 -65.78
C GLU K 181 -33.39 34.59 -65.19
N LYS K 182 -33.47 34.84 -63.88
CA LYS K 182 -34.74 34.99 -63.19
C LYS K 182 -34.53 35.80 -61.92
N SER K 183 -35.64 36.21 -61.30
CA SER K 183 -35.62 36.95 -60.05
C SER K 183 -35.94 36.06 -58.86
N VAL K 184 -35.35 36.39 -57.71
CA VAL K 184 -35.57 35.67 -56.47
C VAL K 184 -35.94 36.65 -55.36
N GLU K 185 -36.53 36.12 -54.29
CA GLU K 185 -36.93 36.89 -53.12
C GLU K 185 -36.02 36.57 -51.94
N LEU K 186 -35.52 37.60 -51.26
CA LEU K 186 -34.56 37.43 -50.18
C LEU K 186 -35.03 38.14 -48.91
N ILE K 187 -34.79 37.50 -47.76
CA ILE K 187 -35.11 38.04 -46.44
C ILE K 187 -33.88 37.95 -45.53
N ASP K 188 -33.92 38.72 -44.44
CA ASP K 188 -32.80 38.78 -43.52
C ASP K 188 -32.61 37.48 -42.74
N ILE K 189 -31.34 37.11 -42.52
CA ILE K 189 -30.99 36.01 -41.64
C ILE K 189 -31.32 36.39 -40.19
N GLY K 190 -31.93 35.47 -39.45
CA GLY K 190 -32.31 35.69 -38.07
C GLY K 190 -31.26 35.29 -37.05
N GLY K 191 -31.70 35.19 -35.79
CA GLY K 191 -30.82 34.82 -34.70
C GLY K 191 -29.81 35.89 -34.36
N ASN K 192 -28.62 35.45 -33.95
CA ASN K 192 -27.53 36.35 -33.63
C ASN K 192 -26.83 36.93 -34.85
N ARG K 193 -27.16 36.44 -36.06
CA ARG K 193 -26.56 36.88 -37.33
C ARG K 193 -25.04 36.74 -37.34
N ARG K 194 -24.54 35.63 -36.79
CA ARG K 194 -23.13 35.28 -36.85
C ARG K 194 -22.93 34.27 -37.97
N ILE K 195 -22.16 34.63 -38.98
CA ILE K 195 -22.04 33.87 -40.21
C ILE K 195 -20.65 33.24 -40.27
N PHE K 196 -20.58 31.92 -40.14
CA PHE K 196 -19.31 31.20 -40.17
C PHE K 196 -19.35 30.12 -41.24
N GLY K 197 -18.33 30.10 -42.09
CA GLY K 197 -18.22 29.15 -43.18
C GLY K 197 -18.59 29.69 -44.56
N PHE K 198 -19.16 28.80 -45.36
CA PHE K 198 -19.82 28.93 -46.67
C PHE K 198 -18.95 29.29 -47.87
N ASN K 199 -17.97 30.19 -47.70
CA ASN K 199 -16.87 30.41 -48.63
C ASN K 199 -15.75 31.12 -47.88
N ALA K 200 -15.94 31.28 -46.57
CA ALA K 200 -15.08 32.07 -45.68
C ALA K 200 -14.93 33.52 -46.15
N LEU K 201 -16.03 34.13 -46.60
CA LEU K 201 -16.01 35.54 -46.94
C LEU K 201 -16.37 36.44 -45.77
N VAL K 202 -17.01 35.92 -44.71
CA VAL K 202 -17.34 36.74 -43.55
C VAL K 202 -16.62 36.24 -42.30
N ASP K 203 -17.01 35.04 -41.83
CA ASP K 203 -16.44 34.39 -40.62
C ASP K 203 -16.49 35.27 -39.37
N ARG K 204 -17.52 36.10 -39.23
CA ARG K 204 -17.67 36.99 -38.07
C ARG K 204 -19.12 37.47 -37.99
N GLN K 205 -19.36 38.42 -37.08
CA GLN K 205 -20.66 39.08 -36.95
C GLN K 205 -20.99 39.87 -38.22
N ALA K 206 -22.21 39.71 -38.72
CA ALA K 206 -22.66 40.43 -39.90
C ALA K 206 -23.14 41.82 -39.50
N ASP K 207 -22.52 42.85 -40.06
CA ASP K 207 -22.90 44.24 -39.86
C ASP K 207 -22.32 45.06 -41.02
N ASN K 208 -22.46 46.38 -40.94
CA ASN K 208 -21.99 47.25 -42.03
C ASN K 208 -20.47 47.33 -42.08
N GLU K 209 -19.79 47.19 -40.94
CA GLU K 209 -18.33 47.15 -40.94
C GLU K 209 -17.82 45.87 -41.62
N SER K 210 -18.46 44.74 -41.35
CA SER K 210 -18.00 43.48 -41.95
C SER K 210 -18.39 43.37 -43.42
N LYS K 211 -19.34 44.18 -43.89
CA LYS K 211 -19.76 44.12 -45.29
C LYS K 211 -18.66 44.63 -46.22
N LYS K 212 -17.92 45.66 -45.82
CA LYS K 212 -16.83 46.21 -46.63
C LYS K 212 -15.70 45.20 -46.82
N ILE K 213 -15.32 44.51 -45.73
CA ILE K 213 -14.30 43.47 -45.80
C ILE K 213 -14.74 42.33 -46.70
N ALA K 214 -16.01 41.92 -46.58
CA ALA K 214 -16.55 40.83 -47.39
C ALA K 214 -16.59 41.19 -48.87
N LEU K 215 -16.94 42.44 -49.19
CA LEU K 215 -16.95 42.89 -50.58
C LEU K 215 -15.56 42.94 -51.18
N HIS K 216 -14.57 43.41 -50.38
CA HIS K 216 -13.18 43.42 -50.86
C HIS K 216 -12.66 42.00 -51.10
N ARG K 217 -12.95 41.07 -50.18
CA ARG K 217 -12.55 39.68 -50.33
C ARG K 217 -13.22 39.04 -51.54
N ALA K 218 -14.50 39.34 -51.77
CA ALA K 218 -15.22 38.77 -52.90
C ALA K 218 -14.70 39.30 -54.23
N LYS K 219 -14.30 40.57 -54.28
CA LYS K 219 -13.74 41.10 -55.51
C LYS K 219 -12.36 40.49 -55.80
N GLU K 220 -11.53 40.30 -54.77
CA GLU K 220 -10.21 39.72 -55.00
C GLU K 220 -10.27 38.27 -55.46
N ARG K 221 -11.33 37.54 -55.10
CA ARG K 221 -11.48 36.15 -55.49
C ARG K 221 -12.39 35.97 -56.70
N GLY K 222 -12.77 37.06 -57.36
CA GLY K 222 -13.44 36.97 -58.65
C GLY K 222 -14.91 36.60 -58.64
N PHE K 223 -15.65 36.94 -57.59
CA PHE K 223 -17.09 36.71 -57.58
C PHE K 223 -17.78 37.76 -58.44
N HIS K 224 -18.65 37.31 -59.34
CA HIS K 224 -19.27 38.20 -60.32
C HIS K 224 -20.27 39.16 -59.68
N GLY K 225 -20.26 40.40 -60.15
CA GLY K 225 -21.21 41.40 -59.70
C GLY K 225 -20.85 42.11 -58.42
N THR K 226 -19.65 41.89 -57.89
CA THR K 226 -19.22 42.55 -56.66
C THR K 226 -18.57 43.88 -57.00
N LYS K 227 -19.06 44.94 -56.38
CA LYS K 227 -18.56 46.29 -56.62
C LYS K 227 -18.04 46.85 -55.29
N SER K 228 -16.71 46.90 -55.15
CA SER K 228 -16.06 47.60 -54.06
C SER K 228 -15.08 48.60 -54.64
N ASP K 229 -15.04 49.79 -54.04
CA ASP K 229 -14.32 50.91 -54.61
C ASP K 229 -12.81 50.71 -54.50
N ASP K 230 -12.08 51.41 -55.37
CA ASP K 230 -10.64 51.43 -55.32
C ASP K 230 -10.18 52.26 -54.12
N ASN K 231 -8.87 52.16 -53.83
CA ASN K 231 -8.24 52.74 -52.64
C ASN K 231 -8.93 52.27 -51.35
N TYR K 232 -9.06 50.96 -51.22
CA TYR K 232 -9.58 50.33 -50.02
C TYR K 232 -8.58 50.47 -48.87
N VAL K 233 -9.09 50.71 -47.67
CA VAL K 233 -8.28 50.90 -46.46
C VAL K 233 -8.39 49.64 -45.62
N LYS K 234 -7.26 48.98 -45.37
CA LYS K 234 -7.23 47.77 -44.56
C LYS K 234 -7.41 48.09 -43.08
N THR K 235 -7.92 47.10 -42.34
CA THR K 235 -7.98 47.16 -40.89
C THR K 235 -6.88 46.27 -40.29
N ILE K 236 -6.82 46.23 -38.96
CA ILE K 236 -5.79 45.46 -38.27
C ILE K 236 -6.06 43.96 -38.34
N LYS K 237 -7.32 43.54 -38.51
CA LYS K 237 -7.67 42.12 -38.60
C LYS K 237 -8.59 41.90 -39.79
N GLU K 238 -8.06 41.33 -40.86
CA GLU K 238 -8.83 41.01 -42.05
C GLU K 238 -8.72 39.53 -42.36
N MET L 1 57.10 20.70 -14.85
CA MET L 1 56.96 20.84 -16.29
C MET L 1 55.55 21.27 -16.70
N LYS L 2 54.56 20.76 -15.96
CA LYS L 2 53.14 20.92 -16.23
C LYS L 2 52.77 20.47 -17.66
N LEU L 3 53.08 19.22 -17.96
CA LEU L 3 52.76 18.66 -19.26
C LEU L 3 51.26 18.45 -19.43
N THR L 4 50.76 18.76 -20.63
CA THR L 4 49.42 18.51 -21.12
C THR L 4 49.36 17.16 -21.84
N PRO L 5 48.17 16.59 -22.04
CA PRO L 5 48.07 15.34 -22.83
C PRO L 5 48.59 15.45 -24.27
N LYS L 6 48.46 16.63 -24.88
CA LYS L 6 49.01 16.88 -26.22
C LYS L 6 50.52 16.71 -26.25
N GLU L 7 51.20 17.23 -25.22
CA GLU L 7 52.66 17.14 -25.14
C GLU L 7 53.13 15.68 -25.02
N LEU L 8 52.40 14.88 -24.23
CA LEU L 8 52.72 13.46 -24.07
C LEU L 8 52.54 12.70 -25.39
N ASP L 9 51.44 12.96 -26.11
CA ASP L 9 51.21 12.31 -27.40
C ASP L 9 52.29 12.68 -28.42
N LYS L 10 52.71 13.95 -28.44
CA LYS L 10 53.75 14.35 -29.38
C LYS L 10 55.13 13.79 -29.00
N LEU L 11 55.39 13.59 -27.71
CA LEU L 11 56.64 12.95 -27.29
C LEU L 11 56.71 11.50 -27.78
N MET L 12 55.58 10.77 -27.67
CA MET L 12 55.51 9.42 -28.21
C MET L 12 55.74 9.40 -29.73
N LEU L 13 55.14 10.35 -30.44
CA LEU L 13 55.31 10.44 -31.89
C LEU L 13 56.77 10.71 -32.28
N HIS L 14 57.45 11.58 -31.52
CA HIS L 14 58.86 11.87 -31.77
C HIS L 14 59.73 10.63 -31.64
N TYR L 15 59.50 9.82 -30.60
CA TYR L 15 60.37 8.65 -30.48
C TYR L 15 60.01 7.51 -31.44
N ALA L 16 58.76 7.46 -31.92
CA ALA L 16 58.44 6.57 -33.04
C ALA L 16 59.23 6.96 -34.29
N GLY L 17 59.30 8.27 -34.57
CA GLY L 17 60.10 8.74 -35.69
C GLY L 17 61.59 8.46 -35.53
N GLU L 18 62.09 8.56 -34.30
CA GLU L 18 63.50 8.25 -34.04
C GLU L 18 63.82 6.78 -34.30
N LEU L 19 62.91 5.88 -33.90
CA LEU L 19 63.09 4.45 -34.20
C LEU L 19 63.11 4.21 -35.70
N ALA L 20 62.22 4.88 -36.44
CA ALA L 20 62.22 4.76 -37.90
C ALA L 20 63.52 5.24 -38.52
N ARG L 21 64.09 6.34 -37.99
CA ARG L 21 65.34 6.86 -38.52
C ARG L 21 66.51 5.92 -38.25
N LYS L 22 66.55 5.29 -37.05
CA LYS L 22 67.60 4.32 -36.75
C LYS L 22 67.50 3.10 -37.66
N ARG L 23 66.28 2.62 -37.93
CA ARG L 23 66.10 1.49 -38.83
C ARG L 23 66.48 1.84 -40.27
N LYS L 24 66.24 3.08 -40.69
CA LYS L 24 66.69 3.52 -42.02
C LYS L 24 68.22 3.58 -42.09
N GLU L 25 68.88 4.00 -41.01
CA GLU L 25 70.33 4.02 -40.99
C GLU L 25 70.93 2.62 -41.04
N LYS L 26 70.23 1.62 -40.50
CA LYS L 26 70.75 0.25 -40.61
C LYS L 26 70.51 -0.39 -41.97
N GLY L 27 69.86 0.28 -42.91
CA GLY L 27 69.63 -0.27 -44.23
C GLY L 27 68.34 -1.05 -44.42
N ILE L 28 67.37 -0.88 -43.53
CA ILE L 28 66.11 -1.61 -43.59
C ILE L 28 65.09 -0.78 -44.36
N LYS L 29 64.38 -1.40 -45.31
CA LYS L 29 63.32 -0.72 -46.05
C LYS L 29 62.13 -0.46 -45.14
N LEU L 30 61.69 0.80 -45.09
CA LEU L 30 60.67 1.21 -44.14
C LEU L 30 59.28 0.76 -44.58
N ASN L 31 58.42 0.47 -43.59
CA ASN L 31 57.03 0.13 -43.87
C ASN L 31 56.17 1.40 -43.79
N TYR L 32 54.85 1.21 -43.75
CA TYR L 32 53.89 2.32 -43.77
C TYR L 32 53.98 3.18 -42.51
N VAL L 33 53.95 2.53 -41.33
CA VAL L 33 53.96 3.23 -40.05
C VAL L 33 55.27 3.99 -39.85
N GLU L 34 56.39 3.35 -40.19
CA GLU L 34 57.71 3.97 -40.04
C GLU L 34 57.87 5.22 -40.90
N ALA L 35 57.39 5.17 -42.14
CA ALA L 35 57.49 6.31 -43.05
C ALA L 35 56.65 7.49 -42.57
N VAL L 36 55.42 7.22 -42.13
CA VAL L 36 54.55 8.29 -41.61
C VAL L 36 55.18 8.94 -40.37
N ALA L 37 55.72 8.11 -39.47
CA ALA L 37 56.33 8.63 -38.24
C ALA L 37 57.58 9.46 -38.53
N LEU L 38 58.40 9.03 -39.49
CA LEU L 38 59.63 9.75 -39.82
C LEU L 38 59.33 11.15 -40.37
N ILE L 39 58.37 11.23 -41.30
CA ILE L 39 58.01 12.54 -41.88
C ILE L 39 57.44 13.48 -40.82
N SER L 40 56.54 12.96 -39.95
CA SER L 40 55.93 13.79 -38.90
C SER L 40 56.96 14.33 -37.92
N ALA L 41 57.89 13.49 -37.48
CA ALA L 41 58.89 13.90 -36.50
C ALA L 41 59.86 14.94 -37.07
N HIS L 42 60.24 14.77 -38.35
CA HIS L 42 61.11 15.76 -39.00
C HIS L 42 60.45 17.13 -39.08
N ILE L 43 59.15 17.17 -39.43
CA ILE L 43 58.44 18.45 -39.52
C ILE L 43 58.37 19.14 -38.15
N MET L 44 58.09 18.37 -37.09
CA MET L 44 58.00 18.95 -35.75
C MET L 44 59.33 19.57 -35.29
N GLU L 45 60.45 18.88 -35.57
CA GLU L 45 61.76 19.45 -35.18
C GLU L 45 62.09 20.72 -35.97
N GLU L 46 61.79 20.72 -37.28
CA GLU L 46 62.07 21.90 -38.09
C GLU L 46 61.22 23.09 -37.66
N ALA L 47 59.98 22.85 -37.23
CA ALA L 47 59.18 23.96 -36.73
C ALA L 47 59.66 24.47 -35.38
N ARG L 48 60.20 23.59 -34.53
CA ARG L 48 60.77 24.04 -33.26
C ARG L 48 61.99 24.94 -33.48
N ALA L 49 62.78 24.64 -34.52
CA ALA L 49 64.00 25.42 -34.78
C ALA L 49 63.68 26.87 -35.15
N GLY L 50 62.55 27.13 -35.80
CA GLY L 50 62.08 28.49 -35.97
C GLY L 50 62.65 29.29 -37.13
N LYS L 51 63.29 28.64 -38.10
CA LYS L 51 63.90 29.35 -39.21
C LYS L 51 63.17 29.16 -40.54
N LYS L 52 62.06 28.44 -40.57
CA LYS L 52 61.34 28.16 -41.80
C LYS L 52 59.85 28.37 -41.60
N THR L 53 59.18 28.74 -42.69
CA THR L 53 57.74 28.90 -42.68
C THR L 53 57.05 27.54 -42.90
N ALA L 54 55.73 27.54 -42.71
CA ALA L 54 54.96 26.31 -42.89
C ALA L 54 54.89 25.90 -44.36
N ALA L 55 54.84 26.89 -45.25
CA ALA L 55 54.77 26.61 -46.69
C ALA L 55 56.07 26.01 -47.21
N GLU L 56 57.21 26.43 -46.67
CA GLU L 56 58.48 25.81 -47.03
C GLU L 56 58.57 24.39 -46.50
N LEU L 57 58.02 24.14 -45.30
CA LEU L 57 58.06 22.78 -44.73
C LEU L 57 57.16 21.84 -45.50
N MET L 58 56.07 22.35 -46.09
CA MET L 58 55.21 21.53 -46.96
C MET L 58 55.95 20.99 -48.17
N GLN L 59 56.92 21.74 -48.70
CA GLN L 59 57.75 21.25 -49.80
C GLN L 59 58.95 20.44 -49.31
N GLU L 60 59.50 20.78 -48.15
CA GLU L 60 60.64 20.07 -47.63
C GLU L 60 60.28 18.64 -47.21
N GLY L 61 59.02 18.41 -46.82
CA GLY L 61 58.60 17.07 -46.45
C GLY L 61 58.57 16.06 -47.58
N ARG L 62 58.63 16.52 -48.83
CA ARG L 62 58.57 15.65 -49.99
C ARG L 62 59.93 15.12 -50.43
N THR L 63 61.02 15.56 -49.80
CA THR L 63 62.35 15.13 -50.19
C THR L 63 62.99 14.16 -49.20
N LEU L 64 62.27 13.76 -48.16
CA LEU L 64 62.89 12.98 -47.09
C LEU L 64 63.11 11.52 -47.46
N LEU L 65 62.23 10.93 -48.27
CA LEU L 65 62.29 9.50 -48.58
C LEU L 65 62.34 9.29 -50.09
N LYS L 66 63.38 8.63 -50.55
CA LYS L 66 63.48 8.20 -51.94
C LYS L 66 62.57 6.99 -52.18
N PRO L 67 62.20 6.73 -53.44
CA PRO L 67 61.39 5.52 -53.73
C PRO L 67 62.03 4.20 -53.36
N ASP L 68 63.37 4.12 -53.32
CA ASP L 68 64.04 2.89 -52.93
C ASP L 68 64.15 2.69 -51.43
N ASP L 69 63.76 3.70 -50.63
CA ASP L 69 63.88 3.60 -49.18
C ASP L 69 62.74 2.85 -48.51
N VAL L 70 61.65 2.55 -49.23
CA VAL L 70 60.47 1.97 -48.60
C VAL L 70 60.13 0.64 -49.26
N MET L 71 59.33 -0.15 -48.55
CA MET L 71 58.86 -1.42 -49.08
C MET L 71 57.88 -1.18 -50.24
N ASP L 72 57.72 -2.21 -51.06
CA ASP L 72 56.80 -2.16 -52.19
C ASP L 72 55.37 -2.03 -51.69
N GLY L 73 54.66 -1.01 -52.18
CA GLY L 73 53.30 -0.75 -51.79
C GLY L 73 53.12 0.41 -50.83
N VAL L 74 54.20 0.88 -50.20
CA VAL L 74 54.09 1.97 -49.21
C VAL L 74 53.66 3.28 -49.87
N ALA L 75 54.24 3.60 -51.03
CA ALA L 75 54.01 4.90 -51.66
C ALA L 75 52.58 5.05 -52.16
N SER L 76 51.93 3.96 -52.57
CA SER L 76 50.54 4.06 -53.00
C SER L 76 49.57 4.19 -51.83
N MET L 77 49.99 3.82 -50.61
CA MET L 77 49.13 3.91 -49.43
C MET L 77 49.14 5.27 -48.76
N ILE L 78 50.19 6.07 -48.94
CA ILE L 78 50.35 7.34 -48.26
C ILE L 78 49.97 8.43 -49.25
N HIS L 79 48.78 8.98 -49.09
CA HIS L 79 48.34 10.07 -49.95
C HIS L 79 48.74 11.43 -49.40
N GLU L 80 48.64 11.61 -48.08
CA GLU L 80 49.10 12.84 -47.43
C GLU L 80 49.42 12.55 -45.98
N VAL L 81 50.32 13.35 -45.41
CA VAL L 81 50.65 13.30 -43.99
C VAL L 81 50.42 14.69 -43.40
N GLY L 82 49.61 14.76 -42.34
CA GLY L 82 49.34 16.00 -41.64
C GLY L 82 49.90 15.97 -40.24
N ILE L 83 50.36 17.12 -39.77
CA ILE L 83 50.94 17.27 -38.43
C ILE L 83 50.80 18.72 -38.01
N GLU L 84 50.39 18.94 -36.76
CA GLU L 84 50.38 20.27 -36.17
C GLU L 84 51.67 20.49 -35.40
N ALA L 85 52.26 21.68 -35.56
CA ALA L 85 53.51 22.00 -34.89
C ALA L 85 53.51 23.46 -34.46
N MET L 86 54.24 23.75 -33.38
CA MET L 86 54.26 25.09 -32.82
C MET L 86 55.45 25.87 -33.38
N PHE L 87 55.14 26.92 -34.13
CA PHE L 87 56.08 27.87 -34.72
C PHE L 87 56.31 29.00 -33.72
N PRO L 88 57.19 29.98 -33.97
CA PRO L 88 57.23 31.16 -33.09
C PRO L 88 55.94 31.97 -33.07
N ASP L 89 55.10 31.88 -34.10
CA ASP L 89 53.80 32.56 -34.12
C ASP L 89 52.64 31.66 -33.72
N GLY L 90 52.92 30.47 -33.20
CA GLY L 90 51.89 29.60 -32.65
C GLY L 90 51.73 28.31 -33.44
N THR L 91 50.69 27.56 -33.06
CA THR L 91 50.42 26.26 -33.65
C THR L 91 49.81 26.41 -35.04
N LYS L 92 50.38 25.70 -36.02
CA LYS L 92 49.90 25.70 -37.40
C LYS L 92 49.82 24.26 -37.91
N LEU L 93 48.93 24.02 -38.87
CA LEU L 93 48.80 22.73 -39.51
C LEU L 93 49.63 22.68 -40.79
N VAL L 94 50.45 21.64 -40.92
CA VAL L 94 51.29 21.42 -42.10
C VAL L 94 50.88 20.09 -42.72
N THR L 95 50.48 20.13 -43.99
CA THR L 95 50.09 18.93 -44.73
C THR L 95 51.08 18.70 -45.87
N VAL L 96 51.64 17.50 -45.93
CA VAL L 96 52.60 17.11 -46.96
C VAL L 96 51.88 16.23 -47.99
N HIS L 97 51.81 16.70 -49.24
CA HIS L 97 51.08 16.02 -50.29
C HIS L 97 52.00 15.14 -51.12
N THR L 98 51.61 13.85 -51.25
CA THR L 98 52.28 12.76 -51.99
C THR L 98 53.78 12.74 -51.74
N PRO L 99 54.24 12.34 -50.54
CA PRO L 99 55.66 12.51 -50.22
C PRO L 99 56.58 11.53 -50.92
N ILE L 100 56.09 10.36 -51.37
CA ILE L 100 56.94 9.32 -51.93
C ILE L 100 56.40 8.92 -53.31
N GLU L 101 57.29 8.85 -54.29
CA GLU L 101 56.93 8.26 -55.58
C GLU L 101 57.04 6.74 -55.51
N ALA L 102 56.23 6.07 -56.31
CA ALA L 102 56.19 4.61 -56.33
C ALA L 102 57.21 4.06 -57.33
N ASN L 103 57.68 2.84 -57.07
CA ASN L 103 58.60 2.17 -57.97
C ASN L 103 58.27 0.72 -58.27
N GLY L 104 57.34 0.09 -57.55
CA GLY L 104 56.92 -1.26 -57.82
C GLY L 104 55.50 -1.34 -58.34
N LYS L 105 55.00 -2.57 -58.43
CA LYS L 105 53.69 -2.82 -59.02
C LYS L 105 52.61 -3.15 -58.00
N LEU L 106 52.95 -3.42 -56.75
CA LEU L 106 51.96 -3.81 -55.75
C LEU L 106 51.15 -2.60 -55.31
N VAL L 107 49.85 -2.65 -55.52
CA VAL L 107 48.92 -1.62 -55.05
C VAL L 107 47.90 -2.29 -54.13
N PRO L 108 48.02 -2.10 -52.81
CA PRO L 108 47.01 -2.65 -51.89
C PRO L 108 45.67 -1.95 -52.05
N GLY L 109 44.60 -2.74 -52.06
CA GLY L 109 43.28 -2.22 -52.31
C GLY L 109 43.05 -1.68 -53.70
N GLU L 110 43.70 -2.27 -54.71
CA GLU L 110 43.59 -1.82 -56.08
C GLU L 110 42.21 -2.09 -56.66
N LEU L 111 41.71 -1.13 -57.45
CA LEU L 111 40.43 -1.27 -58.12
C LEU L 111 40.62 -1.68 -59.58
N PHE L 112 39.85 -2.67 -60.03
CA PHE L 112 39.83 -3.11 -61.43
C PHE L 112 38.44 -2.82 -61.99
N LEU L 113 38.35 -1.80 -62.84
CA LEU L 113 37.07 -1.30 -63.31
C LEU L 113 36.79 -1.77 -64.73
N LYS L 114 35.49 -1.90 -65.04
CA LYS L 114 35.07 -2.03 -66.43
C LYS L 114 35.20 -0.68 -67.12
N ASN L 115 35.13 -0.70 -68.45
CA ASN L 115 35.31 0.52 -69.23
C ASN L 115 34.02 1.08 -69.81
N GLU L 116 32.85 0.54 -69.42
CA GLU L 116 31.59 1.09 -69.92
C GLU L 116 31.14 2.27 -69.07
N ASP L 117 30.57 3.26 -69.73
CA ASP L 117 30.08 4.45 -69.05
C ASP L 117 28.77 4.14 -68.31
N ILE L 118 28.46 5.00 -67.33
CA ILE L 118 27.23 4.90 -66.55
C ILE L 118 26.25 5.95 -67.04
N THR L 119 25.02 5.55 -67.33
CA THR L 119 23.97 6.47 -67.74
C THR L 119 23.12 6.85 -66.53
N ILE L 120 23.11 8.12 -66.17
CA ILE L 120 22.34 8.62 -65.04
C ILE L 120 21.05 9.25 -65.54
N ASN L 121 20.01 9.20 -64.71
CA ASN L 121 18.69 9.77 -64.96
C ASN L 121 18.07 9.23 -66.26
N GLU L 122 18.06 7.89 -66.38
CA GLU L 122 17.55 7.24 -67.58
C GLU L 122 16.05 7.44 -67.70
N GLY L 123 15.59 7.73 -68.92
CA GLY L 123 14.19 7.98 -69.16
C GLY L 123 13.72 9.37 -68.84
N LYS L 124 14.61 10.27 -68.43
CA LYS L 124 14.26 11.66 -68.16
C LYS L 124 14.74 12.52 -69.33
N LYS L 125 13.81 13.22 -69.98
CA LYS L 125 14.15 14.09 -71.09
C LYS L 125 14.45 15.49 -70.58
N ALA L 126 15.55 16.07 -71.06
CA ALA L 126 16.04 17.37 -70.58
C ALA L 126 15.59 18.51 -71.48
N VAL L 127 15.50 19.70 -70.90
CA VAL L 127 15.30 20.95 -71.62
C VAL L 127 16.46 21.90 -71.29
N SER L 128 16.67 22.89 -72.15
CA SER L 128 17.79 23.82 -72.04
C SER L 128 17.30 25.24 -71.78
N VAL L 129 17.90 25.91 -70.79
CA VAL L 129 17.49 27.24 -70.34
C VAL L 129 18.73 28.12 -70.21
N LYS L 130 18.67 29.35 -70.73
CA LYS L 130 19.75 30.32 -70.61
C LYS L 130 19.59 31.14 -69.33
N VAL L 131 20.67 31.24 -68.54
CA VAL L 131 20.66 31.85 -67.22
C VAL L 131 21.75 32.91 -67.14
N LYS L 132 21.44 34.09 -66.60
CA LYS L 132 22.40 35.17 -66.41
C LYS L 132 22.40 35.67 -64.96
N ASN L 133 23.59 35.85 -64.40
CA ASN L 133 23.77 36.43 -63.07
C ASN L 133 23.95 37.93 -63.21
N VAL L 134 22.94 38.71 -62.82
CA VAL L 134 23.00 40.16 -62.90
C VAL L 134 23.34 40.79 -61.56
N GLY L 135 23.65 40.00 -60.55
CA GLY L 135 24.13 40.50 -59.27
C GLY L 135 25.63 40.73 -59.26
N ASP L 136 26.14 41.09 -58.08
CA ASP L 136 27.54 41.41 -57.91
C ASP L 136 28.30 40.37 -57.07
N ARG L 137 27.67 39.24 -56.75
CA ARG L 137 28.28 38.20 -55.93
C ARG L 137 28.08 36.84 -56.58
N PRO L 138 29.04 35.91 -56.43
CA PRO L 138 28.94 34.61 -57.11
C PRO L 138 27.88 33.71 -56.51
N VAL L 139 27.30 32.85 -57.35
CA VAL L 139 26.20 31.96 -57.00
C VAL L 139 26.55 30.54 -57.49
N GLN L 140 26.33 29.53 -56.64
CA GLN L 140 26.59 28.14 -56.98
C GLN L 140 25.38 27.28 -56.59
N ILE L 141 24.91 26.44 -57.51
CA ILE L 141 23.64 25.72 -57.37
C ILE L 141 23.89 24.21 -57.42
N GLY L 142 23.36 23.47 -56.42
CA GLY L 142 23.53 22.02 -56.37
C GLY L 142 22.55 21.25 -57.25
N SER L 143 22.77 19.92 -57.30
CA SER L 143 22.11 19.07 -58.29
C SER L 143 20.63 18.84 -58.00
N HIS L 144 20.22 18.86 -56.73
CA HIS L 144 18.84 18.53 -56.38
C HIS L 144 18.06 19.71 -55.82
N PHE L 145 18.56 20.93 -55.98
CA PHE L 145 17.81 22.12 -55.59
C PHE L 145 16.69 22.37 -56.58
N HIS L 146 15.53 22.81 -56.08
CA HIS L 146 14.41 23.19 -56.95
C HIS L 146 14.77 24.47 -57.69
N PHE L 147 15.06 24.35 -58.98
CA PHE L 147 15.70 25.43 -59.74
C PHE L 147 14.82 26.67 -59.89
N PHE L 148 13.50 26.51 -59.78
CA PHE L 148 12.57 27.64 -59.77
C PHE L 148 12.84 28.62 -58.63
N GLU L 149 13.38 28.15 -57.51
CA GLU L 149 13.48 28.94 -56.29
C GLU L 149 14.90 29.42 -55.99
N VAL L 150 15.79 29.47 -56.98
CA VAL L 150 17.16 29.92 -56.77
C VAL L 150 17.20 31.43 -56.54
N ASN L 151 18.37 31.94 -56.13
CA ASN L 151 18.67 33.34 -55.82
C ASN L 151 18.05 34.31 -56.81
N ARG L 152 17.35 35.32 -56.27
CA ARG L 152 16.53 36.22 -57.07
C ARG L 152 17.34 37.10 -58.01
N CYS L 153 18.66 37.19 -57.82
CA CYS L 153 19.51 37.92 -58.76
C CYS L 153 19.86 37.13 -60.01
N LEU L 154 19.48 35.86 -60.11
CA LEU L 154 19.62 35.13 -61.37
C LEU L 154 18.43 35.44 -62.27
N ASP L 155 18.69 35.76 -63.53
CA ASP L 155 17.66 36.14 -64.48
C ASP L 155 17.49 35.05 -65.53
N PHE L 156 16.29 34.47 -65.59
CA PHE L 156 15.94 33.43 -66.55
C PHE L 156 14.42 33.32 -66.61
N ASP L 157 13.94 32.60 -67.63
CA ASP L 157 12.50 32.36 -67.80
C ASP L 157 12.04 31.35 -66.76
N ARG L 158 11.54 31.83 -65.62
CA ARG L 158 11.29 30.97 -64.47
C ARG L 158 10.09 30.05 -64.68
N GLU L 159 9.18 30.40 -65.58
CA GLU L 159 7.99 29.59 -65.85
C GLU L 159 8.35 28.21 -66.39
N LYS L 160 9.42 28.12 -67.19
CA LYS L 160 9.82 26.86 -67.79
C LYS L 160 10.57 25.95 -66.82
N THR L 161 10.90 26.40 -65.62
CA THR L 161 11.72 25.63 -64.69
C THR L 161 10.93 25.12 -63.48
N PHE L 162 9.61 25.28 -63.47
CA PHE L 162 8.80 24.84 -62.33
C PHE L 162 8.81 23.31 -62.25
N GLY L 163 9.11 22.79 -61.08
CA GLY L 163 9.19 21.36 -60.85
C GLY L 163 10.40 20.67 -61.43
N LYS L 164 11.50 21.39 -61.67
CA LYS L 164 12.67 20.83 -62.33
C LYS L 164 13.94 21.05 -61.51
N ARG L 165 14.96 20.23 -61.80
CA ARG L 165 16.27 20.30 -61.17
C ARG L 165 17.35 20.08 -62.23
N LEU L 166 18.60 20.35 -61.86
CA LEU L 166 19.73 20.21 -62.78
C LEU L 166 20.01 18.75 -63.13
N ASP L 167 20.34 18.50 -64.40
CA ASP L 167 20.66 17.15 -64.89
C ASP L 167 22.17 16.95 -64.88
N ILE L 168 22.72 16.88 -63.68
CA ILE L 168 24.15 16.64 -63.47
C ILE L 168 24.29 15.49 -62.48
N ALA L 169 25.53 15.07 -62.27
CA ALA L 169 25.82 14.00 -61.31
C ALA L 169 25.46 14.44 -59.90
N SER L 170 24.87 13.52 -59.14
CA SER L 170 24.35 13.80 -57.80
C SER L 170 25.47 14.20 -56.85
N GLY L 171 25.34 15.39 -56.28
CA GLY L 171 26.35 15.95 -55.41
C GLY L 171 27.30 16.94 -56.05
N THR L 172 27.19 17.19 -57.35
CA THR L 172 28.01 18.20 -58.02
C THR L 172 27.20 19.49 -58.16
N ALA L 173 27.82 20.53 -58.74
CA ALA L 173 27.21 21.85 -58.77
C ALA L 173 27.66 22.63 -60.00
N VAL L 174 26.94 23.73 -60.27
CA VAL L 174 27.20 24.66 -61.38
C VAL L 174 27.39 26.06 -60.79
N ARG L 175 28.43 26.75 -61.23
CA ARG L 175 28.85 28.04 -60.67
C ARG L 175 28.58 29.19 -61.64
N PHE L 176 28.06 30.31 -61.13
CA PHE L 176 27.82 31.52 -61.91
C PHE L 176 28.61 32.68 -61.30
N GLU L 177 29.61 33.17 -62.03
CA GLU L 177 30.33 34.37 -61.65
C GLU L 177 29.45 35.61 -61.88
N PRO L 178 29.77 36.75 -61.26
CA PRO L 178 29.04 37.99 -61.57
C PRO L 178 29.17 38.38 -63.04
N GLY L 179 28.02 38.65 -63.66
CA GLY L 179 27.96 38.95 -65.08
C GLY L 179 27.98 37.77 -66.01
N GLU L 180 28.15 36.56 -65.50
CA GLU L 180 28.29 35.38 -66.34
C GLU L 180 26.93 34.92 -66.87
N GLU L 181 26.93 34.43 -68.11
CA GLU L 181 25.74 33.90 -68.76
C GLU L 181 26.07 32.58 -69.43
N LYS L 182 25.26 31.55 -69.17
CA LYS L 182 25.45 30.23 -69.77
C LYS L 182 24.12 29.47 -69.73
N SER L 183 24.07 28.36 -70.44
CA SER L 183 22.90 27.50 -70.50
C SER L 183 23.07 26.27 -69.60
N VAL L 184 21.95 25.78 -69.06
CA VAL L 184 21.93 24.61 -68.20
C VAL L 184 20.86 23.64 -68.70
N GLU L 185 20.97 22.39 -68.26
CA GLU L 185 20.05 21.32 -68.61
C GLU L 185 19.21 20.95 -67.39
N LEU L 186 17.89 20.86 -67.57
CA LEU L 186 16.97 20.60 -66.47
C LEU L 186 16.07 19.41 -66.77
N ILE L 187 15.79 18.60 -65.73
CA ILE L 187 14.91 17.44 -65.80
C ILE L 187 13.89 17.51 -64.68
N ASP L 188 12.81 16.74 -64.83
CA ASP L 188 11.72 16.72 -63.85
C ASP L 188 12.15 16.10 -62.52
N ILE L 189 11.65 16.67 -61.43
CA ILE L 189 11.79 16.09 -60.10
C ILE L 189 10.95 14.81 -60.02
N GLY L 190 11.52 13.76 -59.44
CA GLY L 190 10.84 12.48 -59.32
C GLY L 190 10.07 12.30 -58.02
N GLY L 191 9.72 11.05 -57.74
CA GLY L 191 8.99 10.71 -56.53
C GLY L 191 7.55 11.20 -56.55
N ASN L 192 7.06 11.59 -55.38
CA ASN L 192 5.71 12.13 -55.24
C ASN L 192 5.59 13.57 -55.70
N ARG L 193 6.71 14.24 -56.00
CA ARG L 193 6.76 15.65 -56.44
C ARG L 193 6.10 16.60 -55.43
N ARG L 194 6.35 16.36 -54.15
CA ARG L 194 5.91 17.24 -53.07
C ARG L 194 7.09 18.11 -52.66
N ILE L 195 6.96 19.43 -52.85
CA ILE L 195 8.08 20.36 -52.70
C ILE L 195 7.85 21.19 -51.45
N PHE L 196 8.67 20.98 -50.42
CA PHE L 196 8.55 21.71 -49.16
C PHE L 196 9.87 22.39 -48.83
N GLY L 197 9.81 23.68 -48.53
CA GLY L 197 10.98 24.48 -48.21
C GLY L 197 11.49 25.37 -49.32
N PHE L 198 12.82 25.53 -49.34
CA PHE L 198 13.72 26.13 -50.32
C PHE L 198 13.65 27.65 -50.51
N ASN L 199 12.45 28.24 -50.50
CA ASN L 199 12.22 29.67 -50.35
C ASN L 199 10.79 29.88 -49.90
N ALA L 200 10.09 28.76 -49.64
CA ALA L 200 8.65 28.71 -49.34
C ALA L 200 7.81 29.35 -50.45
N LEU L 201 8.17 29.07 -51.70
CA LEU L 201 7.34 29.51 -52.82
C LEU L 201 6.29 28.48 -53.23
N VAL L 202 6.44 27.21 -52.85
CA VAL L 202 5.44 26.22 -53.18
C VAL L 202 4.78 25.63 -51.93
N ASP L 203 5.56 24.89 -51.13
CA ASP L 203 5.12 24.24 -49.88
C ASP L 203 3.89 23.35 -50.06
N ARG L 204 3.76 22.69 -51.21
CA ARG L 204 2.61 21.81 -51.48
C ARG L 204 2.96 20.90 -52.66
N GLN L 205 1.96 20.16 -53.13
CA GLN L 205 2.08 19.33 -54.32
C GLN L 205 2.34 20.18 -55.55
N ALA L 206 3.33 19.78 -56.36
CA ALA L 206 3.65 20.50 -57.58
C ALA L 206 2.72 20.04 -58.71
N ASP L 207 1.98 20.99 -59.27
CA ASP L 207 1.09 20.76 -60.42
C ASP L 207 0.83 22.10 -61.08
N ASN L 208 -0.06 22.12 -62.07
CA ASN L 208 -0.34 23.36 -62.81
C ASN L 208 -1.13 24.36 -61.98
N GLU L 209 -1.97 23.88 -61.06
CA GLU L 209 -2.67 24.79 -60.14
C GLU L 209 -1.69 25.49 -59.20
N SER L 210 -0.71 24.75 -58.66
CA SER L 210 0.23 25.35 -57.74
C SER L 210 1.27 26.22 -58.44
N LYS L 211 1.42 26.08 -59.76
CA LYS L 211 2.39 26.90 -60.50
C LYS L 211 1.97 28.37 -60.55
N LYS L 212 0.66 28.64 -60.70
CA LYS L 212 0.16 30.01 -60.73
C LYS L 212 0.39 30.74 -59.42
N ILE L 213 0.13 30.06 -58.30
CA ILE L 213 0.38 30.63 -56.97
C ILE L 213 1.86 30.92 -56.78
N ALA L 214 2.72 29.98 -57.19
CA ALA L 214 4.16 30.14 -57.05
C ALA L 214 4.69 31.30 -57.89
N LEU L 215 4.15 31.47 -59.11
CA LEU L 215 4.57 32.58 -59.96
C LEU L 215 4.13 33.93 -59.38
N HIS L 216 2.91 33.99 -58.82
CA HIS L 216 2.46 35.22 -58.18
C HIS L 216 3.31 35.58 -56.96
N ARG L 217 3.62 34.57 -56.14
CA ARG L 217 4.47 34.78 -54.96
C ARG L 217 5.87 35.22 -55.36
N ALA L 218 6.42 34.63 -56.43
CA ALA L 218 7.76 34.98 -56.89
C ALA L 218 7.81 36.39 -57.45
N LYS L 219 6.75 36.82 -58.14
CA LYS L 219 6.73 38.19 -58.64
C LYS L 219 6.62 39.21 -57.50
N GLU L 220 5.81 38.91 -56.48
CA GLU L 220 5.66 39.86 -55.37
C GLU L 220 6.95 39.99 -54.54
N ARG L 221 7.79 38.97 -54.52
CA ARG L 221 9.05 39.01 -53.78
C ARG L 221 10.24 39.35 -54.66
N GLY L 222 10.01 39.76 -55.90
CA GLY L 222 11.07 40.31 -56.73
C GLY L 222 12.06 39.34 -57.32
N PHE L 223 11.65 38.11 -57.63
CA PHE L 223 12.53 37.17 -58.32
C PHE L 223 12.58 37.52 -59.79
N HIS L 224 13.79 37.61 -60.34
CA HIS L 224 13.99 38.08 -61.71
C HIS L 224 13.49 37.08 -62.74
N GLY L 225 12.86 37.59 -63.79
CA GLY L 225 12.41 36.78 -64.90
C GLY L 225 11.08 36.10 -64.70
N THR L 226 10.35 36.41 -63.63
CA THR L 226 9.06 35.81 -63.37
C THR L 226 7.98 36.63 -64.05
N LYS L 227 7.16 35.97 -64.86
CA LYS L 227 6.09 36.63 -65.60
C LYS L 227 4.76 36.01 -65.19
N SER L 228 4.00 36.73 -64.38
CA SER L 228 2.62 36.38 -64.07
C SER L 228 1.72 37.56 -64.41
N ASP L 229 0.57 37.27 -64.99
CA ASP L 229 -0.28 38.29 -65.58
C ASP L 229 -0.95 39.13 -64.50
N ASP L 230 -1.36 40.33 -64.88
CA ASP L 230 -2.12 41.20 -64.01
C ASP L 230 -3.55 40.66 -63.87
N ASN L 231 -4.28 41.24 -62.91
CA ASN L 231 -5.61 40.79 -62.50
C ASN L 231 -5.60 39.31 -62.09
N TYR L 232 -4.69 38.98 -61.18
CA TYR L 232 -4.61 37.65 -60.60
C TYR L 232 -5.79 37.40 -59.67
N VAL L 233 -6.32 36.18 -59.69
CA VAL L 233 -7.46 35.79 -58.88
C VAL L 233 -6.98 34.92 -57.73
N LYS L 234 -7.21 35.37 -56.50
CA LYS L 234 -6.79 34.62 -55.33
C LYS L 234 -7.69 33.40 -55.09
N THR L 235 -7.13 32.39 -54.43
CA THR L 235 -7.89 31.25 -53.95
C THR L 235 -8.12 31.37 -52.44
N ILE L 236 -8.81 30.38 -51.88
CA ILE L 236 -9.13 30.40 -50.45
C ILE L 236 -7.91 30.10 -49.57
N LYS L 237 -6.90 29.40 -50.10
CA LYS L 237 -5.70 29.08 -49.34
C LYS L 237 -4.47 29.40 -50.18
N GLU L 238 -3.79 30.49 -49.85
CA GLU L 238 -2.57 30.87 -50.55
C GLU L 238 -1.43 31.02 -49.55
N MET M 1 -35.31 49.73 13.05
CA MET M 1 -34.59 50.76 12.31
C MET M 1 -33.96 50.22 11.02
N LYS M 2 -33.50 48.98 11.08
CA LYS M 2 -32.76 48.29 10.02
C LYS M 2 -31.53 49.09 9.57
N LEU M 3 -30.65 49.39 10.54
CA LEU M 3 -29.43 50.12 10.24
C LEU M 3 -28.45 49.28 9.44
N THR M 4 -27.80 49.91 8.47
CA THR M 4 -26.70 49.41 7.66
C THR M 4 -25.37 49.77 8.31
N PRO M 5 -24.27 49.11 7.93
CA PRO M 5 -22.94 49.51 8.45
C PRO M 5 -22.54 50.96 8.14
N LYS M 6 -22.98 51.47 6.98
CA LYS M 6 -22.74 52.87 6.61
C LYS M 6 -23.36 53.84 7.61
N GLU M 7 -24.59 53.54 8.04
CA GLU M 7 -25.29 54.40 8.99
C GLU M 7 -24.59 54.43 10.35
N LEU M 8 -24.06 53.28 10.79
CA LEU M 8 -23.32 53.21 12.05
C LEU M 8 -22.02 54.01 11.99
N ASP M 9 -21.28 53.89 10.88
CA ASP M 9 -20.05 54.66 10.70
C ASP M 9 -20.31 56.16 10.69
N LYS M 10 -21.40 56.59 10.02
CA LYS M 10 -21.72 58.01 9.98
C LYS M 10 -22.21 58.53 11.33
N LEU M 11 -22.88 57.69 12.13
CA LEU M 11 -23.27 58.09 13.49
C LEU M 11 -22.04 58.35 14.36
N MET M 12 -21.03 57.48 14.26
CA MET M 12 -19.77 57.69 14.97
C MET M 12 -19.09 59.00 14.54
N LEU M 13 -19.08 59.27 13.23
CA LEU M 13 -18.48 60.50 12.71
C LEU M 13 -19.20 61.74 13.24
N HIS M 14 -20.54 61.69 13.31
CA HIS M 14 -21.32 62.81 13.83
C HIS M 14 -20.96 63.12 15.28
N TYR M 15 -20.82 62.10 16.12
CA TYR M 15 -20.50 62.41 17.51
C TYR M 15 -19.03 62.79 17.73
N ALA M 16 -18.12 62.36 16.85
CA ALA M 16 -16.76 62.92 16.86
C ALA M 16 -16.79 64.43 16.56
N GLY M 17 -17.59 64.82 15.56
CA GLY M 17 -17.74 66.24 15.27
C GLY M 17 -18.38 67.04 16.40
N GLU M 18 -19.34 66.42 17.12
CA GLU M 18 -19.96 67.09 18.26
C GLU M 18 -18.96 67.33 19.39
N LEU M 19 -18.08 66.35 19.65
CA LEU M 19 -17.04 66.53 20.65
C LEU M 19 -16.09 67.66 20.27
N ALA M 20 -15.73 67.74 18.98
CA ALA M 20 -14.89 68.84 18.50
C ALA M 20 -15.57 70.20 18.68
N ARG M 21 -16.89 70.27 18.44
CA ARG M 21 -17.59 71.54 18.61
C ARG M 21 -17.67 71.96 20.08
N LYS M 22 -17.87 71.01 20.99
CA LYS M 22 -17.88 71.33 22.42
C LYS M 22 -16.51 71.83 22.88
N ARG M 23 -15.43 71.19 22.39
CA ARG M 23 -14.10 71.65 22.75
C ARG M 23 -13.78 73.04 22.17
N LYS M 24 -14.30 73.35 20.98
CA LYS M 24 -14.15 74.69 20.43
C LYS M 24 -14.92 75.72 21.26
N GLU M 25 -16.11 75.36 21.76
CA GLU M 25 -16.86 76.27 22.61
C GLU M 25 -16.15 76.53 23.94
N LYS M 26 -15.38 75.57 24.44
CA LYS M 26 -14.64 75.82 25.68
C LYS M 26 -13.37 76.65 25.47
N GLY M 27 -13.02 77.03 24.25
CA GLY M 27 -11.83 77.83 24.00
C GLY M 27 -10.56 77.06 23.72
N ILE M 28 -10.65 75.79 23.37
CA ILE M 28 -9.48 74.95 23.12
C ILE M 28 -9.15 74.99 21.63
N LYS M 29 -7.88 75.20 21.30
CA LYS M 29 -7.44 75.18 19.91
C LYS M 29 -7.49 73.75 19.36
N LEU M 30 -8.18 73.57 18.23
CA LEU M 30 -8.43 72.23 17.69
C LEU M 30 -7.20 71.64 17.04
N ASN M 31 -7.07 70.31 17.13
CA ASN M 31 -6.00 69.61 16.43
C ASN M 31 -6.49 69.14 15.06
N TYR M 32 -5.71 68.25 14.42
CA TYR M 32 -6.00 67.78 13.07
C TYR M 32 -7.31 66.96 13.00
N VAL M 33 -7.44 65.98 13.88
CA VAL M 33 -8.59 65.08 13.90
C VAL M 33 -9.88 65.83 14.20
N GLU M 34 -9.82 66.74 15.18
CA GLU M 34 -10.99 67.53 15.58
C GLU M 34 -11.49 68.42 14.45
N ALA M 35 -10.57 69.06 13.73
CA ALA M 35 -10.95 69.95 12.63
C ALA M 35 -11.60 69.19 11.48
N VAL M 36 -11.02 68.04 11.11
CA VAL M 36 -11.59 67.21 10.05
C VAL M 36 -12.99 66.73 10.43
N ALA M 37 -13.17 66.29 11.69
CA ALA M 37 -14.46 65.80 12.16
C ALA M 37 -15.51 66.90 12.18
N LEU M 38 -15.13 68.11 12.61
CA LEU M 38 -16.08 69.23 12.70
C LEU M 38 -16.61 69.61 11.32
N ILE M 39 -15.72 69.71 10.33
CA ILE M 39 -16.15 70.07 8.96
C ILE M 39 -17.05 69.01 8.36
N SER M 40 -16.70 67.72 8.54
CA SER M 40 -17.50 66.63 7.99
C SER M 40 -18.91 66.59 8.59
N ALA M 41 -19.01 66.74 9.92
CA ALA M 41 -20.32 66.68 10.58
C ALA M 41 -21.21 67.83 10.19
N HIS M 42 -20.63 69.04 10.05
CA HIS M 42 -21.42 70.19 9.61
C HIS M 42 -22.00 70.00 8.22
N ILE M 43 -21.19 69.44 7.29
CA ILE M 43 -21.68 69.21 5.92
C ILE M 43 -22.82 68.19 5.91
N MET M 44 -22.71 67.11 6.72
CA MET M 44 -23.76 66.09 6.75
C MET M 44 -25.09 66.66 7.28
N GLU M 45 -25.03 67.51 8.32
CA GLU M 45 -26.28 68.10 8.84
C GLU M 45 -26.92 69.05 7.83
N GLU M 46 -26.09 69.86 7.15
CA GLU M 46 -26.64 70.79 6.16
C GLU M 46 -27.27 70.05 4.98
N ALA M 47 -26.70 68.91 4.60
CA ALA M 47 -27.33 68.15 3.51
C ALA M 47 -28.61 67.47 3.96
N ARG M 48 -28.71 67.06 5.23
CA ARG M 48 -29.97 66.50 5.74
C ARG M 48 -31.08 67.55 5.73
N ALA M 49 -30.75 68.81 6.02
CA ALA M 49 -31.75 69.88 6.07
C ALA M 49 -32.42 70.12 4.71
N GLY M 50 -31.70 69.93 3.61
CA GLY M 50 -32.33 69.91 2.31
C GLY M 50 -32.56 71.25 1.63
N LYS M 51 -31.93 72.32 2.10
CA LYS M 51 -32.15 73.64 1.52
C LYS M 51 -30.98 74.17 0.72
N LYS M 52 -29.90 73.40 0.56
CA LYS M 52 -28.71 73.86 -0.14
C LYS M 52 -28.22 72.79 -1.09
N THR M 53 -27.58 73.24 -2.18
CA THR M 53 -26.97 72.33 -3.13
C THR M 53 -25.57 71.91 -2.66
N ALA M 54 -25.00 70.93 -3.35
CA ALA M 54 -23.67 70.45 -3.01
C ALA M 54 -22.59 71.47 -3.33
N ALA M 55 -22.79 72.24 -4.40
CA ALA M 55 -21.82 73.26 -4.80
C ALA M 55 -21.78 74.42 -3.80
N GLU M 56 -22.94 74.77 -3.23
CA GLU M 56 -22.94 75.78 -2.18
C GLU M 56 -22.28 75.28 -0.90
N LEU M 57 -22.45 73.99 -0.59
CA LEU M 57 -21.82 73.42 0.61
C LEU M 57 -20.30 73.34 0.46
N MET M 58 -19.82 73.16 -0.78
CA MET M 58 -18.38 73.18 -1.04
C MET M 58 -17.75 74.52 -0.67
N GLN M 59 -18.47 75.62 -0.85
CA GLN M 59 -17.98 76.93 -0.42
C GLN M 59 -18.27 77.24 1.03
N GLU M 60 -19.39 76.74 1.56
CA GLU M 60 -19.73 76.98 2.96
C GLU M 60 -18.77 76.27 3.90
N GLY M 61 -18.18 75.15 3.48
CA GLY M 61 -17.24 74.45 4.33
C GLY M 61 -15.93 75.18 4.59
N ARG M 62 -15.63 76.22 3.82
CA ARG M 62 -14.39 76.98 3.95
C ARG M 62 -14.49 78.13 4.96
N THR M 63 -15.65 78.38 5.54
CA THR M 63 -15.83 79.48 6.47
C THR M 63 -15.99 79.02 7.91
N LEU M 64 -15.89 77.72 8.18
CA LEU M 64 -16.20 77.21 9.51
C LEU M 64 -15.10 77.47 10.54
N LEU M 65 -13.84 77.47 10.12
CA LEU M 65 -12.73 77.58 11.05
C LEU M 65 -11.82 78.74 10.65
N LYS M 66 -11.64 79.69 11.56
CA LYS M 66 -10.68 80.76 11.40
C LYS M 66 -9.26 80.24 11.62
N PRO M 67 -8.24 80.93 11.10
CA PRO M 67 -6.84 80.50 11.37
C PRO M 67 -6.44 80.49 12.83
N ASP M 68 -7.08 81.29 13.69
CA ASP M 68 -6.75 81.29 15.11
C ASP M 68 -7.45 80.18 15.89
N ASP M 69 -8.36 79.44 15.25
CA ASP M 69 -9.11 78.40 15.95
C ASP M 69 -8.35 77.08 16.08
N VAL M 70 -7.24 76.90 15.37
CA VAL M 70 -6.57 75.61 15.33
C VAL M 70 -5.14 75.75 15.81
N MET M 71 -4.54 74.62 16.18
CA MET M 71 -3.15 74.58 16.60
C MET M 71 -2.23 74.88 15.41
N ASP M 72 -1.01 75.28 15.73
CA ASP M 72 -0.01 75.56 14.71
C ASP M 72 0.37 74.30 13.97
N GLY M 73 0.27 74.34 12.65
CA GLY M 73 0.56 73.20 11.80
C GLY M 73 -0.65 72.47 11.25
N VAL M 74 -1.85 72.74 11.78
CA VAL M 74 -3.05 72.03 11.33
C VAL M 74 -3.40 72.40 9.90
N ALA M 75 -3.33 73.70 9.56
CA ALA M 75 -3.78 74.17 8.26
C ALA M 75 -2.92 73.66 7.11
N SER M 76 -1.62 73.45 7.36
CA SER M 76 -0.78 72.91 6.30
C SER M 76 -0.99 71.40 6.08
N MET M 77 -1.57 70.70 7.06
CA MET M 77 -1.80 69.26 6.95
C MET M 77 -3.11 68.91 6.26
N ILE M 78 -4.09 69.81 6.23
CA ILE M 78 -5.40 69.53 5.69
C ILE M 78 -5.47 70.16 4.30
N HIS M 79 -5.32 69.35 3.26
CA HIS M 79 -5.42 69.84 1.90
C HIS M 79 -6.86 69.83 1.39
N GLU M 80 -7.61 68.78 1.71
CA GLU M 80 -9.03 68.70 1.35
C GLU M 80 -9.74 67.77 2.32
N VAL M 81 -11.04 67.99 2.49
CA VAL M 81 -11.91 67.11 3.27
C VAL M 81 -13.06 66.67 2.37
N GLY M 82 -13.24 65.35 2.26
CA GLY M 82 -14.33 64.78 1.48
C GLY M 82 -15.32 64.06 2.39
N ILE M 83 -16.60 64.12 2.01
CA ILE M 83 -17.66 63.48 2.76
C ILE M 83 -18.83 63.23 1.81
N GLU M 84 -19.42 62.04 1.89
CA GLU M 84 -20.64 61.73 1.17
C GLU M 84 -21.84 61.98 2.07
N ALA M 85 -22.87 62.61 1.52
CA ALA M 85 -24.07 62.92 2.28
C ALA M 85 -25.31 62.76 1.41
N MET M 86 -26.43 62.43 2.04
CA MET M 86 -27.67 62.16 1.33
C MET M 86 -28.51 63.43 1.26
N PHE M 87 -28.70 63.92 0.04
CA PHE M 87 -29.53 65.07 -0.31
C PHE M 87 -30.94 64.58 -0.60
N PRO M 88 -31.93 65.44 -0.86
CA PRO M 88 -33.23 64.93 -1.35
C PRO M 88 -33.15 64.18 -2.67
N ASP M 89 -32.14 64.43 -3.50
CA ASP M 89 -31.96 63.70 -4.75
C ASP M 89 -30.96 62.55 -4.63
N GLY M 90 -30.53 62.20 -3.43
CA GLY M 90 -29.70 61.03 -3.21
C GLY M 90 -28.31 61.38 -2.69
N THR M 91 -27.48 60.36 -2.62
CA THR M 91 -26.13 60.49 -2.09
C THR M 91 -25.21 61.19 -3.09
N LYS M 92 -24.50 62.21 -2.63
CA LYS M 92 -23.54 62.96 -3.44
C LYS M 92 -22.25 63.15 -2.66
N LEU M 93 -21.14 63.29 -3.39
CA LEU M 93 -19.84 63.55 -2.78
C LEU M 93 -19.55 65.05 -2.75
N VAL M 94 -19.18 65.56 -1.58
CA VAL M 94 -18.84 66.96 -1.39
C VAL M 94 -17.39 67.04 -0.92
N THR M 95 -16.56 67.76 -1.67
CA THR M 95 -15.15 67.94 -1.34
C THR M 95 -14.89 69.41 -1.04
N VAL M 96 -14.31 69.69 0.13
CA VAL M 96 -13.99 71.04 0.56
C VAL M 96 -12.49 71.27 0.37
N HIS M 97 -12.14 72.24 -0.48
CA HIS M 97 -10.74 72.50 -0.84
C HIS M 97 -10.17 73.62 0.01
N THR M 98 -9.01 73.34 0.66
CA THR M 98 -8.22 74.20 1.53
C THR M 98 -9.08 74.96 2.53
N PRO M 99 -9.64 74.29 3.54
CA PRO M 99 -10.64 74.97 4.39
C PRO M 99 -10.06 75.98 5.36
N ILE M 100 -8.77 75.88 5.72
CA ILE M 100 -8.18 76.73 6.74
C ILE M 100 -6.93 77.40 6.18
N GLU M 101 -6.82 78.71 6.37
CA GLU M 101 -5.57 79.40 6.09
C GLU M 101 -4.60 79.25 7.26
N ALA M 102 -3.31 79.27 6.95
CA ALA M 102 -2.27 79.11 7.95
C ALA M 102 -1.87 80.45 8.55
N ASN M 103 -1.40 80.41 9.80
CA ASN M 103 -0.93 81.62 10.47
C ASN M 103 0.40 81.47 11.20
N GLY M 104 0.93 80.26 11.37
CA GLY M 104 2.21 80.04 11.98
C GLY M 104 3.25 79.54 10.99
N LYS M 105 4.40 79.16 11.54
CA LYS M 105 5.54 78.75 10.72
C LYS M 105 5.79 77.24 10.71
N LEU M 106 5.16 76.48 11.59
CA LEU M 106 5.41 75.04 11.67
C LEU M 106 4.74 74.32 10.49
N VAL M 107 5.54 73.65 9.68
CA VAL M 107 5.04 72.82 8.59
C VAL M 107 5.54 71.39 8.82
N PRO M 108 4.68 70.49 9.26
CA PRO M 108 5.08 69.08 9.41
C PRO M 108 5.35 68.42 8.07
N GLY M 109 6.44 67.67 7.99
CA GLY M 109 6.86 67.07 6.75
C GLY M 109 7.33 68.06 5.69
N GLU M 110 7.94 69.16 6.11
CA GLU M 110 8.38 70.21 5.19
C GLU M 110 9.56 69.75 4.34
N LEU M 111 9.56 70.13 3.07
CA LEU M 111 10.65 69.81 2.15
C LEU M 111 11.57 71.01 2.01
N PHE M 112 12.88 70.76 2.07
CA PHE M 112 13.92 71.76 1.84
C PHE M 112 14.70 71.35 0.59
N LEU M 113 14.47 72.06 -0.51
CA LEU M 113 15.02 71.65 -1.80
C LEU M 113 16.22 72.50 -2.19
N LYS M 114 17.12 71.91 -2.97
CA LYS M 114 18.13 72.69 -3.67
C LYS M 114 17.49 73.45 -4.82
N ASN M 115 18.22 74.42 -5.36
CA ASN M 115 17.68 75.27 -6.41
C ASN M 115 18.25 74.95 -7.80
N GLU M 116 19.00 73.87 -7.95
CA GLU M 116 19.50 73.50 -9.27
C GLU M 116 18.48 72.70 -10.05
N ASP M 117 18.41 72.95 -11.34
CA ASP M 117 17.48 72.24 -12.22
C ASP M 117 17.96 70.82 -12.48
N ILE M 118 17.03 69.97 -12.90
CA ILE M 118 17.31 68.58 -13.25
C ILE M 118 17.31 68.46 -14.77
N THR M 119 18.35 67.85 -15.31
CA THR M 119 18.47 67.60 -16.75
C THR M 119 18.00 66.18 -17.04
N ILE M 120 16.93 66.04 -17.82
CA ILE M 120 16.39 64.73 -18.19
C ILE M 120 16.85 64.38 -19.60
N ASN M 121 16.98 63.07 -19.83
CA ASN M 121 17.37 62.48 -21.13
C ASN M 121 18.72 63.02 -21.61
N GLU M 122 19.72 62.97 -20.71
CA GLU M 122 21.05 63.49 -21.01
C GLU M 122 21.74 62.65 -22.09
N GLY M 123 22.39 63.33 -23.03
CA GLY M 123 23.04 62.65 -24.12
C GLY M 123 22.15 62.26 -25.28
N LYS M 124 20.87 62.61 -25.23
CA LYS M 124 19.92 62.34 -26.32
C LYS M 124 19.70 63.63 -27.09
N LYS M 125 20.01 63.61 -28.38
CA LYS M 125 19.82 64.78 -29.24
C LYS M 125 18.41 64.73 -29.86
N ALA M 126 17.71 65.86 -29.81
CA ALA M 126 16.33 65.94 -30.25
C ALA M 126 16.22 66.48 -31.67
N VAL M 127 15.13 66.11 -32.35
CA VAL M 127 14.73 66.67 -33.64
C VAL M 127 13.33 67.26 -33.49
N SER M 128 12.98 68.16 -34.41
CA SER M 128 11.71 68.89 -34.36
C SER M 128 10.84 68.54 -35.56
N VAL M 129 9.56 68.24 -35.31
CA VAL M 129 8.61 67.78 -36.32
C VAL M 129 7.30 68.56 -36.16
N LYS M 130 6.76 69.06 -37.27
CA LYS M 130 5.48 69.75 -37.29
C LYS M 130 4.32 68.77 -37.47
N VAL M 131 3.30 68.87 -36.60
CA VAL M 131 2.20 67.91 -36.53
C VAL M 131 0.88 68.66 -36.60
N LYS M 132 -0.06 68.17 -37.42
CA LYS M 132 -1.39 68.76 -37.54
C LYS M 132 -2.48 67.71 -37.34
N ASN M 133 -3.50 68.05 -36.54
CA ASN M 133 -4.68 67.21 -36.33
C ASN M 133 -5.74 67.62 -37.35
N VAL M 134 -5.96 66.75 -38.35
CA VAL M 134 -6.97 67.02 -39.38
C VAL M 134 -8.28 66.28 -39.12
N GLY M 135 -8.40 65.61 -37.97
CA GLY M 135 -9.64 64.99 -37.56
C GLY M 135 -10.56 65.96 -36.84
N ASP M 136 -11.67 65.42 -36.34
CA ASP M 136 -12.69 66.21 -35.67
C ASP M 136 -12.77 65.94 -34.16
N ARG M 137 -11.85 65.17 -33.60
CA ARG M 137 -11.85 64.81 -32.19
C ARG M 137 -10.46 65.03 -31.59
N PRO M 138 -10.39 65.43 -30.31
CA PRO M 138 -9.07 65.74 -29.71
C PRO M 138 -8.23 64.50 -29.46
N VAL M 139 -6.91 64.68 -29.52
CA VAL M 139 -5.91 63.62 -29.39
C VAL M 139 -4.85 64.06 -28.38
N GLN M 140 -4.48 63.17 -27.46
CA GLN M 140 -3.47 63.43 -26.45
C GLN M 140 -2.48 62.27 -26.40
N ILE M 141 -1.17 62.57 -26.44
CA ILE M 141 -0.11 61.59 -26.61
C ILE M 141 0.84 61.62 -25.42
N GLY M 142 1.11 60.44 -24.81
CA GLY M 142 1.99 60.35 -23.68
C GLY M 142 3.49 60.32 -24.03
N SER M 143 4.32 60.33 -22.98
CA SER M 143 5.76 60.59 -23.15
C SER M 143 6.51 59.39 -23.75
N HIS M 144 6.04 58.17 -23.51
CA HIS M 144 6.78 56.99 -23.95
C HIS M 144 6.06 56.19 -25.04
N PHE M 145 5.05 56.77 -25.68
CA PHE M 145 4.40 56.12 -26.80
C PHE M 145 5.30 56.20 -28.04
N HIS M 146 5.32 55.12 -28.83
CA HIS M 146 6.07 55.13 -30.09
C HIS M 146 5.37 56.07 -31.07
N PHE M 147 5.97 57.23 -31.33
CA PHE M 147 5.29 58.33 -32.00
C PHE M 147 4.95 58.03 -33.45
N PHE M 148 5.66 57.08 -34.08
CA PHE M 148 5.34 56.62 -35.42
C PHE M 148 3.93 56.03 -35.53
N GLU M 149 3.42 55.46 -34.43
CA GLU M 149 2.19 54.68 -34.47
C GLU M 149 0.99 55.39 -33.85
N VAL M 150 1.02 56.73 -33.75
CA VAL M 150 -0.10 57.48 -33.17
C VAL M 150 -1.28 57.50 -34.14
N ASN M 151 -2.42 57.99 -33.66
CA ASN M 151 -3.72 58.10 -34.36
C ASN M 151 -3.56 58.57 -35.79
N ARG M 152 -4.20 57.82 -36.71
CA ARG M 152 -4.01 58.01 -38.15
C ARG M 152 -4.54 59.34 -38.66
N CYS M 153 -5.35 60.06 -37.88
CA CYS M 153 -5.81 61.38 -38.25
C CYS M 153 -4.78 62.49 -37.96
N LEU M 154 -3.66 62.17 -37.33
CA LEU M 154 -2.57 63.14 -37.21
C LEU M 154 -1.73 63.10 -38.48
N ASP M 155 -1.43 64.28 -39.03
CA ASP M 155 -0.69 64.39 -40.28
C ASP M 155 0.69 64.96 -40.01
N PHE M 156 1.73 64.19 -40.34
CA PHE M 156 3.13 64.58 -40.17
C PHE M 156 4.00 63.65 -41.01
N ASP M 157 5.26 64.04 -41.17
CA ASP M 157 6.24 63.25 -41.91
C ASP M 157 6.63 62.03 -41.06
N ARG M 158 5.96 60.90 -41.26
CA ARG M 158 6.10 59.77 -40.35
C ARG M 158 7.44 59.05 -40.49
N GLU M 159 8.12 59.22 -41.62
CA GLU M 159 9.42 58.57 -41.85
C GLU M 159 10.46 59.07 -40.86
N LYS M 160 10.41 60.35 -40.49
CA LYS M 160 11.40 60.91 -39.58
C LYS M 160 11.16 60.56 -38.12
N THR M 161 10.05 59.89 -37.79
CA THR M 161 9.70 59.62 -36.40
C THR M 161 9.83 58.14 -36.03
N PHE M 162 10.36 57.31 -36.92
CA PHE M 162 10.50 55.88 -36.64
C PHE M 162 11.52 55.65 -35.53
N GLY M 163 11.12 54.88 -34.52
CA GLY M 163 11.96 54.60 -33.38
C GLY M 163 12.13 55.74 -32.38
N LYS M 164 11.19 56.69 -32.34
CA LYS M 164 11.34 57.88 -31.51
C LYS M 164 10.13 58.09 -30.61
N ARG M 165 10.34 58.86 -29.54
CA ARG M 165 9.31 59.22 -28.57
C ARG M 165 9.47 60.69 -28.18
N LEU M 166 8.46 61.23 -27.50
CA LEU M 166 8.48 62.64 -27.09
C LEU M 166 9.53 62.92 -26.03
N ASP M 167 10.19 64.07 -26.15
CA ASP M 167 11.22 64.50 -25.19
C ASP M 167 10.60 65.43 -24.15
N ILE M 168 9.75 64.85 -23.30
CA ILE M 168 9.10 65.57 -22.22
C ILE M 168 9.32 64.77 -20.94
N ALA M 169 8.88 65.35 -19.82
CA ALA M 169 8.98 64.68 -18.54
C ALA M 169 8.12 63.42 -18.51
N SER M 170 8.66 62.37 -17.90
CA SER M 170 8.05 61.05 -17.90
C SER M 170 6.72 61.07 -17.16
N GLY M 171 5.66 60.68 -17.86
CA GLY M 171 4.32 60.72 -17.32
C GLY M 171 3.48 61.93 -17.71
N THR M 172 4.04 62.88 -18.46
CA THR M 172 3.27 64.02 -18.96
C THR M 172 2.84 63.75 -20.41
N ALA M 173 2.13 64.71 -20.99
CA ALA M 173 1.51 64.50 -22.30
C ALA M 173 1.38 65.82 -23.07
N VAL M 174 1.12 65.68 -24.38
CA VAL M 174 0.92 66.79 -25.31
C VAL M 174 -0.45 66.62 -25.96
N ARG M 175 -1.24 67.69 -26.02
CA ARG M 175 -2.63 67.66 -26.47
C ARG M 175 -2.78 68.37 -27.82
N PHE M 176 -3.57 67.78 -28.72
CA PHE M 176 -3.89 68.35 -30.02
C PHE M 176 -5.40 68.52 -30.14
N GLU M 177 -5.87 69.77 -30.19
CA GLU M 177 -7.26 70.07 -30.47
C GLU M 177 -7.56 69.82 -31.96
N PRO M 178 -8.84 69.67 -32.34
CA PRO M 178 -9.17 69.58 -33.77
C PRO M 178 -8.75 70.83 -34.54
N GLY M 179 -8.04 70.62 -35.64
CA GLY M 179 -7.49 71.69 -36.44
C GLY M 179 -6.19 72.29 -35.95
N GLU M 180 -5.70 71.87 -34.79
CA GLU M 180 -4.52 72.47 -34.19
C GLU M 180 -3.25 71.96 -34.87
N GLU M 181 -2.27 72.85 -35.00
CA GLU M 181 -0.97 72.54 -35.58
C GLU M 181 0.13 73.12 -34.70
N LYS M 182 1.12 72.28 -34.34
CA LYS M 182 2.26 72.72 -33.54
C LYS M 182 3.42 71.77 -33.77
N SER M 183 4.59 72.16 -33.28
CA SER M 183 5.80 71.36 -33.37
C SER M 183 6.10 70.65 -32.06
N VAL M 184 6.71 69.46 -32.16
CA VAL M 184 7.10 68.66 -31.01
C VAL M 184 8.57 68.27 -31.14
N GLU M 185 9.17 67.87 -30.02
CA GLU M 185 10.55 67.42 -29.95
C GLU M 185 10.60 65.92 -29.70
N LEU M 186 11.42 65.20 -30.49
CA LEU M 186 11.48 63.75 -30.41
C LEU M 186 12.92 63.27 -30.21
N ILE M 187 13.08 62.22 -29.41
CA ILE M 187 14.37 61.58 -29.13
C ILE M 187 14.25 60.08 -29.34
N ASP M 188 15.41 59.43 -29.50
CA ASP M 188 15.45 57.98 -29.75
C ASP M 188 14.99 57.18 -28.54
N ILE M 189 14.27 56.08 -28.82
CA ILE M 189 13.93 55.09 -27.80
C ILE M 189 15.19 54.36 -27.36
N GLY M 190 15.35 54.15 -26.06
CA GLY M 190 16.51 53.50 -25.50
C GLY M 190 16.35 51.99 -25.33
N GLY M 191 17.25 51.41 -24.54
CA GLY M 191 17.23 49.99 -24.27
C GLY M 191 17.62 49.15 -25.48
N ASN M 192 16.99 47.98 -25.58
CA ASN M 192 17.22 47.08 -26.70
C ASN M 192 16.51 47.52 -27.99
N ARG M 193 15.64 48.53 -27.91
CA ARG M 193 14.86 49.05 -29.05
C ARG M 193 14.02 47.97 -29.72
N ARG M 194 13.39 47.11 -28.91
CA ARG M 194 12.44 46.11 -29.38
C ARG M 194 11.03 46.64 -29.14
N ILE M 195 10.28 46.84 -30.22
CA ILE M 195 9.00 47.55 -30.17
C ILE M 195 7.90 46.54 -30.42
N PHE M 196 7.10 46.25 -29.40
CA PHE M 196 6.00 45.30 -29.49
C PHE M 196 4.70 45.95 -29.07
N GLY M 197 3.67 45.83 -29.91
CA GLY M 197 2.37 46.40 -29.66
C GLY M 197 2.07 47.69 -30.42
N PHE M 198 1.30 48.56 -29.76
CA PHE M 198 0.94 49.95 -30.04
C PHE M 198 0.01 50.22 -31.23
N ASN M 199 0.20 49.51 -32.34
CA ASN M 199 -0.77 49.41 -33.44
C ASN M 199 -0.42 48.17 -34.27
N ALA M 200 0.57 47.41 -33.77
CA ALA M 200 1.18 46.27 -34.47
C ALA M 200 1.73 46.65 -35.85
N LEU M 201 2.39 47.81 -35.92
CA LEU M 201 3.08 48.19 -37.16
C LEU M 201 4.52 47.72 -37.20
N VAL M 202 5.13 47.39 -36.05
CA VAL M 202 6.51 46.90 -36.07
C VAL M 202 6.58 45.45 -35.57
N ASP M 203 6.31 45.25 -34.27
CA ASP M 203 6.33 43.95 -33.59
C ASP M 203 7.65 43.20 -33.75
N ARG M 204 8.78 43.92 -33.80
CA ARG M 204 10.10 43.32 -33.95
C ARG M 204 11.17 44.33 -33.56
N GLN M 205 12.43 43.97 -33.80
CA GLN M 205 13.56 44.87 -33.60
C GLN M 205 13.46 46.08 -34.53
N ALA M 206 13.67 47.28 -33.97
CA ALA M 206 13.64 48.49 -34.76
C ALA M 206 15.00 48.71 -35.42
N ASP M 207 15.01 48.78 -36.75
CA ASP M 207 16.20 49.07 -37.55
C ASP M 207 15.74 49.56 -38.92
N ASN M 208 16.69 49.75 -39.84
CA ASN M 208 16.35 50.27 -41.16
C ASN M 208 15.62 49.25 -42.02
N GLU M 209 15.89 47.95 -41.82
CA GLU M 209 15.13 46.92 -42.52
C GLU M 209 13.68 46.89 -42.08
N SER M 210 13.42 47.03 -40.77
CA SER M 210 12.06 46.99 -40.28
C SER M 210 11.30 48.27 -40.56
N LYS M 211 12.00 49.36 -40.89
CA LYS M 211 11.33 50.63 -41.17
C LYS M 211 10.54 50.57 -42.49
N LYS M 212 11.08 49.87 -43.50
CA LYS M 212 10.40 49.75 -44.80
C LYS M 212 9.10 48.97 -44.67
N ILE M 213 9.12 47.86 -43.91
CA ILE M 213 7.93 47.07 -43.65
C ILE M 213 6.87 47.89 -42.91
N ALA M 214 7.32 48.65 -41.90
CA ALA M 214 6.41 49.47 -41.11
C ALA M 214 5.77 50.58 -41.94
N LEU M 215 6.55 51.20 -42.85
CA LEU M 215 6.01 52.23 -43.73
C LEU M 215 5.00 51.66 -44.72
N HIS M 216 5.28 50.47 -45.26
CA HIS M 216 4.32 49.83 -46.16
C HIS M 216 3.02 49.47 -45.44
N ARG M 217 3.13 48.93 -44.22
CA ARG M 217 1.95 48.59 -43.42
C ARG M 217 1.15 49.84 -43.06
N ALA M 218 1.84 50.94 -42.73
CA ALA M 218 1.16 52.16 -42.36
C ALA M 218 0.45 52.79 -43.55
N LYS M 219 1.03 52.69 -44.75
CA LYS M 219 0.34 53.21 -45.93
C LYS M 219 -0.89 52.38 -46.27
N GLU M 220 -0.81 51.05 -46.15
CA GLU M 220 -1.97 50.21 -46.47
C GLU M 220 -3.13 50.42 -45.50
N ARG M 221 -2.85 50.83 -44.26
CA ARG M 221 -3.89 51.05 -43.27
C ARG M 221 -4.28 52.53 -43.14
N GLY M 222 -3.79 53.38 -44.05
CA GLY M 222 -4.28 54.74 -44.14
C GLY M 222 -3.80 55.73 -43.10
N PHE M 223 -2.58 55.56 -42.58
CA PHE M 223 -2.01 56.53 -41.66
C PHE M 223 -1.52 57.74 -42.45
N HIS M 224 -1.91 58.94 -42.01
CA HIS M 224 -1.63 60.16 -42.76
C HIS M 224 -0.15 60.52 -42.73
N GLY M 225 0.35 60.98 -43.87
CA GLY M 225 1.72 61.44 -43.99
C GLY M 225 2.75 60.38 -44.21
N THR M 226 2.35 59.13 -44.44
CA THR M 226 3.28 58.05 -44.69
C THR M 226 3.60 57.97 -46.17
N LYS M 227 4.89 58.00 -46.50
CA LYS M 227 5.35 57.96 -47.88
C LYS M 227 6.23 56.73 -48.06
N SER M 228 5.70 55.71 -48.71
CA SER M 228 6.47 54.56 -49.16
C SER M 228 6.27 54.39 -50.65
N ASP M 229 7.35 54.07 -51.34
CA ASP M 229 7.37 54.09 -52.79
C ASP M 229 6.57 52.92 -53.37
N ASP M 230 6.13 53.10 -54.62
CA ASP M 230 5.47 52.05 -55.35
C ASP M 230 6.48 50.98 -55.76
N ASN M 231 5.94 49.84 -56.22
CA ASN M 231 6.71 48.62 -56.52
C ASN M 231 7.52 48.16 -55.32
N TYR M 232 6.83 48.00 -54.19
CA TYR M 232 7.41 47.46 -52.98
C TYR M 232 7.69 45.97 -53.14
N VAL M 233 8.82 45.52 -52.59
CA VAL M 233 9.25 44.12 -52.68
C VAL M 233 9.01 43.47 -51.33
N LYS M 234 8.18 42.42 -51.31
CA LYS M 234 7.89 41.70 -50.08
C LYS M 234 9.07 40.83 -49.65
N THR M 235 9.15 40.56 -48.34
CA THR M 235 10.07 39.59 -47.79
C THR M 235 9.32 38.30 -47.44
N ILE M 236 10.06 37.32 -46.92
CA ILE M 236 9.48 36.03 -46.58
C ILE M 236 8.63 36.10 -45.31
N LYS M 237 8.88 37.06 -44.42
CA LYS M 237 8.10 37.20 -43.18
C LYS M 237 7.71 38.66 -43.02
N GLU M 238 6.44 38.97 -43.27
CA GLU M 238 5.91 40.32 -43.09
C GLU M 238 4.72 40.29 -42.13
N MET N 1 -57.33 -44.15 8.35
CA MET N 1 -56.96 -45.05 7.27
C MET N 1 -58.03 -45.07 6.17
N LYS N 2 -57.58 -45.16 4.92
CA LYS N 2 -58.47 -45.31 3.78
C LYS N 2 -57.82 -46.22 2.75
N LYS N 3 -58.65 -46.80 1.90
CA LYS N 3 -58.20 -47.61 0.78
C LYS N 3 -58.32 -46.81 -0.51
N ILE N 4 -57.26 -46.81 -1.30
CA ILE N 4 -57.22 -46.15 -2.60
C ILE N 4 -56.82 -47.21 -3.62
N SER N 5 -57.52 -47.26 -4.76
CA SER N 5 -57.18 -48.23 -5.79
C SER N 5 -55.85 -47.86 -6.44
N ARG N 6 -55.17 -48.88 -6.98
CA ARG N 6 -53.81 -48.71 -7.50
C ARG N 6 -53.79 -47.80 -8.73
N LYS N 7 -54.82 -47.87 -9.56
CA LYS N 7 -54.88 -47.11 -10.80
C LYS N 7 -54.94 -45.61 -10.54
N GLU N 8 -55.80 -45.19 -9.61
CA GLU N 8 -55.90 -43.75 -9.33
C GLU N 8 -54.73 -43.24 -8.50
N TYR N 9 -54.11 -44.09 -7.66
CA TYR N 9 -52.87 -43.71 -6.99
C TYR N 9 -51.78 -43.43 -8.02
N VAL N 10 -51.64 -44.31 -9.01
CA VAL N 10 -50.59 -44.14 -10.01
C VAL N 10 -50.88 -42.93 -10.89
N SER N 11 -52.16 -42.68 -11.20
CA SER N 11 -52.52 -41.48 -11.96
C SER N 11 -52.23 -40.20 -11.19
N MET N 12 -52.29 -40.25 -9.85
CA MET N 12 -51.94 -39.05 -9.10
C MET N 12 -50.45 -38.89 -8.80
N TYR N 13 -49.73 -39.98 -8.52
CA TYR N 13 -48.37 -39.86 -8.01
C TYR N 13 -47.31 -40.65 -8.77
N GLY N 14 -47.67 -41.36 -9.83
CA GLY N 14 -46.73 -42.19 -10.54
C GLY N 14 -46.63 -43.58 -9.96
N PRO N 15 -45.87 -44.46 -10.61
CA PRO N 15 -45.80 -45.85 -10.16
C PRO N 15 -45.07 -46.01 -8.83
N THR N 16 -45.43 -47.07 -8.11
CA THR N 16 -44.82 -47.36 -6.81
C THR N 16 -44.29 -48.80 -6.81
N THR N 17 -43.92 -49.31 -5.62
CA THR N 17 -43.18 -50.56 -5.49
C THR N 17 -43.93 -51.75 -6.09
N GLY N 18 -43.27 -52.46 -7.01
CA GLY N 18 -43.83 -53.58 -7.71
C GLY N 18 -44.41 -53.26 -9.08
N ASP N 19 -44.73 -51.99 -9.35
CA ASP N 19 -45.26 -51.61 -10.65
C ASP N 19 -44.14 -51.60 -11.70
N LYS N 20 -44.55 -51.73 -12.98
CA LYS N 20 -43.62 -51.84 -14.09
C LYS N 20 -43.94 -50.85 -15.20
N VAL N 21 -42.91 -50.45 -15.94
CA VAL N 21 -43.04 -49.49 -17.04
C VAL N 21 -42.19 -49.95 -18.24
N ARG N 22 -42.75 -49.84 -19.44
CA ARG N 22 -42.01 -50.06 -20.68
C ARG N 22 -41.19 -48.83 -21.04
N LEU N 23 -39.94 -49.04 -21.44
CA LEU N 23 -39.06 -47.94 -21.82
C LEU N 23 -39.20 -47.69 -23.32
N GLY N 24 -39.80 -46.56 -23.68
CA GLY N 24 -39.97 -46.17 -25.07
C GLY N 24 -40.87 -47.15 -25.82
N ASP N 25 -40.53 -47.39 -27.09
CA ASP N 25 -41.19 -48.42 -27.87
C ASP N 25 -40.39 -49.72 -27.92
N THR N 26 -39.45 -49.91 -26.99
CA THR N 26 -38.67 -51.14 -26.92
C THR N 26 -39.45 -52.23 -26.18
N ASP N 27 -38.77 -53.37 -25.97
CA ASP N 27 -39.30 -54.47 -25.18
C ASP N 27 -38.65 -54.58 -23.81
N LEU N 28 -38.04 -53.50 -23.32
CA LEU N 28 -37.39 -53.50 -22.02
C LEU N 28 -38.35 -53.01 -20.95
N ILE N 29 -38.50 -53.79 -19.88
CA ILE N 29 -39.47 -53.53 -18.83
C ILE N 29 -38.70 -53.26 -17.53
N ALA N 30 -38.89 -52.07 -16.98
CA ALA N 30 -38.28 -51.68 -15.71
C ALA N 30 -39.28 -51.82 -14.57
N GLU N 31 -38.79 -52.20 -13.40
CA GLU N 31 -39.63 -52.41 -12.22
C GLU N 31 -39.13 -51.56 -11.05
N VAL N 32 -40.06 -50.94 -10.32
CA VAL N 32 -39.74 -50.11 -9.17
C VAL N 32 -39.32 -51.01 -8.01
N GLU N 33 -38.11 -50.82 -7.50
CA GLU N 33 -37.56 -51.68 -6.45
C GLU N 33 -37.90 -51.21 -5.04
N HIS N 34 -38.11 -49.91 -4.83
CA HIS N 34 -38.26 -49.34 -3.50
C HIS N 34 -38.90 -47.96 -3.62
N ASP N 35 -39.58 -47.53 -2.55
CA ASP N 35 -40.21 -46.21 -2.48
C ASP N 35 -39.93 -45.58 -1.13
N TYR N 36 -39.52 -44.31 -1.13
CA TYR N 36 -39.20 -43.58 0.10
C TYR N 36 -40.38 -42.84 0.70
N THR N 37 -41.53 -42.80 0.03
CA THR N 37 -42.62 -41.95 0.50
C THR N 37 -43.37 -42.61 1.66
N ILE N 38 -44.13 -41.80 2.38
CA ILE N 38 -45.10 -42.24 3.37
C ILE N 38 -46.49 -42.03 2.76
N TYR N 39 -47.27 -43.11 2.68
CA TYR N 39 -48.55 -43.08 1.98
C TYR N 39 -49.54 -42.18 2.70
N GLY N 40 -50.08 -41.20 1.97
CA GLY N 40 -50.93 -40.18 2.54
C GLY N 40 -50.25 -38.86 2.80
N GLU N 41 -48.93 -38.77 2.64
CA GLU N 41 -48.18 -37.54 2.87
C GLU N 41 -47.40 -37.11 1.62
N GLU N 42 -47.95 -37.36 0.44
CA GLU N 42 -47.26 -37.05 -0.81
C GLU N 42 -47.26 -35.55 -1.08
N LEU N 43 -46.22 -35.09 -1.78
CA LEU N 43 -46.10 -33.69 -2.16
C LEU N 43 -46.75 -33.44 -3.52
N LYS N 44 -47.67 -32.47 -3.56
CA LYS N 44 -48.33 -32.05 -4.79
C LYS N 44 -48.41 -30.53 -4.83
N PHE N 45 -48.18 -29.94 -6.00
CA PHE N 45 -48.22 -28.50 -6.18
C PHE N 45 -49.43 -28.07 -6.99
N GLY N 46 -50.08 -27.02 -6.54
CA GLY N 46 -51.24 -26.47 -7.22
C GLY N 46 -52.20 -25.84 -6.23
N GLY N 47 -53.32 -25.38 -6.76
CA GLY N 47 -54.33 -24.75 -5.93
C GLY N 47 -55.06 -25.76 -5.08
N GLY N 48 -55.05 -25.56 -3.76
CA GLY N 48 -55.65 -26.51 -2.84
C GLY N 48 -54.83 -27.74 -2.55
N LYS N 49 -53.59 -27.82 -3.03
CA LYS N 49 -52.74 -28.99 -2.84
C LYS N 49 -51.86 -28.79 -1.60
N THR N 50 -50.82 -29.62 -1.44
CA THR N 50 -50.10 -29.68 -0.18
C THR N 50 -48.91 -28.72 -0.07
N LEU N 51 -48.32 -28.27 -1.18
CA LEU N 51 -47.11 -27.45 -1.14
C LEU N 51 -47.47 -25.97 -0.94
N ARG N 52 -48.01 -25.69 0.26
CA ARG N 52 -48.47 -24.36 0.63
C ARG N 52 -47.94 -24.02 2.01
N GLU N 53 -48.01 -22.73 2.36
CA GLU N 53 -47.38 -22.24 3.58
C GLU N 53 -48.07 -22.81 4.82
N GLY N 54 -47.27 -23.31 5.75
CA GLY N 54 -47.76 -23.95 6.95
C GLY N 54 -48.18 -25.39 6.80
N MET N 55 -48.13 -25.98 5.60
CA MET N 55 -48.54 -27.36 5.43
C MET N 55 -47.39 -28.27 5.04
N SER N 56 -46.82 -28.12 3.83
CA SER N 56 -45.59 -28.81 3.47
C SER N 56 -44.44 -27.86 3.20
N GLN N 57 -44.72 -26.58 2.98
CA GLN N 57 -43.71 -25.54 3.04
C GLN N 57 -43.65 -25.06 4.49
N SER N 58 -42.47 -25.18 5.10
CA SER N 58 -42.30 -24.85 6.49
C SER N 58 -42.30 -23.35 6.73
N ASN N 59 -42.93 -22.93 7.83
CA ASN N 59 -42.75 -21.58 8.35
C ASN N 59 -41.58 -21.47 9.32
N ASN N 60 -41.00 -22.59 9.74
CA ASN N 60 -39.79 -22.60 10.57
C ASN N 60 -38.79 -23.60 9.97
N PRO N 61 -38.23 -23.30 8.80
CA PRO N 61 -37.40 -24.29 8.11
C PRO N 61 -36.03 -24.43 8.75
N SER N 62 -35.36 -25.53 8.39
CA SER N 62 -33.99 -25.74 8.85
C SER N 62 -33.05 -24.77 8.15
N LYS N 63 -31.85 -24.64 8.70
CA LYS N 63 -30.85 -23.77 8.09
C LYS N 63 -30.24 -24.35 6.82
N GLU N 64 -30.54 -25.61 6.50
CA GLU N 64 -30.13 -26.27 5.25
C GLU N 64 -31.26 -26.29 4.24
N GLU N 65 -32.05 -25.23 4.17
CA GLU N 65 -33.24 -25.14 3.34
C GLU N 65 -32.91 -25.27 1.84
N LEU N 66 -33.73 -26.03 1.13
CA LEU N 66 -33.47 -26.37 -0.28
C LEU N 66 -33.77 -25.21 -1.21
N ASP N 67 -33.03 -25.17 -2.33
CA ASP N 67 -33.31 -24.22 -3.40
C ASP N 67 -34.33 -24.76 -4.42
N LEU N 68 -34.40 -26.08 -4.59
CA LEU N 68 -35.29 -26.69 -5.57
C LEU N 68 -35.59 -28.12 -5.13
N ILE N 69 -36.83 -28.58 -5.33
CA ILE N 69 -37.20 -29.96 -5.04
C ILE N 69 -37.95 -30.55 -6.24
N ILE N 70 -37.56 -31.76 -6.64
CA ILE N 70 -38.25 -32.54 -7.67
C ILE N 70 -39.08 -33.60 -6.95
N THR N 71 -40.40 -33.53 -7.10
CA THR N 71 -41.32 -34.37 -6.34
C THR N 71 -41.73 -35.61 -7.12
N ASN N 72 -41.76 -36.76 -6.43
CA ASN N 72 -42.31 -38.03 -6.94
C ASN N 72 -41.59 -38.52 -8.20
N ALA N 73 -40.26 -38.46 -8.20
CA ALA N 73 -39.46 -38.84 -9.35
C ALA N 73 -39.18 -40.35 -9.34
N LEU N 74 -39.15 -40.95 -10.53
CA LEU N 74 -38.66 -42.32 -10.71
C LEU N 74 -37.20 -42.25 -11.16
N ILE N 75 -36.29 -42.61 -10.26
CA ILE N 75 -34.86 -42.52 -10.54
C ILE N 75 -34.39 -43.81 -11.20
N VAL N 76 -33.69 -43.69 -12.34
CA VAL N 76 -33.06 -44.81 -13.01
C VAL N 76 -31.56 -44.55 -13.05
N ASP N 77 -30.81 -45.37 -12.32
CA ASP N 77 -29.40 -45.14 -12.09
C ASP N 77 -28.70 -46.50 -11.95
N TYR N 78 -27.37 -46.50 -12.03
CA TYR N 78 -26.62 -47.74 -11.80
C TYR N 78 -26.74 -48.19 -10.35
N THR N 79 -27.05 -47.29 -9.42
CA THR N 79 -27.26 -47.65 -8.03
C THR N 79 -28.65 -48.20 -7.74
N GLY N 80 -29.61 -48.09 -8.65
CA GLY N 80 -30.91 -48.70 -8.46
C GLY N 80 -32.00 -47.97 -9.21
N ILE N 81 -33.19 -48.59 -9.21
CA ILE N 81 -34.39 -48.07 -9.85
C ILE N 81 -35.46 -47.94 -8.78
N TYR N 82 -35.79 -46.70 -8.40
CA TYR N 82 -36.60 -46.46 -7.20
C TYR N 82 -37.27 -45.09 -7.26
N LYS N 83 -38.27 -44.88 -6.40
CA LYS N 83 -39.05 -43.65 -6.32
C LYS N 83 -38.62 -42.82 -5.12
N ALA N 84 -38.38 -41.52 -5.34
CA ALA N 84 -37.97 -40.61 -4.27
C ALA N 84 -38.22 -39.17 -4.71
N ASP N 85 -38.07 -38.25 -3.76
CA ASP N 85 -37.95 -36.82 -4.05
C ASP N 85 -36.47 -36.43 -4.03
N ILE N 86 -36.09 -35.51 -4.91
CA ILE N 86 -34.71 -35.08 -5.08
C ILE N 86 -34.59 -33.62 -4.70
N GLY N 87 -33.66 -33.31 -3.80
CA GLY N 87 -33.44 -31.95 -3.32
C GLY N 87 -32.09 -31.40 -3.80
N ILE N 88 -32.10 -30.13 -4.23
CA ILE N 88 -30.94 -29.46 -4.79
C ILE N 88 -30.65 -28.19 -3.98
N LYS N 89 -29.40 -28.02 -3.58
CA LYS N 89 -28.94 -26.82 -2.90
C LYS N 89 -27.55 -26.44 -3.38
N ASP N 90 -27.40 -25.18 -3.82
CA ASP N 90 -26.12 -24.58 -4.21
C ASP N 90 -25.43 -25.36 -5.33
N GLY N 91 -26.20 -25.76 -6.34
CA GLY N 91 -25.66 -26.47 -7.47
C GLY N 91 -25.34 -27.93 -7.25
N LYS N 92 -25.65 -28.49 -6.07
CA LYS N 92 -25.36 -29.87 -5.75
C LYS N 92 -26.64 -30.61 -5.37
N ILE N 93 -26.59 -31.93 -5.49
CA ILE N 93 -27.65 -32.79 -4.99
C ILE N 93 -27.50 -32.85 -3.47
N ALA N 94 -28.48 -32.31 -2.75
CA ALA N 94 -28.40 -32.21 -1.31
C ALA N 94 -29.04 -33.38 -0.57
N GLY N 95 -30.07 -34.00 -1.15
CA GLY N 95 -30.76 -35.08 -0.48
C GLY N 95 -31.63 -35.86 -1.43
N ILE N 96 -31.76 -37.16 -1.14
CA ILE N 96 -32.63 -38.07 -1.87
C ILE N 96 -33.46 -38.82 -0.84
N GLY N 97 -34.77 -38.59 -0.84
CA GLY N 97 -35.62 -39.17 0.19
C GLY N 97 -37.06 -38.66 0.20
N LYS N 98 -37.57 -38.27 1.37
CA LYS N 98 -38.99 -37.94 1.47
C LYS N 98 -39.27 -36.45 1.28
N GLY N 99 -38.75 -35.59 2.15
CA GLY N 99 -38.95 -34.16 1.97
C GLY N 99 -40.31 -33.60 2.40
N GLY N 100 -40.32 -32.40 2.96
CA GLY N 100 -41.54 -31.77 3.41
C GLY N 100 -41.27 -30.82 4.57
N ASN N 101 -42.22 -30.79 5.51
CA ASN N 101 -42.20 -29.89 6.65
C ASN N 101 -42.32 -30.71 7.93
N LYS N 102 -41.28 -30.68 8.77
CA LYS N 102 -41.24 -31.44 10.02
C LYS N 102 -42.27 -30.95 11.03
N ASP N 103 -42.74 -29.69 10.91
CA ASP N 103 -43.77 -29.19 11.81
C ASP N 103 -45.11 -29.92 11.64
N MET N 104 -45.37 -30.48 10.46
CA MET N 104 -46.65 -31.11 10.17
C MET N 104 -46.58 -32.56 9.68
N GLN N 105 -45.38 -33.09 9.38
CA GLN N 105 -45.24 -34.41 8.77
C GLN N 105 -44.13 -35.18 9.47
N ASP N 106 -44.20 -36.52 9.37
CA ASP N 106 -43.39 -37.37 10.25
C ASP N 106 -41.93 -37.47 9.84
N GLY N 107 -41.64 -38.10 8.70
CA GLY N 107 -40.28 -38.53 8.44
C GLY N 107 -39.39 -37.59 7.63
N VAL N 108 -39.24 -36.34 8.04
CA VAL N 108 -38.52 -35.33 7.27
C VAL N 108 -37.19 -35.03 7.94
N LYS N 109 -36.08 -35.31 7.25
CA LYS N 109 -34.75 -34.99 7.75
C LYS N 109 -34.38 -33.54 7.39
N ASN N 110 -33.32 -33.04 8.04
CA ASN N 110 -32.94 -31.63 7.95
C ASN N 110 -32.48 -31.24 6.54
N ASN N 111 -31.84 -32.16 5.82
CA ASN N 111 -31.33 -31.85 4.49
C ASN N 111 -32.40 -31.91 3.40
N LEU N 112 -33.65 -32.26 3.73
CA LEU N 112 -34.74 -32.24 2.78
C LEU N 112 -35.87 -31.30 3.21
N SER N 113 -35.53 -30.23 3.92
CA SER N 113 -36.51 -29.29 4.41
C SER N 113 -36.96 -28.34 3.29
N VAL N 114 -38.28 -28.20 3.14
CA VAL N 114 -38.88 -27.32 2.15
C VAL N 114 -39.28 -26.03 2.84
N GLY N 115 -38.87 -24.89 2.29
CA GLY N 115 -39.16 -23.61 2.89
C GLY N 115 -39.53 -22.52 1.90
N PRO N 116 -39.60 -21.27 2.38
CA PRO N 116 -39.93 -20.15 1.48
C PRO N 116 -38.93 -19.90 0.36
N ALA N 117 -37.68 -20.34 0.49
CA ALA N 117 -36.70 -20.16 -0.58
C ALA N 117 -36.76 -21.25 -1.65
N THR N 118 -37.64 -22.23 -1.51
CA THR N 118 -37.66 -23.40 -2.40
C THR N 118 -38.60 -23.21 -3.58
N GLU N 119 -38.13 -23.62 -4.76
CA GLU N 119 -38.92 -23.76 -5.99
C GLU N 119 -39.29 -25.24 -6.19
N ALA N 120 -40.45 -25.48 -6.81
CA ALA N 120 -40.98 -26.83 -7.00
C ALA N 120 -41.00 -27.23 -8.48
N LEU N 121 -40.70 -28.51 -8.74
CA LEU N 121 -40.76 -29.10 -10.08
C LEU N 121 -41.44 -30.46 -9.97
N ALA N 122 -42.50 -30.67 -10.75
CA ALA N 122 -43.32 -31.89 -10.62
C ALA N 122 -42.71 -33.01 -11.47
N GLY N 123 -42.30 -34.08 -10.81
CA GLY N 123 -41.76 -35.24 -11.50
C GLY N 123 -42.63 -36.47 -11.51
N GLU N 124 -43.91 -36.38 -11.13
CA GLU N 124 -44.77 -37.55 -11.09
C GLU N 124 -45.06 -38.05 -12.50
N GLY N 125 -44.83 -39.35 -12.72
CA GLY N 125 -44.93 -39.96 -14.02
C GLY N 125 -43.71 -39.81 -14.91
N LEU N 126 -42.62 -39.23 -14.41
CA LEU N 126 -41.43 -38.98 -15.21
C LEU N 126 -40.23 -39.74 -14.66
N ILE N 127 -39.20 -39.86 -15.49
CA ILE N 127 -37.97 -40.59 -15.18
C ILE N 127 -36.82 -39.58 -15.11
N VAL N 128 -36.00 -39.68 -14.07
CA VAL N 128 -34.79 -38.86 -13.92
C VAL N 128 -33.56 -39.75 -14.06
N THR N 129 -32.63 -39.37 -14.94
CA THR N 129 -31.31 -39.98 -15.03
C THR N 129 -30.23 -38.90 -14.96
N ALA N 130 -29.00 -39.36 -14.76
CA ALA N 130 -27.84 -38.48 -14.89
C ALA N 130 -27.60 -38.11 -16.35
N GLY N 131 -26.96 -36.97 -16.55
CA GLY N 131 -26.57 -36.58 -17.90
C GLY N 131 -25.50 -37.50 -18.47
N GLY N 132 -25.54 -37.68 -19.79
CA GLY N 132 -24.57 -38.52 -20.46
C GLY N 132 -23.21 -37.87 -20.61
N ILE N 133 -22.19 -38.71 -20.78
CA ILE N 133 -20.80 -38.28 -20.91
C ILE N 133 -20.20 -38.91 -22.17
N ASP N 134 -19.81 -38.07 -23.13
CA ASP N 134 -19.28 -38.52 -24.41
C ASP N 134 -17.78 -38.23 -24.44
N THR N 135 -16.97 -39.28 -24.63
CA THR N 135 -15.52 -39.17 -24.49
C THR N 135 -14.76 -39.28 -25.81
N HIS N 136 -15.43 -39.21 -26.95
CA HIS N 136 -14.77 -39.36 -28.26
C HIS N 136 -15.24 -38.24 -29.20
N ILE N 137 -15.08 -36.99 -28.77
CA ILE N 137 -15.52 -35.85 -29.55
C ILE N 137 -14.38 -35.32 -30.40
N HIS N 138 -14.61 -35.20 -31.71
CA HIS N 138 -13.78 -34.36 -32.58
C HIS N 138 -14.38 -32.96 -32.62
N PHE N 139 -13.63 -31.97 -32.14
CA PHE N 139 -14.14 -30.59 -32.08
C PHE N 139 -14.00 -29.93 -33.46
N ILE N 140 -14.84 -30.38 -34.39
CA ILE N 140 -14.80 -29.94 -35.77
C ILE N 140 -15.63 -28.67 -35.97
N SER N 141 -16.82 -28.60 -35.38
CA SER N 141 -17.68 -27.42 -35.46
C SER N 141 -18.38 -27.17 -34.12
N PRO N 142 -18.59 -25.91 -33.74
CA PRO N 142 -19.30 -25.62 -32.48
C PRO N 142 -20.76 -26.06 -32.48
N GLN N 143 -21.37 -26.27 -33.64
CA GLN N 143 -22.77 -26.67 -33.72
C GLN N 143 -23.02 -28.11 -33.27
N GLN N 144 -21.96 -28.91 -33.05
CA GLN N 144 -22.11 -30.22 -32.44
C GLN N 144 -22.66 -30.12 -31.01
N ILE N 145 -22.26 -29.07 -30.29
CA ILE N 145 -22.60 -28.97 -28.86
C ILE N 145 -24.09 -28.84 -28.59
N PRO N 146 -24.85 -27.93 -29.26
CA PRO N 146 -26.32 -27.95 -29.03
C PRO N 146 -27.02 -29.23 -29.49
N THR N 147 -26.50 -29.90 -30.53
CA THR N 147 -27.06 -31.17 -30.97
C THR N 147 -26.89 -32.25 -29.91
N ALA N 148 -25.71 -32.32 -29.29
CA ALA N 148 -25.49 -33.27 -28.21
C ALA N 148 -26.31 -32.92 -26.96
N PHE N 149 -26.46 -31.62 -26.67
CA PHE N 149 -27.20 -31.18 -25.50
C PHE N 149 -28.68 -31.57 -25.57
N ALA N 150 -29.29 -31.42 -26.75
CA ALA N 150 -30.69 -31.76 -26.91
C ALA N 150 -30.95 -33.27 -26.86
N SER N 151 -29.92 -34.10 -27.09
CA SER N 151 -30.10 -35.54 -26.98
C SER N 151 -29.91 -36.06 -25.57
N GLY N 152 -29.45 -35.25 -24.64
CA GLY N 152 -29.26 -35.65 -23.26
C GLY N 152 -27.82 -35.82 -22.78
N VAL N 153 -26.84 -35.29 -23.49
CA VAL N 153 -25.43 -35.36 -23.10
C VAL N 153 -25.03 -34.04 -22.46
N THR N 154 -24.42 -34.10 -21.27
CA THR N 154 -24.04 -32.88 -20.56
C THR N 154 -22.54 -32.72 -20.30
N THR N 155 -21.70 -33.66 -20.73
CA THR N 155 -20.24 -33.52 -20.66
C THR N 155 -19.63 -34.02 -21.97
N MET N 156 -18.71 -33.25 -22.54
CA MET N 156 -18.02 -33.63 -23.78
C MET N 156 -16.52 -33.55 -23.59
N ILE N 157 -15.83 -34.66 -23.86
CA ILE N 157 -14.38 -34.76 -23.75
C ILE N 157 -13.82 -35.16 -25.12
N GLY N 158 -12.82 -34.42 -25.58
CA GLY N 158 -12.17 -34.71 -26.85
C GLY N 158 -11.04 -33.76 -27.20
N GLY N 159 -10.84 -33.47 -28.48
CA GLY N 159 -9.78 -32.55 -28.89
C GLY N 159 -10.01 -32.02 -30.29
N GLY N 160 -9.35 -30.91 -30.58
CA GLY N 160 -9.38 -30.35 -31.92
C GLY N 160 -9.31 -28.83 -31.90
N THR N 161 -9.25 -28.26 -33.11
CA THR N 161 -9.11 -26.82 -33.30
C THR N 161 -10.09 -26.24 -34.31
N GLY N 162 -11.12 -26.97 -34.71
CA GLY N 162 -11.99 -26.53 -35.78
C GLY N 162 -11.83 -27.41 -37.02
N PRO N 163 -12.26 -26.94 -38.18
CA PRO N 163 -12.33 -27.83 -39.35
C PRO N 163 -11.02 -28.09 -40.09
N ALA N 164 -9.88 -27.94 -39.43
CA ALA N 164 -8.60 -28.30 -40.03
C ALA N 164 -8.49 -29.81 -40.24
N ASP N 165 -7.57 -30.19 -41.13
CA ASP N 165 -7.43 -31.59 -41.54
C ASP N 165 -6.92 -32.48 -40.41
N GLY N 166 -6.11 -31.95 -39.50
CA GLY N 166 -5.69 -32.72 -38.34
C GLY N 166 -6.82 -33.04 -37.39
N THR N 167 -7.72 -32.09 -37.18
CA THR N 167 -8.89 -32.33 -36.33
C THR N 167 -9.91 -33.25 -37.00
N ASN N 168 -10.04 -33.15 -38.33
CA ASN N 168 -10.97 -34.01 -39.07
C ASN N 168 -10.62 -35.49 -38.93
N ALA N 169 -9.36 -35.81 -38.66
CA ALA N 169 -8.92 -37.17 -38.44
C ALA N 169 -8.78 -37.54 -36.96
N THR N 170 -8.30 -36.63 -36.10
CA THR N 170 -7.84 -36.97 -34.75
C THR N 170 -8.48 -36.08 -33.69
N THR N 171 -8.62 -36.61 -32.46
CA THR N 171 -9.15 -35.85 -31.32
C THR N 171 -8.01 -35.21 -30.52
N ILE N 172 -7.33 -34.25 -31.15
CA ILE N 172 -6.09 -33.70 -30.61
C ILE N 172 -6.10 -32.18 -30.68
N THR N 173 -5.84 -31.52 -29.54
CA THR N 173 -5.55 -30.09 -29.47
C THR N 173 -4.06 -29.92 -29.18
N PRO N 174 -3.22 -29.64 -30.18
CA PRO N 174 -1.76 -29.70 -29.96
C PRO N 174 -1.13 -28.41 -29.43
N GLY N 175 -0.48 -28.48 -28.28
CA GLY N 175 0.37 -27.40 -27.81
C GLY N 175 -0.35 -26.39 -26.93
N ARG N 176 0.48 -25.63 -26.20
CA ARG N 176 0.00 -24.68 -25.19
C ARG N 176 -0.86 -23.56 -25.81
N ARG N 177 -0.43 -23.01 -26.96
CA ARG N 177 -1.17 -21.90 -27.56
C ARG N 177 -2.55 -22.34 -28.07
N ASN N 178 -2.62 -23.50 -28.73
CA ASN N 178 -3.91 -24.00 -29.21
C ASN N 178 -4.82 -24.40 -28.05
N LEU N 179 -4.24 -24.92 -26.95
CA LEU N 179 -5.02 -25.19 -25.75
C LEU N 179 -5.59 -23.89 -25.16
N LYS N 180 -4.81 -22.81 -25.18
CA LYS N 180 -5.30 -21.51 -24.72
C LYS N 180 -6.47 -21.02 -25.57
N TRP N 181 -6.37 -21.16 -26.91
CA TRP N 181 -7.46 -20.82 -27.82
C TRP N 181 -8.75 -21.56 -27.47
N MET N 182 -8.67 -22.89 -27.31
CA MET N 182 -9.87 -23.68 -27.06
C MET N 182 -10.45 -23.43 -25.67
N LEU N 183 -9.60 -23.26 -24.66
CA LEU N 183 -10.09 -22.98 -23.30
C LEU N 183 -10.78 -21.62 -23.22
N ARG N 184 -10.27 -20.61 -23.94
CA ARG N 184 -10.95 -19.32 -23.93
C ARG N 184 -12.22 -19.34 -24.78
N ALA N 185 -12.27 -20.15 -25.84
CA ALA N 185 -13.51 -20.27 -26.60
C ALA N 185 -14.59 -21.02 -25.82
N ALA N 186 -14.19 -21.89 -24.90
CA ALA N 186 -15.13 -22.75 -24.15
C ALA N 186 -16.10 -21.97 -23.26
N GLU N 187 -15.80 -20.70 -22.96
CA GLU N 187 -16.67 -19.86 -22.13
C GLU N 187 -18.04 -19.59 -22.76
N GLU N 188 -18.21 -19.86 -24.05
CA GLU N 188 -19.46 -19.62 -24.76
C GLU N 188 -20.57 -20.59 -24.35
N TYR N 189 -20.25 -21.85 -24.04
CA TYR N 189 -21.19 -22.95 -24.26
C TYR N 189 -21.85 -23.47 -22.97
N SER N 190 -22.98 -24.15 -23.17
CA SER N 190 -23.71 -24.84 -22.09
C SER N 190 -23.40 -26.34 -22.15
N MET N 191 -22.22 -26.70 -21.64
CA MET N 191 -21.68 -28.06 -21.68
C MET N 191 -20.42 -28.10 -20.81
N ASN N 192 -20.27 -29.14 -19.99
CA ASN N 192 -18.98 -29.39 -19.35
C ASN N 192 -17.98 -29.89 -20.39
N LEU N 193 -16.74 -29.40 -20.34
CA LEU N 193 -15.76 -29.65 -21.39
C LEU N 193 -14.38 -30.02 -20.83
N GLY N 194 -13.66 -30.86 -21.57
CA GLY N 194 -12.27 -31.17 -21.29
C GLY N 194 -11.53 -31.56 -22.55
N PHE N 195 -10.23 -31.23 -22.61
CA PHE N 195 -9.46 -31.31 -23.85
C PHE N 195 -8.27 -32.25 -23.75
N LEU N 196 -8.03 -32.99 -24.82
CA LEU N 196 -6.92 -33.94 -24.93
C LEU N 196 -5.79 -33.36 -25.79
N ALA N 197 -4.55 -33.68 -25.43
CA ALA N 197 -3.35 -33.18 -26.09
C ALA N 197 -2.73 -34.24 -27.01
N LYS N 198 -1.66 -33.84 -27.71
CA LYS N 198 -0.98 -34.74 -28.65
C LYS N 198 -0.01 -35.65 -27.90
N GLY N 199 -0.20 -36.96 -28.03
CA GLY N 199 0.67 -37.92 -27.40
C GLY N 199 1.71 -38.52 -28.32
N ASN N 200 1.64 -38.20 -29.62
CA ASN N 200 2.55 -38.77 -30.63
C ASN N 200 3.84 -37.96 -30.68
N THR N 201 4.69 -38.18 -29.68
CA THR N 201 6.06 -37.66 -29.68
C THR N 201 6.91 -38.49 -28.73
N SER N 202 8.22 -38.44 -28.93
CA SER N 202 9.18 -39.04 -28.02
C SER N 202 9.95 -38.02 -27.20
N ASN N 203 9.50 -36.77 -27.17
CA ASN N 203 10.13 -35.71 -26.38
C ASN N 203 9.33 -35.54 -25.09
N ASP N 204 9.95 -35.86 -23.95
CA ASP N 204 9.26 -35.82 -22.66
C ASP N 204 8.89 -34.40 -22.24
N ALA N 205 9.74 -33.43 -22.56
CA ALA N 205 9.47 -32.04 -22.19
C ALA N 205 8.27 -31.48 -22.95
N SER N 206 8.13 -31.84 -24.23
CA SER N 206 6.97 -31.43 -25.01
C SER N 206 5.68 -32.06 -24.49
N LEU N 207 5.76 -33.33 -24.05
CA LEU N 207 4.60 -33.99 -23.47
C LEU N 207 4.17 -33.33 -22.16
N ALA N 208 5.15 -33.02 -21.30
CA ALA N 208 4.82 -32.47 -19.98
C ALA N 208 4.27 -31.04 -20.06
N ASP N 209 4.74 -30.24 -21.02
CA ASP N 209 4.29 -28.85 -21.09
C ASP N 209 2.81 -28.74 -21.50
N GLN N 210 2.31 -29.68 -22.30
CA GLN N 210 0.90 -29.68 -22.67
C GLN N 210 0.00 -29.97 -21.47
N ILE N 211 0.43 -30.86 -20.57
CA ILE N 211 -0.35 -31.18 -19.38
C ILE N 211 -0.40 -29.97 -18.45
N GLU N 212 0.73 -29.27 -18.28
CA GLU N 212 0.76 -28.06 -17.48
C GLU N 212 -0.02 -26.92 -18.10
N ALA N 213 -0.25 -26.94 -19.41
CA ALA N 213 -1.03 -25.92 -20.09
C ALA N 213 -2.54 -26.16 -20.00
N GLY N 214 -2.99 -27.27 -19.40
CA GLY N 214 -4.39 -27.45 -19.13
C GLY N 214 -5.08 -28.71 -19.64
N ALA N 215 -4.38 -29.56 -20.37
CA ALA N 215 -5.00 -30.77 -20.92
C ALA N 215 -5.25 -31.81 -19.83
N ILE N 216 -6.30 -32.63 -20.03
CA ILE N 216 -6.64 -33.69 -19.09
C ILE N 216 -6.13 -35.05 -19.52
N GLY N 217 -5.37 -35.14 -20.61
CA GLY N 217 -4.84 -36.41 -21.05
C GLY N 217 -4.25 -36.33 -22.45
N PHE N 218 -3.85 -37.49 -22.95
CA PHE N 218 -3.29 -37.61 -24.30
C PHE N 218 -4.13 -38.49 -25.22
N ILE N 220 -3.26 -40.79 -28.68
CA ILE N 220 -2.25 -41.28 -29.60
C ILE N 220 -2.95 -41.80 -30.86
N HIS N 221 -2.65 -41.20 -32.01
CA HIS N 221 -3.39 -41.50 -33.23
C HIS N 221 -2.42 -41.85 -34.36
N GLU N 222 -2.80 -42.83 -35.17
CA GLU N 222 -1.91 -43.39 -36.19
C GLU N 222 -1.58 -42.39 -37.30
N ASP N 223 -2.42 -41.39 -37.53
CA ASP N 223 -2.12 -40.39 -38.55
C ASP N 223 -0.98 -39.45 -38.13
N TRP N 224 -0.74 -39.28 -36.84
CA TRP N 224 0.47 -38.62 -36.36
C TRP N 224 1.59 -39.61 -36.04
N GLY N 225 1.33 -40.91 -36.20
CA GLY N 225 2.34 -41.94 -36.05
C GLY N 225 2.29 -42.65 -34.71
N THR N 226 1.65 -43.81 -34.64
CA THR N 226 1.55 -44.60 -33.41
C THR N 226 2.64 -45.67 -33.49
N THR N 227 3.78 -45.36 -32.90
CA THR N 227 4.92 -46.25 -32.79
C THR N 227 5.08 -46.70 -31.33
N PRO N 228 5.74 -47.83 -31.08
CA PRO N 228 5.97 -48.25 -29.68
C PRO N 228 6.75 -47.25 -28.83
N SER N 229 7.67 -46.50 -29.44
CA SER N 229 8.44 -45.48 -28.72
C SER N 229 7.53 -44.38 -28.16
N ALA N 230 6.62 -43.88 -29.00
CA ALA N 230 5.71 -42.80 -28.58
C ALA N 230 4.74 -43.29 -27.50
N ILE N 231 4.26 -44.53 -27.63
CA ILE N 231 3.40 -45.13 -26.62
C ILE N 231 4.10 -45.20 -25.27
N ASN N 232 5.36 -45.64 -25.28
CA ASN N 232 6.15 -45.77 -24.05
C ASN N 232 6.37 -44.43 -23.37
N HIS N 233 6.78 -43.41 -24.15
CA HIS N 233 7.05 -42.09 -23.57
C HIS N 233 5.79 -41.43 -23.03
N ALA N 234 4.67 -41.54 -23.76
CA ALA N 234 3.42 -40.92 -23.33
C ALA N 234 2.91 -41.56 -22.04
N LEU N 235 3.01 -42.90 -21.92
CA LEU N 235 2.59 -43.57 -20.70
C LEU N 235 3.48 -43.21 -19.52
N ASP N 236 4.78 -43.03 -19.76
CA ASP N 236 5.68 -42.60 -18.69
C ASP N 236 5.30 -41.21 -18.14
N VAL N 237 4.99 -40.26 -19.03
CA VAL N 237 4.62 -38.93 -18.56
C VAL N 237 3.25 -38.94 -17.86
N ALA N 238 2.30 -39.72 -18.40
CA ALA N 238 0.97 -39.78 -17.81
C ALA N 238 0.96 -40.45 -16.44
N ASP N 239 1.90 -41.37 -16.18
CA ASP N 239 2.06 -41.93 -14.84
C ASP N 239 2.45 -40.85 -13.84
N LYS N 240 3.30 -39.91 -14.25
CA LYS N 240 3.74 -38.85 -13.34
C LYS N 240 2.69 -37.77 -13.13
N TYR N 241 1.83 -37.50 -14.11
CA TYR N 241 0.88 -36.39 -13.96
C TYR N 241 -0.55 -36.80 -13.63
N ASP N 242 -0.84 -38.10 -13.47
CA ASP N 242 -2.16 -38.65 -13.12
C ASP N 242 -3.25 -38.20 -14.13
N VAL N 243 -3.03 -38.53 -15.40
CA VAL N 243 -4.00 -38.29 -16.47
C VAL N 243 -4.14 -39.56 -17.29
N GLN N 244 -5.20 -39.61 -18.09
CA GLN N 244 -5.56 -40.77 -18.90
C GLN N 244 -4.94 -40.71 -20.30
N VAL N 245 -4.76 -41.89 -20.92
CA VAL N 245 -4.28 -42.01 -22.29
C VAL N 245 -5.30 -42.77 -23.13
N ALA N 246 -5.59 -42.26 -24.33
CA ALA N 246 -6.43 -42.92 -25.33
C ALA N 246 -5.62 -43.22 -26.59
N ILE N 247 -5.98 -44.29 -27.31
CA ILE N 247 -5.18 -44.75 -28.43
C ILE N 247 -6.05 -45.18 -29.63
N HIS N 248 -5.61 -44.80 -30.83
CA HIS N 248 -6.01 -45.35 -32.12
C HIS N 248 -4.75 -46.02 -32.68
N THR N 249 -4.76 -47.35 -32.78
CA THR N 249 -3.54 -48.11 -33.07
C THR N 249 -3.25 -48.20 -34.57
N ASP N 250 -2.09 -48.79 -34.87
CA ASP N 250 -1.51 -48.83 -36.22
C ASP N 250 -2.27 -49.85 -37.08
N THR N 251 -3.10 -49.35 -38.00
CA THR N 251 -3.89 -50.22 -38.87
C THR N 251 -3.02 -51.00 -39.85
N LEU N 252 -1.99 -50.35 -40.38
CA LEU N 252 -1.15 -50.90 -41.44
C LEU N 252 -0.13 -51.94 -40.96
N ASN N 253 -0.02 -52.17 -39.65
CA ASN N 253 0.97 -53.06 -39.02
C ASN N 253 2.39 -52.68 -39.41
N GLU N 254 2.65 -51.37 -39.51
CA GLU N 254 3.89 -50.87 -40.11
C GLU N 254 5.11 -51.15 -39.22
N ALA N 255 5.00 -50.86 -37.93
CA ALA N 255 6.10 -51.09 -37.00
C ALA N 255 5.95 -52.36 -36.19
N GLY N 256 4.81 -53.03 -36.27
CA GLY N 256 4.54 -54.21 -35.47
C GLY N 256 3.07 -54.55 -35.47
N CYS N 257 2.76 -55.68 -34.86
CA CYS N 257 1.40 -56.19 -34.75
C CYS N 257 0.80 -55.83 -33.38
N VAL N 258 -0.34 -56.43 -33.06
CA VAL N 258 -1.09 -56.06 -31.85
C VAL N 258 -0.33 -56.43 -30.58
N GLU N 259 0.40 -57.57 -30.60
CA GLU N 259 1.15 -57.96 -29.41
C GLU N 259 2.34 -57.04 -29.16
N ASP N 260 2.90 -56.43 -30.21
CA ASP N 260 3.96 -55.44 -30.02
C ASP N 260 3.42 -54.16 -29.38
N THR N 261 2.21 -53.73 -29.77
CA THR N 261 1.55 -52.60 -29.11
C THR N 261 1.28 -52.90 -27.64
N MET N 262 0.79 -54.12 -27.34
CA MET N 262 0.55 -54.51 -25.95
C MET N 262 1.85 -54.60 -25.15
N ALA N 263 2.95 -55.01 -25.79
CA ALA N 263 4.25 -55.00 -25.12
C ALA N 263 4.72 -53.59 -24.82
N ALA N 264 4.45 -52.64 -25.72
CA ALA N 264 4.78 -51.24 -25.45
C ALA N 264 3.95 -50.67 -24.31
N ILE N 265 2.66 -51.07 -24.22
CA ILE N 265 1.80 -50.60 -23.14
C ILE N 265 2.29 -51.12 -21.79
N ALA N 266 2.72 -52.38 -21.73
CA ALA N 266 3.43 -53.00 -20.59
C ALA N 266 2.60 -52.99 -19.30
N GLY N 267 1.32 -53.35 -19.41
CA GLY N 267 0.45 -53.50 -18.26
C GLY N 267 -0.14 -52.23 -17.68
N ARG N 268 0.14 -51.07 -18.26
CA ARG N 268 -0.37 -49.81 -17.74
C ARG N 268 -1.77 -49.52 -18.29
N THR N 269 -2.51 -48.66 -17.58
CA THR N 269 -3.91 -48.37 -17.89
C THR N 269 -4.06 -47.62 -19.21
N MET N 270 -4.97 -48.08 -20.07
CA MET N 270 -5.18 -47.49 -21.40
C MET N 270 -6.65 -47.58 -21.80
N HIS N 271 -7.17 -46.50 -22.36
CA HIS N 271 -8.51 -46.42 -22.93
C HIS N 271 -8.40 -46.60 -24.45
N THR N 272 -9.09 -47.59 -25.00
CA THR N 272 -9.00 -47.88 -26.43
C THR N 272 -10.26 -47.41 -27.14
N PHE N 273 -10.09 -46.56 -28.15
CA PHE N 273 -11.21 -46.09 -28.97
C PHE N 273 -11.51 -47.09 -30.07
N HIS N 274 -12.79 -47.23 -30.40
CA HIS N 274 -13.38 -48.08 -31.47
C HIS N 274 -12.69 -49.44 -31.58
N THR N 275 -12.76 -50.20 -30.49
CA THR N 275 -11.97 -51.41 -30.31
C THR N 275 -12.35 -52.53 -31.27
N GLU N 276 -13.54 -52.46 -31.87
CA GLU N 276 -13.92 -53.44 -32.89
C GLU N 276 -13.02 -53.34 -34.13
N GLY N 277 -12.65 -52.13 -34.53
CA GLY N 277 -11.65 -51.91 -35.55
C GLY N 277 -12.15 -51.34 -36.86
N ALA N 278 -13.46 -51.14 -37.03
CA ALA N 278 -13.95 -50.49 -38.25
C ALA N 278 -13.50 -49.04 -38.34
N GLY N 279 -13.38 -48.36 -37.20
CA GLY N 279 -12.85 -47.02 -37.17
C GLY N 279 -11.34 -46.91 -37.22
N GLY N 280 -10.63 -48.03 -37.20
CA GLY N 280 -9.17 -48.02 -37.22
C GLY N 280 -8.58 -48.95 -36.17
N GLY N 281 -7.38 -49.45 -36.45
CA GLY N 281 -6.71 -50.39 -35.56
C GLY N 281 -6.10 -51.55 -36.32
N HIS N 282 -5.20 -52.31 -35.66
CA HIS N 282 -4.46 -53.45 -36.21
C HIS N 282 -5.35 -54.42 -36.98
N ALA N 283 -5.15 -54.52 -38.28
CA ALA N 283 -5.92 -55.44 -39.10
C ALA N 283 -5.34 -56.85 -39.00
N PRO N 284 -6.16 -57.86 -38.70
CA PRO N 284 -7.59 -57.78 -38.46
C PRO N 284 -8.01 -57.97 -37.00
N ASP N 285 -7.07 -57.92 -36.05
CA ASP N 285 -7.28 -58.53 -34.73
C ASP N 285 -7.12 -57.55 -33.57
N ILE N 286 -7.52 -56.28 -33.74
CA ILE N 286 -7.44 -55.33 -32.62
C ILE N 286 -8.46 -55.67 -31.53
N ILE N 287 -9.56 -56.35 -31.87
CA ILE N 287 -10.63 -56.67 -30.93
C ILE N 287 -10.19 -57.61 -29.81
N LYS N 288 -9.05 -58.30 -29.95
CA LYS N 288 -8.61 -59.22 -28.90
C LYS N 288 -8.13 -58.51 -27.63
N VAL N 289 -7.83 -57.21 -27.69
CA VAL N 289 -7.37 -56.51 -26.47
C VAL N 289 -8.50 -56.22 -25.50
N ALA N 290 -9.76 -56.41 -25.89
CA ALA N 290 -10.89 -56.17 -25.01
C ALA N 290 -11.05 -57.23 -23.92
N GLY N 291 -10.29 -58.32 -23.96
CA GLY N 291 -10.29 -59.25 -22.87
C GLY N 291 -9.30 -58.98 -21.76
N GLU N 292 -8.42 -57.99 -21.91
CA GLU N 292 -7.29 -57.78 -21.02
C GLU N 292 -7.68 -56.97 -19.77
N HIS N 293 -6.88 -57.13 -18.71
CA HIS N 293 -7.20 -56.50 -17.43
C HIS N 293 -6.94 -55.00 -17.44
N ASN N 294 -5.87 -54.54 -18.09
CA ASN N 294 -5.51 -53.13 -18.03
C ASN N 294 -6.15 -52.27 -19.11
N ILE N 295 -7.02 -52.83 -19.94
CA ILE N 295 -7.64 -52.11 -21.06
C ILE N 295 -9.07 -51.73 -20.68
N LEU N 296 -9.43 -50.46 -20.90
CA LEU N 296 -10.81 -49.99 -20.81
C LEU N 296 -11.36 -49.86 -22.23
N PRO N 297 -12.15 -50.81 -22.72
CA PRO N 297 -12.52 -50.82 -24.14
C PRO N 297 -13.82 -50.09 -24.46
N ALA N 298 -13.82 -49.36 -25.57
CA ALA N 298 -14.97 -48.58 -26.01
C ALA N 298 -15.29 -48.86 -27.47
N SER N 299 -16.57 -48.73 -27.80
CA SER N 299 -17.04 -48.80 -29.17
C SER N 299 -17.66 -47.48 -29.56
N THR N 300 -17.61 -47.16 -30.85
CA THR N 300 -18.26 -45.97 -31.38
C THR N 300 -19.59 -46.36 -32.01
N ASN N 301 -20.52 -45.39 -32.06
CA ASN N 301 -21.89 -45.70 -32.49
C ASN N 301 -22.21 -46.07 -33.95
N PRO N 302 -21.45 -45.78 -35.01
CA PRO N 302 -21.96 -46.14 -36.36
C PRO N 302 -21.97 -47.63 -36.66
N THR N 303 -21.30 -48.47 -35.88
CA THR N 303 -21.35 -49.91 -36.06
C THR N 303 -22.39 -50.60 -35.17
N ILE N 304 -23.06 -49.88 -34.28
CA ILE N 304 -24.09 -50.50 -33.45
C ILE N 304 -25.43 -49.79 -33.69
N PRO N 305 -26.55 -50.52 -33.80
CA PRO N 305 -26.62 -51.98 -33.89
C PRO N 305 -26.29 -52.47 -35.31
N PHE N 306 -25.96 -53.74 -35.44
CA PHE N 306 -25.59 -54.33 -36.73
C PHE N 306 -26.86 -54.52 -37.58
N THR N 307 -26.94 -53.81 -38.70
CA THR N 307 -28.09 -53.83 -39.58
C THR N 307 -27.70 -54.31 -40.97
N VAL N 308 -28.71 -54.49 -41.82
CA VAL N 308 -28.46 -54.97 -43.19
C VAL N 308 -27.87 -53.91 -44.10
N ASN N 309 -27.87 -52.64 -43.71
CA ASN N 309 -27.24 -51.58 -44.50
C ASN N 309 -25.85 -51.20 -44.00
N THR N 310 -25.34 -51.85 -42.95
CA THR N 310 -24.14 -51.39 -42.26
C THR N 310 -22.88 -51.58 -43.11
N GLU N 311 -22.72 -52.76 -43.69
CA GLU N 311 -21.49 -53.13 -44.39
C GLU N 311 -21.30 -52.30 -45.66
N ALA N 312 -22.36 -52.15 -46.46
CA ALA N 312 -22.27 -51.38 -47.70
C ALA N 312 -22.00 -49.91 -47.43
N GLU N 313 -22.65 -49.34 -46.41
CA GLU N 313 -22.42 -47.95 -46.03
C GLU N 313 -20.98 -47.72 -45.58
N HIS N 314 -20.45 -48.61 -44.74
CA HIS N 314 -19.08 -48.44 -44.26
C HIS N 314 -18.06 -48.66 -45.37
N MET N 315 -18.34 -49.58 -46.30
CA MET N 315 -17.44 -49.79 -47.44
C MET N 315 -17.38 -48.56 -48.33
N ASP N 316 -18.54 -47.96 -48.63
CA ASP N 316 -18.53 -46.77 -49.47
C ASP N 316 -17.94 -45.57 -48.75
N MET N 317 -18.07 -45.50 -47.42
CA MET N 317 -17.37 -44.45 -46.68
C MET N 317 -15.86 -44.64 -46.75
N LEU N 318 -15.39 -45.90 -46.69
CA LEU N 318 -13.96 -46.17 -46.77
C LEU N 318 -13.41 -45.83 -48.15
N MET N 319 -14.17 -46.09 -49.22
CA MET N 319 -13.69 -45.79 -50.56
C MET N 319 -13.55 -44.29 -50.82
N VAL N 320 -14.44 -43.48 -50.23
CA VAL N 320 -14.39 -42.04 -50.45
C VAL N 320 -13.20 -41.40 -49.72
N CYS N 321 -13.05 -41.72 -48.44
CA CYS N 321 -12.08 -41.04 -47.59
C CYS N 321 -10.64 -41.39 -47.94
N HIS N 322 -10.38 -42.62 -48.37
CA HIS N 322 -9.04 -43.02 -48.76
C HIS N 322 -8.77 -42.84 -50.26
N HIS N 323 -9.79 -42.41 -51.03
CA HIS N 323 -9.71 -42.23 -52.49
C HIS N 323 -9.25 -43.50 -53.20
N LEU N 324 -9.90 -44.61 -52.86
CA LEU N 324 -9.55 -45.89 -53.45
C LEU N 324 -10.26 -46.08 -54.79
N ASP N 325 -9.76 -47.04 -55.56
CA ASP N 325 -10.31 -47.38 -56.86
C ASP N 325 -10.51 -48.88 -56.94
N LYS N 326 -11.65 -49.30 -57.50
CA LYS N 326 -11.96 -50.72 -57.60
C LYS N 326 -11.16 -51.43 -58.69
N SER N 327 -10.46 -50.71 -59.55
CA SER N 327 -9.67 -51.32 -60.61
C SER N 327 -8.27 -51.72 -60.17
N ILE N 328 -7.89 -51.43 -58.93
CA ILE N 328 -6.56 -51.73 -58.42
C ILE N 328 -6.68 -52.85 -57.40
N LYS N 329 -5.88 -53.92 -57.59
CA LYS N 329 -6.00 -55.09 -56.74
C LYS N 329 -5.50 -54.86 -55.31
N GLU N 330 -4.70 -53.82 -55.07
CA GLU N 330 -4.22 -53.54 -53.73
C GLU N 330 -5.19 -52.69 -52.92
N ASP N 331 -5.95 -51.82 -53.58
CA ASP N 331 -7.00 -51.08 -52.87
C ASP N 331 -8.16 -51.99 -52.49
N VAL N 332 -8.47 -52.98 -53.32
CA VAL N 332 -9.50 -53.94 -52.99
C VAL N 332 -9.05 -54.84 -51.84
N GLN N 333 -7.78 -55.26 -51.85
CA GLN N 333 -7.25 -56.09 -50.77
C GLN N 333 -7.16 -55.31 -49.46
N PHE N 334 -6.86 -54.01 -49.54
CA PHE N 334 -6.86 -53.18 -48.34
C PHE N 334 -8.27 -53.04 -47.76
N ALA N 335 -9.26 -52.79 -48.63
CA ALA N 335 -10.62 -52.54 -48.17
C ALA N 335 -11.25 -53.79 -47.55
N ASP N 336 -10.98 -54.96 -48.12
CA ASP N 336 -11.56 -56.19 -47.59
C ASP N 336 -10.92 -56.62 -46.28
N SER N 337 -9.73 -56.14 -45.96
CA SER N 337 -9.14 -56.40 -44.65
C SER N 337 -9.58 -55.39 -43.59
N ARG N 338 -10.27 -54.32 -43.98
CA ARG N 338 -10.65 -53.24 -43.07
C ARG N 338 -12.03 -53.43 -42.45
N ILE N 339 -13.04 -53.75 -43.27
CA ILE N 339 -14.43 -53.62 -42.84
C ILE N 339 -14.86 -54.79 -41.97
N ARG N 340 -14.73 -56.03 -42.48
CA ARG N 340 -14.90 -57.29 -41.74
C ARG N 340 -16.23 -57.45 -41.02
N PRO N 341 -17.30 -57.87 -41.72
CA PRO N 341 -18.61 -58.04 -41.04
C PRO N 341 -18.63 -59.07 -39.91
N GLN N 342 -17.64 -59.97 -39.82
CA GLN N 342 -17.57 -60.94 -38.74
C GLN N 342 -17.34 -60.26 -37.38
N THR N 343 -16.34 -59.38 -37.28
CA THR N 343 -16.09 -58.68 -36.02
C THR N 343 -17.19 -57.67 -35.68
N ILE N 344 -17.76 -57.04 -36.72
CA ILE N 344 -18.89 -56.13 -36.53
C ILE N 344 -20.09 -56.86 -35.94
N ALA N 345 -20.35 -58.08 -36.44
CA ALA N 345 -21.42 -58.90 -35.86
C ALA N 345 -21.09 -59.34 -34.45
N ALA N 346 -19.81 -59.60 -34.15
CA ALA N 346 -19.43 -60.03 -32.81
C ALA N 346 -19.56 -58.91 -31.77
N GLU N 347 -19.48 -57.64 -32.21
CA GLU N 347 -19.43 -56.51 -31.29
C GLU N 347 -20.70 -56.36 -30.44
N ASP N 348 -21.89 -56.58 -31.04
CA ASP N 348 -23.15 -56.47 -30.31
C ASP N 348 -23.23 -57.49 -29.18
N THR N 349 -22.86 -58.74 -29.46
CA THR N 349 -22.89 -59.79 -28.46
C THR N 349 -21.86 -59.52 -27.36
N LEU N 350 -20.69 -58.99 -27.73
CA LEU N 350 -19.70 -58.62 -26.72
C LEU N 350 -20.20 -57.50 -25.82
N HIS N 351 -20.99 -56.57 -26.37
CA HIS N 351 -21.65 -55.57 -25.54
C HIS N 351 -22.65 -56.20 -24.57
N ASP N 352 -23.39 -57.20 -25.04
CA ASP N 352 -24.38 -57.84 -24.16
C ASP N 352 -23.75 -58.68 -23.05
N MET N 353 -22.52 -59.13 -23.23
CA MET N 353 -21.82 -59.94 -22.24
C MET N 353 -21.05 -59.11 -21.21
N GLY N 354 -21.00 -57.79 -21.36
CA GLY N 354 -20.21 -56.96 -20.48
C GLY N 354 -18.72 -56.96 -20.75
N ILE N 355 -18.30 -57.32 -21.96
CA ILE N 355 -16.90 -57.27 -22.35
C ILE N 355 -16.50 -55.90 -22.89
N PHE N 356 -17.37 -55.26 -23.65
CA PHE N 356 -17.23 -53.84 -23.96
C PHE N 356 -17.95 -53.03 -22.88
N SER N 357 -17.35 -51.92 -22.46
CA SER N 357 -17.84 -51.20 -21.28
C SER N 357 -18.25 -49.74 -21.52
N ILE N 358 -17.91 -49.13 -22.65
CA ILE N 358 -18.16 -47.71 -22.91
C ILE N 358 -18.69 -47.56 -24.33
N THR N 359 -19.69 -46.70 -24.53
CA THR N 359 -20.12 -46.26 -25.86
C THR N 359 -19.82 -44.77 -26.04
N SER N 360 -19.61 -44.36 -27.30
CA SER N 360 -19.21 -43.00 -27.61
C SER N 360 -19.61 -42.67 -29.05
N SER N 361 -19.27 -41.46 -29.51
CA SER N 361 -19.77 -40.96 -30.79
C SER N 361 -18.79 -41.08 -31.95
N ASP N 362 -17.55 -40.57 -31.81
CA ASP N 362 -16.60 -40.28 -32.91
C ASP N 362 -17.18 -39.23 -33.87
N SER N 363 -17.49 -38.06 -33.30
CA SER N 363 -18.41 -37.09 -33.90
C SER N 363 -17.85 -36.44 -35.18
N GLN N 364 -18.64 -36.51 -36.26
CA GLN N 364 -18.34 -36.00 -37.60
C GLN N 364 -17.06 -36.58 -38.20
N ALA N 365 -16.60 -37.72 -37.67
CA ALA N 365 -15.40 -38.42 -38.11
C ALA N 365 -15.67 -39.92 -38.11
N MET N 366 -16.72 -40.33 -38.84
CA MET N 366 -17.40 -41.64 -38.76
C MET N 366 -18.06 -41.83 -37.39
N GLY N 367 -19.07 -41.00 -37.16
CA GLY N 367 -19.94 -41.14 -36.01
C GLY N 367 -20.91 -39.99 -35.84
N ARG N 368 -21.98 -40.19 -35.06
CA ARG N 368 -23.12 -39.27 -35.02
C ARG N 368 -23.32 -38.78 -33.59
N VAL N 369 -23.08 -37.48 -33.37
CA VAL N 369 -22.99 -36.92 -32.03
C VAL N 369 -24.35 -36.87 -31.32
N GLY N 370 -25.46 -36.88 -32.04
CA GLY N 370 -26.74 -36.85 -31.38
C GLY N 370 -27.42 -38.21 -31.21
N GLU N 371 -26.66 -39.31 -31.35
CA GLU N 371 -27.29 -40.63 -31.39
C GLU N 371 -26.65 -41.68 -30.47
N VAL N 372 -25.80 -41.28 -29.52
CA VAL N 372 -25.10 -42.23 -28.66
C VAL N 372 -26.09 -42.99 -27.77
N ILE N 373 -26.95 -42.25 -27.07
CA ILE N 373 -27.92 -42.84 -26.15
C ILE N 373 -28.94 -43.70 -26.89
N THR N 374 -29.44 -43.18 -28.03
CA THR N 374 -30.43 -43.90 -28.83
C THR N 374 -29.87 -45.21 -29.38
N ARG N 375 -28.64 -45.20 -29.90
CA ARG N 375 -28.07 -46.43 -30.45
C ARG N 375 -27.70 -47.43 -29.35
N THR N 376 -27.34 -46.93 -28.15
CA THR N 376 -27.16 -47.83 -27.00
C THR N 376 -28.44 -48.59 -26.67
N TRP N 377 -29.58 -47.89 -26.61
CA TRP N 377 -30.82 -48.57 -26.25
C TRP N 377 -31.35 -49.44 -27.41
N GLN N 378 -31.09 -49.05 -28.66
CA GLN N 378 -31.42 -49.91 -29.80
C GLN N 378 -30.65 -51.22 -29.74
N THR N 379 -29.37 -51.17 -29.37
CA THR N 379 -28.57 -52.39 -29.24
C THR N 379 -29.09 -53.27 -28.10
N ALA N 380 -29.46 -52.67 -26.96
CA ALA N 380 -30.03 -53.43 -25.85
C ALA N 380 -31.33 -54.13 -26.26
N ASP N 381 -32.20 -53.43 -27.01
CA ASP N 381 -33.47 -54.00 -27.44
C ASP N 381 -33.27 -55.13 -28.45
N LYS N 382 -32.34 -54.97 -29.39
CA LYS N 382 -32.04 -56.02 -30.36
C LYS N 382 -31.47 -57.26 -29.68
N ASN N 383 -30.59 -57.08 -28.69
CA ASN N 383 -30.04 -58.23 -27.97
C ASN N 383 -31.09 -58.92 -27.11
N LYS N 384 -32.05 -58.19 -26.54
CA LYS N 384 -33.13 -58.87 -25.83
C LYS N 384 -34.03 -59.65 -26.78
N LYS N 385 -34.28 -59.12 -27.97
CA LYS N 385 -35.09 -59.85 -28.95
C LYS N 385 -34.37 -61.10 -29.45
N GLU N 386 -33.04 -61.06 -29.56
CA GLU N 386 -32.32 -62.22 -30.09
C GLU N 386 -32.00 -63.28 -29.02
N PHE N 387 -31.45 -62.87 -27.87
CA PHE N 387 -30.97 -63.81 -26.88
C PHE N 387 -31.88 -63.98 -25.67
N GLY N 388 -32.99 -63.25 -25.61
CA GLY N 388 -33.90 -63.38 -24.48
C GLY N 388 -33.44 -62.64 -23.24
N ARG N 389 -34.19 -62.86 -22.17
CA ARG N 389 -33.92 -62.24 -20.88
C ARG N 389 -32.66 -62.84 -20.26
N LEU N 390 -31.84 -61.98 -19.65
CA LEU N 390 -30.57 -62.39 -19.07
C LEU N 390 -30.79 -63.31 -17.87
N LYS N 391 -29.80 -64.18 -17.63
CA LYS N 391 -29.89 -65.13 -16.52
C LYS N 391 -29.63 -64.47 -15.16
N GLU N 392 -29.06 -63.27 -15.13
CA GLU N 392 -28.81 -62.57 -13.88
C GLU N 392 -30.02 -61.82 -13.36
N GLU N 393 -31.15 -61.84 -14.07
CA GLU N 393 -32.32 -61.10 -13.65
C GLU N 393 -32.99 -61.73 -12.44
N LYS N 394 -33.54 -60.88 -11.58
CA LYS N 394 -34.31 -61.29 -10.41
C LYS N 394 -35.73 -60.78 -10.59
N GLY N 395 -36.65 -61.67 -10.94
CA GLY N 395 -38.02 -61.29 -11.17
C GLY N 395 -38.33 -61.11 -12.64
N ASP N 396 -39.57 -60.73 -12.91
CA ASP N 396 -40.09 -60.62 -14.27
C ASP N 396 -39.88 -59.18 -14.78
N ASN N 397 -38.61 -58.83 -14.94
CA ASN N 397 -38.24 -57.50 -15.42
C ASN N 397 -36.87 -57.59 -16.10
N ASP N 398 -36.39 -56.44 -16.56
CA ASP N 398 -35.11 -56.34 -17.25
C ASP N 398 -34.15 -55.38 -16.55
N ASN N 399 -34.19 -55.33 -15.21
CA ASN N 399 -33.46 -54.29 -14.46
C ASN N 399 -31.95 -54.43 -14.58
N PHE N 400 -31.44 -55.67 -14.58
CA PHE N 400 -29.99 -55.89 -14.71
C PHE N 400 -29.46 -55.42 -16.06
N ARG N 401 -30.17 -55.74 -17.15
CA ARG N 401 -29.76 -55.31 -18.47
C ARG N 401 -29.85 -53.79 -18.61
N ILE N 402 -30.86 -53.18 -17.99
CA ILE N 402 -31.03 -51.73 -18.00
C ILE N 402 -29.85 -51.04 -17.31
N LYS N 403 -29.45 -51.57 -16.14
CA LYS N 403 -28.28 -51.00 -15.44
C LYS N 403 -26.98 -51.21 -16.23
N ARG N 404 -26.82 -52.39 -16.85
CA ARG N 404 -25.62 -52.68 -17.64
C ARG N 404 -25.47 -51.73 -18.82
N TYR N 405 -26.55 -51.48 -19.55
CA TYR N 405 -26.45 -50.58 -20.70
C TYR N 405 -26.43 -49.11 -20.30
N LEU N 406 -27.09 -48.74 -19.20
CA LEU N 406 -27.04 -47.35 -18.74
C LEU N 406 -25.65 -46.96 -18.25
N SER N 407 -24.91 -47.90 -17.65
CA SER N 407 -23.56 -47.63 -17.18
C SER N 407 -22.59 -47.29 -18.31
N LYS N 408 -22.88 -47.70 -19.55
CA LYS N 408 -21.95 -47.53 -20.66
C LYS N 408 -21.76 -46.07 -21.05
N TYR N 409 -22.77 -45.22 -20.84
CA TYR N 409 -22.61 -43.81 -21.17
C TYR N 409 -22.72 -42.86 -19.98
N THR N 410 -22.87 -43.35 -18.75
CA THR N 410 -22.89 -42.45 -17.60
C THR N 410 -21.72 -42.66 -16.65
N ILE N 411 -21.62 -43.79 -15.96
CA ILE N 411 -20.67 -43.88 -14.85
C ILE N 411 -19.31 -44.38 -15.32
N ASN N 412 -19.27 -45.30 -16.31
CA ASN N 412 -17.99 -45.86 -16.75
C ASN N 412 -17.07 -44.85 -17.46
N PRO N 413 -17.54 -44.01 -18.41
CA PRO N 413 -16.62 -42.97 -18.93
C PRO N 413 -16.17 -41.94 -17.88
N ALA N 414 -17.03 -41.64 -16.90
CA ALA N 414 -16.65 -40.75 -15.81
C ALA N 414 -15.52 -41.33 -14.96
N ILE N 415 -15.60 -42.63 -14.67
CA ILE N 415 -14.51 -43.32 -13.96
C ILE N 415 -13.24 -43.33 -14.81
N ALA N 416 -13.39 -43.59 -16.11
CA ALA N 416 -12.24 -43.71 -17.00
C ALA N 416 -11.47 -42.40 -17.13
N HIS N 417 -12.15 -41.26 -17.12
CA HIS N 417 -11.43 -39.99 -17.23
C HIS N 417 -11.30 -39.25 -15.91
N GLY N 418 -11.56 -39.92 -14.79
CA GLY N 418 -11.29 -39.37 -13.47
C GLY N 418 -12.15 -38.20 -13.03
N ILE N 419 -13.43 -38.19 -13.39
CA ILE N 419 -14.35 -37.14 -12.99
C ILE N 419 -15.56 -37.71 -12.24
N SER N 420 -15.47 -38.96 -11.77
CA SER N 420 -16.62 -39.61 -11.14
C SER N 420 -16.91 -39.08 -9.74
N GLU N 421 -16.04 -38.27 -9.14
CA GLU N 421 -16.43 -37.60 -7.91
C GLU N 421 -17.39 -36.43 -8.15
N TYR N 422 -17.50 -35.95 -9.38
CA TYR N 422 -18.33 -34.79 -9.71
C TYR N 422 -19.62 -35.18 -10.44
N VAL N 423 -19.53 -35.99 -11.49
CA VAL N 423 -20.66 -36.29 -12.37
C VAL N 423 -20.77 -37.79 -12.58
N GLY N 424 -21.81 -38.20 -13.31
CA GLY N 424 -21.96 -39.58 -13.73
C GLY N 424 -23.11 -40.35 -13.11
N SER N 425 -23.72 -39.88 -12.02
CA SER N 425 -24.78 -40.61 -11.35
C SER N 425 -25.61 -39.67 -10.48
N VAL N 426 -26.74 -40.18 -10.02
CA VAL N 426 -27.66 -39.43 -9.16
C VAL N 426 -27.35 -39.83 -7.72
N GLU N 427 -26.43 -39.10 -7.09
CA GLU N 427 -26.04 -39.37 -5.70
C GLU N 427 -25.86 -38.06 -4.95
N VAL N 428 -25.99 -38.14 -3.62
CA VAL N 428 -25.86 -36.98 -2.76
C VAL N 428 -24.41 -36.49 -2.77
N GLY N 429 -24.23 -35.19 -3.00
CA GLY N 429 -22.92 -34.57 -3.05
C GLY N 429 -22.37 -34.34 -4.45
N LYS N 430 -23.00 -34.88 -5.48
CA LYS N 430 -22.52 -34.67 -6.84
C LYS N 430 -23.15 -33.43 -7.47
N VAL N 431 -22.59 -33.03 -8.61
CA VAL N 431 -23.11 -31.91 -9.40
C VAL N 431 -24.48 -32.29 -9.95
N ALA N 432 -25.44 -31.36 -9.84
CA ALA N 432 -26.81 -31.60 -10.31
C ALA N 432 -26.91 -31.34 -11.81
N ASP N 433 -26.44 -32.31 -12.60
CA ASP N 433 -26.65 -32.38 -14.04
C ASP N 433 -27.64 -33.51 -14.32
N LEU N 434 -28.91 -33.17 -14.50
CA LEU N 434 -29.99 -34.16 -14.55
C LEU N 434 -30.84 -33.99 -15.80
N VAL N 435 -31.44 -35.11 -16.25
CA VAL N 435 -32.29 -35.14 -17.44
C VAL N 435 -33.64 -35.76 -17.07
N LEU N 436 -34.72 -35.09 -17.47
CA LEU N 436 -36.09 -35.56 -17.24
C LEU N 436 -36.65 -36.16 -18.52
N TRP N 437 -37.17 -37.39 -18.43
CA TRP N 437 -37.74 -38.10 -19.57
C TRP N 437 -39.19 -38.50 -19.29
N SER N 438 -40.03 -38.37 -20.32
CA SER N 438 -41.30 -39.09 -20.36
C SER N 438 -41.05 -40.54 -20.80
N PRO N 439 -41.68 -41.53 -20.14
CA PRO N 439 -41.39 -42.94 -20.47
C PRO N 439 -41.73 -43.35 -21.90
N ALA N 440 -42.72 -42.71 -22.54
CA ALA N 440 -43.00 -43.00 -23.94
C ALA N 440 -41.89 -42.52 -24.86
N PHE N 441 -41.14 -41.49 -24.46
CA PHE N 441 -40.06 -40.95 -25.25
C PHE N 441 -38.67 -41.26 -24.69
N PHE N 442 -38.55 -42.27 -23.83
CA PHE N 442 -37.28 -42.56 -23.17
C PHE N 442 -36.23 -43.02 -24.17
N GLY N 443 -35.05 -42.41 -24.09
CA GLY N 443 -33.94 -42.76 -24.94
C GLY N 443 -33.82 -42.01 -26.24
N VAL N 444 -34.82 -41.21 -26.61
CA VAL N 444 -34.73 -40.50 -27.89
C VAL N 444 -34.96 -38.99 -27.73
N LYS N 445 -35.98 -38.57 -26.97
CA LYS N 445 -36.28 -37.14 -26.87
C LYS N 445 -36.63 -36.75 -25.43
N PRO N 446 -35.77 -36.04 -24.72
CA PRO N 446 -36.04 -35.68 -23.32
C PRO N 446 -36.99 -34.49 -23.19
N ASN N 447 -37.46 -34.29 -21.96
CA ASN N 447 -38.33 -33.15 -21.65
C ASN N 447 -37.52 -31.90 -21.32
N MET N 448 -36.57 -31.99 -20.38
CA MET N 448 -35.77 -30.83 -20.00
C MET N 448 -34.43 -31.27 -19.43
N ILE N 449 -33.48 -30.33 -19.43
CA ILE N 449 -32.12 -30.54 -18.91
C ILE N 449 -31.89 -29.56 -17.77
N ILE N 450 -31.44 -30.08 -16.63
CA ILE N 450 -31.03 -29.26 -15.50
C ILE N 450 -29.51 -29.26 -15.45
N LYS N 451 -28.90 -28.07 -15.49
CA LYS N 451 -27.46 -27.91 -15.58
C LYS N 451 -26.97 -27.09 -14.41
N GLY N 452 -26.16 -27.70 -13.55
CA GLY N 452 -25.63 -27.01 -12.38
C GLY N 452 -26.67 -26.56 -11.39
N GLY N 453 -27.81 -27.25 -11.30
CA GLY N 453 -28.88 -26.87 -10.40
C GLY N 453 -29.89 -25.88 -10.94
N PHE N 454 -29.85 -25.53 -12.22
CA PHE N 454 -30.80 -24.59 -12.81
C PHE N 454 -31.15 -25.08 -14.22
N ILE N 455 -32.36 -24.77 -14.66
CA ILE N 455 -32.86 -25.31 -15.93
C ILE N 455 -32.19 -24.60 -17.10
N ALA N 456 -31.60 -25.38 -18.01
CA ALA N 456 -30.86 -24.85 -19.14
C ALA N 456 -31.50 -25.07 -20.50
N LEU N 457 -32.33 -26.10 -20.65
CA LEU N 457 -32.96 -26.41 -21.94
C LEU N 457 -34.27 -27.13 -21.68
N SER N 458 -35.28 -26.88 -22.52
CA SER N 458 -36.55 -27.58 -22.42
C SER N 458 -37.30 -27.52 -23.74
N GLN N 459 -38.21 -28.47 -23.91
CA GLN N 459 -39.25 -28.34 -24.94
C GLN N 459 -40.12 -27.14 -24.60
N MET N 460 -40.48 -26.37 -25.63
CA MET N 460 -41.19 -25.12 -25.40
C MET N 460 -41.98 -24.73 -26.64
N GLY N 461 -43.24 -24.37 -26.43
CA GLY N 461 -44.09 -23.88 -27.50
C GLY N 461 -43.85 -22.41 -27.82
N ASP N 462 -44.73 -21.86 -28.64
CA ASP N 462 -44.54 -20.52 -29.17
C ASP N 462 -44.69 -19.46 -28.08
N ALA N 463 -43.87 -18.40 -28.21
CA ALA N 463 -43.68 -17.45 -27.11
C ALA N 463 -44.90 -16.55 -26.91
N ASN N 464 -45.71 -16.34 -27.94
CA ASN N 464 -46.87 -15.48 -27.81
C ASN N 464 -48.09 -16.20 -27.23
N ALA N 465 -48.01 -17.51 -27.00
CA ALA N 465 -49.18 -18.29 -26.63
C ALA N 465 -49.56 -18.09 -25.16
N SER N 466 -50.78 -18.52 -24.83
CA SER N 466 -51.33 -18.40 -23.49
C SER N 466 -50.86 -19.51 -22.55
N ILE N 467 -50.24 -20.57 -23.06
CA ILE N 467 -49.64 -21.64 -22.27
C ILE N 467 -48.39 -22.12 -22.99
N PRO N 468 -47.46 -22.81 -22.28
CA PRO N 468 -46.23 -23.25 -22.97
C PRO N 468 -46.38 -24.45 -23.90
N THR N 469 -47.52 -25.13 -23.91
CA THR N 469 -47.76 -26.33 -24.73
C THR N 469 -48.10 -26.22 -26.22
N PRO N 470 -48.84 -25.21 -26.74
CA PRO N 470 -49.26 -25.29 -28.15
C PRO N 470 -48.14 -25.11 -29.16
N GLN N 471 -48.44 -25.58 -30.38
CA GLN N 471 -47.46 -25.80 -31.43
C GLN N 471 -46.99 -24.48 -32.05
N PRO N 472 -45.75 -24.44 -32.59
CA PRO N 472 -44.72 -25.47 -32.68
C PRO N 472 -43.88 -25.64 -31.41
N VAL N 473 -43.62 -26.89 -31.04
CA VAL N 473 -42.82 -27.23 -29.88
C VAL N 473 -41.47 -27.72 -30.36
N TYR N 474 -40.39 -27.05 -29.94
CA TYR N 474 -39.04 -27.53 -30.18
C TYR N 474 -38.14 -27.10 -29.02
N TYR N 475 -36.89 -27.55 -29.05
CA TYR N 475 -35.97 -27.33 -27.95
C TYR N 475 -35.40 -25.90 -27.99
N ARG N 476 -35.55 -25.17 -26.88
CA ARG N 476 -35.11 -23.78 -26.79
C ARG N 476 -34.25 -23.58 -25.54
N GLU N 477 -33.34 -22.60 -25.63
CA GLU N 477 -32.46 -22.28 -24.51
C GLU N 477 -33.25 -21.62 -23.38
N MET N 478 -32.93 -22.01 -22.14
CA MET N 478 -33.55 -21.45 -20.94
C MET N 478 -32.56 -20.50 -20.24
N PHE N 479 -32.90 -20.05 -19.02
CA PHE N 479 -32.18 -18.93 -18.40
C PHE N 479 -30.76 -19.30 -17.95
N ALA N 480 -30.48 -20.57 -17.65
CA ALA N 480 -29.11 -20.96 -17.29
C ALA N 480 -28.15 -20.95 -18.48
N HIS N 481 -28.65 -20.83 -19.70
CA HIS N 481 -27.88 -20.75 -20.93
C HIS N 481 -27.32 -19.34 -21.20
N HIS N 482 -27.73 -18.33 -20.45
CA HIS N 482 -27.55 -16.93 -20.87
C HIS N 482 -26.83 -16.11 -19.82
N GLY N 483 -26.26 -14.99 -20.27
CA GLY N 483 -25.71 -13.97 -19.38
C GLY N 483 -24.48 -14.45 -18.63
N LYS N 484 -24.36 -14.01 -17.38
CA LYS N 484 -23.32 -14.50 -16.49
C LYS N 484 -23.75 -15.72 -15.70
N ALA N 485 -25.02 -16.15 -15.83
CA ALA N 485 -25.48 -17.36 -15.16
C ALA N 485 -24.82 -18.62 -15.73
N LYS N 486 -24.48 -18.61 -17.02
CA LYS N 486 -23.85 -19.78 -17.63
C LYS N 486 -22.43 -20.02 -17.11
N TYR N 487 -21.77 -18.99 -16.56
CA TYR N 487 -20.47 -19.20 -15.93
C TYR N 487 -20.60 -20.01 -14.65
N ASP N 488 -21.67 -19.80 -13.89
CA ASP N 488 -21.85 -20.51 -12.63
C ASP N 488 -22.38 -21.93 -12.82
N ALA N 489 -22.92 -22.26 -13.99
CA ALA N 489 -23.57 -23.54 -14.21
C ALA N 489 -22.71 -24.56 -14.96
N ASN N 490 -21.49 -24.21 -15.37
CA ASN N 490 -20.69 -25.08 -16.23
C ASN N 490 -19.28 -25.24 -15.67
N ILE N 491 -18.63 -26.35 -16.05
CA ILE N 491 -17.33 -26.76 -15.53
C ILE N 491 -16.37 -26.97 -16.69
N THR N 492 -15.15 -26.46 -16.55
CA THR N 492 -14.03 -26.83 -17.40
C THR N 492 -13.06 -27.69 -16.60
N PHE N 493 -12.84 -28.93 -17.04
CA PHE N 493 -11.93 -29.85 -16.37
C PHE N 493 -10.50 -29.66 -16.88
N VAL N 494 -9.53 -29.66 -15.96
CA VAL N 494 -8.10 -29.53 -16.27
C VAL N 494 -7.32 -30.55 -15.45
N SER N 495 -6.02 -30.62 -15.67
CA SER N 495 -5.15 -31.46 -14.86
C SER N 495 -4.90 -30.80 -13.49
N GLN N 496 -4.47 -31.63 -12.54
CA GLN N 496 -4.15 -31.14 -11.20
C GLN N 496 -2.97 -30.18 -11.22
N ALA N 497 -1.97 -30.46 -12.06
CA ALA N 497 -0.80 -29.59 -12.17
C ALA N 497 -1.16 -28.21 -12.72
N ALA N 498 -2.04 -28.16 -13.73
CA ALA N 498 -2.47 -26.87 -14.27
C ALA N 498 -3.34 -26.11 -13.27
N TYR N 499 -4.15 -26.85 -12.51
CA TYR N 499 -4.98 -26.24 -11.47
C TYR N 499 -4.12 -25.61 -10.37
N ASP N 500 -3.05 -26.30 -9.97
CA ASP N 500 -2.20 -25.79 -8.89
C ASP N 500 -1.36 -24.59 -9.32
N LYS N 501 -1.03 -24.48 -10.61
CA LYS N 501 -0.28 -23.32 -11.09
C LYS N 501 -1.18 -22.13 -11.41
N GLY N 502 -2.47 -22.22 -11.16
CA GLY N 502 -3.40 -21.11 -11.34
C GLY N 502 -3.77 -20.82 -12.78
N ILE N 503 -4.22 -21.83 -13.52
CA ILE N 503 -4.58 -21.65 -14.92
C ILE N 503 -5.85 -20.80 -15.08
N LYS N 504 -6.76 -20.84 -14.08
CA LYS N 504 -8.00 -20.08 -14.14
C LYS N 504 -7.74 -18.58 -14.13
N GLU N 505 -6.84 -18.14 -13.26
CA GLU N 505 -6.51 -16.73 -13.17
C GLU N 505 -5.60 -16.28 -14.32
N GLU N 506 -4.71 -17.16 -14.80
CA GLU N 506 -3.78 -16.79 -15.87
C GLU N 506 -4.50 -16.56 -17.19
N LEU N 507 -5.48 -17.38 -17.53
CA LEU N 507 -6.22 -17.23 -18.77
C LEU N 507 -7.50 -16.42 -18.63
N GLY N 508 -7.83 -15.95 -17.42
CA GLY N 508 -9.03 -15.17 -17.20
C GLY N 508 -10.35 -15.90 -17.40
N LEU N 509 -10.42 -17.17 -17.00
CA LEU N 509 -11.64 -17.95 -17.19
C LEU N 509 -12.65 -17.63 -16.08
N GLU N 510 -13.92 -17.56 -16.46
CA GLU N 510 -15.00 -17.30 -15.51
C GLU N 510 -15.83 -18.53 -15.15
N ARG N 511 -15.70 -19.62 -15.90
CA ARG N 511 -16.36 -20.88 -15.55
C ARG N 511 -15.72 -21.49 -14.31
N GLN N 512 -16.41 -22.47 -13.71
CA GLN N 512 -15.80 -23.30 -12.69
C GLN N 512 -14.69 -24.15 -13.30
N VAL N 513 -13.57 -24.26 -12.58
CA VAL N 513 -12.42 -25.05 -13.03
C VAL N 513 -12.08 -26.08 -11.96
N LEU N 514 -12.09 -27.36 -12.32
CA LEU N 514 -11.89 -28.46 -11.41
C LEU N 514 -10.88 -29.47 -11.95
N PRO N 515 -10.09 -30.11 -11.09
CA PRO N 515 -9.09 -31.08 -11.55
C PRO N 515 -9.59 -32.51 -11.62
N VAL N 516 -9.05 -33.25 -12.59
CA VAL N 516 -9.29 -34.70 -12.68
C VAL N 516 -8.32 -35.43 -11.75
N LYS N 517 -8.71 -36.64 -11.33
CA LYS N 517 -7.91 -37.41 -10.38
C LYS N 517 -8.27 -38.89 -10.45
N ASN N 518 -7.34 -39.72 -9.94
CA ASN N 518 -7.46 -41.19 -9.87
C ASN N 518 -7.62 -41.83 -11.26
N CYS N 519 -6.73 -41.46 -12.18
CA CYS N 519 -6.78 -41.99 -13.53
C CYS N 519 -5.89 -43.21 -13.75
N ARG N 520 -4.87 -43.42 -12.92
CA ARG N 520 -3.84 -44.41 -13.20
C ARG N 520 -4.01 -45.73 -12.45
N ASN N 521 -4.83 -45.78 -11.41
CA ASN N 521 -4.96 -46.97 -10.59
C ASN N 521 -6.28 -47.71 -10.82
N ILE N 522 -6.82 -47.64 -12.04
CA ILE N 522 -8.07 -48.29 -12.36
C ILE N 522 -7.82 -49.33 -13.46
N THR N 523 -8.59 -50.42 -13.40
CA THR N 523 -8.53 -51.47 -14.42
C THR N 523 -9.93 -51.78 -14.94
N LYS N 524 -10.05 -52.87 -15.71
CA LYS N 524 -11.33 -53.35 -16.22
C LYS N 524 -12.30 -53.70 -15.09
N LYS N 525 -11.78 -54.14 -13.94
CA LYS N 525 -12.60 -54.48 -12.78
C LYS N 525 -13.27 -53.28 -12.13
N ASP N 526 -12.88 -52.06 -12.47
CA ASP N 526 -13.53 -50.86 -11.93
C ASP N 526 -14.75 -50.42 -12.74
N MET N 527 -15.03 -51.05 -13.88
CA MET N 527 -16.19 -50.68 -14.68
C MET N 527 -17.45 -51.31 -14.11
N GLN N 528 -18.47 -50.49 -13.84
CA GLN N 528 -19.70 -50.97 -13.23
C GLN N 528 -20.53 -51.77 -14.23
N PHE N 529 -20.88 -53.00 -13.82
CA PHE N 529 -21.72 -53.97 -14.56
C PHE N 529 -21.12 -54.46 -15.88
N ASN N 530 -19.93 -53.98 -16.27
CA ASN N 530 -19.26 -54.46 -17.47
C ASN N 530 -17.79 -54.68 -17.11
N ASP N 531 -17.51 -55.80 -16.46
CA ASP N 531 -16.18 -56.02 -15.92
C ASP N 531 -15.62 -57.40 -16.29
N THR N 532 -16.16 -58.00 -17.35
CA THR N 532 -15.75 -59.34 -17.77
C THR N 532 -14.39 -59.31 -18.44
N THR N 533 -13.51 -60.22 -18.00
CA THR N 533 -12.27 -60.51 -18.70
C THR N 533 -12.34 -61.92 -19.28
N ALA N 534 -11.69 -62.11 -20.42
CA ALA N 534 -11.71 -63.39 -21.11
C ALA N 534 -10.52 -63.47 -22.05
N HIS N 535 -10.32 -64.65 -22.63
CA HIS N 535 -9.31 -64.88 -23.65
C HIS N 535 -9.99 -64.86 -25.02
N ILE N 536 -9.55 -63.96 -25.89
CA ILE N 536 -10.20 -63.72 -27.16
C ILE N 536 -9.22 -64.03 -28.29
N GLU N 537 -9.69 -64.79 -29.28
CA GLU N 537 -8.88 -65.16 -30.44
C GLU N 537 -9.61 -64.82 -31.72
N VAL N 538 -8.86 -64.37 -32.72
CA VAL N 538 -9.38 -64.06 -34.05
C VAL N 538 -8.64 -64.92 -35.06
N ASN N 539 -9.40 -65.62 -35.91
CA ASN N 539 -8.81 -66.41 -36.96
C ASN N 539 -8.18 -65.51 -38.01
N PRO N 540 -6.92 -65.73 -38.38
CA PRO N 540 -6.24 -64.83 -39.34
C PRO N 540 -6.78 -64.92 -40.76
N GLU N 541 -7.55 -65.95 -41.10
CA GLU N 541 -8.04 -66.14 -42.46
C GLU N 541 -9.53 -65.86 -42.62
N THR N 542 -10.37 -66.45 -41.77
CA THR N 542 -11.81 -66.27 -41.88
C THR N 542 -12.36 -65.13 -41.03
N TYR N 543 -11.52 -64.55 -40.16
CA TYR N 543 -11.85 -63.45 -39.24
C TYR N 543 -12.94 -63.80 -38.23
N HIS N 544 -13.13 -65.08 -37.91
CA HIS N 544 -14.09 -65.46 -36.89
C HIS N 544 -13.52 -65.15 -35.49
N VAL N 545 -14.43 -64.86 -34.56
CA VAL N 545 -14.08 -64.40 -33.22
C VAL N 545 -14.49 -65.46 -32.21
N PHE N 546 -13.56 -65.84 -31.33
CA PHE N 546 -13.79 -66.84 -30.30
C PHE N 546 -13.53 -66.25 -28.92
N VAL N 547 -14.42 -66.53 -27.98
CA VAL N 547 -14.30 -66.10 -26.59
C VAL N 547 -14.26 -67.35 -25.72
N ASP N 548 -13.09 -67.62 -25.12
CA ASP N 548 -12.81 -68.82 -24.32
C ASP N 548 -13.15 -70.10 -25.09
N GLY N 549 -12.81 -70.13 -26.38
CA GLY N 549 -13.06 -71.25 -27.25
C GLY N 549 -14.38 -71.22 -28.00
N LYS N 550 -15.39 -70.52 -27.48
CA LYS N 550 -16.72 -70.51 -28.08
C LYS N 550 -16.84 -69.39 -29.11
N GLU N 551 -17.44 -69.71 -30.25
CA GLU N 551 -17.67 -68.72 -31.30
C GLU N 551 -18.76 -67.74 -30.89
N VAL N 552 -18.56 -66.47 -31.22
CA VAL N 552 -19.45 -65.38 -30.82
C VAL N 552 -19.83 -64.59 -32.06
N THR N 553 -21.14 -64.45 -32.30
CA THR N 553 -21.64 -63.73 -33.46
C THR N 553 -23.07 -63.28 -33.17
N SER N 554 -23.67 -62.57 -34.13
CA SER N 554 -25.07 -62.18 -34.07
C SER N 554 -25.59 -61.99 -35.49
N LYS N 555 -26.89 -61.77 -35.61
CA LYS N 555 -27.57 -61.59 -36.89
C LYS N 555 -27.89 -60.13 -37.16
N PRO N 556 -27.83 -59.68 -38.41
CA PRO N 556 -28.23 -58.31 -38.72
C PRO N 556 -29.74 -58.12 -38.61
N ALA N 557 -30.14 -56.88 -38.34
CA ALA N 557 -31.53 -56.52 -38.15
C ALA N 557 -32.03 -55.70 -39.33
N ASN N 558 -33.29 -55.93 -39.72
CA ASN N 558 -33.92 -55.12 -40.77
C ASN N 558 -34.76 -53.97 -40.21
N LYS N 559 -34.95 -53.90 -38.90
CA LYS N 559 -35.78 -52.87 -38.30
C LYS N 559 -35.33 -52.65 -36.86
N VAL N 560 -35.27 -51.38 -36.44
CA VAL N 560 -34.90 -51.03 -35.08
C VAL N 560 -36.01 -50.21 -34.44
N SER N 561 -36.02 -50.20 -33.12
CA SER N 561 -36.93 -49.33 -32.39
C SER N 561 -36.32 -47.94 -32.27
N LEU N 562 -37.14 -47.00 -31.78
CA LEU N 562 -36.75 -45.61 -31.50
C LEU N 562 -36.23 -44.87 -32.73
N ALA N 563 -36.69 -45.21 -33.95
CA ALA N 563 -36.19 -44.50 -35.13
C ALA N 563 -37.28 -43.78 -35.91
N GLN N 564 -38.15 -44.48 -36.64
CA GLN N 564 -39.01 -43.78 -37.58
C GLN N 564 -40.32 -43.33 -36.95
N LEU N 565 -40.67 -43.88 -35.78
CA LEU N 565 -41.87 -43.46 -35.05
C LEU N 565 -41.73 -42.04 -34.50
N PHE N 566 -40.50 -41.57 -34.27
CA PHE N 566 -40.27 -40.38 -33.46
C PHE N 566 -39.74 -39.18 -34.23
N SER N 567 -39.24 -39.34 -35.45
CA SER N 567 -38.54 -38.27 -36.14
C SER N 567 -39.10 -38.07 -37.54
N ILE N 568 -39.25 -36.81 -37.94
CA ILE N 568 -39.70 -36.51 -39.29
C ILE N 568 -38.56 -36.64 -40.31
N PHE N 569 -37.31 -36.56 -39.86
CA PHE N 569 -36.17 -36.79 -40.73
C PHE N 569 -35.10 -37.60 -39.99
N MET O 1 -68.60 24.65 0.79
CA MET O 1 -68.28 25.94 0.20
C MET O 1 -68.63 27.09 1.14
N LYS O 2 -67.79 28.13 1.15
CA LYS O 2 -68.06 29.34 1.92
C LYS O 2 -67.55 30.54 1.14
N LYS O 3 -68.10 31.71 1.46
CA LYS O 3 -67.65 32.97 0.91
C LYS O 3 -66.81 33.71 1.93
N ILE O 4 -65.65 34.19 1.49
CA ILE O 4 -64.75 35.00 2.31
C ILE O 4 -64.51 36.30 1.57
N SER O 5 -64.58 37.42 2.28
CA SER O 5 -64.33 38.71 1.65
C SER O 5 -62.85 38.85 1.28
N ARG O 6 -62.59 39.68 0.26
CA ARG O 6 -61.26 39.80 -0.31
C ARG O 6 -60.27 40.40 0.69
N LYS O 7 -60.74 41.34 1.51
CA LYS O 7 -59.87 42.05 2.45
C LYS O 7 -59.31 41.11 3.52
N GLU O 8 -60.18 40.28 4.10
CA GLU O 8 -59.68 39.37 5.13
C GLU O 8 -58.91 38.19 4.56
N TYR O 9 -59.21 37.76 3.32
CA TYR O 9 -58.36 36.79 2.63
C TYR O 9 -56.95 37.33 2.46
N VAL O 10 -56.84 38.58 2.01
CA VAL O 10 -55.52 39.17 1.75
C VAL O 10 -54.78 39.39 3.07
N SER O 11 -55.51 39.78 4.13
CA SER O 11 -54.87 39.91 5.45
C SER O 11 -54.37 38.58 5.99
N MET O 12 -55.01 37.47 5.62
CA MET O 12 -54.50 36.18 6.08
C MET O 12 -53.42 35.58 5.18
N TYR O 13 -53.51 35.72 3.86
CA TYR O 13 -52.63 34.98 2.96
C TYR O 13 -51.87 35.82 1.95
N GLY O 14 -52.03 37.13 1.94
CA GLY O 14 -51.39 37.97 0.95
C GLY O 14 -52.25 38.11 -0.30
N PRO O 15 -51.81 38.96 -1.23
CA PRO O 15 -52.61 39.23 -2.42
C PRO O 15 -52.71 38.03 -3.35
N THR O 16 -53.81 37.99 -4.12
CA THR O 16 -54.04 36.91 -5.07
C THR O 16 -54.32 37.50 -6.45
N THR O 17 -54.80 36.66 -7.39
CA THR O 17 -54.89 37.01 -8.81
C THR O 17 -55.77 38.24 -9.05
N GLY O 18 -55.21 39.24 -9.72
CA GLY O 18 -55.87 40.49 -9.99
C GLY O 18 -55.57 41.61 -9.02
N ASP O 19 -55.09 41.29 -7.83
CA ASP O 19 -54.75 42.32 -6.84
C ASP O 19 -53.44 43.02 -7.23
N LYS O 20 -53.26 44.24 -6.72
CA LYS O 20 -52.13 45.09 -7.08
C LYS O 20 -51.42 45.61 -5.84
N VAL O 21 -50.12 45.87 -5.97
CA VAL O 21 -49.28 46.38 -4.88
C VAL O 21 -48.33 47.46 -5.41
N ARG O 22 -48.20 48.55 -4.65
CA ARG O 22 -47.20 49.59 -4.92
C ARG O 22 -45.83 49.15 -4.42
N LEU O 23 -44.80 49.36 -5.24
CA LEU O 23 -43.44 49.01 -4.87
C LEU O 23 -42.78 50.20 -4.18
N GLY O 24 -42.53 50.07 -2.88
CA GLY O 24 -41.87 51.11 -2.10
C GLY O 24 -42.71 52.38 -2.05
N ASP O 25 -42.02 53.52 -2.08
CA ASP O 25 -42.67 54.82 -2.21
C ASP O 25 -42.66 55.33 -3.65
N THR O 26 -42.45 54.45 -4.63
CA THR O 26 -42.47 54.85 -6.04
C THR O 26 -43.89 54.88 -6.57
N ASP O 27 -44.02 55.12 -7.87
CA ASP O 27 -45.30 55.07 -8.58
C ASP O 27 -45.44 53.82 -9.44
N LEU O 28 -44.67 52.78 -9.16
CA LEU O 28 -44.73 51.54 -9.93
C LEU O 28 -45.70 50.56 -9.28
N ILE O 29 -46.64 50.05 -10.06
CA ILE O 29 -47.72 49.20 -9.56
C ILE O 29 -47.56 47.82 -10.19
N ALA O 30 -47.38 46.80 -9.36
CA ALA O 30 -47.27 45.42 -9.81
C ALA O 30 -48.59 44.69 -9.62
N GLU O 31 -48.91 43.78 -10.53
CA GLU O 31 -50.16 43.02 -10.49
C GLU O 31 -49.87 41.52 -10.49
N VAL O 32 -50.60 40.77 -9.66
CA VAL O 32 -50.45 39.32 -9.59
C VAL O 32 -51.07 38.69 -10.82
N GLU O 33 -50.27 37.93 -11.58
CA GLU O 33 -50.71 37.34 -12.84
C GLU O 33 -51.36 35.97 -12.68
N HIS O 34 -50.98 35.20 -11.65
CA HIS O 34 -51.41 33.81 -11.51
C HIS O 34 -51.18 33.36 -10.06
N ASP O 35 -51.96 32.37 -9.63
CA ASP O 35 -51.83 31.80 -8.28
C ASP O 35 -51.90 30.27 -8.38
N TYR O 36 -50.98 29.59 -7.70
CA TYR O 36 -50.92 28.14 -7.71
C TYR O 36 -51.72 27.48 -6.59
N THR O 37 -52.29 28.24 -5.67
CA THR O 37 -52.92 27.64 -4.50
C THR O 37 -54.31 27.10 -4.84
N ILE O 38 -54.81 26.23 -3.97
CA ILE O 38 -56.19 25.78 -3.98
C ILE O 38 -56.88 26.45 -2.80
N TYR O 39 -57.97 27.17 -3.09
CA TYR O 39 -58.63 27.99 -2.08
C TYR O 39 -59.26 27.12 -1.00
N GLY O 40 -58.89 27.38 0.26
CA GLY O 40 -59.30 26.55 1.37
C GLY O 40 -58.25 25.57 1.85
N GLU O 41 -57.13 25.43 1.13
CA GLU O 41 -56.07 24.50 1.52
C GLU O 41 -54.74 25.21 1.70
N GLU O 42 -54.76 26.46 2.18
CA GLU O 42 -53.55 27.25 2.32
C GLU O 42 -52.71 26.77 3.51
N LEU O 43 -51.39 26.95 3.41
CA LEU O 43 -50.46 26.58 4.46
C LEU O 43 -50.26 27.75 5.43
N LYS O 44 -50.47 27.49 6.73
CA LYS O 44 -50.25 28.46 7.78
C LYS O 44 -49.56 27.78 8.95
N PHE O 45 -48.60 28.47 9.57
CA PHE O 45 -47.86 27.93 10.70
C PHE O 45 -48.23 28.64 11.99
N GLY O 46 -48.42 27.86 13.05
CA GLY O 46 -48.73 28.40 14.36
C GLY O 46 -49.60 27.43 15.13
N GLY O 47 -50.01 27.86 16.32
CA GLY O 47 -50.83 27.03 17.18
C GLY O 47 -52.25 26.92 16.65
N GLY O 48 -52.71 25.70 16.41
CA GLY O 48 -54.02 25.48 15.83
C GLY O 48 -54.12 25.67 14.34
N LYS O 49 -53.00 25.89 13.65
CA LYS O 49 -52.99 26.13 12.21
C LYS O 49 -52.75 24.81 11.46
N THR O 50 -52.44 24.88 10.17
CA THR O 50 -52.45 23.69 9.32
C THR O 50 -51.13 22.92 9.25
N LEU O 51 -49.99 23.55 9.54
CA LEU O 51 -48.69 22.90 9.39
C LEU O 51 -48.35 22.08 10.63
N ARG O 52 -49.13 21.02 10.84
CA ARG O 52 -49.01 20.15 12.00
C ARG O 52 -49.04 18.70 11.53
N GLU O 53 -48.62 17.79 12.43
CA GLU O 53 -48.44 16.40 12.05
C GLU O 53 -49.77 15.73 11.72
N GLY O 54 -49.79 15.02 10.59
CA GLY O 54 -50.99 14.39 10.10
C GLY O 54 -51.95 15.29 9.34
N MET O 55 -51.67 16.59 9.21
CA MET O 55 -52.58 17.48 8.50
C MET O 55 -51.95 18.04 7.22
N SER O 56 -50.93 18.90 7.32
CA SER O 56 -50.18 19.31 6.15
C SER O 56 -48.72 18.88 6.21
N GLN O 57 -48.22 18.50 7.39
CA GLN O 57 -46.98 17.77 7.51
C GLN O 57 -47.32 16.29 7.42
N SER O 58 -46.75 15.61 6.44
CA SER O 58 -47.07 14.22 6.18
C SER O 58 -46.44 13.29 7.22
N ASN O 59 -47.19 12.26 7.61
CA ASN O 59 -46.64 11.15 8.35
C ASN O 59 -46.10 10.04 7.44
N ASN O 60 -46.39 10.11 6.13
CA ASN O 60 -45.82 9.20 5.14
C ASN O 60 -45.28 9.99 3.96
N PRO O 61 -44.21 10.74 4.15
CA PRO O 61 -43.75 11.67 3.11
C PRO O 61 -43.05 10.94 1.97
N SER O 62 -42.90 11.64 0.86
CA SER O 62 -42.16 11.11 -0.27
C SER O 62 -40.67 11.06 0.06
N LYS O 63 -39.92 10.31 -0.75
CA LYS O 63 -38.49 10.23 -0.55
C LYS O 63 -37.75 11.49 -1.00
N GLU O 64 -38.44 12.42 -1.66
CA GLU O 64 -37.90 13.73 -2.04
C GLU O 64 -38.34 14.84 -1.08
N GLU O 65 -38.41 14.51 0.21
CA GLU O 65 -38.92 15.41 1.24
C GLU O 65 -38.09 16.69 1.37
N LEU O 66 -38.77 17.83 1.51
CA LEU O 66 -38.13 19.13 1.50
C LEU O 66 -37.38 19.43 2.79
N ASP O 67 -36.33 20.24 2.68
CA ASP O 67 -35.62 20.77 3.85
C ASP O 67 -36.21 22.07 4.36
N LEU O 68 -36.83 22.87 3.49
CA LEU O 68 -37.38 24.17 3.86
C LEU O 68 -38.48 24.54 2.87
N ILE O 69 -39.56 25.15 3.36
CA ILE O 69 -40.63 25.64 2.50
C ILE O 69 -40.98 27.08 2.86
N ILE O 70 -41.08 27.93 1.85
CA ILE O 70 -41.54 29.32 1.98
C ILE O 70 -42.99 29.37 1.52
N THR O 71 -43.90 29.71 2.42
CA THR O 71 -45.34 29.62 2.17
C THR O 71 -45.90 30.96 1.73
N ASN O 72 -46.78 30.92 0.71
CA ASN O 72 -47.59 32.08 0.26
C ASN O 72 -46.73 33.25 -0.19
N ALA O 73 -45.69 32.98 -0.96
CA ALA O 73 -44.77 34.01 -1.43
C ALA O 73 -45.27 34.67 -2.71
N LEU O 74 -45.03 35.97 -2.84
CA LEU O 74 -45.23 36.70 -4.09
C LEU O 74 -43.89 36.79 -4.82
N ILE O 75 -43.75 36.02 -5.89
CA ILE O 75 -42.50 35.95 -6.65
C ILE O 75 -42.47 37.06 -7.70
N VAL O 76 -41.39 37.84 -7.72
CA VAL O 76 -41.15 38.85 -8.74
C VAL O 76 -39.87 38.48 -9.48
N ASP O 77 -39.99 38.11 -10.75
CA ASP O 77 -38.90 37.54 -11.51
C ASP O 77 -39.09 37.95 -12.97
N TYR O 78 -38.03 37.78 -13.78
CA TYR O 78 -38.17 38.04 -15.20
C TYR O 78 -39.10 37.03 -15.89
N THR O 79 -39.30 35.85 -15.28
CA THR O 79 -40.24 34.87 -15.80
C THR O 79 -41.69 35.15 -15.43
N GLY O 80 -41.97 36.06 -14.50
CA GLY O 80 -43.33 36.42 -14.21
C GLY O 80 -43.50 36.91 -12.79
N ILE O 81 -44.70 37.44 -12.51
CA ILE O 81 -45.09 37.95 -11.20
C ILE O 81 -46.31 37.16 -10.74
N TYR O 82 -46.13 36.30 -9.74
CA TYR O 82 -47.16 35.31 -9.39
C TYR O 82 -46.98 34.82 -7.94
N LYS O 83 -48.02 34.17 -7.42
CA LYS O 83 -48.05 33.65 -6.05
C LYS O 83 -47.85 32.14 -6.05
N ALA O 84 -46.95 31.66 -5.18
CA ALA O 84 -46.66 30.23 -5.06
C ALA O 84 -45.96 29.96 -3.72
N ASP O 85 -45.83 28.68 -3.42
CA ASP O 85 -44.93 28.21 -2.36
C ASP O 85 -43.62 27.74 -2.99
N ILE O 86 -42.51 27.99 -2.30
CA ILE O 86 -41.17 27.68 -2.80
C ILE O 86 -40.54 26.62 -1.91
N GLY O 87 -40.08 25.53 -2.51
CA GLY O 87 -39.45 24.43 -1.79
C GLY O 87 -37.96 24.32 -2.07
N ILE O 88 -37.18 24.09 -1.01
CA ILE O 88 -35.72 24.03 -1.09
C ILE O 88 -35.25 22.68 -0.55
N LYS O 89 -34.37 22.02 -1.31
CA LYS O 89 -33.75 20.77 -0.91
C LYS O 89 -32.29 20.75 -1.36
N ASP O 90 -31.38 20.49 -0.40
CA ASP O 90 -29.95 20.31 -0.64
C ASP O 90 -29.31 21.51 -1.33
N GLY O 91 -29.66 22.72 -0.87
CA GLY O 91 -29.10 23.94 -1.41
C GLY O 91 -29.65 24.38 -2.74
N LYS O 92 -30.66 23.70 -3.27
CA LYS O 92 -31.24 24.02 -4.57
C LYS O 92 -32.74 24.30 -4.43
N ILE O 93 -33.28 25.02 -5.39
CA ILE O 93 -34.72 25.20 -5.50
C ILE O 93 -35.29 23.90 -6.06
N ALA O 94 -36.09 23.21 -5.27
CA ALA O 94 -36.61 21.90 -5.65
C ALA O 94 -37.97 21.96 -6.32
N GLY O 95 -38.81 22.94 -5.97
CA GLY O 95 -40.14 23.00 -6.51
C GLY O 95 -40.77 24.35 -6.30
N ILE O 96 -41.62 24.75 -7.24
CA ILE O 96 -42.40 25.97 -7.16
C ILE O 96 -43.84 25.60 -7.50
N GLY O 97 -44.74 25.73 -6.52
CA GLY O 97 -46.11 25.28 -6.70
C GLY O 97 -46.95 25.29 -5.44
N LYS O 98 -47.67 24.20 -5.17
CA LYS O 98 -48.64 24.21 -4.07
C LYS O 98 -48.07 23.70 -2.75
N GLY O 99 -47.62 22.46 -2.69
CA GLY O 99 -47.01 21.95 -1.46
C GLY O 99 -47.96 21.57 -0.33
N GLY O 100 -47.63 20.51 0.39
CA GLY O 100 -48.46 20.05 1.49
C GLY O 100 -48.31 18.55 1.70
N ASN O 101 -49.42 17.90 2.04
CA ASN O 101 -49.47 16.48 2.37
C ASN O 101 -50.51 15.81 1.49
N LYS O 102 -50.05 14.88 0.64
CA LYS O 102 -50.93 14.17 -0.30
C LYS O 102 -51.91 13.24 0.42
N ASP O 103 -51.63 12.84 1.66
CA ASP O 103 -52.57 12.02 2.42
C ASP O 103 -53.86 12.75 2.76
N MET O 104 -53.82 14.09 2.84
CA MET O 104 -54.98 14.86 3.24
C MET O 104 -55.40 15.97 2.28
N GLN O 105 -54.62 16.28 1.24
CA GLN O 105 -54.87 17.40 0.35
C GLN O 105 -54.70 16.97 -1.10
N ASP O 106 -55.35 17.70 -2.02
CA ASP O 106 -55.52 17.21 -3.38
C ASP O 106 -54.27 17.35 -4.25
N GLY O 107 -53.86 18.58 -4.57
CA GLY O 107 -52.91 18.76 -5.65
C GLY O 107 -51.43 18.84 -5.29
N VAL O 108 -50.90 17.85 -4.59
CA VAL O 108 -49.53 17.90 -4.07
C VAL O 108 -48.66 16.92 -4.86
N LYS O 109 -47.66 17.46 -5.56
CA LYS O 109 -46.70 16.63 -6.27
C LYS O 109 -45.57 16.18 -5.35
N ASN O 110 -44.80 15.18 -5.81
CA ASN O 110 -43.79 14.52 -4.99
C ASN O 110 -42.65 15.45 -4.60
N ASN O 111 -42.28 16.39 -5.47
CA ASN O 111 -41.17 17.29 -5.18
C ASN O 111 -41.55 18.45 -4.26
N LEU O 112 -42.81 18.56 -3.84
CA LEU O 112 -43.22 19.58 -2.89
C LEU O 112 -43.83 18.96 -1.62
N SER O 113 -43.35 17.78 -1.25
CA SER O 113 -43.86 17.08 -0.07
C SER O 113 -43.28 17.67 1.21
N VAL O 114 -44.15 17.97 2.17
CA VAL O 114 -43.75 18.51 3.47
C VAL O 114 -43.74 17.38 4.48
N GLY O 115 -42.63 17.21 5.20
CA GLY O 115 -42.51 16.14 6.16
C GLY O 115 -41.85 16.53 7.46
N PRO O 116 -41.51 15.54 8.28
CA PRO O 116 -40.83 15.82 9.57
C PRO O 116 -39.46 16.49 9.44
N ALA O 117 -38.77 16.35 8.31
CA ALA O 117 -37.48 17.00 8.14
C ALA O 117 -37.59 18.45 7.67
N THR O 118 -38.79 18.98 7.46
CA THR O 118 -38.99 20.30 6.86
C THR O 118 -39.09 21.40 7.91
N GLU O 119 -38.42 22.52 7.65
CA GLU O 119 -38.57 23.79 8.37
C GLU O 119 -39.47 24.73 7.58
N ALA O 120 -40.20 25.59 8.29
CA ALA O 120 -41.17 26.51 7.68
C ALA O 120 -40.75 27.97 7.81
N LEU O 121 -41.01 28.75 6.76
CA LEU O 121 -40.77 30.20 6.74
C LEU O 121 -41.98 30.88 6.13
N ALA O 122 -42.56 31.84 6.84
CA ALA O 122 -43.82 32.47 6.43
C ALA O 122 -43.54 33.62 5.47
N GLY O 123 -44.02 33.49 4.23
CA GLY O 123 -43.86 34.54 3.25
C GLY O 123 -45.12 35.31 2.87
N GLU O 124 -46.21 35.17 3.63
CA GLU O 124 -47.44 35.86 3.29
C GLU O 124 -47.30 37.37 3.50
N GLY O 125 -47.65 38.13 2.47
CA GLY O 125 -47.45 39.55 2.45
C GLY O 125 -46.07 40.02 2.05
N LEU O 126 -45.17 39.12 1.65
CA LEU O 126 -43.80 39.47 1.33
C LEU O 126 -43.49 39.13 -0.12
N ILE O 127 -42.40 39.73 -0.62
CA ILE O 127 -41.95 39.57 -2.00
C ILE O 127 -40.62 38.82 -1.99
N VAL O 128 -40.48 37.82 -2.87
CA VAL O 128 -39.23 37.08 -3.05
C VAL O 128 -38.66 37.41 -4.43
N THR O 129 -37.38 37.81 -4.47
CA THR O 129 -36.63 37.94 -5.72
C THR O 129 -35.32 37.16 -5.62
N ALA O 130 -34.68 36.99 -6.77
CA ALA O 130 -33.32 36.45 -6.80
C ALA O 130 -32.34 37.49 -6.27
N GLY O 131 -31.20 37.00 -5.77
CA GLY O 131 -30.13 37.90 -5.36
C GLY O 131 -29.51 38.63 -6.53
N GLY O 132 -29.06 39.85 -6.26
CA GLY O 132 -28.44 40.67 -7.29
C GLY O 132 -27.02 40.22 -7.61
N ILE O 133 -26.57 40.59 -8.82
CA ILE O 133 -25.24 40.24 -9.33
C ILE O 133 -24.55 41.51 -9.81
N ASP O 134 -23.44 41.86 -9.17
CA ASP O 134 -22.68 43.07 -9.47
C ASP O 134 -21.39 42.69 -10.18
N THR O 135 -21.19 43.20 -11.39
CA THR O 135 -20.09 42.77 -12.25
C THR O 135 -18.99 43.81 -12.44
N HIS O 136 -18.98 44.88 -11.65
CA HIS O 136 -17.98 45.95 -11.80
C HIS O 136 -17.40 46.31 -10.43
N ILE O 137 -16.86 45.32 -9.74
CA ILE O 137 -16.31 45.51 -8.40
C ILE O 137 -14.82 45.78 -8.48
N HIS O 138 -14.37 46.89 -7.88
CA HIS O 138 -12.96 47.08 -7.54
C HIS O 138 -12.74 46.55 -6.13
N PHE O 139 -11.90 45.52 -5.99
CA PHE O 139 -11.65 44.91 -4.68
C PHE O 139 -10.62 45.74 -3.90
N ILE O 140 -11.07 46.90 -3.46
CA ILE O 140 -10.24 47.88 -2.76
C ILE O 140 -10.18 47.59 -1.27
N SER O 141 -11.32 47.27 -0.64
CA SER O 141 -11.37 46.93 0.77
C SER O 141 -12.37 45.79 1.01
N PRO O 142 -12.08 44.89 1.96
CA PRO O 142 -13.03 43.81 2.28
C PRO O 142 -14.36 44.28 2.85
N GLN O 143 -14.42 45.49 3.39
CA GLN O 143 -15.65 46.01 4.00
C GLN O 143 -16.72 46.36 2.96
N GLN O 144 -16.39 46.36 1.66
CA GLN O 144 -17.40 46.50 0.61
C GLN O 144 -18.39 45.33 0.64
N ILE O 145 -17.90 44.13 0.95
CA ILE O 145 -18.71 42.92 0.84
C ILE O 145 -19.91 42.89 1.79
N PRO O 146 -19.78 43.17 3.11
CA PRO O 146 -21.00 43.25 3.94
C PRO O 146 -21.94 44.39 3.55
N THR O 147 -21.42 45.50 3.04
CA THR O 147 -22.27 46.60 2.57
C THR O 147 -23.12 46.17 1.38
N ALA O 148 -22.52 45.46 0.42
CA ALA O 148 -23.28 44.95 -0.72
C ALA O 148 -24.26 43.86 -0.30
N PHE O 149 -23.89 43.03 0.67
CA PHE O 149 -24.75 41.93 1.11
C PHE O 149 -26.03 42.45 1.77
N ALA O 150 -25.92 43.50 2.59
CA ALA O 150 -27.08 44.07 3.26
C ALA O 150 -28.01 44.80 2.29
N SER O 151 -27.54 45.20 1.12
CA SER O 151 -28.41 45.84 0.13
C SER O 151 -29.13 44.84 -0.77
N GLY O 152 -28.79 43.56 -0.71
CA GLY O 152 -29.43 42.55 -1.51
C GLY O 152 -28.62 41.95 -2.67
N VAL O 153 -27.30 42.12 -2.68
CA VAL O 153 -26.44 41.56 -3.71
C VAL O 153 -25.77 40.30 -3.17
N THR O 154 -25.85 39.20 -3.92
CA THR O 154 -25.28 37.93 -3.47
C THR O 154 -24.17 37.36 -4.35
N THR O 155 -23.79 38.03 -5.43
CA THR O 155 -22.64 37.64 -6.25
C THR O 155 -21.85 38.88 -6.63
N MET O 156 -20.53 38.84 -6.48
CA MET O 156 -19.66 39.96 -6.83
C MET O 156 -18.55 39.48 -7.77
N ILE O 157 -18.44 40.12 -8.93
CA ILE O 157 -17.43 39.81 -9.93
C ILE O 157 -16.60 41.07 -10.19
N GLY O 158 -15.28 40.93 -10.14
CA GLY O 158 -14.37 42.04 -10.39
C GLY O 158 -12.91 41.67 -10.28
N GLY O 159 -12.06 42.60 -9.85
CA GLY O 159 -10.64 42.32 -9.72
C GLY O 159 -9.94 43.30 -8.79
N GLY O 160 -8.78 42.89 -8.31
CA GLY O 160 -7.96 43.78 -7.50
C GLY O 160 -7.19 43.02 -6.44
N THR O 161 -6.35 43.77 -5.72
CA THR O 161 -5.47 43.22 -4.69
C THR O 161 -5.50 43.98 -3.37
N GLY O 162 -6.47 44.87 -3.16
CA GLY O 162 -6.46 45.74 -2.00
C GLY O 162 -6.22 47.18 -2.40
N PRO O 163 -5.83 48.03 -1.46
CA PRO O 163 -5.80 49.48 -1.74
C PRO O 163 -4.61 50.00 -2.55
N ALA O 164 -3.95 49.15 -3.32
CA ALA O 164 -2.88 49.61 -4.21
C ALA O 164 -3.43 50.49 -5.34
N ASP O 165 -2.53 51.27 -5.94
CA ASP O 165 -2.91 52.26 -6.93
C ASP O 165 -3.45 51.64 -8.22
N GLY O 166 -2.96 50.45 -8.57
CA GLY O 166 -3.50 49.75 -9.74
C GLY O 166 -4.94 49.30 -9.53
N THR O 167 -5.27 48.83 -8.33
CA THR O 167 -6.64 48.42 -8.04
C THR O 167 -7.56 49.62 -7.88
N ASN O 168 -7.05 50.75 -7.36
CA ASN O 168 -7.85 51.96 -7.21
C ASN O 168 -8.35 52.50 -8.55
N ALA O 169 -7.65 52.18 -9.63
CA ALA O 169 -8.08 52.56 -10.98
C ALA O 169 -8.78 51.44 -11.74
N THR O 170 -8.34 50.19 -11.61
CA THR O 170 -8.75 49.10 -12.53
C THR O 170 -9.26 47.89 -11.76
N THR O 171 -10.14 47.11 -12.41
CA THR O 171 -10.69 45.86 -11.85
C THR O 171 -9.85 44.67 -12.30
N ILE O 172 -8.60 44.61 -11.85
CA ILE O 172 -7.62 43.65 -12.36
C ILE O 172 -6.87 42.99 -11.21
N THR O 173 -6.85 41.65 -11.21
CA THR O 173 -5.96 40.86 -10.36
C THR O 173 -4.88 40.25 -11.24
N PRO O 174 -3.66 40.81 -11.28
CA PRO O 174 -2.68 40.39 -12.29
C PRO O 174 -1.81 39.20 -11.87
N GLY O 175 -1.84 38.13 -12.66
CA GLY O 175 -0.88 37.06 -12.52
C GLY O 175 -1.32 35.95 -11.58
N ARG O 176 -0.64 34.80 -11.73
CA ARG O 176 -0.98 33.57 -11.01
C ARG O 176 -0.84 33.71 -9.50
N ARG O 177 0.24 34.35 -9.04
CA ARG O 177 0.47 34.48 -7.59
C ARG O 177 -0.56 35.38 -6.92
N ASN O 178 -0.89 36.51 -7.54
CA ASN O 178 -1.90 37.40 -6.98
C ASN O 178 -3.30 36.77 -7.03
N LEU O 179 -3.58 35.98 -8.08
CA LEU O 179 -4.82 35.21 -8.12
C LEU O 179 -4.90 34.18 -6.99
N LYS O 180 -3.77 33.54 -6.67
CA LYS O 180 -3.72 32.61 -5.54
C LYS O 180 -4.01 33.32 -4.21
N TRP O 181 -3.42 34.52 -4.02
CA TRP O 181 -3.70 35.34 -2.83
C TRP O 181 -5.20 35.63 -2.68
N MET O 182 -5.83 36.11 -3.75
CA MET O 182 -7.24 36.50 -3.65
C MET O 182 -8.17 35.29 -3.50
N LEU O 183 -7.86 34.18 -4.19
CA LEU O 183 -8.69 32.98 -4.06
C LEU O 183 -8.60 32.38 -2.65
N ARG O 184 -7.42 32.42 -2.03
CA ARG O 184 -7.33 31.92 -0.67
C ARG O 184 -7.93 32.88 0.35
N ALA O 185 -7.90 34.20 0.08
CA ALA O 185 -8.58 35.14 0.97
C ALA O 185 -10.10 35.02 0.87
N ALA O 186 -10.61 34.58 -0.28
CA ALA O 186 -12.06 34.51 -0.53
C ALA O 186 -12.82 33.56 0.39
N GLU O 187 -12.12 32.63 1.06
CA GLU O 187 -12.74 31.67 1.98
C GLU O 187 -13.37 32.34 3.21
N GLU O 188 -13.07 33.62 3.47
CA GLU O 188 -13.62 34.33 4.62
C GLU O 188 -15.11 34.65 4.48
N TYR O 189 -15.59 34.94 3.27
CA TYR O 189 -16.75 35.81 3.10
C TYR O 189 -18.05 35.09 2.76
N SER O 190 -19.17 35.78 3.03
CA SER O 190 -20.51 35.33 2.66
C SER O 190 -20.97 36.04 1.39
N MET O 191 -20.47 35.56 0.25
CA MET O 191 -20.68 36.15 -1.07
C MET O 191 -20.11 35.19 -2.12
N ASN O 192 -20.85 34.96 -3.21
CA ASN O 192 -20.26 34.29 -4.36
C ASN O 192 -19.29 35.26 -5.06
N LEU O 193 -18.13 34.73 -5.48
CA LEU O 193 -17.04 35.58 -5.98
C LEU O 193 -16.42 35.03 -7.26
N GLY O 194 -15.94 35.94 -8.11
CA GLY O 194 -15.15 35.58 -9.29
C GLY O 194 -14.23 36.72 -9.67
N PHE O 195 -13.05 36.37 -10.21
CA PHE O 195 -11.97 37.34 -10.40
C PHE O 195 -11.56 37.48 -11.87
N LEU O 196 -11.26 38.72 -12.26
CA LEU O 196 -10.82 39.06 -13.61
C LEU O 196 -9.31 39.31 -13.64
N ALA O 197 -8.68 38.94 -14.75
CA ALA O 197 -7.23 39.04 -14.93
C ALA O 197 -6.86 40.21 -15.84
N LYS O 198 -5.57 40.43 -16.02
CA LYS O 198 -5.06 41.55 -16.83
C LYS O 198 -5.07 41.17 -18.31
N GLY O 199 -5.81 41.94 -19.11
CA GLY O 199 -5.88 41.70 -20.54
C GLY O 199 -4.96 42.59 -21.36
N ASN O 200 -4.30 43.56 -20.73
CA ASN O 200 -3.45 44.53 -21.43
C ASN O 200 -2.05 43.95 -21.62
N THR O 201 -1.94 43.04 -22.58
CA THR O 201 -0.64 42.54 -23.05
C THR O 201 -0.80 41.97 -24.45
N SER O 202 0.32 41.88 -25.16
CA SER O 202 0.37 41.22 -26.46
C SER O 202 1.09 39.87 -26.41
N ASN O 203 1.32 39.33 -25.22
CA ASN O 203 1.97 38.04 -25.06
C ASN O 203 0.89 36.98 -24.80
N ASP O 204 0.73 36.05 -25.73
CA ASP O 204 -0.35 35.06 -25.64
C ASP O 204 -0.14 34.09 -24.49
N ALA O 205 1.12 33.72 -24.20
CA ALA O 205 1.43 32.80 -23.12
C ALA O 205 1.11 33.40 -21.76
N SER O 206 1.38 34.70 -21.57
CA SER O 206 1.02 35.37 -20.33
C SER O 206 -0.49 35.47 -20.16
N LEU O 207 -1.22 35.69 -21.25
CA LEU O 207 -2.68 35.72 -21.18
C LEU O 207 -3.25 34.36 -20.81
N ALA O 208 -2.73 33.29 -21.41
CA ALA O 208 -3.28 31.96 -21.18
C ALA O 208 -2.99 31.45 -19.77
N ASP O 209 -1.83 31.79 -19.19
CA ASP O 209 -1.47 31.27 -17.88
C ASP O 209 -2.37 31.83 -16.78
N GLN O 210 -2.86 33.07 -16.93
CA GLN O 210 -3.79 33.64 -15.95
C GLN O 210 -5.13 32.92 -15.94
N ILE O 211 -5.61 32.50 -17.11
CA ILE O 211 -6.87 31.77 -17.19
C ILE O 211 -6.74 30.39 -16.54
N GLU O 212 -5.61 29.71 -16.78
CA GLU O 212 -5.35 28.44 -16.13
C GLU O 212 -5.14 28.56 -14.63
N ALA O 213 -4.75 29.74 -14.14
CA ALA O 213 -4.58 29.98 -12.71
C ALA O 213 -5.88 30.29 -11.99
N GLY O 214 -7.01 30.39 -12.69
CA GLY O 214 -8.28 30.51 -12.02
C GLY O 214 -9.19 31.67 -12.38
N ALA O 215 -8.75 32.58 -13.24
CA ALA O 215 -9.58 33.73 -13.58
C ALA O 215 -10.74 33.35 -14.49
N ILE O 216 -11.83 34.11 -14.40
CA ILE O 216 -13.01 33.88 -15.23
C ILE O 216 -13.09 34.80 -16.44
N GLY O 217 -12.08 35.65 -16.65
CA GLY O 217 -12.10 36.53 -17.80
C GLY O 217 -11.01 37.59 -17.71
N PHE O 218 -11.03 38.51 -18.67
CA PHE O 218 -10.08 39.61 -18.73
C PHE O 218 -10.76 40.98 -18.60
N ILE O 220 -9.70 44.89 -19.85
CA ILE O 220 -8.76 45.74 -20.59
C ILE O 220 -8.99 47.19 -20.20
N HIS O 221 -7.99 47.83 -19.61
CA HIS O 221 -8.16 49.16 -19.03
C HIS O 221 -7.11 50.11 -19.57
N GLU O 222 -7.52 51.36 -19.83
CA GLU O 222 -6.66 52.34 -20.51
C GLU O 222 -5.46 52.76 -19.67
N ASP O 223 -5.52 52.61 -18.34
CA ASP O 223 -4.36 52.95 -17.51
C ASP O 223 -3.23 51.95 -17.65
N TRP O 224 -3.52 50.70 -18.03
CA TRP O 224 -2.48 49.76 -18.42
C TRP O 224 -2.24 49.76 -19.93
N GLY O 225 -3.00 50.56 -20.69
CA GLY O 225 -2.79 50.74 -22.11
C GLY O 225 -3.74 49.94 -22.98
N THR O 226 -4.82 50.57 -23.45
CA THR O 226 -5.80 49.91 -24.31
C THR O 226 -5.45 50.29 -25.75
N THR O 227 -4.69 49.42 -26.39
CA THR O 227 -4.29 49.54 -27.78
C THR O 227 -5.01 48.49 -28.61
N PRO O 228 -5.16 48.69 -29.93
CA PRO O 228 -5.79 47.65 -30.77
C PRO O 228 -5.08 46.30 -30.76
N SER O 229 -3.75 46.29 -30.61
CA SER O 229 -2.99 45.04 -30.53
C SER O 229 -3.39 44.20 -29.31
N ALA O 230 -3.49 44.83 -28.15
CA ALA O 230 -3.85 44.13 -26.92
C ALA O 230 -5.29 43.63 -26.97
N ILE O 231 -6.19 44.41 -27.56
CA ILE O 231 -7.59 44.00 -27.74
C ILE O 231 -7.66 42.74 -28.60
N ASN O 232 -6.90 42.73 -29.70
CA ASN O 232 -6.90 41.60 -30.63
C ASN O 232 -6.37 40.32 -29.97
N HIS O 233 -5.23 40.43 -29.26
CA HIS O 233 -4.64 39.25 -28.62
C HIS O 233 -5.53 38.69 -27.50
N ALA O 234 -6.11 39.59 -26.68
CA ALA O 234 -6.97 39.15 -25.58
C ALA O 234 -8.23 38.44 -26.10
N LEU O 235 -8.83 38.97 -27.17
CA LEU O 235 -10.01 38.32 -27.74
C LEU O 235 -9.66 36.97 -28.36
N ASP O 236 -8.47 36.85 -28.97
CA ASP O 236 -8.04 35.56 -29.51
C ASP O 236 -7.90 34.50 -28.41
N VAL O 237 -7.31 34.86 -27.27
CA VAL O 237 -7.16 33.88 -26.19
C VAL O 237 -8.51 33.53 -25.55
N ALA O 238 -9.37 34.54 -25.39
CA ALA O 238 -10.68 34.32 -24.77
C ALA O 238 -11.59 33.46 -25.64
N ASP O 239 -11.42 33.52 -26.97
CA ASP O 239 -12.15 32.60 -27.84
C ASP O 239 -11.77 31.14 -27.58
N LYS O 240 -10.49 30.89 -27.29
CA LYS O 240 -10.04 29.53 -27.05
C LYS O 240 -10.42 29.02 -25.66
N TYR O 241 -10.52 29.89 -24.65
CA TYR O 241 -10.78 29.40 -23.30
C TYR O 241 -12.21 29.57 -22.82
N ASP O 242 -13.12 30.11 -23.63
CA ASP O 242 -14.54 30.33 -23.31
C ASP O 242 -14.73 31.17 -22.03
N VAL O 243 -14.17 32.38 -22.05
CA VAL O 243 -14.33 33.35 -20.98
C VAL O 243 -14.69 34.71 -21.59
N GLN O 244 -15.18 35.61 -20.74
CA GLN O 244 -15.67 36.92 -21.15
C GLN O 244 -14.55 37.98 -21.10
N VAL O 245 -14.72 39.04 -21.90
CA VAL O 245 -13.81 40.19 -21.91
C VAL O 245 -14.60 41.46 -21.59
N ALA O 246 -14.05 42.29 -20.71
CA ALA O 246 -14.58 43.62 -20.40
C ALA O 246 -13.56 44.71 -20.76
N ILE O 247 -14.04 45.90 -21.13
CA ILE O 247 -13.16 46.94 -21.65
C ILE O 247 -13.53 48.33 -21.10
N HIS O 248 -12.48 49.10 -20.76
CA HIS O 248 -12.50 50.55 -20.54
C HIS O 248 -11.62 51.11 -21.67
N THR O 249 -12.21 51.84 -22.60
CA THR O 249 -11.52 52.23 -23.83
C THR O 249 -10.70 53.50 -23.66
N ASP O 250 -9.96 53.83 -24.72
CA ASP O 250 -8.96 54.91 -24.73
C ASP O 250 -9.65 56.27 -24.78
N THR O 251 -9.66 56.98 -23.64
CA THR O 251 -10.30 58.28 -23.54
C THR O 251 -9.57 59.35 -24.38
N LEU O 252 -8.25 59.29 -24.40
CA LEU O 252 -7.42 60.32 -25.03
C LEU O 252 -7.35 60.22 -26.54
N ASN O 253 -7.95 59.18 -27.15
CA ASN O 253 -7.88 58.88 -28.59
C ASN O 253 -6.44 58.78 -29.09
N GLU O 254 -5.57 58.18 -28.27
CA GLU O 254 -4.13 58.23 -28.50
C GLU O 254 -3.73 57.38 -29.70
N ALA O 255 -4.22 56.16 -29.78
CA ALA O 255 -3.89 55.27 -30.88
C ALA O 255 -4.97 55.21 -31.96
N GLY O 256 -6.13 55.81 -31.72
CA GLY O 256 -7.24 55.74 -32.65
C GLY O 256 -8.52 56.17 -31.98
N CYS O 257 -9.57 56.25 -32.79
CA CYS O 257 -10.90 56.65 -32.36
C CYS O 257 -11.77 55.42 -32.11
N VAL O 258 -13.08 55.63 -31.93
CA VAL O 258 -13.99 54.55 -31.52
C VAL O 258 -14.14 53.51 -32.62
N GLU O 259 -14.11 53.93 -33.90
CA GLU O 259 -14.24 52.97 -34.99
C GLU O 259 -13.00 52.09 -35.13
N ASP O 260 -11.83 52.60 -34.73
CA ASP O 260 -10.62 51.76 -34.70
C ASP O 260 -10.70 50.69 -33.61
N THR O 261 -11.25 51.05 -32.44
CA THR O 261 -11.50 50.06 -31.39
C THR O 261 -12.49 48.99 -31.85
N MET O 262 -13.57 49.41 -32.52
CA MET O 262 -14.54 48.45 -33.05
C MET O 262 -13.94 47.57 -34.15
N ALA O 263 -13.02 48.11 -34.95
CA ALA O 263 -12.31 47.30 -35.93
C ALA O 263 -11.40 46.27 -35.27
N ALA O 264 -10.77 46.64 -34.15
CA ALA O 264 -9.96 45.68 -33.40
C ALA O 264 -10.82 44.57 -32.79
N ILE O 265 -12.02 44.92 -32.32
CA ILE O 265 -12.93 43.93 -31.74
C ILE O 265 -13.39 42.92 -32.80
N ALA O 266 -13.68 43.41 -34.02
CA ALA O 266 -13.93 42.60 -35.22
C ALA O 266 -15.12 41.65 -35.06
N GLY O 267 -16.22 42.15 -34.50
CA GLY O 267 -17.46 41.39 -34.40
C GLY O 267 -17.55 40.39 -33.26
N ARG O 268 -16.53 40.28 -32.42
CA ARG O 268 -16.54 39.32 -31.32
C ARG O 268 -17.23 39.90 -30.08
N THR O 269 -17.68 39.02 -29.19
CA THR O 269 -18.49 39.40 -28.03
C THR O 269 -17.67 40.19 -27.02
N MET O 270 -18.21 41.33 -26.56
CA MET O 270 -17.52 42.22 -25.62
C MET O 270 -18.51 42.89 -24.67
N HIS O 271 -18.15 42.93 -23.38
CA HIS O 271 -18.89 43.64 -22.34
C HIS O 271 -18.23 45.00 -22.13
N THR O 272 -19.00 46.08 -22.28
CA THR O 272 -18.45 47.42 -22.14
C THR O 272 -18.89 48.05 -20.82
N PHE O 273 -17.91 48.46 -20.01
CA PHE O 273 -18.18 49.14 -18.75
C PHE O 273 -18.41 50.63 -18.99
N HIS O 274 -19.33 51.21 -18.21
CA HIS O 274 -19.72 52.64 -18.18
C HIS O 274 -19.79 53.27 -19.57
N THR O 275 -20.69 52.71 -20.38
CA THR O 275 -20.74 52.99 -21.81
C THR O 275 -21.15 54.43 -22.13
N GLU O 276 -21.77 55.13 -21.18
CA GLU O 276 -22.08 56.55 -21.37
C GLU O 276 -20.82 57.39 -21.51
N GLY O 277 -19.78 57.07 -20.74
CA GLY O 277 -18.47 57.67 -20.92
C GLY O 277 -18.01 58.61 -19.82
N ALA O 278 -18.84 58.89 -18.82
CA ALA O 278 -18.39 59.72 -17.69
C ALA O 278 -17.30 59.02 -16.88
N GLY O 279 -17.37 57.70 -16.77
CA GLY O 279 -16.33 56.93 -16.12
C GLY O 279 -15.11 56.64 -16.97
N GLY O 280 -15.11 57.04 -18.24
CA GLY O 280 -14.00 56.78 -19.12
C GLY O 280 -14.44 56.21 -20.46
N GLY O 281 -13.63 56.47 -21.50
CA GLY O 281 -13.97 56.05 -22.85
C GLY O 281 -13.72 57.14 -23.87
N HIS O 282 -13.69 56.78 -25.16
CA HIS O 282 -13.43 57.66 -26.30
C HIS O 282 -14.25 58.95 -26.27
N ALA O 283 -13.58 60.08 -26.09
CA ALA O 283 -14.25 61.36 -26.05
C ALA O 283 -14.53 61.85 -27.47
N PRO O 284 -15.76 62.22 -27.81
CA PRO O 284 -16.93 62.24 -26.92
C PRO O 284 -17.97 61.16 -27.21
N ASP O 285 -17.64 60.15 -28.02
CA ASP O 285 -18.65 59.35 -28.70
C ASP O 285 -18.56 57.85 -28.41
N ILE O 286 -18.19 57.45 -27.19
CA ILE O 286 -18.17 56.03 -26.84
C ILE O 286 -19.57 55.44 -26.77
N ILE O 287 -20.59 56.27 -26.50
CA ILE O 287 -21.97 55.81 -26.33
C ILE O 287 -22.57 55.22 -27.61
N LYS O 288 -21.96 55.45 -28.78
CA LYS O 288 -22.52 54.93 -30.02
C LYS O 288 -22.36 53.40 -30.15
N VAL O 289 -21.48 52.77 -29.36
CA VAL O 289 -21.33 51.32 -29.48
C VAL O 289 -22.47 50.54 -28.83
N ALA O 290 -23.35 51.20 -28.09
CA ALA O 290 -24.49 50.53 -27.45
C ALA O 290 -25.58 50.14 -28.44
N GLY O 291 -25.51 50.56 -29.69
CA GLY O 291 -26.43 50.07 -30.68
C GLY O 291 -26.02 48.81 -31.41
N GLU O 292 -24.80 48.29 -31.19
CA GLU O 292 -24.22 47.22 -31.98
C GLU O 292 -24.67 45.84 -31.49
N HIS O 293 -24.59 44.87 -32.40
CA HIS O 293 -25.09 43.52 -32.10
C HIS O 293 -24.17 42.76 -31.15
N ASN O 294 -22.85 42.91 -31.30
CA ASN O 294 -21.92 42.11 -30.51
C ASN O 294 -21.55 42.74 -29.16
N ILE O 295 -22.11 43.88 -28.81
CA ILE O 295 -21.76 44.60 -27.59
C ILE O 295 -22.83 44.36 -26.54
N LEU O 296 -22.40 44.00 -25.32
CA LEU O 296 -23.26 43.95 -24.15
C LEU O 296 -23.02 45.21 -23.31
N PRO O 297 -23.86 46.23 -23.38
CA PRO O 297 -23.54 47.52 -22.75
C PRO O 297 -24.05 47.68 -21.33
N ALA O 298 -23.22 48.29 -20.49
CA ALA O 298 -23.52 48.49 -19.08
C ALA O 298 -23.29 49.94 -18.69
N SER O 299 -24.04 50.39 -17.70
CA SER O 299 -23.84 51.69 -17.08
C SER O 299 -23.52 51.50 -15.61
N THR O 300 -22.77 52.45 -15.05
CA THR O 300 -22.47 52.46 -13.63
C THR O 300 -23.40 53.42 -12.90
N ASN O 301 -23.63 53.17 -11.61
CA ASN O 301 -24.63 53.93 -10.87
C ASN O 301 -24.43 55.42 -10.54
N PRO O 302 -23.24 56.06 -10.50
CA PRO O 302 -23.23 57.48 -10.07
C PRO O 302 -23.82 58.46 -11.08
N THR O 303 -24.05 58.05 -12.33
CA THR O 303 -24.71 58.92 -13.30
C THR O 303 -26.21 58.69 -13.41
N ILE O 304 -26.76 57.69 -12.72
CA ILE O 304 -28.21 57.47 -12.76
C ILE O 304 -28.78 57.58 -11.35
N PRO O 305 -29.95 58.22 -11.17
CA PRO O 305 -30.65 59.02 -12.17
C PRO O 305 -30.02 60.41 -12.33
N PHE O 306 -30.32 61.08 -13.44
CA PHE O 306 -29.77 62.40 -13.73
C PHE O 306 -30.46 63.44 -12.86
N THR O 307 -29.70 64.08 -11.97
CA THR O 307 -30.22 65.06 -11.02
C THR O 307 -29.54 66.41 -11.23
N VAL O 308 -30.03 67.42 -10.50
CA VAL O 308 -29.49 68.76 -10.63
C VAL O 308 -28.12 68.94 -9.96
N ASN O 309 -27.68 67.99 -9.14
CA ASN O 309 -26.36 68.04 -8.53
C ASN O 309 -25.33 67.18 -9.24
N THR O 310 -25.71 66.50 -10.33
CA THR O 310 -24.86 65.46 -10.92
C THR O 310 -23.63 66.04 -11.60
N GLU O 311 -23.83 67.09 -12.42
CA GLU O 311 -22.75 67.64 -13.25
C GLU O 311 -21.66 68.29 -12.41
N ALA O 312 -22.05 69.10 -11.42
CA ALA O 312 -21.08 69.79 -10.56
C ALA O 312 -20.28 68.79 -9.73
N GLU O 313 -20.95 67.76 -9.19
CA GLU O 313 -20.27 66.73 -8.41
C GLU O 313 -19.25 65.97 -9.26
N HIS O 314 -19.64 65.58 -10.48
CA HIS O 314 -18.72 64.84 -11.33
C HIS O 314 -17.57 65.70 -11.82
N MET O 315 -17.81 66.99 -12.06
CA MET O 315 -16.75 67.91 -12.45
C MET O 315 -15.72 68.08 -11.34
N ASP O 316 -16.19 68.25 -10.10
CA ASP O 316 -15.25 68.39 -9.00
C ASP O 316 -14.54 67.09 -8.67
N MET O 317 -15.17 65.94 -8.91
CA MET O 317 -14.46 64.67 -8.80
C MET O 317 -13.36 64.55 -9.85
N LEU O 318 -13.64 65.01 -11.07
CA LEU O 318 -12.63 64.96 -12.14
C LEU O 318 -11.45 65.88 -11.85
N MET O 319 -11.71 67.06 -11.25
CA MET O 319 -10.61 67.98 -10.97
C MET O 319 -9.68 67.45 -9.87
N VAL O 320 -10.22 66.72 -8.90
CA VAL O 320 -9.40 66.21 -7.81
C VAL O 320 -8.50 65.06 -8.29
N CYS O 321 -9.09 64.08 -8.98
CA CYS O 321 -8.38 62.85 -9.30
C CYS O 321 -7.30 63.06 -10.35
N HIS O 322 -7.51 63.97 -11.30
CA HIS O 322 -6.51 64.26 -12.32
C HIS O 322 -5.58 65.39 -11.93
N HIS O 323 -5.81 66.04 -10.78
CA HIS O 323 -5.03 67.18 -10.27
C HIS O 323 -4.99 68.33 -11.29
N LEU O 324 -6.16 68.68 -11.80
CA LEU O 324 -6.26 69.75 -12.80
C LEU O 324 -6.31 71.11 -12.12
N ASP O 325 -6.05 72.15 -12.92
CA ASP O 325 -6.08 73.52 -12.46
C ASP O 325 -6.92 74.35 -13.43
N LYS O 326 -7.74 75.23 -12.87
CA LYS O 326 -8.62 76.06 -13.69
C LYS O 326 -7.87 77.19 -14.41
N SER O 327 -6.62 77.46 -14.06
CA SER O 327 -5.87 78.52 -14.71
C SER O 327 -5.18 78.07 -15.99
N ILE O 328 -5.27 76.80 -16.36
CA ILE O 328 -4.62 76.26 -17.54
C ILE O 328 -5.69 75.95 -18.58
N LYS O 329 -5.50 76.48 -19.80
CA LYS O 329 -6.53 76.33 -20.83
C LYS O 329 -6.66 74.90 -21.36
N GLU O 330 -5.64 74.06 -21.16
CA GLU O 330 -5.73 72.69 -21.63
C GLU O 330 -6.42 71.76 -20.63
N ASP O 331 -6.29 72.04 -19.34
CA ASP O 331 -7.03 71.28 -18.34
C ASP O 331 -8.52 71.59 -18.40
N VAL O 332 -8.88 72.84 -18.70
CA VAL O 332 -10.28 73.20 -18.87
C VAL O 332 -10.86 72.57 -20.13
N GLN O 333 -10.08 72.55 -21.21
CA GLN O 333 -10.54 71.92 -22.45
C GLN O 333 -10.67 70.41 -22.29
N PHE O 334 -9.78 69.80 -21.51
CA PHE O 334 -9.90 68.37 -21.24
C PHE O 334 -11.15 68.07 -20.42
N ALA O 335 -11.42 68.87 -19.39
CA ALA O 335 -12.54 68.60 -18.48
C ALA O 335 -13.88 68.79 -19.18
N ASP O 336 -14.00 69.80 -20.05
CA ASP O 336 -15.25 70.04 -20.75
C ASP O 336 -15.55 69.00 -21.82
N SER O 337 -14.54 68.27 -22.30
CA SER O 337 -14.78 67.17 -23.22
C SER O 337 -15.08 65.86 -22.51
N ARG O 338 -14.94 65.81 -21.18
CA ARG O 338 -15.10 64.58 -20.42
C ARG O 338 -16.50 64.39 -19.86
N ILE O 339 -17.08 65.43 -19.25
CA ILE O 339 -18.27 65.25 -18.41
C ILE O 339 -19.53 65.14 -19.26
N ARG O 340 -19.80 66.16 -20.10
CA ARG O 340 -20.85 66.15 -21.12
C ARG O 340 -22.27 65.86 -20.62
N PRO O 341 -22.98 66.85 -20.08
CA PRO O 341 -24.36 66.60 -19.58
C PRO O 341 -25.36 66.12 -20.64
N GLN O 342 -25.06 66.30 -21.93
CA GLN O 342 -25.94 65.82 -22.99
C GLN O 342 -26.04 64.30 -23.01
N THR O 343 -24.89 63.60 -23.01
CA THR O 343 -24.91 62.14 -23.00
C THR O 343 -25.41 61.57 -21.68
N ILE O 344 -25.10 62.25 -20.57
CA ILE O 344 -25.60 61.86 -19.26
C ILE O 344 -27.12 61.93 -19.23
N ALA O 345 -27.69 62.98 -19.81
CA ALA O 345 -29.15 63.09 -19.91
C ALA O 345 -29.72 62.01 -20.84
N ALA O 346 -29.00 61.66 -21.90
CA ALA O 346 -29.49 60.64 -22.83
C ALA O 346 -29.51 59.23 -22.21
N GLU O 347 -28.64 59.00 -21.21
CA GLU O 347 -28.45 57.65 -20.66
C GLU O 347 -29.72 57.08 -20.00
N ASP O 348 -30.47 57.92 -19.26
CA ASP O 348 -31.70 57.46 -18.61
C ASP O 348 -32.75 57.00 -19.62
N THR O 349 -32.94 57.78 -20.69
CA THR O 349 -33.90 57.43 -21.72
C THR O 349 -33.46 56.17 -22.47
N LEU O 350 -32.15 56.02 -22.71
CA LEU O 350 -31.66 54.79 -23.33
C LEU O 350 -31.88 53.57 -22.45
N HIS O 351 -31.81 53.74 -21.12
CA HIS O 351 -32.18 52.66 -20.21
C HIS O 351 -33.66 52.33 -20.32
N ASP O 352 -34.52 53.35 -20.47
CA ASP O 352 -35.95 53.09 -20.56
C ASP O 352 -36.36 52.42 -21.87
N MET O 353 -35.56 52.56 -22.93
CA MET O 353 -35.83 51.96 -24.23
C MET O 353 -35.30 50.55 -24.39
N GLY O 354 -34.55 50.04 -23.40
CA GLY O 354 -33.94 48.74 -23.54
C GLY O 354 -32.68 48.70 -24.38
N ILE O 355 -32.02 49.83 -24.56
CA ILE O 355 -30.75 49.88 -25.30
C ILE O 355 -29.56 49.62 -24.38
N PHE O 356 -29.59 50.12 -23.15
CA PHE O 356 -28.66 49.68 -22.11
C PHE O 356 -29.29 48.49 -21.38
N SER O 357 -28.48 47.49 -21.04
CA SER O 357 -29.02 46.23 -20.55
C SER O 357 -28.53 45.80 -19.16
N ILE O 358 -27.48 46.41 -18.61
CA ILE O 358 -26.89 46.00 -17.33
C ILE O 358 -26.60 47.25 -16.50
N THR O 359 -26.87 47.18 -15.18
CA THR O 359 -26.42 48.19 -14.23
C THR O 359 -25.40 47.58 -13.27
N SER O 360 -24.50 48.42 -12.76
CA SER O 360 -23.40 47.97 -11.91
C SER O 360 -22.93 49.12 -11.02
N SER O 361 -21.89 48.87 -10.22
CA SER O 361 -21.48 49.81 -9.18
C SER O 361 -20.28 50.68 -9.55
N ASP O 362 -19.16 50.09 -9.98
CA ASP O 362 -17.81 50.72 -10.05
C ASP O 362 -17.34 51.15 -8.65
N SER O 363 -17.26 50.15 -7.76
CA SER O 363 -17.24 50.38 -6.31
C SER O 363 -15.95 51.05 -5.82
N GLN O 364 -16.12 52.15 -5.08
CA GLN O 364 -15.07 53.01 -4.52
C GLN O 364 -14.11 53.58 -5.57
N ALA O 365 -14.53 53.57 -6.84
CA ALA O 365 -13.76 54.06 -7.98
C ALA O 365 -14.69 54.84 -8.91
N MET O 366 -15.37 55.85 -8.36
CA MET O 366 -16.55 56.54 -8.92
C MET O 366 -17.73 55.57 -9.03
N GLY O 367 -18.21 55.16 -7.86
CA GLY O 367 -19.44 54.41 -7.74
C GLY O 367 -19.71 53.89 -6.34
N ARG O 368 -20.95 53.51 -6.06
CA ARG O 368 -21.40 53.24 -4.69
C ARG O 368 -21.94 51.82 -4.60
N VAL O 369 -21.23 50.96 -3.85
CA VAL O 369 -21.48 49.52 -3.87
C VAL O 369 -22.79 49.13 -3.19
N GLY O 370 -23.33 49.96 -2.31
CA GLY O 370 -24.59 49.62 -1.68
C GLY O 370 -25.81 50.25 -2.31
N GLU O 371 -25.71 50.76 -3.54
CA GLU O 371 -26.80 51.55 -4.12
C GLU O 371 -27.21 51.15 -5.53
N VAL O 372 -26.77 49.98 -6.03
CA VAL O 372 -27.08 49.57 -7.42
C VAL O 372 -28.57 49.35 -7.61
N ILE O 373 -29.18 48.56 -6.71
CA ILE O 373 -30.60 48.22 -6.81
C ILE O 373 -31.47 49.47 -6.60
N THR O 374 -31.13 50.28 -5.59
CA THR O 374 -31.87 51.50 -5.28
C THR O 374 -31.84 52.50 -6.43
N ARG O 375 -30.67 52.71 -7.05
CA ARG O 375 -30.60 53.67 -8.15
C ARG O 375 -31.26 53.13 -9.42
N THR O 376 -31.27 51.81 -9.62
CA THR O 376 -32.06 51.22 -10.71
C THR O 376 -33.54 51.54 -10.57
N TRP O 377 -34.09 51.35 -9.36
CA TRP O 377 -35.53 51.61 -9.19
C TRP O 377 -35.85 53.10 -9.18
N GLN O 378 -34.92 53.94 -8.71
CA GLN O 378 -35.08 55.39 -8.81
C GLN O 378 -35.16 55.84 -10.28
N THR O 379 -34.31 55.25 -11.13
CA THR O 379 -34.36 55.58 -12.56
C THR O 379 -35.66 55.13 -13.21
N ALA O 380 -36.14 53.93 -12.85
CA ALA O 380 -37.43 53.45 -13.36
C ALA O 380 -38.58 54.38 -12.96
N ASP O 381 -38.58 54.83 -11.70
CA ASP O 381 -39.65 55.72 -11.22
C ASP O 381 -39.61 57.09 -11.88
N LYS O 382 -38.41 57.64 -12.08
CA LYS O 382 -38.26 58.92 -12.77
C LYS O 382 -38.71 58.83 -14.22
N ASN O 383 -38.37 57.73 -14.91
CA ASN O 383 -38.82 57.57 -16.29
C ASN O 383 -40.33 57.37 -16.39
N LYS O 384 -40.95 56.69 -15.41
CA LYS O 384 -42.41 56.60 -15.44
C LYS O 384 -43.06 57.97 -15.20
N LYS O 385 -42.48 58.78 -14.31
CA LYS O 385 -43.02 60.12 -14.08
C LYS O 385 -42.87 61.02 -15.31
N GLU O 386 -41.79 60.85 -16.07
CA GLU O 386 -41.56 61.72 -17.22
C GLU O 386 -42.27 61.26 -18.49
N PHE O 387 -42.17 59.98 -18.85
CA PHE O 387 -42.67 59.48 -20.12
C PHE O 387 -43.98 58.69 -20.02
N GLY O 388 -44.50 58.50 -18.81
CA GLY O 388 -45.74 57.77 -18.66
C GLY O 388 -45.57 56.25 -18.75
N ARG O 389 -46.72 55.58 -18.74
CA ARG O 389 -46.76 54.13 -18.82
C ARG O 389 -46.36 53.65 -20.20
N LEU O 390 -45.59 52.56 -20.25
CA LEU O 390 -45.06 52.03 -21.50
C LEU O 390 -46.19 51.48 -22.39
N LYS O 391 -45.96 51.51 -23.70
CA LYS O 391 -46.96 51.03 -24.64
C LYS O 391 -47.04 49.51 -24.70
N GLU O 392 -46.04 48.81 -24.17
CA GLU O 392 -46.05 47.35 -24.18
C GLU O 392 -46.84 46.76 -23.01
N GLU O 393 -47.40 47.59 -22.15
CA GLU O 393 -48.12 47.09 -20.98
C GLU O 393 -49.46 46.48 -21.37
N LYS O 394 -49.85 45.43 -20.65
CA LYS O 394 -51.14 44.77 -20.80
C LYS O 394 -51.89 44.93 -19.49
N GLY O 395 -52.88 45.83 -19.48
CA GLY O 395 -53.64 46.09 -18.28
C GLY O 395 -53.15 47.33 -17.56
N ASP O 396 -53.82 47.60 -16.44
CA ASP O 396 -53.56 48.80 -15.65
C ASP O 396 -52.49 48.51 -14.59
N ASN O 397 -51.28 48.25 -15.06
CA ASN O 397 -50.15 47.96 -14.19
C ASN O 397 -48.86 48.33 -14.91
N ASP O 398 -47.74 48.08 -14.24
CA ASP O 398 -46.42 48.40 -14.76
C ASP O 398 -45.52 47.16 -14.85
N ASN O 399 -46.11 45.99 -15.15
CA ASN O 399 -45.39 44.72 -15.05
C ASN O 399 -44.24 44.61 -16.06
N PHE O 400 -44.44 45.12 -17.29
CA PHE O 400 -43.39 45.06 -18.31
C PHE O 400 -42.18 45.90 -17.91
N ARG O 401 -42.40 47.11 -17.41
CA ARG O 401 -41.31 47.97 -16.97
C ARG O 401 -40.58 47.38 -15.77
N ILE O 402 -41.34 46.73 -14.86
CA ILE O 402 -40.76 46.08 -13.70
C ILE O 402 -39.84 44.94 -14.11
N LYS O 403 -40.27 44.11 -15.07
CA LYS O 403 -39.43 43.04 -15.57
C LYS O 403 -38.19 43.57 -16.31
N ARG O 404 -38.37 44.64 -17.10
CA ARG O 404 -37.25 45.23 -17.84
C ARG O 404 -36.16 45.76 -16.90
N TYR O 405 -36.56 46.47 -15.84
CA TYR O 405 -35.55 47.00 -14.92
C TYR O 405 -35.00 45.95 -13.97
N LEU O 406 -35.80 44.94 -13.60
CA LEU O 406 -35.30 43.88 -12.72
C LEU O 406 -34.26 43.02 -13.44
N SER O 407 -34.41 42.82 -14.76
CA SER O 407 -33.44 42.04 -15.53
C SER O 407 -32.05 42.66 -15.57
N LYS O 408 -31.94 43.98 -15.35
CA LYS O 408 -30.67 44.68 -15.49
C LYS O 408 -29.65 44.28 -14.42
N TYR O 409 -30.10 43.87 -13.22
CA TYR O 409 -29.16 43.45 -12.19
C TYR O 409 -29.31 41.99 -11.76
N THR O 410 -30.18 41.20 -12.39
CA THR O 410 -30.26 39.79 -12.02
C THR O 410 -29.88 38.86 -13.17
N ILE O 411 -30.65 38.79 -14.25
CA ILE O 411 -30.44 37.71 -15.22
C ILE O 411 -29.44 38.10 -16.29
N ASN O 412 -29.43 39.38 -16.72
CA ASN O 412 -28.53 39.80 -17.79
C ASN O 412 -27.04 39.75 -17.43
N PRO O 413 -26.57 40.25 -16.25
CA PRO O 413 -25.15 40.03 -15.91
C PRO O 413 -24.77 38.55 -15.72
N ALA O 414 -25.70 37.72 -15.26
CA ALA O 414 -25.46 36.28 -15.13
C ALA O 414 -25.24 35.63 -16.49
N ILE O 415 -26.05 36.02 -17.49
CA ILE O 415 -25.86 35.55 -18.86
C ILE O 415 -24.52 36.04 -19.41
N ALA O 416 -24.20 37.32 -19.16
CA ALA O 416 -23.00 37.93 -19.71
C ALA O 416 -21.72 37.27 -19.19
N HIS O 417 -21.70 36.83 -17.93
CA HIS O 417 -20.50 36.19 -17.41
C HIS O 417 -20.61 34.68 -17.31
N GLY O 418 -21.60 34.08 -17.96
CA GLY O 418 -21.72 32.64 -18.10
C GLY O 418 -21.99 31.86 -16.83
N ILE O 419 -22.81 32.40 -15.93
CA ILE O 419 -23.19 31.71 -14.70
C ILE O 419 -24.71 31.57 -14.58
N SER O 420 -25.45 31.75 -15.68
CA SER O 420 -26.91 31.73 -15.63
C SER O 420 -27.48 30.33 -15.44
N GLU O 421 -26.68 29.27 -15.55
CA GLU O 421 -27.20 27.96 -15.17
C GLU O 421 -27.26 27.78 -13.66
N TYR O 422 -26.57 28.62 -12.88
CA TYR O 422 -26.53 28.50 -11.43
C TYR O 422 -27.38 29.55 -10.71
N VAL O 423 -27.25 30.83 -11.07
CA VAL O 423 -27.87 31.93 -10.34
C VAL O 423 -28.59 32.85 -11.31
N GLY O 424 -29.26 33.87 -10.78
CA GLY O 424 -29.85 34.92 -11.56
C GLY O 424 -31.37 34.96 -11.60
N SER O 425 -32.08 33.91 -11.18
CA SER O 425 -33.53 33.89 -11.25
C SER O 425 -34.09 32.85 -10.28
N VAL O 426 -35.39 32.90 -10.09
CA VAL O 426 -36.11 31.97 -9.20
C VAL O 426 -36.68 30.87 -10.09
N GLU O 427 -35.91 29.80 -10.31
CA GLU O 427 -36.33 28.68 -11.13
C GLU O 427 -35.89 27.38 -10.49
N VAL O 428 -36.61 26.30 -10.84
CA VAL O 428 -36.32 24.97 -10.31
C VAL O 428 -34.98 24.49 -10.84
N GLY O 429 -34.11 24.02 -9.94
CA GLY O 429 -32.80 23.53 -10.28
C GLY O 429 -31.67 24.51 -10.07
N LYS O 430 -31.95 25.78 -9.78
CA LYS O 430 -30.90 26.75 -9.54
C LYS O 430 -30.52 26.82 -8.06
N VAL O 431 -29.41 27.50 -7.80
CA VAL O 431 -28.93 27.74 -6.44
C VAL O 431 -29.92 28.64 -5.70
N ALA O 432 -30.24 28.28 -4.47
CA ALA O 432 -31.21 29.03 -3.67
C ALA O 432 -30.52 30.22 -2.99
N ASP O 433 -30.28 31.28 -3.79
CA ASP O 433 -29.84 32.59 -3.29
C ASP O 433 -31.03 33.54 -3.43
N LEU O 434 -31.76 33.77 -2.34
CA LEU O 434 -33.04 34.48 -2.39
C LEU O 434 -33.07 35.63 -1.39
N VAL O 435 -33.86 36.67 -1.71
CA VAL O 435 -34.01 37.86 -0.89
C VAL O 435 -35.50 38.08 -0.60
N LEU O 436 -35.84 38.30 0.67
CA LEU O 436 -37.20 38.59 1.11
C LEU O 436 -37.37 40.08 1.36
N TRP O 437 -38.40 40.68 0.76
CA TRP O 437 -38.68 42.11 0.91
C TRP O 437 -40.09 42.33 1.45
N SER O 438 -40.24 43.30 2.34
CA SER O 438 -41.53 43.91 2.61
C SER O 438 -41.85 44.94 1.50
N PRO O 439 -43.08 44.97 0.99
CA PRO O 439 -43.40 45.88 -0.13
C PRO O 439 -43.23 47.35 0.17
N ALA O 440 -43.42 47.77 1.43
CA ALA O 440 -43.17 49.16 1.78
C ALA O 440 -41.68 49.53 1.70
N PHE O 441 -40.79 48.55 1.89
CA PHE O 441 -39.36 48.77 1.84
C PHE O 441 -38.69 48.18 0.60
N PHE O 442 -39.46 47.91 -0.46
CA PHE O 442 -38.91 47.25 -1.64
C PHE O 442 -37.89 48.14 -2.35
N GLY O 443 -36.74 47.55 -2.66
CA GLY O 443 -35.70 48.26 -3.37
C GLY O 443 -34.68 48.98 -2.53
N VAL O 444 -34.90 49.11 -1.21
CA VAL O 444 -33.95 49.85 -0.39
C VAL O 444 -33.46 49.02 0.82
N LYS O 445 -34.37 48.36 1.54
CA LYS O 445 -33.95 47.63 2.75
C LYS O 445 -34.66 46.28 2.85
N PRO O 446 -33.96 45.18 2.64
CA PRO O 446 -34.60 43.85 2.68
C PRO O 446 -34.82 43.34 4.10
N ASN O 447 -35.61 42.27 4.20
CA ASN O 447 -35.85 41.62 5.48
C ASN O 447 -34.78 40.58 5.81
N MET O 448 -34.49 39.66 4.90
CA MET O 448 -33.50 38.62 5.15
C MET O 448 -32.93 38.09 3.83
N ILE O 449 -31.76 37.48 3.93
CA ILE O 449 -31.05 36.89 2.80
C ILE O 449 -30.89 35.39 3.05
N ILE O 450 -31.29 34.58 2.08
CA ILE O 450 -31.06 33.14 2.12
C ILE O 450 -29.92 32.82 1.16
N LYS O 451 -28.88 32.17 1.67
CA LYS O 451 -27.66 31.91 0.91
C LYS O 451 -27.40 30.41 0.89
N GLY O 452 -27.45 29.82 -0.30
CA GLY O 452 -27.21 28.40 -0.46
C GLY O 452 -28.22 27.51 0.25
N GLY O 453 -29.45 27.98 0.43
CA GLY O 453 -30.47 27.22 1.11
C GLY O 453 -30.55 27.38 2.61
N PHE O 454 -29.80 28.32 3.20
CA PHE O 454 -29.82 28.54 4.64
C PHE O 454 -29.70 30.05 4.90
N ILE O 455 -30.30 30.51 6.01
CA ILE O 455 -30.39 31.95 6.27
C ILE O 455 -29.03 32.49 6.70
N ALA O 456 -28.57 33.53 6.01
CA ALA O 456 -27.25 34.11 6.26
C ALA O 456 -27.27 35.50 6.87
N LEU O 457 -28.33 36.28 6.68
CA LEU O 457 -28.40 37.64 7.20
C LEU O 457 -29.86 38.00 7.40
N SER O 458 -30.14 38.79 8.44
CA SER O 458 -31.49 39.27 8.70
C SER O 458 -31.46 40.52 9.56
N GLN O 459 -32.55 41.29 9.48
CA GLN O 459 -32.82 42.29 10.50
C GLN O 459 -33.06 41.59 11.84
N MET O 460 -32.53 42.17 12.91
CA MET O 460 -32.57 41.49 14.20
C MET O 460 -32.45 42.52 15.32
N GLY O 461 -33.33 42.40 16.32
CA GLY O 461 -33.28 43.23 17.49
C GLY O 461 -32.26 42.76 18.50
N ASP O 462 -32.32 43.37 19.69
CA ASP O 462 -31.29 43.14 20.70
C ASP O 462 -31.37 41.71 21.27
N ALA O 463 -30.19 41.17 21.57
CA ALA O 463 -30.06 39.75 21.86
C ALA O 463 -30.64 39.35 23.21
N ASN O 464 -30.71 40.28 24.16
CA ASN O 464 -31.25 39.98 25.48
C ASN O 464 -32.77 40.05 25.53
N ALA O 465 -33.44 40.47 24.46
CA ALA O 465 -34.86 40.73 24.50
C ALA O 465 -35.70 39.45 24.48
N SER O 466 -36.98 39.60 24.82
CA SER O 466 -37.92 38.49 24.87
C SER O 466 -38.51 38.13 23.51
N ILE O 467 -38.31 38.97 22.48
CA ILE O 467 -38.71 38.69 21.11
C ILE O 467 -37.67 39.31 20.18
N PRO O 468 -37.60 38.87 18.91
CA PRO O 468 -36.58 39.45 18.02
C PRO O 468 -36.87 40.85 17.49
N THR O 469 -38.06 41.38 17.69
CA THR O 469 -38.47 42.70 17.18
C THR O 469 -38.03 44.00 17.90
N PRO O 470 -37.89 44.09 19.24
CA PRO O 470 -37.63 45.42 19.84
C PRO O 470 -36.25 46.00 19.56
N GLN O 471 -36.18 47.33 19.74
CA GLN O 471 -35.08 48.15 19.27
C GLN O 471 -33.83 47.97 20.12
N PRO O 472 -32.63 48.18 19.54
CA PRO O 472 -32.29 48.56 18.16
C PRO O 472 -32.28 47.40 17.17
N VAL O 473 -32.84 47.64 15.98
CA VAL O 473 -32.91 46.65 14.91
C VAL O 473 -31.89 47.06 13.85
N TYR O 474 -30.93 46.18 13.56
CA TYR O 474 -30.02 46.36 12.44
C TYR O 474 -29.64 45.00 11.87
N TYR O 475 -28.88 45.01 10.78
CA TYR O 475 -28.54 43.79 10.06
C TYR O 475 -27.41 43.03 10.77
N ARG O 476 -27.64 41.77 11.08
CA ARG O 476 -26.69 40.94 11.80
C ARG O 476 -26.47 39.61 11.08
N GLU O 477 -25.27 39.06 11.26
CA GLU O 477 -24.93 37.77 10.64
C GLU O 477 -25.69 36.63 11.30
N MET O 478 -26.17 35.70 10.47
CA MET O 478 -26.90 34.51 10.91
C MET O 478 -25.99 33.27 10.82
N PHE O 479 -26.57 32.08 11.01
CA PHE O 479 -25.74 30.88 11.21
C PHE O 479 -25.02 30.41 9.94
N ALA O 480 -25.55 30.71 8.76
CA ALA O 480 -24.85 30.34 7.52
C ALA O 480 -23.59 31.18 7.26
N HIS O 481 -23.40 32.26 8.00
CA HIS O 481 -22.23 33.14 7.93
C HIS O 481 -21.02 32.60 8.69
N HIS O 482 -21.16 31.52 9.49
CA HIS O 482 -20.19 31.18 10.52
C HIS O 482 -19.69 29.75 10.38
N GLY O 483 -18.52 29.50 10.98
CA GLY O 483 -18.00 28.14 11.13
C GLY O 483 -17.62 27.51 9.82
N LYS O 484 -17.85 26.20 9.71
CA LYS O 484 -17.67 25.48 8.46
C LYS O 484 -18.93 25.47 7.61
N ALA O 485 -20.04 26.02 8.11
CA ALA O 485 -21.26 26.12 7.32
C ALA O 485 -21.12 27.08 6.15
N LYS O 486 -20.30 28.14 6.30
CA LYS O 486 -20.11 29.10 5.22
C LYS O 486 -19.37 28.50 4.03
N TYR O 487 -18.61 27.42 4.22
CA TYR O 487 -18.00 26.74 3.09
C TYR O 487 -19.03 26.05 2.21
N ASP O 488 -20.08 25.50 2.82
CA ASP O 488 -21.10 24.80 2.06
C ASP O 488 -22.11 25.73 1.40
N ALA O 489 -22.17 26.99 1.81
CA ALA O 489 -23.18 27.92 1.32
C ALA O 489 -22.69 28.90 0.27
N ASN O 490 -21.42 28.86 -0.12
CA ASN O 490 -20.84 29.86 -1.00
C ASN O 490 -20.09 29.20 -2.16
N ILE O 491 -19.96 29.94 -3.26
CA ILE O 491 -19.40 29.45 -4.51
C ILE O 491 -18.26 30.37 -4.96
N THR O 492 -17.14 29.79 -5.35
CA THR O 492 -16.09 30.49 -6.09
C THR O 492 -16.12 30.03 -7.55
N PHE O 493 -16.36 30.97 -8.47
CA PHE O 493 -16.39 30.67 -9.90
C PHE O 493 -14.98 30.75 -10.50
N VAL O 494 -14.63 29.79 -11.35
CA VAL O 494 -13.35 29.73 -12.06
C VAL O 494 -13.60 29.36 -13.52
N SER O 495 -12.54 29.36 -14.32
CA SER O 495 -12.63 28.91 -15.69
C SER O 495 -12.71 27.37 -15.75
N GLN O 496 -13.19 26.87 -16.89
CA GLN O 496 -13.29 25.43 -17.10
C GLN O 496 -11.92 24.76 -17.12
N ALA O 497 -10.93 25.44 -17.71
CA ALA O 497 -9.57 24.91 -17.77
C ALA O 497 -8.95 24.79 -16.37
N ALA O 498 -9.16 25.78 -15.52
CA ALA O 498 -8.63 25.69 -14.15
C ALA O 498 -9.37 24.64 -13.34
N TYR O 499 -10.68 24.49 -13.57
CA TYR O 499 -11.46 23.45 -12.91
C TYR O 499 -10.99 22.06 -13.29
N ASP O 500 -10.66 21.85 -14.57
CA ASP O 500 -10.24 20.52 -15.02
C ASP O 500 -8.83 20.17 -14.53
N LYS O 501 -7.97 21.16 -14.30
CA LYS O 501 -6.64 20.86 -13.78
C LYS O 501 -6.61 20.73 -12.27
N GLY O 502 -7.76 20.80 -11.60
CA GLY O 502 -7.84 20.60 -10.17
C GLY O 502 -7.36 21.75 -9.31
N ILE O 503 -7.88 22.96 -9.57
CA ILE O 503 -7.46 24.15 -8.82
C ILE O 503 -7.96 24.09 -7.38
N LYS O 504 -9.11 23.44 -7.13
CA LYS O 504 -9.66 23.35 -5.77
C LYS O 504 -8.75 22.57 -4.85
N GLU O 505 -8.22 21.45 -5.32
CA GLU O 505 -7.32 20.63 -4.51
C GLU O 505 -5.93 21.23 -4.43
N GLU O 506 -5.47 21.90 -5.48
CA GLU O 506 -4.11 22.47 -5.49
C GLU O 506 -3.98 23.62 -4.50
N LEU O 507 -4.98 24.49 -4.41
CA LEU O 507 -4.93 25.63 -3.49
C LEU O 507 -5.58 25.34 -2.14
N GLY O 508 -6.13 24.15 -1.94
CA GLY O 508 -6.78 23.80 -0.68
C GLY O 508 -8.04 24.56 -0.35
N LEU O 509 -8.88 24.84 -1.34
CA LEU O 509 -10.10 25.59 -1.11
C LEU O 509 -11.20 24.68 -0.56
N GLU O 510 -11.98 25.21 0.38
CA GLU O 510 -13.08 24.46 0.97
C GLU O 510 -14.45 24.90 0.49
N ARG O 511 -14.57 26.04 -0.18
CA ARG O 511 -15.82 26.47 -0.80
C ARG O 511 -16.17 25.58 -1.99
N GLN O 512 -17.41 25.66 -2.45
CA GLN O 512 -17.79 25.06 -3.73
C GLN O 512 -17.09 25.79 -4.87
N VAL O 513 -16.59 25.04 -5.84
CA VAL O 513 -15.90 25.59 -7.00
C VAL O 513 -16.60 25.10 -8.27
N LEU O 514 -17.06 26.03 -9.09
CA LEU O 514 -17.83 25.74 -10.29
C LEU O 514 -17.31 26.50 -11.49
N PRO O 515 -17.39 25.92 -12.69
CA PRO O 515 -16.88 26.61 -13.90
C PRO O 515 -17.92 27.45 -14.63
N VAL O 516 -17.44 28.54 -15.24
CA VAL O 516 -18.28 29.34 -16.12
C VAL O 516 -18.30 28.73 -17.52
N LYS O 517 -19.36 29.02 -18.28
CA LYS O 517 -19.51 28.43 -19.61
C LYS O 517 -20.48 29.27 -20.46
N ASN O 518 -20.39 29.05 -21.78
CA ASN O 518 -21.22 29.72 -22.81
C ASN O 518 -21.05 31.25 -22.78
N CYS O 519 -19.79 31.69 -22.81
CA CYS O 519 -19.49 33.13 -22.79
C CYS O 519 -19.31 33.74 -24.18
N ARG O 520 -18.99 32.94 -25.19
CA ARG O 520 -18.55 33.47 -26.48
C ARG O 520 -19.64 33.48 -27.55
N ASN O 521 -20.74 32.76 -27.37
CA ASN O 521 -21.77 32.66 -28.40
C ASN O 521 -23.04 33.46 -28.06
N ILE O 522 -22.88 34.56 -27.33
CA ILE O 522 -24.02 35.39 -26.94
C ILE O 522 -23.85 36.78 -27.54
N THR O 523 -24.98 37.40 -27.90
CA THR O 523 -25.00 38.76 -28.41
C THR O 523 -26.00 39.62 -27.63
N LYS O 524 -26.27 40.82 -28.14
CA LYS O 524 -27.27 41.72 -27.56
C LYS O 524 -28.66 41.10 -27.54
N LYS O 525 -28.97 40.23 -28.50
CA LYS O 525 -30.26 39.55 -28.56
C LYS O 525 -30.48 38.54 -27.44
N ASP O 526 -29.45 38.17 -26.70
CA ASP O 526 -29.61 37.26 -25.57
C ASP O 526 -29.96 37.95 -24.27
N MET O 527 -30.00 39.28 -24.23
CA MET O 527 -30.36 40.01 -23.02
C MET O 527 -31.87 40.05 -22.87
N GLN O 528 -32.37 39.61 -21.72
CA GLN O 528 -33.80 39.55 -21.47
C GLN O 528 -34.39 40.93 -21.28
N PHE O 529 -35.43 41.25 -22.07
CA PHE O 529 -36.21 42.48 -22.05
C PHE O 529 -35.42 43.76 -22.41
N ASN O 530 -34.12 43.63 -22.69
CA ASN O 530 -33.32 44.78 -23.12
C ASN O 530 -32.45 44.31 -24.30
N ASP O 531 -33.05 44.24 -25.47
CA ASP O 531 -32.38 43.64 -26.62
C ASP O 531 -32.45 44.51 -27.85
N THR O 532 -32.69 45.80 -27.69
CA THR O 532 -32.84 46.74 -28.79
C THR O 532 -31.50 47.05 -29.44
N THR O 533 -31.45 46.94 -30.76
CA THR O 533 -30.35 47.46 -31.55
C THR O 533 -30.82 48.65 -32.38
N ALA O 534 -29.93 49.60 -32.59
CA ALA O 534 -30.25 50.81 -33.34
C ALA O 534 -28.97 51.44 -33.87
N HIS O 535 -29.15 52.47 -34.70
CA HIS O 535 -28.04 53.26 -35.21
C HIS O 535 -27.96 54.55 -34.39
N ILE O 536 -26.81 54.78 -33.76
CA ILE O 536 -26.64 55.88 -32.82
C ILE O 536 -25.56 56.82 -33.33
N GLU O 537 -25.85 58.11 -33.34
CA GLU O 537 -24.91 59.14 -33.79
C GLU O 537 -24.76 60.21 -32.72
N VAL O 538 -23.54 60.72 -32.58
CA VAL O 538 -23.21 61.80 -31.66
C VAL O 538 -22.63 62.95 -32.46
N ASN O 539 -23.18 64.14 -32.26
CA ASN O 539 -22.65 65.33 -32.93
C ASN O 539 -21.28 65.68 -32.36
N PRO O 540 -20.26 65.86 -33.20
CA PRO O 540 -18.90 66.14 -32.69
C PRO O 540 -18.73 67.49 -32.02
N GLU O 541 -19.67 68.42 -32.20
CA GLU O 541 -19.55 69.77 -31.66
C GLU O 541 -20.49 70.04 -30.50
N THR O 542 -21.77 69.75 -30.65
CA THR O 542 -22.75 70.03 -29.59
C THR O 542 -22.99 68.85 -28.66
N TYR O 543 -22.44 67.67 -28.99
CA TYR O 543 -22.56 66.42 -28.24
C TYR O 543 -24.00 65.92 -28.10
N HIS O 544 -24.89 66.31 -29.01
CA HIS O 544 -26.25 65.77 -28.99
C HIS O 544 -26.28 64.32 -29.49
N VAL O 545 -27.24 63.55 -28.99
CA VAL O 545 -27.33 62.12 -29.23
C VAL O 545 -28.59 61.83 -30.04
N PHE O 546 -28.43 61.10 -31.14
CA PHE O 546 -29.53 60.73 -32.01
C PHE O 546 -29.65 59.21 -32.12
N VAL O 547 -30.87 58.71 -32.04
CA VAL O 547 -31.18 57.29 -32.19
C VAL O 547 -32.12 57.13 -33.38
N ASP O 548 -31.60 56.54 -34.47
CA ASP O 548 -32.31 56.38 -35.75
C ASP O 548 -32.85 57.71 -36.27
N GLY O 549 -32.06 58.76 -36.13
CA GLY O 549 -32.41 60.10 -36.56
C GLY O 549 -33.08 60.97 -35.51
N LYS O 550 -33.74 60.37 -34.51
CA LYS O 550 -34.49 61.13 -33.52
C LYS O 550 -33.61 61.50 -32.33
N GLU O 551 -33.73 62.74 -31.88
CA GLU O 551 -32.97 63.19 -30.72
C GLU O 551 -33.50 62.58 -29.44
N VAL O 552 -32.60 62.21 -28.54
CA VAL O 552 -32.93 61.50 -27.31
C VAL O 552 -32.32 62.26 -26.14
N THR O 553 -33.14 62.64 -25.16
CA THR O 553 -32.68 63.38 -23.98
C THR O 553 -33.68 63.17 -22.85
N SER O 554 -33.37 63.78 -21.71
CA SER O 554 -34.28 63.80 -20.57
C SER O 554 -33.97 65.02 -19.71
N LYS O 555 -34.81 65.25 -18.69
CA LYS O 555 -34.71 66.38 -17.80
C LYS O 555 -34.13 65.97 -16.45
N PRO O 556 -33.32 66.82 -15.80
CA PRO O 556 -32.83 66.49 -14.47
C PRO O 556 -33.94 66.58 -13.43
N ALA O 557 -33.77 65.85 -12.34
CA ALA O 557 -34.75 65.76 -11.27
C ALA O 557 -34.22 66.46 -10.02
N ASN O 558 -35.12 67.14 -9.30
CA ASN O 558 -34.77 67.76 -8.03
C ASN O 558 -35.10 66.90 -6.82
N LYS O 559 -35.77 65.76 -7.02
CA LYS O 559 -36.18 64.90 -5.92
C LYS O 559 -36.35 63.49 -6.44
N VAL O 560 -35.87 62.50 -5.66
CA VAL O 560 -36.01 61.10 -6.03
C VAL O 560 -36.74 60.36 -4.91
N SER O 561 -37.32 59.23 -5.26
CA SER O 561 -37.90 58.35 -4.26
C SER O 561 -36.82 57.47 -3.65
N LEU O 562 -37.21 56.74 -2.59
CA LEU O 562 -36.37 55.76 -1.89
C LEU O 562 -35.08 56.38 -1.32
N ALA O 563 -35.07 57.66 -0.95
CA ALA O 563 -33.85 58.24 -0.41
C ALA O 563 -33.99 58.77 1.01
N GLN O 564 -34.68 59.89 1.24
CA GLN O 564 -34.60 60.52 2.56
C GLN O 564 -35.66 59.99 3.52
N LEU O 565 -36.69 59.33 3.01
CA LEU O 565 -37.71 58.72 3.84
C LEU O 565 -37.17 57.53 4.64
N PHE O 566 -36.11 56.88 4.17
CA PHE O 566 -35.71 55.58 4.68
C PHE O 566 -34.39 55.56 5.45
N SER O 567 -33.57 56.60 5.35
CA SER O 567 -32.22 56.55 5.91
C SER O 567 -31.94 57.76 6.79
N ILE O 568 -31.28 57.52 7.92
CA ILE O 568 -30.90 58.62 8.79
C ILE O 568 -29.65 59.34 8.28
N PHE O 569 -28.86 58.70 7.44
CA PHE O 569 -27.72 59.34 6.80
C PHE O 569 -27.61 58.90 5.34
N MET P 1 50.34 49.93 16.70
CA MET P 1 50.67 50.26 15.32
C MET P 1 52.12 49.96 15.00
N LYS P 2 52.37 49.48 13.77
CA LYS P 2 53.72 49.24 13.29
C LYS P 2 53.78 49.57 11.80
N LYS P 3 54.98 49.85 11.32
CA LYS P 3 55.24 50.07 9.90
C LYS P 3 55.89 48.84 9.30
N ILE P 4 55.36 48.38 8.17
CA ILE P 4 55.89 47.26 7.42
C ILE P 4 56.18 47.75 6.00
N SER P 5 57.35 47.42 5.47
CA SER P 5 57.68 47.83 4.11
C SER P 5 56.81 47.07 3.10
N ARG P 6 56.61 47.70 1.93
CA ARG P 6 55.68 47.19 0.93
C ARG P 6 56.15 45.86 0.36
N LYS P 7 57.46 45.70 0.19
CA LYS P 7 58.03 44.50 -0.42
C LYS P 7 57.79 43.26 0.43
N GLU P 8 58.02 43.36 1.73
CA GLU P 8 57.81 42.19 2.58
C GLU P 8 56.32 41.92 2.85
N TYR P 9 55.49 42.97 2.85
CA TYR P 9 54.04 42.76 2.90
C TYR P 9 53.58 41.96 1.69
N VAL P 10 54.04 42.33 0.50
CA VAL P 10 53.62 41.66 -0.73
C VAL P 10 54.15 40.23 -0.76
N SER P 11 55.38 40.02 -0.27
CA SER P 11 55.93 38.67 -0.18
C SER P 11 55.15 37.80 0.80
N MET P 12 54.54 38.39 1.83
CA MET P 12 53.74 37.57 2.72
C MET P 12 52.28 37.38 2.27
N TYR P 13 51.65 38.40 1.69
CA TYR P 13 50.20 38.36 1.47
C TYR P 13 49.77 38.63 0.03
N GLY P 14 50.68 38.87 -0.89
CA GLY P 14 50.31 39.23 -2.24
C GLY P 14 50.10 40.72 -2.41
N PRO P 15 49.88 41.17 -3.65
CA PRO P 15 49.75 42.61 -3.90
C PRO P 15 48.49 43.21 -3.30
N THR P 16 48.56 44.50 -3.00
CA THR P 16 47.43 45.23 -2.43
C THR P 16 47.13 46.47 -3.28
N THR P 17 46.30 47.37 -2.76
CA THR P 17 45.73 48.49 -3.54
C THR P 17 46.81 49.39 -4.11
N GLY P 18 46.77 49.59 -5.43
CA GLY P 18 47.74 50.38 -6.15
C GLY P 18 48.87 49.60 -6.78
N ASP P 19 49.14 48.37 -6.32
CA ASP P 19 50.19 47.56 -6.89
C ASP P 19 49.75 46.99 -8.26
N LYS P 20 50.74 46.63 -9.08
CA LYS P 20 50.50 46.18 -10.44
C LYS P 20 51.21 44.86 -10.73
N VAL P 21 50.64 44.08 -11.64
CA VAL P 21 51.19 42.78 -12.03
C VAL P 21 51.10 42.60 -13.55
N ARG P 22 52.16 42.07 -14.16
CA ARG P 22 52.17 41.70 -15.56
C ARG P 22 51.50 40.33 -15.75
N LEU P 23 50.63 40.22 -16.75
CA LEU P 23 49.94 38.96 -17.04
C LEU P 23 50.77 38.14 -18.02
N GLY P 24 51.33 37.04 -17.53
CA GLY P 24 52.13 36.14 -18.36
C GLY P 24 53.38 36.81 -18.88
N ASP P 25 53.74 36.48 -20.12
CA ASP P 25 54.82 37.16 -20.82
C ASP P 25 54.30 38.23 -21.79
N THR P 26 53.06 38.68 -21.62
CA THR P 26 52.49 39.73 -22.45
C THR P 26 52.91 41.11 -21.95
N ASP P 27 52.36 42.15 -22.58
CA ASP P 27 52.56 43.53 -22.16
C ASP P 27 51.33 44.12 -21.47
N LEU P 28 50.44 43.27 -20.96
CA LEU P 28 49.24 43.73 -20.28
C LEU P 28 49.49 43.84 -18.79
N ILE P 29 49.17 45.00 -18.22
CA ILE P 29 49.46 45.30 -16.82
C ILE P 29 48.13 45.50 -16.09
N ALA P 30 47.87 44.67 -15.09
CA ALA P 30 46.68 44.77 -14.25
C ALA P 30 47.00 45.47 -12.94
N GLU P 31 46.04 46.24 -12.44
CA GLU P 31 46.20 47.00 -11.21
C GLU P 31 45.10 46.66 -10.21
N VAL P 32 45.47 46.50 -8.94
CA VAL P 32 44.52 46.18 -7.88
C VAL P 32 43.70 47.42 -7.56
N GLU P 33 42.38 47.32 -7.69
CA GLU P 33 41.49 48.46 -7.50
C GLU P 33 41.03 48.66 -6.06
N HIS P 34 40.95 47.59 -5.27
CA HIS P 34 40.37 47.64 -3.93
C HIS P 34 40.81 46.41 -3.15
N ASP P 35 40.83 46.53 -1.81
CA ASP P 35 41.18 45.43 -0.92
C ASP P 35 40.19 45.39 0.24
N TYR P 36 39.70 44.18 0.55
CA TYR P 36 38.73 44.01 1.64
C TYR P 36 39.37 43.70 2.99
N THR P 37 40.69 43.52 3.06
CA THR P 37 41.30 43.07 4.30
C THR P 37 41.45 44.23 5.29
N ILE P 38 41.66 43.86 6.55
CA ILE P 38 42.05 44.78 7.61
C ILE P 38 43.52 44.50 7.91
N TYR P 39 44.36 45.53 7.80
CA TYR P 39 45.80 45.37 7.91
C TYR P 39 46.20 44.95 9.32
N GLY P 40 46.92 43.84 9.42
CA GLY P 40 47.25 43.23 10.70
C GLY P 40 46.38 42.06 11.10
N GLU P 41 45.32 41.77 10.36
CA GLU P 41 44.42 40.66 10.67
C GLU P 41 44.31 39.68 9.51
N GLU P 42 45.39 39.49 8.76
CA GLU P 42 45.37 38.62 7.59
C GLU P 42 45.34 37.15 7.99
N LEU P 43 44.74 36.33 7.14
CA LEU P 43 44.66 34.89 7.35
C LEU P 43 45.86 34.18 6.74
N LYS P 44 46.56 33.39 7.55
CA LYS P 44 47.70 32.59 7.10
C LYS P 44 47.60 31.20 7.73
N PHE P 45 47.92 30.16 6.96
CA PHE P 45 47.87 28.79 7.43
C PHE P 45 49.27 28.21 7.59
N GLY P 46 49.49 27.52 8.69
CA GLY P 46 50.75 26.87 8.95
C GLY P 46 51.02 26.81 10.44
N GLY P 47 52.20 26.30 10.78
CA GLY P 47 52.59 26.18 12.18
C GLY P 47 52.92 27.54 12.77
N GLY P 48 52.24 27.89 13.86
CA GLY P 48 52.41 29.18 14.47
C GLY P 48 51.69 30.34 13.80
N LYS P 49 50.88 30.07 12.78
CA LYS P 49 50.17 31.11 12.03
C LYS P 49 48.78 31.33 12.62
N THR P 50 47.91 32.03 11.89
CA THR P 50 46.67 32.52 12.48
C THR P 50 45.47 31.57 12.36
N LEU P 51 45.47 30.64 11.40
CA LEU P 51 44.30 29.78 11.19
C LEU P 51 44.34 28.57 12.12
N ARG P 52 44.19 28.85 13.41
CA ARG P 52 44.26 27.85 14.47
C ARG P 52 43.08 28.05 15.41
N GLU P 53 42.81 27.03 16.23
CA GLU P 53 41.61 27.02 17.06
C GLU P 53 41.66 28.12 18.12
N GLY P 54 40.56 28.86 18.23
CA GLY P 54 40.48 29.98 19.14
C GLY P 54 41.07 31.28 18.65
N MET P 55 41.69 31.31 17.47
CA MET P 55 42.29 32.54 16.97
C MET P 55 41.59 33.07 15.72
N SER P 56 41.68 32.38 14.58
CA SER P 56 40.88 32.72 13.41
C SER P 56 39.92 31.62 13.02
N GLN P 57 40.11 30.40 13.52
CA GLN P 57 39.09 29.37 13.49
C GLN P 57 38.26 29.51 14.76
N SER P 58 36.97 29.74 14.60
CA SER P 58 36.09 30.00 15.72
C SER P 58 35.80 28.73 16.51
N ASN P 59 35.75 28.86 17.84
CA ASN P 59 35.20 27.84 18.70
C ASN P 59 33.69 28.00 18.92
N ASN P 60 33.11 29.12 18.50
CA ASN P 60 31.66 29.34 18.53
C ASN P 60 31.20 29.89 17.17
N PRO P 61 31.26 29.08 16.12
CA PRO P 61 31.00 29.59 14.77
C PRO P 61 29.53 29.83 14.52
N SER P 62 29.25 30.60 13.47
CA SER P 62 27.87 30.82 13.06
C SER P 62 27.29 29.54 12.45
N LYS P 63 25.97 29.52 12.34
CA LYS P 63 25.30 28.36 11.73
C LYS P 63 25.48 28.31 10.21
N GLU P 64 26.03 29.35 9.60
CA GLU P 64 26.37 29.39 8.17
C GLU P 64 27.86 29.13 7.94
N GLU P 65 28.44 28.23 8.72
CA GLU P 65 29.87 27.94 8.71
C GLU P 65 30.35 27.41 7.35
N LEU P 66 31.49 27.90 6.89
CA LEU P 66 32.01 27.61 5.55
C LEU P 66 32.58 26.19 5.44
N ASP P 67 32.50 25.62 4.24
CA ASP P 67 33.16 24.36 3.94
C ASP P 67 34.60 24.54 3.44
N LEU P 68 34.90 25.68 2.81
CA LEU P 68 36.22 25.94 2.25
C LEU P 68 36.43 27.45 2.14
N ILE P 69 37.64 27.92 2.42
CA ILE P 69 37.98 29.32 2.26
C ILE P 69 39.29 29.47 1.47
N ILE P 70 39.29 30.35 0.48
CA ILE P 70 40.48 30.71 -0.29
C ILE P 70 40.97 32.05 0.24
N THR P 71 42.17 32.08 0.80
CA THR P 71 42.68 33.26 1.51
C THR P 71 43.56 34.11 0.60
N ASN P 72 43.38 35.44 0.68
CA ASN P 72 44.25 36.45 0.04
C ASN P 72 44.30 36.29 -1.48
N ALA P 73 43.16 36.08 -2.11
CA ALA P 73 43.09 35.87 -3.55
C ALA P 73 43.01 37.21 -4.30
N LEU P 74 43.63 37.27 -5.48
CA LEU P 74 43.46 38.38 -6.41
C LEU P 74 42.42 37.96 -7.45
N ILE P 75 41.23 38.55 -7.36
CA ILE P 75 40.12 38.20 -8.24
C ILE P 75 40.20 39.04 -9.51
N VAL P 76 40.13 38.38 -10.67
CA VAL P 76 40.07 39.05 -11.96
C VAL P 76 38.76 38.63 -12.63
N ASP P 77 37.84 39.59 -12.77
CA ASP P 77 36.47 39.31 -13.21
C ASP P 77 35.98 40.52 -13.99
N TYR P 78 34.86 40.33 -14.71
CA TYR P 78 34.25 41.47 -15.40
C TYR P 78 33.68 42.49 -14.43
N THR P 79 33.39 42.08 -13.19
CA THR P 79 32.92 43.00 -12.16
C THR P 79 34.05 43.79 -11.48
N GLY P 80 35.31 43.42 -11.67
CA GLY P 80 36.40 44.19 -11.11
C GLY P 80 37.63 43.35 -10.86
N ILE P 81 38.72 44.04 -10.53
CA ILE P 81 40.02 43.44 -10.22
C ILE P 81 40.40 43.89 -8.80
N TYR P 82 40.35 42.96 -7.84
CA TYR P 82 40.44 43.32 -6.42
C TYR P 82 40.88 42.13 -5.59
N LYS P 83 41.29 42.42 -4.35
CA LYS P 83 41.78 41.41 -3.39
C LYS P 83 40.72 41.10 -2.34
N ALA P 84 40.48 39.81 -2.10
CA ALA P 84 39.50 39.37 -1.12
C ALA P 84 39.75 37.92 -0.74
N ASP P 85 39.05 37.46 0.29
CA ASP P 85 38.92 36.04 0.60
C ASP P 85 37.60 35.52 0.04
N ILE P 86 37.60 34.28 -0.45
CA ILE P 86 36.44 33.67 -1.09
C ILE P 86 35.97 32.49 -0.26
N GLY P 87 34.70 32.48 0.11
CA GLY P 87 34.11 31.41 0.91
C GLY P 87 33.13 30.56 0.10
N ILE P 88 33.21 29.25 0.29
CA ILE P 88 32.41 28.28 -0.43
C ILE P 88 31.62 27.43 0.56
N LYS P 89 30.31 27.28 0.32
CA LYS P 89 29.44 26.42 1.11
C LYS P 89 28.44 25.73 0.20
N ASP P 90 28.38 24.39 0.31
CA ASP P 90 27.40 23.53 -0.38
C ASP P 90 27.45 23.72 -1.90
N GLY P 91 28.66 23.75 -2.46
CA GLY P 91 28.84 23.87 -3.89
C GLY P 91 28.62 25.25 -4.47
N LYS P 92 28.37 26.27 -3.64
CA LYS P 92 28.11 27.62 -4.10
C LYS P 92 29.12 28.59 -3.48
N ILE P 93 29.29 29.73 -4.14
CA ILE P 93 30.05 30.83 -3.57
C ILE P 93 29.18 31.49 -2.50
N ALA P 94 29.61 31.41 -1.25
CA ALA P 94 28.81 31.90 -0.14
C ALA P 94 29.14 33.33 0.26
N GLY P 95 30.38 33.77 0.08
CA GLY P 95 30.77 35.10 0.50
C GLY P 95 32.08 35.53 -0.13
N ILE P 96 32.19 36.83 -0.37
CA ILE P 96 33.42 37.45 -0.87
C ILE P 96 33.70 38.64 0.02
N GLY P 97 34.81 38.59 0.76
CA GLY P 97 35.10 39.63 1.74
C GLY P 97 36.27 39.33 2.66
N LYS P 98 36.10 39.51 3.97
CA LYS P 98 37.23 39.42 4.89
C LYS P 98 37.40 38.03 5.50
N GLY P 99 36.41 37.54 6.25
CA GLY P 99 36.51 36.19 6.79
C GLY P 99 37.40 36.01 8.02
N GLY P 100 36.99 35.16 8.94
CA GLY P 100 37.76 34.91 10.15
C GLY P 100 36.85 34.50 11.30
N ASN P 101 37.19 34.96 12.50
CA ASN P 101 36.50 34.61 13.74
C ASN P 101 36.07 35.89 14.44
N LYS P 102 34.76 36.08 14.58
CA LYS P 102 34.20 37.28 15.22
C LYS P 102 34.52 37.36 16.71
N ASP P 103 34.85 36.24 17.34
CA ASP P 103 35.24 36.26 18.76
C ASP P 103 36.55 37.01 18.99
N MET P 104 37.43 37.06 17.98
CA MET P 104 38.75 37.66 18.15
C MET P 104 39.09 38.76 17.13
N GLN P 105 38.28 38.98 16.09
CA GLN P 105 38.60 39.92 15.02
C GLN P 105 37.39 40.78 14.70
N ASP P 106 37.64 41.95 14.11
CA ASP P 106 36.62 42.99 14.04
C ASP P 106 35.58 42.74 12.95
N GLY P 107 35.96 42.83 11.68
CA GLY P 107 34.96 42.94 10.62
C GLY P 107 34.49 41.67 9.95
N VAL P 108 34.01 40.69 10.70
CA VAL P 108 33.66 39.37 10.17
C VAL P 108 32.14 39.22 10.15
N LYS P 109 31.57 39.07 8.96
CA LYS P 109 30.13 38.83 8.82
C LYS P 109 29.83 37.33 8.94
N ASN P 110 28.53 37.03 9.13
CA ASN P 110 28.09 35.67 9.44
C ASN P 110 28.34 34.69 8.30
N ASN P 111 28.24 35.15 7.06
CA ASN P 111 28.43 34.26 5.90
C ASN P 111 29.90 34.00 5.58
N LEU P 112 30.85 34.59 6.30
CA LEU P 112 32.27 34.31 6.12
C LEU P 112 32.92 33.77 7.39
N SER P 113 32.15 33.05 8.20
CA SER P 113 32.65 32.50 9.45
C SER P 113 33.47 31.25 9.20
N VAL P 114 34.67 31.20 9.78
CA VAL P 114 35.57 30.07 9.69
C VAL P 114 35.43 29.22 10.95
N GLY P 115 35.20 27.92 10.78
CA GLY P 115 35.03 27.04 11.91
C GLY P 115 35.71 25.70 11.78
N PRO P 116 35.38 24.77 12.68
CA PRO P 116 35.98 23.41 12.62
C PRO P 116 35.65 22.62 11.37
N ALA P 117 34.55 22.93 10.67
CA ALA P 117 34.22 22.22 9.44
C ALA P 117 34.93 22.78 8.21
N THR P 118 35.73 23.83 8.34
CA THR P 118 36.31 24.53 7.20
C THR P 118 37.68 23.97 6.83
N GLU P 119 37.92 23.81 5.52
CA GLU P 119 39.22 23.53 4.93
C GLU P 119 39.81 24.82 4.33
N ALA P 120 41.14 24.92 4.34
CA ALA P 120 41.85 26.11 3.90
C ALA P 120 42.64 25.88 2.61
N LEU P 121 42.66 26.89 1.74
CA LEU P 121 43.43 26.90 0.51
C LEU P 121 44.12 28.25 0.37
N ALA P 122 45.45 28.24 0.22
CA ALA P 122 46.23 29.48 0.21
C ALA P 122 46.26 30.08 -1.18
N GLY P 123 45.69 31.28 -1.33
CA GLY P 123 45.71 31.98 -2.59
C GLY P 123 46.60 33.20 -2.67
N GLU P 124 47.51 33.41 -1.72
CA GLU P 124 48.37 34.59 -1.73
C GLU P 124 49.37 34.50 -2.88
N GLY P 125 49.43 35.56 -3.68
CA GLY P 125 50.23 35.59 -4.89
C GLY P 125 49.60 34.95 -6.11
N LEU P 126 48.34 34.51 -6.04
CA LEU P 126 47.69 33.82 -7.13
C LEU P 126 46.46 34.60 -7.61
N ILE P 127 46.01 34.25 -8.82
CA ILE P 127 44.87 34.90 -9.47
C ILE P 127 43.74 33.88 -9.58
N VAL P 128 42.52 34.30 -9.23
CA VAL P 128 41.31 33.49 -9.37
C VAL P 128 40.43 34.11 -10.45
N THR P 129 40.02 33.29 -11.43
CA THR P 129 38.99 33.65 -12.41
C THR P 129 37.90 32.59 -12.44
N ALA P 130 36.79 32.93 -13.08
CA ALA P 130 35.76 31.97 -13.39
C ALA P 130 36.23 31.00 -14.48
N GLY P 131 35.64 29.81 -14.49
CA GLY P 131 35.92 28.86 -15.57
C GLY P 131 35.40 29.34 -16.91
N GLY P 132 36.11 28.97 -17.98
CA GLY P 132 35.70 29.36 -19.31
C GLY P 132 34.53 28.54 -19.83
N ILE P 133 33.83 29.13 -20.81
CA ILE P 133 32.64 28.52 -21.41
C ILE P 133 32.82 28.51 -22.93
N ASP P 134 32.87 27.32 -23.52
CA ASP P 134 33.08 27.13 -24.96
C ASP P 134 31.77 26.69 -25.59
N THR P 135 31.29 27.47 -26.57
CA THR P 135 29.96 27.27 -27.14
C THR P 135 29.96 26.74 -28.57
N HIS P 136 31.09 26.29 -29.09
CA HIS P 136 31.19 25.82 -30.48
C HIS P 136 31.93 24.47 -30.51
N ILE P 137 31.44 23.50 -29.76
CA ILE P 137 32.07 22.19 -29.66
C ILE P 137 31.44 21.23 -30.68
N HIS P 138 32.28 20.61 -31.50
CA HIS P 138 31.90 19.42 -32.24
C HIS P 138 32.27 18.19 -31.40
N PHE P 139 31.28 17.41 -31.00
CA PHE P 139 31.53 16.24 -30.14
C PHE P 139 32.01 15.06 -31.00
N ILE P 140 33.24 15.19 -31.48
CA ILE P 140 33.85 14.21 -32.38
C ILE P 140 34.51 13.08 -31.60
N SER P 141 35.25 13.40 -30.55
CA SER P 141 35.88 12.40 -29.69
C SER P 141 35.80 12.80 -28.22
N PRO P 142 35.64 11.82 -27.31
CA PRO P 142 35.61 12.15 -25.88
C PRO P 142 36.91 12.73 -25.33
N GLN P 143 38.04 12.51 -26.01
CA GLN P 143 39.33 12.99 -25.55
C GLN P 143 39.48 14.51 -25.66
N GLN P 144 38.56 15.20 -26.34
CA GLN P 144 38.53 16.67 -26.34
C GLN P 144 38.29 17.22 -24.93
N ILE P 145 37.47 16.52 -24.14
CA ILE P 145 37.04 17.05 -22.84
C ILE P 145 38.18 17.20 -21.82
N PRO P 146 39.06 16.20 -21.60
CA PRO P 146 40.21 16.48 -20.71
C PRO P 146 41.19 17.52 -21.25
N THR P 147 41.33 17.64 -22.56
CA THR P 147 42.19 18.68 -23.15
C THR P 147 41.64 20.07 -22.85
N ALA P 148 40.32 20.25 -22.99
CA ALA P 148 39.71 21.53 -22.66
C ALA P 148 39.76 21.82 -21.16
N PHE P 149 39.60 20.78 -20.33
CA PHE P 149 39.60 20.94 -18.88
C PHE P 149 40.96 21.43 -18.36
N ALA P 150 42.04 20.88 -18.91
CA ALA P 150 43.38 21.29 -18.48
C ALA P 150 43.75 22.70 -18.93
N SER P 151 43.08 23.24 -19.95
CA SER P 151 43.34 24.61 -20.38
C SER P 151 42.54 25.65 -19.59
N GLY P 152 41.58 25.23 -18.77
CA GLY P 152 40.79 26.14 -17.98
C GLY P 152 39.34 26.34 -18.38
N VAL P 153 38.77 25.44 -19.20
CA VAL P 153 37.38 25.51 -19.62
C VAL P 153 36.57 24.53 -18.78
N THR P 154 35.46 25.00 -18.20
CA THR P 154 34.63 24.15 -17.34
C THR P 154 33.20 23.95 -17.82
N THR P 155 32.79 24.52 -18.95
CA THR P 155 31.49 24.26 -19.55
C THR P 155 31.66 24.11 -21.07
N MET P 156 31.07 23.07 -21.66
CA MET P 156 31.13 22.83 -23.10
C MET P 156 29.72 22.67 -23.66
N ILE P 157 29.39 23.48 -24.67
CA ILE P 157 28.10 23.45 -25.33
C ILE P 157 28.33 23.20 -26.83
N GLY P 158 27.62 22.22 -27.38
CA GLY P 158 27.73 21.88 -28.79
C GLY P 158 26.82 20.75 -29.22
N GLY P 159 27.24 19.94 -30.19
CA GLY P 159 26.43 18.83 -30.65
C GLY P 159 27.24 17.80 -31.39
N GLY P 160 26.69 16.60 -31.49
CA GLY P 160 27.31 15.55 -32.28
C GLY P 160 27.07 14.18 -31.67
N THR P 161 27.55 13.15 -32.40
CA THR P 161 27.36 11.76 -32.02
C THR P 161 28.64 10.93 -32.08
N GLY P 162 29.81 11.55 -32.18
CA GLY P 162 31.04 10.82 -32.39
C GLY P 162 31.61 11.08 -33.77
N PRO P 163 32.49 10.23 -34.27
CA PRO P 163 33.25 10.56 -35.49
C PRO P 163 32.51 10.35 -36.81
N ALA P 164 31.18 10.36 -36.81
CA ALA P 164 30.41 10.29 -38.05
C ALA P 164 30.60 11.56 -38.89
N ASP P 165 30.29 11.43 -40.18
CA ASP P 165 30.53 12.53 -41.13
C ASP P 165 29.65 13.73 -40.88
N GLY P 166 28.43 13.52 -40.37
CA GLY P 166 27.58 14.65 -40.00
C GLY P 166 28.12 15.46 -38.85
N THR P 167 28.70 14.79 -37.84
CA THR P 167 29.29 15.49 -36.71
C THR P 167 30.61 16.16 -37.09
N ASN P 168 31.37 15.54 -38.02
CA ASN P 168 32.64 16.12 -38.48
C ASN P 168 32.45 17.48 -39.14
N ALA P 169 31.26 17.74 -39.69
CA ALA P 169 30.93 19.02 -40.29
C ALA P 169 30.11 19.94 -39.38
N THR P 170 29.17 19.41 -38.58
CA THR P 170 28.15 20.22 -37.91
C THR P 170 28.08 19.91 -36.42
N THR P 171 27.65 20.90 -35.63
CA THR P 171 27.45 20.76 -34.18
C THR P 171 26.00 20.37 -33.87
N ILE P 172 25.62 19.16 -34.29
CA ILE P 172 24.22 18.75 -34.26
C ILE P 172 24.09 17.33 -33.68
N THR P 173 23.23 17.18 -32.69
CA THR P 173 22.78 15.88 -32.19
C THR P 173 21.33 15.67 -32.62
N PRO P 174 21.06 14.92 -33.70
CA PRO P 174 19.71 14.90 -34.27
C PRO P 174 18.76 13.87 -33.65
N GLY P 175 17.63 14.34 -33.13
CA GLY P 175 16.54 13.46 -32.74
C GLY P 175 16.62 12.99 -31.30
N ARG P 176 15.46 12.50 -30.83
CA ARG P 176 15.27 12.10 -29.44
C ARG P 176 16.17 10.94 -29.02
N ARG P 177 16.32 9.93 -29.89
CA ARG P 177 17.12 8.75 -29.54
C ARG P 177 18.61 9.09 -29.43
N ASN P 178 19.13 9.89 -30.38
CA ASN P 178 20.53 10.29 -30.31
C ASN P 178 20.79 11.23 -29.13
N LEU P 179 19.82 12.07 -28.80
CA LEU P 179 19.92 12.90 -27.58
C LEU P 179 19.97 12.04 -26.33
N LYS P 180 19.18 10.95 -26.29
CA LYS P 180 19.23 10.02 -25.16
C LYS P 180 20.61 9.36 -25.03
N TRP P 181 21.19 8.95 -26.17
CA TRP P 181 22.55 8.38 -26.18
C TRP P 181 23.56 9.34 -25.58
N MET P 182 23.57 10.60 -26.04
CA MET P 182 24.59 11.55 -25.58
C MET P 182 24.37 11.96 -24.12
N LEU P 183 23.10 12.12 -23.70
CA LEU P 183 22.82 12.48 -22.30
C LEU P 183 23.22 11.35 -21.35
N ARG P 184 23.03 10.09 -21.74
CA ARG P 184 23.45 9.01 -20.87
C ARG P 184 24.97 8.82 -20.90
N ALA P 185 25.63 9.12 -22.02
CA ALA P 185 27.09 9.07 -22.04
C ALA P 185 27.73 10.18 -21.22
N ALA P 186 27.02 11.31 -21.06
CA ALA P 186 27.56 12.49 -20.38
C ALA P 186 27.86 12.26 -18.89
N GLU P 187 27.32 11.20 -18.28
CA GLU P 187 27.57 10.88 -16.88
C GLU P 187 29.02 10.52 -16.57
N GLU P 188 29.84 10.27 -17.60
CA GLU P 188 31.24 9.90 -17.42
C GLU P 188 32.11 11.08 -16.95
N TYR P 189 31.82 12.30 -17.39
CA TYR P 189 32.86 13.32 -17.54
C TYR P 189 32.85 14.38 -16.44
N SER P 190 34.01 15.06 -16.30
CA SER P 190 34.19 16.20 -15.40
C SER P 190 34.12 17.49 -16.22
N MET P 191 32.89 17.91 -16.55
CA MET P 191 32.60 19.06 -17.41
C MET P 191 31.09 19.30 -17.37
N ASN P 192 30.68 20.55 -17.24
CA ASN P 192 29.28 20.91 -17.50
C ASN P 192 28.99 20.82 -18.99
N LEU P 193 27.83 20.26 -19.36
CA LEU P 193 27.54 19.94 -20.76
C LEU P 193 26.11 20.34 -21.16
N GLY P 194 25.96 20.71 -22.43
CA GLY P 194 24.65 20.96 -23.03
C GLY P 194 24.68 20.72 -24.52
N PHE P 195 23.56 20.24 -25.06
CA PHE P 195 23.52 19.72 -26.43
C PHE P 195 22.55 20.49 -27.32
N LEU P 196 22.95 20.70 -28.58
CA LEU P 196 22.16 21.38 -29.59
C LEU P 196 21.55 20.37 -30.57
N ALA P 197 20.34 20.68 -31.05
CA ALA P 197 19.58 19.81 -31.94
C ALA P 197 19.61 20.32 -33.39
N LYS P 198 18.99 19.56 -34.29
CA LYS P 198 18.97 19.91 -35.71
C LYS P 198 17.87 20.93 -35.99
N GLY P 199 18.26 22.09 -36.52
CA GLY P 199 17.31 23.12 -36.87
C GLY P 199 16.92 23.17 -38.33
N ASN P 200 17.59 22.36 -39.16
CA ASN P 200 17.37 22.35 -40.62
C ASN P 200 16.18 21.46 -40.97
N THR P 201 14.98 21.96 -40.71
CA THR P 201 13.75 21.34 -41.17
C THR P 201 12.64 22.38 -41.20
N SER P 202 11.60 22.09 -41.99
CA SER P 202 10.40 22.92 -42.01
C SER P 202 9.21 22.25 -41.34
N ASN P 203 9.44 21.17 -40.58
CA ASN P 203 8.39 20.47 -39.86
C ASN P 203 8.42 20.92 -38.40
N ASP P 204 7.35 21.60 -37.96
CA ASP P 204 7.31 22.19 -36.62
C ASP P 204 7.26 21.11 -35.53
N ALA P 205 6.57 20.01 -35.80
CA ALA P 205 6.47 18.93 -34.82
C ALA P 205 7.81 18.24 -34.58
N SER P 206 8.61 18.06 -35.64
CA SER P 206 9.94 17.50 -35.49
C SER P 206 10.86 18.44 -34.71
N LEU P 207 10.73 19.75 -34.93
CA LEU P 207 11.52 20.72 -34.19
C LEU P 207 11.16 20.71 -32.70
N ALA P 208 9.87 20.66 -32.39
CA ALA P 208 9.42 20.74 -31.00
C ALA P 208 9.78 19.47 -30.21
N ASP P 209 9.76 18.30 -30.85
CA ASP P 209 10.02 17.06 -30.12
C ASP P 209 11.47 16.97 -29.65
N GLN P 210 12.42 17.55 -30.40
CA GLN P 210 13.82 17.56 -29.98
C GLN P 210 14.03 18.41 -28.73
N ILE P 211 13.32 19.55 -28.63
CA ILE P 211 13.44 20.40 -27.45
C ILE P 211 12.88 19.70 -26.22
N GLU P 212 11.75 19.00 -26.37
CA GLU P 212 11.18 18.23 -25.27
C GLU P 212 12.04 17.03 -24.90
N ALA P 213 12.88 16.55 -25.80
CA ALA P 213 13.78 15.43 -25.51
C ALA P 213 15.05 15.86 -24.80
N GLY P 214 15.27 17.15 -24.58
CA GLY P 214 16.37 17.58 -23.74
C GLY P 214 17.36 18.59 -24.30
N ALA P 215 17.21 18.99 -25.56
CA ALA P 215 18.16 19.93 -26.16
C ALA P 215 17.96 21.35 -25.63
N ILE P 216 19.05 22.13 -25.61
CA ILE P 216 19.01 23.51 -25.15
C ILE P 216 18.92 24.52 -26.29
N GLY P 217 18.84 24.06 -27.53
CA GLY P 217 18.74 24.97 -28.66
C GLY P 217 18.92 24.26 -29.98
N PHE P 218 18.94 25.05 -31.05
CA PHE P 218 19.14 24.55 -32.40
C PHE P 218 20.43 25.07 -33.06
N ILE P 220 21.65 25.63 -37.07
CA ILE P 220 21.29 25.60 -38.48
C ILE P 220 22.56 25.63 -39.32
N HIS P 221 22.82 24.59 -40.10
CA HIS P 221 24.08 24.44 -40.80
C HIS P 221 23.84 24.18 -42.28
N GLU P 222 24.69 24.79 -43.12
CA GLU P 222 24.48 24.77 -44.56
C GLU P 222 24.65 23.38 -45.18
N ASP P 223 25.36 22.47 -44.52
CA ASP P 223 25.49 21.11 -45.04
C ASP P 223 24.20 20.31 -44.91
N TRP P 224 23.32 20.65 -43.96
CA TRP P 224 21.97 20.10 -43.93
C TRP P 224 20.96 21.01 -44.65
N GLY P 225 21.41 22.15 -45.17
CA GLY P 225 20.59 23.04 -45.97
C GLY P 225 20.05 24.23 -45.21
N THR P 226 20.71 25.38 -45.31
CA THR P 226 20.28 26.60 -44.64
C THR P 226 19.50 27.42 -45.68
N THR P 227 18.19 27.25 -45.67
CA THR P 227 17.26 27.99 -46.50
C THR P 227 16.46 28.96 -45.65
N PRO P 228 15.89 30.01 -46.24
CA PRO P 228 15.04 30.94 -45.45
C PRO P 228 13.84 30.30 -44.78
N SER P 229 13.26 29.26 -45.39
CA SER P 229 12.12 28.54 -44.80
C SER P 229 12.50 27.88 -43.48
N ALA P 230 13.65 27.17 -43.46
CA ALA P 230 14.10 26.49 -42.26
C ALA P 230 14.46 27.47 -41.15
N ILE P 231 15.07 28.60 -41.51
CA ILE P 231 15.39 29.66 -40.55
C ILE P 231 14.14 30.19 -39.89
N ASN P 232 13.10 30.44 -40.70
CA ASN P 232 11.84 30.98 -40.21
C ASN P 232 11.14 30.01 -39.25
N HIS P 233 11.05 28.72 -39.63
CA HIS P 233 10.38 27.73 -38.79
C HIS P 233 11.13 27.49 -37.47
N ALA P 234 12.47 27.43 -37.52
CA ALA P 234 13.26 27.19 -36.32
C ALA P 234 13.14 28.36 -35.34
N LEU P 235 13.15 29.59 -35.85
CA LEU P 235 12.99 30.75 -34.97
C LEU P 235 11.59 30.81 -34.36
N ASP P 236 10.57 30.40 -35.12
CA ASP P 236 9.21 30.34 -34.56
C ASP P 236 9.11 29.36 -33.40
N VAL P 237 9.71 28.17 -33.53
CA VAL P 237 9.64 27.19 -32.43
C VAL P 237 10.48 27.65 -31.24
N ALA P 238 11.65 28.24 -31.49
CA ALA P 238 12.52 28.69 -30.41
C ALA P 238 11.93 29.86 -29.63
N ASP P 239 11.09 30.69 -30.27
CA ASP P 239 10.36 31.72 -29.55
C ASP P 239 9.40 31.10 -28.53
N LYS P 240 8.76 29.99 -28.88
CA LYS P 240 7.82 29.36 -27.98
C LYS P 240 8.50 28.58 -26.85
N TYR P 241 9.69 28.03 -27.07
CA TYR P 241 10.30 27.20 -26.04
C TYR P 241 11.42 27.87 -25.23
N ASP P 242 11.74 29.15 -25.50
CA ASP P 242 12.78 29.93 -24.80
C ASP P 242 14.15 29.24 -24.85
N VAL P 243 14.62 28.99 -26.08
CA VAL P 243 15.97 28.44 -26.31
C VAL P 243 16.64 29.27 -27.41
N GLN P 244 17.95 29.11 -27.51
CA GLN P 244 18.80 29.88 -28.42
C GLN P 244 18.95 29.18 -29.78
N VAL P 245 19.24 29.97 -30.83
CA VAL P 245 19.51 29.46 -32.17
C VAL P 245 20.90 29.92 -32.61
N ALA P 246 21.68 29.01 -33.19
CA ALA P 246 22.96 29.30 -33.81
C ALA P 246 22.93 28.95 -35.30
N ILE P 247 23.72 29.68 -36.10
CA ILE P 247 23.63 29.54 -37.56
C ILE P 247 25.02 29.55 -38.23
N HIS P 248 25.19 28.66 -39.20
CA HIS P 248 26.24 28.68 -40.23
C HIS P 248 25.51 28.91 -41.54
N THR P 249 25.72 30.08 -42.16
CA THR P 249 24.90 30.50 -43.28
C THR P 249 25.40 29.94 -44.63
N ASP P 250 24.61 30.21 -45.67
CA ASP P 250 24.80 29.64 -47.01
C ASP P 250 25.98 30.30 -47.71
N THR P 251 27.10 29.57 -47.80
CA THR P 251 28.31 30.09 -48.44
C THR P 251 28.13 30.28 -49.94
N LEU P 252 27.42 29.37 -50.60
CA LEU P 252 27.30 29.34 -52.04
C LEU P 252 26.31 30.36 -52.60
N ASN P 253 25.59 31.09 -51.74
CA ASN P 253 24.52 32.04 -52.10
C ASN P 253 23.44 31.37 -52.96
N GLU P 254 23.11 30.12 -52.63
CA GLU P 254 22.29 29.28 -53.50
C GLU P 254 20.83 29.76 -53.53
N ALA P 255 20.25 30.05 -52.37
CA ALA P 255 18.88 30.51 -52.29
C ALA P 255 18.75 32.01 -52.12
N GLY P 256 19.85 32.71 -51.88
CA GLY P 256 19.82 34.13 -51.63
C GLY P 256 21.13 34.60 -51.04
N CYS P 257 21.22 35.92 -50.87
CA CYS P 257 22.40 36.58 -50.33
C CYS P 257 22.20 36.87 -48.83
N VAL P 258 23.10 37.69 -48.26
CA VAL P 258 23.11 37.92 -46.82
C VAL P 258 21.86 38.70 -46.37
N GLU P 259 21.38 39.63 -47.20
CA GLU P 259 20.18 40.39 -46.83
C GLU P 259 18.92 39.53 -46.85
N ASP P 260 18.89 38.48 -47.67
CA ASP P 260 17.78 37.54 -47.65
C ASP P 260 17.78 36.70 -46.37
N THR P 261 18.96 36.29 -45.90
CA THR P 261 19.07 35.61 -44.61
C THR P 261 18.62 36.52 -43.47
N MET P 262 19.04 37.80 -43.49
CA MET P 262 18.60 38.75 -42.46
C MET P 262 17.09 39.01 -42.53
N ALA P 263 16.50 38.99 -43.73
CA ALA P 263 15.05 39.11 -43.86
C ALA P 263 14.34 37.91 -43.28
N ALA P 264 14.91 36.71 -43.45
CA ALA P 264 14.32 35.51 -42.84
C ALA P 264 14.42 35.55 -41.31
N ILE P 265 15.52 36.09 -40.78
CA ILE P 265 15.68 36.22 -39.32
C ILE P 265 14.65 37.18 -38.74
N ALA P 266 14.39 38.30 -39.43
CA ALA P 266 13.30 39.25 -39.15
C ALA P 266 13.37 39.86 -37.76
N GLY P 267 14.58 40.28 -37.36
CA GLY P 267 14.77 40.99 -36.11
C GLY P 267 14.85 40.14 -34.85
N ARG P 268 14.76 38.83 -34.95
CA ARG P 268 14.79 37.95 -33.78
C ARG P 268 16.24 37.62 -33.40
N THR P 269 16.42 37.20 -32.14
CA THR P 269 17.75 36.99 -31.57
C THR P 269 18.44 35.78 -32.20
N MET P 270 19.71 35.95 -32.60
CA MET P 270 20.47 34.90 -33.27
C MET P 270 21.95 34.99 -32.90
N HIS P 271 22.56 33.83 -32.62
CA HIS P 271 23.99 33.68 -32.37
C HIS P 271 24.66 33.21 -33.66
N THR P 272 25.63 33.97 -34.16
CA THR P 272 26.30 33.63 -35.41
C THR P 272 27.69 33.06 -35.13
N PHE P 273 27.93 31.85 -35.64
CA PHE P 273 29.25 31.22 -35.53
C PHE P 273 30.16 31.71 -36.65
N HIS P 274 31.45 31.85 -36.31
CA HIS P 274 32.58 32.25 -37.19
C HIS P 274 32.20 33.36 -38.18
N THR P 275 31.82 34.50 -37.61
CA THR P 275 31.18 35.57 -38.35
C THR P 275 32.11 36.24 -39.37
N GLU P 276 33.43 36.07 -39.22
CA GLU P 276 34.38 36.57 -40.21
C GLU P 276 34.20 35.88 -41.56
N GLY P 277 33.93 34.57 -41.54
CA GLY P 277 33.55 33.85 -42.74
C GLY P 277 34.56 32.85 -43.27
N ALA P 278 35.75 32.75 -42.67
CA ALA P 278 36.71 31.73 -43.09
C ALA P 278 36.20 30.32 -42.79
N GLY P 279 35.46 30.15 -41.70
CA GLY P 279 34.82 28.88 -41.40
C GLY P 279 33.53 28.60 -42.13
N GLY P 280 33.04 29.53 -42.93
CA GLY P 280 31.79 29.37 -43.66
C GLY P 280 30.87 30.57 -43.52
N GLY P 281 30.02 30.77 -44.54
CA GLY P 281 29.13 31.90 -44.58
C GLY P 281 29.11 32.58 -45.93
N HIS P 282 28.10 33.43 -46.18
CA HIS P 282 27.86 34.15 -47.43
C HIS P 282 29.11 34.83 -47.98
N ALA P 283 29.60 34.36 -49.11
CA ALA P 283 30.78 34.95 -49.73
C ALA P 283 30.39 36.19 -50.52
N PRO P 284 31.05 37.33 -50.30
CA PRO P 284 32.17 37.52 -49.38
C PRO P 284 31.83 38.34 -48.12
N ASP P 285 30.55 38.57 -47.84
CA ASP P 285 30.15 39.67 -46.97
C ASP P 285 29.31 39.25 -45.77
N ILE P 286 29.59 38.08 -45.17
CA ILE P 286 28.88 37.67 -43.97
C ILE P 286 29.25 38.54 -42.76
N ILE P 287 30.44 39.14 -42.77
CA ILE P 287 30.94 39.93 -41.64
C ILE P 287 30.11 41.20 -41.39
N LYS P 288 29.28 41.62 -42.34
CA LYS P 288 28.49 42.84 -42.12
C LYS P 288 27.37 42.66 -41.10
N VAL P 289 26.98 41.42 -40.76
CA VAL P 289 25.92 41.24 -39.77
C VAL P 289 26.37 41.50 -38.34
N ALA P 290 27.67 41.66 -38.11
CA ALA P 290 28.18 41.92 -36.77
C ALA P 290 27.91 43.35 -36.29
N GLY P 291 27.39 44.23 -37.14
CA GLY P 291 26.96 45.52 -36.67
C GLY P 291 25.52 45.62 -36.20
N GLU P 292 24.73 44.56 -36.35
CA GLU P 292 23.29 44.61 -36.14
C GLU P 292 22.92 44.43 -34.66
N HIS P 293 21.73 44.92 -34.30
CA HIS P 293 21.29 44.90 -32.92
C HIS P 293 20.91 43.52 -32.43
N ASN P 294 20.26 42.71 -33.28
CA ASN P 294 19.74 41.41 -32.83
C ASN P 294 20.74 40.27 -32.98
N ILE P 295 21.96 40.54 -33.43
CA ILE P 295 22.96 39.50 -33.68
C ILE P 295 23.97 39.47 -32.54
N LEU P 296 24.23 38.27 -32.01
CA LEU P 296 25.33 38.04 -31.07
C LEU P 296 26.49 37.40 -31.83
N PRO P 297 27.53 38.15 -32.20
CA PRO P 297 28.54 37.62 -33.11
C PRO P 297 29.74 36.99 -32.41
N ALA P 298 30.20 35.87 -32.97
CA ALA P 298 31.31 35.11 -32.43
C ALA P 298 32.35 34.81 -33.50
N SER P 299 33.60 34.69 -33.06
CA SER P 299 34.69 34.25 -33.92
C SER P 299 35.27 32.95 -33.36
N THR P 300 35.82 32.14 -34.24
CA THR P 300 36.51 30.93 -33.85
C THR P 300 38.01 31.16 -33.83
N ASN P 301 38.72 30.38 -33.02
CA ASN P 301 40.15 30.62 -32.79
C ASN P 301 41.20 30.42 -33.91
N PRO P 302 41.03 29.62 -34.99
CA PRO P 302 42.17 29.46 -35.91
C PRO P 302 42.51 30.70 -36.75
N THR P 303 41.63 31.70 -36.82
CA THR P 303 41.94 32.93 -37.52
C THR P 303 42.47 34.03 -36.61
N ILE P 304 42.52 33.83 -35.30
CA ILE P 304 43.08 34.84 -34.40
C ILE P 304 44.27 34.25 -33.64
N PRO P 305 45.37 35.00 -33.46
CA PRO P 305 45.64 36.28 -34.10
C PRO P 305 46.11 36.10 -35.55
N PHE P 306 46.05 37.17 -36.34
CA PHE P 306 46.44 37.13 -37.74
C PHE P 306 47.95 37.11 -37.85
N THR P 307 48.50 36.01 -38.38
CA THR P 307 49.94 35.80 -38.49
C THR P 307 50.34 35.62 -39.95
N VAL P 308 51.65 35.55 -40.19
CA VAL P 308 52.16 35.41 -41.54
C VAL P 308 51.99 34.01 -42.11
N ASN P 309 51.65 33.01 -41.29
CA ASN P 309 51.37 31.67 -41.78
C ASN P 309 49.88 31.36 -41.92
N THR P 310 49.01 32.33 -41.64
CA THR P 310 47.57 32.04 -41.50
C THR P 310 46.93 31.72 -42.85
N GLU P 311 47.22 32.55 -43.87
CA GLU P 311 46.54 32.45 -45.16
C GLU P 311 46.90 31.15 -45.89
N ALA P 312 48.18 30.82 -45.92
CA ALA P 312 48.64 29.61 -46.60
C ALA P 312 48.10 28.35 -45.93
N GLU P 313 48.10 28.32 -44.59
CA GLU P 313 47.56 27.20 -43.84
C GLU P 313 46.07 27.00 -44.12
N HIS P 314 45.30 28.10 -44.09
CA HIS P 314 43.86 27.99 -44.33
C HIS P 314 43.55 27.61 -45.78
N MET P 315 44.36 28.09 -46.74
CA MET P 315 44.17 27.73 -48.14
C MET P 315 44.42 26.25 -48.35
N ASP P 316 45.49 25.71 -47.76
CA ASP P 316 45.76 24.28 -47.93
C ASP P 316 44.76 23.42 -47.17
N MET P 317 44.21 23.92 -46.06
CA MET P 317 43.11 23.19 -45.41
C MET P 317 41.87 23.16 -46.29
N LEU P 318 41.58 24.28 -46.98
CA LEU P 318 40.43 24.32 -47.87
C LEU P 318 40.58 23.39 -49.07
N MET P 319 41.80 23.28 -49.60
CA MET P 319 42.02 22.39 -50.76
C MET P 319 41.86 20.92 -50.41
N VAL P 320 42.23 20.53 -49.19
CA VAL P 320 42.14 19.13 -48.79
C VAL P 320 40.68 18.72 -48.56
N CYS P 321 39.95 19.52 -47.78
CA CYS P 321 38.62 19.13 -47.34
C CYS P 321 37.59 19.13 -48.47
N HIS P 322 37.72 20.05 -49.41
CA HIS P 322 36.80 20.11 -50.55
C HIS P 322 37.29 19.31 -51.75
N HIS P 323 38.49 18.71 -51.67
CA HIS P 323 39.12 17.94 -52.74
C HIS P 323 39.24 18.74 -54.04
N LEU P 324 39.74 19.97 -53.91
CA LEU P 324 39.89 20.84 -55.06
C LEU P 324 41.18 20.55 -55.82
N ASP P 325 41.24 21.04 -57.05
CA ASP P 325 42.40 20.88 -57.91
C ASP P 325 42.79 22.24 -58.48
N LYS P 326 44.08 22.52 -58.52
CA LYS P 326 44.57 23.79 -59.03
C LYS P 326 44.49 23.91 -60.54
N SER P 327 44.24 22.81 -61.26
CA SER P 327 44.15 22.86 -62.71
C SER P 327 42.78 23.24 -63.23
N ILE P 328 41.80 23.43 -62.35
CA ILE P 328 40.43 23.77 -62.74
C ILE P 328 40.16 25.21 -62.35
N LYS P 329 39.69 26.00 -63.32
CA LYS P 329 39.51 27.44 -63.10
C LYS P 329 38.35 27.74 -62.15
N GLU P 330 37.43 26.81 -61.95
CA GLU P 330 36.32 27.05 -61.03
C GLU P 330 36.66 26.73 -59.58
N ASP P 331 37.53 25.75 -59.35
CA ASP P 331 38.01 25.49 -58.00
C ASP P 331 38.91 26.60 -57.49
N VAL P 332 39.71 27.19 -58.39
CA VAL P 332 40.55 28.32 -58.02
C VAL P 332 39.69 29.55 -57.73
N GLN P 333 38.66 29.78 -58.54
CA GLN P 333 37.76 30.91 -58.31
C GLN P 333 36.94 30.73 -57.02
N PHE P 334 36.57 29.49 -56.69
CA PHE P 334 35.89 29.23 -55.44
C PHE P 334 36.80 29.49 -54.25
N ALA P 335 38.05 29.03 -54.32
CA ALA P 335 38.97 29.15 -53.19
C ALA P 335 39.35 30.59 -52.91
N ASP P 336 39.54 31.40 -53.96
CA ASP P 336 39.91 32.79 -53.78
C ASP P 336 38.77 33.64 -53.25
N SER P 337 37.52 33.20 -53.41
CA SER P 337 36.40 33.92 -52.80
C SER P 337 36.13 33.48 -51.36
N ARG P 338 36.81 32.43 -50.87
CA ARG P 338 36.55 31.87 -49.55
C ARG P 338 37.47 32.44 -48.47
N ILE P 339 38.77 32.53 -48.74
CA ILE P 339 39.75 32.73 -47.66
C ILE P 339 39.81 34.20 -47.26
N ARG P 340 40.10 35.10 -48.23
CA ARG P 340 40.02 36.56 -48.08
C ARG P 340 40.84 37.15 -46.93
N PRO P 341 42.16 37.37 -47.11
CA PRO P 341 42.97 37.95 -46.03
C PRO P 341 42.55 39.34 -45.56
N GLN P 342 41.75 40.07 -46.35
CA GLN P 342 41.26 41.39 -45.95
C GLN P 342 40.32 41.32 -44.74
N THR P 343 39.31 40.44 -44.79
CA THR P 343 38.39 40.29 -43.67
C THR P 343 39.06 39.64 -42.46
N ILE P 344 39.98 38.71 -42.71
CA ILE P 344 40.76 38.08 -41.63
C ILE P 344 41.58 39.13 -40.89
N ALA P 345 42.20 40.06 -41.64
CA ALA P 345 42.93 41.16 -41.01
C ALA P 345 41.99 42.09 -40.26
N ALA P 346 40.78 42.31 -40.77
CA ALA P 346 39.83 43.21 -40.10
C ALA P 346 39.31 42.63 -38.78
N GLU P 347 39.30 41.30 -38.66
CA GLU P 347 38.69 40.62 -37.50
C GLU P 347 39.34 40.98 -36.17
N ASP P 348 40.68 41.07 -36.13
CA ASP P 348 41.40 41.42 -34.89
C ASP P 348 41.03 42.82 -34.40
N THR P 349 40.99 43.79 -35.32
CA THR P 349 40.64 45.16 -34.95
C THR P 349 39.18 45.25 -34.52
N LEU P 350 38.30 44.48 -35.16
CA LEU P 350 36.90 44.46 -34.73
C LEU P 350 36.76 43.85 -33.32
N HIS P 351 37.61 42.88 -32.98
CA HIS P 351 37.65 42.39 -31.61
C HIS P 351 38.10 43.46 -30.63
N ASP P 352 39.09 44.27 -31.02
CA ASP P 352 39.59 45.31 -30.13
C ASP P 352 38.60 46.45 -29.93
N MET P 353 37.67 46.65 -30.86
CA MET P 353 36.66 47.72 -30.77
C MET P 353 35.41 47.29 -30.02
N GLY P 354 35.28 46.03 -29.63
CA GLY P 354 34.06 45.56 -29.01
C GLY P 354 32.92 45.27 -29.95
N ILE P 355 33.20 45.05 -31.23
CA ILE P 355 32.16 44.70 -32.20
C ILE P 355 31.94 43.19 -32.26
N PHE P 356 33.00 42.39 -32.15
CA PHE P 356 32.86 40.96 -31.87
C PHE P 356 32.85 40.76 -30.36
N SER P 357 32.01 39.85 -29.88
CA SER P 357 31.77 39.74 -28.44
C SER P 357 32.06 38.38 -27.82
N ILE P 358 32.25 37.31 -28.61
CA ILE P 358 32.44 35.95 -28.11
C ILE P 358 33.58 35.28 -28.88
N THR P 359 34.44 34.55 -28.18
CA THR P 359 35.41 33.66 -28.81
C THR P 359 35.08 32.20 -28.49
N SER P 360 35.46 31.29 -29.39
CA SER P 360 35.12 29.87 -29.28
C SER P 360 36.15 29.04 -30.05
N SER P 361 35.93 27.72 -30.08
CA SER P 361 36.94 26.79 -30.60
C SER P 361 36.68 26.32 -32.03
N ASP P 362 35.49 25.77 -32.33
CA ASP P 362 35.18 24.96 -33.52
C ASP P 362 36.03 23.68 -33.55
N SER P 363 35.87 22.88 -32.47
CA SER P 363 36.86 21.86 -32.09
C SER P 363 36.93 20.70 -33.08
N GLN P 364 38.15 20.41 -33.55
CA GLN P 364 38.51 19.35 -34.51
C GLN P 364 37.76 19.50 -35.85
N ALA P 365 37.23 20.69 -36.14
CA ALA P 365 36.48 21.01 -37.34
C ALA P 365 36.90 22.40 -37.82
N MET P 366 38.21 22.59 -38.03
CA MET P 366 38.91 23.89 -38.17
C MET P 366 38.81 24.69 -36.87
N GLY P 367 39.48 24.14 -35.85
CA GLY P 367 39.69 24.84 -34.60
C GLY P 367 40.31 23.98 -33.53
N ARG P 368 40.87 24.61 -32.48
CA ARG P 368 41.72 23.92 -31.51
C ARG P 368 41.13 24.08 -30.11
N VAL P 369 40.68 22.97 -29.53
CA VAL P 369 39.87 23.00 -28.31
C VAL P 369 40.67 23.40 -27.07
N GLY P 370 41.99 23.24 -27.09
CA GLY P 370 42.77 23.63 -25.94
C GLY P 370 43.42 25.00 -26.02
N GLU P 371 42.97 25.86 -26.95
CA GLU P 371 43.68 27.10 -27.22
C GLU P 371 42.80 28.35 -27.25
N VAL P 372 41.54 28.28 -26.78
CA VAL P 372 40.62 29.43 -26.86
C VAL P 372 41.12 30.58 -25.99
N ILE P 373 41.44 30.29 -24.73
CA ILE P 373 41.89 31.32 -23.78
C ILE P 373 43.24 31.91 -24.21
N THR P 374 44.16 31.03 -24.61
CA THR P 374 45.49 31.46 -25.04
C THR P 374 45.45 32.36 -26.27
N ARG P 375 44.63 32.00 -27.27
CA ARG P 375 44.55 32.83 -28.47
C ARG P 375 43.81 34.14 -28.22
N THR P 376 42.85 34.15 -27.27
CA THR P 376 42.22 35.40 -26.85
C THR P 376 43.27 36.38 -26.28
N TRP P 377 44.12 35.89 -25.37
CA TRP P 377 45.11 36.79 -24.77
C TRP P 377 46.23 37.16 -25.74
N GLN P 378 46.57 36.27 -26.68
CA GLN P 378 47.51 36.62 -27.74
C GLN P 378 46.98 37.75 -28.62
N THR P 379 45.68 37.71 -28.94
CA THR P 379 45.07 38.78 -29.73
C THR P 379 45.06 40.10 -28.96
N ALA P 380 44.75 40.06 -27.66
CA ALA P 380 44.79 41.27 -26.84
C ALA P 380 46.19 41.88 -26.79
N ASP P 381 47.22 41.04 -26.65
CA ASP P 381 48.60 41.53 -26.58
C ASP P 381 49.06 42.12 -27.92
N LYS P 382 48.69 41.47 -29.04
CA LYS P 382 49.03 42.00 -30.36
C LYS P 382 48.35 43.34 -30.63
N ASN P 383 47.08 43.47 -30.22
CA ASN P 383 46.39 44.74 -30.41
C ASN P 383 46.95 45.85 -29.52
N LYS P 384 47.41 45.52 -28.30
CA LYS P 384 48.07 46.55 -27.50
C LYS P 384 49.40 46.98 -28.11
N LYS P 385 50.14 46.03 -28.68
CA LYS P 385 51.41 46.38 -29.33
C LYS P 385 51.18 47.24 -30.58
N GLU P 386 50.09 47.02 -31.31
CA GLU P 386 49.86 47.77 -32.54
C GLU P 386 49.17 49.12 -32.32
N PHE P 387 48.09 49.16 -31.54
CA PHE P 387 47.28 50.36 -31.40
C PHE P 387 47.49 51.10 -30.08
N GLY P 388 48.34 50.59 -29.18
CA GLY P 388 48.58 51.27 -27.94
C GLY P 388 47.49 51.07 -26.91
N ARG P 389 47.64 51.79 -25.79
CA ARG P 389 46.69 51.72 -24.69
C ARG P 389 45.37 52.37 -25.09
N LEU P 390 44.27 51.75 -24.66
CA LEU P 390 42.93 52.22 -25.01
C LEU P 390 42.63 53.57 -24.36
N LYS P 391 41.75 54.34 -25.01
CA LYS P 391 41.40 55.66 -24.50
C LYS P 391 40.43 55.60 -23.33
N GLU P 392 39.79 54.45 -23.10
CA GLU P 392 38.87 54.30 -21.97
C GLU P 392 39.57 53.97 -20.67
N GLU P 393 40.89 53.84 -20.68
CA GLU P 393 41.61 53.45 -19.47
C GLU P 393 41.66 54.60 -18.47
N LYS P 394 41.62 54.25 -17.18
CA LYS P 394 41.75 55.18 -16.08
C LYS P 394 43.01 54.80 -15.31
N GLY P 395 44.07 55.57 -15.48
CA GLY P 395 45.33 55.28 -14.82
C GLY P 395 46.30 54.56 -15.73
N ASP P 396 47.45 54.26 -15.16
CA ASP P 396 48.56 53.65 -15.90
C ASP P 396 48.47 52.12 -15.81
N ASN P 397 47.41 51.59 -16.42
CA ASN P 397 47.17 50.15 -16.43
C ASN P 397 46.34 49.80 -17.66
N ASP P 398 46.01 48.51 -17.78
CA ASP P 398 45.25 47.99 -18.91
C ASP P 398 43.96 47.30 -18.46
N ASN P 399 43.33 47.80 -17.38
CA ASN P 399 42.22 47.09 -16.74
C ASN P 399 40.98 47.00 -17.64
N PHE P 400 40.68 48.06 -18.40
CA PHE P 400 39.52 48.05 -19.30
C PHE P 400 39.69 47.02 -20.41
N ARG P 401 40.87 46.94 -21.02
CA ARG P 401 41.12 45.95 -22.07
C ARG P 401 41.09 44.53 -21.52
N ILE P 402 41.59 44.35 -20.29
CA ILE P 402 41.57 43.06 -19.62
C ILE P 402 40.13 42.58 -19.40
N LYS P 403 39.26 43.48 -18.91
CA LYS P 403 37.85 43.13 -18.72
C LYS P 403 37.15 42.85 -20.05
N ARG P 404 37.44 43.64 -21.09
CA ARG P 404 36.84 43.45 -22.40
C ARG P 404 37.18 42.09 -23.00
N TYR P 405 38.45 41.69 -22.92
CA TYR P 405 38.82 40.39 -23.49
C TYR P 405 38.44 39.21 -22.58
N LEU P 406 38.42 39.40 -21.27
CA LEU P 406 38.00 38.33 -20.37
C LEU P 406 36.51 38.01 -20.52
N SER P 407 35.68 39.03 -20.81
CA SER P 407 34.25 38.82 -21.00
C SER P 407 33.93 37.95 -22.23
N LYS P 408 34.84 37.85 -23.20
CA LYS P 408 34.57 37.13 -24.44
C LYS P 408 34.43 35.63 -24.23
N TYR P 409 35.10 35.06 -23.23
CA TYR P 409 34.96 33.63 -22.98
C TYR P 409 34.37 33.26 -21.63
N THR P 410 33.94 34.23 -20.82
CA THR P 410 33.29 33.88 -19.55
C THR P 410 31.83 34.33 -19.48
N ILE P 411 31.53 35.63 -19.46
CA ILE P 411 30.18 36.05 -19.12
C ILE P 411 29.29 36.16 -20.37
N ASN P 412 29.86 36.60 -21.51
CA ASN P 412 29.03 36.77 -22.71
C ASN P 412 28.48 35.46 -23.29
N PRO P 413 29.25 34.36 -23.45
CA PRO P 413 28.59 33.10 -23.88
C PRO P 413 27.58 32.56 -22.87
N ALA P 414 27.79 32.78 -21.58
CA ALA P 414 26.82 32.37 -20.55
C ALA P 414 25.51 33.13 -20.70
N ILE P 415 25.57 34.42 -20.98
CA ILE P 415 24.37 35.21 -21.26
C ILE P 415 23.70 34.74 -22.53
N ALA P 416 24.50 34.46 -23.57
CA ALA P 416 23.95 34.07 -24.86
C ALA P 416 23.21 32.74 -24.81
N HIS P 417 23.65 31.79 -24.00
CA HIS P 417 22.94 30.52 -23.93
C HIS P 417 22.09 30.36 -22.67
N GLY P 418 21.84 31.46 -21.96
CA GLY P 418 20.90 31.47 -20.85
C GLY P 418 21.28 30.69 -19.62
N ILE P 419 22.56 30.68 -19.26
CA ILE P 419 23.04 30.00 -18.06
C ILE P 419 23.77 30.96 -17.13
N SER P 420 23.61 32.27 -17.31
CA SER P 420 24.36 33.24 -16.53
C SER P 420 23.86 33.36 -15.09
N GLU P 421 22.72 32.78 -14.73
CA GLU P 421 22.37 32.73 -13.32
C GLU P 421 23.19 31.68 -12.56
N TYR P 422 23.83 30.74 -13.26
CA TYR P 422 24.58 29.67 -12.63
C TYR P 422 26.09 29.86 -12.69
N VAL P 423 26.64 30.16 -13.88
CA VAL P 423 28.08 30.18 -14.12
C VAL P 423 28.44 31.49 -14.84
N GLY P 424 29.75 31.67 -15.06
CA GLY P 424 30.25 32.76 -15.87
C GLY P 424 31.01 33.85 -15.13
N SER P 425 30.94 33.93 -13.81
CA SER P 425 31.62 34.99 -13.06
C SER P 425 31.80 34.58 -11.61
N VAL P 426 32.60 35.36 -10.90
CA VAL P 426 32.89 35.15 -9.48
C VAL P 426 31.95 36.05 -8.69
N GLU P 427 30.77 35.55 -8.36
CA GLU P 427 29.78 36.32 -7.61
C GLU P 427 29.10 35.42 -6.59
N VAL P 428 28.56 36.05 -5.53
CA VAL P 428 27.88 35.34 -4.46
C VAL P 428 26.59 34.72 -4.98
N GLY P 429 26.39 33.43 -4.72
CA GLY P 429 25.22 32.71 -5.15
C GLY P 429 25.41 31.86 -6.40
N LYS P 430 26.52 32.00 -7.10
CA LYS P 430 26.76 31.20 -8.30
C LYS P 430 27.48 29.89 -7.96
N VAL P 431 27.51 29.00 -8.95
CA VAL P 431 28.22 27.72 -8.85
C VAL P 431 29.72 27.99 -8.74
N ALA P 432 30.38 27.30 -7.81
CA ALA P 432 31.81 27.48 -7.58
C ALA P 432 32.62 26.65 -8.58
N ASP P 433 32.70 27.15 -9.82
CA ASP P 433 33.61 26.64 -10.85
C ASP P 433 34.73 27.67 -11.03
N LEU P 434 35.88 27.43 -10.41
CA LEU P 434 36.95 28.43 -10.31
C LEU P 434 38.28 27.87 -10.78
N VAL P 435 39.14 28.75 -11.28
CA VAL P 435 40.47 28.40 -11.80
C VAL P 435 41.51 29.26 -11.10
N LEU P 436 42.57 28.62 -10.60
CA LEU P 436 43.69 29.29 -9.94
C LEU P 436 44.88 29.38 -10.88
N TRP P 437 45.43 30.58 -11.06
CA TRP P 437 46.56 30.83 -11.94
C TRP P 437 47.72 31.46 -11.18
N SER P 438 48.94 31.02 -11.50
CA SER P 438 50.14 31.81 -11.21
C SER P 438 50.29 32.91 -12.25
N PRO P 439 50.63 34.14 -11.83
CA PRO P 439 50.71 35.25 -12.81
C PRO P 439 51.75 35.07 -13.90
N ALA P 440 52.85 34.36 -13.64
CA ALA P 440 53.82 34.08 -14.70
C ALA P 440 53.25 33.14 -15.76
N PHE P 441 52.29 32.29 -15.40
CA PHE P 441 51.70 31.34 -16.33
C PHE P 441 50.25 31.69 -16.70
N PHE P 442 49.85 32.95 -16.52
CA PHE P 442 48.46 33.34 -16.76
C PHE P 442 48.09 33.23 -18.23
N GLY P 443 46.97 32.57 -18.50
CA GLY P 443 46.47 32.43 -19.84
C GLY P 443 46.93 31.19 -20.59
N VAL P 444 47.88 30.43 -20.07
CA VAL P 444 48.35 29.26 -20.79
C VAL P 444 48.29 27.98 -19.95
N LYS P 445 48.75 28.03 -18.68
CA LYS P 445 48.79 26.81 -17.87
C LYS P 445 48.35 27.08 -16.44
N PRO P 446 47.17 26.63 -16.03
CA PRO P 446 46.67 26.91 -14.67
C PRO P 446 47.28 25.99 -13.62
N ASN P 447 47.06 26.37 -12.35
CA ASN P 447 47.52 25.56 -11.23
C ASN P 447 46.51 24.46 -10.86
N MET P 448 45.25 24.82 -10.66
CA MET P 448 44.23 23.84 -10.28
C MET P 448 42.85 24.32 -10.68
N ILE P 449 41.92 23.36 -10.77
CA ILE P 449 40.53 23.61 -11.14
C ILE P 449 39.65 23.17 -9.97
N ILE P 450 38.76 24.05 -9.53
CA ILE P 450 37.74 23.71 -8.53
C ILE P 450 36.41 23.56 -9.25
N LYS P 451 35.78 22.40 -9.09
CA LYS P 451 34.56 22.07 -9.81
C LYS P 451 33.46 21.74 -8.81
N GLY P 452 32.41 22.56 -8.80
CA GLY P 452 31.29 22.36 -7.89
C GLY P 452 31.65 22.46 -6.42
N GLY P 453 32.66 23.25 -6.09
CA GLY P 453 33.09 23.40 -4.70
C GLY P 453 34.11 22.40 -4.20
N PHE P 454 34.68 21.55 -5.08
CA PHE P 454 35.68 20.57 -4.68
C PHE P 454 36.73 20.47 -5.78
N ILE P 455 37.97 20.15 -5.39
CA ILE P 455 39.08 20.18 -6.35
C ILE P 455 39.00 18.98 -7.29
N ALA P 456 39.03 19.25 -8.59
CA ALA P 456 38.88 18.22 -9.61
C ALA P 456 40.15 17.95 -10.42
N LEU P 457 41.06 18.90 -10.55
CA LEU P 457 42.26 18.72 -11.35
C LEU P 457 43.34 19.64 -10.80
N SER P 458 44.59 19.17 -10.85
CA SER P 458 45.72 19.99 -10.42
C SER P 458 47.01 19.49 -11.05
N GLN P 459 48.01 20.39 -11.11
CA GLN P 459 49.38 19.96 -11.34
C GLN P 459 49.83 19.11 -10.16
N MET P 460 50.57 18.04 -10.45
CA MET P 460 50.91 17.08 -9.41
C MET P 460 52.16 16.31 -9.81
N GLY P 461 53.11 16.20 -8.88
CA GLY P 461 54.31 15.43 -9.09
C GLY P 461 54.08 13.94 -8.86
N ASP P 462 55.19 13.20 -8.83
CA ASP P 462 55.12 11.75 -8.78
C ASP P 462 54.60 11.25 -7.43
N ALA P 463 53.84 10.16 -7.50
CA ALA P 463 53.02 9.71 -6.37
C ALA P 463 53.87 9.12 -5.24
N ASN P 464 55.05 8.60 -5.55
CA ASN P 464 55.90 8.01 -4.53
C ASN P 464 56.75 9.03 -3.78
N ALA P 465 56.71 10.31 -4.17
CA ALA P 465 57.62 11.30 -3.62
C ALA P 465 57.20 11.76 -2.23
N SER P 466 58.14 12.41 -1.55
CA SER P 466 57.93 12.93 -0.20
C SER P 466 57.20 14.26 -0.16
N ILE P 467 57.04 14.94 -1.29
CA ILE P 467 56.26 16.17 -1.41
C ILE P 467 55.58 16.17 -2.79
N PRO P 468 54.52 16.96 -2.98
CA PRO P 468 53.84 16.94 -4.30
C PRO P 468 54.58 17.67 -5.42
N THR P 469 55.63 18.42 -5.15
CA THR P 469 56.38 19.20 -6.14
C THR P 469 57.40 18.52 -7.08
N PRO P 470 58.19 17.49 -6.70
CA PRO P 470 59.25 17.02 -7.61
C PRO P 470 58.76 16.32 -8.87
N GLN P 471 59.68 16.28 -9.84
CA GLN P 471 59.38 15.94 -11.23
C GLN P 471 59.13 14.43 -11.39
N PRO P 472 58.32 14.03 -12.40
CA PRO P 472 57.59 14.82 -13.41
C PRO P 472 56.27 15.40 -12.91
N VAL P 473 56.00 16.65 -13.27
CA VAL P 473 54.77 17.34 -12.91
C VAL P 473 53.90 17.43 -14.16
N TYR P 474 52.70 16.88 -14.09
CA TYR P 474 51.71 17.06 -15.14
C TYR P 474 50.31 17.05 -14.52
N TYR P 475 49.29 17.31 -15.34
CA TYR P 475 47.92 17.44 -14.85
C TYR P 475 47.29 16.08 -14.59
N ARG P 476 46.79 15.89 -13.37
CA ARG P 476 46.20 14.61 -12.94
C ARG P 476 44.83 14.84 -12.33
N GLU P 477 43.97 13.83 -12.45
CA GLU P 477 42.63 13.87 -11.89
C GLU P 477 42.66 13.84 -10.36
N MET P 478 41.83 14.65 -9.73
CA MET P 478 41.70 14.72 -8.27
C MET P 478 40.40 14.02 -7.83
N PHE P 479 40.03 14.16 -6.55
CA PHE P 479 38.98 13.32 -5.98
C PHE P 479 37.58 13.67 -6.48
N ALA P 480 37.34 14.91 -6.91
CA ALA P 480 36.03 15.26 -7.46
C ALA P 480 35.78 14.66 -8.85
N HIS P 481 36.81 14.11 -9.49
CA HIS P 481 36.74 13.44 -10.78
C HIS P 481 36.23 12.00 -10.70
N HIS P 482 36.09 11.42 -9.50
CA HIS P 482 35.98 9.98 -9.33
C HIS P 482 34.74 9.57 -8.55
N GLY P 483 34.35 8.30 -8.72
CA GLY P 483 33.33 7.69 -7.89
C GLY P 483 31.95 8.29 -8.12
N LYS P 484 31.17 8.39 -7.04
CA LYS P 484 29.89 9.07 -7.07
C LYS P 484 30.02 10.55 -6.75
N ALA P 485 31.22 11.03 -6.41
CA ALA P 485 31.42 12.46 -6.16
C ALA P 485 31.29 13.29 -7.43
N LYS P 486 31.63 12.72 -8.59
CA LYS P 486 31.51 13.45 -9.85
C LYS P 486 30.07 13.72 -10.25
N TYR P 487 29.11 12.94 -9.74
CA TYR P 487 27.70 13.23 -9.97
C TYR P 487 27.27 14.52 -9.26
N ASP P 488 27.80 14.76 -8.06
CA ASP P 488 27.42 15.93 -7.29
C ASP P 488 28.13 17.21 -7.75
N ALA P 489 29.21 17.09 -8.52
CA ALA P 489 30.02 18.24 -8.89
C ALA P 489 29.77 18.74 -10.31
N ASN P 490 28.88 18.13 -11.08
CA ASN P 490 28.71 18.46 -12.50
C ASN P 490 27.24 18.68 -12.83
N ILE P 491 27.00 19.46 -13.89
CA ILE P 491 25.67 19.90 -14.30
C ILE P 491 25.43 19.50 -15.75
N THR P 492 24.25 18.95 -16.04
CA THR P 492 23.75 18.82 -17.40
C THR P 492 22.62 19.82 -17.61
N PHE P 493 22.80 20.73 -18.56
CA PHE P 493 21.78 21.74 -18.88
C PHE P 493 20.78 21.19 -19.90
N VAL P 494 19.49 21.46 -19.67
CA VAL P 494 18.40 21.06 -20.56
C VAL P 494 17.43 22.23 -20.72
N SER P 495 16.43 22.05 -21.58
CA SER P 495 15.38 23.05 -21.72
C SER P 495 14.41 22.99 -20.54
N GLN P 496 13.66 24.07 -20.36
CA GLN P 496 12.67 24.15 -19.28
C GLN P 496 11.55 23.13 -19.49
N ALA P 497 11.14 22.92 -20.74
CA ALA P 497 10.09 21.96 -21.06
C ALA P 497 10.51 20.53 -20.73
N ALA P 498 11.76 20.16 -21.05
CA ALA P 498 12.24 18.83 -20.72
C ALA P 498 12.41 18.65 -19.22
N TYR P 499 12.83 19.71 -18.53
CA TYR P 499 12.95 19.69 -17.08
C TYR P 499 11.61 19.47 -16.40
N ASP P 500 10.56 20.14 -16.90
CA ASP P 500 9.24 20.02 -16.29
C ASP P 500 8.59 18.65 -16.55
N LYS P 501 8.93 17.99 -17.66
CA LYS P 501 8.38 16.66 -17.91
C LYS P 501 9.18 15.56 -17.23
N GLY P 502 10.18 15.89 -16.43
CA GLY P 502 10.94 14.92 -15.67
C GLY P 502 11.94 14.10 -16.47
N ILE P 503 12.80 14.77 -17.23
CA ILE P 503 13.79 14.07 -18.05
C ILE P 503 14.85 13.38 -17.19
N LYS P 504 15.16 13.94 -16.00
CA LYS P 504 16.17 13.36 -15.13
C LYS P 504 15.76 11.98 -14.64
N GLU P 505 14.51 11.83 -14.23
CA GLU P 505 14.02 10.55 -13.75
C GLU P 505 13.75 9.58 -14.89
N GLU P 506 13.32 10.08 -16.06
CA GLU P 506 13.01 9.20 -17.19
C GLU P 506 14.25 8.52 -17.75
N LEU P 507 15.36 9.25 -17.86
CA LEU P 507 16.59 8.69 -18.39
C LEU P 507 17.53 8.15 -17.32
N GLY P 508 17.16 8.27 -16.05
CA GLY P 508 18.00 7.78 -14.95
C GLY P 508 19.32 8.51 -14.76
N LEU P 509 19.33 9.82 -14.93
CA LEU P 509 20.56 10.60 -14.80
C LEU P 509 20.86 10.88 -13.32
N GLU P 510 22.13 10.80 -12.95
CA GLU P 510 22.55 11.08 -11.57
C GLU P 510 23.24 12.42 -11.39
N ARG P 511 23.62 13.10 -12.47
CA ARG P 511 24.17 14.45 -12.40
C ARG P 511 23.07 15.45 -12.00
N GLN P 512 23.48 16.65 -11.61
CA GLN P 512 22.54 17.76 -11.47
C GLN P 512 21.98 18.15 -12.83
N VAL P 513 20.68 18.41 -12.88
CA VAL P 513 19.99 18.81 -14.12
C VAL P 513 19.30 20.14 -13.88
N LEU P 514 19.64 21.15 -14.68
CA LEU P 514 19.14 22.52 -14.52
C LEU P 514 18.65 23.07 -15.86
N PRO P 515 17.62 23.92 -15.84
CA PRO P 515 17.10 24.49 -17.09
C PRO P 515 17.73 25.82 -17.48
N VAL P 516 17.83 26.04 -18.80
CA VAL P 516 18.24 27.34 -19.33
C VAL P 516 17.03 28.27 -19.40
N LYS P 517 17.30 29.58 -19.37
CA LYS P 517 16.22 30.58 -19.37
C LYS P 517 16.74 31.93 -19.84
N ASN P 518 15.78 32.79 -20.24
CA ASN P 518 16.03 34.16 -20.73
C ASN P 518 16.92 34.19 -21.97
N CYS P 519 16.57 33.37 -22.97
CA CYS P 519 17.34 33.30 -24.21
C CYS P 519 16.82 34.23 -25.30
N ARG P 520 15.55 34.64 -25.25
CA ARG P 520 14.92 35.31 -26.39
C ARG P 520 14.84 36.82 -26.27
N ASN P 521 15.05 37.40 -25.08
CA ASN P 521 14.89 38.82 -24.87
C ASN P 521 16.23 39.54 -24.70
N ILE P 522 17.29 39.04 -25.34
CA ILE P 522 18.61 39.65 -25.24
C ILE P 522 19.04 40.10 -26.62
N THR P 523 19.80 41.21 -26.65
CA THR P 523 20.39 41.73 -27.88
C THR P 523 21.88 41.96 -27.71
N LYS P 524 22.49 42.64 -28.70
CA LYS P 524 23.90 43.02 -28.65
C LYS P 524 24.21 43.91 -27.44
N LYS P 525 23.25 44.71 -27.00
CA LYS P 525 23.42 45.59 -25.84
C LYS P 525 23.54 44.85 -24.52
N ASP P 526 23.23 43.55 -24.47
CA ASP P 526 23.39 42.77 -23.26
C ASP P 526 24.79 42.16 -23.10
N MET P 527 25.67 42.30 -24.08
CA MET P 527 27.02 41.77 -23.98
C MET P 527 27.90 42.72 -23.17
N GLN P 528 28.54 42.20 -22.13
CA GLN P 528 29.36 43.02 -21.24
C GLN P 528 30.65 43.45 -21.93
N PHE P 529 30.91 44.77 -21.94
CA PHE P 529 32.10 45.43 -22.49
C PHE P 529 32.30 45.26 -24.00
N ASN P 530 31.40 44.54 -24.69
CA ASN P 530 31.49 44.41 -26.14
C ASN P 530 30.07 44.59 -26.69
N ASP P 531 29.62 45.83 -26.78
CA ASP P 531 28.23 46.11 -27.11
C ASP P 531 28.10 47.13 -28.23
N THR P 532 29.15 47.31 -29.03
CA THR P 532 29.16 48.30 -30.09
C THR P 532 28.32 47.86 -31.27
N THR P 533 27.44 48.76 -31.74
CA THR P 533 26.75 48.59 -33.01
C THR P 533 27.26 49.64 -34.00
N ALA P 534 27.29 49.27 -35.27
CA ALA P 534 27.79 50.16 -36.32
C ALA P 534 27.24 49.70 -37.66
N HIS P 535 27.50 50.52 -38.68
CA HIS P 535 27.15 50.19 -40.05
C HIS P 535 28.40 49.70 -40.77
N ILE P 536 28.36 48.47 -41.28
CA ILE P 536 29.52 47.80 -41.84
C ILE P 536 29.27 47.52 -43.32
N GLU P 537 30.24 47.85 -44.16
CA GLU P 537 30.16 47.63 -45.60
C GLU P 537 31.39 46.88 -46.08
N VAL P 538 31.18 45.98 -47.03
CA VAL P 538 32.26 45.21 -47.66
C VAL P 538 32.23 45.49 -49.16
N ASN P 539 33.37 45.86 -49.71
CA ASN P 539 33.47 46.09 -51.15
C ASN P 539 33.34 44.77 -51.90
N PRO P 540 32.45 44.67 -52.90
CA PRO P 540 32.24 43.40 -53.60
C PRO P 540 33.42 42.95 -54.45
N GLU P 541 34.38 43.82 -54.76
CA GLU P 541 35.48 43.50 -55.64
C GLU P 541 36.82 43.36 -54.91
N THR P 542 37.19 44.32 -54.08
CA THR P 542 38.46 44.30 -53.38
C THR P 542 38.38 43.67 -52.00
N TYR P 543 37.17 43.40 -51.51
CA TYR P 543 36.88 42.81 -50.19
C TYR P 543 37.36 43.67 -49.02
N HIS P 544 37.51 44.98 -49.20
CA HIS P 544 37.87 45.85 -48.09
C HIS P 544 36.66 46.07 -47.17
N VAL P 545 36.95 46.31 -45.89
CA VAL P 545 35.93 46.39 -44.84
C VAL P 545 35.91 47.81 -44.30
N PHE P 546 34.72 48.41 -44.25
CA PHE P 546 34.52 49.76 -43.74
C PHE P 546 33.56 49.75 -42.57
N VAL P 547 33.89 50.50 -41.52
CA VAL P 547 33.05 50.66 -40.34
C VAL P 547 32.73 52.15 -40.21
N ASP P 548 31.45 52.50 -40.44
CA ASP P 548 30.95 53.89 -40.46
C ASP P 548 31.77 54.77 -41.40
N GLY P 549 32.13 54.22 -42.56
CA GLY P 549 32.90 54.92 -43.56
C GLY P 549 34.40 54.73 -43.47
N LYS P 550 34.93 54.42 -42.29
CA LYS P 550 36.38 54.32 -42.09
C LYS P 550 36.86 52.91 -42.36
N GLU P 551 37.98 52.79 -43.08
CA GLU P 551 38.57 51.49 -43.37
C GLU P 551 39.20 50.89 -42.11
N VAL P 552 39.04 49.58 -41.94
CA VAL P 552 39.49 48.86 -40.75
C VAL P 552 40.34 47.68 -41.19
N THR P 553 41.56 47.61 -40.67
CA THR P 553 42.49 46.54 -41.02
C THR P 553 43.52 46.40 -39.90
N SER P 554 44.44 45.45 -40.07
CA SER P 554 45.57 45.28 -39.17
C SER P 554 46.70 44.58 -39.93
N LYS P 555 47.85 44.47 -39.28
CA LYS P 555 49.06 43.88 -39.84
C LYS P 555 49.29 42.48 -39.30
N PRO P 556 49.80 41.55 -40.11
CA PRO P 556 50.14 40.22 -39.59
C PRO P 556 51.36 40.27 -38.68
N ALA P 557 51.44 39.30 -37.78
CA ALA P 557 52.51 39.21 -36.79
C ALA P 557 53.42 38.04 -37.11
N ASN P 558 54.72 38.22 -36.89
CA ASN P 558 55.69 37.15 -37.04
C ASN P 558 56.01 36.43 -35.74
N LYS P 559 55.51 36.92 -34.61
CA LYS P 559 55.82 36.33 -33.31
C LYS P 559 54.68 36.66 -32.35
N VAL P 560 54.29 35.68 -31.54
CA VAL P 560 53.26 35.88 -30.53
C VAL P 560 53.80 35.52 -29.16
N SER P 561 53.16 36.06 -28.14
CA SER P 561 53.48 35.66 -26.78
C SER P 561 52.74 34.38 -26.41
N LEU P 562 53.09 33.82 -25.24
CA LEU P 562 52.46 32.64 -24.66
C LEU P 562 52.54 31.40 -25.56
N ALA P 563 53.57 31.27 -26.40
CA ALA P 563 53.64 30.09 -27.27
C ALA P 563 54.89 29.23 -27.04
N GLN P 564 56.08 29.67 -27.46
CA GLN P 564 57.21 28.76 -27.46
C GLN P 564 57.97 28.76 -26.14
N LEU P 565 57.76 29.77 -25.31
CA LEU P 565 58.38 29.82 -23.98
C LEU P 565 57.82 28.75 -23.05
N PHE P 566 56.60 28.28 -23.28
CA PHE P 566 55.86 27.50 -22.28
C PHE P 566 55.64 26.04 -22.65
N SER P 567 55.84 25.63 -23.90
CA SER P 567 55.46 24.30 -24.33
C SER P 567 56.60 23.61 -25.07
N ILE P 568 56.79 22.33 -24.77
CA ILE P 568 57.81 21.55 -25.47
C ILE P 568 57.34 21.12 -26.86
N PHE P 569 56.04 21.09 -27.10
CA PHE P 569 55.50 20.83 -28.43
C PHE P 569 54.31 21.74 -28.72
N MET Q 1 5.40 29.40 66.53
CA MET Q 1 4.01 29.82 66.60
C MET Q 1 3.87 31.32 66.74
N LYS Q 2 2.86 31.89 66.10
CA LYS Q 2 2.55 33.31 66.22
C LYS Q 2 1.03 33.49 66.17
N LYS Q 3 0.58 34.62 66.72
CA LYS Q 3 -0.83 35.00 66.66
C LYS Q 3 -1.02 36.08 65.62
N ILE Q 4 -2.01 35.90 64.76
CA ILE Q 4 -2.39 36.86 63.73
C ILE Q 4 -3.85 37.19 63.93
N SER Q 5 -4.21 38.48 63.89
CA SER Q 5 -5.60 38.86 64.04
C SER Q 5 -6.42 38.43 62.82
N ARG Q 6 -7.71 38.23 63.05
CA ARG Q 6 -8.59 37.67 62.02
C ARG Q 6 -8.74 38.61 60.83
N LYS Q 7 -8.78 39.92 61.09
CA LYS Q 7 -8.99 40.92 60.05
C LYS Q 7 -7.85 40.94 59.04
N GLU Q 8 -6.61 40.93 59.52
CA GLU Q 8 -5.48 40.96 58.59
C GLU Q 8 -5.25 39.60 57.92
N TYR Q 9 -5.60 38.49 58.59
CA TYR Q 9 -5.58 37.19 57.92
C TYR Q 9 -6.55 37.19 56.74
N VAL Q 10 -7.76 37.69 56.95
CA VAL Q 10 -8.77 37.69 55.89
C VAL Q 10 -8.38 38.65 54.77
N SER Q 11 -7.77 39.78 55.12
CA SER Q 11 -7.27 40.70 54.09
C SER Q 11 -6.14 40.09 53.27
N MET Q 12 -5.36 39.18 53.85
CA MET Q 12 -4.32 38.53 53.04
C MET Q 12 -4.80 37.30 52.28
N TYR Q 13 -5.68 36.48 52.85
CA TYR Q 13 -5.98 35.18 52.26
C TYR Q 13 -7.46 34.89 52.02
N GLY Q 14 -8.36 35.83 52.33
CA GLY Q 14 -9.77 35.57 52.20
C GLY Q 14 -10.36 34.94 53.45
N PRO Q 15 -11.68 34.77 53.48
CA PRO Q 15 -12.33 34.25 54.69
C PRO Q 15 -12.01 32.80 54.95
N THR Q 16 -12.08 32.42 56.22
CA THR Q 16 -11.81 31.05 56.65
C THR Q 16 -12.98 30.51 57.46
N THR Q 17 -12.79 29.37 58.13
CA THR Q 17 -13.88 28.61 58.76
C THR Q 17 -14.62 29.44 59.82
N GLY Q 18 -15.94 29.55 59.65
CA GLY Q 18 -16.79 30.32 60.53
C GLY Q 18 -17.10 31.72 60.04
N ASP Q 19 -16.29 32.27 59.14
CA ASP Q 19 -16.55 33.60 58.61
C ASP Q 19 -17.73 33.58 57.62
N LYS Q 20 -18.35 34.74 57.43
CA LYS Q 20 -19.55 34.86 56.61
C LYS Q 20 -19.41 35.98 55.58
N VAL Q 21 -20.11 35.82 54.45
CA VAL Q 21 -20.08 36.80 53.36
C VAL Q 21 -21.50 36.99 52.81
N ARG Q 22 -21.86 38.26 52.54
CA ARG Q 22 -23.10 38.59 51.86
C ARG Q 22 -22.93 38.41 50.35
N LEU Q 23 -23.92 37.79 49.71
CA LEU Q 23 -23.90 37.57 48.27
C LEU Q 23 -24.55 38.76 47.56
N GLY Q 24 -23.74 39.55 46.86
CA GLY Q 24 -24.23 40.69 46.11
C GLY Q 24 -24.85 41.75 47.02
N ASP Q 25 -25.91 42.38 46.55
CA ASP Q 25 -26.71 43.29 47.36
C ASP Q 25 -27.96 42.61 47.92
N THR Q 26 -28.00 41.28 47.95
CA THR Q 26 -29.13 40.55 48.51
C THR Q 26 -29.01 40.45 50.04
N ASP Q 27 -29.93 39.71 50.64
CA ASP Q 27 -29.91 39.41 52.06
C ASP Q 27 -29.49 37.97 52.35
N LEU Q 28 -28.82 37.32 51.40
CA LEU Q 28 -28.39 35.94 51.58
C LEU Q 28 -26.96 35.91 52.12
N ILE Q 29 -26.76 35.17 53.21
CA ILE Q 29 -25.48 35.13 53.92
C ILE Q 29 -24.93 33.71 53.82
N ALA Q 30 -23.75 33.57 53.23
CA ALA Q 30 -23.06 32.29 53.11
C ALA Q 30 -21.98 32.18 54.17
N GLU Q 31 -21.77 30.95 54.68
CA GLU Q 31 -20.79 30.69 55.73
C GLU Q 31 -19.82 29.60 55.27
N VAL Q 32 -18.53 29.82 55.56
CA VAL Q 32 -17.49 28.86 55.21
C VAL Q 32 -17.58 27.65 56.14
N GLU Q 33 -17.75 26.46 55.57
CA GLU Q 33 -17.96 25.25 56.35
C GLU Q 33 -16.65 24.54 56.73
N HIS Q 34 -15.60 24.67 55.91
CA HIS Q 34 -14.37 23.89 56.09
C HIS Q 34 -13.25 24.57 55.30
N ASP Q 35 -12.01 24.35 55.74
CA ASP Q 35 -10.82 24.89 55.08
C ASP Q 35 -9.76 23.79 54.99
N TYR Q 36 -9.16 23.64 53.81
CA TYR Q 36 -8.13 22.63 53.57
C TYR Q 36 -6.71 23.12 53.84
N THR Q 37 -6.51 24.40 54.13
CA THR Q 37 -5.16 24.93 54.24
C THR Q 37 -4.52 24.56 55.57
N ILE Q 38 -3.19 24.67 55.62
CA ILE Q 38 -2.41 24.59 56.85
C ILE Q 38 -1.95 26.00 57.16
N TYR Q 39 -2.29 26.50 58.36
CA TYR Q 39 -2.05 27.89 58.71
C TYR Q 39 -0.55 28.17 58.82
N GLY Q 40 -0.09 29.18 58.07
CA GLY Q 40 1.31 29.48 57.94
C GLY Q 40 1.97 28.96 56.68
N GLU Q 41 1.27 28.16 55.87
CA GLU Q 41 1.82 27.61 54.64
C GLU Q 41 0.97 27.99 53.42
N GLU Q 42 0.39 29.18 53.44
CA GLU Q 42 -0.50 29.61 52.36
C GLU Q 42 0.29 29.97 51.10
N LEU Q 43 -0.35 29.79 49.95
CA LEU Q 43 0.26 30.12 48.66
C LEU Q 43 -0.05 31.57 48.28
N LYS Q 44 1.00 32.35 47.99
CA LYS Q 44 0.87 33.73 47.53
C LYS Q 44 1.85 33.96 46.39
N PHE Q 45 1.42 34.70 45.37
CA PHE Q 45 2.25 35.01 44.22
C PHE Q 45 2.65 36.48 44.20
N GLY Q 46 3.91 36.73 43.90
CA GLY Q 46 4.43 38.08 43.81
C GLY Q 46 5.89 38.11 44.21
N GLY Q 47 6.43 39.32 44.23
CA GLY Q 47 7.83 39.51 44.59
C GLY Q 47 8.05 39.31 46.06
N GLY Q 48 8.94 38.39 46.43
CA GLY Q 48 9.18 38.06 47.81
C GLY Q 48 8.16 37.15 48.46
N LYS Q 49 7.21 36.62 47.69
CA LYS Q 49 6.16 35.76 48.22
C LYS Q 49 6.58 34.29 48.09
N THR Q 50 5.62 33.35 48.26
CA THR Q 50 5.98 31.95 48.43
C THR Q 50 6.05 31.14 47.12
N LEU Q 51 5.38 31.58 46.05
CA LEU Q 51 5.34 30.78 44.82
C LEU Q 51 6.57 31.05 43.96
N ARG Q 52 7.73 30.61 44.48
CA ARG Q 52 9.02 30.83 43.84
C ARG Q 52 9.79 29.51 43.85
N GLU Q 53 10.84 29.45 43.04
CA GLU Q 53 11.56 28.20 42.81
C GLU Q 53 12.28 27.75 44.09
N GLY Q 54 12.11 26.47 44.42
CA GLY Q 54 12.66 25.90 45.62
C GLY Q 54 11.86 26.14 46.90
N MET Q 55 10.76 26.89 46.84
CA MET Q 55 9.98 27.15 48.05
C MET Q 55 8.59 26.51 47.99
N SER Q 56 7.70 26.99 47.12
CA SER Q 56 6.43 26.31 46.87
C SER Q 56 6.31 25.81 45.45
N GLN Q 57 7.13 26.29 44.54
CA GLN Q 57 7.33 25.65 43.24
C GLN Q 57 8.45 24.64 43.40
N SER Q 58 8.14 23.38 43.13
CA SER Q 58 9.10 22.30 43.34
C SER Q 58 10.19 22.30 42.28
N ASN Q 59 11.41 22.01 42.71
CA ASN Q 59 12.49 21.66 41.79
C ASN Q 59 12.55 20.17 41.49
N ASN Q 60 11.80 19.35 42.21
CA ASN Q 60 11.68 17.92 41.92
C ASN Q 60 10.19 17.53 41.94
N PRO Q 61 9.41 17.99 40.97
CA PRO Q 61 7.96 17.79 41.03
C PRO Q 61 7.56 16.37 40.69
N SER Q 62 6.33 16.04 41.04
CA SER Q 62 5.78 14.75 40.67
C SER Q 62 5.51 14.69 39.17
N LYS Q 63 5.32 13.46 38.66
CA LYS Q 63 5.02 13.29 37.25
C LYS Q 63 3.59 13.70 36.89
N GLU Q 64 2.75 13.99 37.88
CA GLU Q 64 1.40 14.52 37.68
C GLU Q 64 1.34 16.03 37.89
N GLU Q 65 2.38 16.75 37.46
CA GLU Q 65 2.54 18.18 37.68
C GLU Q 65 1.41 18.99 37.03
N LEU Q 66 0.91 19.98 37.75
CA LEU Q 66 -0.26 20.76 37.33
C LEU Q 66 0.08 21.75 36.22
N ASP Q 67 -0.93 22.04 35.38
CA ASP Q 67 -0.82 23.10 34.38
C ASP Q 67 -1.25 24.46 34.92
N LEU Q 68 -2.15 24.50 35.90
CA LEU Q 68 -2.68 25.74 36.44
C LEU Q 68 -3.19 25.48 37.86
N ILE Q 69 -2.98 26.44 38.76
CA ILE Q 69 -3.50 26.35 40.13
C ILE Q 69 -4.21 27.66 40.49
N ILE Q 70 -5.40 27.54 41.06
CA ILE Q 70 -6.16 28.66 41.61
C ILE Q 70 -6.00 28.62 43.12
N THR Q 71 -5.39 29.66 43.69
CA THR Q 71 -5.01 29.66 45.10
C THR Q 71 -6.06 30.37 45.96
N ASN Q 72 -6.36 29.78 47.11
CA ASN Q 72 -7.20 30.39 48.18
C ASN Q 72 -8.61 30.72 47.68
N ALA Q 73 -9.24 29.80 46.96
CA ALA Q 73 -10.56 30.01 46.39
C ALA Q 73 -11.65 29.64 47.40
N LEU Q 74 -12.75 30.40 47.37
CA LEU Q 74 -13.97 30.04 48.11
C LEU Q 74 -14.92 29.35 47.13
N ILE Q 75 -15.08 28.04 47.28
CA ILE Q 75 -15.89 27.23 46.37
C ILE Q 75 -17.33 27.24 46.86
N VAL Q 76 -18.26 27.57 45.97
CA VAL Q 76 -19.70 27.49 46.24
C VAL Q 76 -20.31 26.49 45.25
N ASP Q 77 -20.77 25.36 45.78
CA ASP Q 77 -21.20 24.23 44.96
C ASP Q 77 -22.32 23.51 45.70
N TYR Q 78 -23.03 22.63 44.98
CA TYR Q 78 -24.04 21.82 45.64
C TYR Q 78 -23.44 20.81 46.62
N THR Q 79 -22.16 20.47 46.44
CA THR Q 79 -21.46 19.60 47.37
C THR Q 79 -20.95 20.31 48.62
N GLY Q 80 -20.94 21.63 48.67
CA GLY Q 80 -20.56 22.34 49.88
C GLY Q 80 -20.00 23.72 49.59
N ILE Q 81 -19.81 24.47 50.67
CA ILE Q 81 -19.25 25.83 50.63
C ILE Q 81 -17.99 25.83 51.51
N TYR Q 82 -16.82 25.93 50.89
CA TYR Q 82 -15.56 25.68 51.58
C TYR Q 82 -14.39 26.34 50.84
N LYS Q 83 -13.25 26.44 51.55
CA LYS Q 83 -12.03 27.07 51.03
C LYS Q 83 -11.01 26.00 50.64
N ALA Q 84 -10.44 26.13 49.45
CA ALA Q 84 -9.43 25.20 48.95
C ALA Q 84 -8.66 25.83 47.80
N ASP Q 85 -7.58 25.15 47.41
CA ASP Q 85 -6.91 25.42 46.14
C ASP Q 85 -7.37 24.42 45.08
N ILE Q 86 -7.50 24.89 43.84
CA ILE Q 86 -8.03 24.08 42.74
C ILE Q 86 -6.92 23.88 41.71
N GLY Q 87 -6.65 22.63 41.35
CA GLY Q 87 -5.63 22.28 40.38
C GLY Q 87 -6.22 21.74 39.08
N ILE Q 88 -5.66 22.19 37.96
CA ILE Q 88 -6.15 21.85 36.63
C ILE Q 88 -5.01 21.22 35.83
N LYS Q 89 -5.28 20.07 35.20
CA LYS Q 89 -4.34 19.40 34.32
C LYS Q 89 -5.09 18.82 33.12
N ASP Q 90 -4.61 19.15 31.91
CA ASP Q 90 -5.10 18.61 30.64
C ASP Q 90 -6.61 18.83 30.45
N GLY Q 91 -7.07 20.03 30.75
CA GLY Q 91 -8.46 20.38 30.58
C GLY Q 91 -9.42 19.84 31.62
N LYS Q 92 -8.91 19.17 32.66
CA LYS Q 92 -9.75 18.58 33.69
C LYS Q 92 -9.36 19.13 35.07
N ILE Q 93 -10.30 19.04 36.00
CA ILE Q 93 -10.02 19.33 37.40
C ILE Q 93 -9.24 18.14 37.96
N ALA Q 94 -7.98 18.38 38.33
CA ALA Q 94 -7.11 17.31 38.79
C ALA Q 94 -7.11 17.12 40.29
N GLY Q 95 -7.32 18.18 41.06
CA GLY Q 95 -7.27 18.06 42.51
C GLY Q 95 -7.89 19.26 43.18
N ILE Q 96 -8.48 19.01 44.35
CA ILE Q 96 -9.06 20.04 45.20
C ILE Q 96 -8.51 19.80 46.61
N GLY Q 97 -7.72 20.74 47.12
CA GLY Q 97 -7.05 20.55 48.39
C GLY Q 97 -6.01 21.60 48.74
N LYS Q 98 -4.82 21.18 49.16
CA LYS Q 98 -3.84 22.13 49.69
C LYS Q 98 -2.85 22.62 48.62
N GLY Q 99 -2.06 21.74 48.03
CA GLY Q 99 -1.16 22.16 46.96
C GLY Q 99 0.12 22.86 47.39
N GLY Q 100 1.22 22.60 46.71
CA GLY Q 100 2.49 23.21 47.03
C GLY Q 100 3.66 22.30 46.62
N ASN Q 101 4.69 22.31 47.45
CA ASN Q 101 5.93 21.57 47.20
C ASN Q 101 6.22 20.67 48.40
N LYS Q 102 6.21 19.35 48.15
CA LYS Q 102 6.45 18.36 49.20
C LYS Q 102 7.88 18.41 49.75
N ASP Q 103 8.84 18.97 48.99
CA ASP Q 103 10.20 19.10 49.49
C ASP Q 103 10.30 20.07 50.66
N MET Q 104 9.38 21.04 50.77
CA MET Q 104 9.45 22.07 51.79
C MET Q 104 8.20 22.21 52.67
N GLN Q 105 7.09 21.54 52.34
CA GLN Q 105 5.82 21.72 53.04
C GLN Q 105 5.19 20.36 53.34
N ASP Q 106 4.31 20.33 54.35
CA ASP Q 106 3.89 19.05 54.93
C ASP Q 106 2.85 18.32 54.09
N GLY Q 107 1.64 18.86 54.00
CA GLY Q 107 0.54 18.04 53.51
C GLY Q 107 0.21 18.09 52.02
N VAL Q 108 1.17 17.83 51.15
CA VAL Q 108 1.00 17.98 49.71
C VAL Q 108 0.93 16.60 49.06
N LYS Q 109 -0.21 16.29 48.44
CA LYS Q 109 -0.36 15.06 47.70
C LYS Q 109 0.15 15.21 46.26
N ASN Q 110 0.33 14.06 45.59
CA ASN Q 110 0.98 14.01 44.28
C ASN Q 110 0.17 14.72 43.21
N ASN Q 111 -1.16 14.68 43.29
CA ASN Q 111 -2.00 15.30 42.28
C ASN Q 111 -2.14 16.81 42.44
N LEU Q 112 -1.55 17.41 43.48
CA LEU Q 112 -1.56 18.86 43.65
C LEU Q 112 -0.15 19.44 43.69
N SER Q 113 0.78 18.81 42.97
CA SER Q 113 2.16 19.25 42.94
C SER Q 113 2.32 20.47 42.02
N VAL Q 114 2.98 21.50 42.53
CA VAL Q 114 3.25 22.72 41.77
C VAL Q 114 4.68 22.66 41.26
N GLY Q 115 4.88 22.88 39.96
CA GLY Q 115 6.19 22.79 39.37
C GLY Q 115 6.49 23.87 38.34
N PRO Q 116 7.60 23.72 37.61
CA PRO Q 116 7.95 24.71 36.57
C PRO Q 116 6.93 24.82 35.43
N ALA Q 117 6.12 23.81 35.17
CA ALA Q 117 5.12 23.90 34.12
C ALA Q 117 3.82 24.58 34.56
N THR Q 118 3.72 25.00 35.82
CA THR Q 118 2.46 25.50 36.38
C THR Q 118 2.35 27.03 36.24
N GLU Q 119 1.16 27.49 35.86
CA GLU Q 119 0.75 28.89 35.91
C GLU Q 119 -0.13 29.13 37.13
N ALA Q 120 -0.07 30.36 37.68
CA ALA Q 120 -0.78 30.71 38.90
C ALA Q 120 -1.90 31.73 38.64
N LEU Q 121 -3.01 31.57 39.36
CA LEU Q 121 -4.14 32.49 39.33
C LEU Q 121 -4.61 32.74 40.76
N ALA Q 122 -4.68 34.01 41.17
CA ALA Q 122 -4.96 34.36 42.55
C ALA Q 122 -6.47 34.42 42.77
N GLY Q 123 -6.98 33.54 43.64
CA GLY Q 123 -8.38 33.52 43.97
C GLY Q 123 -8.74 34.00 45.36
N GLU Q 124 -7.83 34.65 46.09
CA GLU Q 124 -8.12 35.09 47.45
C GLU Q 124 -9.13 36.24 47.43
N GLY Q 125 -10.19 36.09 48.22
CA GLY Q 125 -11.30 37.01 48.22
C GLY Q 125 -12.33 36.80 47.14
N LEU Q 126 -12.21 35.76 46.33
CA LEU Q 126 -13.12 35.52 45.21
C LEU Q 126 -13.88 34.20 45.39
N ILE Q 127 -14.96 34.06 44.63
CA ILE Q 127 -15.84 32.90 44.68
C ILE Q 127 -15.74 32.16 43.35
N VAL Q 128 -15.59 30.84 43.40
CA VAL Q 128 -15.59 29.98 42.21
C VAL Q 128 -16.85 29.12 42.22
N THR Q 129 -17.58 29.13 41.10
CA THR Q 129 -18.68 28.21 40.85
C THR Q 129 -18.50 27.53 39.50
N ALA Q 130 -19.28 26.47 39.29
CA ALA Q 130 -19.37 25.85 37.98
C ALA Q 130 -20.12 26.76 37.00
N GLY Q 131 -19.84 26.57 35.72
CA GLY Q 131 -20.58 27.29 34.70
C GLY Q 131 -22.04 26.85 34.64
N GLY Q 132 -22.91 27.80 34.27
CA GLY Q 132 -24.32 27.51 34.16
C GLY Q 132 -24.67 26.72 32.91
N ILE Q 133 -25.82 26.05 32.96
CA ILE Q 133 -26.31 25.20 31.87
C ILE Q 133 -27.75 25.62 31.55
N ASP Q 134 -27.98 26.12 30.34
CA ASP Q 134 -29.29 26.59 29.89
C ASP Q 134 -29.86 25.59 28.90
N THR Q 135 -31.04 25.06 29.21
CA THR Q 135 -31.62 23.96 28.44
C THR Q 135 -32.85 24.34 27.61
N HIS Q 136 -33.14 25.63 27.45
CA HIS Q 136 -34.34 26.07 26.73
C HIS Q 136 -33.94 27.19 25.75
N ILE Q 137 -32.97 26.90 24.88
CA ILE Q 137 -32.49 27.89 23.92
C ILE Q 137 -33.23 27.75 22.59
N HIS Q 138 -33.80 28.85 22.11
CA HIS Q 138 -34.19 28.98 20.71
C HIS Q 138 -33.03 29.57 19.94
N PHE Q 139 -32.48 28.83 18.97
CA PHE Q 139 -31.32 29.29 18.20
C PHE Q 139 -31.79 30.22 17.09
N ILE Q 140 -32.20 31.42 17.50
CA ILE Q 140 -32.76 32.42 16.61
C ILE Q 140 -31.66 33.28 15.98
N SER Q 141 -30.67 33.72 16.78
CA SER Q 141 -29.54 34.49 16.29
C SER Q 141 -28.24 34.07 16.98
N PRO Q 142 -27.12 34.07 16.26
CA PRO Q 142 -25.83 33.72 16.89
C PRO Q 142 -25.38 34.69 17.99
N GLN Q 143 -25.90 35.91 18.01
CA GLN Q 143 -25.50 36.90 19.00
C GLN Q 143 -26.02 36.60 20.41
N GLN Q 144 -26.93 35.63 20.55
CA GLN Q 144 -27.33 35.15 21.88
C GLN Q 144 -26.16 34.54 22.64
N ILE Q 145 -25.26 33.86 21.92
CA ILE Q 145 -24.18 33.09 22.56
C ILE Q 145 -23.18 33.96 23.34
N PRO Q 146 -22.63 35.06 22.78
CA PRO Q 146 -21.78 35.92 23.63
C PRO Q 146 -22.52 36.60 24.78
N THR Q 147 -23.82 36.89 24.63
CA THR Q 147 -24.60 37.47 25.72
C THR Q 147 -24.74 36.48 26.87
N ALA Q 148 -25.02 35.21 26.56
CA ALA Q 148 -25.10 34.19 27.60
C ALA Q 148 -23.73 33.92 28.23
N PHE Q 149 -22.66 33.96 27.44
CA PHE Q 149 -21.32 33.68 27.94
C PHE Q 149 -20.87 34.73 28.96
N ALA Q 150 -21.17 36.01 28.70
CA ALA Q 150 -20.78 37.08 29.62
C ALA Q 150 -21.58 37.05 30.91
N SER Q 151 -22.75 36.41 30.94
CA SER Q 151 -23.52 36.30 32.17
C SER Q 151 -23.11 35.11 33.03
N GLY Q 152 -22.28 34.21 32.53
CA GLY Q 152 -21.82 33.07 33.28
C GLY Q 152 -22.36 31.71 32.87
N VAL Q 153 -22.93 31.57 31.67
CA VAL Q 153 -23.44 30.30 31.16
C VAL Q 153 -22.42 29.72 30.19
N THR Q 154 -22.06 28.44 30.39
CA THR Q 154 -21.06 27.81 29.54
C THR Q 154 -21.55 26.59 28.76
N THR Q 155 -22.83 26.21 28.87
CA THR Q 155 -23.42 25.16 28.04
C THR Q 155 -24.81 25.60 27.60
N MET Q 156 -25.12 25.44 26.31
CA MET Q 156 -26.43 25.80 25.77
C MET Q 156 -27.03 24.62 25.01
N ILE Q 157 -28.22 24.22 25.40
CA ILE Q 157 -28.95 23.11 24.77
C ILE Q 157 -30.28 23.63 24.26
N GLY Q 158 -30.60 23.35 22.99
CA GLY Q 158 -31.84 23.77 22.39
C GLY Q 158 -32.00 23.33 20.94
N GLY Q 159 -32.68 24.12 20.12
CA GLY Q 159 -32.86 23.77 18.72
C GLY Q 159 -33.24 24.97 17.88
N GLY Q 160 -33.03 24.83 16.58
CA GLY Q 160 -33.44 25.86 15.65
C GLY Q 160 -32.50 25.97 14.46
N THR Q 161 -32.89 26.84 13.51
CA THR Q 161 -32.14 27.04 12.26
C THR Q 161 -31.88 28.51 11.93
N GLY Q 162 -32.08 29.43 12.86
CA GLY Q 162 -32.00 30.84 12.56
C GLY Q 162 -33.36 31.50 12.67
N PRO Q 163 -33.54 32.68 12.07
CA PRO Q 163 -34.75 33.47 12.33
C PRO Q 163 -36.01 33.04 11.57
N ALA Q 164 -36.09 31.79 11.13
CA ALA Q 164 -37.32 31.28 10.51
C ALA Q 164 -38.46 31.18 11.53
N ASP Q 165 -39.69 31.14 11.00
CA ASP Q 165 -40.88 31.18 11.83
C ASP Q 165 -41.04 29.92 12.70
N GLY Q 166 -40.56 28.77 12.22
CA GLY Q 166 -40.58 27.57 13.05
C GLY Q 166 -39.67 27.66 14.25
N THR Q 167 -38.49 28.25 14.07
CA THR Q 167 -37.55 28.42 15.19
C THR Q 167 -38.02 29.52 16.14
N ASN Q 168 -38.68 30.56 15.63
CA ASN Q 168 -39.20 31.65 16.46
C ASN Q 168 -40.24 31.14 17.47
N ALA Q 169 -40.91 30.03 17.17
CA ALA Q 169 -41.86 29.42 18.09
C ALA Q 169 -41.29 28.23 18.87
N THR Q 170 -40.45 27.39 18.25
CA THR Q 170 -40.09 26.08 18.81
C THR Q 170 -38.58 25.87 18.86
N THR Q 171 -38.13 25.04 19.82
CA THR Q 171 -36.71 24.69 19.97
C THR Q 171 -36.41 23.39 19.19
N ILE Q 172 -36.50 23.47 17.87
CA ILE Q 172 -36.45 22.28 17.03
C ILE Q 172 -35.51 22.50 15.83
N THR Q 173 -34.55 21.59 15.65
CA THR Q 173 -33.75 21.49 14.43
C THR Q 173 -34.21 20.26 13.65
N PRO Q 174 -35.05 20.40 12.62
CA PRO Q 174 -35.67 19.22 12.00
C PRO Q 174 -34.85 18.55 10.90
N GLY Q 175 -34.56 17.28 11.07
CA GLY Q 175 -34.01 16.47 9.99
C GLY Q 175 -32.49 16.45 9.93
N ARG Q 176 -31.98 15.45 9.21
CA ARG Q 176 -30.55 15.18 9.12
C ARG Q 176 -29.77 16.32 8.47
N ARG Q 177 -30.31 16.90 7.39
CA ARG Q 177 -29.59 17.97 6.68
C ARG Q 177 -29.50 19.24 7.51
N ASN Q 178 -30.58 19.63 8.19
CA ASN Q 178 -30.54 20.82 9.04
C ASN Q 178 -29.65 20.59 10.27
N LEU Q 179 -29.63 19.36 10.79
CA LEU Q 179 -28.71 19.02 11.87
C LEU Q 179 -27.25 19.14 11.40
N LYS Q 180 -26.96 18.73 10.16
CA LYS Q 180 -25.62 18.89 9.60
C LYS Q 180 -25.22 20.36 9.50
N TRP Q 181 -26.15 21.22 9.03
CA TRP Q 181 -25.93 22.66 8.98
C TRP Q 181 -25.55 23.23 10.35
N MET Q 182 -26.35 22.91 11.38
CA MET Q 182 -26.10 23.50 12.69
C MET Q 182 -24.83 22.94 13.35
N LEU Q 183 -24.54 21.65 13.17
CA LEU Q 183 -23.33 21.07 13.74
C LEU Q 183 -22.07 21.64 13.08
N ARG Q 184 -22.11 21.91 11.78
CA ARG Q 184 -20.94 22.51 11.14
C ARG Q 184 -20.82 24.00 11.47
N ALA Q 185 -21.94 24.69 11.70
CA ALA Q 185 -21.85 26.09 12.13
C ALA Q 185 -21.33 26.20 13.57
N ALA Q 186 -21.54 25.18 14.39
CA ALA Q 186 -21.18 25.22 15.81
C ALA Q 186 -19.67 25.35 16.06
N GLU Q 187 -18.82 25.06 15.07
CA GLU Q 187 -17.38 25.18 15.20
C GLU Q 187 -16.89 26.61 15.44
N GLU Q 188 -17.74 27.61 15.23
CA GLU Q 188 -17.38 29.02 15.41
C GLU Q 188 -17.20 29.40 16.89
N TYR Q 189 -17.99 28.83 17.80
CA TYR Q 189 -18.35 29.50 19.04
C TYR Q 189 -17.59 29.00 20.28
N SER Q 190 -17.57 29.86 21.30
CA SER Q 190 -17.01 29.53 22.62
C SER Q 190 -18.16 29.20 23.58
N MET Q 191 -18.67 27.98 23.47
CA MET Q 191 -19.82 27.47 24.21
C MET Q 191 -19.97 25.98 23.93
N ASN Q 192 -20.22 25.18 24.97
CA ASN Q 192 -20.65 23.80 24.74
C ASN Q 192 -22.08 23.78 24.21
N LEU Q 193 -22.35 22.92 23.21
CA LEU Q 193 -23.63 22.96 22.49
C LEU Q 193 -24.21 21.57 22.28
N GLY Q 194 -25.54 21.49 22.26
CA GLY Q 194 -26.26 20.28 21.90
C GLY Q 194 -27.63 20.62 21.33
N PHE Q 195 -28.10 19.80 20.38
CA PHE Q 195 -29.26 20.12 19.57
C PHE Q 195 -30.39 19.11 19.72
N LEU Q 196 -31.63 19.62 19.75
CA LEU Q 196 -32.84 18.82 19.85
C LEU Q 196 -33.53 18.70 18.49
N ALA Q 197 -34.15 17.54 18.25
CA ALA Q 197 -34.81 17.24 16.99
C ALA Q 197 -36.34 17.33 17.11
N LYS Q 198 -37.04 17.12 15.99
CA LYS Q 198 -38.50 17.22 15.96
C LYS Q 198 -39.12 15.91 16.45
N GLY Q 199 -39.92 16.00 17.50
CA GLY Q 199 -40.61 14.83 18.04
C GLY Q 199 -42.05 14.69 17.59
N ASN Q 200 -42.57 15.70 16.89
CA ASN Q 200 -43.99 15.72 16.46
C ASN Q 200 -44.14 14.93 15.16
N THR Q 201 -44.12 13.60 15.28
CA THR Q 201 -44.47 12.71 14.18
C THR Q 201 -44.86 11.35 14.74
N SER Q 202 -45.60 10.58 13.94
CA SER Q 202 -45.93 9.20 14.28
C SER Q 202 -45.17 8.19 13.43
N ASN Q 203 -44.13 8.62 12.72
CA ASN Q 203 -43.31 7.74 11.89
C ASN Q 203 -42.04 7.41 12.67
N ASP Q 204 -41.88 6.13 13.04
CA ASP Q 204 -40.75 5.70 13.88
C ASP Q 204 -39.42 5.83 13.14
N ALA Q 205 -39.41 5.56 11.84
CA ALA Q 205 -38.18 5.63 11.05
C ALA Q 205 -37.68 7.07 10.94
N SER Q 206 -38.59 8.04 10.80
CA SER Q 206 -38.20 9.45 10.77
C SER Q 206 -37.65 9.90 12.13
N LEU Q 207 -38.24 9.41 13.22
CA LEU Q 207 -37.75 9.74 14.55
C LEU Q 207 -36.34 9.18 14.78
N ALA Q 208 -36.12 7.92 14.37
CA ALA Q 208 -34.83 7.28 14.63
C ALA Q 208 -33.70 7.87 13.79
N ASP Q 209 -33.98 8.31 12.56
CA ASP Q 209 -32.93 8.83 11.70
C ASP Q 209 -32.35 10.15 12.22
N GLN Q 210 -33.18 10.97 12.88
CA GLN Q 210 -32.69 12.22 13.46
C GLN Q 210 -31.71 11.96 14.62
N ILE Q 211 -31.97 10.93 15.43
CA ILE Q 211 -31.08 10.60 16.53
C ILE Q 211 -29.74 10.11 16.00
N GLU Q 212 -29.76 9.27 14.96
CA GLU Q 212 -28.53 8.82 14.33
C GLU Q 212 -27.78 9.94 13.61
N ALA Q 213 -28.46 11.01 13.23
CA ALA Q 213 -27.82 12.16 12.60
C ALA Q 213 -27.17 13.12 13.59
N GLY Q 214 -27.30 12.88 14.89
CA GLY Q 214 -26.54 13.66 15.85
C GLY Q 214 -27.30 14.35 16.97
N ALA Q 215 -28.63 14.29 16.99
CA ALA Q 215 -29.40 14.99 18.01
C ALA Q 215 -29.30 14.28 19.37
N ILE Q 216 -29.42 15.07 20.44
CA ILE Q 216 -29.37 14.52 21.80
C ILE Q 216 -30.75 14.31 22.41
N GLY Q 217 -31.82 14.55 21.66
CA GLY Q 217 -33.16 14.36 22.20
C GLY Q 217 -34.22 14.94 21.28
N PHE Q 218 -35.46 14.89 21.77
CA PHE Q 218 -36.62 15.45 21.04
C PHE Q 218 -37.30 16.59 21.79
N ILE Q 220 -41.22 18.18 21.74
CA ILE Q 220 -42.58 18.07 21.25
C ILE Q 220 -43.32 19.38 21.50
N HIS Q 221 -43.75 20.06 20.45
CA HIS Q 221 -44.29 21.40 20.58
C HIS Q 221 -45.66 21.48 19.90
N GLU Q 222 -46.58 22.22 20.54
CA GLU Q 222 -47.98 22.26 20.11
C GLU Q 222 -48.17 22.93 18.74
N ASP Q 223 -47.23 23.78 18.31
CA ASP Q 223 -47.35 24.40 17.00
C ASP Q 223 -47.09 23.41 15.86
N TRP Q 224 -46.32 22.34 16.10
CA TRP Q 224 -46.23 21.24 15.17
C TRP Q 224 -47.24 20.12 15.47
N GLY Q 225 -48.02 20.27 16.54
CA GLY Q 225 -49.09 19.35 16.88
C GLY Q 225 -48.73 18.35 17.96
N THR Q 226 -49.11 18.64 19.20
CA THR Q 226 -48.84 17.75 20.33
C THR Q 226 -50.10 16.92 20.56
N THR Q 227 -50.13 15.75 19.98
CA THR Q 227 -51.19 14.77 20.11
C THR Q 227 -50.69 13.59 20.94
N PRO Q 228 -51.60 12.83 21.57
CA PRO Q 228 -51.15 11.63 22.32
C PRO Q 228 -50.41 10.59 21.49
N SER Q 229 -50.75 10.44 20.20
CA SER Q 229 -50.06 9.52 19.31
C SER Q 229 -48.58 9.88 19.15
N ALA Q 230 -48.29 11.16 18.90
CA ALA Q 230 -46.91 11.61 18.72
C ALA Q 230 -46.10 11.48 20.00
N ILE Q 231 -46.73 11.76 21.15
CA ILE Q 231 -46.09 11.61 22.45
C ILE Q 231 -45.68 10.15 22.67
N ASN Q 232 -46.60 9.22 22.35
CA ASN Q 232 -46.35 7.79 22.53
C ASN Q 232 -45.20 7.29 21.65
N HIS Q 233 -45.22 7.67 20.36
CA HIS Q 233 -44.17 7.22 19.43
C HIS Q 233 -42.80 7.79 19.79
N ALA Q 234 -42.75 9.08 20.16
CA ALA Q 234 -41.48 9.70 20.51
C ALA Q 234 -40.88 9.09 21.76
N LEU Q 235 -41.71 8.79 22.77
CA LEU Q 235 -41.20 8.15 23.99
C LEU Q 235 -40.72 6.73 23.71
N ASP Q 236 -41.40 6.00 22.81
CA ASP Q 236 -40.94 4.67 22.43
C ASP Q 236 -39.55 4.69 21.79
N VAL Q 237 -39.31 5.65 20.87
CA VAL Q 237 -38.00 5.71 20.23
C VAL Q 237 -36.91 6.18 21.21
N ALA Q 238 -37.25 7.13 22.09
CA ALA Q 238 -36.28 7.64 23.05
C ALA Q 238 -35.90 6.60 24.10
N ASP Q 239 -36.80 5.66 24.41
CA ASP Q 239 -36.44 4.55 25.28
C ASP Q 239 -35.36 3.68 24.65
N LYS Q 240 -35.43 3.48 23.34
CA LYS Q 240 -34.44 2.65 22.66
C LYS Q 240 -33.10 3.34 22.46
N TYR Q 241 -33.08 4.68 22.30
CA TYR Q 241 -31.82 5.35 22.00
C TYR Q 241 -31.17 6.06 23.18
N ASP Q 242 -31.75 6.01 24.39
CA ASP Q 242 -31.24 6.65 25.62
C ASP Q 242 -31.01 8.15 25.45
N VAL Q 243 -32.08 8.86 25.08
CA VAL Q 243 -32.06 10.32 24.98
C VAL Q 243 -33.30 10.87 25.69
N GLN Q 244 -33.27 12.17 25.97
CA GLN Q 244 -34.30 12.87 26.73
C GLN Q 244 -35.40 13.43 25.81
N VAL Q 245 -36.60 13.62 26.38
CA VAL Q 245 -37.73 14.24 25.69
C VAL Q 245 -38.19 15.47 26.47
N ALA Q 246 -38.44 16.57 25.76
CA ALA Q 246 -39.03 17.79 26.31
C ALA Q 246 -40.36 18.09 25.63
N ILE Q 247 -41.29 18.72 26.35
CA ILE Q 247 -42.65 18.91 25.85
C ILE Q 247 -43.19 20.31 26.17
N HIS Q 248 -43.88 20.90 25.18
CA HIS Q 248 -44.79 22.03 25.30
C HIS Q 248 -46.17 21.47 24.95
N THR Q 249 -47.07 21.42 25.94
CA THR Q 249 -48.32 20.69 25.77
C THR Q 249 -49.41 21.54 25.10
N ASP Q 250 -50.54 20.87 24.84
CA ASP Q 250 -51.66 21.42 24.06
C ASP Q 250 -52.44 22.44 24.88
N THR Q 251 -52.24 23.73 24.57
CA THR Q 251 -52.91 24.80 25.31
C THR Q 251 -54.42 24.81 25.06
N LEU Q 252 -54.85 24.52 23.82
CA LEU Q 252 -56.24 24.63 23.40
C LEU Q 252 -57.12 23.48 23.86
N ASN Q 253 -56.54 22.44 24.49
CA ASN Q 253 -57.23 21.20 24.91
C ASN Q 253 -57.93 20.53 23.73
N GLU Q 254 -57.28 20.55 22.57
CA GLU Q 254 -57.94 20.16 21.32
C GLU Q 254 -58.19 18.67 21.25
N ALA Q 255 -57.20 17.86 21.59
CA ALA Q 255 -57.34 16.41 21.56
C ALA Q 255 -57.60 15.79 22.94
N GLY Q 256 -57.50 16.57 23.99
CA GLY Q 256 -57.66 16.07 25.35
C GLY Q 256 -57.13 17.06 26.35
N CYS Q 257 -57.34 16.73 27.62
CA CYS Q 257 -56.92 17.54 28.75
C CYS Q 257 -55.59 17.03 29.31
N VAL Q 258 -55.20 17.54 30.49
CA VAL Q 258 -53.88 17.26 31.06
C VAL Q 258 -53.75 15.78 31.45
N GLU Q 259 -54.84 15.17 31.94
CA GLU Q 259 -54.78 13.75 32.32
C GLU Q 259 -54.63 12.84 31.10
N ASP Q 260 -55.14 13.25 29.94
CA ASP Q 260 -54.92 12.50 28.71
C ASP Q 260 -53.46 12.55 28.26
N THR Q 261 -52.82 13.72 28.40
CA THR Q 261 -51.39 13.84 28.13
C THR Q 261 -50.57 12.96 29.09
N MET Q 262 -50.92 12.96 30.37
CA MET Q 262 -50.24 12.09 31.34
C MET Q 262 -50.47 10.61 31.06
N ALA Q 263 -51.66 10.26 30.56
CA ALA Q 263 -51.91 8.87 30.15
C ALA Q 263 -51.06 8.48 28.93
N ALA Q 264 -50.85 9.42 28.00
CA ALA Q 264 -49.98 9.14 26.87
C ALA Q 264 -48.52 8.98 27.31
N ILE Q 265 -48.09 9.77 28.30
CA ILE Q 265 -46.72 9.66 28.81
C ILE Q 265 -46.49 8.30 29.48
N ALA Q 266 -47.49 7.82 30.24
CA ALA Q 266 -47.55 6.46 30.81
C ALA Q 266 -46.37 6.13 31.73
N GLY Q 267 -46.03 7.06 32.61
CA GLY Q 267 -45.02 6.84 33.62
C GLY Q 267 -43.57 6.98 33.18
N ARG Q 268 -43.31 7.33 31.93
CA ARG Q 268 -41.95 7.44 31.43
C ARG Q 268 -41.38 8.84 31.71
N THR Q 269 -40.05 8.95 31.71
CA THR Q 269 -39.36 10.18 32.09
C THR Q 269 -39.58 11.30 31.07
N MET Q 270 -39.93 12.49 31.56
CA MET Q 270 -40.24 13.64 30.70
C MET Q 270 -39.81 14.95 31.37
N HIS Q 271 -39.18 15.83 30.58
CA HIS Q 271 -38.80 17.17 30.99
C HIS Q 271 -39.87 18.15 30.48
N THR Q 272 -40.48 18.91 31.37
CA THR Q 272 -41.55 19.83 30.99
C THR Q 272 -41.04 21.26 31.00
N PHE Q 273 -41.17 21.95 29.87
CA PHE Q 273 -40.81 23.35 29.76
C PHE Q 273 -41.95 24.24 30.25
N HIS Q 274 -41.58 25.36 30.90
CA HIS Q 274 -42.46 26.43 31.43
C HIS Q 274 -43.74 25.88 32.06
N THR Q 275 -43.55 25.08 33.11
CA THR Q 275 -44.60 24.26 33.70
C THR Q 275 -45.69 25.09 34.37
N GLU Q 276 -45.41 26.35 34.71
CA GLU Q 276 -46.45 27.24 35.24
C GLU Q 276 -47.56 27.49 34.22
N GLY Q 277 -47.19 27.64 32.94
CA GLY Q 277 -48.17 27.70 31.87
C GLY Q 277 -48.33 29.03 31.18
N ALA Q 278 -47.64 30.08 31.62
CA ALA Q 278 -47.71 31.36 30.92
C ALA Q 278 -47.06 31.27 29.54
N GLY Q 279 -46.02 30.46 29.39
CA GLY Q 279 -45.42 30.21 28.10
C GLY Q 279 -46.12 29.19 27.23
N GLY Q 280 -47.19 28.56 27.73
CA GLY Q 280 -47.92 27.56 26.97
C GLY Q 280 -48.18 26.30 27.79
N GLY Q 281 -49.26 25.60 27.44
CA GLY Q 281 -49.67 24.42 28.17
C GLY Q 281 -51.16 24.39 28.45
N HIS Q 282 -51.69 23.22 28.82
CA HIS Q 282 -53.12 22.98 29.09
C HIS Q 282 -53.75 24.03 30.00
N ALA Q 283 -54.68 24.80 29.47
CA ALA Q 283 -55.35 25.82 30.24
C ALA Q 283 -56.49 25.20 31.05
N PRO Q 284 -56.55 25.44 32.37
CA PRO Q 284 -55.64 26.27 33.14
C PRO Q 284 -54.69 25.52 34.07
N ASP Q 285 -54.56 24.20 33.92
CA ASP Q 285 -54.07 23.36 35.00
C ASP Q 285 -52.84 22.51 34.62
N ILE Q 286 -51.94 23.05 33.79
CA ILE Q 286 -50.71 22.32 33.47
C ILE Q 286 -49.78 22.21 34.68
N ILE Q 287 -49.88 23.15 35.62
CA ILE Q 287 -48.98 23.20 36.78
C ILE Q 287 -49.14 21.99 37.72
N LYS Q 288 -50.22 21.22 37.61
CA LYS Q 288 -50.41 20.07 38.49
C LYS Q 288 -49.45 18.92 38.19
N VAL Q 289 -48.80 18.89 37.02
CA VAL Q 289 -47.88 17.79 36.74
C VAL Q 289 -46.55 17.91 37.47
N ALA Q 290 -46.28 19.06 38.11
CA ALA Q 290 -45.04 19.25 38.85
C ALA Q 290 -44.99 18.47 40.16
N GLY Q 291 -46.09 17.86 40.59
CA GLY Q 291 -46.04 16.97 41.74
C GLY Q 291 -45.71 15.52 41.45
N GLU Q 292 -45.60 15.13 40.18
CA GLU Q 292 -45.51 13.73 39.78
C GLU Q 292 -44.06 13.22 39.87
N HIS Q 293 -43.94 11.89 39.98
CA HIS Q 293 -42.63 11.26 40.16
C HIS Q 293 -41.81 11.26 38.87
N ASN Q 294 -42.43 11.03 37.73
CA ASN Q 294 -41.67 10.87 36.48
C ASN Q 294 -41.43 12.19 35.74
N ILE Q 295 -41.86 13.32 36.29
CA ILE Q 295 -41.75 14.62 35.62
C ILE Q 295 -40.58 15.39 36.21
N LEU Q 296 -39.72 15.93 35.34
CA LEU Q 296 -38.69 16.89 35.73
C LEU Q 296 -39.16 18.29 35.35
N PRO Q 297 -39.65 19.09 36.30
CA PRO Q 297 -40.31 20.35 35.93
C PRO Q 297 -39.39 21.57 35.93
N ALA Q 298 -39.59 22.42 34.93
CA ALA Q 298 -38.78 23.62 34.75
C ALA Q 298 -39.65 24.85 34.57
N SER Q 299 -39.13 25.99 34.99
CA SER Q 299 -39.75 27.28 34.75
C SER Q 299 -38.82 28.14 33.90
N THR Q 300 -39.41 29.05 33.13
CA THR Q 300 -38.64 30.01 32.36
C THR Q 300 -38.59 31.35 33.08
N ASN Q 301 -37.54 32.13 32.80
CA ASN Q 301 -37.31 33.36 33.57
C ASN Q 301 -38.25 34.58 33.46
N PRO Q 302 -39.08 34.83 32.42
CA PRO Q 302 -39.84 36.09 32.44
C PRO Q 302 -40.96 36.15 33.47
N THR Q 303 -41.36 35.03 34.07
CA THR Q 303 -42.36 35.05 35.12
C THR Q 303 -41.77 35.08 36.53
N ILE Q 304 -40.44 34.99 36.67
CA ILE Q 304 -39.83 35.06 37.99
C ILE Q 304 -38.86 36.24 38.05
N PRO Q 305 -38.83 37.00 39.14
CA PRO Q 305 -39.78 36.97 40.26
C PRO Q 305 -41.09 37.69 39.90
N PHE Q 306 -42.14 37.42 40.66
CA PHE Q 306 -43.46 38.01 40.41
C PHE Q 306 -43.44 39.46 40.88
N THR Q 307 -43.61 40.39 39.93
CA THR Q 307 -43.57 41.83 40.21
C THR Q 307 -44.90 42.48 39.83
N VAL Q 308 -45.01 43.77 40.15
CA VAL Q 308 -46.23 44.51 39.86
C VAL Q 308 -46.41 44.86 38.38
N ASN Q 309 -45.37 44.71 37.56
CA ASN Q 309 -45.48 44.96 36.13
C ASN Q 309 -45.62 43.67 35.32
N THR Q 310 -45.68 42.50 35.96
CA THR Q 310 -45.56 41.23 35.26
C THR Q 310 -46.81 40.92 34.43
N GLU Q 311 -48.00 41.09 35.03
CA GLU Q 311 -49.25 40.69 34.40
C GLU Q 311 -49.57 41.53 33.17
N ALA Q 312 -49.42 42.86 33.29
CA ALA Q 312 -49.71 43.76 32.17
C ALA Q 312 -48.74 43.54 31.00
N GLU Q 313 -47.46 43.34 31.31
CA GLU Q 313 -46.46 43.06 30.27
C GLU Q 313 -46.77 41.76 29.54
N HIS Q 314 -47.10 40.70 30.27
CA HIS Q 314 -47.39 39.42 29.63
C HIS Q 314 -48.69 39.47 28.83
N MET Q 315 -49.69 40.22 29.32
CA MET Q 315 -50.94 40.38 28.58
C MET Q 315 -50.72 41.10 27.26
N ASP Q 316 -49.94 42.18 27.28
CA ASP Q 316 -49.68 42.90 26.04
C ASP Q 316 -48.78 42.11 25.09
N MET Q 317 -47.89 41.26 25.63
CA MET Q 317 -47.14 40.35 24.76
C MET Q 317 -48.05 39.33 24.10
N LEU Q 318 -49.04 38.83 24.85
CA LEU Q 318 -49.99 37.86 24.28
C LEU Q 318 -50.86 38.49 23.20
N MET Q 319 -51.26 39.75 23.38
CA MET Q 319 -52.11 40.39 22.38
C MET Q 319 -51.37 40.64 21.06
N VAL Q 320 -50.07 40.93 21.13
CA VAL Q 320 -49.31 41.21 19.91
C VAL Q 320 -49.07 39.94 19.11
N CYS Q 321 -48.59 38.88 19.77
CA CYS Q 321 -48.13 37.68 19.07
C CYS Q 321 -49.29 36.89 18.47
N HIS Q 322 -50.45 36.87 19.12
CA HIS Q 322 -51.60 36.18 18.58
C HIS Q 322 -52.51 37.06 17.72
N HIS Q 323 -52.19 38.36 17.62
CA HIS Q 323 -52.96 39.36 16.86
C HIS Q 323 -54.42 39.41 17.32
N LEU Q 324 -54.60 39.49 18.63
CA LEU Q 324 -55.94 39.53 19.20
C LEU Q 324 -56.49 40.96 19.19
N ASP Q 325 -57.81 41.05 19.36
CA ASP Q 325 -58.52 42.31 19.40
C ASP Q 325 -59.42 42.35 20.62
N LYS Q 326 -59.45 43.49 21.30
CA LYS Q 326 -60.25 43.63 22.51
C LYS Q 326 -61.74 43.75 22.22
N SER Q 327 -62.14 43.96 20.97
CA SER Q 327 -63.56 44.10 20.63
C SER Q 327 -64.24 42.76 20.39
N ILE Q 328 -63.52 41.65 20.44
CA ILE Q 328 -64.07 40.32 20.19
C ILE Q 328 -64.13 39.57 21.51
N LYS Q 329 -65.30 39.03 21.83
CA LYS Q 329 -65.50 38.38 23.12
C LYS Q 329 -64.76 37.05 23.25
N GLU Q 330 -64.36 36.43 22.13
CA GLU Q 330 -63.62 35.18 22.20
C GLU Q 330 -62.12 35.38 22.37
N ASP Q 331 -61.57 36.47 21.83
CA ASP Q 331 -60.17 36.78 22.08
C ASP Q 331 -59.94 37.22 23.52
N VAL Q 332 -60.91 37.92 24.11
CA VAL Q 332 -60.81 38.31 25.51
C VAL Q 332 -60.93 37.07 26.41
N GLN Q 333 -61.84 36.16 26.07
CA GLN Q 333 -61.99 34.93 26.85
C GLN Q 333 -60.76 34.04 26.73
N PHE Q 334 -60.13 34.01 25.56
CA PHE Q 334 -58.90 33.25 25.39
C PHE Q 334 -57.78 33.84 26.23
N ALA Q 335 -57.62 35.18 26.21
CA ALA Q 335 -56.52 35.83 26.90
C ALA Q 335 -56.63 35.69 28.41
N ASP Q 336 -57.85 35.79 28.95
CA ASP Q 336 -58.04 35.69 30.39
C ASP Q 336 -57.84 34.26 30.91
N SER Q 337 -57.95 33.25 30.05
CA SER Q 337 -57.63 31.88 30.46
C SER Q 337 -56.15 31.55 30.33
N ARG Q 338 -55.36 32.43 29.71
CA ARG Q 338 -53.95 32.17 29.44
C ARG Q 338 -53.02 32.68 30.53
N ILE Q 339 -53.20 33.93 30.98
CA ILE Q 339 -52.17 34.60 31.75
C ILE Q 339 -52.19 34.16 33.22
N ARG Q 340 -53.35 34.30 33.89
CA ARG Q 340 -53.62 33.75 35.23
C ARG Q 340 -52.63 34.16 36.32
N PRO Q 341 -52.78 35.36 36.92
CA PRO Q 341 -51.84 35.78 37.99
C PRO Q 341 -51.82 34.88 39.22
N GLN Q 342 -52.83 34.02 39.43
CA GLN Q 342 -52.85 33.10 40.56
C GLN Q 342 -51.72 32.06 40.46
N THR Q 343 -51.59 31.39 39.31
CA THR Q 343 -50.54 30.40 39.14
C THR Q 343 -49.15 31.03 39.07
N ILE Q 344 -49.07 32.24 38.47
CA ILE Q 344 -47.82 32.99 38.42
C ILE Q 344 -47.34 33.32 39.83
N ALA Q 345 -48.28 33.73 40.70
CA ALA Q 345 -47.94 33.98 42.09
C ALA Q 345 -47.53 32.70 42.82
N ALA Q 346 -48.17 31.57 42.48
CA ALA Q 346 -47.83 30.31 43.14
C ALA Q 346 -46.44 29.79 42.76
N GLU Q 347 -45.95 30.18 41.57
CA GLU Q 347 -44.70 29.62 41.03
C GLU Q 347 -43.48 29.93 41.90
N ASP Q 348 -43.38 31.15 42.45
CA ASP Q 348 -42.24 31.52 43.31
C ASP Q 348 -42.18 30.67 44.57
N THR Q 349 -43.33 30.49 45.22
CA THR Q 349 -43.40 29.68 46.43
C THR Q 349 -43.10 28.21 46.13
N LEU Q 350 -43.56 27.71 44.98
CA LEU Q 350 -43.23 26.35 44.59
C LEU Q 350 -41.73 26.18 44.33
N HIS Q 351 -41.06 27.23 43.81
CA HIS Q 351 -39.60 27.20 43.70
C HIS Q 351 -38.94 27.15 45.07
N ASP Q 352 -39.48 27.89 46.05
CA ASP Q 352 -38.88 27.91 47.38
C ASP Q 352 -39.07 26.58 48.14
N MET Q 353 -40.09 25.80 47.77
CA MET Q 353 -40.36 24.51 48.42
C MET Q 353 -39.60 23.34 47.80
N GLY Q 354 -38.89 23.56 46.70
CA GLY Q 354 -38.23 22.47 46.01
C GLY Q 354 -39.13 21.62 45.14
N ILE Q 355 -40.28 22.15 44.72
CA ILE Q 355 -41.18 21.44 43.82
C ILE Q 355 -40.82 21.70 42.35
N PHE Q 356 -40.42 22.92 42.01
CA PHE Q 356 -39.78 23.19 40.74
C PHE Q 356 -38.27 23.01 40.91
N SER Q 357 -37.62 22.42 39.91
CA SER Q 357 -36.23 22.01 40.07
C SER Q 357 -35.23 22.61 39.08
N ILE Q 358 -35.68 23.24 38.00
CA ILE Q 358 -34.80 23.75 36.94
C ILE Q 358 -35.28 25.15 36.54
N THR Q 359 -34.35 26.08 36.32
CA THR Q 359 -34.64 27.36 35.68
C THR Q 359 -33.95 27.45 34.32
N SER Q 360 -34.54 28.24 33.41
CA SER Q 360 -34.06 28.33 32.03
C SER Q 360 -34.50 29.67 31.43
N SER Q 361 -34.17 29.87 30.16
CA SER Q 361 -34.36 31.18 29.52
C SER Q 361 -35.61 31.31 28.66
N ASP Q 362 -35.81 30.40 27.69
CA ASP Q 362 -36.75 30.54 26.55
C ASP Q 362 -36.36 31.75 25.68
N SER Q 363 -35.13 31.68 25.15
CA SER Q 363 -34.41 32.85 24.65
C SER Q 363 -35.02 33.43 23.38
N GLN Q 364 -35.30 34.74 23.42
CA GLN Q 364 -35.93 35.54 22.34
C GLN Q 364 -37.30 35.01 21.90
N ALA Q 365 -37.92 34.18 22.73
CA ALA Q 365 -39.23 33.57 22.47
C ALA Q 365 -40.05 33.61 23.77
N MET Q 366 -40.22 34.81 24.34
CA MET Q 366 -40.66 35.09 25.72
C MET Q 366 -39.65 34.56 26.73
N GLY Q 367 -38.48 35.19 26.70
CA GLY Q 367 -37.46 34.97 27.71
C GLY Q 367 -36.14 35.67 27.40
N ARG Q 368 -35.29 35.83 28.41
CA ARG Q 368 -34.11 36.70 28.30
C ARG Q 368 -32.85 35.88 28.59
N VAL Q 369 -32.01 35.71 27.57
CA VAL Q 369 -30.90 34.75 27.62
C VAL Q 369 -29.78 35.20 28.54
N GLY Q 370 -29.66 36.48 28.85
CA GLY Q 370 -28.61 36.93 29.74
C GLY Q 370 -29.05 37.12 31.19
N GLU Q 371 -30.19 36.57 31.58
CA GLU Q 371 -30.76 36.90 32.90
C GLU Q 371 -31.19 35.69 33.73
N VAL Q 372 -30.81 34.46 33.35
CA VAL Q 372 -31.26 33.27 34.07
C VAL Q 372 -30.71 33.24 35.50
N ILE Q 373 -29.40 33.44 35.65
CA ILE Q 373 -28.75 33.40 36.96
C ILE Q 373 -29.24 34.55 37.84
N THR Q 374 -29.31 35.75 37.27
CA THR Q 374 -29.76 36.94 38.00
C THR Q 374 -31.20 36.79 38.51
N ARG Q 375 -32.11 36.29 37.67
CA ARG Q 375 -33.49 36.15 38.11
C ARG Q 375 -33.67 35.01 39.10
N THR Q 376 -32.83 33.96 39.02
CA THR Q 376 -32.81 32.93 40.05
C THR Q 376 -32.47 33.51 41.42
N TRP Q 377 -31.41 34.33 41.48
CA TRP Q 377 -31.02 34.88 42.79
C TRP Q 377 -31.98 35.96 43.27
N GLN Q 378 -32.60 36.71 42.34
CA GLN Q 378 -33.66 37.66 42.73
C GLN Q 378 -34.85 36.94 43.36
N THR Q 379 -35.23 35.78 42.81
CA THR Q 379 -36.32 35.00 43.39
C THR Q 379 -35.96 34.46 44.77
N ALA Q 380 -34.72 33.98 44.94
CA ALA Q 380 -34.26 33.52 46.26
C ALA Q 380 -34.30 34.64 47.30
N ASP Q 381 -33.86 35.84 46.91
CA ASP Q 381 -33.85 36.98 47.84
C ASP Q 381 -35.26 37.43 48.21
N LYS Q 382 -36.18 37.46 47.23
CA LYS Q 382 -37.57 37.83 47.51
C LYS Q 382 -38.24 36.81 48.42
N ASN Q 383 -37.98 35.51 48.21
CA ASN Q 383 -38.55 34.50 49.09
C ASN Q 383 -37.97 34.55 50.50
N LYS Q 384 -36.69 34.90 50.66
CA LYS Q 384 -36.15 35.07 52.01
C LYS Q 384 -36.77 36.29 52.70
N LYS Q 385 -37.01 37.37 51.95
CA LYS Q 385 -37.65 38.55 52.54
C LYS Q 385 -39.10 38.26 52.94
N GLU Q 386 -39.81 37.42 52.19
CA GLU Q 386 -41.21 37.16 52.50
C GLU Q 386 -41.42 36.06 53.54
N PHE Q 387 -40.75 34.92 53.40
CA PHE Q 387 -41.00 33.76 54.27
C PHE Q 387 -39.94 33.54 55.33
N GLY Q 388 -38.88 34.34 55.36
CA GLY Q 388 -37.85 34.18 56.37
C GLY Q 388 -36.88 33.05 56.06
N ARG Q 389 -36.01 32.80 57.03
CA ARG Q 389 -35.00 31.77 56.92
C ARG Q 389 -35.64 30.38 56.97
N LEU Q 390 -35.13 29.47 56.13
CA LEU Q 390 -35.69 28.13 56.03
C LEU Q 390 -35.46 27.33 57.31
N LYS Q 391 -36.36 26.37 57.56
CA LYS Q 391 -36.26 25.56 58.76
C LYS Q 391 -35.18 24.48 58.66
N GLU Q 392 -34.68 24.20 57.46
CA GLU Q 392 -33.62 23.21 57.28
C GLU Q 392 -32.23 23.77 57.54
N GLU Q 393 -32.10 25.05 57.86
CA GLU Q 393 -30.80 25.66 58.05
C GLU Q 393 -30.16 25.21 59.35
N LYS Q 394 -28.84 25.07 59.32
CA LYS Q 394 -28.02 24.73 60.49
C LYS Q 394 -27.10 25.92 60.76
N GLY Q 395 -27.41 26.70 61.77
CA GLY Q 395 -26.62 27.87 62.08
C GLY Q 395 -27.23 29.15 61.54
N ASP Q 396 -26.52 30.24 61.79
CA ASP Q 396 -26.99 31.58 61.43
C ASP Q 396 -26.48 31.95 60.03
N ASN Q 397 -26.99 31.21 59.04
CA ASN Q 397 -26.61 31.43 57.65
C ASN Q 397 -27.75 30.94 56.75
N ASP Q 398 -27.52 31.05 55.45
CA ASP Q 398 -28.51 30.67 54.45
C ASP Q 398 -27.97 29.60 53.48
N ASN Q 399 -27.12 28.69 53.99
CA ASN Q 399 -26.38 27.77 53.12
C ASN Q 399 -27.30 26.77 52.40
N PHE Q 400 -28.35 26.29 53.08
CA PHE Q 400 -29.27 25.34 52.46
C PHE Q 400 -30.04 25.98 51.30
N ARG Q 401 -30.52 27.21 51.49
CA ARG Q 401 -31.24 27.91 50.43
C ARG Q 401 -30.31 28.22 49.26
N ILE Q 402 -29.06 28.56 49.56
CA ILE Q 402 -28.06 28.84 48.52
C ILE Q 402 -27.81 27.61 47.67
N LYS Q 403 -27.64 26.43 48.32
CA LYS Q 403 -27.46 25.20 47.57
C LYS Q 403 -28.69 24.83 46.75
N ARG Q 404 -29.89 25.01 47.33
CA ARG Q 404 -31.13 24.70 46.63
C ARG Q 404 -31.31 25.54 45.35
N TYR Q 405 -31.04 26.84 45.44
CA TYR Q 405 -31.20 27.68 44.25
C TYR Q 405 -30.04 27.54 43.27
N LEU Q 406 -28.82 27.26 43.75
CA LEU Q 406 -27.69 27.06 42.85
C LEU Q 406 -27.84 25.79 42.03
N SER Q 407 -28.45 24.73 42.60
CA SER Q 407 -28.68 23.49 41.88
C SER Q 407 -29.63 23.64 40.68
N LYS Q 408 -30.47 24.68 40.67
CA LYS Q 408 -31.48 24.83 39.62
C LYS Q 408 -30.87 25.14 38.26
N TYR Q 409 -29.70 25.78 38.21
CA TYR Q 409 -29.08 26.06 36.91
C TYR Q 409 -27.72 25.40 36.71
N THR Q 410 -27.24 24.57 37.64
CA THR Q 410 -25.97 23.88 37.41
C THR Q 410 -26.13 22.36 37.34
N ILE Q 411 -26.49 21.69 38.42
CA ILE Q 411 -26.37 20.23 38.44
C ILE Q 411 -27.64 19.55 37.94
N ASN Q 412 -28.82 20.12 38.25
CA ASN Q 412 -30.08 19.49 37.84
C ASN Q 412 -30.31 19.45 36.32
N PRO Q 413 -30.10 20.54 35.54
CA PRO Q 413 -30.20 20.37 34.08
C PRO Q 413 -29.16 19.44 33.47
N ALA Q 414 -27.97 19.37 34.07
CA ALA Q 414 -26.94 18.44 33.61
C ALA Q 414 -27.37 16.98 33.81
N ILE Q 415 -28.00 16.69 34.95
CA ILE Q 415 -28.55 15.36 35.20
C ILE Q 415 -29.69 15.07 34.22
N ALA Q 416 -30.55 16.06 33.99
CA ALA Q 416 -31.72 15.87 33.15
C ALA Q 416 -31.35 15.57 31.70
N HIS Q 417 -30.27 16.15 31.18
CA HIS Q 417 -29.90 15.88 29.80
C HIS Q 417 -28.70 14.93 29.68
N GLY Q 418 -28.35 14.24 30.76
CA GLY Q 418 -27.36 13.19 30.72
C GLY Q 418 -25.93 13.60 30.44
N ILE Q 419 -25.49 14.75 30.95
CA ILE Q 419 -24.13 15.23 30.77
C ILE Q 419 -23.45 15.48 32.12
N SER Q 420 -24.02 14.95 33.21
CA SER Q 420 -23.48 15.23 34.55
C SER Q 420 -22.17 14.50 34.84
N GLU Q 421 -21.74 13.57 34.01
CA GLU Q 421 -20.39 13.03 34.18
C GLU Q 421 -19.32 14.00 33.69
N TYR Q 422 -19.68 14.99 32.88
CA TYR Q 422 -18.73 15.94 32.31
C TYR Q 422 -18.76 17.31 32.98
N VAL Q 423 -19.94 17.91 33.15
CA VAL Q 423 -20.08 19.30 33.60
C VAL Q 423 -21.10 19.35 34.73
N GLY Q 424 -21.28 20.55 35.29
CA GLY Q 424 -22.32 20.81 36.26
C GLY Q 424 -21.88 21.08 37.68
N SER Q 425 -20.63 20.78 38.05
CA SER Q 425 -20.18 20.98 39.42
C SER Q 425 -18.66 21.05 39.46
N VAL Q 426 -18.14 21.45 40.62
CA VAL Q 426 -16.70 21.57 40.85
C VAL Q 426 -16.25 20.29 41.56
N GLU Q 427 -15.88 19.28 40.78
CA GLU Q 427 -15.44 18.00 41.32
C GLU Q 427 -14.24 17.48 40.53
N VAL Q 428 -13.45 16.63 41.17
CA VAL Q 428 -12.27 16.05 40.55
C VAL Q 428 -12.68 15.10 39.44
N GLY Q 429 -12.08 15.27 38.25
CA GLY Q 429 -12.36 14.46 37.09
C GLY Q 429 -13.32 15.09 36.08
N LYS Q 430 -13.96 16.21 36.42
CA LYS Q 430 -14.86 16.85 35.48
C LYS Q 430 -14.14 17.87 34.61
N VAL Q 431 -14.84 18.33 33.57
CA VAL Q 431 -14.33 19.38 32.68
C VAL Q 431 -14.20 20.68 33.45
N ALA Q 432 -13.08 21.37 33.27
CA ALA Q 432 -12.82 22.63 33.98
C ALA Q 432 -13.49 23.79 33.25
N ASP Q 433 -14.81 23.91 33.44
CA ASP Q 433 -15.59 25.08 33.04
C ASP Q 433 -15.99 25.84 34.30
N LEU Q 434 -15.24 26.90 34.63
CA LEU Q 434 -15.35 27.58 35.92
C LEU Q 434 -15.57 29.08 35.74
N VAL Q 435 -16.24 29.68 36.72
CA VAL Q 435 -16.55 31.12 36.73
C VAL Q 435 -16.04 31.73 38.03
N LEU Q 436 -15.32 32.85 37.92
CA LEU Q 436 -14.81 33.59 39.06
C LEU Q 436 -15.66 34.83 39.32
N TRP Q 437 -16.13 34.99 40.56
CA TRP Q 437 -16.97 36.12 40.95
C TRP Q 437 -16.34 36.89 42.10
N SER Q 438 -16.43 38.22 42.04
CA SER Q 438 -16.29 39.06 43.22
C SER Q 438 -17.59 39.03 44.03
N PRO Q 439 -17.52 38.90 45.36
CA PRO Q 439 -18.76 38.78 46.17
C PRO Q 439 -19.70 39.99 46.09
N ALA Q 440 -19.17 41.20 45.87
CA ALA Q 440 -20.03 42.35 45.69
C ALA Q 440 -20.83 42.28 44.39
N PHE Q 441 -20.32 41.58 43.38
CA PHE Q 441 -20.98 41.45 42.09
C PHE Q 441 -21.52 40.04 41.84
N PHE Q 442 -21.73 39.24 42.89
CA PHE Q 442 -22.16 37.86 42.71
C PHE Q 442 -23.56 37.78 42.13
N GLY Q 443 -23.71 36.98 41.09
CA GLY Q 443 -25.00 36.75 40.47
C GLY Q 443 -25.34 37.67 39.32
N VAL Q 444 -24.55 38.73 39.07
CA VAL Q 444 -24.89 39.64 37.99
C VAL Q 444 -23.73 39.85 37.01
N LYS Q 445 -22.51 40.07 37.51
CA LYS Q 445 -21.39 40.36 36.61
C LYS Q 445 -20.12 39.63 37.07
N PRO Q 446 -19.67 38.60 36.35
CA PRO Q 446 -18.49 37.85 36.77
C PRO Q 446 -17.18 38.54 36.40
N ASN Q 447 -16.08 38.02 36.97
CA ASN Q 447 -14.75 38.53 36.66
C ASN Q 447 -14.16 37.87 35.41
N MET Q 448 -14.15 36.54 35.36
CA MET Q 448 -13.58 35.83 34.21
C MET Q 448 -14.19 34.44 34.08
N ILE Q 449 -14.07 33.88 32.88
CA ILE Q 449 -14.57 32.56 32.54
C ILE Q 449 -13.40 31.69 32.12
N ILE Q 450 -13.27 30.50 32.73
CA ILE Q 450 -12.29 29.51 32.33
C ILE Q 450 -13.02 28.41 31.56
N LYS Q 451 -12.59 28.15 30.34
CA LYS Q 451 -13.26 27.22 29.44
C LYS Q 451 -12.29 26.13 29.02
N GLY Q 452 -12.57 24.90 29.41
CA GLY Q 452 -11.71 23.76 29.07
C GLY Q 452 -10.32 23.84 29.64
N GLY Q 453 -10.15 24.51 30.78
CA GLY Q 453 -8.84 24.66 31.39
C GLY Q 453 -8.02 25.85 30.95
N PHE Q 454 -8.58 26.76 30.16
CA PHE Q 454 -7.86 27.95 29.70
C PHE Q 454 -8.81 29.14 29.70
N ILE Q 455 -8.28 30.34 29.91
CA ILE Q 455 -9.12 31.52 30.09
C ILE Q 455 -9.70 31.96 28.75
N ALA Q 456 -11.02 32.10 28.69
CA ALA Q 456 -11.72 32.44 27.45
C ALA Q 456 -12.34 33.83 27.43
N LEU Q 457 -12.66 34.41 28.58
CA LEU Q 457 -13.31 35.72 28.63
C LEU Q 457 -12.97 36.38 29.96
N SER Q 458 -12.80 37.70 29.95
CA SER Q 458 -12.54 38.44 31.19
C SER Q 458 -12.93 39.90 31.00
N GLN Q 459 -13.16 40.56 32.14
CA GLN Q 459 -13.18 42.02 32.16
C GLN Q 459 -11.78 42.53 31.82
N MET Q 460 -11.72 43.58 31.03
CA MET Q 460 -10.43 44.05 30.52
C MET Q 460 -10.52 45.52 30.15
N GLY Q 461 -9.53 46.30 30.60
CA GLY Q 461 -9.44 47.70 30.25
C GLY Q 461 -8.83 47.92 28.87
N ASP Q 462 -8.51 49.17 28.58
CA ASP Q 462 -8.06 49.55 27.26
C ASP Q 462 -6.67 49.00 26.94
N ALA Q 463 -6.47 48.64 25.68
CA ALA Q 463 -5.33 47.83 25.27
C ALA Q 463 -4.02 48.63 25.29
N ASN Q 464 -4.10 49.95 25.14
CA ASN Q 464 -2.89 50.78 25.13
C ASN Q 464 -2.41 51.14 26.54
N ALA Q 465 -3.14 50.78 27.58
CA ALA Q 465 -2.84 51.24 28.93
C ALA Q 465 -1.65 50.49 29.54
N SER Q 466 -1.13 51.07 30.62
CA SER Q 466 0.02 50.51 31.34
C SER Q 466 -0.37 49.40 32.31
N ILE Q 467 -1.65 49.21 32.61
CA ILE Q 467 -2.16 48.12 33.43
C ILE Q 467 -3.52 47.70 32.88
N PRO Q 468 -4.00 46.49 33.19
CA PRO Q 468 -5.30 46.07 32.64
C PRO Q 468 -6.54 46.70 33.27
N THR Q 469 -6.41 47.42 34.37
CA THR Q 469 -7.53 48.04 35.09
C THR Q 469 -8.18 49.35 34.58
N PRO Q 470 -7.47 50.34 34.00
CA PRO Q 470 -8.14 51.62 33.72
C PRO Q 470 -9.19 51.58 32.61
N GLN Q 471 -10.04 52.60 32.65
CA GLN Q 471 -11.30 52.63 31.91
C GLN Q 471 -11.06 52.88 30.42
N PRO Q 472 -11.96 52.41 29.53
CA PRO Q 472 -13.20 51.63 29.76
C PRO Q 472 -12.97 50.13 29.95
N VAL Q 473 -13.67 49.55 30.92
CA VAL Q 473 -13.61 48.13 31.23
C VAL Q 473 -14.88 47.48 30.72
N TYR Q 474 -14.74 46.50 29.82
CA TYR Q 474 -15.85 45.68 29.39
C TYR Q 474 -15.35 44.27 29.06
N TYR Q 475 -16.28 43.37 28.75
CA TYR Q 475 -15.94 41.96 28.53
C TYR Q 475 -15.34 41.75 27.14
N ARG Q 476 -14.16 41.15 27.09
CA ARG Q 476 -13.43 40.94 25.84
C ARG Q 476 -12.99 39.47 25.73
N GLU Q 477 -12.88 39.00 24.48
CA GLU Q 477 -12.45 37.64 24.22
C GLU Q 477 -10.97 37.45 24.55
N MET Q 478 -10.64 36.32 25.17
CA MET Q 478 -9.28 35.95 25.54
C MET Q 478 -8.76 34.88 24.57
N PHE Q 479 -7.59 34.30 24.89
CA PHE Q 479 -6.87 33.48 23.90
C PHE Q 479 -7.54 32.13 23.63
N ALA Q 480 -8.32 31.58 24.57
CA ALA Q 480 -9.02 30.34 24.32
C ALA Q 480 -10.20 30.50 23.34
N HIS Q 481 -10.59 31.73 23.03
CA HIS Q 481 -11.65 32.07 22.09
C HIS Q 481 -11.20 32.03 20.63
N HIS Q 482 -9.91 31.88 20.35
CA HIS Q 482 -9.35 32.21 19.04
C HIS Q 482 -8.56 31.04 18.44
N GLY Q 483 -8.40 31.10 17.12
CA GLY Q 483 -7.51 30.19 16.41
C GLY Q 483 -7.98 28.74 16.44
N LYS Q 484 -7.03 27.83 16.53
CA LYS Q 484 -7.32 26.42 16.71
C LYS Q 484 -7.43 26.03 18.18
N ALA Q 485 -7.15 26.96 19.09
CA ALA Q 485 -7.29 26.68 20.52
C ALA Q 485 -8.75 26.48 20.93
N LYS Q 486 -9.68 27.15 20.24
CA LYS Q 486 -11.10 27.02 20.56
C LYS Q 486 -11.65 25.64 20.23
N TYR Q 487 -11.00 24.89 19.32
CA TYR Q 487 -11.41 23.52 19.06
C TYR Q 487 -11.11 22.62 20.25
N ASP Q 488 -10.00 22.85 20.93
CA ASP Q 488 -9.61 22.02 22.06
C ASP Q 488 -10.35 22.36 23.34
N ALA Q 489 -10.99 23.53 23.42
CA ALA Q 489 -11.61 23.99 24.64
C ALA Q 489 -13.13 23.83 24.68
N ASN Q 490 -13.75 23.29 23.63
CA ASN Q 490 -15.21 23.26 23.53
C ASN Q 490 -15.69 21.86 23.16
N ILE Q 491 -16.94 21.56 23.53
CA ILE Q 491 -17.54 20.23 23.38
C ILE Q 491 -18.84 20.35 22.59
N THR Q 492 -19.03 19.46 21.62
CA THR Q 492 -20.34 19.24 21.00
C THR Q 492 -20.89 17.90 21.48
N PHE Q 493 -22.04 17.92 22.15
CA PHE Q 493 -22.69 16.71 22.64
C PHE Q 493 -23.59 16.10 21.56
N VAL Q 494 -23.52 14.77 21.43
CA VAL Q 494 -24.34 14.00 20.47
C VAL Q 494 -24.88 12.76 21.18
N SER Q 495 -25.73 12.01 20.46
CA SER Q 495 -26.20 10.74 20.98
C SER Q 495 -25.11 9.66 20.89
N GLN Q 496 -25.29 8.59 21.66
CA GLN Q 496 -24.34 7.48 21.65
C GLN Q 496 -24.33 6.77 20.30
N ALA Q 497 -25.50 6.64 19.67
CA ALA Q 497 -25.60 5.99 18.37
C ALA Q 497 -24.87 6.79 17.28
N ALA Q 498 -24.99 8.11 17.30
CA ALA Q 498 -24.27 8.93 16.32
C ALA Q 498 -22.77 8.92 16.58
N TYR Q 499 -22.38 8.87 17.86
CA TYR Q 499 -20.96 8.78 18.23
C TYR Q 499 -20.35 7.48 17.74
N ASP Q 500 -21.08 6.36 17.87
CA ASP Q 500 -20.54 5.06 17.45
C ASP Q 500 -20.46 4.92 15.94
N LYS Q 501 -21.31 5.61 15.18
CA LYS Q 501 -21.22 5.54 13.73
C LYS Q 501 -20.22 6.53 13.15
N GLY Q 502 -19.48 7.25 14.00
CA GLY Q 502 -18.43 8.14 13.54
C GLY Q 502 -18.90 9.45 12.95
N ILE Q 503 -19.75 10.18 13.67
CA ILE Q 503 -20.29 11.44 13.17
C ILE Q 503 -19.20 12.53 13.11
N LYS Q 504 -18.20 12.45 14.00
CA LYS Q 504 -17.13 13.45 14.03
C LYS Q 504 -16.29 13.41 12.75
N GLU Q 505 -15.95 12.22 12.28
CA GLU Q 505 -15.17 12.08 11.07
C GLU Q 505 -16.01 12.30 9.82
N GLU Q 506 -17.30 11.92 9.85
CA GLU Q 506 -18.16 12.07 8.68
C GLU Q 506 -18.42 13.54 8.34
N LEU Q 507 -18.66 14.37 9.35
CA LEU Q 507 -18.93 15.79 9.13
C LEU Q 507 -17.69 16.67 9.22
N GLY Q 508 -16.53 16.09 9.50
CA GLY Q 508 -15.29 16.85 9.61
C GLY Q 508 -15.22 17.83 10.76
N LEU Q 509 -15.75 17.47 11.92
CA LEU Q 509 -15.75 18.37 13.08
C LEU Q 509 -14.40 18.33 13.79
N GLU Q 510 -13.94 19.50 14.24
CA GLU Q 510 -12.67 19.60 14.96
C GLU Q 510 -12.83 19.80 16.46
N ARG Q 511 -14.03 20.12 16.94
CA ARG Q 511 -14.29 20.20 18.37
C ARG Q 511 -14.27 18.80 19.01
N GLN Q 512 -14.20 18.76 20.33
CA GLN Q 512 -14.43 17.51 21.06
C GLN Q 512 -15.89 17.08 20.90
N VAL Q 513 -16.10 15.78 20.69
CA VAL Q 513 -17.43 15.21 20.53
C VAL Q 513 -17.61 14.11 21.56
N LEU Q 514 -18.65 14.24 22.40
CA LEU Q 514 -18.90 13.33 23.50
C LEU Q 514 -20.37 12.89 23.52
N PRO Q 515 -20.66 11.67 23.95
CA PRO Q 515 -22.05 11.19 24.00
C PRO Q 515 -22.75 11.43 25.32
N VAL Q 516 -24.07 11.66 25.24
CA VAL Q 516 -24.92 11.72 26.43
C VAL Q 516 -25.32 10.32 26.85
N LYS Q 517 -25.65 10.17 28.14
CA LYS Q 517 -25.99 8.84 28.69
C LYS Q 517 -26.78 8.98 29.98
N ASN Q 518 -27.47 7.89 30.34
CA ASN Q 518 -28.30 7.76 31.55
C ASN Q 518 -29.44 8.79 31.58
N CYS Q 519 -30.19 8.86 30.48
CA CYS Q 519 -31.31 9.80 30.37
C CYS Q 519 -32.66 9.19 30.77
N ARG Q 520 -32.80 7.86 30.74
CA ARG Q 520 -34.11 7.25 30.85
C ARG Q 520 -34.42 6.69 32.23
N ASN Q 521 -33.43 6.52 33.11
CA ASN Q 521 -33.64 5.89 34.41
C ASN Q 521 -33.60 6.91 35.55
N ILE Q 522 -34.00 8.14 35.30
CA ILE Q 522 -33.98 9.19 36.32
C ILE Q 522 -35.40 9.68 36.56
N THR Q 523 -35.69 10.05 37.80
CA THR Q 523 -36.98 10.63 38.18
C THR Q 523 -36.79 11.94 38.94
N LYS Q 524 -37.88 12.45 39.52
CA LYS Q 524 -37.84 13.65 40.35
C LYS Q 524 -36.92 13.49 41.56
N LYS Q 525 -36.77 12.26 42.08
CA LYS Q 525 -35.90 11.98 43.21
C LYS Q 525 -34.41 12.12 42.89
N ASP Q 526 -34.03 12.22 41.62
CA ASP Q 526 -32.64 12.42 41.25
C ASP Q 526 -32.23 13.89 41.21
N MET Q 527 -33.15 14.82 41.40
CA MET Q 527 -32.82 16.24 41.40
C MET Q 527 -32.26 16.65 42.76
N GLN Q 528 -31.07 17.26 42.75
CA GLN Q 528 -30.39 17.63 43.99
C GLN Q 528 -31.09 18.82 44.65
N PHE Q 529 -31.45 18.66 45.93
CA PHE Q 529 -32.08 19.65 46.81
C PHE Q 529 -33.47 20.13 46.36
N ASN Q 530 -33.99 19.62 45.23
CA ASN Q 530 -35.34 19.96 44.78
C ASN Q 530 -36.01 18.65 44.34
N ASP Q 531 -36.46 17.87 45.30
CA ASP Q 531 -36.95 16.53 45.00
C ASP Q 531 -38.31 16.26 45.62
N THR Q 532 -39.06 17.30 45.94
CA THR Q 532 -40.36 17.19 46.59
C THR Q 532 -41.43 16.70 45.61
N THR Q 533 -42.18 15.69 46.02
CA THR Q 533 -43.40 15.28 45.34
C THR Q 533 -44.59 15.58 46.23
N ALA Q 534 -45.71 15.92 45.59
CA ALA Q 534 -46.93 16.28 46.31
C ALA Q 534 -48.12 16.11 45.40
N HIS Q 535 -49.31 16.25 45.97
CA HIS Q 535 -50.56 16.24 45.22
C HIS Q 535 -51.02 17.67 45.02
N ILE Q 536 -51.18 18.08 43.77
CA ILE Q 536 -51.45 19.47 43.41
C ILE Q 536 -52.80 19.55 42.72
N GLU Q 537 -53.64 20.49 43.15
CA GLU Q 537 -54.96 20.70 42.57
C GLU Q 537 -55.14 22.17 42.19
N VAL Q 538 -55.82 22.39 41.06
CA VAL Q 538 -56.13 23.73 40.57
C VAL Q 538 -57.65 23.84 40.46
N ASN Q 539 -58.21 24.89 41.05
CA ASN Q 539 -59.63 25.13 40.95
C ASN Q 539 -60.00 25.53 39.52
N PRO Q 540 -60.98 24.88 38.90
CA PRO Q 540 -61.31 25.19 37.49
C PRO Q 540 -61.94 26.56 37.27
N GLU Q 541 -62.41 27.24 38.32
CA GLU Q 541 -63.09 28.52 38.18
C GLU Q 541 -62.27 29.69 38.68
N THR Q 542 -61.72 29.62 39.89
CA THR Q 542 -60.95 30.72 40.46
C THR Q 542 -59.46 30.63 40.20
N TYR Q 543 -58.98 29.50 39.67
CA TYR Q 543 -57.58 29.19 39.34
C TYR Q 543 -56.67 29.20 40.57
N HIS Q 544 -57.20 28.97 41.77
CA HIS Q 544 -56.36 28.87 42.95
C HIS Q 544 -55.62 27.53 42.97
N VAL Q 545 -54.44 27.53 43.58
CA VAL Q 545 -53.52 26.39 43.57
C VAL Q 545 -53.40 25.85 44.99
N PHE Q 546 -53.58 24.54 45.14
CA PHE Q 546 -53.50 23.86 46.42
C PHE Q 546 -52.43 22.77 46.37
N VAL Q 547 -51.62 22.70 47.43
CA VAL Q 547 -50.59 21.67 47.57
C VAL Q 547 -50.88 20.89 48.85
N ASP Q 548 -51.29 19.63 48.68
CA ASP Q 548 -51.73 18.73 49.77
C ASP Q 548 -52.82 19.37 50.62
N GLY Q 549 -53.76 20.04 49.96
CA GLY Q 549 -54.87 20.72 50.61
C GLY Q 549 -54.62 22.17 50.98
N LYS Q 550 -53.38 22.59 51.16
CA LYS Q 550 -53.07 23.94 51.60
C LYS Q 550 -52.90 24.88 50.41
N GLU Q 551 -53.47 26.07 50.52
CA GLU Q 551 -53.35 27.07 49.47
C GLU Q 551 -51.94 27.65 49.43
N VAL Q 552 -51.43 27.88 48.22
CA VAL Q 552 -50.05 28.33 48.02
C VAL Q 552 -50.09 29.56 47.12
N THR Q 553 -49.50 30.67 47.59
CA THR Q 553 -49.47 31.92 46.85
C THR Q 553 -48.30 32.75 47.34
N SER Q 554 -48.13 33.93 46.74
CA SER Q 554 -47.14 34.92 47.18
C SER Q 554 -47.60 36.30 46.75
N LYS Q 555 -46.87 37.32 47.20
CA LYS Q 555 -47.18 38.72 46.93
C LYS Q 555 -46.25 39.29 45.86
N PRO Q 556 -46.74 40.18 45.00
CA PRO Q 556 -45.84 40.83 44.03
C PRO Q 556 -44.91 41.81 44.70
N ALA Q 557 -43.77 42.05 44.07
CA ALA Q 557 -42.72 42.93 44.59
C ALA Q 557 -42.64 44.20 43.75
N ASN Q 558 -42.40 45.33 44.41
CA ASN Q 558 -42.19 46.59 43.72
C ASN Q 558 -40.72 46.92 43.49
N LYS Q 559 -39.80 46.13 44.04
CA LYS Q 559 -38.38 46.39 43.92
C LYS Q 559 -37.62 45.08 44.08
N VAL Q 560 -36.59 44.88 43.24
CA VAL Q 560 -35.75 43.69 43.31
C VAL Q 560 -34.30 44.12 43.50
N SER Q 561 -33.51 43.19 44.02
CA SER Q 561 -32.08 43.40 44.11
C SER Q 561 -31.42 43.04 42.77
N LEU Q 562 -30.12 43.37 42.67
CA LEU Q 562 -29.27 43.05 41.52
C LEU Q 562 -29.79 43.64 40.20
N ALA Q 563 -30.49 44.78 40.22
CA ALA Q 563 -30.98 45.34 38.97
C ALA Q 563 -30.44 46.74 38.67
N GLN Q 564 -30.89 47.79 39.37
CA GLN Q 564 -30.57 49.13 38.91
C GLN Q 564 -29.25 49.64 39.49
N LEU Q 565 -28.75 49.01 40.54
CA LEU Q 565 -27.45 49.37 41.12
C LEU Q 565 -26.29 49.02 40.18
N PHE Q 566 -26.46 48.06 39.28
CA PHE Q 566 -25.34 47.46 38.56
C PHE Q 566 -25.30 47.75 37.07
N SER Q 567 -26.37 48.26 36.47
CA SER Q 567 -26.45 48.38 35.02
C SER Q 567 -26.87 49.78 34.61
N ILE Q 568 -26.23 50.31 33.57
CA ILE Q 568 -26.61 51.60 33.04
C ILE Q 568 -27.86 51.51 32.16
N PHE Q 569 -28.17 50.34 31.64
CA PHE Q 569 -29.40 50.12 30.88
C PHE Q 569 -30.01 48.77 31.24
N MET R 1 16.53 -41.67 -57.46
CA MET R 1 15.77 -40.87 -58.41
C MET R 1 14.65 -41.69 -59.06
N LYS R 2 13.51 -41.06 -59.30
CA LYS R 2 12.40 -41.67 -60.01
C LYS R 2 11.71 -40.63 -60.87
N LYS R 3 11.01 -41.11 -61.89
CA LYS R 3 10.19 -40.26 -62.75
C LYS R 3 8.72 -40.41 -62.37
N ILE R 4 8.03 -39.30 -62.21
CA ILE R 4 6.60 -39.26 -61.92
C ILE R 4 5.95 -38.40 -63.00
N SER R 5 4.84 -38.87 -63.55
CA SER R 5 4.14 -38.09 -64.57
C SER R 5 3.50 -36.86 -63.94
N ARG R 6 3.31 -35.83 -64.77
CA ARG R 6 2.86 -34.52 -64.31
C ARG R 6 1.43 -34.59 -63.75
N LYS R 7 0.59 -35.40 -64.38
CA LYS R 7 -0.82 -35.50 -64.00
C LYS R 7 -0.99 -36.07 -62.59
N GLU R 8 -0.28 -37.14 -62.27
CA GLU R 8 -0.42 -37.72 -60.93
C GLU R 8 0.31 -36.90 -59.87
N TYR R 9 1.39 -36.19 -60.24
CA TYR R 9 2.00 -35.24 -59.31
C TYR R 9 1.02 -34.15 -58.93
N VAL R 10 0.31 -33.59 -59.92
CA VAL R 10 -0.63 -32.50 -59.67
C VAL R 10 -1.82 -33.01 -58.88
N SER R 11 -2.27 -34.24 -59.16
CA SER R 11 -3.36 -34.83 -58.38
C SER R 11 -2.95 -35.07 -56.92
N MET R 12 -1.67 -35.31 -56.65
CA MET R 12 -1.26 -35.47 -55.26
C MET R 12 -0.93 -34.15 -54.56
N TYR R 13 -0.30 -33.19 -55.23
CA TYR R 13 0.26 -32.03 -54.54
C TYR R 13 -0.19 -30.67 -55.09
N GLY R 14 -1.04 -30.64 -56.11
CA GLY R 14 -1.42 -29.39 -56.71
C GLY R 14 -0.46 -28.96 -57.81
N PRO R 15 -0.79 -27.88 -58.52
CA PRO R 15 0.04 -27.45 -59.66
C PRO R 15 1.40 -26.93 -59.23
N THR R 16 2.38 -27.06 -60.14
CA THR R 16 3.73 -26.59 -59.88
C THR R 16 4.18 -25.65 -61.00
N THR R 17 5.48 -25.33 -61.07
CA THR R 17 6.01 -24.28 -61.92
C THR R 17 5.71 -24.52 -63.40
N GLY R 18 5.07 -23.55 -64.04
CA GLY R 18 4.69 -23.63 -65.42
C GLY R 18 3.25 -24.05 -65.66
N ASP R 19 2.61 -24.70 -64.68
CA ASP R 19 1.23 -25.11 -64.83
C ASP R 19 0.28 -23.91 -64.71
N LYS R 20 -0.92 -24.05 -65.26
CA LYS R 20 -1.89 -22.97 -65.33
C LYS R 20 -3.26 -23.40 -64.80
N VAL R 21 -4.02 -22.43 -64.27
CA VAL R 21 -5.34 -22.69 -63.73
C VAL R 21 -6.31 -21.57 -64.14
N ARG R 22 -7.52 -21.94 -64.52
CA ARG R 22 -8.60 -20.99 -64.78
C ARG R 22 -9.24 -20.54 -63.46
N LEU R 23 -9.48 -19.24 -63.34
CA LEU R 23 -10.10 -18.68 -62.14
C LEU R 23 -11.61 -18.66 -62.32
N GLY R 24 -12.31 -19.52 -61.58
CA GLY R 24 -13.76 -19.58 -61.62
C GLY R 24 -14.27 -20.02 -62.99
N ASP R 25 -15.38 -19.43 -63.41
CA ASP R 25 -15.90 -19.61 -64.76
C ASP R 25 -15.53 -18.45 -65.68
N THR R 26 -14.52 -17.66 -65.31
CA THR R 26 -14.05 -16.55 -66.16
C THR R 26 -13.09 -17.06 -67.23
N ASP R 27 -12.52 -16.12 -67.99
CA ASP R 27 -11.49 -16.41 -68.98
C ASP R 27 -10.11 -15.97 -68.52
N LEU R 28 -9.90 -15.81 -67.22
CA LEU R 28 -8.61 -15.39 -66.68
C LEU R 28 -7.80 -16.61 -66.30
N ILE R 29 -6.56 -16.67 -66.80
CA ILE R 29 -5.69 -17.82 -66.63
C ILE R 29 -4.47 -17.39 -65.81
N ALA R 30 -4.27 -18.01 -64.66
CA ALA R 30 -3.14 -17.75 -63.79
C ALA R 30 -2.07 -18.82 -63.97
N GLU R 31 -0.81 -18.43 -63.87
CA GLU R 31 0.32 -19.34 -64.05
C GLU R 31 1.22 -19.31 -62.82
N VAL R 32 1.69 -20.49 -62.40
CA VAL R 32 2.58 -20.60 -61.26
C VAL R 32 3.97 -20.13 -61.65
N GLU R 33 4.48 -19.12 -60.95
CA GLU R 33 5.76 -18.50 -61.28
C GLU R 33 6.96 -19.19 -60.63
N HIS R 34 6.80 -19.81 -59.46
CA HIS R 34 7.90 -20.33 -58.67
C HIS R 34 7.36 -21.34 -57.66
N ASP R 35 8.21 -22.27 -57.23
CA ASP R 35 7.86 -23.28 -56.23
C ASP R 35 9.00 -23.42 -55.23
N TYR R 36 8.67 -23.41 -53.94
CA TYR R 36 9.66 -23.53 -52.88
C TYR R 36 9.95 -24.96 -52.45
N THR R 37 9.22 -25.94 -52.95
CA THR R 37 9.36 -27.31 -52.44
C THR R 37 10.61 -27.99 -53.01
N ILE R 38 11.01 -29.06 -52.35
CA ILE R 38 12.03 -29.99 -52.83
C ILE R 38 11.29 -31.26 -53.25
N TYR R 39 11.47 -31.66 -54.52
CA TYR R 39 10.70 -32.76 -55.09
C TYR R 39 11.07 -34.08 -54.42
N GLY R 40 10.07 -34.78 -53.90
CA GLY R 40 10.27 -35.97 -53.11
C GLY R 40 10.18 -35.77 -51.62
N GLU R 41 10.10 -34.53 -51.14
CA GLU R 41 10.02 -34.24 -49.71
C GLU R 41 8.77 -33.45 -49.36
N GLU R 42 7.66 -33.70 -50.06
CA GLU R 42 6.43 -32.95 -49.85
C GLU R 42 5.74 -33.36 -48.55
N LEU R 43 5.01 -32.43 -47.96
CA LEU R 43 4.26 -32.68 -46.73
C LEU R 43 2.85 -33.17 -47.06
N LYS R 44 2.47 -34.31 -46.49
CA LYS R 44 1.14 -34.87 -46.64
C LYS R 44 0.67 -35.40 -45.29
N PHE R 45 -0.61 -35.19 -44.96
CA PHE R 45 -1.19 -35.64 -43.70
C PHE R 45 -2.16 -36.78 -43.92
N GLY R 46 -2.07 -37.79 -43.07
CA GLY R 46 -2.95 -38.93 -43.13
C GLY R 46 -2.25 -40.18 -42.64
N GLY R 47 -2.95 -41.30 -42.72
CA GLY R 47 -2.40 -42.57 -42.28
C GLY R 47 -1.36 -43.08 -43.24
N GLY R 48 -0.15 -43.32 -42.74
CA GLY R 48 0.96 -43.75 -43.58
C GLY R 48 1.65 -42.65 -44.35
N LYS R 49 1.28 -41.38 -44.13
CA LYS R 49 1.85 -40.25 -44.86
C LYS R 49 3.04 -39.67 -44.07
N THR R 50 3.49 -38.47 -44.44
CA THR R 50 4.77 -37.97 -43.95
C THR R 50 4.68 -37.16 -42.65
N LEU R 51 3.52 -36.57 -42.32
CA LEU R 51 3.42 -35.69 -41.15
C LEU R 51 3.18 -36.52 -39.88
N ARG R 52 4.20 -37.29 -39.50
CA ARG R 52 4.15 -38.20 -38.37
C ARG R 52 5.42 -38.01 -37.54
N GLU R 53 5.38 -38.52 -36.31
CA GLU R 53 6.46 -38.26 -35.35
C GLU R 53 7.75 -38.94 -35.79
N GLY R 54 8.84 -38.17 -35.76
CA GLY R 54 10.14 -38.63 -36.21
C GLY R 54 10.37 -38.55 -37.69
N MET R 55 9.40 -38.14 -38.50
CA MET R 55 9.58 -38.08 -39.95
C MET R 55 9.55 -36.65 -40.47
N SER R 56 8.39 -35.98 -40.44
CA SER R 56 8.32 -34.56 -40.75
C SER R 56 7.87 -33.73 -39.57
N GLN R 57 7.28 -34.35 -38.55
CA GLN R 57 7.11 -33.73 -37.25
C GLN R 57 8.36 -34.04 -36.43
N SER R 58 9.06 -32.99 -36.01
CA SER R 58 10.32 -33.15 -35.31
C SER R 58 10.12 -33.63 -33.88
N ASN R 59 11.00 -34.52 -33.44
CA ASN R 59 11.13 -34.85 -32.04
C ASN R 59 12.11 -33.94 -31.30
N ASN R 60 12.87 -33.12 -32.02
CA ASN R 60 13.75 -32.10 -31.43
C ASN R 60 13.52 -30.77 -32.14
N PRO R 61 12.36 -30.15 -31.97
CA PRO R 61 12.03 -28.96 -32.76
C PRO R 61 12.77 -27.73 -32.28
N SER R 62 12.78 -26.71 -33.14
CA SER R 62 13.36 -25.42 -32.76
C SER R 62 12.48 -24.73 -31.72
N LYS R 63 13.05 -23.73 -31.06
CA LYS R 63 12.29 -22.96 -30.08
C LYS R 63 11.28 -22.01 -30.73
N GLU R 64 11.31 -21.85 -32.04
CA GLU R 64 10.33 -21.08 -32.81
C GLU R 64 9.29 -21.98 -33.47
N GLU R 65 8.87 -23.04 -32.77
CA GLU R 65 7.97 -24.05 -33.30
C GLU R 65 6.60 -23.48 -33.66
N LEU R 66 6.07 -23.90 -34.82
CA LEU R 66 4.85 -23.35 -35.38
C LEU R 66 3.60 -23.83 -34.65
N ASP R 67 2.57 -22.98 -34.63
CA ASP R 67 1.25 -23.37 -34.14
C ASP R 67 0.37 -24.00 -35.21
N LEU R 68 0.56 -23.64 -36.48
CA LEU R 68 -0.26 -24.14 -37.58
C LEU R 68 0.54 -24.04 -38.87
N ILE R 69 0.40 -25.04 -39.75
CA ILE R 69 1.04 -25.01 -41.06
C ILE R 69 0.01 -25.35 -42.14
N ILE R 70 -0.01 -24.56 -43.21
CA ILE R 70 -0.82 -24.81 -44.40
C ILE R 70 0.11 -25.38 -45.47
N THR R 71 -0.14 -26.61 -45.89
CA THR R 71 0.77 -27.34 -46.77
C THR R 71 0.34 -27.22 -48.23
N ASN R 72 1.32 -27.01 -49.11
CA ASN R 72 1.16 -27.06 -50.58
C ASN R 72 0.14 -26.04 -51.09
N ALA R 73 0.21 -24.81 -50.58
CA ALA R 73 -0.73 -23.77 -50.96
C ALA R 73 -0.28 -23.04 -52.22
N LEU R 74 -1.25 -22.64 -53.05
CA LEU R 74 -1.01 -21.74 -54.17
C LEU R 74 -1.36 -20.32 -53.74
N ILE R 75 -0.35 -19.48 -53.54
CA ILE R 75 -0.53 -18.13 -53.04
C ILE R 75 -0.78 -17.20 -54.23
N VAL R 76 -1.85 -16.41 -54.15
CA VAL R 76 -2.15 -15.37 -55.13
C VAL R 76 -2.16 -14.02 -54.40
N ASP R 77 -1.18 -13.18 -54.70
CA ASP R 77 -0.93 -11.95 -53.97
C ASP R 77 -0.37 -10.92 -54.94
N TYR R 78 -0.36 -9.65 -54.51
CA TYR R 78 0.26 -8.61 -55.33
C TYR R 78 1.77 -8.79 -55.43
N THR R 79 2.39 -9.51 -54.48
CA THR R 79 3.81 -9.82 -54.54
C THR R 79 4.15 -10.99 -55.45
N GLY R 80 3.18 -11.78 -55.89
CA GLY R 80 3.45 -12.85 -56.84
C GLY R 80 2.45 -13.99 -56.72
N ILE R 81 2.55 -14.91 -57.69
CA ILE R 81 1.70 -16.09 -57.77
C ILE R 81 2.63 -17.32 -57.75
N TYR R 82 2.63 -18.06 -56.64
CA TYR R 82 3.65 -19.08 -56.40
C TYR R 82 3.16 -20.11 -55.38
N LYS R 83 3.86 -21.25 -55.33
CA LYS R 83 3.53 -22.37 -54.45
C LYS R 83 4.49 -22.41 -53.26
N ALA R 84 3.93 -22.55 -52.04
CA ALA R 84 4.72 -22.61 -50.82
C ALA R 84 3.87 -23.21 -49.69
N ASP R 85 4.54 -23.49 -48.58
CA ASP R 85 3.88 -23.78 -47.31
C ASP R 85 3.87 -22.51 -46.45
N ILE R 86 2.79 -22.30 -45.70
CA ILE R 86 2.61 -21.10 -44.89
C ILE R 86 2.57 -21.50 -43.42
N GLY R 87 3.41 -20.86 -42.62
CA GLY R 87 3.49 -21.13 -41.19
C GLY R 87 2.97 -19.97 -40.35
N ILE R 88 2.21 -20.30 -39.31
CA ILE R 88 1.56 -19.33 -38.44
C ILE R 88 1.99 -19.56 -37.00
N LYS R 89 2.41 -18.49 -36.32
CA LYS R 89 2.76 -18.54 -34.91
C LYS R 89 2.28 -17.28 -34.21
N ASP R 90 1.51 -17.45 -33.12
CA ASP R 90 1.04 -16.37 -32.24
C ASP R 90 0.24 -15.32 -32.99
N GLY R 91 -0.66 -15.76 -33.86
CA GLY R 91 -1.52 -14.86 -34.60
C GLY R 91 -0.86 -14.15 -35.78
N LYS R 92 0.39 -14.46 -36.10
CA LYS R 92 1.12 -13.81 -37.18
C LYS R 92 1.60 -14.84 -38.18
N ILE R 93 1.86 -14.36 -39.40
CA ILE R 93 2.51 -15.19 -40.42
C ILE R 93 4.00 -15.27 -40.05
N ALA R 94 4.47 -16.46 -39.72
CA ALA R 94 5.84 -16.63 -39.24
C ALA R 94 6.82 -16.99 -40.35
N GLY R 95 6.37 -17.68 -41.39
CA GLY R 95 7.28 -18.11 -42.44
C GLY R 95 6.53 -18.53 -43.69
N ILE R 96 7.16 -18.31 -44.83
CA ILE R 96 6.65 -18.74 -46.13
C ILE R 96 7.80 -19.44 -46.84
N GLY R 97 7.66 -20.74 -47.07
CA GLY R 97 8.74 -21.53 -47.63
C GLY R 97 8.51 -23.03 -47.65
N LYS R 98 9.48 -23.82 -47.19
CA LYS R 98 9.40 -25.27 -47.33
C LYS R 98 8.79 -25.96 -46.12
N GLY R 99 9.41 -25.86 -44.95
CA GLY R 99 8.82 -26.46 -43.76
C GLY R 99 8.98 -27.97 -43.59
N GLY R 100 9.18 -28.42 -42.37
CA GLY R 100 9.35 -29.84 -42.10
C GLY R 100 10.22 -30.06 -40.86
N ASN R 101 11.05 -31.10 -40.93
CA ASN R 101 11.90 -31.53 -39.82
C ASN R 101 13.34 -31.59 -40.30
N LYS R 102 14.19 -30.75 -39.71
CA LYS R 102 15.61 -30.69 -40.09
C LYS R 102 16.37 -31.95 -39.73
N ASP R 103 15.87 -32.76 -38.79
CA ASP R 103 16.53 -34.02 -38.45
C ASP R 103 16.48 -35.03 -39.61
N MET R 104 15.49 -34.92 -40.49
CA MET R 104 15.31 -35.89 -41.57
C MET R 104 15.25 -35.29 -42.98
N GLN R 105 15.19 -33.97 -43.14
CA GLN R 105 14.99 -33.34 -44.44
C GLN R 105 15.95 -32.17 -44.60
N ASP R 106 16.23 -31.81 -45.85
CA ASP R 106 17.36 -30.93 -46.15
C ASP R 106 17.08 -29.46 -45.85
N GLY R 107 16.19 -28.82 -46.61
CA GLY R 107 16.15 -27.37 -46.60
C GLY R 107 15.17 -26.69 -45.66
N VAL R 108 15.23 -26.99 -44.36
CA VAL R 108 14.25 -26.51 -43.39
C VAL R 108 14.90 -25.46 -42.51
N LYS R 109 14.39 -24.23 -42.56
CA LYS R 109 14.86 -23.16 -41.69
C LYS R 109 14.13 -23.19 -40.35
N ASN R 110 14.69 -22.45 -39.37
CA ASN R 110 14.22 -22.52 -37.98
C ASN R 110 12.80 -21.97 -37.81
N ASN R 111 12.41 -20.98 -38.60
CA ASN R 111 11.08 -20.39 -38.48
C ASN R 111 9.99 -21.21 -39.16
N LEU R 112 10.32 -22.33 -39.82
CA LEU R 112 9.33 -23.21 -40.40
C LEU R 112 9.41 -24.62 -39.83
N SER R 113 9.80 -24.74 -38.56
CA SER R 113 9.95 -26.03 -37.91
C SER R 113 8.58 -26.57 -37.47
N VAL R 114 8.31 -27.81 -37.82
CA VAL R 114 7.07 -28.50 -37.47
C VAL R 114 7.34 -29.39 -36.26
N GLY R 115 6.52 -29.25 -35.22
CA GLY R 115 6.72 -30.02 -34.00
C GLY R 115 5.44 -30.55 -33.39
N PRO R 116 5.54 -31.06 -32.14
CA PRO R 116 4.35 -31.59 -31.46
C PRO R 116 3.27 -30.54 -31.17
N ALA R 117 3.61 -29.25 -31.12
CA ALA R 117 2.59 -28.22 -30.88
C ALA R 117 1.87 -27.79 -32.15
N THR R 118 2.22 -28.33 -33.32
CA THR R 118 1.70 -27.86 -34.60
C THR R 118 0.45 -28.61 -35.03
N GLU R 119 -0.54 -27.86 -35.53
CA GLU R 119 -1.72 -28.37 -36.23
C GLU R 119 -1.53 -28.24 -37.74
N ALA R 120 -2.12 -29.16 -38.51
CA ALA R 120 -1.97 -29.22 -39.96
C ALA R 120 -3.27 -28.89 -40.69
N LEU R 121 -3.15 -28.18 -41.81
CA LEU R 121 -4.26 -27.84 -42.70
C LEU R 121 -3.82 -28.08 -44.15
N ALA R 122 -4.56 -28.90 -44.88
CA ALA R 122 -4.17 -29.31 -46.22
C ALA R 122 -4.62 -28.28 -47.24
N GLY R 123 -3.66 -27.66 -47.93
CA GLY R 123 -3.96 -26.69 -48.97
C GLY R 123 -3.68 -27.13 -50.39
N GLU R 124 -3.44 -28.42 -50.63
CA GLU R 124 -3.12 -28.88 -51.97
C GLU R 124 -4.35 -28.78 -52.88
N GLY R 125 -4.18 -28.14 -54.03
CA GLY R 125 -5.25 -27.84 -54.94
C GLY R 125 -6.07 -26.61 -54.61
N LEU R 126 -5.68 -25.83 -53.59
CA LEU R 126 -6.44 -24.66 -53.17
C LEU R 126 -5.62 -23.39 -53.32
N ILE R 127 -6.32 -22.25 -53.30
CA ILE R 127 -5.72 -20.93 -53.45
C ILE R 127 -5.87 -20.17 -52.14
N VAL R 128 -4.79 -19.52 -51.70
CA VAL R 128 -4.80 -18.67 -50.51
C VAL R 128 -4.61 -17.21 -50.95
N THR R 129 -5.50 -16.33 -50.49
CA THR R 129 -5.33 -14.88 -50.64
C THR R 129 -5.48 -14.21 -49.28
N ALA R 130 -5.09 -12.94 -49.22
CA ALA R 130 -5.38 -12.10 -48.07
C ALA R 130 -6.86 -11.77 -48.01
N GLY R 131 -7.34 -11.47 -46.81
CA GLY R 131 -8.70 -11.02 -46.65
C GLY R 131 -8.93 -9.65 -47.27
N GLY R 132 -10.15 -9.43 -47.77
CA GLY R 132 -10.49 -8.16 -48.37
C GLY R 132 -10.72 -7.05 -47.36
N ILE R 133 -10.59 -5.81 -47.83
CA ILE R 133 -10.74 -4.62 -47.00
C ILE R 133 -11.72 -3.67 -47.68
N ASP R 134 -12.85 -3.42 -47.02
CA ASP R 134 -13.92 -2.57 -47.56
C ASP R 134 -13.93 -1.25 -46.80
N THR R 135 -13.76 -0.14 -47.52
CA THR R 135 -13.57 1.17 -46.91
C THR R 135 -14.75 2.12 -47.08
N HIS R 136 -15.90 1.65 -47.52
CA HIS R 136 -17.07 2.51 -47.75
C HIS R 136 -18.32 1.87 -47.12
N ILE R 137 -18.24 1.59 -45.83
CA ILE R 137 -19.34 0.93 -45.12
C ILE R 137 -20.23 1.98 -44.46
N HIS R 138 -21.54 1.92 -44.74
CA HIS R 138 -22.55 2.58 -43.93
C HIS R 138 -23.01 1.60 -42.86
N PHE R 139 -22.79 1.92 -41.58
CA PHE R 139 -23.16 1.02 -40.49
C PHE R 139 -24.65 1.16 -40.17
N ILE R 140 -25.46 0.66 -41.09
CA ILE R 140 -26.91 0.77 -41.01
C ILE R 140 -27.51 -0.37 -40.19
N SER R 141 -27.05 -1.60 -40.39
CA SER R 141 -27.50 -2.76 -39.62
C SER R 141 -26.35 -3.70 -39.31
N PRO R 142 -26.35 -4.33 -38.13
CA PRO R 142 -25.28 -5.29 -37.80
C PRO R 142 -25.24 -6.53 -38.69
N GLN R 143 -26.34 -6.85 -39.37
CA GLN R 143 -26.40 -8.04 -40.22
C GLN R 143 -25.57 -7.90 -41.50
N GLN R 144 -25.07 -6.70 -41.82
CA GLN R 144 -24.13 -6.53 -42.92
C GLN R 144 -22.83 -7.30 -42.67
N ILE R 145 -22.40 -7.35 -41.39
CA ILE R 145 -21.09 -7.92 -41.07
C ILE R 145 -20.96 -9.41 -41.37
N PRO R 146 -21.91 -10.30 -40.98
CA PRO R 146 -21.77 -11.70 -41.44
C PRO R 146 -21.90 -11.89 -42.94
N THR R 147 -22.68 -11.04 -43.62
CA THR R 147 -22.78 -11.12 -45.08
C THR R 147 -21.44 -10.80 -45.75
N ALA R 148 -20.75 -9.76 -45.26
CA ALA R 148 -19.43 -9.43 -45.80
C ALA R 148 -18.40 -10.49 -45.45
N PHE R 149 -18.50 -11.07 -44.24
CA PHE R 149 -17.54 -12.09 -43.80
C PHE R 149 -17.60 -13.34 -44.67
N ALA R 150 -18.81 -13.79 -45.02
CA ALA R 150 -18.97 -14.97 -45.85
C ALA R 150 -18.51 -14.75 -47.29
N SER R 151 -18.43 -13.52 -47.76
CA SER R 151 -17.94 -13.25 -49.11
C SER R 151 -16.42 -13.14 -49.18
N GLY R 152 -15.72 -13.09 -48.06
CA GLY R 152 -14.28 -13.00 -48.02
C GLY R 152 -13.68 -11.67 -47.58
N VAL R 153 -14.44 -10.80 -46.93
CA VAL R 153 -13.95 -9.52 -46.43
C VAL R 153 -13.69 -9.65 -44.93
N THR R 154 -12.49 -9.24 -44.49
CA THR R 154 -12.13 -9.36 -43.09
C THR R 154 -11.82 -8.04 -42.38
N THR R 155 -11.92 -6.90 -43.06
CA THR R 155 -11.80 -5.59 -42.42
C THR R 155 -12.87 -4.65 -42.99
N MET R 156 -13.58 -3.93 -42.12
CA MET R 156 -14.61 -2.99 -42.55
C MET R 156 -14.34 -1.62 -41.92
N ILE R 157 -14.25 -0.60 -42.75
CA ILE R 157 -14.02 0.78 -42.34
C ILE R 157 -15.17 1.64 -42.85
N GLY R 158 -15.77 2.43 -41.94
CA GLY R 158 -16.86 3.32 -42.30
C GLY R 158 -17.38 4.14 -41.14
N GLY R 159 -18.68 4.45 -41.13
CA GLY R 159 -19.26 5.21 -40.04
C GLY R 159 -20.76 5.06 -39.96
N GLY R 160 -21.31 5.38 -38.80
CA GLY R 160 -22.74 5.40 -38.63
C GLY R 160 -23.15 4.99 -37.22
N THR R 161 -24.47 5.07 -36.98
CA THR R 161 -25.04 4.78 -35.67
C THR R 161 -26.25 3.84 -35.71
N GLY R 162 -26.49 3.15 -36.83
CA GLY R 162 -27.69 2.37 -36.99
C GLY R 162 -28.62 2.98 -38.02
N PRO R 163 -29.90 2.61 -38.02
CA PRO R 163 -30.77 2.99 -39.15
C PRO R 163 -31.32 4.42 -39.13
N ALA R 164 -30.65 5.35 -38.43
CA ALA R 164 -31.04 6.75 -38.48
C ALA R 164 -30.81 7.35 -39.88
N ASP R 165 -31.49 8.47 -40.13
CA ASP R 165 -31.49 9.09 -41.45
C ASP R 165 -30.12 9.65 -41.82
N GLY R 166 -29.34 10.13 -40.84
CA GLY R 166 -27.99 10.59 -41.11
C GLY R 166 -27.07 9.47 -41.56
N THR R 167 -27.19 8.28 -40.95
CA THR R 167 -26.38 7.14 -41.35
C THR R 167 -26.83 6.56 -42.69
N ASN R 168 -28.14 6.62 -42.97
CA ASN R 168 -28.68 6.12 -44.24
C ASN R 168 -28.10 6.88 -45.44
N ALA R 169 -27.67 8.12 -45.24
CA ALA R 169 -27.04 8.91 -46.28
C ALA R 169 -25.51 8.93 -46.20
N THR R 170 -24.92 8.97 -45.01
CA THR R 170 -23.50 9.30 -44.84
C THR R 170 -22.78 8.26 -43.97
N THR R 171 -21.47 8.11 -44.21
CA THR R 171 -20.61 7.20 -43.42
C THR R 171 -19.95 7.95 -42.25
N ILE R 172 -20.78 8.39 -41.30
CA ILE R 172 -20.34 9.31 -40.25
C ILE R 172 -20.84 8.84 -38.89
N THR R 173 -19.91 8.72 -37.93
CA THR R 173 -20.24 8.53 -36.51
C THR R 173 -19.90 9.83 -35.78
N PRO R 174 -20.88 10.70 -35.49
CA PRO R 174 -20.55 12.05 -35.00
C PRO R 174 -20.37 12.16 -33.50
N GLY R 175 -19.21 12.63 -33.06
CA GLY R 175 -19.00 13.03 -31.68
C GLY R 175 -18.49 11.91 -30.78
N ARG R 176 -17.96 12.33 -29.63
CA ARG R 176 -17.29 11.44 -28.69
C ARG R 176 -18.24 10.39 -28.11
N ARG R 177 -19.47 10.80 -27.75
CA ARG R 177 -20.41 9.86 -27.13
C ARG R 177 -20.88 8.78 -28.11
N ASN R 178 -21.18 9.16 -29.35
CA ASN R 178 -21.58 8.18 -30.35
C ASN R 178 -20.42 7.26 -30.75
N LEU R 179 -19.19 7.80 -30.76
CA LEU R 179 -18.01 6.96 -30.97
C LEU R 179 -17.84 5.94 -29.85
N LYS R 180 -18.12 6.35 -28.59
CA LYS R 180 -18.08 5.41 -27.47
C LYS R 180 -19.11 4.29 -27.62
N TRP R 181 -20.34 4.65 -28.05
CA TRP R 181 -21.38 3.65 -28.32
C TRP R 181 -20.92 2.61 -29.35
N MET R 182 -20.39 3.08 -30.49
CA MET R 182 -20.01 2.14 -31.55
C MET R 182 -18.78 1.30 -31.17
N LEU R 183 -17.80 1.90 -30.49
CA LEU R 183 -16.62 1.14 -30.07
C LEU R 183 -16.97 0.08 -29.03
N ARG R 184 -17.90 0.36 -28.13
CA ARG R 184 -18.30 -0.68 -27.18
C ARG R 184 -19.20 -1.74 -27.82
N ALA R 185 -19.99 -1.37 -28.84
CA ALA R 185 -20.77 -2.38 -29.55
C ALA R 185 -19.88 -3.29 -30.40
N ALA R 186 -18.72 -2.78 -30.85
CA ALA R 186 -17.83 -3.52 -31.75
C ALA R 186 -17.25 -4.81 -31.15
N GLU R 187 -17.30 -4.97 -29.82
CA GLU R 187 -16.80 -6.17 -29.15
C GLU R 187 -17.58 -7.45 -29.51
N GLU R 188 -18.75 -7.32 -30.13
CA GLU R 188 -19.57 -8.46 -30.51
C GLU R 188 -18.98 -9.28 -31.66
N TYR R 189 -18.32 -8.63 -32.63
CA TYR R 189 -18.26 -9.14 -34.00
C TYR R 189 -16.94 -9.80 -34.37
N SER R 190 -17.00 -10.63 -35.42
CA SER R 190 -15.83 -11.27 -36.03
C SER R 190 -15.46 -10.51 -37.30
N MET R 191 -14.78 -9.37 -37.12
CA MET R 191 -14.40 -8.44 -38.18
C MET R 191 -13.48 -7.38 -37.58
N ASN R 192 -12.39 -7.05 -38.28
CA ASN R 192 -11.62 -5.86 -37.92
C ASN R 192 -12.41 -4.60 -38.29
N LEU R 193 -12.41 -3.59 -37.41
CA LEU R 193 -13.29 -2.44 -37.57
C LEU R 193 -12.56 -1.12 -37.30
N GLY R 194 -12.99 -0.08 -38.01
CA GLY R 194 -12.53 1.29 -37.75
C GLY R 194 -13.58 2.30 -38.17
N PHE R 195 -13.65 3.42 -37.44
CA PHE R 195 -14.77 4.35 -37.57
C PHE R 195 -14.32 5.75 -38.00
N LEU R 196 -15.12 6.38 -38.86
CA LEU R 196 -14.89 7.72 -39.36
C LEU R 196 -15.80 8.74 -38.67
N ALA R 197 -15.29 9.95 -38.47
CA ALA R 197 -15.99 11.02 -37.76
C ALA R 197 -16.52 12.08 -38.74
N LYS R 198 -17.23 13.07 -38.19
CA LYS R 198 -17.84 14.12 -39.01
C LYS R 198 -16.80 15.20 -39.33
N GLY R 199 -16.57 15.42 -40.62
CA GLY R 199 -15.64 16.45 -41.05
C GLY R 199 -16.28 17.76 -41.47
N ASN R 200 -17.61 17.79 -41.52
CA ASN R 200 -18.36 18.97 -41.98
C ASN R 200 -18.55 19.96 -40.82
N THR R 201 -17.48 20.66 -40.49
CA THR R 201 -17.54 21.79 -39.56
C THR R 201 -16.33 22.69 -39.79
N SER R 202 -16.46 23.94 -39.35
CA SER R 202 -15.36 24.89 -39.37
C SER R 202 -14.80 25.17 -37.98
N ASN R 203 -15.15 24.36 -36.98
CA ASN R 203 -14.66 24.50 -35.62
C ASN R 203 -13.52 23.51 -35.41
N ASP R 204 -12.30 24.01 -35.21
CA ASP R 204 -11.12 23.15 -35.10
C ASP R 204 -11.15 22.30 -33.84
N ALA R 205 -11.66 22.86 -32.74
CA ALA R 205 -11.73 22.12 -31.48
C ALA R 205 -12.69 20.94 -31.55
N SER R 206 -13.82 21.12 -32.25
CA SER R 206 -14.76 20.01 -32.44
C SER R 206 -14.16 18.92 -33.32
N LEU R 207 -13.39 19.31 -34.34
CA LEU R 207 -12.71 18.34 -35.20
C LEU R 207 -11.67 17.54 -34.42
N ALA R 208 -10.87 18.21 -33.60
CA ALA R 208 -9.79 17.54 -32.88
C ALA R 208 -10.31 16.61 -31.80
N ASP R 209 -11.42 16.95 -31.14
CA ASP R 209 -11.91 16.11 -30.04
C ASP R 209 -12.43 14.76 -30.54
N GLN R 210 -12.96 14.70 -31.76
CA GLN R 210 -13.41 13.41 -32.32
C GLN R 210 -12.23 12.48 -32.59
N ILE R 211 -11.10 13.02 -33.05
CA ILE R 211 -9.92 12.19 -33.29
C ILE R 211 -9.37 11.63 -31.99
N GLU R 212 -9.33 12.47 -30.94
CA GLU R 212 -8.90 11.99 -29.62
C GLU R 212 -9.87 11.01 -29.01
N ALA R 213 -11.14 11.01 -29.43
CA ALA R 213 -12.12 10.06 -28.92
C ALA R 213 -12.06 8.71 -29.62
N GLY R 214 -11.21 8.54 -30.63
CA GLY R 214 -11.00 7.22 -31.20
C GLY R 214 -11.17 7.04 -32.70
N ALA R 215 -11.58 8.08 -33.42
CA ALA R 215 -11.81 7.94 -34.86
C ALA R 215 -10.49 7.84 -35.63
N ILE R 216 -10.52 7.15 -36.77
CA ILE R 216 -9.35 7.01 -37.62
C ILE R 216 -9.34 7.98 -38.80
N GLY R 217 -10.31 8.88 -38.89
CA GLY R 217 -10.34 9.83 -39.98
C GLY R 217 -11.66 10.57 -40.04
N PHE R 218 -11.80 11.39 -41.09
CA PHE R 218 -13.02 12.16 -41.34
C PHE R 218 -13.70 11.78 -42.65
N ILE R 220 -16.32 13.83 -45.29
CA ILE R 220 -16.99 15.08 -45.62
C ILE R 220 -18.09 14.78 -46.64
N HIS R 221 -19.34 15.04 -46.27
CA HIS R 221 -20.48 14.63 -47.09
C HIS R 221 -21.39 15.82 -47.36
N GLU R 222 -21.92 15.89 -48.58
CA GLU R 222 -22.68 17.05 -49.03
C GLU R 222 -24.01 17.23 -48.29
N ASP R 223 -24.56 16.16 -47.71
CA ASP R 223 -25.79 16.30 -46.94
C ASP R 223 -25.58 17.02 -45.61
N TRP R 224 -24.39 17.00 -45.06
CA TRP R 224 -24.03 17.86 -43.93
C TRP R 224 -23.38 19.16 -44.38
N GLY R 225 -23.18 19.35 -45.69
CA GLY R 225 -22.68 20.58 -46.25
C GLY R 225 -21.19 20.55 -46.59
N THR R 226 -20.86 20.28 -47.85
CA THR R 226 -19.46 20.25 -48.30
C THR R 226 -19.16 21.61 -48.93
N THR R 227 -18.60 22.49 -48.12
CA THR R 227 -18.17 23.82 -48.52
C THR R 227 -16.65 23.87 -48.52
N PRO R 228 -16.05 24.81 -49.27
CA PRO R 228 -14.57 24.93 -49.23
C PRO R 228 -13.98 25.24 -47.85
N SER R 229 -14.71 25.97 -47.00
CA SER R 229 -14.26 26.26 -45.64
C SER R 229 -14.10 24.99 -44.81
N ALA R 230 -15.11 24.11 -44.85
CA ALA R 230 -15.06 22.86 -44.08
C ALA R 230 -13.97 21.93 -44.58
N ILE R 231 -13.76 21.88 -45.91
CA ILE R 231 -12.69 21.08 -46.51
C ILE R 231 -11.32 21.56 -46.00
N ASN R 232 -11.12 22.89 -45.98
CA ASN R 232 -9.86 23.47 -45.54
C ASN R 232 -9.57 23.18 -44.07
N HIS R 233 -10.57 23.38 -43.19
CA HIS R 233 -10.38 23.13 -41.76
C HIS R 233 -10.13 21.65 -41.45
N ALA R 234 -10.87 20.75 -42.10
CA ALA R 234 -10.70 19.32 -41.87
C ALA R 234 -9.33 18.84 -42.30
N LEU R 235 -8.84 19.33 -43.45
CA LEU R 235 -7.51 18.94 -43.91
C LEU R 235 -6.42 19.49 -42.99
N ASP R 236 -6.61 20.70 -42.44
CA ASP R 236 -5.65 21.25 -41.49
C ASP R 236 -5.55 20.39 -40.23
N VAL R 237 -6.68 19.93 -39.69
CA VAL R 237 -6.63 19.10 -38.48
C VAL R 237 -6.05 17.71 -38.79
N ALA R 238 -6.41 17.14 -39.94
CA ALA R 238 -5.91 15.82 -40.30
C ALA R 238 -4.41 15.81 -40.58
N ASP R 239 -3.85 16.94 -41.04
CA ASP R 239 -2.40 17.04 -41.16
C ASP R 239 -1.72 16.93 -39.80
N LYS R 240 -2.31 17.50 -38.77
CA LYS R 240 -1.71 17.45 -37.44
C LYS R 240 -1.88 16.10 -36.75
N TYR R 241 -2.95 15.36 -37.03
CA TYR R 241 -3.18 14.11 -36.31
C TYR R 241 -2.84 12.84 -37.08
N ASP R 242 -2.35 12.94 -38.32
CA ASP R 242 -1.95 11.81 -39.18
C ASP R 242 -3.11 10.81 -39.38
N VAL R 243 -4.22 11.32 -39.92
CA VAL R 243 -5.37 10.49 -40.28
C VAL R 243 -5.82 10.88 -41.69
N GLN R 244 -6.64 10.02 -42.29
CA GLN R 244 -7.11 10.15 -43.66
C GLN R 244 -8.42 10.94 -43.74
N VAL R 245 -8.67 11.56 -44.89
CA VAL R 245 -9.92 12.27 -45.18
C VAL R 245 -10.58 11.66 -46.41
N ALA R 246 -11.90 11.42 -46.34
CA ALA R 246 -12.71 10.99 -47.47
C ALA R 246 -13.79 12.03 -47.78
N ILE R 247 -14.20 12.13 -49.06
CA ILE R 247 -15.09 13.20 -49.48
C ILE R 247 -16.17 12.70 -50.46
N HIS R 248 -17.40 13.18 -50.25
CA HIS R 248 -18.50 13.17 -51.20
C HIS R 248 -18.77 14.65 -51.53
N THR R 249 -18.50 15.06 -52.77
CA THR R 249 -18.48 16.47 -53.12
C THR R 249 -19.88 17.01 -53.47
N ASP R 250 -19.93 18.32 -53.68
CA ASP R 250 -21.16 19.09 -53.86
C ASP R 250 -21.74 18.82 -55.25
N THR R 251 -22.81 18.03 -55.30
CA THR R 251 -23.46 17.69 -56.57
C THR R 251 -24.13 18.90 -57.21
N LEU R 252 -24.75 19.76 -56.41
CA LEU R 252 -25.56 20.87 -56.90
C LEU R 252 -24.74 22.07 -57.39
N ASN R 253 -23.40 22.03 -57.23
CA ASN R 253 -22.49 23.14 -57.56
C ASN R 253 -22.88 24.44 -56.82
N GLU R 254 -23.31 24.29 -55.57
CA GLU R 254 -23.95 25.39 -54.85
C GLU R 254 -22.94 26.49 -54.48
N ALA R 255 -21.79 26.10 -53.94
CA ALA R 255 -20.77 27.05 -53.55
C ALA R 255 -19.64 27.18 -54.57
N GLY R 256 -19.61 26.31 -55.57
CA GLY R 256 -18.53 26.31 -56.54
C GLY R 256 -18.53 25.03 -57.34
N CYS R 257 -17.65 24.98 -58.33
CA CYS R 257 -17.49 23.85 -59.22
C CYS R 257 -16.32 22.97 -58.76
N VAL R 258 -15.91 22.02 -59.61
CA VAL R 258 -14.92 21.01 -59.23
C VAL R 258 -13.55 21.66 -59.01
N GLU R 259 -13.19 22.68 -59.79
CA GLU R 259 -11.91 23.33 -59.62
C GLU R 259 -11.84 24.14 -58.32
N ASP R 260 -12.97 24.63 -57.83
CA ASP R 260 -13.01 25.29 -56.52
C ASP R 260 -12.78 24.29 -55.38
N THR R 261 -13.36 23.09 -55.50
CA THR R 261 -13.09 22.03 -54.53
C THR R 261 -11.61 21.63 -54.54
N MET R 262 -11.02 21.50 -55.73
CA MET R 262 -9.59 21.18 -55.83
C MET R 262 -8.72 22.30 -55.28
N ALA R 263 -9.14 23.56 -55.43
CA ALA R 263 -8.42 24.68 -54.84
C ALA R 263 -8.50 24.64 -53.32
N ALA R 264 -9.64 24.23 -52.76
CA ALA R 264 -9.76 24.08 -51.32
C ALA R 264 -8.88 22.94 -50.80
N ILE R 265 -8.76 21.85 -51.56
CA ILE R 265 -7.92 20.73 -51.17
C ILE R 265 -6.44 21.14 -51.14
N ALA R 266 -6.00 21.93 -52.14
CA ALA R 266 -4.70 22.60 -52.18
C ALA R 266 -3.52 21.62 -52.15
N GLY R 267 -3.61 20.54 -52.92
CA GLY R 267 -2.53 19.60 -53.07
C GLY R 267 -2.37 18.56 -51.97
N ARG R 268 -3.23 18.56 -50.97
CA ARG R 268 -3.11 17.61 -49.86
C ARG R 268 -3.81 16.28 -50.19
N THR R 269 -3.42 15.23 -49.48
CA THR R 269 -3.89 13.87 -49.77
C THR R 269 -5.38 13.70 -49.45
N MET R 270 -6.14 13.12 -50.39
CA MET R 270 -7.58 12.95 -50.25
C MET R 270 -8.05 11.66 -50.93
N HIS R 271 -8.92 10.92 -50.25
CA HIS R 271 -9.57 9.73 -50.78
C HIS R 271 -10.97 10.12 -51.27
N THR R 272 -11.26 9.87 -52.55
CA THR R 272 -12.54 10.25 -53.12
C THR R 272 -13.44 9.04 -53.30
N PHE R 273 -14.64 9.08 -52.70
CA PHE R 273 -15.62 8.03 -52.85
C PHE R 273 -16.42 8.22 -54.12
N HIS R 274 -16.78 7.11 -54.77
CA HIS R 274 -17.59 6.98 -56.00
C HIS R 274 -17.28 8.06 -57.03
N THR R 275 -16.03 8.05 -57.49
CA THR R 275 -15.46 9.15 -58.27
C THR R 275 -16.09 9.28 -59.66
N GLU R 276 -16.77 8.23 -60.14
CA GLU R 276 -17.50 8.33 -61.40
C GLU R 276 -18.65 9.33 -61.31
N GLY R 277 -19.34 9.37 -60.18
CA GLY R 277 -20.32 10.39 -59.91
C GLY R 277 -21.77 9.96 -59.87
N ALA R 278 -22.07 8.70 -60.16
CA ALA R 278 -23.45 8.22 -60.05
C ALA R 278 -23.92 8.21 -58.59
N GLY R 279 -23.02 7.94 -57.65
CA GLY R 279 -23.33 8.03 -56.24
C GLY R 279 -23.30 9.42 -55.65
N GLY R 280 -22.92 10.43 -56.43
CA GLY R 280 -22.84 11.80 -55.94
C GLY R 280 -21.54 12.47 -56.33
N GLY R 281 -21.59 13.81 -56.44
CA GLY R 281 -20.44 14.58 -56.86
C GLY R 281 -20.79 15.62 -57.89
N HIS R 282 -19.89 16.59 -58.13
CA HIS R 282 -20.05 17.73 -59.04
C HIS R 282 -20.56 17.31 -60.42
N ALA R 283 -21.77 17.73 -60.76
CA ALA R 283 -22.35 17.40 -62.06
C ALA R 283 -21.83 18.37 -63.11
N PRO R 284 -21.30 17.87 -64.24
CA PRO R 284 -21.18 16.45 -64.59
C PRO R 284 -19.76 15.89 -64.55
N ASP R 285 -18.81 16.61 -63.96
CA ASP R 285 -17.40 16.40 -64.25
C ASP R 285 -16.54 16.08 -63.02
N ILE R 286 -17.08 15.33 -62.05
CA ILE R 286 -16.28 14.94 -60.89
C ILE R 286 -15.20 13.92 -61.27
N ILE R 287 -15.41 13.16 -62.35
CA ILE R 287 -14.49 12.10 -62.77
C ILE R 287 -13.12 12.63 -63.20
N LYS R 288 -12.99 13.93 -63.48
CA LYS R 288 -11.70 14.46 -63.91
C LYS R 288 -10.65 14.50 -62.79
N VAL R 289 -11.05 14.39 -61.52
CA VAL R 289 -10.06 14.42 -60.44
C VAL R 289 -9.27 13.13 -60.32
N ALA R 290 -9.68 12.06 -61.01
CA ALA R 290 -8.98 10.79 -60.94
C ALA R 290 -7.65 10.79 -61.70
N GLY R 291 -7.34 11.85 -62.45
CA GLY R 291 -6.02 11.96 -63.03
C GLY R 291 -4.97 12.65 -62.18
N GLU R 292 -5.34 13.18 -61.02
CA GLU R 292 -4.48 14.05 -60.22
C GLU R 292 -3.53 13.24 -59.33
N HIS R 293 -2.42 13.88 -58.94
CA HIS R 293 -1.39 13.20 -58.16
C HIS R 293 -1.80 12.98 -56.71
N ASN R 294 -2.49 13.94 -56.10
CA ASN R 294 -2.80 13.85 -54.67
C ASN R 294 -4.11 13.13 -54.37
N ILE R 295 -4.81 12.63 -55.38
CA ILE R 295 -6.13 12.00 -55.20
C ILE R 295 -5.96 10.48 -55.24
N LEU R 296 -6.56 9.79 -54.26
CA LEU R 296 -6.69 8.34 -54.28
C LEU R 296 -8.12 7.99 -54.69
N PRO R 297 -8.38 7.62 -55.94
CA PRO R 297 -9.76 7.49 -56.42
C PRO R 297 -10.35 6.09 -56.27
N ALA R 298 -11.63 6.05 -55.89
CA ALA R 298 -12.34 4.80 -55.65
C ALA R 298 -13.67 4.81 -56.38
N SER R 299 -14.12 3.61 -56.76
CA SER R 299 -15.44 3.41 -57.32
C SER R 299 -16.23 2.47 -56.42
N THR R 300 -17.55 2.62 -56.43
CA THR R 300 -18.44 1.74 -55.70
C THR R 300 -19.02 0.69 -56.66
N ASN R 301 -19.39 -0.46 -56.10
CA ASN R 301 -19.81 -1.59 -56.93
C ASN R 301 -21.12 -1.55 -57.74
N PRO R 302 -22.18 -0.76 -57.48
CA PRO R 302 -23.39 -0.93 -58.31
C PRO R 302 -23.26 -0.43 -59.75
N THR R 303 -22.23 0.33 -60.08
CA THR R 303 -22.00 0.75 -61.46
C THR R 303 -21.04 -0.15 -62.23
N ILE R 304 -20.42 -1.13 -61.57
CA ILE R 304 -19.53 -2.05 -62.28
C ILE R 304 -20.04 -3.48 -62.14
N PRO R 305 -20.01 -4.30 -63.20
CA PRO R 305 -19.70 -3.90 -64.59
C PRO R 305 -20.89 -3.22 -65.26
N PHE R 306 -20.65 -2.50 -66.35
CA PHE R 306 -21.70 -1.78 -67.06
C PHE R 306 -22.53 -2.78 -67.87
N THR R 307 -23.81 -2.90 -67.52
CA THR R 307 -24.72 -3.85 -68.15
C THR R 307 -25.90 -3.11 -68.79
N VAL R 308 -26.73 -3.88 -69.51
CA VAL R 308 -27.87 -3.29 -70.19
C VAL R 308 -29.01 -2.92 -69.25
N ASN R 309 -28.99 -3.35 -68.00
CA ASN R 309 -30.01 -2.97 -67.02
C ASN R 309 -29.55 -1.86 -66.08
N THR R 310 -28.32 -1.34 -66.25
CA THR R 310 -27.71 -0.46 -65.25
C THR R 310 -28.39 0.91 -65.20
N GLU R 311 -28.60 1.51 -66.38
CA GLU R 311 -29.09 2.88 -66.47
C GLU R 311 -30.52 3.01 -65.95
N ALA R 312 -31.40 2.10 -66.37
CA ALA R 312 -32.80 2.14 -65.94
C ALA R 312 -32.94 1.90 -64.45
N GLU R 313 -32.16 0.96 -63.91
CA GLU R 313 -32.18 0.69 -62.46
C GLU R 313 -31.72 1.90 -61.66
N HIS R 314 -30.62 2.53 -62.09
CA HIS R 314 -30.12 3.70 -61.36
C HIS R 314 -31.05 4.90 -61.48
N MET R 315 -31.71 5.07 -62.64
CA MET R 315 -32.68 6.14 -62.82
C MET R 315 -33.88 5.97 -61.90
N ASP R 316 -34.41 4.74 -61.81
CA ASP R 316 -35.55 4.51 -60.93
C ASP R 316 -35.15 4.58 -59.46
N MET R 317 -33.91 4.25 -59.11
CA MET R 317 -33.44 4.47 -57.75
C MET R 317 -33.36 5.95 -57.43
N LEU R 318 -32.92 6.76 -58.40
CA LEU R 318 -32.83 8.21 -58.19
C LEU R 318 -34.21 8.84 -58.03
N MET R 319 -35.21 8.35 -58.79
CA MET R 319 -36.55 8.93 -58.68
C MET R 319 -37.21 8.63 -57.33
N VAL R 320 -36.92 7.47 -56.74
CA VAL R 320 -37.54 7.11 -55.47
C VAL R 320 -36.94 7.92 -54.32
N CYS R 321 -35.61 7.97 -54.25
CA CYS R 321 -34.94 8.53 -53.09
C CYS R 321 -35.08 10.05 -53.01
N HIS R 322 -35.12 10.73 -54.15
CA HIS R 322 -35.30 12.18 -54.16
C HIS R 322 -36.76 12.61 -54.27
N HIS R 323 -37.68 11.64 -54.41
CA HIS R 323 -39.13 11.88 -54.56
C HIS R 323 -39.42 12.80 -55.75
N LEU R 324 -38.83 12.50 -56.89
CA LEU R 324 -39.01 13.29 -58.09
C LEU R 324 -40.29 12.90 -58.81
N ASP R 325 -40.72 13.78 -59.71
CA ASP R 325 -41.91 13.56 -60.53
C ASP R 325 -41.58 13.85 -61.98
N LYS R 326 -42.06 12.99 -62.87
CA LYS R 326 -41.79 13.14 -64.30
C LYS R 326 -42.57 14.29 -64.94
N SER R 327 -43.56 14.85 -64.26
CA SER R 327 -44.35 15.93 -64.82
C SER R 327 -43.72 17.31 -64.60
N ILE R 328 -42.60 17.39 -63.89
CA ILE R 328 -41.93 18.66 -63.60
C ILE R 328 -40.65 18.73 -64.42
N LYS R 329 -40.48 19.84 -65.16
CA LYS R 329 -39.33 19.95 -66.07
C LYS R 329 -38.01 20.12 -65.34
N GLU R 330 -38.02 20.52 -64.07
CA GLU R 330 -36.77 20.68 -63.32
C GLU R 330 -36.31 19.38 -62.68
N ASP R 331 -37.22 18.50 -62.30
CA ASP R 331 -36.84 17.18 -61.81
C ASP R 331 -36.28 16.31 -62.93
N VAL R 332 -36.83 16.45 -64.13
CA VAL R 332 -36.30 15.73 -65.29
C VAL R 332 -34.92 16.25 -65.67
N GLN R 333 -34.73 17.57 -65.63
CA GLN R 333 -33.43 18.15 -65.93
C GLN R 333 -32.39 17.79 -64.88
N PHE R 334 -32.81 17.70 -63.62
CA PHE R 334 -31.90 17.26 -62.57
C PHE R 334 -31.48 15.81 -62.77
N ALA R 335 -32.43 14.93 -63.09
CA ALA R 335 -32.15 13.50 -63.20
C ALA R 335 -31.25 13.19 -64.40
N ASP R 336 -31.45 13.89 -65.52
CA ASP R 336 -30.64 13.65 -66.70
C ASP R 336 -29.22 14.17 -66.56
N SER R 337 -28.97 15.10 -65.64
CA SER R 337 -27.61 15.53 -65.36
C SER R 337 -26.91 14.65 -64.33
N ARG R 338 -27.63 13.73 -63.69
CA ARG R 338 -27.08 12.91 -62.61
C ARG R 338 -26.54 11.56 -63.09
N ILE R 339 -27.29 10.85 -63.93
CA ILE R 339 -27.00 9.44 -64.17
C ILE R 339 -25.87 9.26 -65.16
N ARG R 340 -26.00 9.83 -66.38
CA ARG R 340 -24.94 9.95 -67.39
C ARG R 340 -24.31 8.63 -67.81
N PRO R 341 -24.92 7.86 -68.72
CA PRO R 341 -24.31 6.58 -69.16
C PRO R 341 -22.94 6.70 -69.82
N GLN R 342 -22.54 7.90 -70.28
CA GLN R 342 -21.22 8.10 -70.88
C GLN R 342 -20.10 7.89 -69.86
N THR R 343 -20.19 8.54 -68.69
CA THR R 343 -19.16 8.37 -67.67
C THR R 343 -19.20 6.98 -67.04
N ILE R 344 -20.39 6.40 -66.90
CA ILE R 344 -20.55 5.04 -66.41
C ILE R 344 -19.86 4.05 -67.33
N ALA R 345 -20.01 4.24 -68.65
CA ALA R 345 -19.31 3.41 -69.61
C ALA R 345 -17.80 3.63 -69.56
N ALA R 346 -17.36 4.87 -69.29
CA ALA R 346 -15.92 5.14 -69.23
C ALA R 346 -15.25 4.52 -68.00
N GLU R 347 -16.02 4.28 -66.93
CA GLU R 347 -15.47 3.83 -65.65
C GLU R 347 -14.78 2.46 -65.74
N ASP R 348 -15.37 1.51 -66.48
CA ASP R 348 -14.78 0.17 -66.63
C ASP R 348 -13.41 0.24 -67.31
N THR R 349 -13.31 1.01 -68.39
CA THR R 349 -12.05 1.15 -69.11
C THR R 349 -11.01 1.87 -68.26
N LEU R 350 -11.44 2.86 -67.47
CA LEU R 350 -10.50 3.52 -66.56
C LEU R 350 -10.00 2.57 -65.48
N HIS R 351 -10.84 1.63 -65.03
CA HIS R 351 -10.36 0.58 -64.13
C HIS R 351 -9.33 -0.32 -64.81
N ASP R 352 -9.54 -0.64 -66.09
CA ASP R 352 -8.59 -1.51 -66.79
C ASP R 352 -7.25 -0.83 -67.07
N MET R 353 -7.21 0.50 -67.11
CA MET R 353 -5.99 1.25 -67.37
C MET R 353 -5.18 1.54 -66.11
N GLY R 354 -5.70 1.22 -64.93
CA GLY R 354 -5.03 1.58 -63.69
C GLY R 354 -5.19 3.02 -63.26
N ILE R 355 -6.23 3.70 -63.73
CA ILE R 355 -6.51 5.07 -63.32
C ILE R 355 -7.40 5.11 -62.08
N PHE R 356 -8.37 4.20 -61.96
CA PHE R 356 -9.05 3.96 -60.70
C PHE R 356 -8.29 2.87 -59.94
N SER R 357 -8.17 3.02 -58.62
CA SER R 357 -7.27 2.17 -57.85
C SER R 357 -7.92 1.38 -56.73
N ILE R 358 -9.16 1.69 -56.32
CA ILE R 358 -9.83 1.05 -55.18
C ILE R 358 -11.27 0.73 -55.57
N THR R 359 -11.76 -0.44 -55.17
CA THR R 359 -13.18 -0.77 -55.23
C THR R 359 -13.76 -0.92 -53.83
N SER R 360 -15.06 -0.65 -53.69
CA SER R 360 -15.73 -0.65 -52.39
C SER R 360 -17.22 -0.91 -52.58
N SER R 361 -17.97 -0.87 -51.48
CA SER R 361 -19.37 -1.31 -51.50
C SER R 361 -20.38 -0.17 -51.56
N ASP R 362 -20.31 0.82 -50.65
CA ASP R 362 -21.38 1.79 -50.33
C ASP R 362 -22.64 1.07 -49.82
N SER R 363 -22.44 0.34 -48.70
CA SER R 363 -23.35 -0.72 -48.28
C SER R 363 -24.72 -0.21 -47.82
N GLN R 364 -25.78 -0.77 -48.41
CA GLN R 364 -27.20 -0.43 -48.17
C GLN R 364 -27.53 1.05 -48.42
N ALA R 365 -26.66 1.75 -49.17
CA ALA R 365 -26.80 3.15 -49.50
C ALA R 365 -26.40 3.36 -50.97
N MET R 366 -27.05 2.61 -51.86
CA MET R 366 -26.66 2.36 -53.26
C MET R 366 -25.34 1.58 -53.32
N GLY R 367 -25.41 0.35 -52.85
CA GLY R 367 -24.33 -0.61 -53.00
C GLY R 367 -24.55 -1.90 -52.23
N ARG R 368 -23.83 -2.95 -52.59
CA ARG R 368 -24.12 -4.32 -52.12
C ARG R 368 -22.89 -4.88 -51.40
N VAL R 369 -23.04 -5.09 -50.08
CA VAL R 369 -21.90 -5.38 -49.22
C VAL R 369 -21.32 -6.78 -49.44
N GLY R 370 -22.09 -7.70 -50.00
CA GLY R 370 -21.55 -9.03 -50.26
C GLY R 370 -21.05 -9.27 -51.67
N GLU R 371 -20.82 -8.21 -52.45
CA GLU R 371 -20.54 -8.38 -53.87
C GLU R 371 -19.32 -7.60 -54.38
N VAL R 372 -18.47 -7.07 -53.50
CA VAL R 372 -17.33 -6.25 -53.93
C VAL R 372 -16.33 -7.08 -54.73
N ILE R 373 -15.93 -8.24 -54.18
CA ILE R 373 -14.93 -9.11 -54.81
C ILE R 373 -15.49 -9.69 -56.11
N THR R 374 -16.74 -10.14 -56.10
CA THR R 374 -17.38 -10.73 -57.27
C THR R 374 -17.50 -9.71 -58.41
N ARG R 375 -17.91 -8.48 -58.11
CA ARG R 375 -18.06 -7.50 -59.18
C ARG R 375 -16.70 -7.01 -59.69
N THR R 376 -15.66 -7.01 -58.84
CA THR R 376 -14.30 -6.74 -59.31
C THR R 376 -13.86 -7.76 -60.36
N TRP R 377 -14.07 -9.05 -60.07
CA TRP R 377 -13.62 -10.06 -61.03
C TRP R 377 -14.52 -10.12 -62.27
N GLN R 378 -15.80 -9.80 -62.14
CA GLN R 378 -16.68 -9.66 -63.30
C GLN R 378 -16.21 -8.55 -64.24
N THR R 379 -15.78 -7.43 -63.67
CA THR R 379 -15.26 -6.33 -64.47
C THR R 379 -13.95 -6.72 -65.18
N ALA R 380 -13.06 -7.43 -64.47
CA ALA R 380 -11.82 -7.90 -65.09
C ALA R 380 -12.10 -8.85 -66.26
N ASP R 381 -13.06 -9.76 -66.09
CA ASP R 381 -13.41 -10.72 -67.15
C ASP R 381 -14.04 -10.02 -68.36
N LYS R 382 -14.93 -9.05 -68.12
CA LYS R 382 -15.54 -8.30 -69.22
C LYS R 382 -14.50 -7.49 -69.98
N ASN R 383 -13.55 -6.88 -69.28
CA ASN R 383 -12.50 -6.12 -69.96
C ASN R 383 -11.55 -7.03 -70.75
N LYS R 384 -11.28 -8.25 -70.26
CA LYS R 384 -10.47 -9.16 -71.06
C LYS R 384 -11.22 -9.62 -72.31
N LYS R 385 -12.53 -9.84 -72.20
CA LYS R 385 -13.31 -10.22 -73.37
C LYS R 385 -13.40 -9.08 -74.40
N GLU R 386 -13.43 -7.83 -73.95
CA GLU R 386 -13.56 -6.72 -74.89
C GLU R 386 -12.22 -6.25 -75.47
N PHE R 387 -11.19 -6.05 -74.65
CA PHE R 387 -9.94 -5.45 -75.10
C PHE R 387 -8.80 -6.45 -75.26
N GLY R 388 -9.01 -7.72 -74.95
CA GLY R 388 -7.97 -8.71 -75.10
C GLY R 388 -6.95 -8.69 -73.98
N ARG R 389 -5.91 -9.50 -74.17
CA ARG R 389 -4.84 -9.63 -73.20
C ARG R 389 -4.00 -8.36 -73.16
N LEU R 390 -3.60 -7.95 -71.95
CA LEU R 390 -2.84 -6.72 -71.76
C LEU R 390 -1.44 -6.83 -72.39
N LYS R 391 -0.90 -5.68 -72.77
CA LYS R 391 0.41 -5.64 -73.40
C LYS R 391 1.55 -5.81 -72.39
N GLU R 392 1.27 -5.65 -71.10
CA GLU R 392 2.29 -5.81 -70.07
C GLU R 392 2.50 -7.27 -69.67
N GLU R 393 1.76 -8.21 -70.24
CA GLU R 393 1.86 -9.60 -69.85
C GLU R 393 3.16 -10.22 -70.37
N LYS R 394 3.71 -11.12 -69.56
CA LYS R 394 4.90 -11.91 -69.91
C LYS R 394 4.48 -13.37 -69.96
N GLY R 395 4.34 -13.90 -71.17
CA GLY R 395 3.92 -15.28 -71.33
C GLY R 395 2.44 -15.39 -71.64
N ASP R 396 2.00 -16.64 -71.77
CA ASP R 396 0.63 -16.95 -72.17
C ASP R 396 -0.25 -17.11 -70.92
N ASN R 397 -0.42 -16.00 -70.21
CA ASN R 397 -1.22 -15.98 -69.00
C ASN R 397 -1.76 -14.57 -68.78
N ASP R 398 -2.49 -14.39 -67.69
CA ASP R 398 -3.10 -13.12 -67.34
C ASP R 398 -2.63 -12.61 -65.97
N ASN R 399 -1.37 -12.87 -65.61
CA ASN R 399 -0.90 -12.62 -64.24
C ASN R 399 -0.87 -11.13 -63.89
N PHE R 400 -0.49 -10.28 -64.85
CA PHE R 400 -0.45 -8.83 -64.59
C PHE R 400 -1.84 -8.27 -64.32
N ARG R 401 -2.84 -8.68 -65.12
CA ARG R 401 -4.21 -8.21 -64.90
C ARG R 401 -4.77 -8.74 -63.58
N ILE R 402 -4.42 -9.98 -63.22
CA ILE R 402 -4.85 -10.56 -61.96
C ILE R 402 -4.29 -9.77 -60.77
N LYS R 403 -3.01 -9.42 -60.82
CA LYS R 403 -2.41 -8.61 -59.75
C LYS R 403 -3.03 -7.20 -59.70
N ARG R 404 -3.28 -6.59 -60.86
CA ARG R 404 -3.87 -5.25 -60.92
C ARG R 404 -5.27 -5.22 -60.29
N TYR R 405 -6.11 -6.20 -60.61
CA TYR R 405 -7.45 -6.20 -60.04
C TYR R 405 -7.48 -6.70 -58.59
N LEU R 406 -6.57 -7.59 -58.20
CA LEU R 406 -6.52 -8.06 -56.81
C LEU R 406 -6.07 -6.94 -55.87
N SER R 407 -5.18 -6.05 -56.34
CA SER R 407 -4.72 -4.93 -55.51
C SER R 407 -5.83 -3.94 -55.16
N LYS R 408 -6.91 -3.90 -55.95
CA LYS R 408 -7.97 -2.91 -55.74
C LYS R 408 -8.75 -3.12 -54.44
N TYR R 409 -8.85 -4.36 -53.95
CA TYR R 409 -9.55 -4.59 -52.70
C TYR R 409 -8.69 -5.16 -51.59
N THR R 410 -7.38 -5.34 -51.78
CA THR R 410 -6.54 -5.81 -50.69
C THR R 410 -5.49 -4.79 -50.25
N ILE R 411 -4.51 -4.47 -51.07
CA ILE R 411 -3.35 -3.72 -50.57
C ILE R 411 -3.57 -2.21 -50.68
N ASN R 412 -4.24 -1.74 -51.75
CA ASN R 412 -4.43 -0.30 -51.94
C ASN R 412 -5.34 0.36 -50.88
N PRO R 413 -6.51 -0.19 -50.50
CA PRO R 413 -7.24 0.44 -49.38
C PRO R 413 -6.51 0.38 -48.04
N ALA R 414 -5.70 -0.66 -47.81
CA ALA R 414 -4.89 -0.75 -46.60
C ALA R 414 -3.83 0.35 -46.55
N ILE R 415 -3.20 0.64 -47.69
CA ILE R 415 -2.26 1.76 -47.77
C ILE R 415 -2.97 3.08 -47.57
N ALA R 416 -4.16 3.23 -48.17
CA ALA R 416 -4.90 4.49 -48.11
C ALA R 416 -5.35 4.83 -46.69
N HIS R 417 -5.69 3.84 -45.88
CA HIS R 417 -6.11 4.15 -44.52
C HIS R 417 -5.05 3.83 -43.47
N GLY R 418 -3.81 3.63 -43.89
CA GLY R 418 -2.69 3.51 -42.98
C GLY R 418 -2.65 2.28 -42.10
N ILE R 419 -3.08 1.13 -42.61
CA ILE R 419 -3.05 -0.13 -41.87
C ILE R 419 -2.24 -1.20 -42.61
N SER R 420 -1.44 -0.80 -43.60
CA SER R 420 -0.73 -1.78 -44.42
C SER R 420 0.44 -2.45 -43.69
N GLU R 421 0.84 -1.96 -42.51
CA GLU R 421 1.81 -2.72 -41.74
C GLU R 421 1.19 -3.94 -41.05
N TYR R 422 -0.13 -4.00 -40.95
CA TYR R 422 -0.82 -5.09 -40.28
C TYR R 422 -1.50 -6.07 -41.23
N VAL R 423 -2.28 -5.58 -42.20
CA VAL R 423 -3.11 -6.41 -43.05
C VAL R 423 -2.88 -6.02 -44.51
N GLY R 424 -3.55 -6.76 -45.41
CA GLY R 424 -3.58 -6.42 -46.82
C GLY R 424 -2.83 -7.36 -47.76
N SER R 425 -1.96 -8.24 -47.25
CA SER R 425 -1.19 -9.12 -48.13
C SER R 425 -0.69 -10.32 -47.33
N VAL R 426 -0.17 -11.30 -48.06
CA VAL R 426 0.38 -12.53 -47.48
C VAL R 426 1.89 -12.33 -47.39
N GLU R 427 2.36 -11.79 -46.26
CA GLU R 427 3.78 -11.54 -46.04
C GLU R 427 4.15 -11.90 -44.60
N VAL R 428 5.43 -12.21 -44.40
CA VAL R 428 5.95 -12.57 -43.08
C VAL R 428 5.89 -11.35 -42.15
N GLY R 429 5.32 -11.54 -40.97
CA GLY R 429 5.18 -10.50 -39.98
C GLY R 429 3.82 -9.83 -39.92
N LYS R 430 2.94 -10.10 -40.88
CA LYS R 430 1.61 -9.51 -40.86
C LYS R 430 0.61 -10.38 -40.10
N VAL R 431 -0.56 -9.80 -39.82
CA VAL R 431 -1.66 -10.51 -39.17
C VAL R 431 -2.17 -11.60 -40.10
N ALA R 432 -2.40 -12.79 -39.55
CA ALA R 432 -2.86 -13.94 -40.35
C ALA R 432 -4.38 -13.88 -40.51
N ASP R 433 -4.82 -13.02 -41.43
CA ASP R 433 -6.20 -12.97 -41.91
C ASP R 433 -6.22 -13.51 -43.35
N LEU R 434 -6.57 -14.79 -43.51
CA LEU R 434 -6.41 -15.49 -44.77
C LEU R 434 -7.71 -16.15 -45.22
N VAL R 435 -7.87 -16.30 -46.54
CA VAL R 435 -9.05 -16.90 -47.15
C VAL R 435 -8.60 -18.04 -48.07
N LEU R 436 -9.25 -19.20 -47.93
CA LEU R 436 -8.99 -20.38 -48.75
C LEU R 436 -10.09 -20.53 -49.81
N TRP R 437 -9.69 -20.66 -51.08
CA TRP R 437 -10.62 -20.80 -52.19
C TRP R 437 -10.34 -22.08 -52.97
N SER R 438 -11.41 -22.75 -53.39
CA SER R 438 -11.34 -23.71 -54.48
C SER R 438 -11.33 -22.96 -55.82
N PRO R 439 -10.47 -23.36 -56.77
CA PRO R 439 -10.36 -22.61 -58.04
C PRO R 439 -11.64 -22.59 -58.87
N ALA R 440 -12.48 -23.61 -58.78
CA ALA R 440 -13.76 -23.57 -59.49
C ALA R 440 -14.71 -22.53 -58.90
N PHE R 441 -14.56 -22.20 -57.61
CA PHE R 441 -15.42 -21.23 -56.94
C PHE R 441 -14.69 -19.92 -56.63
N PHE R 442 -13.58 -19.63 -57.30
CA PHE R 442 -12.78 -18.45 -56.97
C PHE R 442 -13.54 -17.17 -57.27
N GLY R 443 -13.56 -16.26 -56.31
CA GLY R 443 -14.19 -14.97 -56.47
C GLY R 443 -15.65 -14.89 -56.06
N VAL R 444 -16.30 -16.02 -55.76
CA VAL R 444 -17.71 -15.96 -55.40
C VAL R 444 -18.00 -16.65 -54.06
N LYS R 445 -17.46 -17.86 -53.84
CA LYS R 445 -17.77 -18.59 -52.61
C LYS R 445 -16.53 -19.27 -52.02
N PRO R 446 -16.00 -18.78 -50.92
CA PRO R 446 -14.78 -19.36 -50.34
C PRO R 446 -15.05 -20.63 -49.54
N ASN R 447 -13.95 -21.34 -49.22
CA ASN R 447 -14.04 -22.54 -48.40
C ASN R 447 -14.03 -22.21 -46.89
N MET R 448 -13.04 -21.43 -46.44
CA MET R 448 -12.94 -21.10 -45.02
C MET R 448 -12.19 -19.79 -44.83
N ILE R 449 -12.38 -19.18 -43.66
CA ILE R 449 -11.75 -17.93 -43.27
C ILE R 449 -10.91 -18.19 -42.02
N ILE R 450 -9.64 -17.78 -42.06
CA ILE R 450 -8.77 -17.82 -40.90
C ILE R 450 -8.62 -16.39 -40.37
N LYS R 451 -8.95 -16.19 -39.11
CA LYS R 451 -8.99 -14.86 -38.50
C LYS R 451 -8.06 -14.83 -37.29
N GLY R 452 -7.01 -14.02 -37.37
CA GLY R 452 -6.05 -13.91 -36.29
C GLY R 452 -5.29 -15.18 -35.98
N GLY R 453 -5.10 -16.05 -36.97
CA GLY R 453 -4.42 -17.31 -36.75
C GLY R 453 -5.26 -18.48 -36.33
N PHE R 454 -6.59 -18.35 -36.31
CA PHE R 454 -7.48 -19.43 -35.92
C PHE R 454 -8.72 -19.40 -36.82
N ILE R 455 -9.31 -20.57 -37.06
CA ILE R 455 -10.40 -20.68 -38.02
C ILE R 455 -11.69 -20.08 -37.44
N ALA R 456 -12.29 -19.15 -38.18
CA ALA R 456 -13.47 -18.43 -37.72
C ALA R 456 -14.75 -18.77 -38.47
N LEU R 457 -14.67 -19.22 -39.72
CA LEU R 457 -15.85 -19.51 -40.52
C LEU R 457 -15.50 -20.55 -41.56
N SER R 458 -16.43 -21.45 -41.87
CA SER R 458 -16.22 -22.45 -42.91
C SER R 458 -17.55 -22.96 -43.43
N GLN R 459 -17.51 -23.52 -44.65
CA GLN R 459 -18.60 -24.36 -45.12
C GLN R 459 -18.68 -25.61 -44.24
N MET R 460 -19.90 -26.02 -43.92
CA MET R 460 -20.07 -27.09 -42.95
C MET R 460 -21.42 -27.77 -43.16
N GLY R 461 -21.41 -29.10 -43.21
CA GLY R 461 -22.62 -29.88 -43.33
C GLY R 461 -23.32 -30.04 -41.98
N ASP R 462 -24.33 -30.92 -41.97
CA ASP R 462 -25.20 -31.07 -40.81
C ASP R 462 -24.46 -31.70 -39.63
N ALA R 463 -24.82 -31.25 -38.43
CA ALA R 463 -24.03 -31.51 -37.24
C ALA R 463 -24.17 -32.96 -36.78
N ASN R 464 -25.27 -33.64 -37.11
CA ASN R 464 -25.47 -35.02 -36.68
C ASN R 464 -24.80 -36.02 -37.61
N ALA R 465 -24.20 -35.58 -38.72
CA ALA R 465 -23.69 -36.50 -39.73
C ALA R 465 -22.37 -37.15 -39.32
N SER R 466 -22.02 -38.22 -40.03
CA SER R 466 -20.79 -38.97 -39.78
C SER R 466 -19.55 -38.34 -40.41
N ILE R 467 -19.71 -37.35 -41.28
CA ILE R 467 -18.60 -36.59 -41.87
C ILE R 467 -19.08 -35.14 -42.06
N PRO R 468 -18.15 -34.18 -42.21
CA PRO R 468 -18.60 -32.78 -42.36
C PRO R 468 -19.17 -32.42 -43.73
N THR R 469 -19.06 -33.27 -44.73
CA THR R 469 -19.52 -33.01 -46.11
C THR R 469 -21.01 -33.13 -46.48
N PRO R 470 -21.82 -34.06 -45.95
CA PRO R 470 -23.19 -34.21 -46.49
C PRO R 470 -24.14 -33.05 -46.20
N GLN R 471 -25.19 -33.01 -47.03
CA GLN R 471 -26.07 -31.86 -47.16
C GLN R 471 -27.01 -31.73 -45.95
N PRO R 472 -27.45 -30.50 -45.62
CA PRO R 472 -27.19 -29.18 -46.24
C PRO R 472 -25.86 -28.54 -45.81
N VAL R 473 -25.14 -27.98 -46.76
CA VAL R 473 -23.88 -27.30 -46.52
C VAL R 473 -24.11 -25.80 -46.63
N TYR R 474 -23.82 -25.07 -45.56
CA TYR R 474 -23.84 -23.61 -45.59
C TYR R 474 -22.78 -23.07 -44.62
N TYR R 475 -22.60 -21.76 -44.63
CA TYR R 475 -21.55 -21.12 -43.84
C TYR R 475 -21.96 -21.02 -42.37
N ARG R 476 -21.11 -21.54 -41.47
CA ARG R 476 -21.37 -21.58 -40.04
C ARG R 476 -20.19 -21.04 -39.27
N GLU R 477 -20.48 -20.45 -38.10
CA GLU R 477 -19.44 -19.91 -37.22
C GLU R 477 -18.60 -21.02 -36.61
N MET R 478 -17.28 -20.79 -36.56
CA MET R 478 -16.33 -21.72 -35.97
C MET R 478 -15.87 -21.20 -34.59
N PHE R 479 -14.84 -21.83 -34.01
CA PHE R 479 -14.52 -21.59 -32.60
C PHE R 479 -13.89 -20.22 -32.35
N ALA R 480 -13.23 -19.62 -33.34
CA ALA R 480 -12.68 -18.28 -33.15
C ALA R 480 -13.76 -17.19 -33.10
N HIS R 481 -15.00 -17.51 -33.46
CA HIS R 481 -16.15 -16.62 -33.42
C HIS R 481 -16.77 -16.48 -32.03
N HIS R 482 -16.36 -17.28 -31.05
CA HIS R 482 -17.13 -17.49 -29.83
C HIS R 482 -16.32 -17.22 -28.58
N GLY R 483 -17.03 -16.96 -27.49
CA GLY R 483 -16.42 -16.89 -26.15
C GLY R 483 -15.49 -15.70 -25.99
N LYS R 484 -14.41 -15.92 -25.25
CA LYS R 484 -13.35 -14.93 -25.13
C LYS R 484 -12.27 -15.09 -26.20
N ALA R 485 -12.37 -16.12 -27.04
CA ALA R 485 -11.43 -16.29 -28.13
C ALA R 485 -11.57 -15.20 -29.19
N LYS R 486 -12.78 -14.68 -29.39
CA LYS R 486 -13.00 -13.64 -30.39
C LYS R 486 -12.34 -12.31 -30.01
N TYR R 487 -12.05 -12.08 -28.72
CA TYR R 487 -11.31 -10.90 -28.31
C TYR R 487 -9.86 -10.97 -28.78
N ASP R 488 -9.26 -12.16 -28.77
CA ASP R 488 -7.87 -12.31 -29.17
C ASP R 488 -7.69 -12.35 -30.67
N ALA R 489 -8.75 -12.56 -31.44
CA ALA R 489 -8.64 -12.75 -32.88
C ALA R 489 -9.03 -11.52 -33.70
N ASN R 490 -9.43 -10.42 -33.08
CA ASN R 490 -9.96 -9.27 -33.80
C ASN R 490 -9.28 -7.97 -33.35
N ILE R 491 -9.29 -6.97 -34.23
CA ILE R 491 -8.59 -5.71 -34.04
C ILE R 491 -9.58 -4.55 -34.20
N THR R 492 -9.52 -3.59 -33.27
CA THR R 492 -10.15 -2.29 -33.45
C THR R 492 -9.07 -1.24 -33.71
N PHE R 493 -9.13 -0.59 -34.87
CA PHE R 493 -8.18 0.45 -35.24
C PHE R 493 -8.63 1.81 -34.71
N VAL R 494 -7.67 2.57 -34.16
CA VAL R 494 -7.91 3.93 -33.64
C VAL R 494 -6.78 4.84 -34.10
N SER R 495 -6.90 6.13 -33.78
CA SER R 495 -5.83 7.07 -34.06
C SER R 495 -4.69 6.90 -33.05
N GLN R 496 -3.51 7.42 -33.42
CA GLN R 496 -2.34 7.35 -32.55
C GLN R 496 -2.56 8.17 -31.28
N ALA R 497 -3.22 9.33 -31.40
CA ALA R 497 -3.50 10.18 -30.25
C ALA R 497 -4.43 9.50 -29.25
N ALA R 498 -5.47 8.82 -29.74
CA ALA R 498 -6.37 8.11 -28.84
C ALA R 498 -5.69 6.91 -28.20
N TYR R 499 -4.81 6.23 -28.95
CA TYR R 499 -4.04 5.12 -28.43
C TYR R 499 -3.11 5.57 -27.31
N ASP R 500 -2.46 6.71 -27.47
CA ASP R 500 -1.52 7.19 -26.46
C ASP R 500 -2.21 7.68 -25.19
N LYS R 501 -3.46 8.16 -25.29
CA LYS R 501 -4.18 8.59 -24.10
C LYS R 501 -4.89 7.43 -23.39
N GLY R 502 -4.70 6.19 -23.86
CA GLY R 502 -5.25 5.03 -23.20
C GLY R 502 -6.74 4.81 -23.41
N ILE R 503 -7.19 4.81 -24.66
CA ILE R 503 -8.61 4.63 -24.95
C ILE R 503 -9.07 3.20 -24.65
N LYS R 504 -8.17 2.21 -24.76
CA LYS R 504 -8.53 0.81 -24.50
C LYS R 504 -8.91 0.60 -23.04
N GLU R 505 -8.16 1.19 -22.12
CA GLU R 505 -8.44 1.05 -20.70
C GLU R 505 -9.60 1.94 -20.27
N GLU R 506 -9.75 3.11 -20.89
CA GLU R 506 -10.82 4.04 -20.51
C GLU R 506 -12.20 3.49 -20.85
N LEU R 507 -12.35 2.87 -22.02
CA LEU R 507 -13.64 2.33 -22.44
C LEU R 507 -13.82 0.85 -22.08
N GLY R 508 -12.82 0.22 -21.48
CA GLY R 508 -12.90 -1.18 -21.11
C GLY R 508 -12.97 -2.17 -22.27
N LEU R 509 -12.24 -1.91 -23.34
CA LEU R 509 -12.28 -2.79 -24.51
C LEU R 509 -11.38 -4.00 -24.30
N GLU R 510 -11.84 -5.16 -24.75
CA GLU R 510 -11.07 -6.40 -24.64
C GLU R 510 -10.44 -6.86 -25.95
N ARG R 511 -10.84 -6.29 -27.09
CA ARG R 511 -10.20 -6.58 -28.36
C ARG R 511 -8.79 -5.99 -28.41
N GLN R 512 -8.00 -6.42 -29.38
CA GLN R 512 -6.73 -5.75 -29.68
C GLN R 512 -7.01 -4.36 -30.24
N VAL R 513 -6.23 -3.38 -29.78
CA VAL R 513 -6.36 -1.99 -30.22
C VAL R 513 -5.02 -1.53 -30.79
N LEU R 514 -5.01 -1.09 -32.04
CA LEU R 514 -3.81 -0.71 -32.76
C LEU R 514 -3.99 0.63 -33.46
N PRO R 515 -2.92 1.43 -33.57
CA PRO R 515 -3.03 2.75 -34.23
C PRO R 515 -2.73 2.72 -35.72
N VAL R 516 -3.41 3.62 -36.45
CA VAL R 516 -3.10 3.84 -37.86
C VAL R 516 -1.94 4.83 -37.98
N LYS R 517 -1.23 4.77 -39.11
CA LYS R 517 -0.05 5.62 -39.31
C LYS R 517 0.27 5.74 -40.80
N ASN R 518 1.06 6.78 -41.11
CA ASN R 518 1.53 7.11 -42.48
C ASN R 518 0.37 7.36 -43.44
N CYS R 519 -0.55 8.23 -43.03
CA CYS R 519 -1.71 8.56 -43.87
C CYS R 519 -1.51 9.80 -44.73
N ARG R 520 -0.59 10.70 -44.37
CA ARG R 520 -0.51 12.00 -45.00
C ARG R 520 0.56 12.14 -46.07
N ASN R 521 1.53 11.22 -46.14
CA ASN R 521 2.64 11.32 -47.07
C ASN R 521 2.53 10.35 -48.24
N ILE R 522 1.31 10.01 -48.65
CA ILE R 522 1.09 9.08 -49.75
C ILE R 522 0.36 9.80 -50.87
N THR R 523 0.66 9.41 -52.12
CA THR R 523 -0.01 9.93 -53.30
C THR R 523 -0.52 8.79 -54.18
N LYS R 524 -0.95 9.14 -55.39
CA LYS R 524 -1.39 8.16 -56.39
C LYS R 524 -0.27 7.18 -56.76
N LYS R 525 0.99 7.63 -56.70
CA LYS R 525 2.14 6.78 -57.01
C LYS R 525 2.38 5.67 -55.97
N ASP R 526 1.74 5.72 -54.81
CA ASP R 526 1.88 4.67 -53.82
C ASP R 526 0.89 3.52 -54.01
N MET R 527 -0.03 3.61 -54.96
CA MET R 527 -0.99 2.54 -55.21
C MET R 527 -0.34 1.46 -56.07
N GLN R 528 -0.38 0.21 -55.59
CA GLN R 528 0.25 -0.90 -56.29
C GLN R 528 -0.52 -1.27 -57.55
N PHE R 529 0.18 -1.30 -58.69
CA PHE R 529 -0.30 -1.67 -60.02
C PHE R 529 -1.39 -0.76 -60.59
N ASN R 530 -1.82 0.27 -59.86
CA ASN R 530 -2.80 1.24 -60.36
C ASN R 530 -2.30 2.63 -59.99
N ASP R 531 -1.34 3.14 -60.75
CA ASP R 531 -0.67 4.37 -60.37
C ASP R 531 -0.60 5.37 -61.53
N THR R 532 -1.48 5.22 -62.51
CA THR R 532 -1.48 6.06 -63.69
C THR R 532 -2.04 7.45 -63.39
N THR R 533 -1.31 8.48 -63.80
CA THR R 533 -1.81 9.84 -63.82
C THR R 533 -1.97 10.30 -65.27
N ALA R 534 -2.97 11.14 -65.51
CA ALA R 534 -3.28 11.62 -66.85
C ALA R 534 -4.07 12.91 -66.74
N HIS R 535 -4.28 13.54 -67.89
CA HIS R 535 -5.12 14.72 -68.01
C HIS R 535 -6.48 14.30 -68.55
N ILE R 536 -7.54 14.57 -67.79
CA ILE R 536 -8.89 14.07 -68.10
C ILE R 536 -9.81 15.26 -68.33
N GLU R 537 -10.57 15.21 -69.43
CA GLU R 537 -11.52 16.26 -69.78
C GLU R 537 -12.89 15.66 -70.03
N VAL R 538 -13.93 16.39 -69.62
CA VAL R 538 -15.32 16.01 -69.83
C VAL R 538 -16.00 17.12 -70.61
N ASN R 539 -16.66 16.74 -71.70
CA ASN R 539 -17.41 17.72 -72.49
C ASN R 539 -18.63 18.19 -71.72
N PRO R 540 -18.83 19.51 -71.58
CA PRO R 540 -19.96 20.01 -70.77
C PRO R 540 -21.33 19.75 -71.38
N GLU R 541 -21.43 19.39 -72.65
CA GLU R 541 -22.70 19.20 -73.33
C GLU R 541 -23.03 17.74 -73.61
N THR R 542 -22.11 17.00 -74.22
CA THR R 542 -22.35 15.61 -74.57
C THR R 542 -21.89 14.62 -73.50
N TYR R 543 -21.17 15.09 -72.48
CA TYR R 543 -20.63 14.31 -71.36
C TYR R 543 -19.64 13.23 -71.81
N HIS R 544 -18.99 13.39 -72.96
CA HIS R 544 -17.95 12.46 -73.37
C HIS R 544 -16.67 12.67 -72.56
N VAL R 545 -15.91 11.59 -72.38
CA VAL R 545 -14.74 11.57 -71.51
C VAL R 545 -13.49 11.35 -72.36
N PHE R 546 -12.49 12.21 -72.18
CA PHE R 546 -11.24 12.13 -72.93
C PHE R 546 -10.07 11.98 -71.96
N VAL R 547 -9.14 11.08 -72.29
CA VAL R 547 -7.92 10.86 -71.51
C VAL R 547 -6.74 11.14 -72.42
N ASP R 548 -6.02 12.23 -72.13
CA ASP R 548 -4.89 12.75 -72.94
C ASP R 548 -5.29 12.93 -74.40
N GLY R 549 -6.49 13.45 -74.63
CA GLY R 549 -7.02 13.69 -75.95
C GLY R 549 -7.84 12.56 -76.55
N LYS R 550 -7.60 11.32 -76.12
CA LYS R 550 -8.27 10.16 -76.70
C LYS R 550 -9.58 9.87 -75.98
N GLU R 551 -10.62 9.57 -76.75
CA GLU R 551 -11.92 9.22 -76.18
C GLU R 551 -11.88 7.83 -75.55
N VAL R 552 -12.54 7.68 -74.40
CA VAL R 552 -12.52 6.46 -73.62
C VAL R 552 -13.96 6.04 -73.33
N THR R 553 -14.30 4.81 -73.70
CA THR R 553 -15.65 4.30 -73.49
C THR R 553 -15.60 2.77 -73.49
N SER R 554 -16.75 2.15 -73.29
CA SER R 554 -16.90 0.70 -73.39
C SER R 554 -18.35 0.38 -73.73
N LYS R 555 -18.61 -0.91 -73.99
CA LYS R 555 -19.93 -1.41 -74.39
C LYS R 555 -20.62 -2.11 -73.22
N PRO R 556 -21.94 -1.99 -73.09
CA PRO R 556 -22.64 -2.74 -72.05
C PRO R 556 -22.69 -4.23 -72.36
N ALA R 557 -22.82 -5.03 -71.31
CA ALA R 557 -22.83 -6.48 -71.41
C ALA R 557 -24.22 -7.01 -71.10
N ASN R 558 -24.61 -8.06 -71.83
CA ASN R 558 -25.87 -8.74 -71.56
C ASN R 558 -25.73 -9.97 -70.67
N LYS R 559 -24.50 -10.37 -70.35
CA LYS R 559 -24.28 -11.56 -69.54
C LYS R 559 -22.92 -11.42 -68.83
N VAL R 560 -22.88 -11.82 -67.56
CA VAL R 560 -21.65 -11.78 -66.79
C VAL R 560 -21.35 -13.18 -66.26
N SER R 561 -20.08 -13.40 -65.94
CA SER R 561 -19.69 -14.62 -65.26
C SER R 561 -19.92 -14.50 -63.76
N LEU R 562 -19.76 -15.62 -63.06
CA LEU R 562 -19.87 -15.74 -61.60
C LEU R 562 -21.23 -15.27 -61.05
N ALA R 563 -22.32 -15.42 -61.82
CA ALA R 563 -23.62 -14.98 -61.29
C ALA R 563 -24.64 -16.12 -61.19
N GLN R 564 -25.20 -16.60 -62.30
CA GLN R 564 -26.35 -17.49 -62.19
C GLN R 564 -25.95 -18.95 -62.06
N LEU R 565 -24.71 -19.29 -62.40
CA LEU R 565 -24.21 -20.64 -62.23
C LEU R 565 -24.06 -21.03 -60.76
N PHE R 566 -23.89 -20.07 -59.86
CA PHE R 566 -23.44 -20.34 -58.50
C PHE R 566 -24.48 -20.09 -57.42
N SER R 567 -25.57 -19.38 -57.71
CA SER R 567 -26.49 -18.94 -56.66
C SER R 567 -27.93 -19.31 -57.01
N ILE R 568 -28.67 -19.78 -56.01
CA ILE R 568 -30.08 -20.09 -56.21
C ILE R 568 -30.94 -18.82 -56.20
N PHE R 569 -30.45 -17.74 -55.61
CA PHE R 569 -31.13 -16.46 -55.64
C PHE R 569 -30.15 -15.32 -55.84
N MET S 1 -40.91 0.07 60.35
CA MET S 1 -39.79 -0.11 61.26
C MET S 1 -39.92 -1.41 62.04
N LYS S 2 -38.79 -2.07 62.29
CA LYS S 2 -38.74 -3.27 63.12
C LYS S 2 -37.44 -3.28 63.91
N LYS S 3 -37.44 -4.02 65.01
CA LYS S 3 -36.26 -4.23 65.82
C LYS S 3 -35.70 -5.62 65.54
N ILE S 4 -34.39 -5.69 65.30
CA ILE S 4 -33.68 -6.95 65.09
C ILE S 4 -32.55 -7.00 66.12
N SER S 5 -32.38 -8.14 66.78
CA SER S 5 -31.30 -8.27 67.75
C SER S 5 -29.94 -8.29 67.03
N ARG S 6 -28.90 -7.87 67.77
CA ARG S 6 -27.58 -7.68 67.19
C ARG S 6 -26.97 -9.00 66.73
N LYS S 7 -27.23 -10.08 67.49
CA LYS S 7 -26.64 -11.38 67.20
C LYS S 7 -27.14 -11.95 65.87
N GLU S 8 -28.44 -11.88 65.62
CA GLU S 8 -28.95 -12.42 64.36
C GLU S 8 -28.67 -11.49 63.19
N TYR S 9 -28.56 -10.17 63.42
CA TYR S 9 -28.09 -9.27 62.36
C TYR S 9 -26.67 -9.63 61.93
N VAL S 10 -25.78 -9.87 62.90
CA VAL S 10 -24.40 -10.20 62.59
C VAL S 10 -24.30 -11.55 61.92
N SER S 11 -25.13 -12.52 62.35
CA SER S 11 -25.16 -13.82 61.70
C SER S 11 -25.65 -13.74 60.26
N MET S 12 -26.51 -12.76 59.94
CA MET S 12 -26.93 -12.62 58.55
C MET S 12 -26.00 -11.78 57.69
N TYR S 13 -25.43 -10.69 58.23
CA TYR S 13 -24.73 -9.72 57.39
C TYR S 13 -23.30 -9.39 57.82
N GLY S 14 -22.79 -10.01 58.89
CA GLY S 14 -21.47 -9.68 59.38
C GLY S 14 -21.51 -8.53 60.37
N PRO S 15 -20.37 -8.22 60.98
CA PRO S 15 -20.34 -7.18 62.02
C PRO S 15 -20.57 -5.78 61.47
N THR S 16 -21.10 -4.91 62.32
CA THR S 16 -21.38 -3.54 61.94
C THR S 16 -20.72 -2.58 62.93
N THR S 17 -21.07 -1.29 62.90
CA THR S 17 -20.35 -0.23 63.61
C THR S 17 -20.34 -0.45 65.12
N GLY S 18 -19.14 -0.47 65.69
CA GLY S 18 -18.93 -0.72 67.09
C GLY S 18 -18.59 -2.15 67.45
N ASP S 19 -18.89 -3.12 66.58
CA ASP S 19 -18.56 -4.50 66.85
C ASP S 19 -17.07 -4.75 66.65
N LYS S 20 -16.56 -5.81 67.29
CA LYS S 20 -15.14 -6.12 67.31
C LYS S 20 -14.88 -7.57 66.90
N VAL S 21 -13.70 -7.82 66.33
CA VAL S 21 -13.31 -9.15 65.88
C VAL S 21 -11.83 -9.40 66.23
N ARG S 22 -11.54 -10.61 66.71
CA ARG S 22 -10.17 -11.06 66.94
C ARG S 22 -9.55 -11.53 65.63
N LEU S 23 -8.29 -11.11 65.38
CA LEU S 23 -7.59 -11.51 64.16
C LEU S 23 -6.82 -12.80 64.44
N GLY S 24 -7.26 -13.90 63.82
CA GLY S 24 -6.60 -15.18 63.96
C GLY S 24 -6.65 -15.69 65.39
N ASP S 25 -5.56 -16.34 65.81
CA ASP S 25 -5.39 -16.74 67.20
C ASP S 25 -4.50 -15.76 67.97
N THR S 26 -4.34 -14.54 67.48
CA THR S 26 -3.55 -13.52 68.17
C THR S 26 -4.40 -12.82 69.23
N ASP S 27 -3.81 -11.79 69.85
CA ASP S 27 -4.50 -10.94 70.81
C ASP S 27 -4.83 -9.57 70.23
N LEU S 28 -4.86 -9.44 68.91
CA LEU S 28 -5.16 -8.18 68.26
C LEU S 28 -6.66 -8.09 67.95
N ILE S 29 -7.29 -7.00 68.39
CA ILE S 29 -8.73 -6.81 68.28
C ILE S 29 -9.00 -5.63 67.36
N ALA S 30 -9.70 -5.87 66.27
CA ALA S 30 -10.09 -4.84 65.31
C ALA S 30 -11.53 -4.42 65.55
N GLU S 31 -11.82 -3.13 65.33
CA GLU S 31 -13.14 -2.57 65.53
C GLU S 31 -13.64 -1.89 64.27
N VAL S 32 -14.91 -2.11 63.94
CA VAL S 32 -15.53 -1.49 62.75
C VAL S 32 -15.77 -0.01 63.02
N GLU S 33 -15.19 0.85 62.19
CA GLU S 33 -15.26 2.29 62.39
C GLU S 33 -16.48 2.93 61.75
N HIS S 34 -17.01 2.37 60.66
CA HIS S 34 -18.06 3.00 59.87
C HIS S 34 -18.73 1.94 58.99
N ASP S 35 -19.98 2.19 58.61
CA ASP S 35 -20.75 1.29 57.74
C ASP S 35 -21.49 2.12 56.70
N TYR S 36 -21.40 1.71 55.43
CA TYR S 36 -22.05 2.41 54.33
C TYR S 36 -23.46 1.92 54.04
N THR S 37 -23.93 0.86 54.69
CA THR S 37 -25.21 0.28 54.31
C THR S 37 -26.39 1.09 54.87
N ILE S 38 -27.56 0.85 54.29
CA ILE S 38 -28.82 1.34 54.82
C ILE S 38 -29.55 0.13 55.41
N TYR S 39 -29.90 0.22 56.69
CA TYR S 39 -30.46 -0.93 57.42
C TYR S 39 -31.82 -1.31 56.87
N GLY S 40 -31.96 -2.57 56.48
CA GLY S 40 -33.16 -3.06 55.81
C GLY S 40 -33.03 -3.18 54.30
N GLU S 41 -31.94 -2.70 53.71
CA GLU S 41 -31.74 -2.78 52.27
C GLU S 41 -30.46 -3.52 51.91
N GLU S 42 -30.09 -4.53 52.69
CA GLU S 42 -28.85 -5.25 52.48
C GLU S 42 -28.95 -6.19 51.27
N LEU S 43 -27.81 -6.43 50.63
CA LEU S 43 -27.74 -7.32 49.47
C LEU S 43 -27.45 -8.75 49.93
N LYS S 44 -28.30 -9.69 49.51
CA LYS S 44 -28.12 -11.12 49.79
C LYS S 44 -28.43 -11.91 48.53
N PHE S 45 -27.64 -12.95 48.26
CA PHE S 45 -27.83 -13.79 47.08
C PHE S 45 -28.33 -15.18 47.48
N GLY S 46 -29.31 -15.66 46.73
CA GLY S 46 -29.86 -16.99 46.95
C GLY S 46 -31.32 -17.01 46.55
N GLY S 47 -31.94 -18.17 46.79
CA GLY S 47 -33.34 -18.35 46.45
C GLY S 47 -34.24 -17.58 47.39
N GLY S 48 -35.08 -16.71 46.86
CA GLY S 48 -35.93 -15.87 47.67
C GLY S 48 -35.26 -14.66 48.29
N LYS S 49 -34.01 -14.38 47.95
CA LYS S 49 -33.26 -13.28 48.52
C LYS S 49 -33.38 -12.04 47.62
N THR S 50 -32.54 -11.02 47.84
CA THR S 50 -32.75 -9.71 47.22
C THR S 50 -32.08 -9.53 45.86
N LEU S 51 -31.04 -10.29 45.54
CA LEU S 51 -30.30 -10.07 44.29
C LEU S 51 -30.97 -10.80 43.13
N ARG S 52 -32.16 -10.33 42.77
CA ARG S 52 -32.99 -10.93 41.74
C ARG S 52 -33.50 -9.82 40.82
N GLU S 53 -34.00 -10.21 39.66
CA GLU S 53 -34.37 -9.25 38.62
C GLU S 53 -35.56 -8.40 39.06
N GLY S 54 -35.43 -7.09 38.87
CA GLY S 54 -36.44 -6.15 39.30
C GLY S 54 -36.40 -5.76 40.76
N MET S 55 -35.51 -6.32 41.57
CA MET S 55 -35.47 -5.98 42.99
C MET S 55 -34.16 -5.28 43.37
N SER S 56 -33.02 -5.96 43.33
CA SER S 56 -31.73 -5.31 43.49
C SER S 56 -30.86 -5.42 42.26
N GLN S 57 -31.17 -6.33 41.35
CA GLN S 57 -30.63 -6.30 40.01
C GLN S 57 -31.56 -5.44 39.16
N SER S 58 -31.02 -4.38 38.58
CA SER S 58 -31.82 -3.42 37.83
C SER S 58 -32.23 -3.98 36.48
N ASN S 59 -33.46 -3.68 36.08
CA ASN S 59 -33.90 -3.87 34.71
C ASN S 59 -33.63 -2.65 33.83
N ASN S 60 -33.25 -1.52 34.42
CA ASN S 60 -32.83 -0.32 33.68
C ASN S 60 -31.52 0.19 34.26
N PRO S 61 -30.41 -0.53 34.09
CA PRO S 61 -29.17 -0.16 34.78
C PRO S 61 -28.49 1.03 34.12
N SER S 62 -27.56 1.61 34.87
CA SER S 62 -26.76 2.70 34.34
C SER S 62 -25.79 2.17 33.28
N LYS S 63 -25.23 3.08 32.50
CA LYS S 63 -24.25 2.70 31.48
C LYS S 63 -22.89 2.34 32.09
N GLU S 64 -22.68 2.57 33.38
CA GLU S 64 -21.48 2.17 34.12
C GLU S 64 -21.71 0.89 34.92
N GLU S 65 -22.48 -0.05 34.36
CA GLU S 65 -22.88 -1.27 35.04
C GLU S 65 -21.69 -2.14 35.43
N LEU S 66 -21.73 -2.70 36.64
CA LEU S 66 -20.60 -3.44 37.22
C LEU S 66 -20.46 -4.83 36.60
N ASP S 67 -19.21 -5.32 36.57
CA ASP S 67 -18.94 -6.70 36.19
C ASP S 67 -18.99 -7.67 37.36
N LEU S 68 -18.71 -7.20 38.58
CA LEU S 68 -18.66 -8.04 39.77
C LEU S 68 -18.89 -7.17 41.01
N ILE S 69 -19.64 -7.69 41.98
CA ILE S 69 -19.84 -6.99 43.24
C ILE S 69 -19.57 -7.94 44.41
N ILE S 70 -18.80 -7.46 45.39
CA ILE S 70 -18.55 -8.16 46.64
C ILE S 70 -19.43 -7.53 47.71
N THR S 71 -20.35 -8.31 48.27
CA THR S 71 -21.38 -7.77 49.17
C THR S 71 -20.99 -7.95 50.63
N ASN S 72 -21.22 -6.90 51.43
CA ASN S 72 -21.09 -6.92 52.90
C ASN S 72 -19.67 -7.27 53.36
N ALA S 73 -18.67 -6.66 52.73
CA ALA S 73 -17.28 -6.94 53.05
C ALA S 73 -16.79 -6.07 54.20
N LEU S 74 -15.92 -6.64 55.04
CA LEU S 74 -15.18 -5.88 56.05
C LEU S 74 -13.80 -5.54 55.49
N ILE S 75 -13.60 -4.28 55.15
CA ILE S 75 -12.35 -3.84 54.53
C ILE S 75 -11.34 -3.48 55.62
N VAL S 76 -10.14 -4.03 55.53
CA VAL S 76 -9.02 -3.69 56.41
C VAL S 76 -7.91 -3.12 55.55
N ASP S 77 -7.63 -1.83 55.71
CA ASP S 77 -6.73 -1.10 54.84
C ASP S 77 -6.05 -0.02 55.67
N TYR S 78 -4.97 0.57 55.11
CA TYR S 78 -4.33 1.69 55.79
C TYR S 78 -5.23 2.92 55.82
N THR S 79 -6.20 3.01 54.91
CA THR S 79 -7.16 4.11 54.92
C THR S 79 -8.30 3.92 55.92
N GLY S 80 -8.48 2.75 56.49
CA GLY S 80 -9.49 2.56 57.53
C GLY S 80 -9.99 1.13 57.59
N ILE S 81 -10.77 0.87 58.63
CA ILE S 81 -11.39 -0.43 58.88
C ILE S 81 -12.91 -0.22 58.94
N TYR S 82 -13.62 -0.70 57.91
CA TYR S 82 -15.03 -0.32 57.73
C TYR S 82 -15.74 -1.35 56.85
N LYS S 83 -17.09 -1.29 56.87
CA LYS S 83 -17.95 -2.20 56.12
C LYS S 83 -18.52 -1.51 54.89
N ALA S 84 -18.44 -2.19 53.73
CA ALA S 84 -18.96 -1.65 52.48
C ALA S 84 -19.13 -2.79 51.47
N ASP S 85 -19.78 -2.46 50.36
CA ASP S 85 -19.77 -3.30 49.16
C ASP S 85 -18.73 -2.77 48.18
N ILE S 86 -18.06 -3.68 47.48
CA ILE S 86 -16.98 -3.35 46.56
C ILE S 86 -17.38 -3.72 45.14
N GLY S 87 -17.29 -2.76 44.23
CA GLY S 87 -17.66 -2.96 42.84
C GLY S 87 -16.45 -2.95 41.91
N ILE S 88 -16.42 -3.88 40.96
CA ILE S 88 -15.31 -4.05 40.04
C ILE S 88 -15.83 -3.93 38.60
N LYS S 89 -15.14 -3.13 37.79
CA LYS S 89 -15.44 -2.99 36.37
C LYS S 89 -14.14 -2.86 35.58
N ASP S 90 -13.99 -3.72 34.57
CA ASP S 90 -12.88 -3.68 33.60
C ASP S 90 -11.51 -3.79 34.29
N GLY S 91 -11.40 -4.71 35.24
CA GLY S 91 -10.16 -4.95 35.94
C GLY S 91 -9.79 -3.91 37.00
N LYS S 92 -10.65 -2.95 37.27
CA LYS S 92 -10.38 -1.89 38.23
C LYS S 92 -11.45 -1.87 39.32
N ILE S 93 -11.09 -1.29 40.46
CA ILE S 93 -12.06 -1.02 41.52
C ILE S 93 -12.87 0.19 41.07
N ALA S 94 -14.17 0.00 40.84
CA ALA S 94 -15.02 1.05 40.30
C ALA S 94 -15.74 1.84 41.38
N GLY S 95 -16.06 1.23 42.52
CA GLY S 95 -16.81 1.91 43.55
C GLY S 95 -16.74 1.18 44.87
N ILE S 96 -16.78 1.95 45.95
CA ILE S 96 -16.82 1.43 47.32
C ILE S 96 -17.96 2.16 48.02
N GLY S 97 -19.01 1.43 48.40
CA GLY S 97 -20.19 2.06 48.97
C GLY S 97 -21.38 1.12 49.15
N LYS S 98 -22.56 1.54 48.72
CA LYS S 98 -23.78 0.79 49.02
C LYS S 98 -24.15 -0.21 47.92
N GLY S 99 -24.44 0.26 46.71
CA GLY S 99 -24.76 -0.65 45.62
C GLY S 99 -26.14 -1.25 45.61
N GLY S 100 -26.72 -1.42 44.43
CA GLY S 100 -28.05 -1.99 44.29
C GLY S 100 -28.75 -1.47 43.04
N ASN S 101 -30.05 -1.25 43.17
CA ASN S 101 -30.91 -0.83 42.06
C ASN S 101 -31.64 0.45 42.46
N LYS S 102 -31.36 1.54 41.74
CA LYS S 102 -31.97 2.84 42.02
C LYS S 102 -33.48 2.86 41.75
N ASP S 103 -33.99 1.94 40.93
CA ASP S 103 -35.43 1.87 40.69
C ASP S 103 -36.21 1.46 41.94
N MET S 104 -35.58 0.74 42.86
CA MET S 104 -36.27 0.21 44.05
C MET S 104 -35.63 0.58 45.39
N GLN S 105 -34.44 1.18 45.41
CA GLN S 105 -33.72 1.45 46.65
C GLN S 105 -33.15 2.87 46.64
N ASP S 106 -32.91 3.41 47.83
CA ASP S 106 -32.67 4.85 47.97
C ASP S 106 -31.27 5.29 47.54
N GLY S 107 -30.24 4.90 48.28
CA GLY S 107 -28.96 5.57 48.12
C GLY S 107 -27.95 4.95 47.17
N VAL S 108 -28.32 4.72 45.91
CA VAL S 108 -27.47 4.01 44.95
C VAL S 108 -26.93 5.01 43.93
N LYS S 109 -25.61 5.15 43.89
CA LYS S 109 -24.97 5.99 42.89
C LYS S 109 -24.72 5.21 41.59
N ASN S 110 -24.41 5.95 40.52
CA ASN S 110 -24.31 5.38 39.18
C ASN S 110 -23.17 4.38 39.04
N ASN S 111 -22.06 4.60 39.75
CA ASN S 111 -20.91 3.72 39.64
C ASN S 111 -21.04 2.44 40.45
N LEU S 112 -22.14 2.26 41.20
CA LEU S 112 -22.38 1.02 41.94
C LEU S 112 -23.68 0.35 41.50
N SER S 113 -24.06 0.52 40.23
CA SER S 113 -25.29 -0.05 39.71
C SER S 113 -25.11 -1.54 39.42
N VAL S 114 -26.05 -2.34 39.90
CA VAL S 114 -26.05 -3.79 39.69
C VAL S 114 -27.03 -4.10 38.56
N GLY S 115 -26.57 -4.86 37.56
CA GLY S 115 -27.41 -5.17 36.42
C GLY S 115 -27.29 -6.61 35.94
N PRO S 116 -27.86 -6.89 34.76
CA PRO S 116 -27.77 -8.24 34.19
C PRO S 116 -26.34 -8.70 33.86
N ALA S 117 -25.39 -7.80 33.65
CA ALA S 117 -24.02 -8.21 33.37
C ALA S 117 -23.20 -8.49 34.64
N THR S 118 -23.78 -8.34 35.83
CA THR S 118 -23.03 -8.44 37.08
C THR S 118 -23.05 -9.85 37.65
N GLU S 119 -21.89 -10.29 38.14
CA GLU S 119 -21.71 -11.49 38.95
C GLU S 119 -21.60 -11.11 40.43
N ALA S 120 -22.05 -12.00 41.31
CA ALA S 120 -22.10 -11.75 42.75
C ALA S 120 -21.13 -12.65 43.52
N LEU S 121 -20.49 -12.07 44.55
CA LEU S 121 -19.61 -12.79 45.47
C LEU S 121 -19.95 -12.39 46.89
N ALA S 122 -20.24 -13.36 47.76
CA ALA S 122 -20.71 -13.08 49.11
C ALA S 122 -19.53 -12.87 50.05
N GLY S 123 -19.42 -11.66 50.60
CA GLY S 123 -18.37 -11.36 51.55
C GLY S 123 -18.79 -11.18 52.99
N GLU S 124 -20.02 -11.57 53.36
CA GLU S 124 -20.50 -11.38 54.72
C GLU S 124 -19.75 -12.31 55.68
N GLY S 125 -19.20 -11.74 56.75
CA GLY S 125 -18.36 -12.45 57.67
C GLY S 125 -16.91 -12.58 57.27
N LEU S 126 -16.49 -11.97 56.16
CA LEU S 126 -15.13 -12.11 55.66
C LEU S 126 -14.42 -10.77 55.63
N ILE S 127 -13.09 -10.83 55.53
CA ILE S 127 -12.22 -9.66 55.52
C ILE S 127 -11.56 -9.55 54.15
N VAL S 128 -11.56 -8.35 53.58
CA VAL S 128 -10.88 -8.06 52.32
C VAL S 128 -9.69 -7.14 52.59
N THR S 129 -8.51 -7.53 52.10
CA THR S 129 -7.32 -6.67 52.08
C THR S 129 -6.75 -6.62 50.67
N ALA S 130 -5.84 -5.66 50.46
CA ALA S 130 -5.04 -5.63 49.26
C ALA S 130 -4.02 -6.77 49.24
N GLY S 131 -3.61 -7.15 48.04
CA GLY S 131 -2.55 -8.14 47.92
C GLY S 131 -1.21 -7.62 48.41
N GLY S 132 -0.40 -8.51 48.95
CA GLY S 132 0.91 -8.14 49.44
C GLY S 132 1.92 -7.91 48.33
N ILE S 133 2.96 -7.14 48.66
CA ILE S 133 4.03 -6.77 47.73
C ILE S 133 5.37 -7.10 48.36
N ASP S 134 6.11 -8.03 47.75
CA ASP S 134 7.40 -8.50 48.26
C ASP S 134 8.51 -7.95 47.36
N THR S 135 9.43 -7.19 47.96
CA THR S 135 10.44 -6.45 47.20
C THR S 135 11.85 -7.00 47.34
N HIS S 136 12.04 -8.19 47.90
CA HIS S 136 13.38 -8.76 48.10
C HIS S 136 13.39 -10.23 47.61
N ILE S 137 13.03 -10.42 46.35
CA ILE S 137 12.95 -11.76 45.78
C ILE S 137 14.27 -12.10 45.07
N HIS S 138 14.86 -13.23 45.44
CA HIS S 138 15.89 -13.88 44.62
C HIS S 138 15.19 -14.87 43.68
N PHE S 139 15.29 -14.64 42.37
CA PHE S 139 14.61 -15.51 41.40
C PHE S 139 15.46 -16.77 41.15
N ILE S 140 15.48 -17.62 42.16
CA ILE S 140 16.28 -18.84 42.16
C ILE S 140 15.53 -19.99 41.49
N SER S 141 14.24 -20.17 41.78
CA SER S 141 13.41 -21.20 41.17
C SER S 141 12.01 -20.67 40.89
N PRO S 142 11.39 -21.10 39.79
CA PRO S 142 10.01 -20.67 39.49
C PRO S 142 8.97 -21.14 40.50
N GLN S 143 9.26 -22.19 41.28
CA GLN S 143 8.32 -22.73 42.24
C GLN S 143 8.11 -21.82 43.46
N GLN S 144 8.93 -20.77 43.62
CA GLN S 144 8.68 -19.75 44.64
C GLN S 144 7.36 -19.02 44.39
N ILE S 145 7.02 -18.80 43.11
CA ILE S 145 5.87 -17.97 42.77
C ILE S 145 4.53 -18.55 43.22
N PRO S 146 4.19 -19.83 42.97
CA PRO S 146 2.94 -20.36 43.56
C PRO S 146 2.93 -20.42 45.08
N THR S 147 4.09 -20.61 45.72
CA THR S 147 4.17 -20.58 47.18
C THR S 147 3.83 -19.20 47.73
N ALA S 148 4.36 -18.15 47.11
CA ALA S 148 4.04 -16.78 47.52
C ALA S 148 2.58 -16.44 47.23
N PHE S 149 2.05 -16.93 46.10
CA PHE S 149 0.68 -16.62 45.71
C PHE S 149 -0.34 -17.19 46.70
N ALA S 150 -0.10 -18.42 47.17
CA ALA S 150 -1.00 -19.05 48.12
C ALA S 150 -0.96 -18.42 49.50
N SER S 151 0.11 -17.69 49.84
CA SER S 151 0.18 -17.01 51.12
C SER S 151 -0.46 -15.62 51.09
N GLY S 152 -0.83 -15.11 49.92
CA GLY S 152 -1.46 -13.82 49.81
C GLY S 152 -0.63 -12.69 49.20
N VAL S 153 0.46 -13.00 48.50
CA VAL S 153 1.31 -12.00 47.85
C VAL S 153 0.97 -11.98 46.36
N THR S 154 0.71 -10.79 45.82
CA THR S 154 0.34 -10.67 44.41
C THR S 154 1.31 -9.84 43.55
N THR S 155 2.38 -9.30 44.11
CA THR S 155 3.43 -8.63 43.34
C THR S 155 4.79 -9.05 43.87
N MET S 156 5.71 -9.40 42.98
CA MET S 156 7.07 -9.80 43.36
C MET S 156 8.09 -8.98 42.58
N ILE S 157 8.99 -8.32 43.30
CA ILE S 157 10.04 -7.49 42.73
C ILE S 157 11.39 -8.02 43.22
N GLY S 158 12.31 -8.25 42.28
CA GLY S 158 13.65 -8.74 42.60
C GLY S 158 14.55 -8.91 41.40
N GLY S 159 15.45 -9.90 41.42
CA GLY S 159 16.32 -10.13 40.30
C GLY S 159 16.92 -11.52 40.33
N GLY S 160 17.41 -11.95 39.17
CA GLY S 160 18.10 -13.22 39.08
C GLY S 160 17.86 -13.90 37.75
N THR S 161 18.57 -15.04 37.57
CA THR S 161 18.52 -15.81 36.34
C THR S 161 18.29 -17.31 36.55
N GLY S 162 17.88 -17.73 37.73
CA GLY S 162 17.80 -19.15 38.04
C GLY S 162 18.84 -19.55 39.06
N PRO S 163 19.15 -20.84 39.17
CA PRO S 163 19.98 -21.31 40.29
C PRO S 163 21.49 -21.10 40.16
N ALA S 164 21.93 -20.14 39.35
CA ALA S 164 23.34 -19.79 39.27
C ALA S 164 23.84 -19.16 40.58
N ASP S 165 25.17 -19.19 40.76
CA ASP S 165 25.77 -18.75 42.01
C ASP S 165 25.63 -17.25 42.24
N GLY S 166 25.59 -16.46 41.17
CA GLY S 166 25.34 -15.04 41.32
C GLY S 166 23.94 -14.72 41.82
N THR S 167 22.94 -15.46 41.34
CA THR S 167 21.57 -15.26 41.81
C THR S 167 21.38 -15.81 43.22
N ASN S 168 22.08 -16.89 43.57
CA ASN S 168 21.99 -17.47 44.92
C ASN S 168 22.44 -16.49 46.00
N ALA S 169 23.29 -15.53 45.65
CA ALA S 169 23.74 -14.49 46.56
C ALA S 169 23.01 -13.17 46.40
N THR S 170 22.67 -12.74 45.17
CA THR S 170 22.25 -11.37 44.90
C THR S 170 20.94 -11.33 44.10
N THR S 171 20.17 -10.24 44.27
CA THR S 171 18.93 -10.01 43.52
C THR S 171 19.18 -9.20 42.26
N ILE S 172 19.91 -9.80 41.31
CA ILE S 172 20.42 -9.07 40.16
C ILE S 172 20.18 -9.86 38.88
N THR S 173 19.56 -9.22 37.88
CA THR S 173 19.48 -9.73 36.52
C THR S 173 20.40 -8.88 35.64
N PRO S 174 21.61 -9.35 35.32
CA PRO S 174 22.59 -8.46 34.68
C PRO S 174 22.51 -8.40 33.15
N GLY S 175 22.32 -7.20 32.61
CA GLY S 175 22.48 -6.97 31.18
C GLY S 175 21.20 -7.16 30.38
N ARG S 176 21.24 -6.59 29.16
CA ARG S 176 20.08 -6.55 28.28
C ARG S 176 19.59 -7.94 27.86
N ARG S 177 20.53 -8.85 27.53
CA ARG S 177 20.13 -10.19 27.07
C ARG S 177 19.48 -11.00 28.18
N ASN S 178 20.05 -10.96 29.39
CA ASN S 178 19.45 -11.69 30.52
C ASN S 178 18.11 -11.08 30.93
N LEU S 179 17.98 -9.75 30.82
CA LEU S 179 16.68 -9.11 31.04
C LEU S 179 15.64 -9.58 30.01
N LYS S 180 16.05 -9.74 28.76
CA LYS S 180 15.15 -10.27 27.72
C LYS S 180 14.69 -11.69 28.05
N TRP S 181 15.63 -12.54 28.50
CA TRP S 181 15.29 -13.91 28.94
C TRP S 181 14.23 -13.90 30.04
N MET S 182 14.43 -13.10 31.09
CA MET S 182 13.50 -13.12 32.22
C MET S 182 12.15 -12.49 31.87
N LEU S 183 12.15 -11.42 31.06
CA LEU S 183 10.88 -10.80 30.66
C LEU S 183 10.06 -11.72 29.76
N ARG S 184 10.71 -12.49 28.89
CA ARG S 184 9.94 -13.43 28.08
C ARG S 184 9.50 -14.66 28.88
N ALA S 185 10.28 -15.07 29.89
CA ALA S 185 9.81 -16.16 30.75
C ALA S 185 8.65 -15.75 31.64
N ALA S 186 8.54 -14.45 31.96
CA ALA S 186 7.52 -13.95 32.88
C ALA S 186 6.09 -14.13 32.39
N GLU S 187 5.89 -14.38 31.08
CA GLU S 187 4.55 -14.59 30.51
C GLU S 187 3.86 -15.85 31.04
N GLU S 188 4.58 -16.73 31.72
CA GLU S 188 4.01 -17.97 32.25
C GLU S 188 3.08 -17.73 33.45
N TYR S 189 3.37 -16.75 34.30
CA TYR S 189 2.99 -16.82 35.71
C TYR S 189 1.79 -15.94 36.08
N SER S 190 1.16 -16.30 37.20
CA SER S 190 0.07 -15.52 37.81
C SER S 190 0.62 -14.70 38.97
N MET S 191 1.27 -13.59 38.64
CA MET S 191 1.95 -12.69 39.58
C MET S 191 2.39 -11.44 38.81
N ASN S 192 2.19 -10.26 39.41
CA ASN S 192 2.82 -9.05 38.88
C ASN S 192 4.33 -9.10 39.18
N LEU S 193 5.15 -8.70 38.20
CA LEU S 193 6.60 -8.89 38.29
C LEU S 193 7.37 -7.64 37.85
N GLY S 194 8.53 -7.44 38.46
CA GLY S 194 9.47 -6.41 38.05
C GLY S 194 10.89 -6.80 38.42
N PHE S 195 11.86 -6.39 37.59
CA PHE S 195 13.23 -6.89 37.68
C PHE S 195 14.25 -5.78 37.94
N LEU S 196 15.23 -6.09 38.77
CA LEU S 196 16.33 -5.18 39.12
C LEU S 196 17.61 -5.56 38.38
N ALA S 197 18.40 -4.55 38.03
CA ALA S 197 19.63 -4.71 37.26
C ALA S 197 20.87 -4.56 38.15
N LYS S 198 22.04 -4.76 37.55
CA LYS S 198 23.31 -4.69 38.28
C LYS S 198 23.76 -3.24 38.43
N GLY S 199 23.92 -2.80 39.67
CA GLY S 199 24.38 -1.45 39.95
C GLY S 199 25.86 -1.34 40.27
N ASN S 200 26.55 -2.48 40.39
CA ASN S 200 27.96 -2.51 40.76
C ASN S 200 28.84 -2.32 39.53
N THR S 201 28.91 -1.07 39.06
CA THR S 201 29.86 -0.67 38.02
C THR S 201 30.07 0.83 38.10
N SER S 202 31.20 1.28 37.54
CA SER S 202 31.48 2.70 37.39
C SER S 202 31.37 3.18 35.95
N ASN S 203 30.77 2.39 35.07
CA ASN S 203 30.57 2.75 33.67
C ASN S 203 29.13 3.24 33.50
N ASP S 204 28.96 4.52 33.18
CA ASP S 204 27.63 5.12 33.10
C ASP S 204 26.82 4.56 31.92
N ALA S 205 27.49 4.27 30.81
CA ALA S 205 26.81 3.74 29.63
C ALA S 205 26.26 2.34 29.89
N SER S 206 27.01 1.50 30.62
CA SER S 206 26.52 0.17 30.98
C SER S 206 25.33 0.26 31.93
N LEU S 207 25.35 1.21 32.87
CA LEU S 207 24.23 1.42 33.77
C LEU S 207 22.98 1.86 33.02
N ALA S 208 23.12 2.80 32.09
CA ALA S 208 21.96 3.35 31.39
C ALA S 208 21.34 2.34 30.43
N ASP S 209 22.14 1.46 29.80
CA ASP S 209 21.58 0.52 28.83
C ASP S 209 20.69 -0.52 29.49
N GLN S 210 20.98 -0.90 30.74
CA GLN S 210 20.12 -1.85 31.47
C GLN S 210 18.74 -1.26 31.75
N ILE S 211 18.69 0.04 32.08
CA ILE S 211 17.41 0.69 32.35
C ILE S 211 16.57 0.77 31.08
N GLU S 212 17.21 1.09 29.95
CA GLU S 212 16.51 1.12 28.67
C GLU S 212 16.08 -0.27 28.20
N ALA S 213 16.73 -1.33 28.70
CA ALA S 213 16.36 -2.69 28.35
C ALA S 213 15.20 -3.23 29.18
N GLY S 214 14.69 -2.47 30.16
CA GLY S 214 13.48 -2.86 30.84
C GLY S 214 13.49 -2.95 32.36
N ALA S 215 14.65 -2.73 33.00
CA ALA S 215 14.72 -2.86 34.45
C ALA S 215 14.05 -1.68 35.15
N ILE S 216 13.54 -1.93 36.36
CA ILE S 216 12.88 -0.89 37.16
C ILE S 216 13.79 -0.29 38.22
N GLY S 217 15.06 -0.70 38.27
CA GLY S 217 15.96 -0.15 39.26
C GLY S 217 17.26 -0.94 39.33
N PHE S 218 18.10 -0.55 40.28
CA PHE S 218 19.38 -1.22 40.52
C PHE S 218 19.47 -1.87 41.90
N ILE S 220 22.68 -2.89 44.46
CA ILE S 220 24.13 -2.84 44.71
C ILE S 220 24.47 -3.83 45.81
N HIS S 221 25.29 -4.83 45.49
CA HIS S 221 25.55 -5.93 46.41
C HIS S 221 27.04 -6.13 46.60
N GLU S 222 27.43 -6.44 47.84
CA GLU S 222 28.85 -6.49 48.22
C GLU S 222 29.60 -7.63 47.54
N ASP S 223 28.92 -8.68 47.10
CA ASP S 223 29.60 -9.77 46.40
C ASP S 223 30.04 -9.37 44.99
N TRP S 224 29.39 -8.40 44.37
CA TRP S 224 29.90 -7.79 43.14
C TRP S 224 30.74 -6.54 43.42
N GLY S 225 30.88 -6.15 44.69
CA GLY S 225 31.74 -5.06 45.09
C GLY S 225 31.02 -3.75 45.34
N THR S 226 30.69 -3.46 46.61
CA THR S 226 30.00 -2.22 46.98
C THR S 226 31.08 -1.23 47.43
N THR S 227 31.52 -0.40 46.51
CA THR S 227 32.48 0.66 46.75
C THR S 227 31.79 2.01 46.66
N PRO S 228 32.34 3.05 47.27
CA PRO S 228 31.73 4.39 47.14
C PRO S 228 31.62 4.91 45.70
N SER S 229 32.57 4.55 44.83
CA SER S 229 32.52 4.94 43.42
C SER S 229 31.29 4.39 42.72
N ALA S 230 31.01 3.10 42.91
CA ALA S 230 29.86 2.46 42.28
C ALA S 230 28.55 3.01 42.80
N ILE S 231 28.48 3.29 44.11
CA ILE S 231 27.30 3.91 44.73
C ILE S 231 27.02 5.26 44.09
N ASN S 232 28.07 6.08 43.92
CA ASN S 232 27.93 7.42 43.36
C ASN S 232 27.45 7.37 41.91
N HIS S 233 28.05 6.51 41.08
CA HIS S 233 27.66 6.42 39.66
C HIS S 233 26.23 5.90 39.50
N ALA S 234 25.85 4.87 40.28
CA ALA S 234 24.51 4.31 40.18
C ALA S 234 23.44 5.31 40.58
N LEU S 235 23.70 6.09 41.65
CA LEU S 235 22.73 7.11 42.07
C LEU S 235 22.62 8.23 41.04
N ASP S 236 23.74 8.59 40.39
CA ASP S 236 23.68 9.60 39.33
C ASP S 236 22.81 9.15 38.16
N VAL S 237 22.93 7.88 37.73
CA VAL S 237 22.11 7.41 36.61
C VAL S 237 20.64 7.28 37.02
N ALA S 238 20.39 6.80 38.24
CA ALA S 238 19.02 6.62 38.72
C ALA S 238 18.29 7.95 38.90
N ASP S 239 19.02 9.03 39.21
CA ASP S 239 18.42 10.36 39.24
C ASP S 239 17.90 10.76 37.86
N LYS S 240 18.62 10.42 36.80
CA LYS S 240 18.20 10.78 35.46
C LYS S 240 17.07 9.92 34.93
N TYR S 241 16.97 8.65 35.35
CA TYR S 241 15.95 7.77 34.76
C TYR S 241 14.72 7.54 35.64
N ASP S 242 14.65 8.14 36.83
CA ASP S 242 13.52 8.02 37.77
C ASP S 242 13.23 6.55 38.15
N VAL S 243 14.25 5.88 38.69
CA VAL S 243 14.12 4.52 39.20
C VAL S 243 14.76 4.46 40.59
N GLN S 244 14.45 3.38 41.31
CA GLN S 244 14.88 3.18 42.70
C GLN S 244 16.22 2.43 42.76
N VAL S 245 16.95 2.63 43.87
CA VAL S 245 18.20 1.90 44.14
C VAL S 245 18.06 1.16 45.48
N ALA S 246 18.50 -0.09 45.51
CA ALA S 246 18.59 -0.90 46.71
C ALA S 246 20.05 -1.31 46.97
N ILE S 247 20.40 -1.48 48.25
CA ILE S 247 21.81 -1.71 48.62
C ILE S 247 21.96 -2.78 49.70
N HIS S 248 22.97 -3.64 49.52
CA HIS S 248 23.56 -4.52 50.53
C HIS S 248 24.99 -4.00 50.72
N THR S 249 25.28 -3.45 51.89
CA THR S 249 26.53 -2.71 52.09
C THR S 249 27.71 -3.62 52.46
N ASP S 250 28.89 -3.01 52.54
CA ASP S 250 30.17 -3.70 52.71
C ASP S 250 30.31 -4.20 54.15
N THR S 251 30.15 -5.51 54.35
CA THR S 251 30.24 -6.11 55.68
C THR S 251 31.67 -6.04 56.24
N LEU S 252 32.67 -6.24 55.39
CA LEU S 252 34.06 -6.36 55.79
C LEU S 252 34.73 -5.02 56.12
N ASN S 253 34.03 -3.89 55.89
CA ASN S 253 34.56 -2.52 56.04
C ASN S 253 35.83 -2.32 55.21
N GLU S 254 35.85 -2.89 54.01
CA GLU S 254 37.08 -2.98 53.21
C GLU S 254 37.51 -1.61 52.68
N ALA S 255 36.57 -0.85 52.11
CA ALA S 255 36.88 0.46 51.57
C ALA S 255 36.50 1.60 52.50
N GLY S 256 35.80 1.32 53.59
CA GLY S 256 35.32 2.34 54.49
C GLY S 256 34.26 1.80 55.41
N CYS S 257 33.85 2.65 56.35
CA CYS S 257 32.84 2.32 57.34
C CYS S 257 31.47 2.87 56.90
N VAL S 258 30.50 2.85 57.82
CA VAL S 258 29.11 3.19 57.49
C VAL S 258 28.98 4.67 57.13
N GLU S 259 29.75 5.56 57.78
CA GLU S 259 29.67 6.99 57.46
C GLU S 259 30.26 7.29 56.10
N ASP S 260 31.22 6.50 55.62
CA ASP S 260 31.72 6.65 54.26
C ASP S 260 30.68 6.25 53.21
N THR S 261 29.92 5.18 53.48
CA THR S 261 28.81 4.80 52.61
C THR S 261 27.74 5.91 52.57
N MET S 262 27.41 6.46 53.75
CA MET S 262 26.44 7.56 53.79
C MET S 262 26.95 8.82 53.08
N ALA S 263 28.26 9.07 53.14
CA ALA S 263 28.85 10.18 52.38
C ALA S 263 28.75 9.95 50.88
N ALA S 264 28.93 8.70 50.44
CA ALA S 264 28.76 8.38 49.02
C ALA S 264 27.31 8.54 48.57
N ILE S 265 26.35 8.19 49.45
CA ILE S 265 24.93 8.34 49.12
C ILE S 265 24.57 9.82 48.97
N ALA S 266 25.10 10.67 49.85
CA ALA S 266 25.05 12.15 49.75
C ALA S 266 23.61 12.69 49.74
N GLY S 267 22.77 12.17 50.63
CA GLY S 267 21.42 12.67 50.82
C GLY S 267 20.38 12.20 49.82
N ARG S 268 20.73 11.34 48.86
CA ARG S 268 19.79 10.89 47.86
C ARG S 268 19.00 9.67 48.37
N THR S 269 17.85 9.42 47.75
CA THR S 269 16.91 8.38 48.21
C THR S 269 17.48 6.98 47.99
N MET S 270 17.40 6.14 49.03
CA MET S 270 17.95 4.78 48.98
C MET S 270 17.10 3.82 49.82
N HIS S 271 16.85 2.64 49.26
CA HIS S 271 16.15 1.54 49.94
C HIS S 271 17.22 0.57 50.48
N THR S 272 17.22 0.32 51.78
CA THR S 272 18.22 -0.55 52.39
C THR S 272 17.61 -1.91 52.73
N PHE S 273 18.20 -2.97 52.21
CA PHE S 273 17.78 -4.33 52.52
C PHE S 273 18.41 -4.80 53.82
N HIS S 274 17.65 -5.59 54.60
CA HIS S 274 18.02 -6.25 55.88
C HIS S 274 18.88 -5.34 56.78
N THR S 275 18.28 -4.21 57.15
CA THR S 275 19.00 -3.10 57.79
C THR S 275 19.51 -3.46 59.19
N GLU S 276 18.96 -4.50 59.81
CA GLU S 276 19.49 -4.96 61.10
C GLU S 276 20.91 -5.49 60.97
N GLY S 277 21.21 -6.19 59.88
CA GLY S 277 22.58 -6.57 59.56
C GLY S 277 22.90 -8.04 59.65
N ALA S 278 21.97 -8.89 60.09
CA ALA S 278 22.22 -10.33 60.10
C ALA S 278 22.35 -10.88 58.68
N GLY S 279 21.62 -10.33 57.73
CA GLY S 279 21.76 -10.69 56.34
C GLY S 279 22.92 -10.05 55.60
N GLY S 280 23.66 -9.17 56.25
CA GLY S 280 24.78 -8.48 55.62
C GLY S 280 24.76 -6.98 55.87
N GLY S 281 25.93 -6.37 55.84
CA GLY S 281 26.07 -4.95 56.12
C GLY S 281 27.22 -4.65 57.05
N HIS S 282 27.64 -3.37 57.13
CA HIS S 282 28.76 -2.88 57.94
C HIS S 282 28.73 -3.39 59.38
N ALA S 283 29.71 -4.20 59.74
CA ALA S 283 29.79 -4.73 61.10
C ALA S 283 30.43 -3.70 62.01
N PRO S 284 29.81 -3.37 63.16
CA PRO S 284 28.55 -3.93 63.64
C PRO S 284 27.36 -2.95 63.58
N ASP S 285 27.49 -1.84 62.86
CA ASP S 285 26.62 -0.69 63.10
C ASP S 285 25.85 -0.23 61.86
N ILE S 286 25.41 -1.15 61.00
CA ILE S 286 24.61 -0.76 59.84
C ILE S 286 23.20 -0.27 60.27
N ILE S 287 22.71 -0.72 61.43
CA ILE S 287 21.37 -0.39 61.89
C ILE S 287 21.19 1.10 62.19
N LYS S 288 22.27 1.87 62.32
CA LYS S 288 22.12 3.29 62.62
C LYS S 288 21.58 4.11 61.45
N VAL S 289 21.59 3.59 60.22
CA VAL S 289 21.07 4.36 59.09
C VAL S 289 19.55 4.40 59.06
N ALA S 290 18.87 3.60 59.87
CA ALA S 290 17.42 3.60 59.91
C ALA S 290 16.82 4.82 60.58
N GLY S 291 17.63 5.68 61.19
CA GLY S 291 17.11 6.94 61.69
C GLY S 291 17.15 8.09 60.71
N GLU S 292 17.72 7.93 59.52
CA GLU S 292 18.00 9.01 58.59
C GLU S 292 16.78 9.35 57.73
N HIS S 293 16.77 10.59 57.22
CA HIS S 293 15.62 11.07 56.46
C HIS S 293 15.54 10.46 55.06
N ASN S 294 16.68 10.27 54.39
CA ASN S 294 16.66 9.81 53.01
C ASN S 294 16.66 8.29 52.85
N ILE S 295 16.63 7.55 53.95
CA ILE S 295 16.72 6.09 53.92
C ILE S 295 15.32 5.50 54.10
N LEU S 296 14.95 4.55 53.23
CA LEU S 296 13.75 3.73 53.40
C LEU S 296 14.19 2.36 53.93
N PRO S 297 14.06 2.08 55.22
CA PRO S 297 14.65 0.85 55.78
C PRO S 297 13.72 -0.34 55.82
N ALA S 298 14.28 -1.51 55.51
CA ALA S 298 13.53 -2.76 55.45
C ALA S 298 14.23 -3.84 56.26
N SER S 299 13.44 -4.76 56.78
CA SER S 299 13.94 -5.96 57.43
C SER S 299 13.46 -7.19 56.67
N THR S 300 14.24 -8.26 56.75
CA THR S 300 13.85 -9.53 56.16
C THR S 300 13.30 -10.45 57.24
N ASN S 301 12.44 -11.39 56.83
CA ASN S 301 11.72 -12.21 57.80
C ASN S 301 12.44 -13.26 58.68
N PRO S 302 13.64 -13.82 58.39
CA PRO S 302 14.14 -14.88 59.30
C PRO S 302 14.59 -14.38 60.68
N THR S 303 14.77 -13.07 60.87
CA THR S 303 15.11 -12.54 62.19
C THR S 303 13.90 -12.05 62.98
N ILE S 304 12.70 -12.06 62.40
CA ILE S 304 11.51 -11.65 63.14
C ILE S 304 10.51 -12.81 63.18
N PRO S 305 9.85 -13.07 64.32
CA PRO S 305 10.13 -12.47 65.63
C PRO S 305 11.34 -13.12 66.30
N PHE S 306 11.91 -12.44 67.29
CA PHE S 306 13.10 -12.93 68.00
C PHE S 306 12.69 -14.06 68.94
N THR S 307 13.18 -15.26 68.68
CA THR S 307 12.85 -16.46 69.46
C THR S 307 14.10 -17.06 70.09
N VAL S 308 13.90 -18.08 70.92
CA VAL S 308 15.01 -18.73 71.60
C VAL S 308 15.84 -19.62 70.70
N ASN S 309 15.36 -19.95 69.50
CA ASN S 309 16.14 -20.74 68.55
C ASN S 309 16.82 -19.90 67.47
N THR S 310 16.68 -18.57 67.52
CA THR S 310 17.08 -17.71 66.40
C THR S 310 18.60 -17.64 66.25
N GLU S 311 19.31 -17.42 67.37
CA GLU S 311 20.74 -17.16 67.34
C GLU S 311 21.53 -18.40 66.91
N ALA S 312 21.18 -19.57 67.46
CA ALA S 312 21.87 -20.81 67.12
C ALA S 312 21.66 -21.20 65.66
N GLU S 313 20.42 -21.03 65.17
CA GLU S 313 20.10 -21.32 63.78
C GLU S 313 20.88 -20.41 62.83
N HIS S 314 20.92 -19.11 63.13
CA HIS S 314 21.64 -18.18 62.25
C HIS S 314 23.15 -18.41 62.30
N MET S 315 23.68 -18.77 63.47
CA MET S 315 25.11 -19.08 63.59
C MET S 315 25.48 -20.30 62.77
N ASP S 316 24.67 -21.36 62.83
CA ASP S 316 24.98 -22.55 62.05
C ASP S 316 24.76 -22.32 60.56
N MET S 317 23.83 -21.44 60.18
CA MET S 317 23.72 -21.06 58.76
C MET S 317 24.95 -20.30 58.30
N LEU S 318 25.50 -19.43 59.15
CA LEU S 318 26.69 -18.68 58.79
C LEU S 318 27.91 -19.59 58.65
N MET S 319 28.03 -20.61 59.50
CA MET S 319 29.18 -21.52 59.42
C MET S 319 29.16 -22.36 58.15
N VAL S 320 27.97 -22.74 57.66
CA VAL S 320 27.89 -23.58 56.48
C VAL S 320 28.22 -22.78 55.22
N CYS S 321 27.60 -21.60 55.06
CA CYS S 321 27.70 -20.86 53.80
C CYS S 321 29.08 -20.26 53.60
N HIS S 322 29.77 -19.85 54.66
CA HIS S 322 31.11 -19.30 54.53
C HIS S 322 32.20 -20.36 54.68
N HIS S 323 31.82 -21.61 54.96
CA HIS S 323 32.76 -22.73 55.18
C HIS S 323 33.77 -22.44 56.27
N LEU S 324 33.28 -21.95 57.41
CA LEU S 324 34.14 -21.60 58.53
C LEU S 324 34.46 -22.83 59.37
N ASP S 325 35.50 -22.70 60.19
CA ASP S 325 35.95 -23.75 61.09
C ASP S 325 36.11 -23.17 62.48
N LYS S 326 35.67 -23.93 63.48
CA LYS S 326 35.75 -23.47 64.87
C LYS S 326 37.17 -23.54 65.44
N SER S 327 38.10 -24.19 64.76
CA SER S 327 39.47 -24.29 65.25
C SER S 327 40.34 -23.10 64.85
N ILE S 328 39.82 -22.16 64.09
CA ILE S 328 40.57 -21.00 63.62
C ILE S 328 40.06 -19.77 64.35
N LYS S 329 40.98 -19.01 64.97
CA LYS S 329 40.58 -17.87 65.79
C LYS S 329 40.03 -16.70 64.97
N GLU S 330 40.31 -16.65 63.67
CA GLU S 330 39.79 -15.56 62.84
C GLU S 330 38.40 -15.85 62.31
N ASP S 331 38.06 -17.12 62.08
CA ASP S 331 36.69 -17.46 61.70
C ASP S 331 35.72 -17.29 62.87
N VAL S 332 36.18 -17.57 64.09
CA VAL S 332 35.37 -17.35 65.28
C VAL S 332 35.17 -15.86 65.52
N GLN S 333 36.22 -15.07 65.33
CA GLN S 333 36.11 -13.61 65.50
C GLN S 333 35.23 -12.99 64.43
N PHE S 334 35.27 -13.53 63.21
CA PHE S 334 34.38 -13.05 62.17
C PHE S 334 32.92 -13.37 62.49
N ALA S 335 32.65 -14.60 62.94
CA ALA S 335 31.28 -15.03 63.19
C ALA S 335 30.64 -14.27 64.36
N ASP S 336 31.42 -14.00 65.41
CA ASP S 336 30.88 -13.29 66.57
C ASP S 336 30.62 -11.82 66.28
N SER S 337 31.26 -11.25 65.27
CA SER S 337 30.94 -9.87 64.87
C SER S 337 29.77 -9.80 63.90
N ARG S 338 29.28 -10.93 63.39
CA ARG S 338 28.23 -10.96 62.37
C ARG S 338 26.83 -11.09 62.96
N ILE S 339 26.63 -12.00 63.91
CA ILE S 339 25.27 -12.41 64.27
C ILE S 339 24.62 -11.42 65.22
N ARG S 340 25.27 -11.13 66.37
CA ARG S 340 24.91 -10.06 67.31
C ARG S 340 23.47 -10.09 67.82
N PRO S 341 23.16 -10.91 68.84
CA PRO S 341 21.78 -10.96 69.36
C PRO S 341 21.25 -9.63 69.93
N GLN S 342 22.12 -8.67 70.25
CA GLN S 342 21.68 -7.37 70.75
C GLN S 342 20.89 -6.59 69.69
N THR S 343 21.42 -6.47 68.47
CA THR S 343 20.71 -5.76 67.41
C THR S 343 19.48 -6.53 66.92
N ILE S 344 19.56 -7.86 66.92
CA ILE S 344 18.42 -8.71 66.57
C ILE S 344 17.28 -8.49 67.56
N ALA S 345 17.60 -8.40 68.85
CA ALA S 345 16.59 -8.09 69.86
C ALA S 345 16.04 -6.68 69.69
N ALA S 346 16.89 -5.73 69.28
CA ALA S 346 16.42 -4.35 69.10
C ALA S 346 15.47 -4.19 67.91
N GLU S 347 15.58 -5.08 66.91
CA GLU S 347 14.84 -4.94 65.66
C GLU S 347 13.32 -5.00 65.85
N ASP S 348 12.82 -5.90 66.71
CA ASP S 348 11.38 -6.01 66.96
C ASP S 348 10.81 -4.73 67.55
N THR S 349 11.49 -4.16 68.55
CA THR S 349 11.04 -2.93 69.17
C THR S 349 11.11 -1.76 68.19
N LEU S 350 12.14 -1.73 67.34
CA LEU S 350 12.19 -0.68 66.31
C LEU S 350 11.05 -0.82 65.30
N HIS S 351 10.61 -2.05 65.00
CA HIS S 351 9.41 -2.23 64.20
C HIS S 351 8.17 -1.69 64.90
N ASP S 352 8.07 -1.90 66.22
CA ASP S 352 6.88 -1.44 66.94
C ASP S 352 6.84 0.08 67.07
N MET S 353 7.98 0.76 66.98
CA MET S 353 8.04 2.22 67.08
C MET S 353 7.83 2.94 65.76
N GLY S 354 7.74 2.21 64.65
CA GLY S 354 7.65 2.85 63.35
C GLY S 354 8.95 3.36 62.78
N ILE S 355 10.08 2.83 63.24
CA ILE S 355 11.38 3.21 62.70
C ILE S 355 11.77 2.34 61.52
N PHE S 356 11.45 1.05 61.55
CA PHE S 356 11.49 0.20 60.36
C PHE S 356 10.13 0.27 59.68
N SER S 357 10.12 0.31 58.34
CA SER S 357 8.89 0.60 57.62
C SER S 357 8.45 -0.46 56.61
N ILE S 358 9.30 -1.43 56.26
CA ILE S 358 9.01 -2.43 55.22
C ILE S 358 9.46 -3.80 55.72
N THR S 359 8.66 -4.83 55.47
CA THR S 359 9.07 -6.22 55.66
C THR S 359 9.13 -6.94 54.31
N SER S 360 10.01 -7.95 54.22
CA SER S 360 10.25 -8.66 52.96
C SER S 360 10.78 -10.07 53.27
N SER S 361 11.10 -10.82 52.21
CA SER S 361 11.41 -12.24 52.35
C SER S 361 12.90 -12.56 52.36
N ASP S 362 13.67 -12.12 51.35
CA ASP S 362 15.03 -12.60 50.99
C ASP S 362 14.98 -14.09 50.62
N SER S 363 14.18 -14.39 49.59
CA SER S 363 13.67 -15.74 49.32
C SER S 363 14.76 -16.72 48.89
N GLN S 364 14.84 -17.85 49.60
CA GLN S 364 15.81 -18.95 49.40
C GLN S 364 17.27 -18.50 49.52
N ALA S 365 17.50 -17.33 50.13
CA ALA S 365 18.81 -16.74 50.34
C ALA S 365 18.89 -16.15 51.75
N MET S 366 18.61 -16.99 52.76
CA MET S 366 18.28 -16.63 54.15
C MET S 366 16.97 -15.84 54.21
N GLY S 367 15.90 -16.56 53.87
CA GLY S 367 14.55 -16.07 54.05
C GLY S 367 13.48 -16.96 53.44
N ARG S 368 12.23 -16.80 53.86
CA ARG S 368 11.16 -17.75 53.55
C ARG S 368 10.03 -17.04 52.81
N VAL S 369 9.84 -17.40 51.54
CA VAL S 369 8.98 -16.64 50.64
C VAL S 369 7.48 -16.79 50.98
N GLY S 370 7.10 -17.84 51.68
CA GLY S 370 5.69 -17.99 52.03
C GLY S 370 5.32 -17.53 53.43
N GLU S 371 6.19 -16.74 54.08
CA GLU S 371 5.98 -16.43 55.50
C GLU S 371 6.09 -14.95 55.86
N VAL S 372 6.09 -14.04 54.88
CA VAL S 372 6.26 -12.60 55.15
C VAL S 372 5.09 -12.06 55.98
N ILE S 373 3.86 -12.32 55.52
CA ILE S 373 2.66 -11.82 56.19
C ILE S 373 2.51 -12.45 57.58
N THR S 374 2.73 -13.77 57.67
CA THR S 374 2.61 -14.49 58.94
C THR S 374 3.61 -13.99 59.97
N ARG S 375 4.87 -13.78 59.57
CA ARG S 375 5.86 -13.31 60.53
C ARG S 375 5.65 -11.85 60.92
N THR S 376 5.09 -11.04 60.01
CA THR S 376 4.69 -9.68 60.37
C THR S 376 3.65 -9.68 61.50
N TRP S 377 2.61 -10.52 61.35
CA TRP S 377 1.57 -10.52 62.39
C TRP S 377 2.02 -11.20 63.68
N GLN S 378 2.94 -12.18 63.58
CA GLN S 378 3.55 -12.77 64.78
C GLN S 378 4.34 -11.72 65.57
N THR S 379 5.08 -10.86 64.85
CA THR S 379 5.83 -9.78 65.51
C THR S 379 4.90 -8.77 66.19
N ALA S 380 3.80 -8.41 65.50
CA ALA S 380 2.81 -7.50 66.09
C ALA S 380 2.19 -8.09 67.37
N ASP S 381 1.87 -9.38 67.35
CA ASP S 381 1.27 -10.03 68.52
C ASP S 381 2.25 -10.14 69.69
N LYS S 382 3.52 -10.46 69.40
CA LYS S 382 4.54 -10.52 70.45
C LYS S 382 4.78 -9.14 71.07
N ASN S 383 4.81 -8.09 70.25
CA ASN S 383 4.99 -6.75 70.79
C ASN S 383 3.78 -6.27 71.60
N LYS S 384 2.56 -6.67 71.23
CA LYS S 384 1.42 -6.33 72.08
C LYS S 384 1.47 -7.08 73.41
N LYS S 385 1.92 -8.34 73.39
CA LYS S 385 2.04 -9.09 74.65
C LYS S 385 3.13 -8.51 75.55
N GLU S 386 4.20 -7.98 74.98
CA GLU S 386 5.30 -7.45 75.80
C GLU S 386 5.08 -6.01 76.26
N PHE S 387 4.71 -5.11 75.35
CA PHE S 387 4.64 -3.68 75.67
C PHE S 387 3.21 -3.16 75.86
N GLY S 388 2.20 -4.00 75.71
CA GLY S 388 0.83 -3.55 75.90
C GLY S 388 0.28 -2.76 74.72
N ARG S 389 -0.92 -2.24 74.93
CA ARG S 389 -1.62 -1.45 73.92
C ARG S 389 -0.93 -0.11 73.71
N LEU S 390 -0.84 0.31 72.45
CA LEU S 390 -0.16 1.55 72.08
C LEU S 390 -0.89 2.77 72.63
N LYS S 391 -0.13 3.84 72.87
CA LYS S 391 -0.72 5.06 73.43
C LYS S 391 -1.47 5.87 72.37
N GLU S 392 -1.28 5.58 71.08
CA GLU S 392 -1.98 6.28 70.02
C GLU S 392 -3.38 5.72 69.75
N GLU S 393 -3.79 4.67 70.46
CA GLU S 393 -5.08 4.06 70.21
C GLU S 393 -6.23 4.93 70.71
N LYS S 394 -7.34 4.89 69.98
CA LYS S 394 -8.57 5.59 70.33
C LYS S 394 -9.63 4.52 70.56
N GLY S 395 -9.96 4.26 71.81
CA GLY S 395 -10.94 3.24 72.14
C GLY S 395 -10.28 1.94 72.55
N ASP S 396 -11.15 0.97 72.84
CA ASP S 396 -10.72 -0.34 73.34
C ASP S 396 -10.51 -1.30 72.17
N ASN S 397 -9.51 -1.00 71.35
CA ASN S 397 -9.17 -1.80 70.20
C ASN S 397 -7.69 -1.60 69.87
N ASP S 398 -7.25 -2.26 68.80
CA ASP S 398 -5.85 -2.21 68.36
C ASP S 398 -5.73 -1.70 66.92
N ASN S 399 -6.60 -0.76 66.52
CA ASN S 399 -6.70 -0.37 65.11
C ASN S 399 -5.45 0.35 64.60
N PHE S 400 -4.82 1.18 65.45
CA PHE S 400 -3.60 1.89 65.05
C PHE S 400 -2.45 0.92 64.79
N ARG S 401 -2.26 -0.06 65.68
CA ARG S 401 -1.20 -1.05 65.51
C ARG S 401 -1.45 -1.93 64.28
N ILE S 402 -2.73 -2.24 64.02
CA ILE S 402 -3.12 -3.03 62.85
C ILE S 402 -2.77 -2.29 61.57
N LYS S 403 -3.09 -0.99 61.50
CA LYS S 403 -2.73 -0.20 60.33
C LYS S 403 -1.22 -0.06 60.17
N ARG S 404 -0.50 0.14 61.28
CA ARG S 404 0.97 0.28 61.22
C ARG S 404 1.63 -0.99 60.67
N TYR S 405 1.22 -2.16 61.14
CA TYR S 405 1.84 -3.38 60.65
C TYR S 405 1.33 -3.79 59.26
N LEU S 406 0.08 -3.48 58.92
CA LEU S 406 -0.42 -3.79 57.59
C LEU S 406 0.27 -2.95 56.51
N SER S 407 0.62 -1.71 56.83
CA SER S 407 1.33 -0.85 55.88
C SER S 407 2.72 -1.37 55.49
N LYS S 408 3.33 -2.22 56.32
CA LYS S 408 4.70 -2.67 56.08
C LYS S 408 4.81 -3.58 54.86
N TYR S 409 3.76 -4.32 54.50
CA TYR S 409 3.83 -5.17 53.32
C TYR S 409 2.83 -4.80 52.22
N THR S 410 2.05 -3.72 52.36
CA THR S 410 1.15 -3.33 51.27
C THR S 410 1.50 -1.98 50.67
N ILE S 411 1.35 -0.88 51.40
CA ILE S 411 1.41 0.44 50.76
C ILE S 411 2.83 0.98 50.74
N ASN S 412 3.63 0.73 51.78
CA ASN S 412 4.99 1.28 51.83
C ASN S 412 5.94 0.71 50.77
N PRO S 413 6.03 -0.61 50.52
CA PRO S 413 6.86 -1.05 49.37
C PRO S 413 6.36 -0.57 48.01
N ALA S 414 5.05 -0.40 47.85
CA ALA S 414 4.50 0.14 46.60
C ALA S 414 4.94 1.59 46.38
N ILE S 415 4.95 2.39 47.44
CA ILE S 415 5.46 3.75 47.36
C ILE S 415 6.95 3.75 47.06
N ALA S 416 7.69 2.85 47.72
CA ALA S 416 9.15 2.81 47.57
C ALA S 416 9.58 2.44 46.15
N HIS S 417 8.84 1.58 45.46
CA HIS S 417 9.23 1.23 44.10
C HIS S 417 8.37 1.90 43.03
N GLY S 418 7.61 2.92 43.40
CA GLY S 418 6.89 3.76 42.45
C GLY S 418 5.75 3.11 41.69
N ILE S 419 4.99 2.22 42.35
CA ILE S 419 3.85 1.57 41.73
C ILE S 419 2.56 1.82 42.53
N SER S 420 2.57 2.81 43.43
CA SER S 420 1.42 3.03 44.30
C SER S 420 0.23 3.66 43.58
N GLU S 421 0.39 4.12 42.35
CA GLU S 421 -0.80 4.53 41.60
C GLU S 421 -1.59 3.33 41.07
N TYR S 422 -1.00 2.14 41.06
CA TYR S 422 -1.65 0.94 40.53
C TYR S 422 -2.11 -0.03 41.62
N VAL S 423 -1.25 -0.37 42.58
CA VAL S 423 -1.51 -1.41 43.55
C VAL S 423 -1.19 -0.88 44.95
N GLY S 424 -1.45 -1.71 45.96
CA GLY S 424 -1.06 -1.44 47.32
C GLY S 424 -2.18 -1.15 48.31
N SER S 425 -3.41 -0.87 47.85
CA SER S 425 -4.49 -0.54 48.76
C SER S 425 -5.84 -0.76 48.06
N VAL S 426 -6.90 -0.71 48.86
CA VAL S 426 -8.27 -0.89 48.38
C VAL S 426 -8.85 0.52 48.18
N GLU S 427 -8.67 1.07 46.98
CA GLU S 427 -9.17 2.40 46.66
C GLU S 427 -9.75 2.41 45.24
N VAL S 428 -10.66 3.36 45.00
CA VAL S 428 -11.30 3.49 43.69
C VAL S 428 -10.28 3.94 42.65
N GLY S 429 -10.23 3.23 41.53
CA GLY S 429 -9.32 3.53 40.45
C GLY S 429 -8.08 2.65 40.40
N LYS S 430 -7.82 1.85 41.43
CA LYS S 430 -6.65 0.98 41.43
C LYS S 430 -6.97 -0.39 40.82
N VAL S 431 -5.91 -1.14 40.55
CA VAL S 431 -6.02 -2.51 40.04
C VAL S 431 -6.66 -3.39 41.11
N ALA S 432 -7.63 -4.22 40.70
CA ALA S 432 -8.35 -5.09 41.61
C ALA S 432 -7.54 -6.37 41.88
N ASP S 433 -6.51 -6.25 42.72
CA ASP S 433 -5.76 -7.39 43.27
C ASP S 433 -6.15 -7.51 44.75
N LEU S 434 -7.07 -8.42 45.07
CA LEU S 434 -7.69 -8.49 46.39
C LEU S 434 -7.59 -9.90 46.96
N VAL S 435 -7.56 -9.98 48.30
CA VAL S 435 -7.47 -11.23 49.05
C VAL S 435 -8.62 -11.31 50.05
N LEU S 436 -9.32 -12.45 50.06
CA LEU S 436 -10.43 -12.71 50.99
C LEU S 436 -9.96 -13.63 52.11
N TRP S 437 -10.18 -13.21 53.35
CA TRP S 437 -9.78 -13.97 54.53
C TRP S 437 -10.99 -14.28 55.42
N SER S 438 -11.02 -15.49 55.97
CA SER S 438 -11.83 -15.78 57.16
C SER S 438 -11.10 -15.28 58.40
N PRO S 439 -11.81 -14.63 59.34
CA PRO S 439 -11.12 -14.05 60.51
C PRO S 439 -10.42 -15.06 61.41
N ALA S 440 -10.91 -16.30 61.47
CA ALA S 440 -10.20 -17.33 62.23
C ALA S 440 -8.87 -17.71 61.60
N PHE S 441 -8.73 -17.55 60.29
CA PHE S 441 -7.50 -17.89 59.58
C PHE S 441 -6.76 -16.65 59.08
N PHE S 442 -7.00 -15.47 59.66
CA PHE S 442 -6.38 -14.25 59.16
C PHE S 442 -4.87 -14.26 59.38
N GLY S 443 -4.13 -13.93 58.33
CA GLY S 443 -2.70 -13.84 58.39
C GLY S 443 -1.94 -15.11 58.07
N VAL S 444 -2.62 -16.25 57.92
CA VAL S 444 -1.90 -17.49 57.62
C VAL S 444 -2.45 -18.21 56.39
N LYS S 445 -3.77 -18.34 56.26
CA LYS S 445 -4.33 -19.10 55.13
C LYS S 445 -5.56 -18.40 54.56
N PRO S 446 -5.47 -17.81 53.36
CA PRO S 446 -6.61 -17.09 52.78
C PRO S 446 -7.63 -18.01 52.14
N ASN S 447 -8.79 -17.43 51.82
CA ASN S 447 -9.85 -18.17 51.14
C ASN S 447 -9.67 -18.15 49.61
N MET S 448 -9.50 -16.97 49.02
CA MET S 448 -9.34 -16.86 47.57
C MET S 448 -8.59 -15.59 47.21
N ILE S 449 -8.04 -15.58 46.00
CA ILE S 449 -7.28 -14.46 45.45
C ILE S 449 -7.99 -13.99 44.19
N ILE S 450 -8.25 -12.69 44.11
CA ILE S 450 -8.79 -12.06 42.90
C ILE S 450 -7.65 -11.29 42.24
N LYS S 451 -7.39 -11.60 40.97
CA LYS S 451 -6.26 -11.06 40.24
C LYS S 451 -6.76 -10.36 38.99
N GLY S 452 -6.56 -9.05 38.92
CA GLY S 452 -7.00 -8.26 37.77
C GLY S 452 -8.50 -8.25 37.55
N GLY S 453 -9.29 -8.40 38.61
CA GLY S 453 -10.73 -8.43 38.49
C GLY S 453 -11.36 -9.79 38.24
N PHE S 454 -10.60 -10.88 38.28
CA PHE S 454 -11.13 -12.22 38.06
C PHE S 454 -10.44 -13.19 39.02
N ILE S 455 -11.15 -14.24 39.41
CA ILE S 455 -10.65 -15.15 40.44
C ILE S 455 -9.55 -16.03 39.87
N ALA S 456 -8.39 -16.04 40.55
CA ALA S 456 -7.21 -16.76 40.09
C ALA S 456 -6.83 -17.97 40.93
N LEU S 457 -7.18 -17.99 42.22
CA LEU S 457 -6.80 -19.07 43.11
C LEU S 457 -7.84 -19.16 44.23
N SER S 458 -8.13 -20.39 44.68
CA SER S 458 -9.04 -20.58 45.81
C SER S 458 -8.79 -21.93 46.45
N GLN S 459 -9.22 -22.04 47.72
CA GLN S 459 -9.39 -23.34 48.33
C GLN S 459 -10.50 -24.10 47.60
N MET S 460 -10.28 -25.40 47.38
CA MET S 460 -11.19 -26.17 46.55
C MET S 460 -11.10 -27.64 46.91
N GLY S 461 -12.26 -28.28 47.08
CA GLY S 461 -12.33 -29.70 47.34
C GLY S 461 -12.22 -30.52 46.07
N ASP S 462 -12.49 -31.81 46.21
CA ASP S 462 -12.26 -32.75 45.12
C ASP S 462 -13.24 -32.55 43.97
N ALA S 463 -12.74 -32.76 42.76
CA ALA S 463 -13.45 -32.32 41.54
C ALA S 463 -14.66 -33.18 41.24
N ASN S 464 -14.69 -34.43 41.70
CA ASN S 464 -15.81 -35.32 41.44
C ASN S 464 -16.97 -35.12 42.42
N ALA S 465 -16.80 -34.28 43.44
CA ALA S 465 -17.79 -34.19 44.51
C ALA S 465 -19.02 -33.38 44.09
N SER S 466 -20.08 -33.52 44.89
CA SER S 466 -21.35 -32.85 44.65
C SER S 466 -21.37 -31.40 45.14
N ILE S 467 -20.38 -30.97 45.92
CA ILE S 467 -20.22 -29.59 46.35
C ILE S 467 -18.73 -29.29 46.43
N PRO S 468 -18.34 -28.00 46.42
CA PRO S 468 -16.89 -27.70 46.46
C PRO S 468 -16.21 -27.88 47.81
N THR S 469 -16.94 -28.09 48.88
CA THR S 469 -16.41 -28.23 50.25
C THR S 469 -15.76 -29.54 50.71
N PRO S 470 -16.20 -30.76 50.33
CA PRO S 470 -15.63 -31.96 50.97
C PRO S 470 -14.17 -32.26 50.62
N GLN S 471 -13.57 -33.07 51.49
CA GLN S 471 -12.13 -33.27 51.55
C GLN S 471 -11.63 -34.13 50.39
N PRO S 472 -10.36 -33.96 49.97
CA PRO S 472 -9.31 -33.03 50.42
C PRO S 472 -9.44 -31.62 49.86
N VAL S 473 -9.23 -30.62 50.71
CA VAL S 473 -9.28 -29.21 50.33
C VAL S 473 -7.85 -28.69 50.30
N TYR S 474 -7.42 -28.19 49.14
CA TYR S 474 -6.14 -27.49 49.03
C TYR S 474 -6.27 -26.41 47.95
N TYR S 475 -5.20 -25.61 47.80
CA TYR S 475 -5.22 -24.47 46.89
C TYR S 475 -5.03 -24.93 45.45
N ARG S 476 -5.94 -24.53 44.57
CA ARG S 476 -5.93 -24.93 43.17
C ARG S 476 -6.09 -23.70 42.27
N GLU S 477 -5.51 -23.80 41.06
CA GLU S 477 -5.59 -22.72 40.09
C GLU S 477 -7.01 -22.58 39.54
N MET S 478 -7.47 -21.34 39.39
CA MET S 478 -8.78 -21.01 38.84
C MET S 478 -8.64 -20.50 37.40
N PHE S 479 -9.73 -19.96 36.83
CA PHE S 479 -9.76 -19.71 35.38
C PHE S 479 -8.89 -18.53 34.96
N ALA S 480 -8.63 -17.56 35.84
CA ALA S 480 -7.74 -16.46 35.49
C ALA S 480 -6.27 -16.87 35.39
N HIS S 481 -5.92 -18.07 35.84
CA HIS S 481 -4.59 -18.64 35.79
C HIS S 481 -4.24 -19.26 34.43
N HIS S 482 -5.21 -19.38 33.51
CA HIS S 482 -5.08 -20.28 32.36
C HIS S 482 -5.32 -19.56 31.04
N GLY S 483 -4.81 -20.17 29.97
CA GLY S 483 -5.13 -19.74 28.61
C GLY S 483 -4.57 -18.37 28.27
N LYS S 484 -5.33 -17.61 27.50
CA LYS S 484 -5.00 -16.22 27.21
C LYS S 484 -5.59 -15.25 28.23
N ALA S 485 -6.39 -15.76 29.17
CA ALA S 485 -6.94 -14.90 30.22
C ALA S 485 -5.85 -14.39 31.17
N LYS S 486 -4.80 -15.17 31.39
CA LYS S 486 -3.72 -14.76 32.28
C LYS S 486 -2.92 -13.59 31.73
N TYR S 487 -2.94 -13.36 30.41
CA TYR S 487 -2.30 -12.17 29.84
C TYR S 487 -3.04 -10.90 30.24
N ASP S 488 -4.37 -10.96 30.31
CA ASP S 488 -5.16 -9.79 30.64
C ASP S 488 -5.18 -9.49 32.13
N ALA S 489 -4.81 -10.45 32.98
CA ALA S 489 -4.93 -10.30 34.43
C ALA S 489 -3.63 -9.95 35.14
N ASN S 490 -2.51 -9.84 34.43
CA ASN S 490 -1.20 -9.66 35.06
C ASN S 490 -0.43 -8.50 34.43
N ILE S 491 0.49 -7.94 35.20
CA ILE S 491 1.23 -6.73 34.85
C ILE S 491 2.73 -7.02 34.94
N THR S 492 3.48 -6.59 33.92
CA THR S 492 4.94 -6.50 34.00
C THR S 492 5.33 -5.03 34.10
N PHE S 493 6.00 -4.64 35.19
CA PHE S 493 6.45 -3.27 35.38
C PHE S 493 7.82 -3.06 34.75
N VAL S 494 7.99 -1.92 34.07
CA VAL S 494 9.26 -1.53 33.44
C VAL S 494 9.53 -0.06 33.73
N SER S 495 10.69 0.44 33.29
CA SER S 495 10.99 1.85 33.40
C SER S 495 10.23 2.65 32.35
N GLN S 496 10.12 3.97 32.60
CA GLN S 496 9.44 4.86 31.67
C GLN S 496 10.17 4.95 30.34
N ALA S 497 11.51 4.95 30.39
CA ALA S 497 12.32 5.00 29.17
C ALA S 497 12.13 3.76 28.30
N ALA S 498 12.07 2.58 28.91
CA ALA S 498 11.84 1.35 28.14
C ALA S 498 10.42 1.31 27.59
N TYR S 499 9.45 1.82 28.36
CA TYR S 499 8.07 1.90 27.90
C TYR S 499 7.92 2.81 26.70
N ASP S 500 8.62 3.95 26.70
CA ASP S 500 8.51 4.90 25.59
C ASP S 500 9.21 4.40 24.32
N LYS S 501 10.24 3.56 24.45
CA LYS S 501 10.89 3.02 23.27
C LYS S 501 10.18 1.77 22.72
N GLY S 502 9.05 1.38 23.30
CA GLY S 502 8.26 0.28 22.79
C GLY S 502 8.82 -1.11 23.11
N ILE S 503 9.11 -1.37 24.38
CA ILE S 503 9.67 -2.66 24.78
C ILE S 503 8.63 -3.79 24.63
N LYS S 504 7.33 -3.47 24.80
CA LYS S 504 6.28 -4.49 24.70
C LYS S 504 6.21 -5.07 23.30
N GLU S 505 6.28 -4.22 22.29
CA GLU S 505 6.21 -4.67 20.90
C GLU S 505 7.53 -5.29 20.45
N GLU S 506 8.67 -4.80 20.95
CA GLU S 506 9.98 -5.31 20.54
C GLU S 506 10.19 -6.75 21.01
N LEU S 507 9.80 -7.06 22.25
CA LEU S 507 9.99 -8.40 22.79
C LEU S 507 8.77 -9.30 22.60
N GLY S 508 7.69 -8.80 22.01
CA GLY S 508 6.49 -9.59 21.80
C GLY S 508 5.74 -10.00 23.05
N LEU S 509 5.67 -9.14 24.05
CA LEU S 509 4.99 -9.48 25.30
C LEU S 509 3.48 -9.31 25.16
N GLU S 510 2.73 -10.23 25.75
CA GLU S 510 1.27 -10.16 25.73
C GLU S 510 0.64 -9.71 27.04
N ARG S 511 1.40 -9.67 28.13
CA ARG S 511 0.91 -9.12 29.39
C ARG S 511 0.74 -7.60 29.29
N GLN S 512 0.04 -7.03 30.26
CA GLN S 512 0.01 -5.58 30.42
C GLN S 512 1.40 -5.08 30.83
N VAL S 513 1.84 -3.98 30.25
CA VAL S 513 3.14 -3.38 30.55
C VAL S 513 2.91 -1.93 30.98
N LEU S 514 3.37 -1.60 32.18
CA LEU S 514 3.16 -0.28 32.79
C LEU S 514 4.46 0.29 33.36
N PRO S 515 4.64 1.60 33.33
CA PRO S 515 5.87 2.21 33.85
C PRO S 515 5.79 2.61 35.32
N VAL S 516 6.95 2.52 35.99
CA VAL S 516 7.07 3.03 37.36
C VAL S 516 7.38 4.54 37.30
N LYS S 517 7.04 5.24 38.39
CA LYS S 517 7.22 6.70 38.44
C LYS S 517 7.26 7.19 39.88
N ASN S 518 7.80 8.40 40.05
CA ASN S 518 7.93 9.10 41.34
C ASN S 518 8.78 8.32 42.33
N CYS S 519 9.97 7.89 41.90
CA CYS S 519 10.87 7.13 42.75
C CYS S 519 11.89 7.98 43.48
N ARG S 520 12.19 9.18 42.98
CA ARG S 520 13.34 9.95 43.46
C ARG S 520 12.99 11.06 44.45
N ASN S 521 11.73 11.44 44.56
CA ASN S 521 11.34 12.57 45.41
C ASN S 521 10.61 12.11 46.68
N ILE S 522 10.94 10.94 47.19
CA ILE S 522 10.30 10.42 48.38
C ILE S 522 11.36 10.22 49.47
N THR S 523 10.94 10.43 50.72
CA THR S 523 11.81 10.21 51.88
C THR S 523 11.11 9.31 52.90
N LYS S 524 11.70 9.21 54.10
CA LYS S 524 11.13 8.46 55.22
C LYS S 524 9.75 9.01 55.61
N LYS S 525 9.52 10.31 55.44
CA LYS S 525 8.24 10.93 55.76
C LYS S 525 7.09 10.50 54.84
N ASP S 526 7.38 9.85 53.71
CA ASP S 526 6.33 9.36 52.83
C ASP S 526 5.83 7.97 53.20
N MET S 527 6.43 7.30 54.18
CA MET S 527 5.98 5.98 54.59
C MET S 527 4.77 6.10 55.52
N GLN S 528 3.68 5.42 55.18
CA GLN S 528 2.44 5.51 55.95
C GLN S 528 2.59 4.78 57.28
N PHE S 529 2.28 5.49 58.37
CA PHE S 529 2.27 5.02 59.77
C PHE S 529 3.64 4.57 60.30
N ASN S 530 4.69 4.63 59.49
CA ASN S 530 6.04 4.29 59.95
C ASN S 530 6.99 5.36 59.40
N ASP S 531 7.00 6.52 60.05
CA ASP S 531 7.73 7.66 59.52
C ASP S 531 8.64 8.31 60.55
N THR S 532 8.99 7.58 61.60
CA THR S 532 9.80 8.11 62.69
C THR S 532 11.26 8.26 62.27
N THR S 533 11.82 9.43 62.54
CA THR S 533 13.26 9.66 62.44
C THR S 533 13.82 9.88 63.85
N ALA S 534 15.05 9.45 64.06
CA ALA S 534 15.71 9.54 65.35
C ALA S 534 17.21 9.47 65.16
N HIS S 535 17.94 9.70 66.26
CA HIS S 535 19.38 9.55 66.30
C HIS S 535 19.71 8.21 66.96
N ILE S 536 20.41 7.35 66.24
CA ILE S 536 20.67 5.98 66.67
C ILE S 536 22.16 5.77 66.83
N GLU S 537 22.56 5.20 67.97
CA GLU S 537 23.96 4.91 68.26
C GLU S 537 24.13 3.45 68.65
N VAL S 538 25.24 2.86 68.21
CA VAL S 538 25.60 1.49 68.55
C VAL S 538 26.95 1.50 69.26
N ASN S 539 27.02 0.87 70.42
CA ASN S 539 28.27 0.76 71.15
C ASN S 539 29.24 -0.15 70.39
N PRO S 540 30.47 0.30 70.14
CA PRO S 540 31.42 -0.51 69.34
C PRO S 540 31.90 -1.77 70.04
N GLU S 541 31.72 -1.91 71.36
CA GLU S 541 32.23 -3.05 72.12
C GLU S 541 31.13 -4.00 72.57
N THR S 542 30.07 -3.50 73.19
CA THR S 542 29.00 -4.34 73.70
C THR S 542 27.85 -4.54 72.72
N TYR S 543 27.84 -3.78 71.62
CA TYR S 543 26.83 -3.80 70.56
C TYR S 543 25.43 -3.41 71.05
N HIS S 544 25.32 -2.65 72.14
CA HIS S 544 24.02 -2.16 72.59
C HIS S 544 23.54 -1.03 71.69
N VAL S 545 22.22 -0.91 71.57
CA VAL S 545 21.56 0.01 70.64
C VAL S 545 20.82 1.08 71.45
N PHE S 546 21.06 2.34 71.12
CA PHE S 546 20.43 3.48 71.79
C PHE S 546 19.66 4.32 70.78
N VAL S 547 18.45 4.73 71.15
CA VAL S 547 17.61 5.60 70.33
C VAL S 547 17.33 6.86 71.14
N ASP S 548 17.90 7.98 70.69
CA ASP S 548 17.85 9.29 71.38
C ASP S 548 18.29 9.19 72.84
N GLY S 549 19.36 8.40 73.08
CA GLY S 549 19.91 8.19 74.40
C GLY S 549 19.35 6.99 75.15
N LYS S 550 18.14 6.56 74.84
CA LYS S 550 17.49 5.47 75.57
C LYS S 550 17.83 4.11 74.96
N GLU S 551 18.13 3.14 75.82
CA GLU S 551 18.43 1.80 75.36
C GLU S 551 17.16 1.10 74.87
N VAL S 552 17.29 0.34 73.79
CA VAL S 552 16.15 -0.31 73.14
C VAL S 552 16.48 -1.79 72.97
N THR S 553 15.61 -2.66 73.48
CA THR S 553 15.81 -4.09 73.41
C THR S 553 14.46 -4.79 73.56
N SER S 554 14.47 -6.11 73.49
CA SER S 554 13.29 -6.94 73.75
C SER S 554 13.75 -8.32 74.21
N LYS S 555 12.77 -9.13 74.61
CA LYS S 555 13.01 -10.48 75.12
C LYS S 555 12.66 -11.54 74.08
N PRO S 556 13.41 -12.64 74.02
CA PRO S 556 13.04 -13.73 73.10
C PRO S 556 11.78 -14.45 73.56
N ALA S 557 11.09 -15.06 72.61
CA ALA S 557 9.84 -15.76 72.84
C ALA S 557 10.03 -17.26 72.68
N ASN S 558 9.36 -18.03 73.54
CA ASN S 558 9.37 -19.48 73.41
C ASN S 558 8.18 -20.04 72.64
N LYS S 559 7.20 -19.20 72.29
CA LYS S 559 6.01 -19.65 71.60
C LYS S 559 5.43 -18.49 70.80
N VAL S 560 4.98 -18.76 69.58
CA VAL S 560 4.36 -17.75 68.74
C VAL S 560 2.97 -18.22 68.33
N SER S 561 2.13 -17.26 67.98
CA SER S 561 0.84 -17.58 67.41
C SER S 561 0.96 -17.87 65.91
N LEU S 562 -0.13 -18.35 65.32
CA LEU S 562 -0.26 -18.64 63.89
C LEU S 562 0.77 -19.65 63.38
N ALA S 563 1.23 -20.59 64.20
CA ALA S 563 2.20 -21.56 63.72
C ALA S 563 1.72 -23.01 63.80
N GLN S 564 1.64 -23.61 64.98
CA GLN S 564 1.43 -25.06 65.02
C GLN S 564 -0.05 -25.44 65.02
N LEU S 565 -0.93 -24.49 65.32
CA LEU S 565 -2.36 -24.71 65.27
C LEU S 565 -2.86 -24.93 63.83
N PHE S 566 -2.16 -24.40 62.84
CA PHE S 566 -2.71 -24.28 61.49
C PHE S 566 -2.05 -25.17 60.44
N SER S 567 -0.88 -25.74 60.72
CA SER S 567 -0.11 -26.43 59.69
C SER S 567 0.30 -27.82 60.16
N ILE S 568 0.19 -28.80 59.25
CA ILE S 568 0.63 -30.15 59.58
C ILE S 568 2.15 -30.29 59.47
N PHE S 569 2.81 -29.41 58.74
CA PHE S 569 4.27 -29.38 58.69
C PHE S 569 4.78 -27.95 58.71
N MET T 1 55.18 -47.67 0.60
CA MET T 1 56.18 -46.71 1.04
C MET T 1 57.30 -46.55 0.00
N LYS T 2 57.78 -45.33 -0.16
CA LYS T 2 58.91 -45.03 -1.03
C LYS T 2 59.75 -43.93 -0.41
N LYS T 3 61.02 -43.87 -0.82
CA LYS T 3 61.93 -42.81 -0.41
C LYS T 3 62.10 -41.82 -1.55
N ILE T 4 61.97 -40.54 -1.22
CA ILE T 4 62.16 -39.45 -2.17
C ILE T 4 63.23 -38.53 -1.58
N SER T 5 64.19 -38.12 -2.40
CA SER T 5 65.23 -37.21 -1.92
C SER T 5 64.64 -35.83 -1.65
N ARG T 6 65.29 -35.10 -0.73
CA ARG T 6 64.78 -33.82 -0.25
C ARG T 6 64.74 -32.77 -1.35
N LYS T 7 65.75 -32.79 -2.23
CA LYS T 7 65.87 -31.79 -3.30
C LYS T 7 64.72 -31.87 -4.29
N GLU T 8 64.38 -33.08 -4.73
CA GLU T 8 63.29 -33.20 -5.69
C GLU T 8 61.91 -33.04 -5.04
N TYR T 9 61.78 -33.38 -3.75
CA TYR T 9 60.55 -33.05 -3.02
C TYR T 9 60.33 -31.55 -2.98
N VAL T 10 61.38 -30.80 -2.66
CA VAL T 10 61.27 -29.35 -2.55
C VAL T 10 61.01 -28.73 -3.92
N SER T 11 61.64 -29.27 -4.97
CA SER T 11 61.37 -28.79 -6.32
C SER T 11 59.93 -29.06 -6.75
N MET T 12 59.30 -30.12 -6.24
CA MET T 12 57.90 -30.34 -6.60
C MET T 12 56.91 -29.60 -5.71
N TYR T 13 57.16 -29.49 -4.40
CA TYR T 13 56.14 -29.01 -3.47
C TYR T 13 56.55 -27.83 -2.59
N GLY T 14 57.77 -27.32 -2.72
CA GLY T 14 58.25 -26.27 -1.85
C GLY T 14 58.87 -26.82 -0.58
N PRO T 15 59.45 -25.94 0.23
CA PRO T 15 60.16 -26.39 1.44
C PRO T 15 59.22 -26.96 2.49
N THR T 16 59.76 -27.87 3.32
CA THR T 16 59.00 -28.50 4.38
C THR T 16 59.73 -28.32 5.71
N THR T 17 59.31 -29.05 6.75
CA THR T 17 59.74 -28.82 8.13
C THR T 17 61.25 -28.96 8.29
N GLY T 18 61.89 -27.92 8.83
CA GLY T 18 63.32 -27.87 9.01
C GLY T 18 64.08 -27.15 7.91
N ASP T 19 63.49 -27.01 6.72
CA ASP T 19 64.16 -26.31 5.64
C ASP T 19 64.14 -24.79 5.87
N LYS T 20 65.08 -24.10 5.24
CA LYS T 20 65.27 -22.67 5.44
C LYS T 20 65.30 -21.91 4.12
N VAL T 21 64.89 -20.63 4.15
CA VAL T 21 64.87 -19.78 2.97
C VAL T 21 65.36 -18.37 3.34
N ARG T 22 66.19 -17.80 2.45
CA ARG T 22 66.62 -16.41 2.58
C ARG T 22 65.53 -15.47 2.04
N LEU T 23 65.26 -14.40 2.78
CA LEU T 23 64.25 -13.42 2.38
C LEU T 23 64.91 -12.33 1.54
N GLY T 24 64.60 -12.32 0.24
CA GLY T 24 65.14 -11.32 -0.67
C GLY T 24 66.65 -11.43 -0.81
N ASP T 25 67.30 -10.27 -0.93
CA ASP T 25 68.75 -10.19 -0.89
C ASP T 25 69.28 -9.79 0.48
N THR T 26 68.47 -9.93 1.53
CA THR T 26 68.90 -9.63 2.89
C THR T 26 69.68 -10.80 3.49
N ASP T 27 70.03 -10.67 4.77
CA ASP T 27 70.66 -11.73 5.54
C ASP T 27 69.70 -12.38 6.54
N LEU T 28 68.40 -12.24 6.32
CA LEU T 28 67.41 -12.82 7.22
C LEU T 28 67.00 -14.20 6.71
N ILE T 29 67.06 -15.20 7.59
CA ILE T 29 66.82 -16.60 7.25
C ILE T 29 65.58 -17.07 8.02
N ALA T 30 64.56 -17.49 7.28
CA ALA T 30 63.33 -18.02 7.85
C ALA T 30 63.35 -19.54 7.80
N GLU T 31 62.77 -20.17 8.82
CA GLU T 31 62.71 -21.63 8.92
C GLU T 31 61.28 -22.11 9.07
N VAL T 32 60.94 -23.19 8.37
CA VAL T 32 59.60 -23.77 8.42
C VAL T 32 59.44 -24.50 9.75
N GLU T 33 58.43 -24.09 10.53
CA GLU T 33 58.22 -24.64 11.87
C GLU T 33 57.33 -25.89 11.88
N HIS T 34 56.41 -26.04 10.93
CA HIS T 34 55.41 -27.10 10.96
C HIS T 34 54.82 -27.25 9.55
N ASP T 35 54.31 -28.45 9.26
CA ASP T 35 53.67 -28.76 7.98
C ASP T 35 52.39 -29.55 8.22
N TYR T 36 51.31 -29.14 7.57
CA TYR T 36 50.02 -29.81 7.73
C TYR T 36 49.77 -30.93 6.72
N THR T 37 50.66 -31.14 5.76
CA THR T 37 50.37 -32.10 4.70
C THR T 37 50.61 -33.54 5.17
N ILE T 38 50.05 -34.47 4.42
CA ILE T 38 50.33 -35.90 4.55
C ILE T 38 51.18 -36.28 3.35
N TYR T 39 52.37 -36.84 3.61
CA TYR T 39 53.34 -37.12 2.57
C TYR T 39 52.83 -38.20 1.62
N GLY T 40 52.81 -37.87 0.33
CA GLY T 40 52.22 -38.73 -0.68
C GLY T 40 50.82 -38.34 -1.11
N GLU T 41 50.18 -37.38 -0.45
CA GLU T 41 48.84 -36.94 -0.79
C GLU T 41 48.78 -35.45 -1.12
N GLU T 42 49.85 -34.92 -1.72
CA GLU T 42 49.92 -33.50 -2.01
C GLU T 42 49.01 -33.11 -3.18
N LEU T 43 48.53 -31.87 -3.17
CA LEU T 43 47.69 -31.35 -4.23
C LEU T 43 48.54 -30.70 -5.32
N LYS T 44 48.34 -31.14 -6.56
CA LYS T 44 49.01 -30.58 -7.73
C LYS T 44 48.01 -30.43 -8.86
N PHE T 45 48.09 -29.31 -9.60
CA PHE T 45 47.18 -29.04 -10.71
C PHE T 45 47.91 -29.14 -12.05
N GLY T 46 47.26 -29.79 -13.00
CA GLY T 46 47.80 -29.94 -14.34
C GLY T 46 47.33 -31.23 -14.96
N GLY T 47 47.85 -31.49 -16.16
CA GLY T 47 47.47 -32.69 -16.89
C GLY T 47 48.12 -33.92 -16.27
N GLY T 48 47.30 -34.90 -15.89
CA GLY T 48 47.78 -36.09 -15.22
C GLY T 48 48.09 -35.93 -13.75
N LYS T 49 47.77 -34.78 -13.15
CA LYS T 49 48.06 -34.52 -11.75
C LYS T 49 46.84 -34.88 -10.88
N THR T 50 46.83 -34.44 -9.63
CA THR T 50 45.86 -34.95 -8.66
C THR T 50 44.55 -34.17 -8.59
N LEU T 51 44.51 -32.90 -9.00
CA LEU T 51 43.30 -32.08 -8.84
C LEU T 51 42.35 -32.31 -10.01
N ARG T 52 41.81 -33.52 -10.08
CA ARG T 52 40.93 -33.95 -11.15
C ARG T 52 39.71 -34.63 -10.54
N GLU T 53 38.66 -34.81 -11.35
CA GLU T 53 37.38 -35.28 -10.84
C GLU T 53 37.48 -36.74 -10.37
N GLY T 54 36.95 -36.99 -9.19
CA GLY T 54 37.03 -38.29 -8.57
C GLY T 54 38.33 -38.61 -7.85
N MET T 55 39.32 -37.73 -7.87
CA MET T 55 40.59 -38.01 -7.20
C MET T 55 40.84 -37.07 -6.03
N SER T 56 41.08 -35.77 -6.27
CA SER T 56 41.14 -34.80 -5.19
C SER T 56 40.04 -33.75 -5.29
N GLN T 57 39.40 -33.62 -6.44
CA GLN T 57 38.13 -32.91 -6.55
C GLN T 57 37.02 -33.92 -6.30
N SER T 58 36.22 -33.65 -5.28
CA SER T 58 35.18 -34.59 -4.86
C SER T 58 34.00 -34.59 -5.84
N ASN T 59 33.46 -35.78 -6.08
CA ASN T 59 32.17 -35.92 -6.73
C ASN T 59 31.00 -35.91 -5.75
N ASN T 60 31.28 -35.99 -4.44
CA ASN T 60 30.26 -35.85 -3.39
C ASN T 60 30.77 -34.88 -2.33
N PRO T 61 30.88 -33.59 -2.66
CA PRO T 61 31.51 -32.65 -1.74
C PRO T 61 30.60 -32.29 -0.57
N SER T 62 31.22 -31.71 0.46
CA SER T 62 30.45 -31.21 1.58
C SER T 62 29.66 -29.97 1.18
N LYS T 63 28.69 -29.62 2.01
CA LYS T 63 27.90 -28.42 1.76
C LYS T 63 28.65 -27.12 2.04
N GLU T 64 29.84 -27.21 2.64
CA GLU T 64 30.74 -26.06 2.85
C GLU T 64 31.85 -26.01 1.81
N GLU T 65 31.53 -26.35 0.56
CA GLU T 65 32.50 -26.46 -0.53
C GLU T 65 33.18 -25.12 -0.83
N LEU T 66 34.50 -25.17 -1.05
CA LEU T 66 35.33 -23.97 -1.20
C LEU T 66 35.14 -23.31 -2.57
N ASP T 67 35.32 -21.99 -2.59
CA ASP T 67 35.35 -21.24 -3.84
C ASP T 67 36.75 -21.17 -4.46
N LEU T 68 37.80 -21.23 -3.64
CA LEU T 68 39.18 -21.11 -4.10
C LEU T 68 40.10 -21.79 -3.10
N ILE T 69 41.13 -22.48 -3.59
CA ILE T 69 42.15 -23.09 -2.72
C ILE T 69 43.54 -22.71 -3.21
N ILE T 70 44.39 -22.29 -2.28
CA ILE T 70 45.80 -22.03 -2.53
C ILE T 70 46.60 -23.22 -2.00
N THR T 71 47.28 -23.93 -2.89
CA THR T 71 47.94 -25.20 -2.54
C THR T 71 49.41 -25.00 -2.21
N ASN T 72 49.88 -25.67 -1.15
CA ASN T 72 51.29 -25.77 -0.77
C ASN T 72 51.92 -24.41 -0.49
N ALA T 73 51.22 -23.56 0.25
CA ALA T 73 51.69 -22.21 0.55
C ALA T 73 52.59 -22.20 1.79
N LEU T 74 53.61 -21.35 1.77
CA LEU T 74 54.41 -21.05 2.95
C LEU T 74 53.87 -19.77 3.60
N ILE T 75 53.21 -19.91 4.74
CA ILE T 75 52.57 -18.79 5.42
C ILE T 75 53.58 -18.13 6.34
N VAL T 76 53.73 -16.81 6.22
CA VAL T 76 54.56 -16.02 7.13
C VAL T 76 53.64 -15.00 7.82
N ASP T 77 53.46 -15.17 9.13
CA ASP T 77 52.48 -14.42 9.90
C ASP T 77 53.02 -14.25 11.31
N TYR T 78 52.40 -13.33 12.07
CA TYR T 78 52.77 -13.18 13.48
C TYR T 78 52.40 -14.42 14.30
N THR T 79 51.44 -15.22 13.83
CA THR T 79 51.08 -16.47 14.51
C THR T 79 52.02 -17.62 14.18
N GLY T 80 52.88 -17.52 13.18
CA GLY T 80 53.86 -18.56 12.92
C GLY T 80 54.28 -18.60 11.47
N ILE T 81 55.31 -19.42 11.21
CA ILE T 81 55.87 -19.63 9.88
C ILE T 81 55.76 -21.12 9.57
N TYR T 82 54.86 -21.48 8.64
CA TYR T 82 54.48 -22.89 8.46
C TYR T 82 53.88 -23.10 7.06
N LYS T 83 53.79 -24.38 6.67
CA LYS T 83 53.28 -24.79 5.37
C LYS T 83 51.86 -25.35 5.50
N ALA T 84 50.96 -24.89 4.64
CA ALA T 84 49.56 -25.35 4.64
C ALA T 84 48.91 -25.00 3.32
N ASP T 85 47.70 -25.54 3.12
CA ASP T 85 46.79 -25.08 2.08
C ASP T 85 45.77 -24.12 2.68
N ILE T 86 45.40 -23.10 1.90
CA ILE T 86 44.49 -22.04 2.36
C ILE T 86 43.21 -22.10 1.55
N GLY T 87 42.07 -22.17 2.23
CA GLY T 87 40.77 -22.22 1.59
C GLY T 87 39.96 -20.96 1.79
N ILE T 88 39.31 -20.50 0.74
CA ILE T 88 38.54 -19.26 0.73
C ILE T 88 37.10 -19.56 0.32
N LYS T 89 36.14 -19.04 1.09
CA LYS T 89 34.73 -19.14 0.77
C LYS T 89 34.02 -17.85 1.14
N ASP T 90 33.29 -17.28 0.18
CA ASP T 90 32.43 -16.10 0.36
C ASP T 90 33.21 -14.89 0.88
N GLY T 91 34.39 -14.65 0.31
CA GLY T 91 35.21 -13.52 0.70
C GLY T 91 35.95 -13.66 2.01
N LYS T 92 35.89 -14.81 2.67
CA LYS T 92 36.54 -15.03 3.94
C LYS T 92 37.51 -16.20 3.86
N ILE T 93 38.47 -16.23 4.77
CA ILE T 93 39.34 -17.38 4.95
C ILE T 93 38.52 -18.45 5.67
N ALA T 94 38.27 -19.57 4.99
CA ALA T 94 37.41 -20.62 5.54
C ALA T 94 38.18 -21.71 6.26
N GLY T 95 39.41 -21.99 5.86
CA GLY T 95 40.16 -23.06 6.47
C GLY T 95 41.63 -22.97 6.15
N ILE T 96 42.45 -23.42 7.10
CA ILE T 96 43.90 -23.51 6.93
C ILE T 96 44.30 -24.92 7.39
N GLY T 97 44.80 -25.73 6.45
CA GLY T 97 45.10 -27.11 6.75
C GLY T 97 45.45 -27.97 5.55
N LYS T 98 44.84 -29.15 5.42
CA LYS T 98 45.26 -30.09 4.39
C LYS T 98 44.45 -29.97 3.09
N GLY T 99 43.15 -30.20 3.13
CA GLY T 99 42.34 -30.03 1.93
C GLY T 99 42.40 -31.15 0.90
N GLY T 100 41.28 -31.46 0.27
CA GLY T 100 41.22 -32.50 -0.73
C GLY T 100 39.82 -33.12 -0.79
N ASN T 101 39.79 -34.44 -1.01
CA ASN T 101 38.56 -35.19 -1.18
C ASN T 101 38.55 -36.34 -0.18
N LYS T 102 37.58 -36.32 0.74
CA LYS T 102 37.45 -37.33 1.78
C LYS T 102 37.08 -38.71 1.21
N ASP T 103 36.51 -38.77 0.00
CA ASP T 103 36.21 -40.06 -0.61
C ASP T 103 37.47 -40.86 -0.95
N MET T 104 38.60 -40.18 -1.17
CA MET T 104 39.83 -40.85 -1.59
C MET T 104 41.05 -40.59 -0.72
N GLN T 105 40.99 -39.66 0.24
CA GLN T 105 42.15 -39.25 1.02
C GLN T 105 41.78 -39.16 2.50
N ASP T 106 42.79 -39.28 3.37
CA ASP T 106 42.53 -39.53 4.79
C ASP T 106 42.09 -38.30 5.57
N GLY T 107 42.98 -37.32 5.74
CA GLY T 107 42.73 -36.30 6.74
C GLY T 107 42.06 -35.01 6.30
N VAL T 108 40.88 -35.10 5.66
CA VAL T 108 40.22 -33.93 5.07
C VAL T 108 39.00 -33.58 5.92
N LYS T 109 39.01 -32.37 6.49
CA LYS T 109 37.86 -31.88 7.24
C LYS T 109 36.85 -31.20 6.30
N ASN T 110 35.64 -30.98 6.83
CA ASN T 110 34.51 -30.51 6.02
C ASN T 110 34.73 -29.10 5.48
N ASN T 111 35.41 -28.24 6.22
CA ASN T 111 35.64 -26.87 5.78
C ASN T 111 36.77 -26.72 4.77
N LEU T 112 37.46 -27.80 4.41
CA LEU T 112 38.49 -27.75 3.38
C LEU T 112 38.18 -28.70 2.22
N SER T 113 36.89 -28.91 1.94
CA SER T 113 36.47 -29.81 0.88
C SER T 113 36.61 -29.13 -0.49
N VAL T 114 37.25 -29.83 -1.43
CA VAL T 114 37.44 -29.36 -2.79
C VAL T 114 36.38 -30.00 -3.68
N GLY T 115 35.65 -29.19 -4.45
CA GLY T 115 34.60 -29.69 -5.29
C GLY T 115 34.53 -29.06 -6.66
N PRO T 116 33.45 -29.32 -7.40
CA PRO T 116 33.29 -28.72 -8.73
C PRO T 116 33.20 -27.20 -8.75
N ALA T 117 32.80 -26.56 -7.65
CA ALA T 117 32.75 -25.10 -7.62
C ALA T 117 34.08 -24.44 -7.30
N THR T 118 35.15 -25.21 -7.07
CA THR T 118 36.42 -24.68 -6.59
C THR T 118 37.36 -24.33 -7.75
N GLU T 119 38.03 -23.18 -7.64
CA GLU T 119 39.15 -22.77 -8.48
C GLU T 119 40.47 -23.01 -7.74
N ALA T 120 41.54 -23.30 -8.49
CA ALA T 120 42.84 -23.64 -7.93
C ALA T 120 43.89 -22.57 -8.23
N LEU T 121 44.76 -22.31 -7.25
CA LEU T 121 45.90 -21.41 -7.39
C LEU T 121 47.13 -22.06 -6.79
N ALA T 122 48.20 -22.17 -7.57
CA ALA T 122 49.39 -22.91 -7.15
C ALA T 122 50.31 -22.01 -6.32
N GLY T 123 50.51 -22.37 -5.06
CA GLY T 123 51.41 -21.62 -4.19
C GLY T 123 52.71 -22.31 -3.83
N GLU T 124 53.09 -23.39 -4.51
CA GLU T 124 54.31 -24.11 -4.18
C GLU T 124 55.54 -23.26 -4.55
N GLY T 125 56.44 -23.10 -3.57
CA GLY T 125 57.58 -22.23 -3.71
C GLY T 125 57.33 -20.76 -3.44
N LEU T 126 56.12 -20.38 -3.01
CA LEU T 126 55.77 -18.99 -2.79
C LEU T 126 55.42 -18.73 -1.33
N ILE T 127 55.42 -17.46 -0.96
CA ILE T 127 55.15 -17.01 0.40
C ILE T 127 53.84 -16.20 0.39
N VAL T 128 52.96 -16.49 1.36
CA VAL T 128 51.72 -15.75 1.55
C VAL T 128 51.80 -14.97 2.86
N THR T 129 51.52 -13.66 2.79
CA THR T 129 51.34 -12.82 3.97
C THR T 129 50.01 -12.08 3.87
N ALA T 130 49.61 -11.49 5.00
CA ALA T 130 48.49 -10.57 5.02
C ALA T 130 48.87 -9.26 4.33
N GLY T 131 47.85 -8.56 3.83
CA GLY T 131 48.08 -7.24 3.27
C GLY T 131 48.48 -6.23 4.32
N GLY T 132 49.31 -5.26 3.90
CA GLY T 132 49.76 -4.23 4.81
C GLY T 132 48.71 -3.18 5.10
N ILE T 133 48.88 -2.50 6.24
CA ILE T 133 47.94 -1.47 6.70
C ILE T 133 48.73 -0.20 7.02
N ASP T 134 48.44 0.87 6.28
CA ASP T 134 49.15 2.16 6.42
C ASP T 134 48.22 3.16 7.09
N THR T 135 48.64 3.69 8.23
CA THR T 135 47.78 4.53 9.07
C THR T 135 48.15 6.00 9.09
N HIS T 136 49.02 6.47 8.20
CA HIS T 136 49.47 7.86 8.18
C HIS T 136 49.41 8.40 6.75
N ILE T 137 48.24 8.32 6.13
CA ILE T 137 48.06 8.76 4.76
C ILE T 137 47.56 10.20 4.73
N HIS T 138 48.25 11.06 4.00
CA HIS T 138 47.72 12.34 3.56
C HIS T 138 47.05 12.15 2.20
N PHE T 139 45.73 12.36 2.13
CA PHE T 139 44.99 12.15 0.87
C PHE T 139 45.17 13.37 -0.04
N ILE T 140 46.38 13.51 -0.57
CA ILE T 140 46.76 14.64 -1.41
C ILE T 140 46.39 14.40 -2.88
N SER T 141 46.65 13.20 -3.40
CA SER T 141 46.28 12.84 -4.77
C SER T 141 45.77 11.41 -4.83
N PRO T 142 44.79 11.13 -5.70
CA PRO T 142 44.30 9.74 -5.85
C PRO T 142 45.33 8.77 -6.40
N GLN T 143 46.38 9.24 -7.06
CA GLN T 143 47.40 8.37 -7.64
C GLN T 143 48.29 7.72 -6.59
N GLN T 144 48.21 8.12 -5.32
CA GLN T 144 48.89 7.41 -4.24
C GLN T 144 48.36 5.99 -4.08
N ILE T 145 47.06 5.80 -4.31
CA ILE T 145 46.42 4.52 -4.02
C ILE T 145 46.93 3.37 -4.90
N PRO T 146 47.02 3.49 -6.24
CA PRO T 146 47.65 2.39 -7.01
C PRO T 146 49.12 2.17 -6.69
N THR T 147 49.86 3.21 -6.32
CA THR T 147 51.26 3.05 -5.92
C THR T 147 51.38 2.22 -4.65
N ALA T 148 50.53 2.49 -3.66
CA ALA T 148 50.53 1.70 -2.44
C ALA T 148 50.05 0.27 -2.68
N PHE T 149 49.07 0.10 -3.58
CA PHE T 149 48.52 -1.23 -3.87
C PHE T 149 49.57 -2.15 -4.50
N ALA T 150 50.37 -1.62 -5.43
CA ALA T 150 51.40 -2.42 -6.08
C ALA T 150 52.55 -2.79 -5.14
N SER T 151 52.74 -2.07 -4.05
CA SER T 151 53.78 -2.41 -3.09
C SER T 151 53.33 -3.44 -2.06
N GLY T 152 52.04 -3.76 -2.00
CA GLY T 152 51.53 -4.74 -1.07
C GLY T 152 50.69 -4.22 0.10
N VAL T 153 50.18 -2.99 0.02
CA VAL T 153 49.34 -2.40 1.05
C VAL T 153 47.88 -2.50 0.61
N THR T 154 47.01 -3.02 1.47
CA THR T 154 45.60 -3.19 1.11
C THR T 154 44.62 -2.43 1.99
N THR T 155 45.07 -1.66 2.98
CA THR T 155 44.21 -0.77 3.77
C THR T 155 44.93 0.55 3.98
N MET T 156 44.23 1.67 3.76
CA MET T 156 44.80 3.00 3.94
C MET T 156 43.89 3.82 4.86
N ILE T 157 44.46 4.35 5.94
CA ILE T 157 43.75 5.17 6.92
C ILE T 157 44.45 6.53 7.00
N GLY T 158 43.67 7.61 6.89
CA GLY T 158 44.21 8.95 6.99
C GLY T 158 43.16 10.04 6.84
N GLY T 159 43.52 11.18 6.26
CA GLY T 159 42.56 12.26 6.07
C GLY T 159 43.01 13.25 5.03
N GLY T 160 42.06 14.01 4.52
CA GLY T 160 42.37 15.08 3.59
C GLY T 160 41.26 15.28 2.57
N THR T 161 41.46 16.31 1.72
CA THR T 161 40.48 16.70 0.72
C THR T 161 41.08 16.91 -0.67
N GLY T 162 42.32 16.48 -0.92
CA GLY T 162 43.00 16.80 -2.16
C GLY T 162 44.16 17.75 -1.92
N PRO T 163 44.64 18.42 -2.96
CA PRO T 163 45.90 19.17 -2.83
C PRO T 163 45.81 20.54 -2.16
N ALA T 164 44.80 20.77 -1.33
CA ALA T 164 44.73 22.01 -0.55
C ALA T 164 45.83 22.07 0.51
N ASP T 165 46.10 23.30 0.98
CA ASP T 165 47.22 23.55 1.88
C ASP T 165 47.01 22.89 3.25
N GLY T 166 45.76 22.78 3.70
CA GLY T 166 45.49 22.08 4.95
C GLY T 166 45.80 20.60 4.88
N THR T 167 45.48 19.96 3.75
CA THR T 167 45.78 18.54 3.57
C THR T 167 47.27 18.31 3.35
N ASN T 168 47.96 19.25 2.69
CA ASN T 168 49.40 19.14 2.45
C ASN T 168 50.19 19.09 3.76
N ALA T 169 49.64 19.64 4.84
CA ALA T 169 50.26 19.60 6.16
C ALA T 169 49.69 18.52 7.06
N THR T 170 48.37 18.26 7.04
CA THR T 170 47.69 17.49 8.08
C THR T 170 46.84 16.37 7.48
N THR T 171 46.65 15.29 8.25
CA THR T 171 45.80 14.15 7.85
C THR T 171 44.37 14.35 8.37
N ILE T 172 43.68 15.36 7.85
CA ILE T 172 42.40 15.79 8.41
C ILE T 172 41.38 16.01 7.30
N THR T 173 40.21 15.38 7.43
CA THR T 173 39.04 15.68 6.61
C THR T 173 38.02 16.40 7.49
N PRO T 174 37.92 17.74 7.40
CA PRO T 174 37.12 18.48 8.40
C PRO T 174 35.64 18.62 8.05
N GLY T 175 34.78 18.15 8.95
CA GLY T 175 33.35 18.45 8.87
C GLY T 175 32.55 17.44 8.07
N ARG T 176 31.23 17.48 8.30
CA ARG T 176 30.29 16.51 7.74
C ARG T 176 30.25 16.56 6.20
N ARG T 177 30.25 17.76 5.62
CA ARG T 177 30.15 17.89 4.16
C ARG T 177 31.40 17.36 3.45
N ASN T 178 32.59 17.69 3.98
CA ASN T 178 33.83 17.18 3.39
C ASN T 178 33.96 15.67 3.58
N LEU T 179 33.48 15.15 4.71
CA LEU T 179 33.43 13.70 4.91
C LEU T 179 32.51 13.03 3.89
N LYS T 180 31.37 13.66 3.57
CA LYS T 180 30.47 13.14 2.54
C LYS T 180 31.15 13.11 1.17
N TRP T 181 31.88 14.18 0.82
CA TRP T 181 32.66 14.22 -0.43
C TRP T 181 33.63 13.04 -0.52
N MET T 182 34.44 12.83 0.53
CA MET T 182 35.47 11.79 0.46
C MET T 182 34.87 10.37 0.49
N LEU T 183 33.80 10.18 1.27
CA LEU T 183 33.15 8.85 1.31
C LEU T 183 32.50 8.51 -0.04
N ARG T 184 31.91 9.49 -0.72
CA ARG T 184 31.34 9.19 -2.04
C ARG T 184 32.43 9.04 -3.10
N ALA T 185 33.56 9.73 -2.97
CA ALA T 185 34.66 9.51 -3.91
C ALA T 185 35.32 8.15 -3.72
N ALA T 186 35.25 7.59 -2.50
CA ALA T 186 35.93 6.34 -2.17
C ALA T 186 35.41 5.13 -2.95
N GLU T 187 34.23 5.21 -3.55
CA GLU T 187 33.65 4.13 -4.34
C GLU T 187 34.46 3.77 -5.60
N GLU T 188 35.40 4.62 -6.00
CA GLU T 188 36.22 4.39 -7.18
C GLU T 188 37.24 3.26 -7.00
N TYR T 189 37.80 3.11 -5.80
CA TYR T 189 39.14 2.55 -5.65
C TYR T 189 39.18 1.09 -5.18
N SER T 190 40.31 0.44 -5.44
CA SER T 190 40.60 -0.92 -4.97
C SER T 190 41.54 -0.84 -3.75
N MET T 191 40.94 -0.53 -2.59
CA MET T 191 41.64 -0.31 -1.34
C MET T 191 40.59 -0.17 -0.23
N ASN T 192 40.82 -0.82 0.91
CA ASN T 192 40.03 -0.52 2.11
C ASN T 192 40.42 0.85 2.65
N LEU T 193 39.42 1.65 3.05
CA LEU T 193 39.65 3.06 3.41
C LEU T 193 38.93 3.46 4.69
N GLY T 194 39.54 4.39 5.42
CA GLY T 194 38.92 5.02 6.58
C GLY T 194 39.48 6.42 6.81
N PHE T 195 38.63 7.32 7.30
CA PHE T 195 38.94 8.75 7.34
C PHE T 195 38.96 9.32 8.76
N LEU T 196 39.91 10.21 9.02
CA LEU T 196 40.07 10.91 10.29
C LEU T 196 39.54 12.34 10.21
N ALA T 197 38.97 12.82 11.32
CA ALA T 197 38.36 14.13 11.40
C ALA T 197 39.26 15.11 12.17
N LYS T 198 38.81 16.36 12.26
CA LYS T 198 39.58 17.42 12.92
C LYS T 198 39.36 17.37 14.43
N GLY T 199 40.44 17.19 15.19
CA GLY T 199 40.35 17.16 16.63
C GLY T 199 40.72 18.46 17.32
N ASN T 200 41.20 19.44 16.55
CA ASN T 200 41.66 20.72 17.09
C ASN T 200 40.48 21.67 17.27
N THR T 201 39.69 21.42 18.32
CA THR T 201 38.65 22.35 18.75
C THR T 201 38.31 22.07 20.22
N SER T 202 37.72 23.07 20.87
CA SER T 202 37.22 22.91 22.23
C SER T 202 35.69 22.88 22.28
N ASN T 203 35.03 22.70 21.14
CA ASN T 203 33.57 22.62 21.07
C ASN T 203 33.18 21.15 20.97
N ASP T 204 32.50 20.64 22.01
CA ASP T 204 32.17 19.22 22.08
C ASP T 204 31.15 18.81 21.01
N ALA T 205 30.21 19.70 20.71
CA ALA T 205 29.18 19.41 19.71
C ALA T 205 29.78 19.30 18.31
N SER T 206 30.76 20.14 17.98
CA SER T 206 31.44 20.04 16.70
C SER T 206 32.25 18.75 16.59
N LEU T 207 32.88 18.33 17.70
CA LEU T 207 33.63 17.07 17.71
C LEU T 207 32.70 15.88 17.51
N ALA T 208 31.55 15.88 18.18
CA ALA T 208 30.65 14.72 18.11
C ALA T 208 29.97 14.60 16.75
N ASP T 209 29.67 15.71 16.09
CA ASP T 209 28.97 15.64 14.80
C ASP T 209 29.82 15.03 13.70
N GLN T 210 31.15 15.22 13.77
CA GLN T 210 32.04 14.59 12.78
C GLN T 210 32.07 13.08 12.93
N ILE T 211 32.02 12.56 14.16
CA ILE T 211 32.01 11.12 14.37
C ILE T 211 30.72 10.51 13.85
N GLU T 212 29.59 11.18 14.10
CA GLU T 212 28.30 10.72 13.57
C GLU T 212 28.22 10.82 12.05
N ALA T 213 29.03 11.68 11.44
CA ALA T 213 29.05 11.82 9.99
C ALA T 213 29.92 10.77 9.30
N GLY T 214 30.61 9.90 10.05
CA GLY T 214 31.30 8.78 9.44
C GLY T 214 32.78 8.59 9.73
N ALA T 215 33.40 9.50 10.47
CA ALA T 215 34.83 9.38 10.74
C ALA T 215 35.13 8.27 11.75
N ILE T 216 36.33 7.70 11.64
CA ILE T 216 36.76 6.64 12.54
C ILE T 216 37.67 7.14 13.65
N GLY T 217 37.91 8.44 13.73
CA GLY T 217 38.77 8.97 14.77
C GLY T 217 39.14 10.43 14.52
N PHE T 218 40.00 10.94 15.38
CA PHE T 218 40.51 12.32 15.27
C PHE T 218 42.02 12.38 15.04
N ILE T 220 44.96 15.32 15.83
CA ILE T 220 45.28 16.61 16.43
C ILE T 220 46.63 17.08 15.91
N HIS T 221 46.65 18.21 15.20
CA HIS T 221 47.86 18.65 14.50
C HIS T 221 48.19 20.09 14.88
N GLU T 222 49.50 20.35 15.04
CA GLU T 222 49.97 21.64 15.56
C GLU T 222 49.68 22.81 14.63
N ASP T 223 49.50 22.56 13.32
CA ASP T 223 49.18 23.64 12.40
C ASP T 223 47.75 24.15 12.58
N TRP T 224 46.84 23.33 13.10
CA TRP T 224 45.53 23.81 13.53
C TRP T 224 45.51 24.17 15.02
N GLY T 225 46.62 23.98 15.72
CA GLY T 225 46.77 24.39 17.11
C GLY T 225 46.59 23.26 18.10
N THR T 226 47.70 22.67 18.55
CA THR T 226 47.67 21.58 19.55
C THR T 226 47.90 22.21 20.91
N THR T 227 46.82 22.51 21.60
CA THR T 227 46.82 23.05 22.95
C THR T 227 46.31 21.98 23.91
N PRO T 228 46.64 22.09 25.21
CA PRO T 228 46.10 21.12 26.19
C PRO T 228 44.57 21.08 26.28
N SER T 229 43.90 22.21 26.06
CA SER T 229 42.44 22.26 26.06
C SER T 229 41.83 21.38 24.96
N ALA T 230 42.36 21.49 23.74
CA ALA T 230 41.85 20.72 22.61
C ALA T 230 42.12 19.23 22.79
N ILE T 231 43.29 18.88 23.34
CA ILE T 231 43.63 17.48 23.65
C ILE T 231 42.63 16.90 24.63
N ASN T 232 42.31 17.66 25.69
CA ASN T 232 41.39 17.20 26.73
C ASN T 232 39.97 16.97 26.17
N HIS T 233 39.47 17.94 25.40
CA HIS T 233 38.11 17.82 24.84
C HIS T 233 37.99 16.67 23.83
N ALA T 234 39.01 16.51 22.96
CA ALA T 234 38.98 15.45 21.97
C ALA T 234 39.02 14.07 22.61
N LEU T 235 39.85 13.90 23.66
CA LEU T 235 39.90 12.63 24.36
C LEU T 235 38.59 12.32 25.09
N ASP T 236 37.94 13.36 25.64
CA ASP T 236 36.63 13.15 26.29
C ASP T 236 35.58 12.66 25.30
N VAL T 237 35.54 13.23 24.09
CA VAL T 237 34.54 12.79 23.11
C VAL T 237 34.87 11.38 22.58
N ALA T 238 36.16 11.11 22.37
CA ALA T 238 36.57 9.81 21.84
C ALA T 238 36.34 8.68 22.85
N ASP T 239 36.38 8.98 24.15
CA ASP T 239 36.00 7.99 25.16
C ASP T 239 34.53 7.58 25.02
N LYS T 240 33.66 8.54 24.70
CA LYS T 240 32.24 8.25 24.56
C LYS T 240 31.90 7.53 23.26
N TYR T 241 32.64 7.77 22.18
CA TYR T 241 32.26 7.19 20.90
C TYR T 241 33.09 5.97 20.47
N ASP T 242 34.06 5.52 21.27
CA ASP T 242 34.93 4.36 21.01
C ASP T 242 35.67 4.49 19.67
N VAL T 243 36.44 5.57 19.54
CA VAL T 243 37.30 5.79 18.38
C VAL T 243 38.69 6.20 18.87
N GLN T 244 39.65 6.13 17.97
CA GLN T 244 41.07 6.38 18.25
C GLN T 244 41.44 7.86 18.04
N VAL T 245 42.48 8.31 18.74
CA VAL T 245 43.04 9.65 18.58
C VAL T 245 44.50 9.56 18.18
N ALA T 246 44.91 10.36 17.19
CA ALA T 246 46.30 10.52 16.78
C ALA T 246 46.76 11.97 16.97
N ILE T 247 48.06 12.16 17.24
CA ILE T 247 48.56 13.49 17.60
C ILE T 247 49.91 13.79 16.93
N HIS T 248 50.04 15.03 16.46
CA HIS T 248 51.29 15.71 16.10
C HIS T 248 51.41 16.85 17.11
N THR T 249 52.40 16.78 18.00
CA THR T 249 52.47 17.69 19.14
C THR T 249 53.16 19.01 18.80
N ASP T 250 53.14 19.92 19.78
CA ASP T 250 53.59 21.31 19.63
C ASP T 250 55.12 21.37 19.57
N THR T 251 55.65 21.61 18.37
CA THR T 251 57.10 21.68 18.18
C THR T 251 57.72 22.90 18.86
N LEU T 252 57.02 24.03 18.82
CA LEU T 252 57.54 25.31 19.28
C LEU T 252 57.51 25.47 20.80
N ASN T 253 56.94 24.50 21.54
CA ASN T 253 56.74 24.55 23.00
C ASN T 253 55.97 25.80 23.42
N GLU T 254 54.97 26.19 22.62
CA GLU T 254 54.32 27.48 22.76
C GLU T 254 53.46 27.55 24.02
N ALA T 255 52.64 26.52 24.26
CA ALA T 255 51.78 26.49 25.43
C ALA T 255 52.33 25.63 26.56
N GLY T 256 53.40 24.89 26.32
CA GLY T 256 53.95 23.98 27.31
C GLY T 256 54.92 23.01 26.68
N CYS T 257 55.55 22.21 27.53
CA CYS T 257 56.53 21.22 27.12
C CYS T 257 55.86 19.84 27.06
N VAL T 258 56.69 18.79 26.92
CA VAL T 258 56.18 17.44 26.68
C VAL T 258 55.41 16.90 27.89
N GLU T 259 55.85 17.25 29.11
CA GLU T 259 55.15 16.78 30.31
C GLU T 259 53.78 17.45 30.45
N ASP T 260 53.61 18.67 29.95
CA ASP T 260 52.29 19.30 29.94
C ASP T 260 51.33 18.62 28.96
N THR T 261 51.84 18.19 27.80
CA THR T 261 51.04 17.40 26.87
C THR T 261 50.63 16.06 27.49
N MET T 262 51.57 15.39 28.17
CA MET T 262 51.25 14.13 28.85
C MET T 262 50.26 14.33 30.00
N ALA T 263 50.32 15.48 30.68
CA ALA T 263 49.33 15.79 31.71
C ALA T 263 47.94 16.01 31.11
N ALA T 264 47.89 16.63 29.93
CA ALA T 264 46.60 16.80 29.24
C ALA T 264 46.03 15.46 28.78
N ILE T 265 46.91 14.53 28.35
CA ILE T 265 46.46 13.20 27.92
C ILE T 265 45.87 12.42 29.10
N ALA T 266 46.52 12.52 30.28
CA ALA T 266 46.01 12.03 31.57
C ALA T 266 45.76 10.52 31.57
N GLY T 267 46.70 9.75 31.02
CA GLY T 267 46.65 8.30 31.06
C GLY T 267 45.75 7.62 30.04
N ARG T 268 45.10 8.37 29.16
CA ARG T 268 44.20 7.78 28.18
C ARG T 268 44.98 7.35 26.92
N THR T 269 44.37 6.44 26.15
CA THR T 269 45.04 5.81 25.00
C THR T 269 45.26 6.81 23.87
N MET T 270 46.48 6.84 23.32
CA MET T 270 46.86 7.78 22.27
C MET T 270 47.86 7.16 21.31
N HIS T 271 47.64 7.38 20.01
CA HIS T 271 48.56 6.97 18.94
C HIS T 271 49.40 8.19 18.55
N THR T 272 50.72 8.05 18.64
CA THR T 272 51.62 9.18 18.33
C THR T 272 52.28 8.97 16.98
N PHE T 273 52.12 9.94 16.08
CA PHE T 273 52.77 9.91 14.78
C PHE T 273 54.18 10.47 14.87
N HIS T 274 55.10 9.87 14.09
CA HIS T 274 56.52 10.23 13.93
C HIS T 274 57.19 10.61 15.25
N THR T 275 57.20 9.64 16.17
CA THR T 275 57.55 9.87 17.57
C THR T 275 59.03 10.24 17.76
N GLU T 276 59.89 9.96 16.77
CA GLU T 276 61.28 10.39 16.85
C GLU T 276 61.39 11.91 16.82
N GLY T 277 60.56 12.58 16.03
CA GLY T 277 60.44 14.03 16.07
C GLY T 277 60.97 14.78 14.86
N ALA T 278 61.55 14.10 13.89
CA ALA T 278 61.98 14.78 12.66
C ALA T 278 60.79 15.30 11.87
N GLY T 279 59.67 14.58 11.89
CA GLY T 279 58.44 15.05 11.27
C GLY T 279 57.64 16.05 12.07
N GLY T 280 58.06 16.37 13.29
CA GLY T 280 57.34 17.30 14.14
C GLY T 280 57.16 16.77 15.55
N GLY T 281 57.04 17.70 16.51
CA GLY T 281 56.92 17.34 17.92
C GLY T 281 57.82 18.17 18.80
N HIS T 282 57.57 18.15 20.13
CA HIS T 282 58.28 18.92 21.15
C HIS T 282 59.79 18.84 21.02
N ALA T 283 60.43 19.95 20.71
CA ALA T 283 61.88 19.98 20.57
C ALA T 283 62.52 20.12 21.95
N PRO T 284 63.47 19.26 22.31
CA PRO T 284 64.02 18.18 21.49
C PRO T 284 63.61 16.77 21.94
N ASP T 285 62.62 16.65 22.84
CA ASP T 285 62.47 15.44 23.64
C ASP T 285 61.10 14.76 23.50
N ILE T 286 60.51 14.77 22.31
CA ILE T 286 59.23 14.08 22.11
C ILE T 286 59.41 12.55 22.18
N ILE T 287 60.62 12.05 21.88
CA ILE T 287 60.88 10.61 21.83
C ILE T 287 60.74 9.92 23.20
N LYS T 288 60.73 10.68 24.30
CA LYS T 288 60.61 10.06 25.62
C LYS T 288 59.22 9.47 25.89
N VAL T 289 58.20 9.85 25.12
CA VAL T 289 56.87 9.29 25.37
C VAL T 289 56.72 7.85 24.88
N ALA T 290 57.68 7.34 24.12
CA ALA T 290 57.62 5.97 23.62
C ALA T 290 57.88 4.92 24.70
N GLY T 291 58.28 5.32 25.90
CA GLY T 291 58.37 4.36 26.99
C GLY T 291 57.12 4.19 27.82
N GLU T 292 56.07 4.97 27.57
CA GLU T 292 54.89 5.03 28.44
C GLU T 292 53.89 3.92 28.12
N HIS T 293 53.06 3.59 29.11
CA HIS T 293 52.12 2.49 28.99
C HIS T 293 50.94 2.82 28.07
N ASN T 294 50.43 4.05 28.12
CA ASN T 294 49.23 4.39 27.37
C ASN T 294 49.50 4.89 25.95
N ILE T 295 50.76 4.92 25.52
CA ILE T 295 51.13 5.46 24.21
C ILE T 295 51.38 4.31 23.24
N LEU T 296 50.79 4.39 22.05
CA LEU T 296 51.11 3.50 20.94
C LEU T 296 52.02 4.25 19.97
N PRO T 297 53.33 4.01 19.97
CA PRO T 297 54.25 4.88 19.21
C PRO T 297 54.55 4.36 17.80
N ALA T 298 54.62 5.30 16.87
CA ALA T 298 54.86 5.00 15.46
C ALA T 298 55.97 5.87 14.91
N SER T 299 56.68 5.33 13.92
CA SER T 299 57.67 6.08 13.16
C SER T 299 57.25 6.12 11.70
N THR T 300 57.67 7.17 11.01
CA THR T 300 57.44 7.31 9.58
C THR T 300 58.69 6.90 8.82
N ASN T 301 58.50 6.45 7.58
CA ASN T 301 59.62 5.88 6.81
C ASN T 301 60.80 6.75 6.32
N PRO T 302 60.75 8.08 6.15
CA PRO T 302 61.94 8.74 5.58
C PRO T 302 63.15 8.80 6.51
N THR T 303 63.00 8.53 7.81
CA THR T 303 64.13 8.48 8.73
C THR T 303 64.67 7.07 8.94
N ILE T 304 64.04 6.04 8.39
CA ILE T 304 64.56 4.68 8.52
C ILE T 304 64.86 4.10 7.14
N PRO T 305 65.98 3.39 6.96
CA PRO T 305 67.08 3.25 7.91
C PRO T 305 67.99 4.49 7.90
N PHE T 306 68.79 4.67 8.95
CA PHE T 306 69.68 5.83 9.07
C PHE T 306 70.87 5.65 8.13
N THR T 307 70.99 6.53 7.14
CA THR T 307 72.04 6.46 6.13
C THR T 307 72.88 7.73 6.17
N VAL T 308 73.96 7.72 5.36
CA VAL T 308 74.86 8.86 5.33
C VAL T 308 74.31 10.06 4.57
N ASN T 309 73.21 9.91 3.83
CA ASN T 309 72.58 11.02 3.15
C ASN T 309 71.35 11.56 3.89
N THR T 310 71.02 11.01 5.07
CA THR T 310 69.74 11.29 5.71
C THR T 310 69.68 12.72 6.25
N GLU T 311 70.73 13.14 6.97
CA GLU T 311 70.72 14.41 7.68
C GLU T 311 70.70 15.60 6.72
N ALA T 312 71.53 15.56 5.67
CA ALA T 312 71.60 16.64 4.71
C ALA T 312 70.29 16.78 3.93
N GLU T 313 69.69 15.65 3.54
CA GLU T 313 68.42 15.65 2.83
C GLU T 313 67.31 16.25 3.69
N HIS T 314 67.23 15.84 4.96
CA HIS T 314 66.18 16.36 5.85
C HIS T 314 66.40 17.84 6.17
N MET T 315 67.66 18.27 6.30
CA MET T 315 67.95 19.68 6.53
C MET T 315 67.51 20.54 5.35
N ASP T 316 67.83 20.10 4.13
CA ASP T 316 67.42 20.88 2.97
C ASP T 316 65.92 20.84 2.74
N MET T 317 65.25 19.75 3.13
CA MET T 317 63.79 19.73 3.10
C MET T 317 63.20 20.73 4.10
N LEU T 318 63.82 20.84 5.29
CA LEU T 318 63.34 21.78 6.29
C LEU T 318 63.54 23.23 5.84
N MET T 319 64.65 23.53 5.16
CA MET T 319 64.89 24.90 4.71
C MET T 319 63.91 25.35 3.64
N VAL T 320 63.47 24.43 2.76
CA VAL T 320 62.56 24.78 1.69
C VAL T 320 61.15 25.05 2.23
N CYS T 321 60.64 24.13 3.04
CA CYS T 321 59.24 24.18 3.46
C CYS T 321 58.96 25.32 4.42
N HIS T 322 59.90 25.67 5.28
CA HIS T 322 59.73 26.78 6.21
C HIS T 322 60.23 28.11 5.66
N HIS T 323 60.83 28.10 4.45
CA HIS T 323 61.40 29.29 3.80
C HIS T 323 62.44 29.98 4.69
N LEU T 324 63.36 29.19 5.23
CA LEU T 324 64.38 29.71 6.11
C LEU T 324 65.56 30.27 5.31
N ASP T 325 66.38 31.07 5.98
CA ASP T 325 67.56 31.69 5.40
C ASP T 325 68.75 31.45 6.31
N LYS T 326 69.89 31.11 5.72
CA LYS T 326 71.08 30.83 6.49
C LYS T 326 71.75 32.09 7.05
N SER T 327 71.34 33.28 6.61
CA SER T 327 71.93 34.51 7.10
C SER T 327 71.28 35.02 8.38
N ILE T 328 70.25 34.35 8.88
CA ILE T 328 69.53 34.77 10.08
C ILE T 328 69.86 33.79 11.20
N LYS T 329 70.29 34.32 12.35
CA LYS T 329 70.73 33.47 13.45
C LYS T 329 69.59 32.72 14.12
N GLU T 330 68.35 33.16 13.95
CA GLU T 330 67.23 32.46 14.56
C GLU T 330 66.70 31.32 13.70
N ASP T 331 66.81 31.44 12.38
CA ASP T 331 66.45 30.33 11.51
C ASP T 331 67.46 29.19 11.62
N VAL T 332 68.74 29.52 11.81
CA VAL T 332 69.75 28.51 12.01
C VAL T 332 69.56 27.81 13.36
N GLN T 333 69.23 28.59 14.40
CA GLN T 333 68.98 28.00 15.71
C GLN T 333 67.73 27.14 15.73
N PHE T 334 66.71 27.54 14.96
CA PHE T 334 65.51 26.70 14.84
C PHE T 334 65.82 25.39 14.13
N ALA T 335 66.58 25.45 13.04
CA ALA T 335 66.85 24.26 12.23
C ALA T 335 67.71 23.24 12.97
N ASP T 336 68.70 23.72 13.74
CA ASP T 336 69.58 22.82 14.48
C ASP T 336 68.88 22.17 15.66
N SER T 337 67.78 22.74 16.16
CA SER T 337 67.00 22.09 17.20
C SER T 337 65.97 21.11 16.63
N ARG T 338 65.77 21.08 15.32
CA ARG T 338 64.74 20.27 14.68
C ARG T 338 65.24 18.90 14.23
N ILE T 339 66.39 18.85 13.56
CA ILE T 339 66.76 17.66 12.80
C ILE T 339 67.34 16.59 13.72
N ARG T 340 68.42 16.92 14.48
CA ARG T 340 68.99 16.10 15.56
C ARG T 340 69.40 14.69 15.15
N PRO T 341 70.58 14.49 14.55
CA PRO T 341 71.02 13.13 14.16
C PRO T 341 71.16 12.14 15.32
N GLN T 342 71.24 12.60 16.57
CA GLN T 342 71.33 11.71 17.72
C GLN T 342 70.05 10.88 17.90
N THR T 343 68.89 11.54 17.90
CA THR T 343 67.62 10.82 18.05
C THR T 343 67.30 9.98 16.82
N ILE T 344 67.66 10.48 15.63
CA ILE T 344 67.49 9.72 14.39
C ILE T 344 68.30 8.42 14.43
N ALA T 345 69.53 8.50 14.94
CA ALA T 345 70.35 7.30 15.11
C ALA T 345 69.75 6.36 16.17
N ALA T 346 69.15 6.92 17.22
CA ALA T 346 68.57 6.09 18.27
C ALA T 346 67.33 5.34 17.80
N GLU T 347 66.63 5.87 16.79
CA GLU T 347 65.34 5.33 16.36
C GLU T 347 65.42 3.89 15.84
N ASP T 348 66.48 3.57 15.06
CA ASP T 348 66.65 2.22 14.53
C ASP T 348 66.82 1.18 15.64
N THR T 349 67.66 1.50 16.62
CA THR T 349 67.89 0.59 17.75
C THR T 349 66.64 0.44 18.60
N LEU T 350 65.86 1.52 18.76
CA LEU T 350 64.60 1.41 19.49
C LEU T 350 63.60 0.54 18.74
N HIS T 351 63.63 0.55 17.40
CA HIS T 351 62.82 -0.39 16.62
C HIS T 351 63.26 -1.83 16.86
N ASP T 352 64.57 -2.06 16.94
CA ASP T 352 65.07 -3.41 17.14
C ASP T 352 64.77 -3.96 18.53
N MET T 353 64.56 -3.09 19.52
CA MET T 353 64.27 -3.49 20.90
C MET T 353 62.78 -3.72 21.16
N GLY T 354 61.91 -3.41 20.19
CA GLY T 354 60.48 -3.49 20.44
C GLY T 354 59.88 -2.34 21.21
N ILE T 355 60.54 -1.19 21.23
CA ILE T 355 60.01 0.00 21.89
C ILE T 355 59.13 0.82 20.94
N PHE T 356 59.50 0.92 19.66
CA PHE T 356 58.61 1.40 18.62
C PHE T 356 57.84 0.21 18.06
N SER T 357 56.55 0.40 17.77
CA SER T 357 55.70 -0.73 17.44
C SER T 357 54.99 -0.66 16.09
N ILE T 358 54.98 0.49 15.41
CA ILE T 358 54.24 0.70 14.16
C ILE T 358 55.13 1.47 13.19
N THR T 359 55.14 1.07 11.91
CA THR T 359 55.73 1.87 10.83
C THR T 359 54.63 2.35 9.88
N SER T 360 54.88 3.49 9.23
CA SER T 360 53.90 4.15 8.38
C SER T 360 54.61 5.03 7.35
N SER T 361 53.82 5.73 6.53
CA SER T 361 54.38 6.44 5.37
C SER T 361 54.58 7.94 5.60
N ASP T 362 53.53 8.68 6.02
CA ASP T 362 53.42 10.16 5.95
C ASP T 362 53.48 10.64 4.49
N SER T 363 52.51 10.14 3.71
CA SER T 363 52.60 10.13 2.24
C SER T 363 52.52 11.52 1.61
N GLN T 364 53.52 11.84 0.78
CA GLN T 364 53.70 13.11 0.07
C GLN T 364 53.79 14.33 1.01
N ALA T 365 54.07 14.08 2.29
CA ALA T 365 54.18 15.11 3.33
C ALA T 365 55.38 14.76 4.23
N MET T 366 56.56 14.61 3.61
CA MET T 366 57.77 13.98 4.17
C MET T 366 57.52 12.49 4.45
N GLY T 367 57.33 11.75 3.34
CA GLY T 367 57.27 10.31 3.37
C GLY T 367 56.87 9.69 2.05
N ARG T 368 57.14 8.40 1.87
CA ARG T 368 57.04 7.75 0.56
C ARG T 368 56.07 6.58 0.65
N VAL T 369 54.92 6.70 -0.05
CA VAL T 369 53.80 5.80 0.14
C VAL T 369 54.07 4.40 -0.43
N GLY T 370 55.00 4.25 -1.36
CA GLY T 370 55.29 2.92 -1.88
C GLY T 370 56.48 2.22 -1.25
N GLU T 371 56.94 2.68 -0.09
CA GLU T 371 58.20 2.18 0.46
C GLU T 371 58.15 1.76 1.93
N VAL T 372 56.94 1.62 2.53
CA VAL T 372 56.83 1.30 3.95
C VAL T 372 57.39 -0.10 4.25
N ILE T 373 56.94 -1.10 3.47
CA ILE T 373 57.36 -2.48 3.68
C ILE T 373 58.86 -2.65 3.40
N THR T 374 59.33 -2.04 2.30
CA THR T 374 60.73 -2.13 1.90
C THR T 374 61.66 -1.50 2.95
N ARG T 375 61.30 -0.33 3.47
CA ARG T 375 62.15 0.31 4.46
C ARG T 375 62.10 -0.40 5.82
N THR T 376 60.97 -1.05 6.14
CA THR T 376 60.91 -1.90 7.33
C THR T 376 61.92 -3.05 7.23
N TRP T 377 61.95 -3.74 6.09
CA TRP T 377 62.87 -4.88 5.98
C TRP T 377 64.33 -4.43 5.83
N GLN T 378 64.57 -3.26 5.22
CA GLN T 378 65.92 -2.69 5.19
C GLN T 378 66.43 -2.39 6.60
N THR T 379 65.56 -1.86 7.46
CA THR T 379 65.95 -1.59 8.86
C THR T 379 66.25 -2.89 9.61
N ALA T 380 65.42 -3.92 9.40
CA ALA T 380 65.67 -5.22 10.04
C ALA T 380 67.01 -5.81 9.60
N ASP T 381 67.33 -5.71 8.31
CA ASP T 381 68.59 -6.26 7.79
C ASP T 381 69.81 -5.47 8.32
N LYS T 382 69.71 -4.15 8.38
CA LYS T 382 70.79 -3.33 8.93
C LYS T 382 71.02 -3.63 10.41
N ASN T 383 69.94 -3.81 11.18
CA ASN T 383 70.10 -4.13 12.59
C ASN T 383 70.67 -5.54 12.80
N LYS T 384 70.34 -6.50 11.93
CA LYS T 384 70.99 -7.81 12.05
C LYS T 384 72.48 -7.73 11.71
N LYS T 385 72.84 -6.92 10.71
CA LYS T 385 74.25 -6.76 10.38
C LYS T 385 75.03 -6.07 11.50
N GLU T 386 74.41 -5.14 12.21
CA GLU T 386 75.13 -4.41 13.25
C GLU T 386 75.14 -5.13 14.60
N PHE T 387 74.01 -5.63 15.08
CA PHE T 387 73.91 -6.18 16.43
C PHE T 387 73.86 -7.71 16.46
N GLY T 388 73.87 -8.37 15.32
CA GLY T 388 73.84 -9.82 15.30
C GLY T 388 72.45 -10.40 15.55
N ARG T 389 72.44 -11.73 15.66
CA ARG T 389 71.20 -12.47 15.89
C ARG T 389 70.67 -12.21 17.30
N LEU T 390 69.34 -12.06 17.41
CA LEU T 390 68.71 -11.75 18.68
C LEU T 390 68.84 -12.90 19.67
N LYS T 391 68.83 -12.56 20.96
CA LYS T 391 68.97 -13.57 22.01
C LYS T 391 67.69 -14.37 22.23
N GLU T 392 66.55 -13.90 21.71
CA GLU T 392 65.29 -14.62 21.86
C GLU T 392 65.10 -15.70 20.82
N GLU T 393 66.04 -15.87 19.89
CA GLU T 393 65.88 -16.85 18.83
C GLU T 393 66.05 -18.28 19.35
N LYS T 394 65.29 -19.20 18.76
CA LYS T 394 65.35 -20.63 19.05
C LYS T 394 65.80 -21.32 17.78
N GLY T 395 67.05 -21.74 17.73
CA GLY T 395 67.59 -22.40 16.55
C GLY T 395 68.38 -21.44 15.68
N ASP T 396 68.86 -21.99 14.57
CA ASP T 396 69.74 -21.27 13.65
C ASP T 396 68.89 -20.59 12.56
N ASN T 397 68.09 -19.61 13.01
CA ASN T 397 67.23 -18.86 12.10
C ASN T 397 66.96 -17.49 12.71
N ASP T 398 66.15 -16.70 12.01
CA ASP T 398 65.80 -15.35 12.43
C ASP T 398 64.30 -15.16 12.59
N ASN T 399 63.59 -16.21 13.04
CA ASN T 399 62.12 -16.21 13.03
C ASN T 399 61.52 -15.18 13.99
N PHE T 400 62.14 -14.99 15.16
CA PHE T 400 61.63 -14.00 16.12
C PHE T 400 61.74 -12.57 15.58
N ARG T 401 62.87 -12.23 14.96
CA ARG T 401 63.05 -10.90 14.38
C ARG T 401 62.11 -10.68 13.20
N ILE T 402 61.86 -11.74 12.42
CA ILE T 402 60.93 -11.67 11.29
C ILE T 402 59.52 -11.37 11.78
N LYS T 403 59.08 -12.07 12.83
CA LYS T 403 57.75 -11.80 13.40
C LYS T 403 57.66 -10.40 14.01
N ARG T 404 58.71 -9.95 14.69
CA ARG T 404 58.72 -8.63 15.30
C ARG T 404 58.59 -7.52 14.26
N TYR T 405 59.33 -7.62 13.16
CA TYR T 405 59.24 -6.57 12.15
C TYR T 405 58.00 -6.70 11.26
N LEU T 406 57.49 -7.92 11.03
CA LEU T 406 56.27 -8.09 10.26
C LEU T 406 55.05 -7.54 11.00
N SER T 407 55.04 -7.64 12.33
CA SER T 407 53.93 -7.10 13.12
C SER T 407 53.80 -5.58 13.03
N LYS T 408 54.86 -4.87 12.68
CA LYS T 408 54.85 -3.41 12.66
C LYS T 408 53.94 -2.83 11.59
N TYR T 409 53.74 -3.53 10.47
CA TYR T 409 52.84 -3.03 9.44
C TYR T 409 51.62 -3.90 9.17
N THR T 410 51.40 -4.98 9.91
CA THR T 410 50.20 -5.79 9.70
C THR T 410 49.27 -5.79 10.91
N ILE T 411 49.66 -6.38 12.04
CA ILE T 411 48.68 -6.63 13.09
C ILE T 411 48.60 -5.47 14.07
N ASN T 412 49.72 -4.80 14.36
CA ASN T 412 49.70 -3.71 15.34
C ASN T 412 48.91 -2.48 14.89
N PRO T 413 49.04 -1.95 13.66
CA PRO T 413 48.12 -0.85 13.26
C PRO T 413 46.65 -1.25 13.20
N ALA T 414 46.36 -2.52 12.88
CA ALA T 414 44.97 -3.01 12.88
C ALA T 414 44.40 -3.01 14.29
N ILE T 415 45.19 -3.42 15.28
CA ILE T 415 44.77 -3.36 16.68
C ILE T 415 44.57 -1.90 17.11
N ALA T 416 45.50 -1.03 16.70
CA ALA T 416 45.47 0.37 17.13
C ALA T 416 44.24 1.11 16.60
N HIS T 417 43.77 0.79 15.40
CA HIS T 417 42.59 1.47 14.89
C HIS T 417 41.32 0.63 14.95
N GLY T 418 41.34 -0.46 15.71
CA GLY T 418 40.15 -1.25 15.99
C GLY T 418 39.53 -1.99 14.83
N ILE T 419 40.35 -2.53 13.92
CA ILE T 419 39.87 -3.31 12.79
C ILE T 419 40.48 -4.71 12.77
N SER T 420 41.07 -5.15 13.89
CA SER T 420 41.77 -6.44 13.91
C SER T 420 40.82 -7.63 13.90
N GLU T 421 39.52 -7.45 14.08
CA GLU T 421 38.62 -8.57 13.86
C GLU T 421 38.40 -8.86 12.37
N TYR T 422 38.73 -7.92 11.48
CA TYR T 422 38.53 -8.08 10.05
C TYR T 422 39.81 -8.39 9.28
N VAL T 423 40.88 -7.62 9.49
CA VAL T 423 42.09 -7.69 8.69
C VAL T 423 43.31 -7.78 9.61
N GLY T 424 44.48 -7.91 9.01
CA GLY T 424 45.74 -7.84 9.72
C GLY T 424 46.54 -9.13 9.83
N SER T 425 45.93 -10.29 9.56
CA SER T 425 46.65 -11.56 9.71
C SER T 425 45.95 -12.64 8.89
N VAL T 426 46.63 -13.78 8.76
CA VAL T 426 46.12 -14.93 8.02
C VAL T 426 45.51 -15.88 9.03
N GLU T 427 44.22 -15.70 9.32
CA GLU T 427 43.50 -16.54 10.27
C GLU T 427 42.11 -16.86 9.75
N VAL T 428 41.55 -17.97 10.25
CA VAL T 428 40.22 -18.42 9.83
C VAL T 428 39.17 -17.44 10.34
N GLY T 429 38.29 -17.00 9.44
CA GLY T 429 37.23 -16.06 9.76
C GLY T 429 37.51 -14.62 9.38
N LYS T 430 38.73 -14.30 8.98
CA LYS T 430 39.04 -12.92 8.59
C LYS T 430 38.82 -12.70 7.10
N VAL T 431 38.85 -11.42 6.71
CA VAL T 431 38.74 -11.03 5.31
C VAL T 431 39.96 -11.52 4.54
N ALA T 432 39.73 -12.10 3.36
CA ALA T 432 40.81 -12.65 2.55
C ALA T 432 41.46 -11.53 1.71
N ASP T 433 42.31 -10.74 2.39
CA ASP T 433 43.20 -9.77 1.74
C ASP T 433 44.63 -10.31 1.85
N LEU T 434 45.12 -10.95 0.77
CA LEU T 434 46.37 -11.71 0.83
C LEU T 434 47.32 -11.27 -0.29
N VAL T 435 48.62 -11.43 -0.02
CA VAL T 435 49.69 -11.06 -0.96
C VAL T 435 50.59 -12.28 -1.18
N LEU T 436 50.87 -12.58 -2.45
CA LEU T 436 51.76 -13.67 -2.84
C LEU T 436 53.13 -13.11 -3.25
N TRP T 437 54.19 -13.65 -2.64
CA TRP T 437 55.56 -13.22 -2.92
C TRP T 437 56.42 -14.39 -3.40
N SER T 438 57.28 -14.13 -4.37
CA SER T 438 58.44 -14.98 -4.64
C SER T 438 59.54 -14.65 -3.63
N PRO T 439 60.21 -15.65 -3.06
CA PRO T 439 61.23 -15.38 -2.01
C PRO T 439 62.41 -14.55 -2.47
N ALA T 440 62.79 -14.62 -3.76
CA ALA T 440 63.84 -13.76 -4.27
C ALA T 440 63.44 -12.30 -4.30
N PHE T 441 62.13 -12.01 -4.43
CA PHE T 441 61.63 -10.64 -4.49
C PHE T 441 60.85 -10.25 -3.23
N PHE T 442 61.07 -10.94 -2.11
CA PHE T 442 60.30 -10.66 -0.90
C PHE T 442 60.61 -9.29 -0.34
N GLY T 443 59.55 -8.53 -0.04
CA GLY T 443 59.69 -7.22 0.54
C GLY T 443 59.77 -6.06 -0.43
N VAL T 444 59.90 -6.31 -1.73
CA VAL T 444 60.02 -5.21 -2.68
C VAL T 444 58.99 -5.31 -3.81
N LYS T 445 58.82 -6.49 -4.42
CA LYS T 445 57.91 -6.61 -5.56
C LYS T 445 57.08 -7.88 -5.49
N PRO T 446 55.79 -7.80 -5.22
CA PRO T 446 54.95 -9.01 -5.08
C PRO T 446 54.53 -9.57 -6.43
N ASN T 447 53.99 -10.80 -6.38
CA ASN T 447 53.46 -11.46 -7.58
C ASN T 447 52.01 -11.05 -7.86
N MET T 448 51.13 -11.17 -6.87
CA MET T 448 49.72 -10.83 -7.06
C MET T 448 49.07 -10.47 -5.74
N ILE T 449 47.94 -9.76 -5.84
CA ILE T 449 47.15 -9.32 -4.69
C ILE T 449 45.76 -9.94 -4.80
N ILE T 450 45.31 -10.58 -3.72
CA ILE T 450 43.95 -11.09 -3.63
C ILE T 450 43.17 -10.16 -2.70
N LYS T 451 42.06 -9.62 -3.20
CA LYS T 451 41.28 -8.61 -2.49
C LYS T 451 39.85 -9.11 -2.33
N GLY T 452 39.44 -9.33 -1.09
CA GLY T 452 38.09 -9.80 -0.80
C GLY T 452 37.78 -11.17 -1.36
N GLY T 453 38.78 -12.04 -1.51
CA GLY T 453 38.59 -13.36 -2.06
C GLY T 453 38.67 -13.49 -3.56
N PHE T 454 39.07 -12.45 -4.28
CA PHE T 454 39.19 -12.48 -5.74
C PHE T 454 40.43 -11.69 -6.15
N ILE T 455 41.05 -12.08 -7.27
CA ILE T 455 42.33 -11.49 -7.67
C ILE T 455 42.10 -10.08 -8.22
N ALA T 456 42.82 -9.11 -7.67
CA ALA T 456 42.65 -7.71 -8.04
C ALA T 456 43.83 -7.11 -8.80
N LEU T 457 45.04 -7.63 -8.63
CA LEU T 457 46.23 -7.07 -9.28
C LEU T 457 47.26 -8.18 -9.44
N SER T 458 48.01 -8.15 -10.54
CA SER T 458 49.07 -9.12 -10.77
C SER T 458 50.09 -8.57 -11.75
N GLN T 459 51.30 -9.13 -11.70
CA GLN T 459 52.24 -8.98 -12.80
C GLN T 459 51.68 -9.66 -14.04
N MET T 460 51.84 -9.01 -15.19
CA MET T 460 51.20 -9.50 -16.40
C MET T 460 51.96 -9.02 -17.62
N GLY T 461 52.22 -9.94 -18.55
CA GLY T 461 52.86 -9.60 -19.81
C GLY T 461 51.88 -9.03 -20.81
N ASP T 462 52.36 -8.90 -22.06
CA ASP T 462 51.59 -8.23 -23.09
C ASP T 462 50.36 -9.04 -23.51
N ALA T 463 49.29 -8.32 -23.82
CA ALA T 463 47.97 -8.92 -23.96
C ALA T 463 47.83 -9.76 -25.23
N ASN T 464 48.62 -9.45 -26.26
CA ASN T 464 48.54 -10.20 -27.52
C ASN T 464 49.35 -11.49 -27.50
N ALA T 465 50.10 -11.76 -26.43
CA ALA T 465 51.04 -12.87 -26.43
C ALA T 465 50.33 -14.21 -26.22
N SER T 466 51.07 -15.29 -26.52
CA SER T 466 50.57 -16.66 -26.39
C SER T 466 50.63 -17.20 -24.98
N ILE T 467 51.33 -16.54 -24.06
CA ILE T 467 51.37 -16.88 -22.64
C ILE T 467 51.46 -15.58 -21.83
N PRO T 468 51.11 -15.61 -20.53
CA PRO T 468 51.16 -14.36 -19.76
C PRO T 468 52.55 -13.87 -19.36
N THR T 469 53.60 -14.66 -19.55
CA THR T 469 54.97 -14.32 -19.17
C THR T 469 55.83 -13.38 -20.03
N PRO T 470 55.77 -13.35 -21.37
CA PRO T 470 56.74 -12.54 -22.12
C PRO T 470 56.59 -11.03 -21.98
N GLN T 471 57.69 -10.34 -22.30
CA GLN T 471 57.91 -8.95 -21.97
C GLN T 471 57.06 -8.02 -22.86
N PRO T 472 56.69 -6.82 -22.37
CA PRO T 472 56.95 -6.21 -21.07
C PRO T 472 56.00 -6.67 -19.96
N VAL T 473 56.55 -6.92 -18.78
CA VAL T 473 55.80 -7.35 -17.60
C VAL T 473 55.71 -6.17 -16.65
N TYR T 474 54.49 -5.74 -16.33
CA TYR T 474 54.28 -4.75 -15.28
C TYR T 474 52.94 -5.03 -14.59
N TYR T 475 52.64 -4.26 -13.55
CA TYR T 475 51.45 -4.49 -12.73
C TYR T 475 50.20 -3.94 -13.43
N ARG T 476 49.19 -4.80 -13.59
CA ARG T 476 47.96 -4.44 -14.29
C ARG T 476 46.74 -4.83 -13.44
N GLU T 477 45.66 -4.07 -13.62
CA GLU T 477 44.41 -4.34 -12.90
C GLU T 477 43.76 -5.62 -13.40
N MET T 478 43.24 -6.41 -12.46
CA MET T 478 42.55 -7.66 -12.73
C MET T 478 41.03 -7.47 -12.56
N PHE T 479 40.26 -8.56 -12.60
CA PHE T 479 38.80 -8.46 -12.72
C PHE T 479 38.12 -7.94 -11.46
N ALA T 480 38.71 -8.13 -10.27
CA ALA T 480 38.12 -7.59 -9.05
C ALA T 480 38.24 -6.07 -8.95
N HIS T 481 39.04 -5.44 -9.81
CA HIS T 481 39.23 -4.00 -9.89
C HIS T 481 38.11 -3.27 -10.65
N HIS T 482 37.22 -3.99 -11.32
CA HIS T 482 36.37 -3.42 -12.36
C HIS T 482 34.89 -3.67 -12.11
N GLY T 483 34.06 -2.83 -12.74
CA GLY T 483 32.62 -3.06 -12.78
C GLY T 483 31.96 -2.91 -11.42
N LYS T 484 30.95 -3.73 -11.19
CA LYS T 484 30.31 -3.82 -9.88
C LYS T 484 30.97 -4.82 -8.96
N ALA T 485 31.96 -5.57 -9.46
CA ALA T 485 32.70 -6.51 -8.62
C ALA T 485 33.54 -5.80 -7.56
N LYS T 486 34.04 -4.59 -7.86
CA LYS T 486 34.85 -3.85 -6.90
C LYS T 486 34.04 -3.38 -5.69
N TYR T 487 32.71 -3.27 -5.82
CA TYR T 487 31.89 -2.95 -4.66
C TYR T 487 31.86 -4.10 -3.65
N ASP T 488 31.86 -5.34 -4.14
CA ASP T 488 31.80 -6.50 -3.27
C ASP T 488 33.15 -6.84 -2.65
N ALA T 489 34.25 -6.33 -3.19
CA ALA T 489 35.58 -6.72 -2.75
C ALA T 489 36.25 -5.70 -1.82
N ASN T 490 35.61 -4.58 -1.50
CA ASN T 490 36.25 -3.51 -0.75
C ASN T 490 35.39 -3.06 0.42
N ILE T 491 36.04 -2.49 1.44
CA ILE T 491 35.41 -2.11 2.70
C ILE T 491 35.67 -0.63 2.98
N THR T 492 34.62 0.10 3.38
CA THR T 492 34.77 1.42 3.98
C THR T 492 34.48 1.32 5.47
N PHE T 493 35.46 1.66 6.30
CA PHE T 493 35.31 1.62 7.76
C PHE T 493 34.72 2.94 8.27
N VAL T 494 33.76 2.85 9.20
CA VAL T 494 33.13 4.01 9.83
C VAL T 494 33.03 3.75 11.34
N SER T 495 32.54 4.76 12.07
CA SER T 495 32.28 4.59 13.49
C SER T 495 31.00 3.78 13.71
N GLN T 496 30.86 3.23 14.92
CA GLN T 496 29.68 2.46 15.28
C GLN T 496 28.42 3.33 15.29
N ALA T 497 28.56 4.57 15.75
CA ALA T 497 27.43 5.50 15.78
C ALA T 497 26.93 5.85 14.39
N ALA T 498 27.85 6.06 13.44
CA ALA T 498 27.43 6.34 12.07
C ALA T 498 26.82 5.11 11.40
N TYR T 499 27.35 3.93 11.73
CA TYR T 499 26.81 2.68 11.22
C TYR T 499 25.38 2.45 11.71
N ASP T 500 25.11 2.75 12.98
CA ASP T 500 23.78 2.52 13.54
C ASP T 500 22.75 3.52 13.01
N LYS T 501 23.17 4.73 12.64
CA LYS T 501 22.23 5.69 12.08
C LYS T 501 22.01 5.51 10.59
N GLY T 502 22.59 4.47 9.98
CA GLY T 502 22.37 4.16 8.59
C GLY T 502 23.09 5.06 7.60
N ILE T 503 24.41 5.22 7.76
CA ILE T 503 25.18 6.09 6.87
C ILE T 503 25.29 5.49 5.46
N LYS T 504 25.27 4.15 5.34
CA LYS T 504 25.38 3.50 4.04
C LYS T 504 24.19 3.82 3.14
N GLU T 505 22.99 3.78 3.70
CA GLU T 505 21.80 4.08 2.94
C GLU T 505 21.62 5.57 2.71
N GLU T 506 22.04 6.41 3.67
CA GLU T 506 21.87 7.86 3.55
C GLU T 506 22.74 8.44 2.43
N LEU T 507 23.98 7.98 2.31
CA LEU T 507 24.88 8.48 1.28
C LEU T 507 24.87 7.64 0.01
N GLY T 508 24.10 6.57 -0.04
CA GLY T 508 24.04 5.72 -1.22
C GLY T 508 25.30 4.96 -1.56
N LEU T 509 26.02 4.47 -0.56
CA LEU T 509 27.26 3.75 -0.80
C LEU T 509 26.98 2.30 -1.20
N GLU T 510 27.76 1.79 -2.14
CA GLU T 510 27.61 0.41 -2.59
C GLU T 510 28.71 -0.53 -2.08
N ARG T 511 29.79 0.00 -1.52
CA ARG T 511 30.82 -0.82 -0.88
C ARG T 511 30.28 -1.44 0.41
N GLN T 512 31.01 -2.43 0.92
CA GLN T 512 30.76 -2.92 2.27
C GLN T 512 31.11 -1.85 3.30
N VAL T 513 30.27 -1.69 4.31
CA VAL T 513 30.48 -0.71 5.37
C VAL T 513 30.48 -1.43 6.71
N LEU T 514 31.57 -1.30 7.46
CA LEU T 514 31.76 -2.00 8.73
C LEU T 514 32.24 -1.05 9.82
N PRO T 515 31.86 -1.28 11.07
CA PRO T 515 32.27 -0.40 12.17
C PRO T 515 33.57 -0.82 12.86
N VAL T 516 34.31 0.18 13.33
CA VAL T 516 35.47 -0.07 14.18
C VAL T 516 35.04 -0.24 15.63
N LYS T 517 35.86 -0.94 16.41
CA LYS T 517 35.51 -1.24 17.80
C LYS T 517 36.76 -1.58 18.61
N ASN T 518 36.62 -1.48 19.94
CA ASN T 518 37.67 -1.77 20.94
C ASN T 518 38.90 -0.89 20.75
N CYS T 519 38.67 0.42 20.67
CA CYS T 519 39.77 1.38 20.49
C CYS T 519 40.29 1.97 21.80
N ARG T 520 39.50 1.95 22.86
CA ARG T 520 39.83 2.72 24.06
C ARG T 520 40.44 1.89 25.18
N ASN T 521 40.36 0.56 25.14
CA ASN T 521 40.83 -0.29 26.23
C ASN T 521 42.12 -1.03 25.87
N ILE T 522 42.96 -0.42 25.03
CA ILE T 522 44.22 -1.04 24.63
C ILE T 522 45.37 -0.16 25.08
N THR T 523 46.49 -0.81 25.42
CA THR T 523 47.72 -0.11 25.79
C THR T 523 48.91 -0.64 24.99
N LYS T 524 50.13 -0.24 25.39
CA LYS T 524 51.36 -0.73 24.78
C LYS T 524 51.49 -2.24 24.89
N LYS T 525 50.95 -2.84 25.95
CA LYS T 525 51.00 -4.28 26.16
C LYS T 525 50.17 -5.07 25.16
N ASP T 526 49.29 -4.43 24.39
CA ASP T 526 48.51 -5.12 23.38
C ASP T 526 49.21 -5.22 22.03
N MET T 527 50.38 -4.60 21.87
CA MET T 527 51.11 -4.68 20.61
C MET T 527 51.89 -5.99 20.53
N GLN T 528 51.68 -6.75 19.45
CA GLN T 528 52.32 -8.05 19.29
C GLN T 528 53.80 -7.90 19.00
N PHE T 529 54.63 -8.58 19.80
CA PHE T 529 56.10 -8.65 19.71
C PHE T 529 56.82 -7.32 19.89
N ASN T 530 56.10 -6.21 20.12
CA ASN T 530 56.73 -4.92 20.39
C ASN T 530 55.96 -4.28 21.55
N ASP T 531 56.26 -4.73 22.76
CA ASP T 531 55.48 -4.32 23.92
C ASP T 531 56.35 -3.85 25.06
N THR T 532 57.58 -3.43 24.78
CA THR T 532 58.53 -3.00 25.79
C THR T 532 58.18 -1.62 26.33
N THR T 533 58.15 -1.50 27.65
CA THR T 533 58.09 -0.21 28.32
C THR T 533 59.41 0.03 29.05
N ALA T 534 59.81 1.29 29.13
CA ALA T 534 61.07 1.67 29.75
C ALA T 534 61.01 3.14 30.15
N HIS T 535 62.04 3.56 30.88
CA HIS T 535 62.22 4.96 31.23
C HIS T 535 63.24 5.58 30.29
N ILE T 536 62.84 6.63 29.58
CA ILE T 536 63.65 7.22 28.52
C ILE T 536 63.96 8.67 28.89
N GLU T 537 65.24 9.05 28.77
CA GLU T 537 65.68 10.40 29.06
C GLU T 537 66.48 10.95 27.88
N VAL T 538 66.30 12.25 27.63
CA VAL T 538 67.02 12.96 26.58
C VAL T 538 67.78 14.11 27.23
N ASN T 539 69.08 14.20 26.95
CA ASN T 539 69.89 15.30 27.46
C ASN T 539 69.48 16.61 26.78
N PRO T 540 69.19 17.66 27.54
CA PRO T 540 68.73 18.92 26.94
C PRO T 540 69.78 19.66 26.13
N GLU T 541 71.06 19.32 26.26
CA GLU T 541 72.13 20.03 25.59
C GLU T 541 72.76 19.24 24.44
N THR T 542 73.15 17.99 24.69
CA THR T 542 73.81 17.17 23.68
C THR T 542 72.84 16.30 22.87
N TYR T 543 71.57 16.23 23.29
CA TYR T 543 70.50 15.45 22.68
C TYR T 543 70.77 13.94 22.67
N HIS T 544 71.59 13.45 23.58
CA HIS T 544 71.80 12.00 23.68
C HIS T 544 70.59 11.33 24.34
N VAL T 545 70.36 10.07 23.96
CA VAL T 545 69.18 9.31 24.36
C VAL T 545 69.60 8.16 25.26
N PHE T 546 68.95 8.05 26.42
CA PHE T 546 69.24 7.00 27.39
C PHE T 546 67.98 6.16 27.66
N VAL T 547 68.15 4.85 27.70
CA VAL T 547 67.06 3.91 28.01
C VAL T 547 67.47 3.14 29.26
N ASP T 548 66.77 3.39 30.36
CA ASP T 548 67.06 2.83 31.69
C ASP T 548 68.52 3.06 32.10
N GLY T 549 69.03 4.26 31.82
CA GLY T 549 70.39 4.63 32.13
C GLY T 549 71.41 4.37 31.03
N LYS T 550 71.15 3.41 30.14
CA LYS T 550 72.12 3.03 29.11
C LYS T 550 71.92 3.87 27.85
N GLU T 551 73.04 4.32 27.29
CA GLU T 551 72.99 5.09 26.04
C GLU T 551 72.64 4.19 24.86
N VAL T 552 71.82 4.72 23.95
CA VAL T 552 71.30 3.97 22.82
C VAL T 552 71.57 4.76 21.54
N THR T 553 72.25 4.12 20.58
CA THR T 553 72.59 4.77 19.32
C THR T 553 72.83 3.70 18.27
N SER T 554 73.14 4.13 17.05
CA SER T 554 73.54 3.25 15.96
C SER T 554 74.39 4.03 14.98
N LYS T 555 74.94 3.31 13.99
CA LYS T 555 75.82 3.88 12.98
C LYS T 555 75.09 4.04 11.65
N PRO T 556 75.39 5.10 10.88
CA PRO T 556 74.78 5.23 9.55
C PRO T 556 75.35 4.20 8.57
N ALA T 557 74.55 3.89 7.56
CA ALA T 557 74.89 2.89 6.55
C ALA T 557 75.17 3.56 5.22
N ASN T 558 76.15 3.05 4.49
CA ASN T 558 76.44 3.53 3.14
C ASN T 558 75.78 2.71 2.05
N LYS T 559 75.14 1.59 2.39
CA LYS T 559 74.53 0.72 1.41
C LYS T 559 73.41 -0.07 2.08
N VAL T 560 72.28 -0.21 1.38
CA VAL T 560 71.15 -0.98 1.89
C VAL T 560 70.80 -2.07 0.89
N SER T 561 70.14 -3.11 1.39
CA SER T 561 69.60 -4.13 0.52
C SER T 561 68.25 -3.69 -0.05
N LEU T 562 67.75 -4.48 -1.02
CA LEU T 562 66.45 -4.29 -1.67
C LEU T 562 66.30 -2.93 -2.35
N ALA T 563 67.39 -2.33 -2.85
CA ALA T 563 67.26 -1.04 -3.52
C ALA T 563 67.70 -1.05 -4.99
N GLN T 564 68.99 -1.12 -5.28
CA GLN T 564 69.42 -0.87 -6.65
C GLN T 564 69.43 -2.14 -7.49
N LEU T 565 69.39 -3.31 -6.86
CA LEU T 565 69.31 -4.58 -7.58
C LEU T 565 67.97 -4.76 -8.28
N PHE T 566 66.91 -4.11 -7.80
CA PHE T 566 65.55 -4.45 -8.20
C PHE T 566 64.84 -3.39 -9.03
N SER T 567 65.34 -2.16 -9.09
CA SER T 567 64.60 -1.07 -9.70
C SER T 567 65.46 -0.32 -10.72
N ILE T 568 64.85 0.02 -11.85
CA ILE T 568 65.56 0.81 -12.85
C ILE T 568 65.60 2.29 -12.49
N PHE T 569 64.70 2.76 -11.63
CA PHE T 569 64.74 4.12 -11.12
C PHE T 569 64.40 4.14 -9.64
N MET U 1 -10.56 -72.11 -0.49
CA MET U 1 -11.46 -72.12 0.65
C MET U 1 -10.90 -72.95 1.81
N LYS U 2 -11.13 -72.49 3.04
CA LYS U 2 -10.74 -73.22 4.24
C LYS U 2 -11.79 -72.99 5.31
N LYS U 3 -11.84 -73.91 6.27
CA LYS U 3 -12.70 -73.80 7.44
C LYS U 3 -11.87 -73.38 8.64
N ILE U 4 -12.35 -72.37 9.37
CA ILE U 4 -11.72 -71.90 10.59
C ILE U 4 -12.78 -71.96 11.68
N SER U 5 -12.42 -72.49 12.86
CA SER U 5 -13.36 -72.55 13.96
C SER U 5 -13.65 -71.15 14.49
N ARG U 6 -14.85 -71.01 15.09
CA ARG U 6 -15.34 -69.70 15.51
C ARG U 6 -14.49 -69.10 16.63
N LYS U 7 -14.00 -69.96 17.53
CA LYS U 7 -13.24 -69.50 18.69
C LYS U 7 -11.92 -68.86 18.28
N GLU U 8 -11.18 -69.50 17.37
CA GLU U 8 -9.91 -68.92 16.95
C GLU U 8 -10.08 -67.73 16.01
N TYR U 9 -11.18 -67.70 15.22
CA TYR U 9 -11.50 -66.50 14.45
C TYR U 9 -11.73 -65.31 15.37
N VAL U 10 -12.50 -65.51 16.44
CA VAL U 10 -12.82 -64.42 17.36
C VAL U 10 -11.57 -64.00 18.13
N SER U 11 -10.71 -64.95 18.49
CA SER U 11 -9.45 -64.62 19.14
C SER U 11 -8.53 -63.82 18.23
N MET U 12 -8.61 -64.01 16.91
CA MET U 12 -7.78 -63.21 16.02
C MET U 12 -8.40 -61.86 15.63
N TYR U 13 -9.72 -61.79 15.40
CA TYR U 13 -10.32 -60.61 14.80
C TYR U 13 -11.48 -59.99 15.58
N GLY U 14 -11.85 -60.55 16.74
CA GLY U 14 -12.99 -60.06 17.47
C GLY U 14 -14.29 -60.72 17.02
N PRO U 15 -15.39 -60.42 17.70
CA PRO U 15 -16.66 -61.08 17.39
C PRO U 15 -17.23 -60.66 16.04
N THR U 16 -18.02 -61.56 15.45
CA THR U 16 -18.64 -61.30 14.16
C THR U 16 -20.15 -61.54 14.26
N THR U 17 -20.85 -61.60 13.12
CA THR U 17 -22.31 -61.57 13.06
C THR U 17 -22.94 -62.74 13.83
N GLY U 18 -23.82 -62.41 14.77
CA GLY U 18 -24.48 -63.38 15.61
C GLY U 18 -23.84 -63.58 16.97
N ASP U 19 -22.57 -63.22 17.13
CA ASP U 19 -21.89 -63.36 18.42
C ASP U 19 -22.37 -62.29 19.40
N LYS U 20 -22.21 -62.57 20.70
CA LYS U 20 -22.72 -61.72 21.76
C LYS U 20 -21.63 -61.39 22.78
N VAL U 21 -21.75 -60.22 23.42
CA VAL U 21 -20.78 -59.77 24.42
C VAL U 21 -21.54 -59.13 25.61
N ARG U 22 -21.10 -59.45 26.82
CA ARG U 22 -21.58 -58.79 28.03
C ARG U 22 -20.89 -57.44 28.22
N LEU U 23 -21.67 -56.42 28.55
CA LEU U 23 -21.13 -55.07 28.79
C LEU U 23 -20.76 -54.93 30.26
N GLY U 24 -19.46 -54.86 30.53
CA GLY U 24 -18.96 -54.68 31.89
C GLY U 24 -19.31 -55.86 32.78
N ASP U 25 -19.62 -55.56 34.05
CA ASP U 25 -20.14 -56.55 34.97
C ASP U 25 -21.67 -56.48 35.10
N THR U 26 -22.35 -55.86 34.14
CA THR U 26 -23.80 -55.78 34.14
C THR U 26 -24.41 -57.06 33.57
N ASP U 27 -25.74 -57.05 33.43
CA ASP U 27 -26.48 -58.13 32.79
C ASP U 27 -26.98 -57.75 31.40
N LEU U 28 -26.37 -56.75 30.77
CA LEU U 28 -26.77 -56.31 29.44
C LEU U 28 -25.92 -57.02 28.38
N ILE U 29 -26.60 -57.64 27.41
CA ILE U 29 -25.95 -58.45 26.39
C ILE U 29 -26.17 -57.79 25.03
N ALA U 30 -25.08 -57.43 24.36
CA ALA U 30 -25.11 -56.83 23.04
C ALA U 30 -24.80 -57.89 21.98
N GLU U 31 -25.45 -57.77 20.82
CA GLU U 31 -25.28 -58.71 19.72
C GLU U 31 -24.85 -57.98 18.45
N VAL U 32 -23.90 -58.56 17.72
CA VAL U 32 -23.41 -57.99 16.47
C VAL U 32 -24.46 -58.19 15.38
N GLU U 33 -24.92 -57.09 14.79
CA GLU U 33 -25.99 -57.14 13.80
C GLU U 33 -25.50 -57.35 12.37
N HIS U 34 -24.28 -56.90 12.04
CA HIS U 34 -23.79 -56.91 10.66
C HIS U 34 -22.27 -56.78 10.69
N ASP U 35 -21.62 -57.27 9.63
CA ASP U 35 -20.16 -57.17 9.47
C ASP U 35 -19.84 -56.76 8.04
N TYR U 36 -18.94 -55.79 7.90
CA TYR U 36 -18.54 -55.29 6.58
C TYR U 36 -17.34 -56.01 5.99
N THR U 37 -16.70 -56.91 6.71
CA THR U 37 -15.46 -57.50 6.23
C THR U 37 -15.72 -58.58 5.19
N ILE U 38 -14.68 -58.92 4.45
CA ILE U 38 -14.64 -60.08 3.56
C ILE U 38 -13.75 -61.12 4.21
N TYR U 39 -14.29 -62.31 4.44
CA TYR U 39 -13.60 -63.34 5.21
C TYR U 39 -12.36 -63.83 4.47
N GLY U 40 -11.21 -63.76 5.14
CA GLY U 40 -9.93 -64.05 4.52
C GLY U 40 -9.13 -62.83 4.09
N GLU U 41 -9.70 -61.64 4.16
CA GLU U 41 -9.02 -60.42 3.77
C GLU U 41 -8.95 -59.40 4.91
N GLU U 42 -8.83 -59.88 6.15
CA GLU U 42 -8.84 -59.01 7.31
C GLU U 42 -7.52 -58.24 7.44
N LEU U 43 -7.59 -57.05 8.03
CA LEU U 43 -6.41 -56.22 8.25
C LEU U 43 -5.80 -56.54 9.61
N LYS U 44 -4.50 -56.85 9.62
CA LYS U 44 -3.74 -57.11 10.84
C LYS U 44 -2.39 -56.42 10.73
N PHE U 45 -1.92 -55.83 11.82
CA PHE U 45 -0.63 -55.14 11.85
C PHE U 45 0.38 -55.91 12.69
N GLY U 46 1.59 -56.00 12.18
CA GLY U 46 2.69 -56.67 12.88
C GLY U 46 3.63 -57.29 11.88
N GLY U 47 4.62 -57.99 12.43
CA GLY U 47 5.63 -58.64 11.60
C GLY U 47 5.05 -59.86 10.90
N GLY U 48 5.14 -59.89 9.57
CA GLY U 48 4.56 -60.96 8.79
C GLY U 48 3.07 -60.88 8.57
N LYS U 49 2.43 -59.79 8.98
CA LYS U 49 0.98 -59.64 8.86
C LYS U 49 0.65 -58.89 7.56
N THR U 50 -0.60 -58.42 7.42
CA THR U 50 -1.08 -57.94 6.12
C THR U 50 -0.84 -56.45 5.85
N LEU U 51 -0.68 -55.62 6.88
CA LEU U 51 -0.56 -54.18 6.67
C LEU U 51 0.89 -53.79 6.35
N ARG U 52 1.34 -54.24 5.18
CA ARG U 52 2.69 -54.04 4.70
C ARG U 52 2.65 -53.54 3.26
N GLU U 53 3.78 -53.01 2.79
CA GLU U 53 3.82 -52.35 1.49
C GLU U 53 3.61 -53.35 0.35
N GLY U 54 2.72 -52.99 -0.56
CA GLY U 54 2.35 -53.84 -1.66
C GLY U 54 1.30 -54.90 -1.35
N MET U 55 0.84 -55.02 -0.11
CA MET U 55 -0.15 -56.03 0.23
C MET U 55 -1.49 -55.43 0.64
N SER U 56 -1.57 -54.74 1.79
CA SER U 56 -2.76 -53.98 2.15
C SER U 56 -2.48 -52.50 2.25
N GLN U 57 -1.21 -52.09 2.36
CA GLN U 57 -0.82 -50.71 2.14
C GLN U 57 -0.52 -50.57 0.65
N SER U 58 -1.23 -49.66 -0.01
CA SER U 58 -1.11 -49.50 -1.45
C SER U 58 0.17 -48.79 -1.83
N ASN U 59 0.79 -49.24 -2.92
CA ASN U 59 1.84 -48.49 -3.58
C ASN U 59 1.31 -47.51 -4.62
N ASN U 60 0.02 -47.60 -4.98
CA ASN U 60 -0.64 -46.64 -5.86
C ASN U 60 -1.95 -46.19 -5.24
N PRO U 61 -1.91 -45.44 -4.14
CA PRO U 61 -3.14 -45.13 -3.40
C PRO U 61 -3.98 -44.08 -4.10
N SER U 62 -5.24 -43.99 -3.68
CA SER U 62 -6.12 -42.96 -4.18
C SER U 62 -5.69 -41.59 -3.64
N LYS U 63 -6.21 -40.54 -4.28
CA LYS U 63 -5.91 -39.19 -3.82
C LYS U 63 -6.64 -38.82 -2.53
N GLU U 64 -7.58 -39.65 -2.07
CA GLU U 64 -8.27 -39.50 -0.80
C GLU U 64 -7.68 -40.40 0.29
N GLU U 65 -6.36 -40.55 0.29
CA GLU U 65 -5.65 -41.46 1.18
C GLU U 65 -5.84 -41.09 2.65
N LEU U 66 -6.06 -42.10 3.49
CA LEU U 66 -6.39 -41.90 4.91
C LEU U 66 -5.19 -41.49 5.74
N ASP U 67 -5.45 -40.73 6.80
CA ASP U 67 -4.44 -40.40 7.79
C ASP U 67 -4.34 -41.44 8.92
N LEU U 68 -5.44 -42.13 9.22
CA LEU U 68 -5.48 -43.11 10.31
C LEU U 68 -6.60 -44.10 10.03
N ILE U 69 -6.36 -45.37 10.35
CA ILE U 69 -7.40 -46.41 10.23
C ILE U 69 -7.47 -47.22 11.52
N ILE U 70 -8.69 -47.43 12.01
CA ILE U 70 -8.97 -48.30 13.15
C ILE U 70 -9.52 -49.61 12.59
N THR U 71 -8.81 -50.71 12.81
CA THR U 71 -9.12 -51.99 12.19
C THR U 71 -9.95 -52.87 13.11
N ASN U 72 -10.97 -53.53 12.54
CA ASN U 72 -11.77 -54.57 13.20
C ASN U 72 -12.49 -54.06 14.46
N ALA U 73 -13.08 -52.87 14.38
CA ALA U 73 -13.75 -52.26 15.52
C ALA U 73 -15.20 -52.74 15.63
N LEU U 74 -15.67 -52.89 16.87
CA LEU U 74 -17.08 -53.11 17.16
C LEU U 74 -17.73 -51.77 17.52
N ILE U 75 -18.53 -51.24 16.61
CA ILE U 75 -19.15 -49.92 16.78
C ILE U 75 -20.46 -50.08 17.55
N VAL U 76 -20.63 -49.30 18.61
CA VAL U 76 -21.88 -49.24 19.37
C VAL U 76 -22.39 -47.81 19.29
N ASP U 77 -23.52 -47.62 18.60
CA ASP U 77 -24.02 -46.30 18.27
C ASP U 77 -25.54 -46.38 18.23
N TYR U 78 -26.20 -45.21 18.22
CA TYR U 78 -27.66 -45.20 18.07
C TYR U 78 -28.08 -45.66 16.68
N THR U 79 -27.20 -45.58 15.69
CA THR U 79 -27.49 -46.08 14.35
C THR U 79 -27.30 -47.59 14.20
N GLY U 80 -26.68 -48.27 15.16
CA GLY U 80 -26.58 -49.72 15.10
C GLY U 80 -25.36 -50.23 15.84
N ILE U 81 -25.32 -51.56 15.98
CA ILE U 81 -24.23 -52.29 16.64
C ILE U 81 -23.65 -53.27 15.62
N TYR U 82 -22.43 -52.99 15.13
CA TYR U 82 -21.89 -53.70 13.97
C TYR U 82 -20.37 -53.60 13.94
N LYS U 83 -19.75 -54.46 13.12
CA LYS U 83 -18.30 -54.54 12.96
C LYS U 83 -17.86 -53.88 11.66
N ALA U 84 -16.84 -53.02 11.73
CA ALA U 84 -16.31 -52.33 10.56
C ALA U 84 -14.91 -51.79 10.87
N ASP U 85 -14.25 -51.32 9.82
CA ASP U 85 -13.04 -50.49 9.96
C ASP U 85 -13.43 -49.01 9.81
N ILE U 86 -12.77 -48.15 10.58
CA ILE U 86 -13.08 -46.73 10.62
C ILE U 86 -11.89 -45.94 10.09
N GLY U 87 -12.13 -45.08 9.11
CA GLY U 87 -11.08 -44.27 8.49
C GLY U 87 -11.24 -42.79 8.83
N ILE U 88 -10.11 -42.15 9.13
CA ILE U 88 -10.07 -40.75 9.55
C ILE U 88 -9.16 -39.97 8.60
N LYS U 89 -9.65 -38.83 8.12
CA LYS U 89 -8.87 -37.92 7.28
C LYS U 89 -9.20 -36.48 7.65
N ASP U 90 -8.16 -35.69 7.95
CA ASP U 90 -8.24 -34.25 8.21
C ASP U 90 -9.20 -33.92 9.36
N GLY U 91 -9.10 -34.68 10.45
CA GLY U 91 -9.92 -34.45 11.61
C GLY U 91 -11.36 -34.90 11.51
N LYS U 92 -11.75 -35.56 10.42
CA LYS U 92 -13.12 -36.01 10.21
C LYS U 92 -13.16 -37.52 9.99
N ILE U 93 -14.32 -38.10 10.24
CA ILE U 93 -14.57 -39.49 9.88
C ILE U 93 -14.78 -39.54 8.37
N ALA U 94 -13.87 -40.21 7.66
CA ALA U 94 -13.92 -40.23 6.20
C ALA U 94 -14.65 -41.43 5.64
N GLY U 95 -14.65 -42.57 6.34
CA GLY U 95 -15.28 -43.76 5.81
C GLY U 95 -15.48 -44.80 6.89
N ILE U 96 -16.56 -45.57 6.74
CA ILE U 96 -16.87 -46.70 7.61
C ILE U 96 -17.18 -47.88 6.71
N GLY U 97 -16.33 -48.91 6.75
CA GLY U 97 -16.47 -50.04 5.84
C GLY U 97 -15.32 -51.03 5.87
N LYS U 98 -14.80 -51.41 4.71
CA LYS U 98 -13.82 -52.49 4.64
C LYS U 98 -12.37 -51.99 4.70
N GLY U 99 -11.94 -51.20 3.73
CA GLY U 99 -10.58 -50.67 3.77
C GLY U 99 -9.45 -51.60 3.38
N GLY U 100 -8.45 -51.10 2.70
CA GLY U 100 -7.32 -51.89 2.27
C GLY U 100 -6.69 -51.32 1.00
N ASN U 101 -6.26 -52.22 0.12
CA ASN U 101 -5.55 -51.88 -1.11
C ASN U 101 -6.28 -52.52 -2.29
N LYS U 102 -6.81 -51.67 -3.18
CA LYS U 102 -7.56 -52.14 -4.35
C LYS U 102 -6.68 -52.88 -5.35
N ASP U 103 -5.36 -52.68 -5.32
CA ASP U 103 -4.47 -53.42 -6.21
C ASP U 103 -4.42 -54.91 -5.89
N MET U 104 -4.71 -55.30 -4.64
CA MET U 104 -4.61 -56.70 -4.21
C MET U 104 -5.87 -57.27 -3.59
N GLN U 105 -6.90 -56.48 -3.31
CA GLN U 105 -8.09 -56.92 -2.58
C GLN U 105 -9.35 -56.41 -3.26
N ASP U 106 -10.47 -57.11 -3.04
CA ASP U 106 -11.66 -56.91 -3.87
C ASP U 106 -12.45 -55.64 -3.53
N GLY U 107 -13.07 -55.59 -2.35
CA GLY U 107 -14.10 -54.59 -2.14
C GLY U 107 -13.68 -53.28 -1.47
N VAL U 108 -12.69 -52.58 -2.02
CA VAL U 108 -12.12 -51.40 -1.39
C VAL U 108 -12.56 -50.16 -2.18
N LYS U 109 -13.30 -49.26 -1.52
CA LYS U 109 -13.70 -48.01 -2.13
C LYS U 109 -12.62 -46.94 -1.93
N ASN U 110 -12.74 -45.85 -2.70
CA ASN U 110 -11.69 -44.82 -2.76
C ASN U 110 -11.51 -44.09 -1.44
N ASN U 111 -12.57 -43.90 -0.67
CA ASN U 111 -12.48 -43.18 0.59
C ASN U 111 -11.94 -44.03 1.74
N LEU U 112 -11.65 -45.31 1.52
CA LEU U 112 -11.04 -46.17 2.54
C LEU U 112 -9.70 -46.72 2.08
N SER U 113 -8.98 -45.98 1.25
CA SER U 113 -7.69 -46.43 0.73
C SER U 113 -6.60 -46.24 1.76
N VAL U 114 -5.81 -47.30 1.99
CA VAL U 114 -4.69 -47.29 2.92
C VAL U 114 -3.41 -47.09 2.12
N GLY U 115 -2.60 -46.11 2.54
CA GLY U 115 -1.38 -45.81 1.83
C GLY U 115 -0.20 -45.50 2.72
N PRO U 116 0.90 -45.00 2.13
CA PRO U 116 2.09 -44.65 2.92
C PRO U 116 1.87 -43.55 3.96
N ALA U 117 0.87 -42.69 3.80
CA ALA U 117 0.60 -41.65 4.78
C ALA U 117 -0.25 -42.12 5.95
N THR U 118 -0.68 -43.38 5.98
CA THR U 118 -1.64 -43.87 6.96
C THR U 118 -0.94 -44.46 8.19
N GLU U 119 -1.47 -44.15 9.37
CA GLU U 119 -1.12 -44.79 10.64
C GLU U 119 -2.21 -45.81 11.02
N ALA U 120 -1.81 -46.87 11.72
CA ALA U 120 -2.71 -47.97 12.09
C ALA U 120 -2.96 -48.03 13.59
N LEU U 121 -4.20 -48.36 13.96
CA LEU U 121 -4.61 -48.57 15.35
C LEU U 121 -5.46 -49.83 15.41
N ALA U 122 -5.08 -50.78 16.27
CA ALA U 122 -5.73 -52.09 16.32
C ALA U 122 -6.96 -52.03 17.23
N GLY U 123 -8.14 -52.25 16.66
CA GLY U 123 -9.36 -52.28 17.42
C GLY U 123 -10.00 -53.63 17.61
N GLU U 124 -9.31 -54.73 17.31
CA GLU U 124 -9.90 -56.06 17.44
C GLU U 124 -10.13 -56.41 18.91
N GLY U 125 -11.35 -56.82 19.23
CA GLY U 125 -11.75 -57.07 20.59
C GLY U 125 -12.16 -55.85 21.38
N LEU U 126 -12.24 -54.67 20.77
CA LEU U 126 -12.56 -53.44 21.47
C LEU U 126 -13.84 -52.83 20.92
N ILE U 127 -14.41 -51.90 21.70
CA ILE U 127 -15.66 -51.22 21.38
C ILE U 127 -15.36 -49.74 21.16
N VAL U 128 -15.91 -49.17 20.08
CA VAL U 128 -15.80 -47.75 19.78
C VAL U 128 -17.18 -47.10 19.94
N THR U 129 -17.25 -46.02 20.72
CA THR U 129 -18.43 -45.16 20.80
C THR U 129 -18.03 -43.71 20.55
N ALA U 130 -19.04 -42.88 20.32
CA ALA U 130 -18.85 -41.44 20.29
C ALA U 130 -18.55 -40.91 21.69
N GLY U 131 -17.88 -39.76 21.74
CA GLY U 131 -17.66 -39.10 23.02
C GLY U 131 -18.94 -38.57 23.62
N GLY U 132 -19.01 -38.56 24.95
CA GLY U 132 -20.17 -38.06 25.64
C GLY U 132 -20.27 -36.54 25.64
N ILE U 133 -21.50 -36.06 25.85
CA ILE U 133 -21.80 -34.62 25.84
C ILE U 133 -22.57 -34.29 27.12
N ASP U 134 -21.98 -33.45 27.96
CA ASP U 134 -22.56 -33.06 29.25
C ASP U 134 -23.04 -31.62 29.16
N THR U 135 -24.34 -31.41 29.40
CA THR U 135 -24.97 -30.11 29.17
C THR U 135 -25.37 -29.37 30.44
N HIS U 136 -24.91 -29.80 31.62
CA HIS U 136 -25.29 -29.17 32.89
C HIS U 136 -24.03 -28.95 33.74
N ILE U 137 -23.06 -28.24 33.18
CA ILE U 137 -21.80 -27.99 33.86
C ILE U 137 -21.85 -26.66 34.59
N HIS U 138 -21.55 -26.66 35.89
CA HIS U 138 -21.20 -25.46 36.63
C HIS U 138 -19.68 -25.30 36.55
N PHE U 139 -19.21 -24.21 35.94
CA PHE U 139 -17.77 -23.98 35.78
C PHE U 139 -17.19 -23.39 37.07
N ILE U 140 -17.12 -24.25 38.09
CA ILE U 140 -16.66 -23.86 39.41
C ILE U 140 -15.14 -23.94 39.54
N SER U 141 -14.53 -25.01 39.02
CA SER U 141 -13.08 -25.18 39.02
C SER U 141 -12.60 -25.80 37.72
N PRO U 142 -11.42 -25.39 37.22
CA PRO U 142 -10.88 -26.00 35.98
C PRO U 142 -10.55 -27.48 36.12
N GLN U 143 -10.36 -28.00 37.33
CA GLN U 143 -10.02 -29.40 37.53
C GLN U 143 -11.17 -30.36 37.23
N GLN U 144 -12.40 -29.85 37.03
CA GLN U 144 -13.50 -30.68 36.57
C GLN U 144 -13.22 -31.25 35.17
N ILE U 145 -12.55 -30.47 34.33
CA ILE U 145 -12.38 -30.85 32.92
C ILE U 145 -11.53 -32.12 32.72
N PRO U 146 -10.33 -32.28 33.34
CA PRO U 146 -9.65 -33.57 33.21
C PRO U 146 -10.39 -34.75 33.83
N THR U 147 -11.17 -34.52 34.90
CA THR U 147 -11.96 -35.59 35.50
C THR U 147 -13.04 -36.08 34.53
N ALA U 148 -13.72 -35.14 33.85
CA ALA U 148 -14.72 -35.53 32.87
C ALA U 148 -14.09 -36.19 31.65
N PHE U 149 -12.90 -35.71 31.24
CA PHE U 149 -12.23 -36.26 30.07
C PHE U 149 -11.83 -37.72 30.27
N ALA U 150 -11.33 -38.06 31.45
CA ALA U 150 -10.92 -39.43 31.74
C ALA U 150 -12.11 -40.39 31.86
N SER U 151 -13.31 -39.88 32.10
CA SER U 151 -14.49 -40.75 32.15
C SER U 151 -15.12 -40.99 30.79
N GLY U 152 -14.69 -40.28 29.75
CA GLY U 152 -15.22 -40.45 28.42
C GLY U 152 -16.10 -39.33 27.87
N VAL U 153 -16.08 -38.15 28.45
CA VAL U 153 -16.86 -37.00 27.99
C VAL U 153 -15.94 -36.08 27.20
N THR U 154 -16.36 -35.70 25.99
CA THR U 154 -15.54 -34.84 25.15
C THR U 154 -16.15 -33.49 24.78
N THR U 155 -17.36 -33.18 25.26
CA THR U 155 -17.96 -31.85 25.08
C THR U 155 -18.62 -31.43 26.40
N MET U 156 -18.38 -30.20 26.84
CA MET U 156 -18.97 -29.67 28.06
C MET U 156 -19.66 -28.35 27.78
N ILE U 157 -20.93 -28.25 28.12
CA ILE U 157 -21.75 -27.05 27.93
C ILE U 157 -22.29 -26.62 29.29
N GLY U 158 -22.12 -25.35 29.63
CA GLY U 158 -22.62 -24.80 30.88
C GLY U 158 -22.33 -23.33 31.06
N GLY U 159 -22.11 -22.88 32.29
CA GLY U 159 -21.80 -21.49 32.54
C GLY U 159 -21.15 -21.26 33.89
N GLY U 160 -20.49 -20.13 34.03
CA GLY U 160 -19.91 -19.74 35.31
C GLY U 160 -18.64 -18.95 35.13
N THR U 161 -18.10 -18.50 36.28
CA THR U 161 -16.91 -17.66 36.31
C THR U 161 -15.85 -18.12 37.32
N GLY U 162 -15.96 -19.34 37.85
CA GLY U 162 -15.09 -19.78 38.92
C GLY U 162 -15.87 -19.94 40.22
N PRO U 163 -15.17 -19.95 41.36
CA PRO U 163 -15.84 -20.34 42.62
C PRO U 163 -16.67 -19.26 43.30
N ALA U 164 -17.15 -18.26 42.56
CA ALA U 164 -18.06 -17.26 43.12
C ALA U 164 -19.42 -17.87 43.47
N ASP U 165 -20.15 -17.17 44.34
CA ASP U 165 -21.41 -17.69 44.87
C ASP U 165 -22.49 -17.80 43.81
N GLY U 166 -22.47 -16.92 42.81
CA GLY U 166 -23.42 -17.05 41.71
C GLY U 166 -23.20 -18.28 40.86
N THR U 167 -21.94 -18.64 40.61
CA THR U 167 -21.63 -19.85 39.85
C THR U 167 -21.88 -21.11 40.67
N ASN U 168 -21.66 -21.05 42.00
CA ASN U 168 -21.90 -22.19 42.87
C ASN U 168 -23.36 -22.63 42.86
N ALA U 169 -24.28 -21.71 42.54
CA ALA U 169 -25.70 -22.01 42.43
C ALA U 169 -26.17 -22.22 40.99
N THR U 170 -25.66 -21.45 40.02
CA THR U 170 -26.26 -21.35 38.69
C THR U 170 -25.23 -21.58 37.59
N THR U 171 -25.70 -22.08 36.43
CA THR U 171 -24.85 -22.28 35.24
C THR U 171 -24.90 -21.06 34.33
N ILE U 172 -24.36 -19.94 34.81
CA ILE U 172 -24.53 -18.65 34.15
C ILE U 172 -23.19 -17.92 34.07
N THR U 173 -22.82 -17.48 32.85
CA THR U 173 -21.72 -16.54 32.63
C THR U 173 -22.32 -15.20 32.24
N PRO U 174 -22.45 -14.23 33.14
CA PRO U 174 -23.22 -13.02 32.84
C PRO U 174 -22.45 -11.90 32.16
N GLY U 175 -22.90 -11.48 30.99
CA GLY U 175 -22.41 -10.26 30.36
C GLY U 175 -21.23 -10.48 29.43
N ARG U 176 -21.01 -9.47 28.58
CA ARG U 176 -20.01 -9.53 27.51
C ARG U 176 -18.58 -9.67 28.05
N ARG U 177 -18.24 -8.92 29.11
CA ARG U 177 -16.89 -8.96 29.65
C ARG U 177 -16.55 -10.30 30.29
N ASN U 178 -17.49 -10.87 31.06
CA ASN U 178 -17.27 -12.18 31.66
C ASN U 178 -17.23 -13.28 30.60
N LEU U 179 -18.03 -13.14 29.54
CA LEU U 179 -17.93 -14.07 28.41
C LEU U 179 -16.58 -14.00 27.73
N LYS U 180 -16.01 -12.78 27.60
CA LYS U 180 -14.66 -12.64 27.04
C LYS U 180 -13.62 -13.32 27.91
N TRP U 181 -13.72 -13.17 29.25
CA TRP U 181 -12.82 -13.86 30.18
C TRP U 181 -12.86 -15.38 29.98
N MET U 182 -14.06 -15.96 29.95
CA MET U 182 -14.16 -17.42 29.85
C MET U 182 -13.74 -17.94 28.47
N LEU U 183 -14.07 -17.22 27.41
CA LEU U 183 -13.66 -17.64 26.06
C LEU U 183 -12.15 -17.58 25.89
N ARG U 184 -11.49 -16.59 26.47
CA ARG U 184 -10.03 -16.55 26.37
C ARG U 184 -9.37 -17.57 27.29
N ALA U 185 -9.99 -17.90 28.43
CA ALA U 185 -9.44 -18.96 29.27
C ALA U 185 -9.61 -20.34 28.64
N ALA U 186 -10.62 -20.52 27.78
CA ALA U 186 -10.93 -21.82 27.18
C ALA U 186 -9.82 -22.36 26.28
N GLU U 187 -8.88 -21.53 25.82
CA GLU U 187 -7.78 -21.96 24.97
C GLU U 187 -6.83 -22.94 25.66
N GLU U 188 -6.91 -23.10 26.98
CA GLU U 188 -6.04 -23.99 27.73
C GLU U 188 -6.36 -25.48 27.49
N TYR U 189 -7.63 -25.83 27.29
CA TYR U 189 -8.12 -27.16 27.66
C TYR U 189 -8.31 -28.11 26.48
N SER U 190 -8.32 -29.42 26.80
CA SER U 190 -8.63 -30.48 25.85
C SER U 190 -10.08 -30.94 26.04
N MET U 191 -11.01 -30.16 25.49
CA MET U 191 -12.45 -30.34 25.64
C MET U 191 -13.16 -29.35 24.71
N ASN U 192 -14.18 -29.80 23.99
CA ASN U 192 -15.08 -28.87 23.30
C ASN U 192 -15.94 -28.15 24.33
N LEU U 193 -16.13 -26.84 24.15
CA LEU U 193 -16.77 -25.99 25.16
C LEU U 193 -17.80 -25.04 24.56
N GLY U 194 -18.84 -24.75 25.34
CA GLY U 194 -19.81 -23.72 25.00
C GLY U 194 -20.45 -23.15 26.26
N PHE U 195 -20.79 -21.86 26.21
CA PHE U 195 -21.17 -21.10 27.40
C PHE U 195 -22.58 -20.54 27.32
N LEU U 196 -23.29 -20.57 28.44
CA LEU U 196 -24.64 -20.06 28.58
C LEU U 196 -24.65 -18.71 29.31
N ALA U 197 -25.58 -17.84 28.91
CA ALA U 197 -25.67 -16.49 29.45
C ALA U 197 -26.86 -16.36 30.43
N LYS U 198 -27.00 -15.17 31.02
CA LYS U 198 -28.06 -14.92 32.00
C LYS U 198 -29.37 -14.59 31.30
N GLY U 199 -30.40 -15.40 31.56
CA GLY U 199 -31.71 -15.17 30.98
C GLY U 199 -32.69 -14.46 31.90
N ASN U 200 -32.31 -14.24 33.16
CA ASN U 200 -33.18 -13.63 34.16
C ASN U 200 -33.12 -12.10 34.05
N THR U 201 -33.79 -11.56 33.02
CA THR U 201 -34.01 -10.13 32.90
C THR U 201 -35.20 -9.89 31.98
N SER U 202 -35.79 -8.70 32.11
CA SER U 202 -36.85 -8.26 31.21
C SER U 202 -36.39 -7.17 30.24
N ASN U 203 -35.08 -6.96 30.11
CA ASN U 203 -34.51 -5.99 29.19
C ASN U 203 -34.04 -6.72 27.93
N ASP U 204 -34.69 -6.44 26.80
CA ASP U 204 -34.40 -7.17 25.55
C ASP U 204 -33.01 -6.84 25.02
N ALA U 205 -32.56 -5.59 25.19
CA ALA U 205 -31.25 -5.19 24.70
C ALA U 205 -30.13 -5.88 25.47
N SER U 206 -30.30 -6.05 26.79
CA SER U 206 -29.30 -6.78 27.59
C SER U 206 -29.26 -8.25 27.21
N LEU U 207 -30.42 -8.85 26.90
CA LEU U 207 -30.46 -10.24 26.45
C LEU U 207 -29.75 -10.41 25.11
N ALA U 208 -30.01 -9.51 24.16
CA ALA U 208 -29.45 -9.65 22.82
C ALA U 208 -27.94 -9.43 22.79
N ASP U 209 -27.41 -8.54 23.64
CA ASP U 209 -25.98 -8.24 23.61
C ASP U 209 -25.13 -9.42 24.08
N GLN U 210 -25.66 -10.24 25.00
CA GLN U 210 -24.94 -11.44 25.45
C GLN U 210 -24.82 -12.47 24.34
N ILE U 211 -25.85 -12.62 23.51
CA ILE U 211 -25.81 -13.57 22.41
C ILE U 211 -24.79 -13.12 21.36
N GLU U 212 -24.75 -11.82 21.06
CA GLU U 212 -23.76 -11.28 20.13
C GLU U 212 -22.34 -11.35 20.69
N ALA U 213 -22.19 -11.42 22.01
CA ALA U 213 -20.87 -11.54 22.63
C ALA U 213 -20.35 -12.97 22.65
N GLY U 214 -21.11 -13.95 22.20
CA GLY U 214 -20.58 -15.30 22.02
C GLY U 214 -21.31 -16.45 22.69
N ALA U 215 -22.37 -16.19 23.46
CA ALA U 215 -23.06 -17.25 24.16
C ALA U 215 -23.91 -18.09 23.20
N ILE U 216 -24.10 -19.37 23.54
CA ILE U 216 -24.91 -20.29 22.74
C ILE U 216 -26.32 -20.45 23.26
N GLY U 217 -26.70 -19.74 24.31
CA GLY U 217 -28.04 -19.86 24.85
C GLY U 217 -28.18 -19.16 26.19
N PHE U 218 -29.36 -19.32 26.79
CA PHE U 218 -29.66 -18.76 28.10
C PHE U 218 -29.96 -19.83 29.16
N ILE U 220 -32.17 -19.84 32.77
CA ILE U 220 -33.06 -19.12 33.67
C ILE U 220 -33.10 -19.84 35.01
N HIS U 221 -32.64 -19.19 36.08
CA HIS U 221 -32.48 -19.84 37.36
C HIS U 221 -33.19 -19.05 38.46
N GLU U 222 -33.81 -19.79 39.38
CA GLU U 222 -34.67 -19.18 40.41
C GLU U 222 -33.91 -18.31 41.39
N ASP U 223 -32.60 -18.52 41.56
CA ASP U 223 -31.83 -17.67 42.45
C ASP U 223 -31.61 -16.26 41.89
N TRP U 224 -31.65 -16.09 40.57
CA TRP U 224 -31.70 -14.78 39.96
C TRP U 224 -33.12 -14.32 39.67
N GLY U 225 -34.12 -15.16 39.98
CA GLY U 225 -35.52 -14.81 39.87
C GLY U 225 -36.19 -15.32 38.61
N THR U 226 -36.88 -16.46 38.70
CA THR U 226 -37.59 -17.05 37.57
C THR U 226 -39.05 -16.61 37.69
N THR U 227 -39.38 -15.54 37.00
CA THR U 227 -40.72 -14.99 36.90
C THR U 227 -41.27 -15.22 35.50
N PRO U 228 -42.60 -15.22 35.31
CA PRO U 228 -43.16 -15.36 33.95
C PRO U 228 -42.72 -14.28 32.96
N SER U 229 -42.50 -13.06 33.44
CA SER U 229 -42.03 -11.97 32.58
C SER U 229 -40.66 -12.28 31.97
N ALA U 230 -39.71 -12.74 32.80
CA ALA U 230 -38.37 -13.05 32.34
C ALA U 230 -38.36 -14.23 31.38
N ILE U 231 -39.20 -15.23 31.64
CA ILE U 231 -39.35 -16.39 30.75
C ILE U 231 -39.83 -15.94 29.38
N ASN U 232 -40.85 -15.06 29.36
CA ASN U 232 -41.41 -14.57 28.10
C ASN U 232 -40.40 -13.78 27.28
N HIS U 233 -39.67 -12.85 27.93
CA HIS U 233 -38.69 -12.03 27.21
C HIS U 233 -37.52 -12.86 26.68
N ALA U 234 -37.02 -13.81 27.49
CA ALA U 234 -35.90 -14.65 27.06
C ALA U 234 -36.28 -15.54 25.88
N LEU U 235 -37.50 -16.11 25.90
CA LEU U 235 -37.94 -16.92 24.77
C LEU U 235 -38.13 -16.09 23.50
N ASP U 236 -38.61 -14.84 23.65
CA ASP U 236 -38.73 -13.96 22.49
C ASP U 236 -37.38 -13.68 21.83
N VAL U 237 -36.35 -13.40 22.64
CA VAL U 237 -35.03 -13.11 22.07
C VAL U 237 -34.42 -14.38 21.45
N ALA U 238 -34.58 -15.52 22.12
CA ALA U 238 -34.01 -16.78 21.62
C ALA U 238 -34.67 -17.24 20.33
N ASP U 239 -35.96 -16.90 20.11
CA ASP U 239 -36.59 -17.16 18.82
C ASP U 239 -35.90 -16.40 17.70
N LYS U 240 -35.48 -15.17 17.96
CA LYS U 240 -34.84 -14.36 16.93
C LYS U 240 -33.39 -14.77 16.67
N TYR U 241 -32.68 -15.28 17.67
CA TYR U 241 -31.26 -15.58 17.46
C TYR U 241 -30.92 -17.06 17.26
N ASP U 242 -31.92 -17.95 17.25
CA ASP U 242 -31.76 -19.41 17.04
C ASP U 242 -30.78 -20.03 18.05
N VAL U 243 -31.10 -19.87 19.34
CA VAL U 243 -30.35 -20.49 20.43
C VAL U 243 -31.34 -21.14 21.39
N GLN U 244 -30.82 -22.01 22.25
CA GLN U 244 -31.59 -22.82 23.18
C GLN U 244 -31.76 -22.10 24.53
N VAL U 245 -32.84 -22.45 25.25
CA VAL U 245 -33.11 -21.95 26.61
C VAL U 245 -33.20 -23.13 27.57
N ALA U 246 -32.56 -23.01 28.73
CA ALA U 246 -32.66 -23.96 29.83
C ALA U 246 -33.25 -23.28 31.08
N ILE U 247 -33.96 -24.05 31.91
CA ILE U 247 -34.69 -23.46 33.03
C ILE U 247 -34.57 -24.30 34.31
N HIS U 248 -34.39 -23.62 35.44
CA HIS U 248 -34.59 -24.10 36.80
C HIS U 248 -35.76 -23.28 37.35
N THR U 249 -36.91 -23.93 37.58
CA THR U 249 -38.14 -23.21 37.87
C THR U 249 -38.28 -22.84 39.35
N ASP U 250 -39.35 -22.09 39.65
CA ASP U 250 -39.59 -21.48 40.96
C ASP U 250 -40.06 -22.55 41.95
N THR U 251 -39.16 -22.93 42.87
CA THR U 251 -39.48 -23.96 43.87
C THR U 251 -40.52 -23.48 44.86
N LEU U 252 -40.45 -22.21 45.27
CA LEU U 252 -41.27 -21.65 46.33
C LEU U 252 -42.70 -21.33 45.90
N ASN U 253 -43.02 -21.47 44.60
CA ASN U 253 -44.32 -21.10 44.00
C ASN U 253 -44.68 -19.64 44.28
N GLU U 254 -43.66 -18.76 44.22
CA GLU U 254 -43.81 -17.40 44.69
C GLU U 254 -44.69 -16.56 43.77
N ALA U 255 -44.47 -16.64 42.47
CA ALA U 255 -45.26 -15.90 41.50
C ALA U 255 -46.34 -16.73 40.83
N GLY U 256 -46.35 -18.04 41.04
CA GLY U 256 -47.30 -18.92 40.39
C GLY U 256 -46.86 -20.36 40.50
N CYS U 257 -47.72 -21.25 40.03
CA CYS U 257 -47.51 -22.69 40.05
C CYS U 257 -46.98 -23.16 38.69
N VAL U 258 -46.95 -24.48 38.50
CA VAL U 258 -46.32 -25.08 37.31
C VAL U 258 -47.10 -24.72 36.04
N GLU U 259 -48.43 -24.64 36.12
CA GLU U 259 -49.22 -24.30 34.95
C GLU U 259 -49.03 -22.84 34.53
N ASP U 260 -48.71 -21.96 35.48
CA ASP U 260 -48.38 -20.57 35.13
C ASP U 260 -47.04 -20.48 34.39
N THR U 261 -46.06 -21.29 34.81
CA THR U 261 -44.79 -21.37 34.09
C THR U 261 -45.00 -21.90 32.67
N MET U 262 -45.82 -22.95 32.53
CA MET U 262 -46.13 -23.49 31.19
C MET U 262 -46.89 -22.48 30.33
N ALA U 263 -47.75 -21.66 30.94
CA ALA U 263 -48.43 -20.60 30.20
C ALA U 263 -47.45 -19.53 29.73
N ALA U 264 -46.44 -19.22 30.55
CA ALA U 264 -45.41 -18.28 30.12
C ALA U 264 -44.56 -18.84 28.98
N ILE U 265 -44.29 -20.15 29.00
CA ILE U 265 -43.52 -20.78 27.94
C ILE U 265 -44.28 -20.74 26.61
N ALA U 266 -45.60 -20.99 26.66
CA ALA U 266 -46.55 -20.80 25.55
C ALA U 266 -46.21 -21.64 24.32
N GLY U 267 -45.87 -22.91 24.54
CA GLY U 267 -45.65 -23.85 23.46
C GLY U 267 -44.29 -23.81 22.80
N ARG U 268 -43.39 -22.94 23.24
CA ARG U 268 -42.07 -22.82 22.62
C ARG U 268 -41.09 -23.84 23.23
N THR U 269 -40.02 -24.13 22.48
CA THR U 269 -39.07 -25.19 22.84
C THR U 269 -38.26 -24.81 24.09
N MET U 270 -38.16 -25.74 25.05
CA MET U 270 -37.48 -25.50 26.31
C MET U 270 -36.81 -26.78 26.81
N HIS U 271 -35.57 -26.65 27.28
CA HIS U 271 -34.81 -27.73 27.93
C HIS U 271 -34.94 -27.55 29.45
N THR U 272 -35.43 -28.58 30.13
CA THR U 272 -35.64 -28.50 31.58
C THR U 272 -34.56 -29.30 32.31
N PHE U 273 -33.85 -28.63 33.21
CA PHE U 273 -32.85 -29.28 34.05
C PHE U 273 -33.51 -29.92 35.27
N HIS U 274 -32.98 -31.08 35.67
CA HIS U 274 -33.37 -31.90 36.86
C HIS U 274 -34.87 -31.94 37.07
N THR U 275 -35.57 -32.49 36.07
CA THR U 275 -37.01 -32.41 35.95
C THR U 275 -37.75 -33.18 37.04
N GLU U 276 -37.07 -34.12 37.72
CA GLU U 276 -37.66 -34.82 38.84
C GLU U 276 -37.95 -33.87 40.00
N GLY U 277 -37.05 -32.92 40.25
CA GLY U 277 -37.30 -31.85 41.20
C GLY U 277 -36.49 -31.87 42.47
N ALA U 278 -35.66 -32.89 42.69
CA ALA U 278 -34.79 -32.89 43.87
C ALA U 278 -33.74 -31.77 43.79
N GLY U 279 -33.26 -31.46 42.59
CA GLY U 279 -32.37 -30.35 42.39
C GLY U 279 -33.02 -28.98 42.33
N GLY U 280 -34.35 -28.90 42.39
CA GLY U 280 -35.06 -27.64 42.31
C GLY U 280 -36.22 -27.67 41.33
N GLY U 281 -37.22 -26.84 41.58
CA GLY U 281 -38.42 -26.81 40.77
C GLY U 281 -39.69 -26.78 41.59
N HIS U 282 -40.83 -26.44 40.96
CA HIS U 282 -42.14 -26.28 41.58
C HIS U 282 -42.51 -27.45 42.48
N ALA U 283 -42.63 -27.20 43.78
CA ALA U 283 -42.99 -28.24 44.74
C ALA U 283 -44.50 -28.43 44.74
N PRO U 284 -45.00 -29.65 44.58
CA PRO U 284 -44.23 -30.88 44.43
C PRO U 284 -44.27 -31.49 43.02
N ASP U 285 -44.75 -30.75 42.02
CA ASP U 285 -45.25 -31.35 40.79
C ASP U 285 -44.55 -30.85 39.52
N ILE U 286 -43.24 -30.57 39.58
CA ILE U 286 -42.52 -30.15 38.38
C ILE U 286 -42.37 -31.31 37.39
N ILE U 287 -42.41 -32.57 37.86
CA ILE U 287 -42.20 -33.75 37.02
C ILE U 287 -43.31 -33.93 35.97
N LYS U 288 -44.45 -33.25 36.11
CA LYS U 288 -45.53 -33.43 35.13
C LYS U 288 -45.22 -32.79 33.77
N VAL U 289 -44.24 -31.89 33.68
CA VAL U 289 -43.93 -31.29 32.39
C VAL U 289 -43.18 -32.22 31.45
N ALA U 290 -42.71 -33.37 31.94
CA ALA U 290 -41.98 -34.32 31.10
C ALA U 290 -42.89 -35.08 30.14
N GLY U 291 -44.20 -34.94 30.24
CA GLY U 291 -45.07 -35.51 29.24
C GLY U 291 -45.40 -34.62 28.05
N GLU U 292 -44.96 -33.37 28.06
CA GLU U 292 -45.38 -32.37 27.08
C GLU U 292 -44.56 -32.45 25.80
N HIS U 293 -45.16 -31.93 24.72
CA HIS U 293 -44.53 -32.03 23.39
C HIS U 293 -43.35 -31.07 23.24
N ASN U 294 -43.44 -29.86 23.78
CA ASN U 294 -42.40 -28.86 23.54
C ASN U 294 -41.27 -28.91 24.57
N ILE U 295 -41.29 -29.84 25.51
CA ILE U 295 -40.29 -29.91 26.58
C ILE U 295 -39.28 -31.01 26.25
N LEU U 296 -37.99 -30.68 26.36
CA LEU U 296 -36.90 -31.66 26.31
C LEU U 296 -36.44 -31.93 27.74
N PRO U 297 -36.84 -33.03 28.37
CA PRO U 297 -36.58 -33.21 29.81
C PRO U 297 -35.30 -33.96 30.12
N ALA U 298 -34.60 -33.49 31.15
CA ALA U 298 -33.33 -34.05 31.58
C ALA U 298 -33.33 -34.34 33.07
N SER U 299 -32.56 -35.34 33.47
CA SER U 299 -32.32 -35.64 34.87
C SER U 299 -30.83 -35.50 35.16
N THR U 300 -30.51 -35.18 36.40
CA THR U 300 -29.13 -35.11 36.85
C THR U 300 -28.77 -36.39 37.59
N ASN U 301 -27.47 -36.73 37.61
CA ASN U 301 -27.04 -38.01 38.14
C ASN U 301 -27.12 -38.34 39.65
N PRO U 302 -27.18 -37.41 40.64
CA PRO U 302 -27.17 -37.90 42.03
C PRO U 302 -28.44 -38.61 42.48
N THR U 303 -29.54 -38.51 41.74
CA THR U 303 -30.75 -39.25 42.07
C THR U 303 -30.90 -40.57 41.32
N ILE U 304 -29.99 -40.88 40.40
CA ILE U 304 -30.06 -42.17 39.70
C ILE U 304 -28.77 -42.96 39.95
N PRO U 305 -28.85 -44.28 40.19
CA PRO U 305 -30.08 -45.03 40.44
C PRO U 305 -30.58 -44.84 41.87
N PHE U 306 -31.84 -45.16 42.12
CA PHE U 306 -32.46 -45.01 43.44
C PHE U 306 -31.95 -46.10 44.36
N THR U 307 -31.23 -45.72 45.42
CA THR U 307 -30.63 -46.64 46.36
C THR U 307 -31.16 -46.40 47.77
N VAL U 308 -30.77 -47.28 48.70
CA VAL U 308 -31.23 -47.17 50.07
C VAL U 308 -30.55 -46.04 50.85
N ASN U 309 -29.48 -45.45 50.33
CA ASN U 309 -28.82 -44.32 50.98
C ASN U 309 -29.20 -42.98 50.36
N THR U 310 -30.08 -42.96 49.36
CA THR U 310 -30.30 -41.75 48.55
C THR U 310 -31.04 -40.67 49.33
N GLU U 311 -32.12 -41.05 50.02
CA GLU U 311 -32.99 -40.09 50.68
C GLU U 311 -32.30 -39.39 51.84
N ALA U 312 -31.60 -40.16 52.68
CA ALA U 312 -30.92 -39.58 53.84
C ALA U 312 -29.78 -38.65 53.41
N GLU U 313 -29.03 -39.05 52.38
CA GLU U 313 -27.95 -38.21 51.85
C GLU U 313 -28.48 -36.90 51.30
N HIS U 314 -29.57 -36.96 50.51
CA HIS U 314 -30.13 -35.73 49.94
C HIS U 314 -30.75 -34.83 51.00
N MET U 315 -31.37 -35.43 52.03
CA MET U 315 -31.93 -34.65 53.13
C MET U 315 -30.84 -33.91 53.90
N ASP U 316 -29.73 -34.59 54.20
CA ASP U 316 -28.65 -33.92 54.92
C ASP U 316 -27.93 -32.90 54.04
N MET U 317 -27.89 -33.10 52.73
CA MET U 317 -27.38 -32.06 51.83
C MET U 317 -28.28 -30.84 51.84
N LEU U 318 -29.60 -31.05 51.88
CA LEU U 318 -30.54 -29.93 51.90
C LEU U 318 -30.44 -29.15 53.21
N MET U 319 -30.22 -29.83 54.34
CA MET U 319 -30.12 -29.13 55.63
C MET U 319 -28.87 -28.26 55.71
N VAL U 320 -27.77 -28.69 55.10
CA VAL U 320 -26.52 -27.92 55.18
C VAL U 320 -26.61 -26.67 54.32
N CYS U 321 -27.04 -26.82 53.06
CA CYS U 321 -26.96 -25.72 52.10
C CYS U 321 -27.95 -24.60 52.40
N HIS U 322 -29.13 -24.94 52.92
CA HIS U 322 -30.12 -23.93 53.29
C HIS U 322 -30.01 -23.46 54.73
N HIS U 323 -29.10 -24.05 55.51
CA HIS U 323 -28.88 -23.75 56.93
C HIS U 323 -30.17 -23.90 57.75
N LEU U 324 -30.84 -25.03 57.55
CA LEU U 324 -32.09 -25.30 58.25
C LEU U 324 -31.83 -25.87 59.64
N ASP U 325 -32.86 -25.83 60.47
CA ASP U 325 -32.81 -26.34 61.83
C ASP U 325 -34.01 -27.24 62.07
N LYS U 326 -33.78 -28.37 62.73
CA LYS U 326 -34.85 -29.33 62.99
C LYS U 326 -35.80 -28.86 64.09
N SER U 327 -35.46 -27.82 64.84
CA SER U 327 -36.33 -27.34 65.91
C SER U 327 -37.39 -26.36 65.43
N ILE U 328 -37.40 -26.00 64.15
CA ILE U 328 -38.34 -25.04 63.58
C ILE U 328 -39.32 -25.80 62.69
N LYS U 329 -40.63 -25.60 62.94
CA LYS U 329 -41.64 -26.36 62.22
C LYS U 329 -41.76 -25.96 60.75
N GLU U 330 -41.27 -24.78 60.37
CA GLU U 330 -41.33 -24.36 58.97
C GLU U 330 -40.17 -24.88 58.14
N ASP U 331 -38.99 -25.05 58.75
CA ASP U 331 -37.88 -25.67 58.05
C ASP U 331 -38.12 -27.15 57.82
N VAL U 332 -38.78 -27.82 58.77
CA VAL U 332 -39.12 -29.23 58.59
C VAL U 332 -40.19 -29.38 57.51
N GLN U 333 -41.19 -28.48 57.49
CA GLN U 333 -42.23 -28.53 56.47
C GLN U 333 -41.67 -28.21 55.09
N PHE U 334 -40.69 -27.30 55.01
CA PHE U 334 -40.03 -27.02 53.74
C PHE U 334 -39.25 -28.23 53.24
N ALA U 335 -38.49 -28.88 54.12
CA ALA U 335 -37.63 -30.00 53.73
C ALA U 335 -38.44 -31.21 53.27
N ASP U 336 -39.55 -31.49 53.94
CA ASP U 336 -40.37 -32.64 53.58
C ASP U 336 -41.13 -32.43 52.27
N SER U 337 -41.33 -31.19 51.84
CA SER U 337 -41.91 -30.94 50.53
C SER U 337 -40.88 -30.93 49.40
N ARG U 338 -39.60 -30.98 49.73
CA ARG U 338 -38.53 -30.87 48.74
C ARG U 338 -38.04 -32.22 48.23
N ILE U 339 -37.78 -33.17 49.13
CA ILE U 339 -37.00 -34.36 48.77
C ILE U 339 -37.86 -35.39 48.04
N ARG U 340 -38.97 -35.82 48.67
CA ARG U 340 -40.02 -36.66 48.07
C ARG U 340 -39.54 -37.97 47.45
N PRO U 341 -39.34 -39.02 48.24
CA PRO U 341 -38.89 -40.32 47.67
C PRO U 341 -39.83 -40.95 46.65
N GLN U 342 -41.10 -40.53 46.60
CA GLN U 342 -42.04 -41.05 45.60
C GLN U 342 -41.65 -40.67 44.17
N THR U 343 -41.37 -39.38 43.93
CA THR U 343 -40.96 -38.94 42.59
C THR U 343 -39.57 -39.44 42.23
N ILE U 344 -38.68 -39.53 43.22
CA ILE U 344 -37.34 -40.08 43.02
C ILE U 344 -37.42 -41.53 42.57
N ALA U 345 -38.31 -42.31 43.20
CA ALA U 345 -38.54 -43.69 42.78
C ALA U 345 -39.16 -43.76 41.39
N ALA U 346 -40.04 -42.80 41.05
CA ALA U 346 -40.67 -42.82 39.73
C ALA U 346 -39.69 -42.50 38.60
N GLU U 347 -38.62 -41.77 38.91
CA GLU U 347 -37.69 -41.25 37.88
C GLU U 347 -36.99 -42.38 37.10
N ASP U 348 -36.56 -43.45 37.79
CA ASP U 348 -35.89 -44.57 37.11
C ASP U 348 -36.80 -45.26 36.10
N THR U 349 -38.05 -45.50 36.49
CA THR U 349 -39.01 -46.15 35.59
C THR U 349 -39.35 -45.23 34.42
N LEU U 350 -39.44 -43.92 34.67
CA LEU U 350 -39.67 -42.99 33.57
C LEU U 350 -38.50 -42.96 32.58
N HIS U 351 -37.26 -43.14 33.09
CA HIS U 351 -36.12 -43.31 32.19
C HIS U 351 -36.24 -44.58 31.36
N ASP U 352 -36.71 -45.67 31.98
CA ASP U 352 -36.82 -46.92 31.23
C ASP U 352 -37.92 -46.90 30.16
N MET U 353 -38.92 -46.03 30.32
CA MET U 353 -40.02 -45.92 29.36
C MET U 353 -39.73 -44.95 28.22
N GLY U 354 -38.61 -44.24 28.24
CA GLY U 354 -38.34 -43.24 27.22
C GLY U 354 -39.05 -41.93 27.41
N ILE U 355 -39.49 -41.61 28.63
CA ILE U 355 -40.14 -40.33 28.92
C ILE U 355 -39.11 -39.26 29.30
N PHE U 356 -38.07 -39.64 30.04
CA PHE U 356 -36.89 -38.79 30.21
C PHE U 356 -35.90 -39.13 29.08
N SER U 357 -35.24 -38.11 28.53
CA SER U 357 -34.45 -38.31 27.32
C SER U 357 -32.97 -37.93 27.43
N ILE U 358 -32.55 -37.22 28.47
CA ILE U 358 -31.18 -36.72 28.60
C ILE U 358 -30.70 -36.95 30.04
N THR U 359 -29.45 -37.39 30.21
CA THR U 359 -28.79 -37.42 31.50
C THR U 359 -27.62 -36.42 31.52
N SER U 360 -27.30 -35.91 32.71
CA SER U 360 -26.29 -34.87 32.87
C SER U 360 -25.73 -34.92 34.30
N SER U 361 -24.83 -33.98 34.61
CA SER U 361 -24.06 -34.04 35.85
C SER U 361 -24.59 -33.13 36.96
N ASP U 362 -24.77 -31.82 36.70
CA ASP U 362 -24.92 -30.74 37.70
C ASP U 362 -23.67 -30.65 38.59
N SER U 363 -22.53 -30.39 37.93
CA SER U 363 -21.20 -30.66 38.49
C SER U 363 -20.84 -29.74 39.65
N GLN U 364 -20.45 -30.34 40.78
CA GLN U 364 -20.07 -29.71 42.05
C GLN U 364 -21.19 -28.82 42.62
N ALA U 365 -22.42 -29.01 42.18
CA ALA U 365 -23.60 -28.28 42.61
C ALA U 365 -24.77 -29.25 42.78
N MET U 366 -24.56 -30.28 43.60
CA MET U 366 -25.37 -31.51 43.70
C MET U 366 -25.29 -32.31 42.40
N GLY U 367 -24.08 -32.81 42.14
CA GLY U 367 -23.84 -33.75 41.07
C GLY U 367 -22.37 -34.06 40.84
N ARG U 368 -22.07 -35.16 40.15
CA ARG U 368 -20.71 -35.70 40.09
C ARG U 368 -20.26 -35.79 38.63
N VAL U 369 -19.26 -34.97 38.27
CA VAL U 369 -18.90 -34.75 36.87
C VAL U 369 -18.23 -35.98 36.24
N GLY U 370 -17.65 -36.87 37.03
CA GLY U 370 -17.03 -38.05 36.45
C GLY U 370 -17.89 -39.30 36.45
N GLU U 371 -19.20 -39.17 36.65
CA GLU U 371 -20.04 -40.34 36.87
C GLU U 371 -21.31 -40.39 36.02
N VAL U 372 -21.44 -39.55 34.99
CA VAL U 372 -22.67 -39.51 34.18
C VAL U 372 -22.89 -40.81 33.42
N ILE U 373 -21.85 -41.28 32.71
CA ILE U 373 -21.94 -42.49 31.92
C ILE U 373 -22.15 -43.72 32.81
N THR U 374 -21.39 -43.79 33.91
CA THR U 374 -21.48 -44.92 34.84
C THR U 374 -22.85 -45.02 35.48
N ARG U 375 -23.43 -43.89 35.92
CA ARG U 375 -24.74 -43.95 36.55
C ARG U 375 -25.85 -44.21 35.54
N THR U 376 -25.67 -43.79 34.28
CA THR U 376 -26.60 -44.18 33.21
C THR U 376 -26.66 -45.69 33.05
N TRP U 377 -25.49 -46.34 32.97
CA TRP U 377 -25.49 -47.79 32.77
C TRP U 377 -25.90 -48.56 34.02
N GLN U 378 -25.63 -48.01 35.21
CA GLN U 378 -26.15 -48.59 36.46
C GLN U 378 -27.67 -48.58 36.49
N THR U 379 -28.28 -47.47 36.03
CA THR U 379 -29.74 -47.40 35.97
C THR U 379 -30.32 -48.39 34.96
N ALA U 380 -29.67 -48.53 33.80
CA ALA U 380 -30.12 -49.52 32.80
C ALA U 380 -30.06 -50.94 33.35
N ASP U 381 -28.98 -51.27 34.07
CA ASP U 381 -28.82 -52.62 34.63
C ASP U 381 -29.85 -52.89 35.74
N LYS U 382 -30.11 -51.90 36.60
CA LYS U 382 -31.12 -52.06 37.66
C LYS U 382 -32.52 -52.24 37.07
N ASN U 383 -32.84 -51.48 36.01
CA ASN U 383 -34.15 -51.63 35.38
C ASN U 383 -34.29 -52.97 34.66
N LYS U 384 -33.20 -53.51 34.08
CA LYS U 384 -33.30 -54.85 33.49
C LYS U 384 -33.50 -55.91 34.57
N LYS U 385 -32.83 -55.76 35.72
CA LYS U 385 -33.01 -56.71 36.82
C LYS U 385 -34.43 -56.65 37.40
N GLU U 386 -35.05 -55.47 37.42
CA GLU U 386 -36.38 -55.35 38.02
C GLU U 386 -37.51 -55.69 37.04
N PHE U 387 -37.49 -55.13 35.83
CA PHE U 387 -38.61 -55.27 34.90
C PHE U 387 -38.37 -56.26 33.77
N GLY U 388 -37.19 -56.88 33.70
CA GLY U 388 -36.91 -57.84 32.66
C GLY U 388 -36.58 -57.21 31.32
N ARG U 389 -36.46 -58.08 30.32
CA ARG U 389 -36.13 -57.67 28.97
C ARG U 389 -37.30 -56.92 28.33
N LEU U 390 -37.00 -55.86 27.59
CA LEU U 390 -38.02 -55.02 26.97
C LEU U 390 -38.78 -55.77 25.89
N LYS U 391 -40.02 -55.37 25.68
CA LYS U 391 -40.87 -56.02 24.68
C LYS U 391 -40.52 -55.61 23.26
N GLU U 392 -39.74 -54.53 23.07
CA GLU U 392 -39.34 -54.10 21.74
C GLU U 392 -38.11 -54.84 21.22
N GLU U 393 -37.54 -55.76 22.00
CA GLU U 393 -36.34 -56.45 21.57
C GLU U 393 -36.63 -57.47 20.48
N LYS U 394 -35.67 -57.62 19.58
CA LYS U 394 -35.71 -58.60 18.49
C LYS U 394 -34.55 -59.57 18.71
N GLY U 395 -34.86 -60.76 19.20
CA GLY U 395 -33.84 -61.74 19.47
C GLY U 395 -33.45 -61.77 20.94
N ASP U 396 -32.49 -62.65 21.23
CA ASP U 396 -32.05 -62.90 22.61
C ASP U 396 -30.88 -61.98 22.95
N ASN U 397 -31.19 -60.68 23.00
CA ASN U 397 -30.20 -59.66 23.32
C ASN U 397 -30.91 -58.45 23.92
N ASP U 398 -30.12 -57.43 24.23
CA ASP U 398 -30.63 -56.19 24.84
C ASP U 398 -30.31 -54.97 24.00
N ASN U 399 -30.32 -55.10 22.66
CA ASN U 399 -29.82 -54.05 21.77
C ASN U 399 -30.68 -52.79 21.81
N PHE U 400 -32.01 -52.95 21.91
CA PHE U 400 -32.91 -51.78 21.97
C PHE U 400 -32.69 -50.96 23.24
N ARG U 401 -32.55 -51.64 24.39
CA ARG U 401 -32.30 -50.93 25.64
C ARG U 401 -30.93 -50.25 25.64
N ILE U 402 -29.94 -50.89 25.01
CA ILE U 402 -28.60 -50.34 24.89
C ILE U 402 -28.62 -49.05 24.06
N LYS U 403 -29.34 -49.06 22.93
CA LYS U 403 -29.47 -47.85 22.11
C LYS U 403 -30.24 -46.75 22.84
N ARG U 404 -31.31 -47.12 23.56
CA ARG U 404 -32.11 -46.14 24.30
C ARG U 404 -31.29 -45.43 25.37
N TYR U 405 -30.50 -46.18 26.14
CA TYR U 405 -29.71 -45.53 27.18
C TYR U 405 -28.46 -44.84 26.64
N LEU U 406 -27.87 -45.34 25.55
CA LEU U 406 -26.72 -44.67 24.96
C LEU U 406 -27.09 -43.32 24.35
N SER U 407 -28.30 -43.21 23.80
CA SER U 407 -28.76 -41.94 23.23
C SER U 407 -28.90 -40.82 24.26
N LYS U 408 -29.04 -41.14 25.54
CA LYS U 408 -29.28 -40.14 26.58
C LYS U 408 -28.08 -39.23 26.81
N TYR U 409 -26.86 -39.71 26.58
CA TYR U 409 -25.69 -38.85 26.75
C TYR U 409 -24.89 -38.61 25.49
N THR U 410 -25.32 -39.10 24.32
CA THR U 410 -24.58 -38.80 23.09
C THR U 410 -25.39 -37.98 22.09
N ILE U 411 -26.46 -38.51 21.52
CA ILE U 411 -27.07 -37.84 20.37
C ILE U 411 -28.16 -36.86 20.81
N ASN U 412 -28.92 -37.17 21.86
CA ASN U 412 -30.00 -36.30 22.29
C ASN U 412 -29.54 -34.94 22.85
N PRO U 413 -28.53 -34.83 23.73
CA PRO U 413 -28.04 -33.47 24.09
C PRO U 413 -27.44 -32.69 22.92
N ALA U 414 -26.81 -33.39 21.97
CA ALA U 414 -26.27 -32.73 20.77
C ALA U 414 -27.39 -32.13 19.92
N ILE U 415 -28.50 -32.85 19.76
CA ILE U 415 -29.67 -32.31 19.06
C ILE U 415 -30.25 -31.13 19.84
N ALA U 416 -30.34 -31.26 21.16
CA ALA U 416 -30.97 -30.22 21.99
C ALA U 416 -30.20 -28.91 21.94
N HIS U 417 -28.87 -28.95 21.85
CA HIS U 417 -28.13 -27.70 21.80
C HIS U 417 -27.61 -27.36 20.41
N GLY U 418 -28.13 -28.01 19.38
CA GLY U 418 -27.87 -27.65 18.00
C GLY U 418 -26.45 -27.87 17.49
N ILE U 419 -25.80 -28.93 17.92
CA ILE U 419 -24.45 -29.27 17.48
C ILE U 419 -24.39 -30.67 16.86
N SER U 420 -25.54 -31.24 16.51
CA SER U 420 -25.58 -32.62 16.01
C SER U 420 -25.05 -32.76 14.60
N GLU U 421 -24.81 -31.67 13.87
CA GLU U 421 -24.11 -31.81 12.60
C GLU U 421 -22.62 -32.04 12.77
N TYR U 422 -22.07 -31.77 13.96
CA TYR U 422 -20.64 -31.91 14.22
C TYR U 422 -20.29 -33.14 15.06
N VAL U 423 -20.98 -33.36 16.18
CA VAL U 423 -20.63 -34.39 17.15
C VAL U 423 -21.86 -35.20 17.51
N GLY U 424 -21.67 -36.22 18.34
CA GLY U 424 -22.77 -36.98 18.91
C GLY U 424 -22.91 -38.42 18.43
N SER U 425 -22.26 -38.81 17.33
CA SER U 425 -22.41 -40.17 16.81
C SER U 425 -21.24 -40.52 15.90
N VAL U 426 -21.14 -41.80 15.56
CA VAL U 426 -20.08 -42.32 14.69
C VAL U 426 -20.67 -42.38 13.29
N GLU U 427 -20.53 -41.29 12.53
CA GLU U 427 -21.04 -41.22 11.16
C GLU U 427 -20.04 -40.50 10.27
N VAL U 428 -20.11 -40.80 8.96
CA VAL U 428 -19.22 -40.20 7.98
C VAL U 428 -19.50 -38.70 7.86
N GLY U 429 -18.45 -37.89 7.95
CA GLY U 429 -18.57 -36.45 7.85
C GLY U 429 -18.56 -35.72 9.18
N LYS U 430 -18.65 -36.43 10.30
CA LYS U 430 -18.63 -35.77 11.60
C LYS U 430 -17.21 -35.66 12.15
N VAL U 431 -17.07 -34.85 13.21
CA VAL U 431 -15.80 -34.69 13.91
C VAL U 431 -15.41 -36.00 14.58
N ALA U 432 -14.14 -36.39 14.44
CA ALA U 432 -13.65 -37.65 14.99
C ALA U 432 -13.28 -37.47 16.47
N ASP U 433 -14.32 -37.44 17.32
CA ASP U 433 -14.18 -37.51 18.78
C ASP U 433 -14.66 -38.90 19.22
N LEU U 434 -13.73 -39.82 19.45
CA LEU U 434 -14.06 -41.23 19.65
C LEU U 434 -13.42 -41.77 20.93
N VAL U 435 -14.06 -42.77 21.52
CA VAL U 435 -13.61 -43.41 22.75
C VAL U 435 -13.50 -44.92 22.53
N LEU U 436 -12.36 -45.50 22.92
CA LEU U 436 -12.10 -46.94 22.83
C LEU U 436 -12.28 -47.59 24.20
N TRP U 437 -13.09 -48.65 24.26
CA TRP U 437 -13.36 -49.37 25.49
C TRP U 437 -13.01 -50.85 25.35
N SER U 438 -12.43 -51.42 26.40
CA SER U 438 -12.43 -52.87 26.59
C SER U 438 -13.78 -53.31 27.15
N PRO U 439 -14.37 -54.40 26.64
CA PRO U 439 -15.72 -54.80 27.08
C PRO U 439 -15.82 -55.15 28.56
N ALA U 440 -14.74 -55.64 29.19
CA ALA U 440 -14.77 -55.89 30.62
C ALA U 440 -14.86 -54.60 31.43
N PHE U 441 -14.36 -53.49 30.88
CA PHE U 441 -14.37 -52.20 31.56
C PHE U 441 -15.35 -51.20 30.94
N PHE U 442 -16.34 -51.68 30.19
CA PHE U 442 -17.26 -50.78 29.48
C PHE U 442 -18.11 -49.99 30.46
N GLY U 443 -18.17 -48.68 30.26
CA GLY U 443 -18.98 -47.81 31.06
C GLY U 443 -18.31 -47.20 32.27
N VAL U 444 -17.10 -47.65 32.62
CA VAL U 444 -16.45 -47.10 33.81
C VAL U 444 -15.05 -46.57 33.52
N LYS U 445 -14.22 -47.33 32.79
CA LYS U 445 -12.83 -46.90 32.55
C LYS U 445 -12.41 -47.17 31.11
N PRO U 446 -12.25 -46.14 30.29
CA PRO U 446 -11.89 -46.35 28.87
C PRO U 446 -10.40 -46.60 28.68
N ASN U 447 -10.06 -47.04 27.47
CA ASN U 447 -8.66 -47.26 27.10
C ASN U 447 -7.99 -45.98 26.60
N MET U 448 -8.59 -45.30 25.63
CA MET U 448 -8.00 -44.08 25.08
C MET U 448 -9.07 -43.19 24.48
N ILE U 449 -8.74 -41.91 24.33
CA ILE U 449 -9.62 -40.89 23.76
C ILE U 449 -8.94 -40.32 22.51
N ILE U 450 -9.67 -40.30 21.41
CA ILE U 450 -9.23 -39.65 20.18
C ILE U 450 -9.98 -38.34 20.04
N LYS U 451 -9.25 -37.23 19.93
CA LYS U 451 -9.83 -35.89 19.91
C LYS U 451 -9.41 -35.19 18.63
N GLY U 452 -10.40 -34.87 17.79
CA GLY U 452 -10.13 -34.19 16.53
C GLY U 452 -9.28 -34.97 15.56
N GLY U 453 -9.32 -36.30 15.62
CA GLY U 453 -8.52 -37.13 14.74
C GLY U 453 -7.13 -37.48 15.24
N PHE U 454 -6.77 -37.14 16.48
CA PHE U 454 -5.45 -37.46 17.02
C PHE U 454 -5.61 -37.85 18.49
N ILE U 455 -4.72 -38.72 18.98
CA ILE U 455 -4.88 -39.28 20.31
C ILE U 455 -4.52 -38.24 21.37
N ALA U 456 -5.45 -38.02 22.31
CA ALA U 456 -5.29 -36.99 23.34
C ALA U 456 -5.09 -37.53 24.75
N LEU U 457 -5.55 -38.73 25.05
CA LEU U 457 -5.44 -39.29 26.39
C LEU U 457 -5.43 -40.81 26.30
N SER U 458 -4.67 -41.48 27.17
CA SER U 458 -4.65 -42.93 27.20
C SER U 458 -4.17 -43.42 28.56
N GLN U 459 -4.52 -44.66 28.87
CA GLN U 459 -3.84 -45.38 29.94
C GLN U 459 -2.39 -45.60 29.54
N MET U 460 -1.49 -45.43 30.51
CA MET U 460 -0.06 -45.46 30.19
C MET U 460 0.74 -45.84 31.43
N GLY U 461 1.67 -46.77 31.27
CA GLY U 461 2.57 -47.17 32.33
C GLY U 461 3.73 -46.21 32.49
N ASP U 462 4.69 -46.63 33.30
CA ASP U 462 5.80 -45.75 33.68
C ASP U 462 6.73 -45.47 32.50
N ALA U 463 7.25 -44.25 32.47
CA ALA U 463 7.92 -43.72 31.29
C ALA U 463 9.30 -44.36 31.06
N ASN U 464 9.94 -44.86 32.11
CA ASN U 464 11.26 -45.46 31.98
C ASN U 464 11.18 -46.93 31.54
N ALA U 465 10.00 -47.52 31.44
CA ALA U 465 9.87 -48.95 31.21
C ALA U 465 10.15 -49.33 29.75
N SER U 466 10.37 -50.64 29.55
CA SER U 466 10.65 -51.19 28.23
C SER U 466 9.40 -51.42 27.38
N ILE U 467 8.22 -51.34 27.96
CA ILE U 467 6.94 -51.42 27.24
C ILE U 467 5.95 -50.50 27.93
N PRO U 468 4.86 -50.09 27.24
CA PRO U 468 3.91 -49.17 27.90
C PRO U 468 2.99 -49.80 28.95
N THR U 469 2.95 -51.12 29.09
CA THR U 469 2.09 -51.82 30.03
C THR U 469 2.45 -51.91 31.53
N PRO U 470 3.70 -52.03 31.99
CA PRO U 470 3.93 -52.28 33.42
C PRO U 470 3.59 -51.11 34.35
N GLN U 471 3.40 -51.49 35.62
CA GLN U 471 2.78 -50.63 36.63
C GLN U 471 3.74 -49.53 37.08
N PRO U 472 3.20 -48.37 37.54
CA PRO U 472 1.78 -47.97 37.68
C PRO U 472 1.16 -47.45 36.38
N VAL U 473 -0.08 -47.87 36.12
CA VAL U 473 -0.84 -47.47 34.95
C VAL U 473 -1.90 -46.48 35.40
N TYR U 474 -1.87 -45.26 34.85
CA TYR U 474 -2.95 -44.29 35.06
C TYR U 474 -3.08 -43.43 33.81
N TYR U 475 -4.09 -42.56 33.81
CA TYR U 475 -4.41 -41.75 32.63
C TYR U 475 -3.45 -40.56 32.50
N ARG U 476 -2.81 -40.45 31.35
CA ARG U 476 -1.82 -39.40 31.08
C ARG U 476 -2.14 -38.69 29.77
N GLU U 477 -1.75 -37.41 29.71
CA GLU U 477 -1.95 -36.59 28.51
C GLU U 477 -1.05 -37.07 27.36
N MET U 478 -1.62 -37.11 26.16
CA MET U 478 -0.91 -37.50 24.95
C MET U 478 -0.61 -36.25 24.10
N PHE U 479 -0.13 -36.44 22.86
CA PHE U 479 0.46 -35.34 22.10
C PHE U 479 -0.58 -34.33 21.60
N ALA U 480 -1.83 -34.74 21.42
CA ALA U 480 -2.87 -33.79 21.02
C ALA U 480 -3.27 -32.81 22.14
N HIS U 481 -2.85 -33.08 23.37
CA HIS U 481 -3.09 -32.24 24.54
C HIS U 481 -2.14 -31.04 24.64
N HIS U 482 -1.09 -30.97 23.81
CA HIS U 482 0.06 -30.11 24.08
C HIS U 482 0.36 -29.17 22.90
N GLY U 483 1.07 -28.09 23.22
CA GLY U 483 1.64 -27.21 22.19
C GLY U 483 0.57 -26.46 21.42
N LYS U 484 0.83 -26.26 20.14
CA LYS U 484 -0.17 -25.69 19.23
C LYS U 484 -1.06 -26.74 18.59
N ALA U 485 -0.80 -28.02 18.84
CA ALA U 485 -1.66 -29.09 18.33
C ALA U 485 -3.05 -29.06 18.98
N LYS U 486 -3.13 -28.64 20.25
CA LYS U 486 -4.42 -28.60 20.93
C LYS U 486 -5.37 -27.54 20.34
N TYR U 487 -4.83 -26.52 19.67
CA TYR U 487 -5.68 -25.55 18.98
C TYR U 487 -6.40 -26.19 17.80
N ASP U 488 -5.73 -27.10 17.08
CA ASP U 488 -6.33 -27.73 15.92
C ASP U 488 -7.29 -28.86 16.27
N ALA U 489 -7.25 -29.36 17.50
CA ALA U 489 -8.03 -30.53 17.87
C ALA U 489 -9.29 -30.20 18.68
N ASN U 490 -9.56 -28.94 18.97
CA ASN U 490 -10.66 -28.57 19.87
C ASN U 490 -11.54 -27.48 19.26
N ILE U 491 -12.79 -27.43 19.71
CA ILE U 491 -13.82 -26.55 19.14
C ILE U 491 -14.42 -25.70 20.26
N THR U 492 -14.57 -24.40 20.00
CA THR U 492 -15.40 -23.53 20.82
C THR U 492 -16.68 -23.19 20.04
N PHE U 493 -17.83 -23.56 20.60
CA PHE U 493 -19.11 -23.27 19.97
C PHE U 493 -19.62 -21.90 20.37
N VAL U 494 -20.15 -21.15 19.39
CA VAL U 494 -20.74 -19.81 19.61
C VAL U 494 -22.05 -19.71 18.84
N SER U 495 -22.74 -18.59 19.00
CA SER U 495 -23.95 -18.33 18.23
C SER U 495 -23.58 -17.93 16.79
N GLN U 496 -24.57 -18.05 15.90
CA GLN U 496 -24.38 -17.68 14.50
C GLN U 496 -24.12 -16.17 14.35
N ALA U 497 -24.81 -15.36 15.16
CA ALA U 497 -24.62 -13.91 15.11
C ALA U 497 -23.22 -13.50 15.55
N ALA U 498 -22.69 -14.14 16.59
CA ALA U 498 -21.32 -13.82 17.02
C ALA U 498 -20.30 -14.31 16.01
N TYR U 499 -20.57 -15.45 15.37
CA TYR U 499 -19.69 -15.99 14.33
C TYR U 499 -19.63 -15.05 13.13
N ASP U 500 -20.79 -14.49 12.72
CA ASP U 500 -20.82 -13.61 11.56
C ASP U 500 -20.17 -12.26 11.83
N LYS U 501 -20.16 -11.79 13.07
CA LYS U 501 -19.50 -10.52 13.38
C LYS U 501 -18.00 -10.69 13.63
N GLY U 502 -17.46 -11.88 13.47
CA GLY U 502 -16.04 -12.12 13.60
C GLY U 502 -15.51 -12.17 15.02
N ILE U 503 -16.12 -12.97 15.88
CA ILE U 503 -15.70 -13.06 17.28
C ILE U 503 -14.34 -13.73 17.41
N LYS U 504 -13.99 -14.65 16.50
CA LYS U 504 -12.70 -15.35 16.55
C LYS U 504 -11.53 -14.38 16.38
N GLU U 505 -11.65 -13.48 15.42
CA GLU U 505 -10.60 -12.51 15.17
C GLU U 505 -10.58 -11.39 16.21
N GLU U 506 -11.76 -11.00 16.71
CA GLU U 506 -11.83 -9.90 17.69
C GLU U 506 -11.19 -10.28 19.02
N LEU U 507 -11.41 -11.50 19.49
CA LEU U 507 -10.84 -11.94 20.76
C LEU U 507 -9.51 -12.68 20.61
N GLY U 508 -9.02 -12.85 19.39
CA GLY U 508 -7.76 -13.54 19.16
C GLY U 508 -7.73 -15.01 19.51
N LEU U 509 -8.82 -15.74 19.24
CA LEU U 509 -8.89 -17.15 19.58
C LEU U 509 -8.18 -17.99 18.51
N GLU U 510 -7.46 -19.02 18.95
CA GLU U 510 -6.76 -19.92 18.05
C GLU U 510 -7.43 -21.27 17.86
N ARG U 511 -8.41 -21.62 18.70
CA ARG U 511 -9.19 -22.84 18.53
C ARG U 511 -10.12 -22.71 17.31
N GLN U 512 -10.65 -23.84 16.86
CA GLN U 512 -11.75 -23.82 15.88
C GLN U 512 -12.99 -23.21 16.50
N VAL U 513 -13.68 -22.36 15.75
CA VAL U 513 -14.90 -21.70 16.21
C VAL U 513 -16.02 -22.02 15.22
N LEU U 514 -17.11 -22.62 15.72
CA LEU U 514 -18.22 -23.07 14.90
C LEU U 514 -19.56 -22.62 15.48
N PRO U 515 -20.55 -22.33 14.64
CA PRO U 515 -21.86 -21.90 15.13
C PRO U 515 -22.85 -23.03 15.38
N VAL U 516 -23.71 -22.82 16.38
CA VAL U 516 -24.84 -23.71 16.62
C VAL U 516 -26.01 -23.32 15.72
N LYS U 517 -26.89 -24.29 15.44
CA LYS U 517 -28.01 -24.06 14.54
C LYS U 517 -29.12 -25.09 14.77
N ASN U 518 -30.32 -24.74 14.29
CA ASN U 518 -31.54 -25.57 14.37
C ASN U 518 -31.93 -25.88 15.82
N CYS U 519 -32.00 -24.83 16.64
CA CYS U 519 -32.36 -25.00 18.05
C CYS U 519 -33.85 -24.80 18.33
N ARG U 520 -34.58 -24.10 17.47
CA ARG U 520 -35.93 -23.66 17.79
C ARG U 520 -37.03 -24.52 17.18
N ASN U 521 -36.73 -25.37 16.20
CA ASN U 521 -37.75 -26.15 15.51
C ASN U 521 -37.72 -27.62 15.90
N ILE U 522 -37.33 -27.93 17.12
CA ILE U 522 -37.26 -29.31 17.59
C ILE U 522 -38.22 -29.49 18.76
N THR U 523 -38.79 -30.69 18.86
CA THR U 523 -39.67 -31.04 19.98
C THR U 523 -39.22 -32.37 20.61
N LYS U 524 -40.07 -32.91 21.49
CA LYS U 524 -39.82 -34.21 22.11
C LYS U 524 -39.71 -35.34 21.08
N LYS U 525 -40.41 -35.21 19.95
CA LYS U 525 -40.37 -36.21 18.89
C LYS U 525 -39.03 -36.27 18.16
N ASP U 526 -38.14 -35.30 18.35
CA ASP U 526 -36.83 -35.34 17.74
C ASP U 526 -35.79 -36.09 18.57
N MET U 527 -36.13 -36.53 19.78
CA MET U 527 -35.20 -37.27 20.61
C MET U 527 -35.15 -38.74 20.18
N GLN U 528 -33.96 -39.24 19.89
CA GLN U 528 -33.79 -40.61 19.41
C GLN U 528 -34.03 -41.62 20.52
N PHE U 529 -34.94 -42.57 20.26
CA PHE U 529 -35.33 -43.69 21.14
C PHE U 529 -35.97 -43.28 22.46
N ASN U 530 -36.12 -41.97 22.73
CA ASN U 530 -36.80 -41.51 23.94
C ASN U 530 -37.74 -40.37 23.52
N ASP U 531 -38.88 -40.74 22.97
CA ASP U 531 -39.77 -39.74 22.37
C ASP U 531 -41.21 -39.90 22.84
N THR U 532 -41.42 -40.55 23.98
CA THR U 532 -42.74 -40.81 24.51
C THR U 532 -43.36 -39.54 25.09
N THR U 533 -44.60 -39.27 24.70
CA THR U 533 -45.43 -38.25 25.35
C THR U 533 -46.59 -38.95 26.06
N ALA U 534 -47.01 -38.36 27.18
CA ALA U 534 -48.07 -38.93 27.99
C ALA U 534 -48.67 -37.84 28.87
N HIS U 535 -49.76 -38.20 29.54
CA HIS U 535 -50.40 -37.32 30.52
C HIS U 535 -49.98 -37.76 31.91
N ILE U 536 -49.35 -36.84 32.67
CA ILE U 536 -48.74 -37.17 33.95
C ILE U 536 -49.43 -36.36 35.05
N GLU U 537 -49.82 -37.03 36.12
CA GLU U 537 -50.47 -36.40 37.26
C GLU U 537 -49.73 -36.74 38.55
N VAL U 538 -49.66 -35.77 39.45
CA VAL U 538 -49.05 -35.94 40.77
C VAL U 538 -50.10 -35.62 41.82
N ASN U 539 -50.28 -36.52 42.77
CA ASN U 539 -51.21 -36.30 43.87
C ASN U 539 -50.69 -35.21 44.78
N PRO U 540 -51.47 -34.17 45.09
CA PRO U 540 -50.97 -33.06 45.92
C PRO U 540 -50.70 -33.42 47.37
N GLU U 541 -51.19 -34.55 47.86
CA GLU U 541 -51.03 -34.93 49.26
C GLU U 541 -50.05 -36.08 49.47
N THR U 542 -50.20 -37.18 48.74
CA THR U 542 -49.33 -38.33 48.91
C THR U 542 -48.12 -38.34 47.99
N TYR U 543 -48.07 -37.42 47.02
CA TYR U 543 -47.01 -37.26 46.02
C TYR U 543 -46.84 -38.48 45.11
N HIS U 544 -47.87 -39.30 44.94
CA HIS U 544 -47.78 -40.42 44.01
C HIS U 544 -47.87 -39.92 42.56
N VAL U 545 -47.23 -40.65 41.66
CA VAL U 545 -47.08 -40.27 40.26
C VAL U 545 -47.86 -41.24 39.39
N PHE U 546 -48.70 -40.70 38.50
CA PHE U 546 -49.51 -41.50 37.59
C PHE U 546 -49.20 -41.12 36.15
N VAL U 547 -49.06 -42.13 35.29
CA VAL U 547 -48.83 -41.96 33.86
C VAL U 547 -49.99 -42.61 33.11
N ASP U 548 -50.82 -41.79 32.49
CA ASP U 548 -52.06 -42.20 31.79
C ASP U 548 -52.97 -43.05 32.69
N GLY U 549 -53.07 -42.64 33.96
CA GLY U 549 -53.87 -43.32 34.95
C GLY U 549 -53.15 -44.38 35.77
N LYS U 550 -52.08 -44.96 35.24
CA LYS U 550 -51.38 -46.04 35.92
C LYS U 550 -50.29 -45.50 36.84
N GLU U 551 -50.21 -46.07 38.04
CA GLU U 551 -49.17 -45.67 38.99
C GLU U 551 -47.80 -46.18 38.55
N VAL U 552 -46.78 -45.35 38.75
CA VAL U 552 -45.43 -45.64 38.28
C VAL U 552 -44.48 -45.47 39.47
N THR U 553 -43.69 -46.50 39.77
CA THR U 553 -42.75 -46.47 40.87
C THR U 553 -41.67 -47.52 40.63
N SER U 554 -40.71 -47.60 41.55
CA SER U 554 -39.69 -48.64 41.54
C SER U 554 -39.19 -48.85 42.96
N LYS U 555 -38.34 -49.86 43.13
CA LYS U 555 -37.78 -50.25 44.42
C LYS U 555 -36.34 -49.78 44.57
N PRO U 556 -35.91 -49.38 45.77
CA PRO U 556 -34.50 -49.03 45.95
C PRO U 556 -33.59 -50.25 45.91
N ALA U 557 -32.34 -50.03 45.56
CA ALA U 557 -31.35 -51.08 45.41
C ALA U 557 -30.31 -51.00 46.53
N ASN U 558 -29.88 -52.16 47.02
CA ASN U 558 -28.81 -52.20 48.01
C ASN U 558 -27.43 -52.44 47.40
N LYS U 559 -27.34 -52.70 46.09
CA LYS U 559 -26.08 -52.98 45.45
C LYS U 559 -26.19 -52.62 43.97
N VAL U 560 -25.14 -52.00 43.43
CA VAL U 560 -25.11 -51.64 42.01
C VAL U 560 -23.88 -52.26 41.37
N SER U 561 -23.94 -52.42 40.05
CA SER U 561 -22.78 -52.84 39.30
C SER U 561 -21.88 -51.64 39.00
N LEU U 562 -20.68 -51.95 38.47
CA LEU U 562 -19.69 -50.97 38.04
C LEU U 562 -19.23 -50.03 39.16
N ALA U 563 -19.23 -50.47 40.42
CA ALA U 563 -18.79 -49.58 41.49
C ALA U 563 -17.58 -50.09 42.27
N GLN U 564 -17.72 -51.11 43.11
CA GLN U 564 -16.64 -51.44 44.02
C GLN U 564 -15.64 -52.42 43.42
N LEU U 565 -16.01 -53.10 42.35
CA LEU U 565 -15.10 -54.00 41.65
C LEU U 565 -13.97 -53.25 40.94
N PHE U 566 -14.18 -51.98 40.60
CA PHE U 566 -13.30 -51.28 39.66
C PHE U 566 -12.47 -50.17 40.27
N SER U 567 -12.79 -49.69 41.48
CA SER U 567 -12.17 -48.49 42.01
C SER U 567 -11.64 -48.73 43.42
N ILE U 568 -10.45 -48.21 43.70
CA ILE U 568 -9.89 -48.32 45.04
C ILE U 568 -10.50 -47.30 45.99
N PHE U 569 -11.08 -46.22 45.47
CA PHE U 569 -11.80 -45.25 46.28
C PHE U 569 -13.06 -44.79 45.57
N MET V 1 -42.41 37.13 -46.28
CA MET V 1 -43.60 36.31 -46.06
C MET V 1 -44.06 35.63 -47.33
N LYS V 2 -44.54 34.39 -47.19
CA LYS V 2 -45.12 33.64 -48.30
C LYS V 2 -46.27 32.81 -47.79
N LYS V 3 -47.17 32.44 -48.70
CA LYS V 3 -48.28 31.54 -48.40
C LYS V 3 -47.96 30.15 -48.96
N ILE V 4 -48.16 29.14 -48.13
CA ILE V 4 -47.99 27.74 -48.50
C ILE V 4 -49.29 27.02 -48.19
N SER V 5 -49.77 26.21 -49.13
CA SER V 5 -51.00 25.46 -48.90
C SER V 5 -50.79 24.39 -47.84
N ARG V 6 -51.89 24.03 -47.17
CA ARG V 6 -51.82 23.13 -46.02
C ARG V 6 -51.37 21.73 -46.42
N LYS V 7 -51.79 21.28 -47.60
CA LYS V 7 -51.50 19.92 -48.06
C LYS V 7 -49.99 19.71 -48.29
N GLU V 8 -49.35 20.68 -48.96
CA GLU V 8 -47.92 20.51 -49.20
C GLU V 8 -47.07 20.78 -47.96
N TYR V 9 -47.55 21.65 -47.05
CA TYR V 9 -46.89 21.80 -45.75
C TYR V 9 -46.90 20.48 -44.99
N VAL V 10 -48.05 19.79 -44.95
CA VAL V 10 -48.16 18.55 -44.22
C VAL V 10 -47.34 17.44 -44.89
N SER V 11 -47.30 17.45 -46.23
CA SER V 11 -46.45 16.49 -46.94
C SER V 11 -44.97 16.71 -46.67
N MET V 12 -44.56 17.96 -46.40
CA MET V 12 -43.16 18.18 -46.07
C MET V 12 -42.82 17.99 -44.59
N TYR V 13 -43.69 18.38 -43.66
CA TYR V 13 -43.32 18.45 -42.25
C TYR V 13 -44.25 17.69 -41.31
N GLY V 14 -45.30 17.04 -41.80
CA GLY V 14 -46.25 16.39 -40.93
C GLY V 14 -47.36 17.33 -40.49
N PRO V 15 -48.36 16.80 -39.78
CA PRO V 15 -49.51 17.62 -39.40
C PRO V 15 -49.16 18.68 -38.36
N THR V 16 -49.94 19.77 -38.37
CA THR V 16 -49.74 20.86 -37.43
C THR V 16 -51.05 21.16 -36.70
N THR V 17 -51.11 22.29 -35.99
CA THR V 17 -52.19 22.60 -35.05
C THR V 17 -53.56 22.62 -35.74
N GLY V 18 -54.48 21.82 -35.21
CA GLY V 18 -55.81 21.68 -35.76
C GLY V 18 -56.01 20.49 -36.68
N ASP V 19 -54.93 19.95 -37.24
CA ASP V 19 -55.04 18.79 -38.12
C ASP V 19 -55.33 17.52 -37.31
N LYS V 20 -55.90 16.52 -37.98
CA LYS V 20 -56.33 15.29 -37.33
C LYS V 20 -55.77 14.07 -38.06
N VAL V 21 -55.59 12.97 -37.30
CA VAL V 21 -55.08 11.71 -37.85
C VAL V 21 -55.84 10.53 -37.24
N ARG V 22 -56.19 9.56 -38.09
CA ARG V 22 -56.78 8.29 -37.64
C ARG V 22 -55.69 7.36 -37.13
N LEU V 23 -55.93 6.72 -35.98
CA LEU V 23 -54.97 5.78 -35.40
C LEU V 23 -55.25 4.38 -35.94
N GLY V 24 -54.35 3.87 -36.77
CA GLY V 24 -54.47 2.53 -37.32
C GLY V 24 -55.69 2.40 -38.22
N ASP V 25 -56.32 1.23 -38.16
CA ASP V 25 -57.60 1.01 -38.82
C ASP V 25 -58.78 1.14 -37.87
N THR V 26 -58.59 1.79 -36.72
CA THR V 26 -59.66 2.02 -35.76
C THR V 26 -60.50 3.24 -36.16
N ASP V 27 -61.44 3.60 -35.29
CA ASP V 27 -62.26 4.80 -35.45
C ASP V 27 -61.85 5.91 -34.48
N LEU V 28 -60.63 5.85 -33.95
CA LEU V 28 -60.15 6.85 -33.00
C LEU V 28 -59.39 7.94 -33.75
N ILE V 29 -59.77 9.19 -33.52
CA ILE V 29 -59.23 10.35 -34.23
C ILE V 29 -58.50 11.24 -33.23
N ALA V 30 -57.20 11.43 -33.46
CA ALA V 30 -56.38 12.29 -32.63
C ALA V 30 -56.18 13.65 -33.29
N GLU V 31 -56.11 14.70 -32.48
CA GLU V 31 -55.96 16.06 -32.98
C GLU V 31 -54.74 16.73 -32.35
N VAL V 32 -53.98 17.45 -33.16
CA VAL V 32 -52.79 18.16 -32.70
C VAL V 32 -53.22 19.38 -31.89
N GLU V 33 -52.78 19.45 -30.63
CA GLU V 33 -53.20 20.51 -29.72
C GLU V 33 -52.30 21.75 -29.79
N HIS V 34 -51.02 21.60 -30.12
CA HIS V 34 -50.05 22.69 -30.04
C HIS V 34 -48.83 22.33 -30.89
N ASP V 35 -48.12 23.35 -31.36
CA ASP V 35 -46.90 23.17 -32.15
C ASP V 35 -45.82 24.14 -31.65
N TYR V 36 -44.61 23.64 -31.44
CA TYR V 36 -43.50 24.45 -30.96
C TYR V 36 -42.66 25.08 -32.07
N THR V 37 -42.92 24.77 -33.33
CA THR V 37 -42.05 25.24 -34.39
C THR V 37 -42.33 26.71 -34.73
N ILE V 38 -41.35 27.32 -35.42
CA ILE V 38 -41.51 28.62 -36.05
C ILE V 38 -41.60 28.39 -37.54
N TYR V 39 -42.70 28.87 -38.15
CA TYR V 39 -42.99 28.58 -39.56
C TYR V 39 -41.95 29.23 -40.47
N GLY V 40 -41.33 28.41 -41.31
CA GLY V 40 -40.23 28.84 -42.14
C GLY V 40 -38.85 28.48 -41.63
N GLU V 41 -38.75 27.95 -40.41
CA GLU V 41 -37.46 27.58 -39.84
C GLU V 41 -37.42 26.10 -39.45
N GLU V 42 -38.09 25.25 -40.21
CA GLU V 42 -38.19 23.83 -39.89
C GLU V 42 -36.86 23.11 -40.19
N LEU V 43 -36.60 22.05 -39.43
CA LEU V 43 -35.40 21.24 -39.62
C LEU V 43 -35.67 20.11 -40.61
N LYS V 44 -34.84 20.01 -41.64
CA LYS V 44 -34.91 18.95 -42.64
C LYS V 44 -33.49 18.47 -42.95
N PHE V 45 -33.32 17.16 -43.10
CA PHE V 45 -32.02 16.57 -43.40
C PHE V 45 -31.98 16.03 -44.83
N GLY V 46 -30.88 16.30 -45.50
CA GLY V 46 -30.67 15.81 -46.86
C GLY V 46 -29.82 16.80 -47.64
N GLY V 47 -29.63 16.48 -48.90
CA GLY V 47 -28.81 17.32 -49.78
C GLY V 47 -29.53 18.60 -50.12
N GLY V 48 -28.90 19.74 -49.82
CA GLY V 48 -29.52 21.04 -50.04
C GLY V 48 -30.52 21.46 -48.99
N LYS V 49 -30.67 20.70 -47.91
CA LYS V 49 -31.65 21.01 -46.87
C LYS V 49 -30.99 21.82 -45.75
N THR V 50 -31.65 21.94 -44.60
CA THR V 50 -31.22 22.91 -43.59
C THR V 50 -30.22 22.38 -42.57
N LEU V 51 -30.14 21.06 -42.34
CA LEU V 51 -29.27 20.52 -41.29
C LEU V 51 -27.84 20.36 -41.82
N ARG V 52 -27.20 21.50 -42.09
CA ARG V 52 -25.86 21.55 -42.65
C ARG V 52 -25.04 22.56 -41.86
N GLU V 53 -23.72 22.51 -42.03
CA GLU V 53 -22.81 23.30 -41.21
C GLU V 53 -22.96 24.79 -41.50
N GLY V 54 -23.07 25.56 -40.42
CA GLY V 54 -23.29 26.99 -40.52
C GLY V 54 -24.72 27.41 -40.74
N MET V 55 -25.68 26.49 -40.88
CA MET V 55 -27.06 26.87 -41.11
C MET V 55 -27.97 26.47 -39.95
N SER V 56 -28.20 25.18 -39.73
CA SER V 56 -28.89 24.72 -38.52
C SER V 56 -28.02 23.87 -37.63
N GLN V 57 -26.91 23.35 -38.15
CA GLN V 57 -25.85 22.81 -37.32
C GLN V 57 -24.90 23.95 -36.99
N SER V 58 -24.74 24.22 -35.70
CA SER V 58 -23.94 25.35 -35.25
C SER V 58 -22.45 25.09 -35.41
N ASN V 59 -21.73 26.14 -35.82
CA ASN V 59 -20.27 26.14 -35.75
C ASN V 59 -19.77 26.67 -34.40
N ASN V 60 -20.63 27.24 -33.57
CA ASN V 60 -20.29 27.66 -32.21
C ASN V 60 -21.36 27.15 -31.24
N PRO V 61 -21.44 25.84 -31.03
CA PRO V 61 -22.55 25.29 -30.25
C PRO V 61 -22.39 25.55 -28.76
N SER V 62 -23.49 25.37 -28.03
CA SER V 62 -23.44 25.47 -26.59
C SER V 62 -22.70 24.27 -26.00
N LYS V 63 -22.31 24.40 -24.72
CA LYS V 63 -21.64 23.31 -24.04
C LYS V 63 -22.58 22.16 -23.68
N GLU V 64 -23.89 22.34 -23.85
CA GLU V 64 -24.89 21.29 -23.66
C GLU V 64 -25.35 20.68 -24.98
N GLU V 65 -24.42 20.52 -25.91
CA GLU V 65 -24.69 20.06 -27.28
C GLU V 65 -25.29 18.65 -27.30
N LEU V 66 -26.31 18.46 -28.13
CA LEU V 66 -27.08 17.22 -28.18
C LEU V 66 -26.33 16.08 -28.85
N ASP V 67 -26.61 14.86 -28.42
CA ASP V 67 -26.11 13.66 -29.10
C ASP V 67 -27.02 13.18 -30.23
N LEU V 68 -28.32 13.45 -30.15
CA LEU V 68 -29.29 13.00 -31.13
C LEU V 68 -30.51 13.92 -31.10
N ILE V 69 -31.08 14.22 -32.26
CA ILE V 69 -32.30 15.00 -32.34
C ILE V 69 -33.32 14.30 -33.26
N ILE V 70 -34.56 14.20 -32.79
CA ILE V 70 -35.68 13.70 -33.58
C ILE V 70 -36.49 14.90 -34.05
N THR V 71 -36.56 15.11 -35.36
CA THR V 71 -37.15 16.32 -35.93
C THR V 71 -38.60 16.11 -36.32
N ASN V 72 -39.45 17.10 -36.02
CA ASN V 72 -40.85 17.18 -36.47
C ASN V 72 -41.69 15.98 -36.01
N ALA V 73 -41.54 15.60 -34.74
CA ALA V 73 -42.25 14.45 -34.20
C ALA V 73 -43.64 14.84 -33.69
N LEU V 74 -44.60 13.94 -33.85
CA LEU V 74 -45.91 14.06 -33.23
C LEU V 74 -45.92 13.22 -31.94
N ILE V 75 -45.89 13.89 -30.79
CA ILE V 75 -45.80 13.23 -29.50
C ILE V 75 -47.21 12.89 -29.01
N VAL V 76 -47.42 11.63 -28.64
CA VAL V 76 -48.68 11.18 -28.02
C VAL V 76 -48.34 10.66 -26.63
N ASP V 77 -48.82 11.37 -25.60
CA ASP V 77 -48.44 11.11 -24.23
C ASP V 77 -49.61 11.46 -23.34
N TYR V 78 -49.55 11.03 -22.07
CA TYR V 78 -50.59 11.41 -21.12
C TYR V 78 -50.54 12.91 -20.80
N THR V 79 -49.39 13.56 -21.01
CA THR V 79 -49.28 15.00 -20.84
C THR V 79 -49.80 15.82 -22.01
N GLY V 80 -50.06 15.21 -23.17
CA GLY V 80 -50.64 15.94 -24.28
C GLY V 80 -50.30 15.33 -25.62
N ILE V 81 -50.95 15.85 -26.65
CA ILE V 81 -50.75 15.43 -28.05
C ILE V 81 -50.34 16.67 -28.84
N TYR V 82 -49.06 16.72 -29.25
CA TYR V 82 -48.49 17.96 -29.78
C TYR V 82 -47.26 17.66 -30.64
N LYS V 83 -46.85 18.66 -31.43
CA LYS V 83 -45.71 18.57 -32.33
C LYS V 83 -44.49 19.30 -31.76
N ALA V 84 -43.34 18.63 -31.79
CA ALA V 84 -42.09 19.20 -31.28
C ALA V 84 -40.90 18.42 -31.84
N ASP V 85 -39.71 18.98 -31.61
CA ASP V 85 -38.46 18.24 -31.77
C ASP V 85 -37.99 17.72 -30.41
N ILE V 86 -37.40 16.53 -30.41
CA ILE V 86 -36.97 15.86 -29.17
C ILE V 86 -35.45 15.73 -29.19
N GLY V 87 -34.80 16.20 -28.14
CA GLY V 87 -33.35 16.14 -28.01
C GLY V 87 -32.90 15.17 -26.93
N ILE V 88 -31.87 14.40 -27.24
CA ILE V 88 -31.35 13.36 -26.35
C ILE V 88 -29.87 13.63 -26.08
N LYS V 89 -29.48 13.59 -24.80
CA LYS V 89 -28.09 13.71 -24.39
C LYS V 89 -27.81 12.77 -23.23
N ASP V 90 -26.77 11.95 -23.38
CA ASP V 90 -26.26 11.04 -22.34
C ASP V 90 -27.32 10.08 -21.82
N GLY V 91 -28.08 9.49 -22.74
CA GLY V 91 -29.10 8.53 -22.38
C GLY V 91 -30.37 9.11 -21.81
N LYS V 92 -30.52 10.42 -21.74
CA LYS V 92 -31.68 11.07 -21.16
C LYS V 92 -32.34 11.99 -22.20
N ILE V 93 -33.63 12.27 -21.97
CA ILE V 93 -34.32 13.30 -22.74
C ILE V 93 -33.86 14.65 -22.23
N ALA V 94 -33.17 15.41 -23.08
CA ALA V 94 -32.59 16.67 -22.66
C ALA V 94 -33.48 17.88 -22.94
N GLY V 95 -34.32 17.83 -23.96
CA GLY V 95 -35.15 18.97 -24.29
C GLY V 95 -36.27 18.58 -25.24
N ILE V 96 -37.39 19.28 -25.10
CA ILE V 96 -38.55 19.13 -25.97
C ILE V 96 -38.96 20.54 -26.40
N GLY V 97 -38.84 20.83 -27.69
CA GLY V 97 -39.08 22.17 -28.18
C GLY V 97 -38.69 22.42 -29.63
N LYS V 98 -37.97 23.50 -29.90
CA LYS V 98 -37.71 23.89 -31.29
C LYS V 98 -36.39 23.34 -31.84
N GLY V 99 -35.27 23.72 -31.25
CA GLY V 99 -33.99 23.17 -31.71
C GLY V 99 -33.41 23.76 -32.98
N GLY V 100 -32.09 23.90 -33.04
CA GLY V 100 -31.43 24.45 -34.21
C GLY V 100 -30.13 25.15 -33.82
N ASN V 101 -29.85 26.26 -34.50
CA ASN V 101 -28.62 27.02 -34.35
C ASN V 101 -28.96 28.47 -34.03
N LYS V 102 -28.58 28.92 -32.83
CA LYS V 102 -28.87 30.29 -32.39
C LYS V 102 -28.12 31.35 -33.20
N ASP V 103 -27.03 30.98 -33.88
CA ASP V 103 -26.32 31.93 -34.73
C ASP V 103 -27.15 32.37 -35.94
N MET V 104 -28.09 31.54 -36.39
CA MET V 104 -28.86 31.82 -37.59
C MET V 104 -30.39 31.80 -37.41
N GLN V 105 -30.91 31.36 -36.27
CA GLN V 105 -32.34 31.18 -36.07
C GLN V 105 -32.77 31.74 -34.72
N ASP V 106 -34.05 32.08 -34.60
CA ASP V 106 -34.50 32.92 -33.50
C ASP V 106 -34.64 32.17 -32.18
N GLY V 107 -35.61 31.26 -32.08
CA GLY V 107 -36.00 30.77 -30.76
C GLY V 107 -35.34 29.50 -30.25
N VAL V 108 -34.01 29.45 -30.19
CA VAL V 108 -33.28 28.23 -29.84
C VAL V 108 -32.69 28.39 -28.45
N LYS V 109 -33.11 27.54 -27.52
CA LYS V 109 -32.54 27.53 -26.17
C LYS V 109 -31.29 26.65 -26.12
N ASN V 110 -30.53 26.80 -25.03
CA ASN V 110 -29.21 26.17 -24.91
C ASN V 110 -29.29 24.65 -24.86
N ASN V 111 -30.35 24.10 -24.27
CA ASN V 111 -30.48 22.64 -24.15
C ASN V 111 -30.97 21.97 -25.43
N LEU V 112 -31.27 22.73 -26.49
CA LEU V 112 -31.65 22.15 -27.77
C LEU V 112 -30.70 22.57 -28.88
N SER V 113 -29.43 22.79 -28.55
CA SER V 113 -28.43 23.22 -29.53
C SER V 113 -27.96 22.04 -30.37
N VAL V 114 -27.97 22.21 -31.69
CA VAL V 114 -27.51 21.20 -32.63
C VAL V 114 -26.09 21.55 -33.06
N GLY V 115 -25.17 20.58 -32.95
CA GLY V 115 -23.79 20.81 -33.28
C GLY V 115 -23.12 19.68 -34.05
N PRO V 116 -21.80 19.75 -34.18
CA PRO V 116 -21.06 18.68 -34.89
C PRO V 116 -21.15 17.30 -34.24
N ALA V 117 -21.42 17.21 -32.94
CA ALA V 117 -21.55 15.91 -32.28
C ALA V 117 -22.95 15.29 -32.43
N THR V 118 -23.89 15.96 -33.10
CA THR V 118 -25.28 15.53 -33.14
C THR V 118 -25.56 14.64 -34.35
N GLU V 119 -26.32 13.56 -34.13
CA GLU V 119 -26.92 12.71 -35.16
C GLU V 119 -28.39 13.08 -35.34
N ALA V 120 -28.90 12.92 -36.57
CA ALA V 120 -30.26 13.30 -36.91
C ALA V 120 -31.15 12.09 -37.23
N LEU V 121 -32.41 12.16 -36.80
CA LEU V 121 -33.42 11.15 -37.09
C LEU V 121 -34.71 11.85 -37.50
N ALA V 122 -35.25 11.50 -38.68
CA ALA V 122 -36.39 12.20 -39.25
C ALA V 122 -37.68 11.62 -38.70
N GLY V 123 -38.45 12.43 -37.98
CA GLY V 123 -39.73 12.01 -37.46
C GLY V 123 -40.95 12.63 -38.10
N GLU V 124 -40.82 13.29 -39.26
CA GLU V 124 -41.96 13.92 -39.90
C GLU V 124 -42.93 12.88 -40.43
N GLY V 125 -44.20 13.02 -40.06
CA GLY V 125 -45.22 12.05 -40.39
C GLY V 125 -45.29 10.86 -39.45
N LEU V 126 -44.52 10.83 -38.37
CA LEU V 126 -44.48 9.69 -37.46
C LEU V 126 -44.92 10.10 -36.06
N ILE V 127 -45.26 9.10 -35.26
CA ILE V 127 -45.75 9.27 -33.89
C ILE V 127 -44.72 8.70 -32.92
N VAL V 128 -44.39 9.45 -31.87
CA VAL V 128 -43.50 9.01 -30.80
C VAL V 128 -44.31 8.81 -29.52
N THR V 129 -44.18 7.64 -28.90
CA THR V 129 -44.71 7.37 -27.56
C THR V 129 -43.59 6.82 -26.67
N ALA V 130 -43.87 6.79 -25.37
CA ALA V 130 -43.02 6.09 -24.43
C ALA V 130 -43.15 4.58 -24.60
N GLY V 131 -42.11 3.86 -24.20
CA GLY V 131 -42.17 2.41 -24.21
C GLY V 131 -43.16 1.88 -23.19
N GLY V 132 -43.77 0.74 -23.51
CA GLY V 132 -44.73 0.12 -22.62
C GLY V 132 -44.08 -0.59 -21.45
N ILE V 133 -44.86 -0.77 -20.38
CA ILE V 133 -44.41 -1.40 -19.15
C ILE V 133 -45.39 -2.52 -18.78
N ASP V 134 -44.90 -3.75 -18.76
CA ASP V 134 -45.71 -4.94 -18.48
C ASP V 134 -45.35 -5.46 -17.10
N THR V 135 -46.36 -5.54 -16.21
CA THR V 135 -46.11 -5.84 -14.80
C THR V 135 -46.61 -7.21 -14.37
N HIS V 136 -46.98 -8.10 -15.30
CA HIS V 136 -47.51 -9.42 -14.95
C HIS V 136 -46.81 -10.50 -15.80
N ILE V 137 -45.49 -10.53 -15.73
CA ILE V 137 -44.69 -11.47 -16.51
C ILE V 137 -44.42 -12.73 -15.70
N HIS V 138 -44.76 -13.89 -16.26
CA HIS V 138 -44.22 -15.16 -15.80
C HIS V 138 -42.95 -15.46 -16.60
N PHE V 139 -41.81 -15.55 -15.92
CA PHE V 139 -40.52 -15.78 -16.60
C PHE V 139 -40.36 -17.27 -16.89
N ILE V 140 -41.15 -17.75 -17.85
CA ILE V 140 -41.20 -19.15 -18.21
C ILE V 140 -40.13 -19.50 -19.24
N SER V 141 -39.94 -18.65 -20.26
CA SER V 141 -38.92 -18.85 -21.28
C SER V 141 -38.28 -17.51 -21.67
N PRO V 142 -36.97 -17.51 -21.96
CA PRO V 142 -36.32 -16.26 -22.40
C PRO V 142 -36.83 -15.71 -23.73
N GLN V 143 -37.46 -16.53 -24.56
CA GLN V 143 -37.95 -16.10 -25.86
C GLN V 143 -39.17 -15.18 -25.77
N GLN V 144 -39.78 -15.02 -24.59
CA GLN V 144 -40.82 -14.01 -24.38
C GLN V 144 -40.28 -12.60 -24.59
N ILE V 145 -39.02 -12.37 -24.19
CA ILE V 145 -38.46 -11.02 -24.18
C ILE V 145 -38.34 -10.39 -25.57
N PRO V 146 -37.77 -11.06 -26.60
CA PRO V 146 -37.81 -10.45 -27.95
C PRO V 146 -39.20 -10.29 -28.53
N THR V 147 -40.15 -11.17 -28.18
CA THR V 147 -41.53 -11.02 -28.64
C THR V 147 -42.18 -9.77 -28.06
N ALA V 148 -41.96 -9.51 -26.76
CA ALA V 148 -42.47 -8.29 -26.15
C ALA V 148 -41.77 -7.04 -26.69
N PHE V 149 -40.48 -7.14 -26.96
CA PHE V 149 -39.71 -5.99 -27.45
C PHE V 149 -40.19 -5.54 -28.82
N ALA V 150 -40.48 -6.49 -29.72
CA ALA V 150 -40.96 -6.15 -31.05
C ALA V 150 -42.37 -5.56 -31.06
N SER V 151 -43.16 -5.80 -30.01
CA SER V 151 -44.48 -5.21 -29.93
C SER V 151 -44.49 -3.81 -29.33
N GLY V 152 -43.38 -3.35 -28.79
CA GLY V 152 -43.29 -2.02 -28.22
C GLY V 152 -43.19 -1.92 -26.69
N VAL V 153 -42.86 -3.00 -26.00
CA VAL V 153 -42.71 -3.02 -24.55
C VAL V 153 -41.22 -2.95 -24.22
N THR V 154 -40.83 -2.02 -23.34
CA THR V 154 -39.44 -1.85 -22.99
C THR V 154 -39.10 -2.08 -21.51
N THR V 155 -40.07 -2.41 -20.66
CA THR V 155 -39.82 -2.79 -19.28
C THR V 155 -40.70 -3.99 -18.92
N MET V 156 -40.10 -5.01 -18.30
CA MET V 156 -40.84 -6.21 -17.88
C MET V 156 -40.60 -6.47 -16.39
N ILE V 157 -41.68 -6.58 -15.63
CA ILE V 157 -41.65 -6.84 -14.19
C ILE V 157 -42.45 -8.11 -13.93
N GLY V 158 -41.84 -9.05 -13.18
CA GLY V 158 -42.50 -10.29 -12.83
C GLY V 158 -41.65 -11.22 -11.98
N GLY V 159 -41.81 -12.53 -12.14
CA GLY V 159 -41.01 -13.47 -11.36
C GLY V 159 -40.99 -14.84 -11.99
N GLY V 160 -40.01 -15.63 -11.59
CA GLY V 160 -39.93 -17.02 -12.03
C GLY V 160 -38.50 -17.48 -12.19
N THR V 161 -38.36 -18.78 -12.50
CA THR V 161 -37.06 -19.43 -12.64
C THR V 161 -36.92 -20.26 -13.91
N GLY V 162 -37.81 -20.12 -14.89
CA GLY V 162 -37.83 -20.99 -16.04
C GLY V 162 -39.05 -21.89 -16.05
N PRO V 163 -39.03 -22.98 -16.80
CA PRO V 163 -40.26 -23.75 -17.03
C PRO V 163 -40.69 -24.70 -15.91
N ALA V 164 -40.24 -24.46 -14.67
CA ALA V 164 -40.70 -25.25 -13.54
C ALA V 164 -42.18 -25.00 -13.25
N ASP V 165 -42.79 -25.95 -12.52
CA ASP V 165 -44.23 -25.93 -12.27
C ASP V 165 -44.65 -24.76 -11.39
N GLY V 166 -43.79 -24.33 -10.46
CA GLY V 166 -44.09 -23.16 -9.66
C GLY V 166 -44.15 -21.87 -10.47
N THR V 167 -43.25 -21.73 -11.44
CA THR V 167 -43.25 -20.55 -12.31
C THR V 167 -44.40 -20.60 -13.31
N ASN V 168 -44.78 -21.81 -13.77
CA ASN V 168 -45.89 -21.97 -14.71
C ASN V 168 -47.21 -21.48 -14.12
N ALA V 169 -47.33 -21.48 -12.79
CA ALA V 169 -48.51 -20.97 -12.11
C ALA V 169 -48.35 -19.55 -11.56
N THR V 170 -47.18 -19.18 -11.04
CA THR V 170 -47.02 -17.98 -10.23
C THR V 170 -45.86 -17.11 -10.72
N THR V 171 -45.95 -15.80 -10.48
CA THR V 171 -44.89 -14.83 -10.82
C THR V 171 -43.95 -14.63 -9.64
N ILE V 172 -43.20 -15.68 -9.28
CA ILE V 172 -42.42 -15.70 -8.05
C ILE V 172 -41.01 -16.23 -8.31
N THR V 173 -40.01 -15.47 -7.89
CA THR V 173 -38.62 -15.94 -7.81
C THR V 173 -38.26 -16.12 -6.34
N PRO V 174 -38.29 -17.35 -5.81
CA PRO V 174 -38.17 -17.53 -4.35
C PRO V 174 -36.74 -17.63 -3.82
N GLY V 175 -36.39 -16.74 -2.90
CA GLY V 175 -35.15 -16.87 -2.14
C GLY V 175 -33.95 -16.18 -2.77
N ARG V 176 -32.94 -15.99 -1.92
CA ARG V 176 -31.74 -15.23 -2.29
C ARG V 176 -30.95 -15.89 -3.42
N ARG V 177 -30.80 -17.22 -3.38
CA ARG V 177 -30.00 -17.92 -4.40
C ARG V 177 -30.67 -17.88 -5.77
N ASN V 178 -31.99 -18.09 -5.82
CA ASN V 178 -32.71 -18.01 -7.10
C ASN V 178 -32.75 -16.58 -7.64
N LEU V 179 -32.83 -15.59 -6.74
CA LEU V 179 -32.72 -14.19 -7.17
C LEU V 179 -31.35 -13.90 -7.77
N LYS V 180 -30.28 -14.47 -7.18
CA LYS V 180 -28.95 -14.31 -7.75
C LYS V 180 -28.84 -14.92 -9.14
N TRP V 181 -29.42 -16.11 -9.34
CA TRP V 181 -29.48 -16.75 -10.66
C TRP V 181 -30.14 -15.84 -11.70
N MET V 182 -31.33 -15.31 -11.38
CA MET V 182 -32.06 -14.51 -12.36
C MET V 182 -31.40 -13.16 -12.62
N LEU V 183 -30.84 -12.53 -11.58
CA LEU V 183 -30.15 -11.25 -11.77
C LEU V 183 -28.90 -11.40 -12.62
N ARG V 184 -28.16 -12.51 -12.45
CA ARG V 184 -26.99 -12.71 -13.30
C ARG V 184 -27.37 -13.12 -14.72
N ALA V 185 -28.50 -13.83 -14.90
CA ALA V 185 -28.95 -14.14 -16.25
C ALA V 185 -29.46 -12.91 -16.98
N ALA V 186 -29.94 -11.90 -16.24
CA ALA V 186 -30.55 -10.71 -16.84
C ALA V 186 -29.58 -9.87 -17.68
N GLU V 187 -28.27 -10.06 -17.52
CA GLU V 187 -27.26 -9.32 -18.28
C GLU V 187 -27.30 -9.61 -19.78
N GLU V 188 -28.00 -10.65 -20.21
CA GLU V 188 -28.10 -11.02 -21.61
C GLU V 188 -28.94 -10.04 -22.44
N TYR V 189 -30.00 -9.47 -21.86
CA TYR V 189 -31.17 -9.06 -22.64
C TYR V 189 -31.27 -7.56 -22.89
N SER V 190 -32.04 -7.21 -23.93
CA SER V 190 -32.38 -5.82 -24.26
C SER V 190 -33.78 -5.50 -23.75
N MET V 191 -33.88 -5.23 -22.44
CA MET V 191 -35.13 -5.00 -21.73
C MET V 191 -34.79 -4.56 -20.30
N ASN V 192 -35.48 -3.52 -19.81
CA ASN V 192 -35.42 -3.22 -18.37
C ASN V 192 -36.18 -4.29 -17.58
N LEU V 193 -35.61 -4.74 -16.46
CA LEU V 193 -36.14 -5.90 -15.73
C LEU V 193 -36.20 -5.65 -14.23
N GLY V 194 -37.19 -6.27 -13.59
CA GLY V 194 -37.31 -6.29 -12.12
C GLY V 194 -38.06 -7.53 -11.67
N PHE V 195 -37.68 -8.04 -10.50
CA PHE V 195 -38.12 -9.35 -10.04
C PHE V 195 -38.90 -9.29 -8.72
N LEU V 196 -39.94 -10.11 -8.63
CA LEU V 196 -40.79 -10.23 -7.44
C LEU V 196 -40.46 -11.50 -6.67
N ALA V 197 -40.57 -11.42 -5.34
CA ALA V 197 -40.24 -12.51 -4.43
C ALA V 197 -41.50 -13.18 -3.88
N LYS V 198 -41.30 -14.24 -3.08
CA LYS V 198 -42.41 -15.00 -2.53
C LYS V 198 -42.96 -14.32 -1.28
N GLY V 199 -44.24 -13.97 -1.30
CA GLY V 199 -44.88 -13.34 -0.17
C GLY V 199 -45.69 -14.28 0.71
N ASN V 200 -45.83 -15.54 0.28
CA ASN V 200 -46.64 -16.54 1.00
C ASN V 200 -45.82 -17.19 2.10
N THR V 201 -45.62 -16.45 3.19
CA THR V 201 -45.05 -16.99 4.43
C THR V 201 -45.45 -16.10 5.59
N SER V 202 -45.39 -16.67 6.79
CA SER V 202 -45.59 -15.92 8.03
C SER V 202 -44.30 -15.69 8.80
N ASN V 203 -43.14 -15.92 8.19
CA ASN V 203 -41.85 -15.70 8.82
C ASN V 203 -41.30 -14.36 8.33
N ASP V 204 -41.17 -13.40 9.25
CA ASP V 204 -40.75 -12.04 8.90
C ASP V 204 -39.31 -11.99 8.42
N ALA V 205 -38.43 -12.82 9.01
CA ALA V 205 -37.03 -12.84 8.64
C ALA V 205 -36.83 -13.37 7.21
N SER V 206 -37.62 -14.39 6.83
CA SER V 206 -37.56 -14.90 5.45
C SER V 206 -38.06 -13.88 4.45
N LEU V 207 -39.10 -13.11 4.82
CA LEU V 207 -39.61 -12.06 3.95
C LEU V 207 -38.57 -10.95 3.76
N ALA V 208 -37.92 -10.53 4.84
CA ALA V 208 -36.98 -9.41 4.77
C ALA V 208 -35.71 -9.77 4.00
N ASP V 209 -35.24 -11.03 4.10
CA ASP V 209 -33.99 -11.40 3.44
C ASP V 209 -34.12 -11.39 1.91
N GLN V 210 -35.31 -11.70 1.38
CA GLN V 210 -35.53 -11.63 -0.06
C GLN V 210 -35.45 -10.20 -0.59
N ILE V 211 -35.96 -9.23 0.18
CA ILE V 211 -35.89 -7.84 -0.24
C ILE V 211 -34.45 -7.35 -0.25
N GLU V 212 -33.67 -7.72 0.76
CA GLU V 212 -32.26 -7.37 0.80
C GLU V 212 -31.45 -8.08 -0.27
N ALA V 213 -31.93 -9.20 -0.80
CA ALA V 213 -31.25 -9.91 -1.87
C ALA V 213 -31.54 -9.35 -3.26
N GLY V 214 -32.41 -8.33 -3.37
CA GLY V 214 -32.57 -7.65 -4.64
C GLY V 214 -33.97 -7.53 -5.22
N ALA V 215 -34.98 -8.12 -4.59
CA ALA V 215 -36.33 -8.08 -5.14
C ALA V 215 -36.96 -6.69 -4.97
N ILE V 216 -37.87 -6.35 -5.88
CA ILE V 216 -38.57 -5.07 -5.83
C ILE V 216 -39.97 -5.18 -5.22
N GLY V 217 -40.36 -6.35 -4.76
CA GLY V 217 -41.67 -6.50 -4.16
C GLY V 217 -42.03 -7.96 -3.94
N PHE V 218 -43.26 -8.18 -3.50
CA PHE V 218 -43.79 -9.52 -3.26
C PHE V 218 -44.99 -9.85 -4.17
N ILE V 220 -48.25 -12.54 -3.80
CA ILE V 220 -48.96 -13.50 -2.97
C ILE V 220 -49.91 -14.30 -3.86
N HIS V 221 -49.73 -15.60 -3.95
CA HIS V 221 -50.46 -16.43 -4.89
C HIS V 221 -51.10 -17.61 -4.18
N GLU V 222 -52.34 -17.94 -4.60
CA GLU V 222 -53.14 -18.95 -3.91
C GLU V 222 -52.56 -20.36 -4.00
N ASP V 223 -51.74 -20.64 -5.02
CA ASP V 223 -51.13 -21.95 -5.13
C ASP V 223 -50.04 -22.19 -4.08
N TRP V 224 -49.42 -21.13 -3.56
CA TRP V 224 -48.56 -21.23 -2.39
C TRP V 224 -49.31 -20.95 -1.09
N GLY V 225 -50.60 -20.62 -1.17
CA GLY V 225 -51.46 -20.44 -0.02
C GLY V 225 -51.67 -18.99 0.37
N THR V 226 -52.79 -18.39 -0.06
CA THR V 226 -53.12 -17.01 0.26
C THR V 226 -54.08 -17.05 1.46
N THR V 227 -53.51 -16.91 2.64
CA THR V 227 -54.24 -16.85 3.89
C THR V 227 -54.16 -15.44 4.46
N PRO V 228 -55.10 -15.03 5.33
CA PRO V 228 -55.00 -13.69 5.94
C PRO V 228 -53.72 -13.45 6.75
N SER V 229 -53.17 -14.49 7.38
CA SER V 229 -51.91 -14.36 8.12
C SER V 229 -50.76 -13.94 7.22
N ALA V 230 -50.61 -14.60 6.07
CA ALA V 230 -49.53 -14.31 5.13
C ALA V 230 -49.68 -12.91 4.54
N ILE V 231 -50.93 -12.50 4.24
CA ILE V 231 -51.21 -11.16 3.73
C ILE V 231 -50.77 -10.10 4.74
N ASN V 232 -51.10 -10.32 6.02
CA ASN V 232 -50.76 -9.38 7.08
C ASN V 232 -49.25 -9.24 7.27
N HIS V 233 -48.54 -10.38 7.32
CA HIS V 233 -47.08 -10.34 7.51
C HIS V 233 -46.36 -9.69 6.33
N ALA V 234 -46.78 -10.02 5.10
CA ALA V 234 -46.14 -9.46 3.91
C ALA V 234 -46.35 -7.96 3.82
N LEU V 235 -47.55 -7.47 4.16
CA LEU V 235 -47.80 -6.03 4.14
C LEU V 235 -47.00 -5.31 5.22
N ASP V 236 -46.82 -5.95 6.39
CA ASP V 236 -46.00 -5.36 7.44
C ASP V 236 -44.54 -5.18 7.00
N VAL V 237 -43.98 -6.19 6.34
CA VAL V 237 -42.57 -6.07 5.89
C VAL V 237 -42.44 -5.05 4.75
N ALA V 238 -43.42 -5.04 3.83
CA ALA V 238 -43.37 -4.12 2.70
C ALA V 238 -43.53 -2.67 3.13
N ASP V 239 -44.25 -2.41 4.23
CA ASP V 239 -44.31 -1.07 4.79
C ASP V 239 -42.92 -0.59 5.24
N LYS V 240 -42.13 -1.48 5.81
CA LYS V 240 -40.81 -1.10 6.29
C LYS V 240 -39.78 -0.94 5.17
N TYR V 241 -39.92 -1.70 4.06
CA TYR V 241 -38.89 -1.64 3.03
C TYR V 241 -39.26 -0.81 1.79
N ASP V 242 -40.44 -0.18 1.75
CA ASP V 242 -40.92 0.66 0.65
C ASP V 242 -40.91 -0.08 -0.70
N VAL V 243 -41.64 -1.21 -0.75
CA VAL V 243 -41.83 -1.98 -1.96
C VAL V 243 -43.31 -2.31 -2.10
N GLN V 244 -43.70 -2.73 -3.31
CA GLN V 244 -45.09 -3.00 -3.68
C GLN V 244 -45.45 -4.47 -3.42
N VAL V 245 -46.76 -4.72 -3.21
CA VAL V 245 -47.31 -6.07 -3.06
C VAL V 245 -48.37 -6.32 -4.14
N ALA V 246 -48.32 -7.49 -4.77
CA ALA V 246 -49.33 -7.96 -5.71
C ALA V 246 -49.97 -9.24 -5.20
N ILE V 247 -51.25 -9.46 -5.55
CA ILE V 247 -52.02 -10.57 -4.97
C ILE V 247 -52.89 -11.28 -6.03
N HIS V 248 -52.90 -12.60 -5.95
CA HIS V 248 -53.88 -13.51 -6.57
C HIS V 248 -54.61 -14.15 -5.39
N THR V 249 -55.90 -13.84 -5.23
CA THR V 249 -56.63 -14.20 -4.02
C THR V 249 -57.20 -15.62 -4.07
N ASP V 250 -57.77 -16.04 -2.94
CA ASP V 250 -58.24 -17.41 -2.72
C ASP V 250 -59.53 -17.67 -3.48
N THR V 251 -59.44 -18.43 -4.57
CA THR V 251 -60.60 -18.73 -5.41
C THR V 251 -61.59 -19.64 -4.68
N LEU V 252 -61.10 -20.60 -3.91
CA LEU V 252 -61.92 -21.63 -3.30
C LEU V 252 -62.67 -21.15 -2.05
N ASN V 253 -62.43 -19.91 -1.59
CA ASN V 253 -62.98 -19.34 -0.35
C ASN V 253 -62.67 -20.21 0.86
N GLU V 254 -61.46 -20.76 0.89
CA GLU V 254 -61.11 -21.81 1.87
C GLU V 254 -61.00 -21.26 3.28
N ALA V 255 -60.30 -20.14 3.45
CA ALA V 255 -60.13 -19.52 4.76
C ALA V 255 -61.06 -18.35 5.00
N GLY V 256 -61.79 -17.90 3.98
CA GLY V 256 -62.64 -16.74 4.10
C GLY V 256 -63.06 -16.23 2.74
N CYS V 257 -63.94 -15.23 2.76
CA CYS V 257 -64.47 -14.60 1.56
C CYS V 257 -63.70 -13.31 1.26
N VAL V 258 -64.23 -12.51 0.33
CA VAL V 258 -63.53 -11.32 -0.16
C VAL V 258 -63.40 -10.25 0.93
N GLU V 259 -64.42 -10.12 1.79
CA GLU V 259 -64.35 -9.14 2.87
C GLU V 259 -63.32 -9.52 3.93
N ASP V 260 -63.06 -10.81 4.11
CA ASP V 260 -62.00 -11.24 5.03
C ASP V 260 -60.61 -10.90 4.47
N THR V 261 -60.42 -11.05 3.16
CA THR V 261 -59.18 -10.62 2.51
C THR V 261 -58.98 -9.11 2.65
N MET V 262 -60.06 -8.33 2.42
CA MET V 262 -59.97 -6.88 2.59
C MET V 262 -59.70 -6.49 4.04
N ALA V 263 -60.23 -7.24 5.01
CA ALA V 263 -59.92 -6.99 6.41
C ALA V 263 -58.46 -7.28 6.72
N ALA V 264 -57.89 -8.32 6.10
CA ALA V 264 -56.47 -8.60 6.27
C ALA V 264 -55.60 -7.50 5.65
N ILE V 265 -56.01 -6.94 4.51
CA ILE V 265 -55.27 -5.86 3.87
C ILE V 265 -55.26 -4.61 4.74
N ALA V 266 -56.41 -4.29 5.37
CA ALA V 266 -56.56 -3.26 6.41
C ALA V 266 -56.17 -1.86 5.91
N GLY V 267 -56.63 -1.50 4.72
CA GLY V 267 -56.44 -0.16 4.18
C GLY V 267 -55.09 0.14 3.56
N ARG V 268 -54.18 -0.83 3.52
CA ARG V 268 -52.85 -0.59 2.96
C ARG V 268 -52.84 -0.80 1.44
N THR V 269 -51.85 -0.21 0.77
CA THR V 269 -51.78 -0.20 -0.70
C THR V 269 -51.52 -1.59 -1.26
N MET V 270 -52.30 -1.98 -2.27
CA MET V 270 -52.21 -3.32 -2.88
C MET V 270 -52.54 -3.25 -4.38
N HIS V 271 -51.73 -3.95 -5.17
CA HIS V 271 -51.94 -4.12 -6.61
C HIS V 271 -52.62 -5.48 -6.83
N THR V 272 -53.78 -5.48 -7.47
CA THR V 272 -54.53 -6.72 -7.68
C THR V 272 -54.41 -7.17 -9.14
N PHE V 273 -53.93 -8.39 -9.35
CA PHE V 273 -53.84 -8.97 -10.68
C PHE V 273 -55.18 -9.59 -11.09
N HIS V 274 -55.50 -9.49 -12.38
CA HIS V 274 -56.69 -10.04 -13.06
C HIS V 274 -57.97 -9.92 -12.22
N THR V 275 -58.32 -8.67 -11.92
CA THR V 275 -59.34 -8.34 -10.93
C THR V 275 -60.74 -8.77 -11.35
N GLU V 276 -60.97 -9.01 -12.65
CA GLU V 276 -62.24 -9.54 -13.11
C GLU V 276 -62.51 -10.94 -12.55
N GLY V 277 -61.47 -11.78 -12.48
CA GLY V 277 -61.56 -13.06 -11.80
C GLY V 277 -61.50 -14.29 -12.67
N ALA V 278 -61.44 -14.15 -14.00
CA ALA V 278 -61.28 -15.31 -14.87
C ALA V 278 -59.93 -15.96 -14.67
N GLY V 279 -58.89 -15.17 -14.40
CA GLY V 279 -57.59 -15.71 -14.08
C GLY V 279 -57.40 -16.20 -12.66
N GLY V 280 -58.40 -16.03 -11.80
CA GLY V 280 -58.31 -16.45 -10.41
C GLY V 280 -58.79 -15.37 -9.45
N GLY V 281 -59.26 -15.81 -8.29
CA GLY V 281 -59.81 -14.90 -7.30
C GLY V 281 -61.13 -15.40 -6.71
N HIS V 282 -61.55 -14.81 -5.59
CA HIS V 282 -62.76 -15.18 -4.83
C HIS V 282 -64.00 -15.32 -5.71
N ALA V 283 -64.51 -16.53 -5.82
CA ALA V 283 -65.70 -16.77 -6.63
C ALA V 283 -66.95 -16.42 -5.83
N PRO V 284 -67.85 -15.60 -6.38
CA PRO V 284 -67.80 -15.02 -7.71
C PRO V 284 -67.50 -13.51 -7.74
N ASP V 285 -67.07 -12.92 -6.62
CA ASP V 285 -67.21 -11.48 -6.41
C ASP V 285 -65.90 -10.77 -6.12
N ILE V 286 -64.79 -11.20 -6.74
CA ILE V 286 -63.51 -10.49 -6.54
C ILE V 286 -63.53 -9.10 -7.21
N ILE V 287 -64.36 -8.92 -8.24
CA ILE V 287 -64.41 -7.66 -9.00
C ILE V 287 -64.89 -6.47 -8.16
N LYS V 288 -65.50 -6.71 -7.00
CA LYS V 288 -65.98 -5.58 -6.18
C LYS V 288 -64.85 -4.79 -5.52
N VAL V 289 -63.63 -5.32 -5.45
CA VAL V 289 -62.55 -4.56 -4.82
C VAL V 289 -62.01 -3.44 -5.72
N ALA V 290 -62.40 -3.39 -6.99
CA ALA V 290 -61.95 -2.36 -7.90
C ALA V 290 -62.59 -0.99 -7.62
N GLY V 291 -63.58 -0.91 -6.75
CA GLY V 291 -64.08 0.39 -6.35
C GLY V 291 -63.40 1.03 -5.17
N GLU V 292 -62.45 0.34 -4.52
CA GLU V 292 -61.88 0.78 -3.25
C GLU V 292 -60.73 1.78 -3.45
N HIS V 293 -60.47 2.56 -2.40
CA HIS V 293 -59.48 3.63 -2.49
C HIS V 293 -58.04 3.08 -2.49
N ASN V 294 -57.77 2.05 -1.69
CA ASN V 294 -56.39 1.58 -1.52
C ASN V 294 -55.99 0.51 -2.54
N ILE V 295 -56.86 0.16 -3.49
CA ILE V 295 -56.60 -0.90 -4.46
C ILE V 295 -56.21 -0.28 -5.80
N LEU V 296 -55.11 -0.77 -6.38
CA LEU V 296 -54.73 -0.46 -7.75
C LEU V 296 -55.12 -1.64 -8.65
N PRO V 297 -56.23 -1.57 -9.39
CA PRO V 297 -56.74 -2.77 -10.07
C PRO V 297 -56.25 -2.91 -11.51
N ALA V 298 -55.94 -4.16 -11.88
CA ALA V 298 -55.42 -4.48 -13.20
C ALA V 298 -56.20 -5.62 -13.82
N SER V 299 -56.27 -5.62 -15.14
CA SER V 299 -56.84 -6.72 -15.91
C SER V 299 -55.76 -7.31 -16.81
N THR V 300 -55.90 -8.59 -17.11
CA THR V 300 -55.00 -9.27 -18.05
C THR V 300 -55.66 -9.35 -19.42
N ASN V 301 -54.84 -9.44 -20.47
CA ASN V 301 -55.35 -9.36 -21.83
C ASN V 301 -56.22 -10.48 -22.44
N PRO V 302 -56.25 -11.76 -22.00
CA PRO V 302 -57.07 -12.72 -22.75
C PRO V 302 -58.59 -12.53 -22.61
N THR V 303 -59.06 -11.74 -21.65
CA THR V 303 -60.48 -11.46 -21.53
C THR V 303 -60.90 -10.15 -22.20
N ILE V 304 -59.96 -9.37 -22.74
CA ILE V 304 -60.33 -8.14 -23.45
C ILE V 304 -59.83 -8.21 -24.89
N PRO V 305 -60.63 -7.77 -25.87
CA PRO V 305 -62.04 -7.39 -25.75
C PRO V 305 -62.94 -8.62 -25.69
N PHE V 306 -64.17 -8.45 -25.22
CA PHE V 306 -65.13 -9.54 -25.09
C PHE V 306 -65.67 -9.90 -26.47
N THR V 307 -65.40 -11.12 -26.92
CA THR V 307 -65.79 -11.60 -28.25
C THR V 307 -66.68 -12.83 -28.12
N VAL V 308 -67.20 -13.27 -29.27
CA VAL V 308 -68.10 -14.42 -29.28
C VAL V 308 -67.37 -15.75 -29.09
N ASN V 309 -66.05 -15.78 -29.18
CA ASN V 309 -65.29 -17.00 -28.94
C ASN V 309 -64.66 -17.04 -27.55
N THR V 310 -64.89 -16.03 -26.71
CA THR V 310 -64.13 -15.88 -25.47
C THR V 310 -64.52 -16.94 -24.43
N GLU V 311 -65.82 -17.15 -24.23
CA GLU V 311 -66.32 -18.01 -23.16
C GLU V 311 -65.95 -19.47 -23.40
N ALA V 312 -66.16 -19.96 -24.63
CA ALA V 312 -65.85 -21.35 -24.97
C ALA V 312 -64.35 -21.64 -24.87
N GLU V 313 -63.52 -20.70 -25.33
CA GLU V 313 -62.07 -20.85 -25.24
C GLU V 313 -61.62 -20.91 -23.79
N HIS V 314 -62.13 -20.00 -22.94
CA HIS V 314 -61.73 -20.00 -21.54
C HIS V 314 -62.23 -21.23 -20.78
N MET V 315 -63.43 -21.72 -21.14
CA MET V 315 -63.95 -22.93 -20.52
C MET V 315 -63.09 -24.14 -20.86
N ASP V 316 -62.72 -24.28 -22.13
CA ASP V 316 -61.87 -25.41 -22.51
C ASP V 316 -60.46 -25.29 -21.95
N MET V 317 -59.96 -24.07 -21.77
CA MET V 317 -58.68 -23.91 -21.07
C MET V 317 -58.78 -24.33 -19.61
N LEU V 318 -59.91 -24.01 -18.96
CA LEU V 318 -60.10 -24.40 -17.57
C LEU V 318 -60.22 -25.92 -17.42
N MET V 319 -60.87 -26.59 -18.37
CA MET V 319 -61.01 -28.05 -18.27
C MET V 319 -59.68 -28.78 -18.44
N VAL V 320 -58.77 -28.25 -19.26
CA VAL V 320 -57.48 -28.91 -19.49
C VAL V 320 -56.58 -28.76 -18.28
N CYS V 321 -56.44 -27.53 -17.77
CA CYS V 321 -55.43 -27.25 -16.74
C CYS V 321 -55.80 -27.87 -15.40
N HIS V 322 -57.08 -27.94 -15.06
CA HIS V 322 -57.50 -28.54 -13.80
C HIS V 322 -57.82 -30.02 -13.93
N HIS V 323 -57.74 -30.58 -15.16
CA HIS V 323 -58.04 -31.99 -15.46
C HIS V 323 -59.46 -32.38 -15.00
N LEU V 324 -60.43 -31.54 -15.37
CA LEU V 324 -61.81 -31.78 -14.99
C LEU V 324 -62.48 -32.75 -15.96
N ASP V 325 -63.62 -33.29 -15.52
CA ASP V 325 -64.41 -34.22 -16.30
C ASP V 325 -65.86 -33.77 -16.29
N LYS V 326 -66.51 -33.83 -17.44
CA LYS V 326 -67.89 -33.41 -17.55
C LYS V 326 -68.89 -34.40 -16.93
N SER V 327 -68.45 -35.60 -16.59
CA SER V 327 -69.34 -36.59 -15.98
C SER V 327 -69.47 -36.45 -14.47
N ILE V 328 -68.75 -35.53 -13.86
CA ILE V 328 -68.78 -35.34 -12.41
C ILE V 328 -69.50 -34.02 -12.11
N LYS V 329 -70.50 -34.10 -11.24
CA LYS V 329 -71.33 -32.92 -10.96
C LYS V 329 -70.59 -31.83 -10.18
N GLU V 330 -69.49 -32.16 -9.51
CA GLU V 330 -68.74 -31.15 -8.77
C GLU V 330 -67.74 -30.41 -9.64
N ASP V 331 -67.19 -31.06 -10.66
CA ASP V 331 -66.32 -30.37 -11.61
C ASP V 331 -67.11 -29.41 -12.49
N VAL V 332 -68.36 -29.78 -12.83
CA VAL V 332 -69.22 -28.90 -13.60
C VAL V 332 -69.64 -27.70 -12.76
N GLN V 333 -69.96 -27.94 -11.48
CA GLN V 333 -70.32 -26.84 -10.58
C GLN V 333 -69.15 -25.92 -10.31
N PHE V 334 -67.94 -26.46 -10.24
CA PHE V 334 -66.76 -25.62 -10.08
C PHE V 334 -66.52 -24.77 -11.31
N ALA V 335 -66.64 -25.35 -12.50
CA ALA V 335 -66.34 -24.63 -13.74
C ALA V 335 -67.34 -23.51 -14.00
N ASP V 336 -68.62 -23.74 -13.70
CA ASP V 336 -69.64 -22.73 -13.94
C ASP V 336 -69.55 -21.57 -12.95
N SER V 337 -68.92 -21.75 -11.80
CA SER V 337 -68.68 -20.65 -10.89
C SER V 337 -67.40 -19.88 -11.20
N ARG V 338 -66.58 -20.36 -12.13
CA ARG V 338 -65.28 -19.76 -12.43
C ARG V 338 -65.33 -18.78 -13.59
N ILE V 339 -65.99 -19.14 -14.69
CA ILE V 339 -65.80 -18.40 -15.95
C ILE V 339 -66.63 -17.12 -15.97
N ARG V 340 -67.97 -17.25 -15.78
CA ARG V 340 -68.91 -16.13 -15.57
C ARG V 340 -68.90 -15.06 -16.66
N PRO V 341 -69.60 -15.27 -17.78
CA PRO V 341 -69.62 -14.25 -18.85
C PRO V 341 -70.21 -12.89 -18.45
N GLN V 342 -70.95 -12.81 -17.34
CA GLN V 342 -71.50 -11.54 -16.86
C GLN V 342 -70.39 -10.57 -16.43
N THR V 343 -69.46 -11.03 -15.58
CA THR V 343 -68.35 -10.17 -15.14
C THR V 343 -67.38 -9.87 -16.27
N ILE V 344 -67.16 -10.85 -17.16
CA ILE V 344 -66.32 -10.66 -18.33
C ILE V 344 -66.88 -9.55 -19.23
N ALA V 345 -68.21 -9.56 -19.42
CA ALA V 345 -68.86 -8.50 -20.17
C ALA V 345 -68.77 -7.15 -19.46
N ALA V 346 -68.83 -7.16 -18.12
CA ALA V 346 -68.76 -5.90 -17.37
C ALA V 346 -67.37 -5.27 -17.42
N GLU V 347 -66.32 -6.09 -17.63
CA GLU V 347 -64.94 -5.62 -17.54
C GLU V 347 -64.60 -4.54 -18.58
N ASP V 348 -65.08 -4.69 -19.83
CA ASP V 348 -64.81 -3.70 -20.88
C ASP V 348 -65.40 -2.33 -20.54
N THR V 349 -66.64 -2.31 -20.06
CA THR V 349 -67.30 -1.06 -19.68
C THR V 349 -66.61 -0.43 -18.47
N LEU V 350 -66.16 -1.26 -17.52
CA LEU V 350 -65.41 -0.72 -16.39
C LEU V 350 -64.07 -0.12 -16.82
N HIS V 351 -63.44 -0.68 -17.85
CA HIS V 351 -62.26 -0.05 -18.44
C HIS V 351 -62.59 1.30 -19.06
N ASP V 352 -63.74 1.40 -19.74
CA ASP V 352 -64.11 2.64 -20.39
C ASP V 352 -64.48 3.75 -19.39
N MET V 353 -64.89 3.38 -18.18
CA MET V 353 -65.26 4.35 -17.15
C MET V 353 -64.08 4.82 -16.30
N GLY V 354 -62.89 4.26 -16.48
CA GLY V 354 -61.77 4.59 -15.63
C GLY V 354 -61.77 3.93 -14.27
N ILE V 355 -62.48 2.82 -14.11
CA ILE V 355 -62.48 2.07 -12.85
C ILE V 355 -61.35 1.04 -12.82
N PHE V 356 -61.06 0.39 -13.94
CA PHE V 356 -59.82 -0.37 -14.09
C PHE V 356 -58.75 0.57 -14.64
N SER V 357 -57.51 0.43 -14.14
CA SER V 357 -56.48 1.42 -14.44
C SER V 357 -55.21 0.88 -15.10
N ILE V 358 -54.99 -0.43 -15.13
CA ILE V 358 -53.77 -1.04 -15.65
C ILE V 358 -54.15 -2.24 -16.53
N THR V 359 -53.46 -2.41 -17.67
CA THR V 359 -53.53 -3.62 -18.46
C THR V 359 -52.17 -4.34 -18.45
N SER V 360 -52.20 -5.67 -18.61
CA SER V 360 -50.99 -6.50 -18.51
C SER V 360 -51.21 -7.79 -19.28
N SER V 361 -50.20 -8.67 -19.25
CA SER V 361 -50.18 -9.85 -20.11
C SER V 361 -50.63 -11.14 -19.43
N ASP V 362 -50.03 -11.52 -18.28
CA ASP V 362 -50.07 -12.86 -17.68
C ASP V 362 -49.45 -13.91 -18.63
N SER V 363 -48.17 -13.67 -18.96
CA SER V 363 -47.52 -14.25 -20.14
C SER V 363 -47.31 -15.77 -20.01
N GLN V 364 -47.79 -16.51 -21.02
CA GLN V 364 -47.75 -17.98 -21.13
C GLN V 364 -48.41 -18.70 -19.95
N ALA V 365 -49.26 -17.99 -19.20
CA ALA V 365 -49.99 -18.50 -18.04
C ALA V 365 -51.43 -17.97 -18.09
N MET V 366 -52.12 -18.21 -19.20
CA MET V 366 -53.37 -17.56 -19.64
C MET V 366 -53.12 -16.07 -19.91
N GLY V 367 -52.33 -15.83 -20.95
CA GLY V 367 -52.13 -14.50 -21.50
C GLY V 367 -51.06 -14.44 -22.57
N ARG V 368 -51.06 -13.37 -23.37
CA ARG V 368 -50.25 -13.30 -24.59
C ARG V 368 -49.31 -12.09 -24.52
N VAL V 369 -48.01 -12.35 -24.44
CA VAL V 369 -47.03 -11.34 -24.11
C VAL V 369 -46.82 -10.33 -25.25
N GLY V 370 -47.16 -10.67 -26.49
CA GLY V 370 -46.99 -9.73 -27.57
C GLY V 370 -48.24 -8.97 -27.96
N GLU V 371 -49.28 -8.97 -27.11
CA GLU V 371 -50.58 -8.43 -27.52
C GLU V 371 -51.20 -7.45 -26.53
N VAL V 372 -50.45 -6.94 -25.54
CA VAL V 372 -51.02 -6.05 -24.52
C VAL V 372 -51.49 -4.74 -25.14
N ILE V 373 -50.61 -4.09 -25.92
CA ILE V 373 -50.92 -2.80 -26.53
C ILE V 373 -52.04 -2.94 -27.56
N THR V 374 -51.97 -3.99 -28.39
CA THR V 374 -52.98 -4.23 -29.42
C THR V 374 -54.36 -4.48 -28.81
N ARG V 375 -54.45 -5.29 -27.75
CA ARG V 375 -55.75 -5.56 -27.16
C ARG V 375 -56.29 -4.37 -26.39
N THR V 376 -55.40 -3.52 -25.84
CA THR V 376 -55.84 -2.25 -25.24
C THR V 376 -56.54 -1.36 -26.28
N TRP V 377 -55.92 -1.20 -27.46
CA TRP V 377 -56.53 -0.34 -28.47
C TRP V 377 -57.77 -0.97 -29.12
N GLN V 378 -57.80 -2.30 -29.22
CA GLN V 378 -59.01 -2.99 -29.68
C GLN V 378 -60.18 -2.74 -28.74
N THR V 379 -59.92 -2.77 -27.42
CA THR V 379 -60.97 -2.49 -26.44
C THR V 379 -61.45 -1.04 -26.53
N ALA V 380 -60.53 -0.10 -26.71
CA ALA V 380 -60.91 1.31 -26.88
C ALA V 380 -61.78 1.52 -28.12
N ASP V 381 -61.43 0.86 -29.23
CA ASP V 381 -62.21 1.00 -30.47
C ASP V 381 -63.59 0.37 -30.34
N LYS V 382 -63.69 -0.80 -29.70
CA LYS V 382 -64.99 -1.44 -29.49
C LYS V 382 -65.89 -0.59 -28.59
N ASN V 383 -65.32 0.01 -27.53
CA ASN V 383 -66.12 0.87 -26.66
C ASN V 383 -66.56 2.15 -27.36
N LYS V 384 -65.73 2.71 -28.25
CA LYS V 384 -66.20 3.87 -29.02
C LYS V 384 -67.32 3.49 -29.97
N LYS V 385 -67.23 2.30 -30.60
CA LYS V 385 -68.30 1.87 -31.49
C LYS V 385 -69.60 1.60 -30.73
N GLU V 386 -69.52 1.12 -29.49
CA GLU V 386 -70.74 0.80 -28.75
C GLU V 386 -71.34 2.00 -28.02
N PHE V 387 -70.55 2.78 -27.29
CA PHE V 387 -71.06 3.84 -26.43
C PHE V 387 -70.86 5.24 -27.01
N GLY V 388 -70.23 5.38 -28.16
CA GLY V 388 -70.03 6.68 -28.75
C GLY V 388 -68.89 7.47 -28.12
N ARG V 389 -68.79 8.72 -28.56
CA ARG V 389 -67.75 9.62 -28.07
C ARG V 389 -68.02 10.03 -26.62
N LEU V 390 -66.95 10.10 -25.83
CA LEU V 390 -67.06 10.41 -24.41
C LEU V 390 -67.54 11.85 -24.19
N LYS V 391 -68.21 12.05 -23.05
CA LYS V 391 -68.73 13.38 -22.73
C LYS V 391 -67.64 14.35 -22.26
N GLU V 392 -66.46 13.84 -21.89
CA GLU V 392 -65.37 14.70 -21.45
C GLU V 392 -64.56 15.28 -22.61
N GLU V 393 -64.90 14.95 -23.85
CA GLU V 393 -64.13 15.41 -24.99
C GLU V 393 -64.37 16.90 -25.25
N LYS V 394 -63.31 17.57 -25.70
CA LYS V 394 -63.35 18.98 -26.09
C LYS V 394 -63.02 19.05 -27.58
N GLY V 395 -64.04 19.26 -28.40
CA GLY V 395 -63.84 19.31 -29.83
C GLY V 395 -64.20 18.00 -30.51
N ASP V 396 -64.01 17.99 -31.82
CA ASP V 396 -64.39 16.85 -32.66
C ASP V 396 -63.21 15.89 -32.81
N ASN V 397 -62.84 15.28 -31.67
CA ASN V 397 -61.74 14.33 -31.63
C ASN V 397 -61.96 13.37 -30.48
N ASP V 398 -61.00 12.46 -30.29
CA ASP V 398 -61.06 11.45 -29.24
C ASP V 398 -59.86 11.52 -28.29
N ASN V 399 -59.35 12.74 -28.04
CA ASN V 399 -58.09 12.89 -27.32
C ASN V 399 -58.16 12.42 -25.87
N PHE V 400 -59.30 12.64 -25.19
CA PHE V 400 -59.45 12.21 -23.80
C PHE V 400 -59.43 10.69 -23.68
N ARG V 401 -60.15 10.00 -24.58
CA ARG V 401 -60.16 8.53 -24.57
C ARG V 401 -58.78 7.97 -24.91
N ILE V 402 -58.07 8.63 -25.83
CA ILE V 402 -56.72 8.22 -26.21
C ILE V 402 -55.77 8.31 -25.02
N LYS V 403 -55.83 9.42 -24.27
CA LYS V 403 -55.00 9.56 -23.08
C LYS V 403 -55.38 8.55 -22.00
N ARG V 404 -56.68 8.31 -21.80
CA ARG V 404 -57.14 7.35 -20.80
C ARG V 404 -56.63 5.93 -21.08
N TYR V 405 -56.73 5.50 -22.33
CA TYR V 405 -56.26 4.13 -22.64
C TYR V 405 -54.73 4.05 -22.75
N LEU V 406 -54.06 5.12 -23.18
CA LEU V 406 -52.60 5.09 -23.24
C LEU V 406 -51.98 5.03 -21.85
N SER V 407 -52.61 5.67 -20.85
CA SER V 407 -52.11 5.63 -19.48
C SER V 407 -52.12 4.23 -18.86
N LYS V 408 -52.95 3.32 -19.38
CA LYS V 408 -53.09 2.00 -18.78
C LYS V 408 -51.84 1.14 -18.92
N TYR V 409 -51.03 1.34 -19.95
CA TYR V 409 -49.81 0.56 -20.10
C TYR V 409 -48.52 1.38 -20.08
N THR V 410 -48.57 2.70 -19.84
CA THR V 410 -47.34 3.47 -19.72
C THR V 410 -47.14 4.08 -18.34
N ILE V 411 -47.97 5.03 -17.91
CA ILE V 411 -47.62 5.80 -16.72
C ILE V 411 -48.16 5.15 -15.45
N ASN V 412 -49.35 4.54 -15.50
CA ASN V 412 -49.94 3.95 -14.30
C ASN V 412 -49.18 2.74 -13.75
N PRO V 413 -48.73 1.74 -14.55
CA PRO V 413 -47.87 0.70 -13.94
C PRO V 413 -46.53 1.21 -13.42
N ALA V 414 -45.97 2.25 -14.05
CA ALA V 414 -44.74 2.86 -13.57
C ALA V 414 -44.92 3.50 -12.20
N ILE V 415 -46.05 4.19 -12.00
CA ILE V 415 -46.39 4.74 -10.70
C ILE V 415 -46.60 3.63 -9.67
N ALA V 416 -47.31 2.57 -10.08
CA ALA V 416 -47.64 1.47 -9.17
C ALA V 416 -46.40 0.73 -8.67
N HIS V 417 -45.37 0.59 -9.49
CA HIS V 417 -44.17 -0.11 -9.02
C HIS V 417 -43.01 0.83 -8.69
N GLY V 418 -43.28 2.13 -8.56
CA GLY V 418 -42.31 3.08 -8.08
C GLY V 418 -41.12 3.36 -8.98
N ILE V 419 -41.31 3.38 -10.29
CA ILE V 419 -40.25 3.68 -11.24
C ILE V 419 -40.61 4.87 -12.13
N SER V 420 -41.62 5.66 -11.75
CA SER V 420 -42.08 6.75 -12.59
C SER V 420 -41.14 7.95 -12.62
N GLU V 421 -40.11 7.99 -11.77
CA GLU V 421 -39.10 9.02 -11.95
C GLU V 421 -38.15 8.71 -13.09
N TYR V 422 -38.11 7.46 -13.57
CA TYR V 422 -37.20 7.05 -14.63
C TYR V 422 -37.89 6.86 -15.98
N VAL V 423 -39.01 6.12 -16.03
CA VAL V 423 -39.65 5.72 -17.27
C VAL V 423 -41.14 6.03 -17.21
N GLY V 424 -41.83 5.77 -18.30
CA GLY V 424 -43.29 5.86 -18.34
C GLY V 424 -43.88 6.98 -19.18
N SER V 425 -43.10 7.99 -19.56
CA SER V 425 -43.64 9.12 -20.32
C SER V 425 -42.51 9.84 -21.05
N VAL V 426 -42.90 10.74 -21.95
CA VAL V 426 -41.97 11.55 -22.75
C VAL V 426 -41.84 12.89 -22.04
N GLU V 427 -40.88 12.99 -21.12
CA GLU V 427 -40.65 14.22 -20.36
C GLU V 427 -39.15 14.46 -20.21
N VAL V 428 -38.78 15.73 -20.01
CA VAL V 428 -37.39 16.12 -19.85
C VAL V 428 -36.84 15.55 -18.54
N GLY V 429 -35.69 14.90 -18.62
CA GLY V 429 -35.04 14.30 -17.47
C GLY V 429 -35.26 12.81 -17.31
N LYS V 430 -36.15 12.21 -18.08
CA LYS V 430 -36.38 10.78 -17.97
C LYS V 430 -35.47 9.99 -18.93
N VAL V 431 -35.45 8.68 -18.72
CA VAL V 431 -34.70 7.76 -19.57
C VAL V 431 -35.32 7.75 -20.97
N ALA V 432 -34.47 7.82 -22.00
CA ALA V 432 -34.93 7.85 -23.38
C ALA V 432 -35.22 6.43 -23.89
N ASP V 433 -36.36 5.89 -23.47
CA ASP V 433 -36.93 4.64 -24.00
C ASP V 433 -38.15 5.02 -24.85
N LEU V 434 -37.97 5.10 -26.17
CA LEU V 434 -38.98 5.66 -27.06
C LEU V 434 -39.31 4.70 -28.21
N VAL V 435 -40.53 4.79 -28.71
CA VAL V 435 -41.04 3.96 -29.81
C VAL V 435 -41.58 4.86 -30.92
N LEU V 436 -41.15 4.60 -32.16
CA LEU V 436 -41.60 5.32 -33.35
C LEU V 436 -42.64 4.49 -34.10
N TRP V 437 -43.79 5.10 -34.39
CA TRP V 437 -44.88 4.44 -35.10
C TRP V 437 -45.26 5.21 -36.36
N SER V 438 -45.54 4.48 -37.43
CA SER V 438 -46.32 5.00 -38.55
C SER V 438 -47.81 4.98 -38.20
N PRO V 439 -48.55 6.06 -38.49
CA PRO V 439 -49.97 6.12 -38.08
C PRO V 439 -50.86 5.03 -38.68
N ALA V 440 -50.54 4.54 -39.88
CA ALA V 440 -51.30 3.43 -40.45
C ALA V 440 -51.09 2.13 -39.67
N PHE V 441 -49.94 1.97 -39.01
CA PHE V 441 -49.63 0.77 -38.24
C PHE V 441 -49.63 1.01 -36.74
N PHE V 442 -50.30 2.07 -36.26
CA PHE V 442 -50.25 2.40 -34.84
C PHE V 442 -50.95 1.35 -34.01
N GLY V 443 -50.28 0.91 -32.95
CA GLY V 443 -50.83 -0.06 -32.02
C GLY V 443 -50.56 -1.51 -32.34
N VAL V 444 -50.00 -1.82 -33.51
CA VAL V 444 -49.75 -3.22 -33.84
C VAL V 444 -48.29 -3.48 -34.24
N LYS V 445 -47.71 -2.64 -35.11
CA LYS V 445 -46.35 -2.90 -35.58
C LYS V 445 -45.53 -1.61 -35.65
N PRO V 446 -44.56 -1.43 -34.75
CA PRO V 446 -43.77 -0.19 -34.73
C PRO V 446 -42.67 -0.18 -35.79
N ASN V 447 -42.09 1.02 -35.98
CA ASN V 447 -40.97 1.19 -36.91
C ASN V 447 -39.64 0.87 -36.24
N MET V 448 -39.34 1.49 -35.10
CA MET V 448 -38.08 1.26 -34.42
C MET V 448 -38.21 1.55 -32.93
N ILE V 449 -37.27 1.00 -32.16
CA ILE V 449 -37.20 1.15 -30.70
C ILE V 449 -35.88 1.83 -30.36
N ILE V 450 -35.95 2.90 -29.57
CA ILE V 450 -34.77 3.56 -29.03
C ILE V 450 -34.66 3.18 -27.56
N LYS V 451 -33.52 2.62 -27.18
CA LYS V 451 -33.32 2.10 -25.83
C LYS V 451 -32.10 2.77 -25.21
N GLY V 452 -32.34 3.53 -24.13
CA GLY V 452 -31.27 4.23 -23.45
C GLY V 452 -30.57 5.28 -24.28
N GLY V 453 -31.26 5.87 -25.24
CA GLY V 453 -30.66 6.88 -26.11
C GLY V 453 -29.98 6.37 -27.37
N PHE V 454 -30.09 5.08 -27.68
CA PHE V 454 -29.47 4.51 -28.87
C PHE V 454 -30.42 3.48 -29.48
N ILE V 455 -30.36 3.31 -30.80
CA ILE V 455 -31.33 2.46 -31.50
C ILE V 455 -31.01 0.99 -31.24
N ALA V 456 -32.01 0.25 -30.76
CA ALA V 456 -31.85 -1.16 -30.40
C ALA V 456 -32.56 -2.14 -31.32
N LEU V 457 -33.63 -1.73 -32.00
CA LEU V 457 -34.39 -2.64 -32.85
C LEU V 457 -35.07 -1.82 -33.94
N SER V 458 -35.18 -2.39 -35.15
CA SER V 458 -35.88 -1.72 -36.24
C SER V 458 -36.33 -2.74 -37.27
N GLN V 459 -37.33 -2.35 -38.05
CA GLN V 459 -37.63 -3.04 -39.30
C GLN V 459 -36.44 -2.87 -40.26
N MET V 460 -36.09 -3.94 -40.95
CA MET V 460 -34.88 -3.92 -41.77
C MET V 460 -34.99 -4.94 -42.89
N GLY V 461 -34.65 -4.52 -44.11
CA GLY V 461 -34.62 -5.41 -45.25
C GLY V 461 -33.33 -6.22 -45.31
N ASP V 462 -33.15 -6.90 -46.44
CA ASP V 462 -32.05 -7.84 -46.58
C ASP V 462 -30.69 -7.14 -46.63
N ALA V 463 -29.69 -7.80 -46.04
CA ALA V 463 -28.42 -7.15 -45.74
C ALA V 463 -27.58 -6.91 -46.99
N ASN V 464 -27.79 -7.69 -48.05
CA ASN V 464 -27.01 -7.52 -49.27
C ASN V 464 -27.58 -6.43 -50.18
N ALA V 465 -28.71 -5.84 -49.84
CA ALA V 465 -29.40 -4.94 -50.76
C ALA V 465 -28.74 -3.56 -50.81
N SER V 466 -29.11 -2.79 -51.84
CA SER V 466 -28.59 -1.45 -52.05
C SER V 466 -29.28 -0.38 -51.22
N ILE V 467 -30.41 -0.69 -50.58
CA ILE V 467 -31.11 0.20 -49.65
C ILE V 467 -31.72 -0.66 -48.55
N PRO V 468 -32.07 -0.06 -47.40
CA PRO V 468 -32.63 -0.90 -46.31
C PRO V 468 -34.09 -1.33 -46.50
N THR V 469 -34.80 -0.81 -47.48
CA THR V 469 -36.23 -1.12 -47.72
C THR V 469 -36.64 -2.42 -48.43
N PRO V 470 -35.93 -3.00 -49.42
CA PRO V 470 -36.49 -4.15 -50.15
C PRO V 470 -36.60 -5.43 -49.34
N GLN V 471 -37.47 -6.31 -49.85
CA GLN V 471 -37.96 -7.46 -49.13
C GLN V 471 -36.90 -8.57 -49.03
N PRO V 472 -36.96 -9.42 -47.97
CA PRO V 472 -37.90 -9.47 -46.84
C PRO V 472 -37.57 -8.48 -45.71
N VAL V 473 -38.61 -7.84 -45.19
CA VAL V 473 -38.49 -6.89 -44.09
C VAL V 473 -39.03 -7.56 -42.83
N TYR V 474 -38.18 -7.67 -41.81
CA TYR V 474 -38.62 -8.12 -40.49
C TYR V 474 -37.77 -7.44 -39.41
N TYR V 475 -38.13 -7.68 -38.15
CA TYR V 475 -37.47 -7.00 -37.04
C TYR V 475 -36.13 -7.63 -36.72
N ARG V 476 -35.07 -6.81 -36.70
CA ARG V 476 -33.71 -7.27 -36.48
C ARG V 476 -33.04 -6.44 -35.38
N GLU V 477 -32.10 -7.06 -34.68
CA GLU V 477 -31.34 -6.40 -33.62
C GLU V 477 -30.40 -5.34 -34.21
N MET V 478 -30.33 -4.19 -33.54
CA MET V 478 -29.44 -3.09 -33.93
C MET V 478 -28.24 -3.03 -32.97
N PHE V 479 -27.44 -1.95 -33.06
CA PHE V 479 -26.13 -1.94 -32.40
C PHE V 479 -26.23 -1.81 -30.87
N ALA V 480 -27.31 -1.22 -30.34
CA ALA V 480 -27.47 -1.14 -28.89
C ALA V 480 -27.79 -2.50 -28.25
N HIS V 481 -28.12 -3.51 -29.05
CA HIS V 481 -28.41 -4.87 -28.61
C HIS V 481 -27.16 -5.71 -28.35
N HIS V 482 -25.96 -5.22 -28.71
CA HIS V 482 -24.79 -6.07 -28.86
C HIS V 482 -23.60 -5.57 -28.03
N GLY V 483 -22.67 -6.49 -27.77
CA GLY V 483 -21.38 -6.14 -27.19
C GLY V 483 -21.50 -5.65 -25.76
N LYS V 484 -20.65 -4.68 -25.41
CA LYS V 484 -20.74 -4.01 -24.12
C LYS V 484 -21.65 -2.78 -24.16
N ALA V 485 -22.18 -2.44 -25.34
CA ALA V 485 -23.13 -1.32 -25.44
C ALA V 485 -24.46 -1.64 -24.74
N LYS V 486 -24.86 -2.91 -24.73
CA LYS V 486 -26.12 -3.28 -24.10
C LYS V 486 -26.09 -3.12 -22.58
N TYR V 487 -24.90 -3.12 -21.97
CA TYR V 487 -24.79 -2.84 -20.54
C TYR V 487 -25.13 -1.39 -20.23
N ASP V 488 -24.74 -0.46 -21.11
CA ASP V 488 -25.00 0.95 -20.88
C ASP V 488 -26.43 1.37 -21.21
N ALA V 489 -27.16 0.55 -21.96
CA ALA V 489 -28.49 0.92 -22.43
C ALA V 489 -29.65 0.31 -21.64
N ASN V 490 -29.38 -0.50 -20.63
CA ASN V 490 -30.42 -1.25 -19.93
C ASN V 490 -30.30 -1.07 -18.41
N ILE V 491 -31.43 -1.25 -17.73
CA ILE V 491 -31.55 -1.00 -16.29
C ILE V 491 -32.08 -2.26 -15.60
N THR V 492 -31.46 -2.64 -14.49
CA THR V 492 -32.03 -3.61 -13.55
C THR V 492 -32.51 -2.87 -12.30
N PHE V 493 -33.81 -2.95 -12.01
CA PHE V 493 -34.38 -2.31 -10.83
C PHE V 493 -34.28 -3.23 -9.62
N VAL V 494 -33.91 -2.66 -8.46
CA VAL V 494 -33.80 -3.38 -7.19
C VAL V 494 -34.43 -2.52 -6.09
N SER V 495 -34.49 -3.07 -4.87
CA SER V 495 -34.95 -2.31 -3.73
C SER V 495 -33.87 -1.34 -3.26
N GLN V 496 -34.28 -0.34 -2.48
CA GLN V 496 -33.35 0.65 -1.94
C GLN V 496 -32.38 0.01 -0.95
N ALA V 497 -32.86 -0.95 -0.16
CA ALA V 497 -32.01 -1.64 0.81
C ALA V 497 -30.93 -2.46 0.12
N ALA V 498 -31.27 -3.16 -0.97
CA ALA V 498 -30.26 -3.93 -1.71
C ALA V 498 -29.27 -3.01 -2.41
N TYR V 499 -29.76 -1.87 -2.91
CA TYR V 499 -28.89 -0.88 -3.55
C TYR V 499 -27.88 -0.31 -2.56
N ASP V 500 -28.31 -0.02 -1.33
CA ASP V 500 -27.42 0.56 -0.33
C ASP V 500 -26.39 -0.44 0.19
N LYS V 501 -26.70 -1.73 0.18
CA LYS V 501 -25.72 -2.72 0.61
C LYS V 501 -24.77 -3.14 -0.50
N GLY V 502 -24.85 -2.52 -1.68
CA GLY V 502 -23.93 -2.78 -2.77
C GLY V 502 -24.16 -4.08 -3.51
N ILE V 503 -25.40 -4.32 -3.98
CA ILE V 503 -25.72 -5.56 -4.69
C ILE V 503 -25.05 -5.59 -6.07
N LYS V 504 -24.83 -4.43 -6.70
CA LYS V 504 -24.21 -4.39 -8.02
C LYS V 504 -22.78 -4.90 -7.99
N GLU V 505 -22.01 -4.50 -6.98
CA GLU V 505 -20.63 -4.94 -6.86
C GLU V 505 -20.54 -6.37 -6.34
N GLU V 506 -21.48 -6.78 -5.46
CA GLU V 506 -21.43 -8.12 -4.88
C GLU V 506 -21.70 -9.21 -5.93
N LEU V 507 -22.65 -8.98 -6.82
CA LEU V 507 -22.98 -9.97 -7.85
C LEU V 507 -22.25 -9.72 -9.17
N GLY V 508 -21.43 -8.68 -9.26
CA GLY V 508 -20.69 -8.39 -10.48
C GLY V 508 -21.53 -7.99 -11.67
N LEU V 509 -22.59 -7.20 -11.46
CA LEU V 509 -23.47 -6.80 -12.55
C LEU V 509 -22.86 -5.61 -13.31
N GLU V 510 -23.01 -5.62 -14.63
CA GLU V 510 -22.51 -4.55 -15.48
C GLU V 510 -23.59 -3.62 -16.00
N ARG V 511 -24.86 -3.99 -15.89
CA ARG V 511 -25.97 -3.11 -16.24
C ARG V 511 -26.08 -1.96 -15.25
N GLN V 512 -26.85 -0.94 -15.61
CA GLN V 512 -27.25 0.10 -14.65
C GLN V 512 -28.17 -0.51 -13.61
N VAL V 513 -27.97 -0.13 -12.34
CA VAL V 513 -28.78 -0.62 -11.23
C VAL V 513 -29.36 0.58 -10.50
N LEU V 514 -30.69 0.64 -10.40
CA LEU V 514 -31.41 1.77 -9.82
C LEU V 514 -32.47 1.29 -8.82
N PRO V 515 -32.73 2.07 -7.77
CA PRO V 515 -33.73 1.66 -6.77
C PRO V 515 -35.14 2.18 -7.06
N VAL V 516 -36.12 1.38 -6.65
CA VAL V 516 -37.52 1.81 -6.68
C VAL V 516 -37.84 2.62 -5.42
N LYS V 517 -38.86 3.47 -5.51
CA LYS V 517 -39.21 4.36 -4.39
C LYS V 517 -40.64 4.85 -4.52
N ASN V 518 -41.20 5.32 -3.39
CA ASN V 518 -42.55 5.87 -3.27
C ASN V 518 -43.63 4.85 -3.66
N CYS V 519 -43.54 3.65 -3.09
CA CYS V 519 -44.50 2.58 -3.37
C CYS V 519 -45.66 2.53 -2.38
N ARG V 520 -45.50 3.07 -1.17
CA ARG V 520 -46.47 2.83 -0.11
C ARG V 520 -47.46 3.96 0.12
N ASN V 521 -47.21 5.16 -0.42
CA ASN V 521 -48.07 6.31 -0.16
C ASN V 521 -48.93 6.69 -1.38
N ILE V 522 -49.30 5.71 -2.19
CA ILE V 522 -50.11 5.96 -3.37
C ILE V 522 -51.43 5.21 -3.24
N THR V 523 -52.49 5.80 -3.79
CA THR V 523 -53.80 5.19 -3.83
C THR V 523 -54.37 5.20 -5.25
N LYS V 524 -55.67 4.85 -5.38
CA LYS V 524 -56.36 4.90 -6.66
C LYS V 524 -56.38 6.30 -7.26
N LYS V 525 -56.37 7.35 -6.42
CA LYS V 525 -56.35 8.74 -6.87
C LYS V 525 -55.04 9.13 -7.55
N ASP V 526 -53.98 8.34 -7.44
CA ASP V 526 -52.73 8.65 -8.12
C ASP V 526 -52.66 8.10 -9.53
N MET V 527 -53.65 7.35 -9.99
CA MET V 527 -53.65 6.82 -11.35
C MET V 527 -54.13 7.88 -12.33
N GLN V 528 -53.34 8.15 -13.36
CA GLN V 528 -53.66 9.20 -14.33
C GLN V 528 -54.81 8.77 -15.23
N PHE V 529 -55.85 9.61 -15.29
CA PHE V 529 -57.05 9.47 -16.12
C PHE V 529 -57.92 8.26 -15.79
N ASN V 530 -57.53 7.43 -14.82
CA ASN V 530 -58.34 6.29 -14.40
C ASN V 530 -58.33 6.28 -12.86
N ASP V 531 -59.14 7.14 -12.26
CA ASP V 531 -59.09 7.34 -10.82
C ASP V 531 -60.46 7.27 -10.17
N THR V 532 -61.43 6.64 -10.83
CA THR V 532 -62.80 6.56 -10.36
C THR V 532 -62.92 5.57 -9.21
N THR V 533 -63.56 5.99 -8.12
CA THR V 533 -63.99 5.11 -7.06
C THR V 533 -65.51 5.04 -7.05
N ALA V 534 -66.04 3.88 -6.67
CA ALA V 534 -67.48 3.65 -6.66
C ALA V 534 -67.79 2.48 -5.73
N HIS V 535 -69.08 2.28 -5.50
CA HIS V 535 -69.57 1.14 -4.73
C HIS V 535 -70.06 0.07 -5.71
N ILE V 536 -69.48 -1.12 -5.64
CA ILE V 536 -69.71 -2.19 -6.61
C ILE V 536 -70.33 -3.38 -5.89
N GLU V 537 -71.41 -3.91 -6.46
CA GLU V 537 -72.10 -5.07 -5.90
C GLU V 537 -72.26 -6.15 -6.96
N VAL V 538 -72.12 -7.41 -6.55
CA VAL V 538 -72.31 -8.57 -7.42
C VAL V 538 -73.42 -9.43 -6.82
N ASN V 539 -74.40 -9.77 -7.64
CA ASN V 539 -75.47 -10.65 -7.21
C ASN V 539 -74.94 -12.07 -6.99
N PRO V 540 -75.18 -12.67 -5.83
CA PRO V 540 -74.63 -14.01 -5.55
C PRO V 540 -75.21 -15.13 -6.39
N GLU V 541 -76.34 -14.92 -7.06
CA GLU V 541 -77.02 -15.97 -7.83
C GLU V 541 -76.91 -15.78 -9.33
N THR V 542 -77.23 -14.59 -9.84
CA THR V 542 -77.19 -14.34 -11.28
C THR V 542 -75.87 -13.77 -11.77
N TYR V 543 -74.97 -13.39 -10.86
CA TYR V 543 -73.65 -12.81 -11.12
C TYR V 543 -73.72 -11.47 -11.86
N HIS V 544 -74.82 -10.74 -11.79
CA HIS V 544 -74.90 -9.42 -12.39
C HIS V 544 -74.10 -8.41 -11.57
N VAL V 545 -73.57 -7.40 -12.25
CA VAL V 545 -72.66 -6.41 -11.67
C VAL V 545 -73.34 -5.04 -11.66
N PHE V 546 -73.35 -4.40 -10.50
CA PHE V 546 -73.95 -3.08 -10.32
C PHE V 546 -72.90 -2.08 -9.84
N VAL V 547 -72.92 -0.89 -10.43
CA VAL V 547 -72.03 0.21 -10.05
C VAL V 547 -72.91 1.38 -9.60
N ASP V 548 -72.89 1.68 -8.30
CA ASP V 548 -73.73 2.70 -7.66
C ASP V 548 -75.21 2.49 -7.96
N GLY V 549 -75.64 1.23 -7.95
CA GLY V 549 -77.02 0.86 -8.23
C GLY V 549 -77.32 0.53 -9.68
N LYS V 550 -76.56 1.06 -10.63
CA LYS V 550 -76.84 0.88 -12.05
C LYS V 550 -76.14 -0.37 -12.58
N GLU V 551 -76.86 -1.15 -13.38
CA GLU V 551 -76.30 -2.33 -14.00
C GLU V 551 -75.30 -1.97 -15.10
N VAL V 552 -74.21 -2.72 -15.17
CA VAL V 552 -73.12 -2.44 -16.10
C VAL V 552 -72.82 -3.70 -16.88
N THR V 553 -72.85 -3.61 -18.21
CA THR V 553 -72.60 -4.75 -19.09
C THR V 553 -72.16 -4.23 -20.46
N SER V 554 -71.87 -5.16 -21.36
CA SER V 554 -71.58 -4.84 -22.75
C SER V 554 -71.91 -6.05 -23.61
N LYS V 555 -71.82 -5.87 -24.93
CA LYS V 555 -72.14 -6.89 -25.92
C LYS V 555 -70.87 -7.50 -26.50
N PRO V 556 -70.87 -8.80 -26.81
CA PRO V 556 -69.70 -9.40 -27.48
C PRO V 556 -69.59 -8.93 -28.93
N ALA V 557 -68.36 -8.97 -29.44
CA ALA V 557 -68.05 -8.52 -30.79
C ALA V 557 -67.70 -9.70 -31.68
N ASN V 558 -68.13 -9.65 -32.94
CA ASN V 558 -67.77 -10.67 -33.91
C ASN V 558 -66.57 -10.29 -34.76
N LYS V 559 -66.06 -9.06 -34.65
CA LYS V 559 -64.95 -8.60 -35.45
C LYS V 559 -64.22 -7.49 -34.71
N VAL V 560 -62.88 -7.51 -34.74
CA VAL V 560 -62.08 -6.48 -34.10
C VAL V 560 -61.16 -5.85 -35.15
N SER V 561 -60.72 -4.64 -34.85
CA SER V 561 -59.71 -4.00 -35.68
C SER V 561 -58.31 -4.49 -35.27
N LEU V 562 -57.32 -4.10 -36.08
CA LEU V 562 -55.89 -4.39 -35.86
C LEU V 562 -55.59 -5.88 -35.76
N ALA V 563 -56.35 -6.75 -36.44
CA ALA V 563 -56.05 -8.19 -36.36
C ALA V 563 -55.71 -8.82 -37.70
N GLN V 564 -56.66 -9.03 -38.59
CA GLN V 564 -56.38 -9.86 -39.77
C GLN V 564 -55.83 -9.06 -40.93
N LEU V 565 -55.98 -7.73 -40.90
CA LEU V 565 -55.42 -6.87 -41.94
C LEU V 565 -53.88 -6.84 -41.89
N PHE V 566 -53.29 -7.11 -40.73
CA PHE V 566 -51.87 -6.80 -40.50
C PHE V 566 -50.97 -8.03 -40.35
N SER V 567 -51.52 -9.22 -40.15
CA SER V 567 -50.69 -10.37 -39.80
C SER V 567 -51.02 -11.56 -40.70
N ILE V 568 -49.97 -12.27 -41.14
CA ILE V 568 -50.18 -13.47 -41.94
C ILE V 568 -50.56 -14.67 -41.06
N PHE V 569 -50.27 -14.63 -39.78
CA PHE V 569 -50.70 -15.66 -38.85
C PHE V 569 -51.14 -15.03 -37.53
N MET W 1 18.98 12.28 -69.33
CA MET W 1 20.02 11.26 -69.36
C MET W 1 21.39 11.87 -69.65
N LYS W 2 22.42 11.32 -69.01
CA LYS W 2 23.80 11.72 -69.25
C LYS W 2 24.70 10.50 -69.14
N LYS W 3 25.87 10.59 -69.76
CA LYS W 3 26.89 9.56 -69.67
C LYS W 3 28.00 10.02 -68.72
N ILE W 4 28.37 9.16 -67.79
CA ILE W 4 29.46 9.40 -66.85
C ILE W 4 30.45 8.26 -67.00
N SER W 5 31.73 8.58 -67.07
CA SER W 5 32.76 7.53 -67.17
C SER W 5 32.85 6.75 -65.87
N ARG W 6 33.30 5.50 -66.00
CA ARG W 6 33.31 4.56 -64.87
C ARG W 6 34.27 5.01 -63.78
N LYS W 7 35.40 5.59 -64.17
CA LYS W 7 36.44 5.98 -63.21
C LYS W 7 35.95 7.10 -62.29
N GLU W 8 35.31 8.12 -62.83
CA GLU W 8 34.84 9.21 -61.98
C GLU W 8 33.59 8.82 -61.19
N TYR W 9 32.76 7.91 -61.72
CA TYR W 9 31.66 7.36 -60.92
C TYR W 9 32.20 6.64 -59.70
N VAL W 10 33.22 5.80 -59.88
CA VAL W 10 33.77 5.03 -58.77
C VAL W 10 34.48 5.95 -57.79
N SER W 11 35.14 7.00 -58.28
CA SER W 11 35.77 7.98 -57.38
C SER W 11 34.72 8.75 -56.56
N MET W 12 33.51 8.93 -57.10
CA MET W 12 32.49 9.59 -56.30
C MET W 12 31.70 8.67 -55.38
N TYR W 13 31.38 7.44 -55.81
CA TYR W 13 30.44 6.61 -55.09
C TYR W 13 30.93 5.22 -54.72
N GLY W 14 32.16 4.85 -55.08
CA GLY W 14 32.64 3.51 -54.84
C GLY W 14 32.30 2.57 -55.98
N PRO W 15 32.81 1.34 -55.91
CA PRO W 15 32.61 0.39 -57.02
C PRO W 15 31.16 -0.05 -57.16
N THR W 16 30.79 -0.42 -58.38
CA THR W 16 29.45 -0.90 -58.67
C THR W 16 29.50 -2.25 -59.37
N THR W 17 28.38 -2.72 -59.93
CA THR W 17 28.22 -4.09 -60.41
C THR W 17 29.23 -4.44 -61.50
N GLY W 18 29.98 -5.52 -61.27
CA GLY W 18 31.02 -5.97 -62.17
C GLY W 18 32.42 -5.51 -61.81
N ASP W 19 32.56 -4.45 -61.02
CA ASP W 19 33.88 -3.98 -60.61
C ASP W 19 34.48 -4.91 -59.55
N LYS W 20 35.81 -4.88 -59.45
CA LYS W 20 36.56 -5.78 -58.57
C LYS W 20 37.52 -5.01 -57.67
N VAL W 21 37.80 -5.58 -56.49
CA VAL W 21 38.71 -4.97 -55.52
C VAL W 21 39.60 -6.05 -54.90
N ARG W 22 40.88 -5.73 -54.74
CA ARG W 22 41.82 -6.58 -54.02
C ARG W 22 41.68 -6.38 -52.51
N LEU W 23 41.66 -7.47 -51.76
CA LEU W 23 41.55 -7.41 -50.31
C LEU W 23 42.94 -7.33 -49.69
N GLY W 24 43.27 -6.18 -49.11
CA GLY W 24 44.56 -5.97 -48.47
C GLY W 24 45.71 -6.08 -49.44
N ASP W 25 46.81 -6.66 -48.96
CA ASP W 25 47.94 -6.99 -49.82
C ASP W 25 47.95 -8.46 -50.23
N THR W 26 46.80 -9.15 -50.13
CA THR W 26 46.69 -10.54 -50.54
C THR W 26 46.45 -10.63 -52.05
N ASP W 27 46.23 -11.86 -52.53
CA ASP W 27 45.87 -12.12 -53.92
C ASP W 27 44.39 -12.49 -54.07
N LEU W 28 43.55 -12.12 -53.12
CA LEU W 28 42.13 -12.43 -53.17
C LEU W 28 41.37 -11.26 -53.78
N ILE W 29 40.57 -11.55 -54.80
CA ILE W 29 39.86 -10.53 -55.58
C ILE W 29 38.36 -10.73 -55.38
N ALA W 30 37.70 -9.71 -54.84
CA ALA W 30 36.25 -9.72 -54.63
C ALA W 30 35.56 -8.95 -55.75
N GLU W 31 34.37 -9.41 -56.13
CA GLU W 31 33.60 -8.78 -57.20
C GLU W 31 32.20 -8.41 -56.70
N VAL W 32 31.73 -7.22 -57.08
CA VAL W 32 30.40 -6.75 -56.70
C VAL W 32 29.35 -7.50 -57.50
N GLU W 33 28.45 -8.18 -56.79
CA GLU W 33 27.44 -9.02 -57.43
C GLU W 33 26.17 -8.27 -57.81
N HIS W 34 25.80 -7.21 -57.08
CA HIS W 34 24.52 -6.53 -57.25
C HIS W 34 24.61 -5.15 -56.61
N ASP W 35 23.77 -4.23 -57.09
CA ASP W 35 23.69 -2.86 -56.56
C ASP W 35 22.23 -2.45 -56.42
N TYR W 36 21.88 -1.89 -55.27
CA TYR W 36 20.51 -1.46 -54.99
C TYR W 36 20.22 -0.01 -55.39
N THR W 37 21.22 0.75 -55.82
CA THR W 37 21.00 2.17 -56.05
C THR W 37 20.29 2.41 -57.38
N ILE W 38 19.74 3.61 -57.51
CA ILE W 38 19.22 4.13 -58.78
C ILE W 38 20.20 5.19 -59.26
N TYR W 39 20.71 5.01 -60.47
CA TYR W 39 21.79 5.86 -60.99
C TYR W 39 21.29 7.29 -61.20
N GLY W 40 21.98 8.24 -60.58
CA GLY W 40 21.56 9.62 -60.56
C GLY W 40 20.87 10.07 -59.30
N GLU W 41 20.56 9.16 -58.38
CA GLU W 41 19.89 9.50 -57.13
C GLU W 41 20.70 9.06 -55.91
N GLU W 42 22.03 9.13 -56.01
CA GLU W 42 22.91 8.67 -54.93
C GLU W 42 22.90 9.66 -53.77
N LEU W 43 23.12 9.14 -52.56
CA LEU W 43 23.19 9.96 -51.36
C LEU W 43 24.62 10.42 -51.11
N LYS W 44 24.81 11.73 -50.96
CA LYS W 44 26.09 12.34 -50.64
C LYS W 44 25.89 13.42 -49.60
N PHE W 45 26.80 13.50 -48.63
CA PHE W 45 26.73 14.49 -47.56
C PHE W 45 27.81 15.55 -47.71
N GLY W 46 27.43 16.80 -47.52
CA GLY W 46 28.36 17.91 -47.58
C GLY W 46 27.65 19.15 -48.07
N GLY W 47 28.43 20.22 -48.25
CA GLY W 47 27.89 21.48 -48.70
C GLY W 47 27.52 21.42 -50.16
N GLY W 48 26.26 21.73 -50.48
CA GLY W 48 25.77 21.63 -51.84
C GLY W 48 25.43 20.24 -52.33
N LYS W 49 25.49 19.24 -51.46
CA LYS W 49 25.23 17.85 -51.83
C LYS W 49 23.75 17.51 -51.59
N THR W 50 23.39 16.22 -51.60
CA THR W 50 21.99 15.83 -51.64
C THR W 50 21.34 15.64 -50.28
N LEU W 51 22.10 15.37 -49.21
CA LEU W 51 21.50 15.08 -47.90
C LEU W 51 21.18 16.36 -47.14
N ARG W 52 20.21 17.09 -47.69
CA ARG W 52 19.80 18.39 -47.16
C ARG W 52 18.27 18.42 -47.08
N GLU W 53 17.75 19.39 -46.32
CA GLU W 53 16.32 19.43 -46.02
C GLU W 53 15.50 19.71 -47.28
N GLY W 54 14.46 18.91 -47.47
CA GLY W 54 13.62 18.99 -48.64
C GLY W 54 14.14 18.28 -49.88
N MET W 55 15.34 17.70 -49.84
CA MET W 55 15.88 17.03 -51.02
C MET W 55 16.02 15.51 -50.81
N SER W 56 16.92 15.06 -49.94
CA SER W 56 16.96 13.65 -49.56
C SER W 56 16.67 13.44 -48.09
N GLN W 57 16.74 14.48 -47.28
CA GLN W 57 16.16 14.48 -45.94
C GLN W 57 14.72 14.95 -46.06
N SER W 58 13.80 14.09 -45.65
CA SER W 58 12.38 14.38 -45.80
C SER W 58 11.90 15.44 -44.82
N ASN W 59 11.02 16.32 -45.28
CA ASN W 59 10.26 17.18 -44.40
C ASN W 59 8.95 16.54 -43.95
N ASN W 60 8.55 15.41 -44.54
CA ASN W 60 7.39 14.64 -44.10
C ASN W 60 7.77 13.17 -43.99
N PRO W 61 8.62 12.81 -43.02
CA PRO W 61 9.16 11.45 -42.99
C PRO W 61 8.13 10.44 -42.47
N SER W 62 8.43 9.18 -42.72
CA SER W 62 7.60 8.10 -42.20
C SER W 62 7.76 8.01 -40.68
N LYS W 63 6.82 7.30 -40.05
CA LYS W 63 6.90 7.09 -38.61
C LYS W 63 7.99 6.09 -38.21
N GLU W 64 8.60 5.40 -39.17
CA GLU W 64 9.73 4.50 -38.95
C GLU W 64 11.05 5.15 -39.30
N GLU W 65 11.19 6.44 -39.00
CA GLU W 65 12.34 7.25 -39.38
C GLU W 65 13.64 6.73 -38.74
N LEU W 66 14.72 6.70 -39.54
CA LEU W 66 15.98 6.11 -39.13
C LEU W 66 16.75 6.99 -38.15
N ASP W 67 17.53 6.34 -37.28
CA ASP W 67 18.46 7.05 -36.40
C ASP W 67 19.83 7.27 -37.04
N LEU W 68 20.26 6.42 -37.97
CA LEU W 68 21.56 6.50 -38.61
C LEU W 68 21.50 5.79 -39.96
N ILE W 69 22.17 6.35 -40.96
CA ILE W 69 22.27 5.72 -42.28
C ILE W 69 23.73 5.69 -42.73
N ILE W 70 24.18 4.53 -43.21
CA ILE W 70 25.49 4.36 -43.82
C ILE W 70 25.29 4.33 -45.34
N THR W 71 25.86 5.31 -46.05
CA THR W 71 25.60 5.50 -47.46
C THR W 71 26.67 4.85 -48.33
N ASN W 72 26.24 4.18 -49.40
CA ASN W 72 27.11 3.64 -50.46
C ASN W 72 28.13 2.62 -49.93
N ALA W 73 27.67 1.71 -49.08
CA ALA W 73 28.55 0.72 -48.47
C ALA W 73 28.70 -0.51 -49.36
N LEU W 74 29.90 -1.10 -49.35
CA LEU W 74 30.14 -2.40 -49.96
C LEU W 74 30.07 -3.47 -48.87
N ILE W 75 28.99 -4.25 -48.88
CA ILE W 75 28.75 -5.26 -47.85
C ILE W 75 29.43 -6.56 -48.24
N VAL W 76 30.22 -7.12 -47.33
CA VAL W 76 30.84 -8.44 -47.51
C VAL W 76 30.33 -9.35 -46.41
N ASP W 77 29.54 -10.34 -46.78
CA ASP W 77 28.82 -11.18 -45.83
C ASP W 77 28.70 -12.58 -46.42
N TYR W 78 28.33 -13.56 -45.59
CA TYR W 78 28.08 -14.90 -46.09
C TYR W 78 26.85 -14.95 -47.00
N THR W 79 25.94 -13.98 -46.86
CA THR W 79 24.78 -13.89 -47.74
C THR W 79 25.07 -13.23 -49.09
N GLY W 80 26.22 -12.58 -49.27
CA GLY W 80 26.57 -12.04 -50.57
C GLY W 80 27.51 -10.86 -50.44
N ILE W 81 28.01 -10.43 -51.61
CA ILE W 81 28.92 -9.29 -51.74
C ILE W 81 28.25 -8.29 -52.69
N TYR W 82 27.79 -7.15 -52.15
CA TYR W 82 26.91 -6.25 -52.88
C TYR W 82 26.96 -4.84 -52.29
N LYS W 83 26.45 -3.87 -53.07
CA LYS W 83 26.43 -2.46 -52.68
C LYS W 83 25.02 -2.04 -52.25
N ALA W 84 24.93 -1.36 -51.11
CA ALA W 84 23.65 -0.88 -50.59
C ALA W 84 23.89 0.21 -49.56
N ASP W 85 22.80 0.85 -49.15
CA ASP W 85 22.77 1.70 -47.96
C ASP W 85 22.20 0.92 -46.78
N ILE W 86 22.73 1.16 -45.59
CA ILE W 86 22.36 0.41 -44.39
C ILE W 86 21.71 1.38 -43.40
N GLY W 87 20.51 1.04 -42.93
CA GLY W 87 19.76 1.87 -41.99
C GLY W 87 19.66 1.23 -40.63
N ILE W 88 19.85 2.04 -39.58
CA ILE W 88 19.86 1.58 -38.19
C ILE W 88 18.81 2.35 -37.40
N LYS W 89 17.98 1.61 -36.65
CA LYS W 89 16.99 2.20 -35.75
C LYS W 89 16.91 1.39 -34.48
N ASP W 90 17.05 2.08 -33.33
CA ASP W 90 16.88 1.51 -31.99
C ASP W 90 17.82 0.34 -31.73
N GLY W 91 19.09 0.49 -32.13
CA GLY W 91 20.09 -0.53 -31.91
C GLY W 91 20.02 -1.72 -32.84
N LYS W 92 19.14 -1.72 -33.83
CA LYS W 92 18.96 -2.83 -34.74
C LYS W 92 19.17 -2.37 -36.18
N ILE W 93 19.50 -3.32 -37.05
CA ILE W 93 19.53 -3.08 -38.49
C ILE W 93 18.08 -3.02 -38.97
N ALA W 94 17.65 -1.86 -39.44
CA ALA W 94 16.26 -1.66 -39.82
C ALA W 94 16.01 -1.90 -41.31
N GLY W 95 16.99 -1.66 -42.16
CA GLY W 95 16.77 -1.81 -43.60
C GLY W 95 18.08 -1.85 -44.35
N ILE W 96 18.08 -2.59 -45.45
CA ILE W 96 19.21 -2.68 -46.37
C ILE W 96 18.64 -2.46 -47.77
N GLY W 97 19.05 -1.37 -48.41
CA GLY W 97 18.47 -1.01 -49.70
C GLY W 97 18.85 0.37 -50.21
N LYS W 98 17.88 1.15 -50.66
CA LYS W 98 18.19 2.42 -51.33
C LYS W 98 18.21 3.61 -50.37
N GLY W 99 17.08 3.94 -49.75
CA GLY W 99 17.06 5.03 -48.79
C GLY W 99 17.03 6.45 -49.36
N GLY W 100 16.30 7.34 -48.72
CA GLY W 100 16.18 8.71 -49.17
C GLY W 100 14.86 9.32 -48.75
N ASN W 101 14.30 10.15 -49.63
CA ASN W 101 13.06 10.89 -49.38
C ASN W 101 12.07 10.58 -50.48
N LYS W 102 10.94 9.97 -50.12
CA LYS W 102 9.90 9.59 -51.07
C LYS W 102 9.21 10.80 -51.70
N ASP W 103 9.27 11.97 -51.06
CA ASP W 103 8.69 13.17 -51.65
C ASP W 103 9.41 13.61 -52.92
N MET W 104 10.69 13.27 -53.07
CA MET W 104 11.49 13.73 -54.20
C MET W 104 12.18 12.62 -55.00
N GLN W 105 12.16 11.37 -54.55
CA GLN W 105 12.90 10.28 -55.19
C GLN W 105 12.01 9.04 -55.31
N ASP W 106 12.35 8.17 -56.26
CA ASP W 106 11.42 7.12 -56.68
C ASP W 106 11.34 5.94 -55.72
N GLY W 107 12.41 5.16 -55.59
CA GLY W 107 12.27 3.86 -54.97
C GLY W 107 12.56 3.74 -53.49
N VAL W 108 11.91 4.55 -52.64
CA VAL W 108 12.22 4.62 -51.22
C VAL W 108 11.10 3.95 -50.43
N LYS W 109 11.42 2.88 -49.71
CA LYS W 109 10.46 2.21 -48.85
C LYS W 109 10.43 2.88 -47.46
N ASN W 110 9.37 2.54 -46.69
CA ASN W 110 9.09 3.22 -45.42
C ASN W 110 10.17 2.97 -44.37
N ASN W 111 10.79 1.79 -44.38
CA ASN W 111 11.80 1.46 -43.38
C ASN W 111 13.18 2.05 -43.70
N LEU W 112 13.34 2.75 -44.82
CA LEU W 112 14.60 3.41 -45.14
C LEU W 112 14.41 4.92 -45.32
N SER W 113 13.44 5.49 -44.59
CA SER W 113 13.15 6.92 -44.70
C SER W 113 14.18 7.73 -43.90
N VAL W 114 14.73 8.76 -44.55
CA VAL W 114 15.70 9.67 -43.94
C VAL W 114 14.98 10.93 -43.52
N GLY W 115 15.15 11.33 -42.26
CA GLY W 115 14.47 12.50 -41.74
C GLY W 115 15.32 13.38 -40.85
N PRO W 116 14.68 14.34 -40.16
CA PRO W 116 15.43 15.22 -39.25
C PRO W 116 16.10 14.52 -38.08
N ALA W 117 15.63 13.35 -37.67
CA ALA W 117 16.26 12.62 -36.57
C ALA W 117 17.47 11.79 -37.01
N THR W 118 17.81 11.76 -38.29
CA THR W 118 18.83 10.86 -38.82
C THR W 118 20.21 11.51 -38.84
N GLU W 119 21.22 10.74 -38.43
CA GLU W 119 22.64 11.05 -38.59
C GLU W 119 23.22 10.29 -39.79
N ALA W 120 24.21 10.88 -40.46
CA ALA W 120 24.81 10.31 -41.67
C ALA W 120 26.25 9.86 -41.45
N LEU W 121 26.61 8.74 -42.08
CA LEU W 121 27.97 8.21 -42.07
C LEU W 121 28.33 7.78 -43.49
N ALA W 122 29.44 8.30 -44.02
CA ALA W 122 29.81 8.07 -45.41
C ALA W 122 30.58 6.77 -45.55
N GLY W 123 30.01 5.82 -46.29
CA GLY W 123 30.68 4.56 -46.54
C GLY W 123 31.18 4.33 -47.95
N GLU W 124 31.25 5.37 -48.78
CA GLU W 124 31.70 5.20 -50.16
C GLU W 124 33.19 4.87 -50.21
N GLY W 125 33.53 3.80 -50.91
CA GLY W 125 34.88 3.28 -50.94
C GLY W 125 35.27 2.40 -49.78
N LEU W 126 34.35 2.06 -48.88
CA LEU W 126 34.66 1.27 -47.69
C LEU W 126 33.87 -0.04 -47.70
N ILE W 127 34.33 -0.97 -46.87
CA ILE W 127 33.74 -2.30 -46.75
C ILE W 127 33.13 -2.44 -45.35
N VAL W 128 31.91 -2.96 -45.28
CA VAL W 128 31.24 -3.25 -44.02
C VAL W 128 31.11 -4.76 -43.86
N THR W 129 31.54 -5.28 -42.71
CA THR W 129 31.30 -6.67 -42.30
C THR W 129 30.68 -6.70 -40.91
N ALA W 130 30.17 -7.87 -40.55
CA ALA W 130 29.75 -8.12 -39.18
C ALA W 130 30.96 -8.23 -38.26
N GLY W 131 30.75 -7.95 -36.97
CA GLY W 131 31.79 -8.14 -35.99
C GLY W 131 32.12 -9.61 -35.79
N GLY W 132 33.40 -9.87 -35.48
CA GLY W 132 33.84 -11.23 -35.25
C GLY W 132 33.42 -11.79 -33.91
N ILE W 133 33.38 -13.12 -33.82
CA ILE W 133 32.96 -13.84 -32.63
C ILE W 133 34.03 -14.86 -32.26
N ASP W 134 34.66 -14.69 -31.10
CA ASP W 134 35.74 -15.56 -30.64
C ASP W 134 35.22 -16.45 -29.51
N THR W 135 35.30 -17.76 -29.69
CA THR W 135 34.68 -18.72 -28.79
C THR W 135 35.67 -19.51 -27.94
N HIS W 136 36.94 -19.13 -27.89
CA HIS W 136 37.95 -19.88 -27.14
C HIS W 136 38.79 -18.90 -26.30
N ILE W 137 38.12 -18.12 -25.47
CA ILE W 137 38.80 -17.11 -24.65
C ILE W 137 39.11 -17.69 -23.27
N HIS W 138 40.38 -17.61 -22.87
CA HIS W 138 40.78 -17.76 -21.48
C HIS W 138 40.76 -16.37 -20.83
N PHE W 139 39.90 -16.17 -19.83
CA PHE W 139 39.78 -14.86 -19.18
C PHE W 139 40.89 -14.69 -18.13
N ILE W 140 42.11 -14.52 -18.65
CA ILE W 140 43.30 -14.42 -17.82
C ILE W 140 43.55 -12.99 -17.36
N SER W 141 43.39 -12.00 -18.26
CA SER W 141 43.53 -10.59 -17.91
C SER W 141 42.49 -9.74 -18.63
N PRO W 142 41.98 -8.68 -17.98
CA PRO W 142 41.02 -7.80 -18.65
C PRO W 142 41.57 -7.05 -19.86
N GLN W 143 42.88 -6.91 -19.97
CA GLN W 143 43.49 -6.19 -21.08
C GLN W 143 43.41 -6.94 -22.41
N GLN W 144 42.98 -8.21 -22.41
CA GLN W 144 42.70 -8.91 -23.65
C GLN W 144 41.54 -8.27 -24.42
N ILE W 145 40.56 -7.75 -23.68
CA ILE W 145 39.32 -7.25 -24.31
C ILE W 145 39.54 -6.03 -25.22
N PRO W 146 40.26 -4.96 -24.82
CA PRO W 146 40.55 -3.89 -25.81
C PRO W 146 41.43 -4.33 -26.97
N THR W 147 42.33 -5.29 -26.77
CA THR W 147 43.14 -5.81 -27.85
C THR W 147 42.29 -6.53 -28.89
N ALA W 148 41.33 -7.33 -28.44
CA ALA W 148 40.42 -8.01 -29.37
C ALA W 148 39.48 -7.02 -30.05
N PHE W 149 39.03 -5.99 -29.32
CA PHE W 149 38.11 -5.00 -29.87
C PHE W 149 38.74 -4.22 -31.02
N ALA W 150 40.02 -3.82 -30.87
CA ALA W 150 40.70 -3.07 -31.92
C ALA W 150 40.99 -3.90 -33.16
N SER W 151 41.00 -5.23 -33.05
CA SER W 151 41.21 -6.08 -34.21
C SER W 151 39.93 -6.39 -34.98
N GLY W 152 38.78 -6.05 -34.43
CA GLY W 152 37.50 -6.27 -35.09
C GLY W 152 36.61 -7.37 -34.51
N VAL W 153 36.84 -7.79 -33.28
CA VAL W 153 36.02 -8.81 -32.61
C VAL W 153 35.07 -8.11 -31.65
N THR W 154 33.78 -8.43 -31.73
CA THR W 154 32.77 -7.79 -30.89
C THR W 154 32.01 -8.73 -29.96
N THR W 155 32.30 -10.03 -29.96
CA THR W 155 31.73 -10.96 -29.00
C THR W 155 32.82 -11.92 -28.52
N MET W 156 32.91 -12.14 -27.21
CA MET W 156 33.90 -13.05 -26.63
C MET W 156 33.20 -14.05 -25.72
N ILE W 157 33.43 -15.34 -25.99
CA ILE W 157 32.85 -16.43 -25.22
C ILE W 157 33.99 -17.29 -24.68
N GLY W 158 33.97 -17.57 -23.38
CA GLY W 158 34.98 -18.39 -22.75
C GLY W 158 34.77 -18.60 -21.26
N GLY W 159 35.85 -18.72 -20.48
CA GLY W 159 35.70 -18.91 -19.05
C GLY W 159 36.99 -18.57 -18.31
N GLY W 160 36.85 -18.32 -17.01
CA GLY W 160 38.00 -18.09 -16.16
C GLY W 160 37.69 -17.11 -15.05
N THR W 161 38.70 -16.93 -14.19
CA THR W 161 38.58 -16.06 -13.01
C THR W 161 39.75 -15.09 -12.84
N GLY W 162 40.59 -14.90 -13.85
CA GLY W 162 41.79 -14.12 -13.69
C GLY W 162 43.03 -15.00 -13.79
N PRO W 163 44.18 -14.52 -13.30
CA PRO W 163 45.44 -15.22 -13.56
C PRO W 163 45.74 -16.44 -12.70
N ALA W 164 44.72 -17.08 -12.13
CA ALA W 164 44.91 -18.32 -11.39
C ALA W 164 45.33 -19.46 -12.32
N ASP W 165 45.91 -20.50 -11.72
CA ASP W 165 46.49 -21.61 -12.48
C ASP W 165 45.43 -22.44 -13.21
N GLY W 166 44.22 -22.53 -12.65
CA GLY W 166 43.14 -23.21 -13.34
C GLY W 166 42.69 -22.50 -14.60
N THR W 167 42.64 -21.16 -14.55
CA THR W 167 42.26 -20.38 -15.73
C THR W 167 43.39 -20.36 -16.77
N ASN W 168 44.65 -20.38 -16.31
CA ASN W 168 45.80 -20.39 -17.23
C ASN W 168 45.81 -21.63 -18.12
N ALA W 169 45.19 -22.71 -17.67
CA ALA W 169 45.07 -23.94 -18.45
C ALA W 169 43.71 -24.09 -19.15
N THR W 170 42.60 -23.71 -18.50
CA THR W 170 41.26 -24.09 -18.95
C THR W 170 40.34 -22.88 -19.06
N THR W 171 39.34 -22.99 -19.96
CA THR W 171 38.32 -21.94 -20.15
C THR W 171 37.09 -22.22 -19.27
N ILE W 172 37.28 -22.13 -17.95
CA ILE W 172 36.26 -22.58 -17.00
C ILE W 172 36.08 -21.53 -15.90
N THR W 173 34.82 -21.14 -15.67
CA THR W 173 34.43 -20.35 -14.50
C THR W 173 33.62 -21.27 -13.57
N PRO W 174 34.22 -21.82 -12.52
CA PRO W 174 33.54 -22.88 -11.76
C PRO W 174 32.62 -22.38 -10.63
N GLY W 175 31.35 -22.76 -10.69
CA GLY W 175 30.45 -22.57 -9.57
C GLY W 175 29.70 -21.24 -9.59
N ARG W 176 28.61 -21.22 -8.81
CA ARG W 176 27.67 -20.10 -8.78
C ARG W 176 28.33 -18.80 -8.29
N ARG W 177 29.16 -18.88 -7.24
CA ARG W 177 29.77 -17.68 -6.68
C ARG W 177 30.79 -17.05 -7.65
N ASN W 178 31.62 -17.88 -8.29
CA ASN W 178 32.58 -17.35 -9.27
C ASN W 178 31.87 -16.82 -10.51
N LEU W 179 30.75 -17.45 -10.92
CA LEU W 179 29.94 -16.90 -12.01
C LEU W 179 29.36 -15.54 -11.64
N LYS W 180 28.94 -15.36 -10.38
CA LYS W 180 28.45 -14.06 -9.92
C LYS W 180 29.55 -12.99 -9.98
N TRP W 181 30.77 -13.35 -9.56
CA TRP W 181 31.92 -12.44 -9.67
C TRP W 181 32.16 -11.97 -11.10
N MET W 182 32.20 -12.92 -12.04
CA MET W 182 32.52 -12.55 -13.43
C MET W 182 31.37 -11.79 -14.10
N LEU W 183 30.11 -12.15 -13.80
CA LEU W 183 28.98 -11.43 -14.38
C LEU W 183 28.90 -9.99 -13.86
N ARG W 184 29.22 -9.78 -12.59
CA ARG W 184 29.22 -8.40 -12.09
C ARG W 184 30.43 -7.61 -12.57
N ALA W 185 31.57 -8.27 -12.81
CA ALA W 185 32.71 -7.56 -13.38
C ALA W 185 32.48 -7.19 -14.84
N ALA W 186 31.63 -7.96 -15.55
CA ALA W 186 31.40 -7.76 -16.99
C ALA W 186 30.76 -6.42 -17.34
N GLU W 187 30.17 -5.72 -16.37
CA GLU W 187 29.54 -4.41 -16.59
C GLU W 187 30.53 -3.32 -17.01
N GLU W 188 31.84 -3.56 -16.85
CA GLU W 188 32.87 -2.58 -17.20
C GLU W 188 33.03 -2.39 -18.71
N TYR W 189 32.86 -3.44 -19.51
CA TYR W 189 33.55 -3.55 -20.79
C TYR W 189 32.67 -3.27 -22.01
N SER W 190 33.34 -2.93 -23.12
CA SER W 190 32.70 -2.75 -24.43
C SER W 190 32.92 -3.99 -25.29
N MET W 191 32.12 -5.02 -25.01
CA MET W 191 32.20 -6.34 -25.63
C MET W 191 30.99 -7.16 -25.19
N ASN W 192 30.35 -7.87 -26.13
CA ASN W 192 29.38 -8.89 -25.74
C ASN W 192 30.10 -10.09 -25.13
N LEU W 193 29.54 -10.64 -24.04
CA LEU W 193 30.24 -11.65 -23.25
C LEU W 193 29.33 -12.82 -22.87
N GLY W 194 29.93 -14.00 -22.76
CA GLY W 194 29.25 -15.18 -22.24
C GLY W 194 30.24 -16.15 -21.63
N PHE W 195 29.81 -16.86 -20.57
CA PHE W 195 30.73 -17.63 -19.73
C PHE W 195 30.38 -19.12 -19.71
N LEU W 196 31.43 -19.95 -19.71
CA LEU W 196 31.32 -21.40 -19.67
C LEU W 196 31.65 -21.93 -18.27
N ALA W 197 30.96 -23.00 -17.87
CA ALA W 197 31.09 -23.60 -16.55
C ALA W 197 31.91 -24.89 -16.59
N LYS W 198 32.14 -25.49 -15.42
CA LYS W 198 32.94 -26.71 -15.31
C LYS W 198 32.08 -27.92 -15.63
N GLY W 199 32.49 -28.69 -16.64
CA GLY W 199 31.78 -29.90 -17.01
C GLY W 199 32.39 -31.18 -16.48
N ASN W 200 33.56 -31.09 -15.85
CA ASN W 200 34.29 -32.25 -15.34
C ASN W 200 33.77 -32.65 -13.95
N THR W 201 32.59 -33.28 -13.94
CA THR W 201 32.05 -33.90 -12.74
C THR W 201 31.03 -34.95 -13.14
N SER W 202 30.77 -35.89 -12.23
CA SER W 202 29.72 -36.88 -12.40
C SER W 202 28.52 -36.62 -11.49
N ASN W 203 28.42 -35.44 -10.89
CA ASN W 203 27.31 -35.07 -10.03
C ASN W 203 26.34 -34.20 -10.85
N ASP W 204 25.14 -34.72 -11.09
CA ASP W 204 24.17 -34.03 -11.94
C ASP W 204 23.66 -32.74 -11.31
N ALA W 205 23.50 -32.73 -9.99
CA ALA W 205 23.01 -31.54 -9.30
C ALA W 205 24.02 -30.39 -9.36
N SER W 206 25.31 -30.71 -9.25
CA SER W 206 26.35 -29.69 -9.39
C SER W 206 26.39 -29.13 -10.81
N LEU W 207 26.19 -29.98 -11.81
CA LEU W 207 26.15 -29.54 -13.20
C LEU W 207 24.96 -28.61 -13.45
N ALA W 208 23.78 -28.97 -12.93
CA ALA W 208 22.58 -28.20 -13.20
C ALA W 208 22.59 -26.84 -12.49
N ASP W 209 23.18 -26.75 -11.30
CA ASP W 209 23.17 -25.49 -10.56
C ASP W 209 24.01 -24.41 -11.24
N GLN W 210 25.09 -24.79 -11.94
CA GLN W 210 25.89 -23.83 -12.67
C GLN W 210 25.13 -23.21 -13.84
N ILE W 211 24.31 -24.03 -14.53
CA ILE W 211 23.51 -23.51 -15.65
C ILE W 211 22.46 -22.53 -15.14
N GLU W 212 21.81 -22.85 -14.01
CA GLU W 212 20.84 -21.94 -13.42
C GLU W 212 21.49 -20.67 -12.87
N ALA W 213 22.78 -20.71 -12.57
CA ALA W 213 23.50 -19.54 -12.09
C ALA W 213 23.95 -18.60 -13.20
N GLY W 214 23.74 -18.96 -14.47
CA GLY W 214 23.99 -18.03 -15.55
C GLY W 214 24.90 -18.45 -16.68
N ALA W 215 25.49 -19.65 -16.61
CA ALA W 215 26.42 -20.09 -17.65
C ALA W 215 25.67 -20.47 -18.93
N ILE W 216 26.35 -20.31 -20.07
CA ILE W 216 25.78 -20.67 -21.37
C ILE W 216 26.22 -22.03 -21.87
N GLY W 217 27.02 -22.76 -21.10
CA GLY W 217 27.46 -24.07 -21.53
C GLY W 217 28.55 -24.62 -20.62
N PHE W 218 29.08 -25.77 -21.01
CA PHE W 218 30.17 -26.44 -20.29
C PHE W 218 31.45 -26.54 -21.11
N ILE W 220 34.76 -29.18 -20.99
CA ILE W 220 35.37 -30.38 -20.41
C ILE W 220 36.85 -30.41 -20.76
N HIS W 221 37.72 -30.35 -19.75
CA HIS W 221 39.15 -30.19 -19.97
C HIS W 221 39.93 -31.26 -19.24
N GLU W 222 40.98 -31.77 -19.89
CA GLU W 222 41.73 -32.93 -19.38
C GLU W 222 42.48 -32.63 -18.09
N ASP W 223 42.79 -31.36 -17.81
CA ASP W 223 43.46 -31.03 -16.54
C ASP W 223 42.54 -31.16 -15.34
N TRP W 224 41.23 -31.05 -15.52
CA TRP W 224 40.27 -31.41 -14.48
C TRP W 224 39.78 -32.85 -14.61
N GLY W 225 40.24 -33.57 -15.63
CA GLY W 225 39.94 -34.98 -15.82
C GLY W 225 38.83 -35.26 -16.82
N THR W 226 39.20 -35.56 -18.06
CA THR W 226 38.22 -35.88 -19.11
C THR W 226 38.11 -37.40 -19.17
N THR W 227 37.13 -37.94 -18.47
CA THR W 227 36.80 -39.34 -18.45
C THR W 227 35.48 -39.56 -19.19
N PRO W 228 35.22 -40.78 -19.67
CA PRO W 228 33.92 -41.06 -20.32
C PRO W 228 32.69 -40.83 -19.44
N SER W 229 32.82 -41.06 -18.12
CA SER W 229 31.72 -40.82 -17.19
C SER W 229 31.32 -39.34 -17.15
N ALA W 230 32.30 -38.45 -17.05
CA ALA W 230 32.03 -37.01 -16.99
C ALA W 230 31.44 -36.50 -18.31
N ILE W 231 31.93 -37.02 -19.43
CA ILE W 231 31.39 -36.67 -20.75
C ILE W 231 29.92 -37.04 -20.83
N ASN W 232 29.58 -38.26 -20.38
CA ASN W 232 28.21 -38.75 -20.43
C ASN W 232 27.26 -37.91 -19.56
N HIS W 233 27.67 -37.62 -18.32
CA HIS W 233 26.83 -36.83 -17.42
C HIS W 233 26.63 -35.40 -17.92
N ALA W 234 27.71 -34.76 -18.42
CA ALA W 234 27.60 -33.39 -18.89
C ALA W 234 26.69 -33.29 -20.11
N LEU W 235 26.78 -34.26 -21.04
CA LEU W 235 25.90 -34.25 -22.21
C LEU W 235 24.45 -34.49 -21.82
N ASP W 236 24.21 -35.34 -20.81
CA ASP W 236 22.84 -35.56 -20.33
C ASP W 236 22.22 -34.27 -19.76
N VAL W 237 22.99 -33.50 -18.99
CA VAL W 237 22.44 -32.26 -18.41
C VAL W 237 22.26 -31.20 -19.51
N ALA W 238 23.20 -31.11 -20.45
CA ALA W 238 23.11 -30.13 -21.51
C ALA W 238 21.96 -30.39 -22.47
N ASP W 239 21.57 -31.67 -22.64
CA ASP W 239 20.36 -31.99 -23.41
C ASP W 239 19.12 -31.39 -22.76
N LYS W 240 19.05 -31.42 -21.43
CA LYS W 240 17.88 -30.90 -20.73
C LYS W 240 17.85 -29.38 -20.68
N TYR W 241 19.00 -28.71 -20.66
CA TYR W 241 18.99 -27.25 -20.50
C TYR W 241 19.22 -26.45 -21.79
N ASP W 242 19.39 -27.11 -22.94
CA ASP W 242 19.61 -26.48 -24.25
C ASP W 242 20.82 -25.54 -24.26
N VAL W 243 21.99 -26.08 -23.90
CA VAL W 243 23.25 -25.35 -23.96
C VAL W 243 24.29 -26.23 -24.64
N GLN W 244 25.40 -25.61 -25.04
CA GLN W 244 26.46 -26.23 -25.82
C GLN W 244 27.54 -26.83 -24.90
N VAL W 245 28.26 -27.84 -25.41
CA VAL W 245 29.39 -28.46 -24.72
C VAL W 245 30.64 -28.34 -25.59
N ALA W 246 31.76 -27.95 -24.98
CA ALA W 246 33.07 -27.93 -25.62
C ALA W 246 34.03 -28.88 -24.89
N ILE W 247 35.01 -29.45 -25.63
CA ILE W 247 35.86 -30.48 -25.06
C ILE W 247 37.33 -30.31 -25.49
N HIS W 248 38.23 -30.53 -24.52
CA HIS W 248 39.66 -30.78 -24.71
C HIS W 248 39.87 -32.22 -24.22
N THR W 249 40.20 -33.13 -25.13
CA THR W 249 40.19 -34.55 -24.83
C THR W 249 41.50 -35.02 -24.19
N ASP W 250 41.50 -36.30 -23.79
CA ASP W 250 42.57 -36.92 -23.00
C ASP W 250 43.79 -37.19 -23.89
N THR W 251 44.83 -36.37 -23.72
CA THR W 251 46.05 -36.51 -24.51
C THR W 251 46.80 -37.80 -24.18
N LEU W 252 46.83 -38.17 -22.91
CA LEU W 252 47.64 -39.28 -22.42
C LEU W 252 47.04 -40.66 -22.70
N ASN W 253 45.82 -40.71 -23.26
CA ASN W 253 45.06 -41.96 -23.51
C ASN W 253 44.89 -42.78 -22.23
N GLU W 254 44.67 -42.09 -21.11
CA GLU W 254 44.72 -42.72 -19.80
C GLU W 254 43.54 -43.67 -19.56
N ALA W 255 42.34 -43.23 -19.87
CA ALA W 255 41.15 -44.05 -19.69
C ALA W 255 40.67 -44.70 -20.98
N GLY W 256 41.23 -44.34 -22.12
CA GLY W 256 40.78 -44.86 -23.40
C GLY W 256 41.33 -44.03 -24.53
N CYS W 257 41.06 -44.49 -25.75
CA CYS W 257 41.51 -43.85 -26.98
C CYS W 257 40.37 -43.00 -27.56
N VAL W 258 40.56 -42.53 -28.80
CA VAL W 258 39.62 -41.58 -29.42
C VAL W 258 38.25 -42.21 -29.66
N GLU W 259 38.23 -43.52 -30.01
CA GLU W 259 36.94 -44.18 -30.26
C GLU W 259 36.15 -44.37 -28.96
N ASP W 260 36.83 -44.49 -27.83
CA ASP W 260 36.14 -44.55 -26.54
C ASP W 260 35.50 -43.21 -26.18
N THR W 261 36.19 -42.10 -26.48
CA THR W 261 35.60 -40.77 -26.30
C THR W 261 34.38 -40.59 -27.21
N MET W 262 34.48 -41.02 -28.47
CA MET W 262 33.34 -40.93 -29.38
C MET W 262 32.18 -41.82 -28.94
N ALA W 263 32.47 -42.98 -28.33
CA ALA W 263 31.42 -43.83 -27.77
C ALA W 263 30.74 -43.16 -26.59
N ALA W 264 31.51 -42.43 -25.76
CA ALA W 264 30.90 -41.69 -24.66
C ALA W 264 30.02 -40.54 -25.16
N ILE W 265 30.44 -39.88 -26.25
CA ILE W 265 29.63 -38.80 -26.83
C ILE W 265 28.30 -39.33 -27.37
N ALA W 266 28.33 -40.50 -28.03
CA ALA W 266 27.15 -41.27 -28.44
C ALA W 266 26.23 -40.50 -29.39
N GLY W 267 26.82 -39.84 -30.38
CA GLY W 267 26.07 -39.17 -31.42
C GLY W 267 25.51 -37.81 -31.09
N ARG W 268 25.75 -37.29 -29.88
CA ARG W 268 25.21 -36.00 -29.49
C ARG W 268 26.14 -34.85 -29.94
N THR W 269 25.58 -33.64 -30.01
CA THR W 269 26.29 -32.48 -30.57
C THR W 269 27.43 -32.03 -29.65
N MET W 270 28.61 -31.81 -30.24
CA MET W 270 29.80 -31.43 -29.48
C MET W 270 30.69 -30.49 -30.30
N HIS W 271 31.19 -29.44 -29.65
CA HIS W 271 32.16 -28.50 -30.22
C HIS W 271 33.55 -28.90 -29.75
N THR W 272 34.46 -29.16 -30.67
CA THR W 272 35.81 -29.61 -30.33
C THR W 272 36.81 -28.47 -30.51
N PHE W 273 37.53 -28.14 -29.45
CA PHE W 273 38.58 -27.12 -29.50
C PHE W 273 39.89 -27.74 -30.00
N HIS W 274 40.65 -26.95 -30.79
CA HIS W 274 41.97 -27.25 -31.37
C HIS W 274 42.09 -28.69 -31.87
N THR W 275 41.23 -29.01 -32.84
CA THR W 275 41.00 -30.38 -33.28
C THR W 275 42.22 -31.00 -33.98
N GLU W 276 43.16 -30.19 -34.44
CA GLU W 276 44.40 -30.71 -35.00
C GLU W 276 45.23 -31.45 -33.95
N GLY W 277 45.26 -30.93 -32.72
CA GLY W 277 45.85 -31.65 -31.60
C GLY W 277 47.13 -31.07 -31.03
N ALA W 278 47.68 -30.01 -31.63
CA ALA W 278 48.86 -29.37 -31.06
C ALA W 278 48.54 -28.72 -29.72
N GLY W 279 47.34 -28.18 -29.55
CA GLY W 279 46.90 -27.65 -28.29
C GLY W 279 46.42 -28.67 -27.28
N GLY W 280 46.36 -29.95 -27.64
CA GLY W 280 45.89 -31.00 -26.75
C GLY W 280 44.89 -31.92 -27.41
N GLY W 281 44.83 -33.16 -26.93
CA GLY W 281 43.96 -34.16 -27.51
C GLY W 281 44.64 -35.49 -27.69
N HIS W 282 43.87 -36.56 -27.92
CA HIS W 282 44.34 -37.94 -28.08
C HIS W 282 45.51 -38.07 -29.05
N ALA W 283 46.66 -38.46 -28.54
CA ALA W 283 47.84 -38.63 -29.38
C ALA W 283 47.80 -40.00 -30.06
N PRO W 284 47.96 -40.07 -31.38
CA PRO W 284 48.21 -38.95 -32.29
C PRO W 284 47.02 -38.58 -33.19
N ASP W 285 45.82 -39.10 -32.91
CA ASP W 285 44.77 -39.18 -33.93
C ASP W 285 43.47 -38.48 -33.54
N ILE W 286 43.54 -37.36 -32.83
CA ILE W 286 42.32 -36.61 -32.50
C ILE W 286 41.71 -35.97 -33.74
N ILE W 287 42.51 -35.70 -34.79
CA ILE W 287 42.04 -35.02 -35.99
C ILE W 287 41.02 -35.83 -36.79
N LYS W 288 40.88 -37.13 -36.53
CA LYS W 288 39.93 -37.94 -37.27
C LYS W 288 38.47 -37.64 -36.92
N VAL W 289 38.20 -36.97 -35.80
CA VAL W 289 36.81 -36.67 -35.45
C VAL W 289 36.22 -35.53 -36.28
N ALA W 290 37.04 -34.81 -37.04
CA ALA W 290 36.55 -33.71 -37.86
C ALA W 290 35.78 -34.18 -39.10
N GLY W 291 35.75 -35.47 -39.39
CA GLY W 291 34.90 -35.96 -40.44
C GLY W 291 33.49 -36.35 -40.04
N GLU W 292 33.17 -36.32 -38.74
CA GLU W 292 31.93 -36.87 -38.21
C GLU W 292 30.77 -35.88 -38.31
N HIS W 293 29.55 -36.42 -38.31
CA HIS W 293 28.36 -35.60 -38.51
C HIS W 293 28.01 -34.76 -37.27
N ASN W 294 28.19 -35.30 -36.07
CA ASN W 294 27.77 -34.60 -34.87
C ASN W 294 28.84 -33.67 -34.28
N ILE W 295 29.99 -33.55 -34.91
CA ILE W 295 31.10 -32.76 -34.39
C ILE W 295 31.17 -31.43 -35.12
N LEU W 296 31.27 -30.33 -34.36
CA LEU W 296 31.56 -29.01 -34.90
C LEU W 296 33.04 -28.71 -34.64
N PRO W 297 33.93 -28.85 -35.63
CA PRO W 297 35.37 -28.77 -35.36
C PRO W 297 35.96 -27.39 -35.53
N ALA W 298 36.88 -27.04 -34.62
CA ALA W 298 37.52 -25.74 -34.60
C ALA W 298 39.03 -25.88 -34.50
N SER W 299 39.74 -24.92 -35.06
CA SER W 299 41.18 -24.81 -34.92
C SER W 299 41.52 -23.51 -34.22
N THR W 300 42.65 -23.50 -33.51
CA THR W 300 43.15 -22.29 -32.88
C THR W 300 44.25 -21.67 -33.74
N ASN W 301 44.43 -20.36 -33.60
CA ASN W 301 45.34 -19.63 -34.50
C ASN W 301 46.86 -19.85 -34.46
N PRO W 302 47.55 -20.34 -33.40
CA PRO W 302 49.03 -20.39 -33.50
C PRO W 302 49.57 -21.45 -34.47
N THR W 303 48.76 -22.40 -34.93
CA THR W 303 49.20 -23.36 -35.92
C THR W 303 48.84 -22.97 -37.35
N ILE W 304 48.11 -21.88 -37.56
CA ILE W 304 47.79 -21.44 -38.93
C ILE W 304 48.34 -20.03 -39.15
N PRO W 305 48.93 -19.74 -40.31
CA PRO W 305 49.30 -20.70 -41.36
C PRO W 305 50.58 -21.46 -41.00
N PHE W 306 50.82 -22.58 -41.66
CA PHE W 306 52.00 -23.42 -41.41
C PHE W 306 53.22 -22.74 -42.02
N THR W 307 54.17 -22.34 -41.17
CA THR W 307 55.38 -21.64 -41.58
C THR W 307 56.62 -22.44 -41.20
N VAL W 308 57.78 -21.95 -41.63
CA VAL W 308 59.04 -22.63 -41.35
C VAL W 308 59.51 -22.46 -39.91
N ASN W 309 58.93 -21.55 -39.14
CA ASN W 309 59.27 -21.38 -37.74
C ASN W 309 58.27 -22.05 -36.79
N THR W 310 57.25 -22.72 -37.32
CA THR W 310 56.12 -23.17 -36.49
C THR W 310 56.52 -24.32 -35.56
N GLU W 311 57.22 -25.33 -36.11
CA GLU W 311 57.52 -26.55 -35.37
C GLU W 311 58.49 -26.29 -34.21
N ALA W 312 59.56 -25.53 -34.46
CA ALA W 312 60.55 -25.24 -33.43
C ALA W 312 59.95 -24.39 -32.31
N GLU W 313 59.12 -23.40 -32.67
CA GLU W 313 58.46 -22.57 -31.68
C GLU W 313 57.53 -23.38 -30.79
N HIS W 314 56.72 -24.27 -31.40
CA HIS W 314 55.79 -25.07 -30.61
C HIS W 314 56.51 -26.09 -29.75
N MET W 315 57.64 -26.65 -30.25
CA MET W 315 58.42 -27.58 -29.46
C MET W 315 59.03 -26.91 -28.23
N ASP W 316 59.59 -25.71 -28.41
CA ASP W 316 60.15 -25.01 -27.26
C ASP W 316 59.08 -24.52 -26.30
N MET W 317 57.88 -24.20 -26.79
CA MET W 317 56.77 -23.90 -25.89
C MET W 317 56.37 -25.13 -25.07
N LEU W 318 56.37 -26.30 -25.70
CA LEU W 318 56.02 -27.53 -24.99
C LEU W 318 57.06 -27.89 -23.93
N MET W 319 58.35 -27.65 -24.21
CA MET W 319 59.39 -27.97 -23.23
C MET W 319 59.32 -27.08 -21.99
N VAL W 320 58.92 -25.81 -22.16
CA VAL W 320 58.87 -24.90 -21.03
C VAL W 320 57.69 -25.22 -20.12
N CYS W 321 56.50 -25.38 -20.70
CA CYS W 321 55.28 -25.50 -19.90
C CYS W 321 55.19 -26.82 -19.16
N HIS W 322 55.71 -27.90 -19.74
CA HIS W 322 55.69 -29.20 -19.06
C HIS W 322 56.96 -29.46 -18.25
N HIS W 323 57.93 -28.54 -18.28
CA HIS W 323 59.23 -28.65 -17.59
C HIS W 323 59.97 -29.94 -17.98
N LEU W 324 60.05 -30.19 -19.27
CA LEU W 324 60.70 -31.40 -19.77
C LEU W 324 62.22 -31.19 -19.86
N ASP W 325 62.92 -32.30 -19.97
CA ASP W 325 64.37 -32.31 -20.09
C ASP W 325 64.77 -33.20 -21.26
N LYS W 326 65.74 -32.74 -22.05
CA LYS W 326 66.18 -33.50 -23.21
C LYS W 326 67.05 -34.70 -22.85
N SER W 327 67.49 -34.83 -21.60
CA SER W 327 68.32 -35.95 -21.20
C SER W 327 67.52 -37.17 -20.78
N ILE W 328 66.19 -37.08 -20.77
CA ILE W 328 65.32 -38.18 -20.35
C ILE W 328 64.61 -38.73 -21.58
N LYS W 329 64.70 -40.05 -21.78
CA LYS W 329 64.16 -40.66 -22.99
C LYS W 329 62.63 -40.66 -23.02
N GLU W 330 61.96 -40.51 -21.88
CA GLU W 330 60.51 -40.48 -21.85
C GLU W 330 59.94 -39.10 -22.13
N ASP W 331 60.65 -38.04 -21.74
CA ASP W 331 60.22 -36.69 -22.10
C ASP W 331 60.40 -36.43 -23.59
N VAL W 332 61.45 -36.99 -24.19
CA VAL W 332 61.65 -36.86 -25.63
C VAL W 332 60.59 -37.64 -26.39
N GLN W 333 60.25 -38.85 -25.91
CA GLN W 333 59.21 -39.65 -26.55
C GLN W 333 57.84 -39.01 -26.40
N PHE W 334 57.58 -38.36 -25.27
CA PHE W 334 56.33 -37.63 -25.11
C PHE W 334 56.24 -36.44 -26.06
N ALA W 335 57.32 -35.68 -26.18
CA ALA W 335 57.30 -34.46 -27.00
C ALA W 335 57.15 -34.78 -28.49
N ASP W 336 57.80 -35.85 -28.95
CA ASP W 336 57.72 -36.20 -30.36
C ASP W 336 56.36 -36.78 -30.74
N SER W 337 55.58 -37.27 -29.78
CA SER W 337 54.23 -37.71 -30.07
C SER W 337 53.21 -36.56 -29.99
N ARG W 338 53.62 -35.38 -29.52
CA ARG W 338 52.71 -34.26 -29.30
C ARG W 338 52.64 -33.30 -30.49
N ILE W 339 53.79 -32.91 -31.05
CA ILE W 339 53.82 -31.76 -31.95
C ILE W 339 53.36 -32.15 -33.36
N ARG W 340 54.00 -33.15 -33.97
CA ARG W 340 53.59 -33.78 -35.24
C ARG W 340 53.40 -32.84 -36.42
N PRO W 341 54.46 -32.45 -37.12
CA PRO W 341 54.31 -31.54 -38.28
C PRO W 341 53.44 -32.08 -39.42
N GLN W 342 53.18 -33.38 -39.48
CA GLN W 342 52.32 -33.97 -40.51
C GLN W 342 50.87 -33.49 -40.37
N THR W 343 50.30 -33.58 -39.17
CA THR W 343 48.92 -33.12 -38.95
C THR W 343 48.81 -31.60 -39.03
N ILE W 344 49.83 -30.89 -38.57
CA ILE W 344 49.88 -29.43 -38.67
C ILE W 344 49.86 -29.00 -40.12
N ALA W 345 50.62 -29.69 -40.98
CA ALA W 345 50.59 -29.42 -42.41
C ALA W 345 49.24 -29.77 -43.03
N ALA W 346 48.58 -30.83 -42.53
CA ALA W 346 47.28 -31.22 -43.08
C ALA W 346 46.17 -30.22 -42.74
N GLU W 347 46.34 -29.48 -41.62
CA GLU W 347 45.28 -28.62 -41.11
C GLU W 347 44.89 -27.49 -42.07
N ASP W 348 45.87 -26.86 -42.73
CA ASP W 348 45.59 -25.78 -43.70
C ASP W 348 44.75 -26.27 -44.87
N THR W 349 45.11 -27.44 -45.43
CA THR W 349 44.36 -27.99 -46.54
C THR W 349 42.96 -28.42 -46.11
N LEU W 350 42.83 -28.94 -44.89
CA LEU W 350 41.50 -29.27 -44.39
C LEU W 350 40.63 -28.03 -44.20
N HIS W 351 41.24 -26.89 -43.83
CA HIS W 351 40.50 -25.63 -43.81
C HIS W 351 40.06 -25.22 -45.21
N ASP W 352 40.91 -25.41 -46.21
CA ASP W 352 40.55 -25.02 -47.57
C ASP W 352 39.46 -25.90 -48.17
N MET W 353 39.28 -27.13 -47.68
CA MET W 353 38.26 -28.05 -48.18
C MET W 353 36.92 -27.90 -47.48
N GLY W 354 36.81 -27.06 -46.46
CA GLY W 354 35.58 -26.95 -45.70
C GLY W 354 35.34 -28.06 -44.70
N ILE W 355 36.39 -28.75 -44.27
CA ILE W 355 36.27 -29.80 -43.25
C ILE W 355 36.40 -29.22 -41.84
N PHE W 356 37.29 -28.25 -41.64
CA PHE W 356 37.29 -27.42 -40.44
C PHE W 356 36.38 -26.21 -40.69
N SER W 357 35.61 -25.83 -39.67
CA SER W 357 34.56 -24.83 -39.88
C SER W 357 34.65 -23.58 -39.01
N ILE W 358 35.48 -23.55 -37.96
CA ILE W 358 35.56 -22.44 -37.02
C ILE W 358 37.03 -22.14 -36.74
N THR W 359 37.39 -20.85 -36.67
CA THR W 359 38.69 -20.43 -36.14
C THR W 359 38.52 -19.64 -34.85
N SER W 360 39.53 -19.68 -33.99
CA SER W 360 39.46 -19.08 -32.66
C SER W 360 40.88 -18.76 -32.18
N SER W 361 40.98 -18.24 -30.94
CA SER W 361 42.24 -17.71 -30.43
C SER W 361 43.01 -18.65 -29.52
N ASP W 362 42.39 -19.18 -28.45
CA ASP W 362 43.03 -19.81 -27.28
C ASP W 362 43.94 -18.80 -26.55
N SER W 363 43.31 -17.70 -26.11
CA SER W 363 44.00 -16.46 -25.77
C SER W 363 44.89 -16.59 -24.52
N GLN W 364 46.17 -16.20 -24.67
CA GLN W 364 47.23 -16.24 -23.65
C GLN W 364 47.46 -17.65 -23.07
N ALA W 365 47.00 -18.68 -23.79
CA ALA W 365 47.13 -20.08 -23.40
C ALA W 365 47.48 -20.91 -24.63
N MET W 366 48.58 -20.53 -25.30
CA MET W 366 48.97 -20.92 -26.68
C MET W 366 47.93 -20.39 -27.69
N GLY W 367 47.92 -19.07 -27.80
CA GLY W 367 47.17 -18.39 -28.84
C GLY W 367 47.14 -16.88 -28.68
N ARG W 368 46.81 -16.15 -29.74
CA ARG W 368 46.99 -14.70 -29.80
C ARG W 368 45.65 -14.03 -30.08
N VAL W 369 45.14 -13.29 -29.09
CA VAL W 369 43.76 -12.80 -29.10
C VAL W 369 43.54 -11.69 -30.14
N GLY W 370 44.59 -11.00 -30.57
CA GLY W 370 44.40 -9.97 -31.57
C GLY W 370 44.69 -10.38 -32.99
N GLU W 371 44.76 -11.69 -33.27
CA GLU W 371 45.24 -12.15 -34.57
C GLU W 371 44.36 -13.20 -35.26
N VAL W 372 43.12 -13.42 -34.78
CA VAL W 372 42.26 -14.46 -35.35
C VAL W 372 41.89 -14.15 -36.79
N ILE W 373 41.41 -12.92 -37.04
CA ILE W 373 40.97 -12.51 -38.37
C ILE W 373 42.15 -12.47 -39.34
N THR W 374 43.28 -11.90 -38.89
CA THR W 374 44.48 -11.78 -39.71
C THR W 374 45.03 -13.15 -40.11
N ARG W 375 45.09 -14.10 -39.17
CA ARG W 375 45.62 -15.41 -39.51
C ARG W 375 44.66 -16.22 -40.38
N THR W 376 43.34 -15.98 -40.24
CA THR W 376 42.37 -16.57 -41.15
C THR W 376 42.62 -16.13 -42.59
N TRP W 377 42.82 -14.82 -42.81
CA TRP W 377 43.02 -14.35 -44.18
C TRP W 377 44.42 -14.70 -44.72
N GLN W 378 45.43 -14.79 -43.83
CA GLN W 378 46.74 -15.29 -44.24
C GLN W 378 46.66 -16.74 -44.73
N THR W 379 45.88 -17.58 -44.05
CA THR W 379 45.69 -18.96 -44.47
C THR W 379 44.97 -19.04 -45.82
N ALA W 380 43.94 -18.22 -46.01
CA ALA W 380 43.23 -18.18 -47.29
C ALA W 380 44.16 -17.77 -48.44
N ASP W 381 45.01 -16.77 -48.21
CA ASP W 381 45.93 -16.30 -49.24
C ASP W 381 47.00 -17.35 -49.57
N LYS W 382 47.53 -18.03 -48.55
CA LYS W 382 48.52 -19.09 -48.78
C LYS W 382 47.91 -20.26 -49.55
N ASN W 383 46.67 -20.64 -49.22
CA ASN W 383 46.01 -21.72 -49.96
C ASN W 383 45.69 -21.33 -51.40
N LYS W 384 45.35 -20.05 -51.66
CA LYS W 384 45.17 -19.65 -53.05
C LYS W 384 46.49 -19.67 -53.83
N LYS W 385 47.59 -19.27 -53.18
CA LYS W 385 48.89 -19.33 -53.85
C LYS W 385 49.33 -20.75 -54.13
N GLU W 386 48.99 -21.70 -53.25
CA GLU W 386 49.43 -23.08 -53.45
C GLU W 386 48.52 -23.89 -54.37
N PHE W 387 47.20 -23.86 -54.16
CA PHE W 387 46.27 -24.72 -54.88
C PHE W 387 45.49 -24.01 -55.98
N GLY W 388 45.68 -22.71 -56.16
CA GLY W 388 44.96 -21.99 -57.19
C GLY W 388 43.53 -21.67 -56.83
N ARG W 389 42.82 -21.13 -57.82
CA ARG W 389 41.43 -20.74 -57.67
C ARG W 389 40.54 -21.97 -57.54
N LEU W 390 39.55 -21.89 -56.64
CA LEU W 390 38.65 -23.01 -56.37
C LEU W 390 37.77 -23.32 -57.58
N LYS W 391 37.37 -24.59 -57.67
CA LYS W 391 36.54 -25.02 -58.79
C LYS W 391 35.08 -24.60 -58.64
N GLU W 392 34.66 -24.17 -57.46
CA GLU W 392 33.29 -23.72 -57.24
C GLU W 392 33.08 -22.26 -57.63
N GLU W 393 34.13 -21.56 -58.09
CA GLU W 393 34.00 -20.16 -58.41
C GLU W 393 33.20 -19.95 -59.70
N LYS W 394 32.45 -18.86 -59.74
CA LYS W 394 31.68 -18.43 -60.91
C LYS W 394 32.24 -17.08 -61.34
N GLY W 395 33.02 -17.08 -62.41
CA GLY W 395 33.63 -15.85 -62.89
C GLY W 395 35.07 -15.72 -62.45
N ASP W 396 35.66 -14.59 -62.84
CA ASP W 396 37.07 -14.32 -62.59
C ASP W 396 37.22 -13.56 -61.28
N ASN W 397 36.89 -14.25 -60.19
CA ASN W 397 36.99 -13.68 -58.85
C ASN W 397 37.16 -14.81 -57.84
N ASP W 398 37.23 -14.44 -56.57
CA ASP W 398 37.44 -15.38 -55.47
C ASP W 398 36.30 -15.33 -54.45
N ASN W 399 35.06 -15.08 -54.90
CA ASN W 399 33.95 -14.80 -53.99
C ASN W 399 33.58 -16.00 -53.12
N PHE W 400 33.64 -17.22 -53.69
CA PHE W 400 33.30 -18.42 -52.92
C PHE W 400 34.30 -18.66 -51.80
N ARG W 401 35.59 -18.51 -52.08
CA ARG W 401 36.62 -18.69 -51.05
C ARG W 401 36.51 -17.61 -49.97
N ILE W 402 36.17 -16.38 -50.38
CA ILE W 402 35.98 -15.27 -49.45
C ILE W 402 34.83 -15.56 -48.48
N LYS W 403 33.71 -16.05 -49.01
CA LYS W 403 32.57 -16.42 -48.16
C LYS W 403 32.91 -17.59 -47.23
N ARG W 404 33.63 -18.60 -47.76
CA ARG W 404 34.01 -19.77 -46.96
C ARG W 404 34.89 -19.37 -45.77
N TYR W 405 35.89 -18.53 -45.99
CA TYR W 405 36.76 -18.14 -44.88
C TYR W 405 36.14 -17.10 -43.97
N LEU W 406 35.27 -16.23 -44.50
CA LEU W 406 34.59 -15.24 -43.64
C LEU W 406 33.61 -15.92 -42.69
N SER W 407 32.96 -17.01 -43.12
CA SER W 407 32.04 -17.74 -42.26
C SER W 407 32.70 -18.37 -41.03
N LYS W 408 34.01 -18.60 -41.07
CA LYS W 408 34.70 -19.30 -39.99
C LYS W 408 34.75 -18.48 -38.70
N TYR W 409 34.75 -17.15 -38.78
CA TYR W 409 34.76 -16.35 -37.56
C TYR W 409 33.53 -15.46 -37.38
N THR W 410 32.52 -15.53 -38.25
CA THR W 410 31.31 -14.75 -38.02
C THR W 410 30.07 -15.61 -37.79
N ILE W 411 29.60 -16.36 -38.78
CA ILE W 411 28.27 -16.96 -38.65
C ILE W 411 28.33 -18.35 -38.01
N ASN W 412 29.39 -19.13 -38.31
CA ASN W 412 29.48 -20.49 -37.76
C ASN W 412 29.65 -20.55 -36.24
N PRO W 413 30.55 -19.76 -35.58
CA PRO W 413 30.54 -19.78 -34.10
C PRO W 413 29.25 -19.27 -33.48
N ALA W 414 28.56 -18.33 -34.12
CA ALA W 414 27.28 -17.84 -33.64
C ALA W 414 26.21 -18.94 -33.67
N ILE W 415 26.20 -19.73 -34.74
CA ILE W 415 25.29 -20.89 -34.81
C ILE W 415 25.67 -21.91 -33.75
N ALA W 416 26.96 -22.17 -33.57
CA ALA W 416 27.42 -23.20 -32.64
C ALA W 416 27.07 -22.86 -31.19
N HIS W 417 27.08 -21.60 -30.81
CA HIS W 417 26.72 -21.27 -29.43
C HIS W 417 25.33 -20.67 -29.28
N GLY W 418 24.49 -20.81 -30.30
CA GLY W 418 23.10 -20.45 -30.21
C GLY W 418 22.77 -18.99 -30.06
N ILE W 419 23.52 -18.10 -30.71
CA ILE W 419 23.28 -16.66 -30.67
C ILE W 419 23.08 -16.09 -32.07
N SER W 420 22.83 -16.94 -33.07
CA SER W 420 22.74 -16.48 -34.44
C SER W 420 21.44 -15.72 -34.74
N GLU W 421 20.46 -15.71 -33.85
CA GLU W 421 19.33 -14.81 -34.04
C GLU W 421 19.68 -13.36 -33.71
N TYR W 422 20.76 -13.12 -33.00
CA TYR W 422 21.16 -11.77 -32.57
C TYR W 422 22.33 -11.20 -33.38
N VAL W 423 23.41 -11.96 -33.54
CA VAL W 423 24.66 -11.46 -34.12
C VAL W 423 25.14 -12.43 -35.19
N GLY W 424 26.24 -12.07 -35.85
CA GLY W 424 26.92 -12.95 -36.78
C GLY W 424 26.85 -12.56 -38.24
N SER W 425 25.95 -11.67 -38.66
CA SER W 425 25.82 -11.32 -40.07
C SER W 425 25.13 -9.96 -40.20
N VAL W 426 25.17 -9.44 -41.42
CA VAL W 426 24.55 -8.15 -41.75
C VAL W 426 23.18 -8.45 -42.35
N GLU W 427 22.16 -8.53 -41.49
CA GLU W 427 20.80 -8.82 -41.93
C GLU W 427 19.81 -7.96 -41.15
N VAL W 428 18.64 -7.74 -41.76
CA VAL W 428 17.59 -6.93 -41.16
C VAL W 428 17.04 -7.64 -39.92
N GLY W 429 16.97 -6.91 -38.80
CA GLY W 429 16.47 -7.45 -37.55
C GLY W 429 17.53 -7.86 -36.56
N LYS W 430 18.80 -7.91 -36.96
CA LYS W 430 19.86 -8.29 -36.05
C LYS W 430 20.45 -7.08 -35.33
N VAL W 431 21.25 -7.36 -34.30
CA VAL W 431 21.96 -6.33 -33.55
C VAL W 431 22.99 -5.67 -34.45
N ALA W 432 23.05 -4.33 -34.41
CA ALA W 432 23.97 -3.57 -35.26
C ALA W 432 25.36 -3.51 -34.61
N ASP W 433 26.09 -4.62 -34.74
CA ASP W 433 27.52 -4.71 -34.40
C ASP W 433 28.30 -4.80 -35.71
N LEU W 434 28.84 -3.68 -36.19
CA LEU W 434 29.40 -3.58 -37.53
C LEU W 434 30.83 -3.02 -37.49
N VAL W 435 31.62 -3.40 -38.49
CA VAL W 435 33.02 -2.98 -38.62
C VAL W 435 33.23 -2.38 -40.00
N LEU W 436 33.85 -1.19 -40.05
CA LEU W 436 34.17 -0.50 -41.30
C LEU W 436 35.66 -0.67 -41.63
N TRP W 437 35.95 -1.13 -42.84
CA TRP W 437 37.31 -1.35 -43.30
C TRP W 437 37.61 -0.54 -44.55
N SER W 438 38.82 0.02 -44.63
CA SER W 438 39.41 0.43 -45.90
C SER W 438 39.98 -0.80 -46.62
N PRO W 439 39.75 -0.93 -47.93
CA PRO W 439 40.20 -2.14 -48.65
C PRO W 439 41.71 -2.37 -48.64
N ALA W 440 42.52 -1.30 -48.57
CA ALA W 440 43.96 -1.48 -48.46
C ALA W 440 44.37 -2.08 -47.11
N PHE W 441 43.57 -1.87 -46.07
CA PHE W 441 43.85 -2.37 -44.74
C PHE W 441 42.92 -3.50 -44.31
N PHE W 442 42.27 -4.18 -45.26
CA PHE W 442 41.27 -5.19 -44.93
C PHE W 442 41.93 -6.39 -44.25
N GLY W 443 41.36 -6.82 -43.13
CA GLY W 443 41.83 -7.98 -42.42
C GLY W 443 42.88 -7.71 -41.35
N VAL W 444 43.41 -6.50 -41.25
CA VAL W 444 44.44 -6.24 -40.25
C VAL W 444 44.11 -5.03 -39.37
N LYS W 445 43.68 -3.91 -39.96
CA LYS W 445 43.43 -2.71 -39.16
C LYS W 445 42.15 -2.00 -39.61
N PRO W 446 41.08 -2.04 -38.82
CA PRO W 446 39.81 -1.42 -39.22
C PRO W 446 39.80 0.09 -39.01
N ASN W 447 38.78 0.74 -39.58
CA ASN W 447 38.59 2.17 -39.41
C ASN W 447 37.80 2.49 -38.14
N MET W 448 36.63 1.86 -37.95
CA MET W 448 35.80 2.13 -36.77
C MET W 448 34.90 0.94 -36.47
N ILE W 449 34.43 0.89 -35.22
CA ILE W 449 33.54 -0.15 -34.73
C ILE W 449 32.23 0.49 -34.29
N ILE W 450 31.12 -0.03 -34.79
CA ILE W 450 29.79 0.38 -34.34
C ILE W 450 29.24 -0.71 -33.43
N LYS W 451 28.87 -0.34 -32.20
CA LYS W 451 28.45 -1.28 -31.19
C LYS W 451 27.05 -0.92 -30.71
N GLY W 452 26.09 -1.80 -30.96
CA GLY W 452 24.71 -1.57 -30.56
C GLY W 452 24.06 -0.37 -31.22
N GLY W 453 24.48 -0.02 -32.42
CA GLY W 453 23.93 1.12 -33.12
C GLY W 453 24.59 2.47 -32.85
N PHE W 454 25.71 2.51 -32.13
CA PHE W 454 26.41 3.74 -31.83
C PHE W 454 27.92 3.49 -31.90
N ILE W 455 28.68 4.51 -32.26
CA ILE W 455 30.11 4.33 -32.51
C ILE W 455 30.86 4.18 -31.18
N ALA W 456 31.64 3.10 -31.07
CA ALA W 456 32.35 2.78 -29.83
C ALA W 456 33.86 2.92 -29.91
N LEU W 457 34.46 2.80 -31.09
CA LEU W 457 35.91 2.87 -31.23
C LEU W 457 36.23 3.35 -32.65
N SER W 458 37.30 4.14 -32.77
CA SER W 458 37.74 4.60 -34.09
C SER W 458 39.22 4.99 -34.04
N GLN W 459 39.84 4.98 -35.22
CA GLN W 459 41.11 5.68 -35.39
C GLN W 459 40.89 7.17 -35.19
N MET W 460 41.82 7.82 -34.50
CA MET W 460 41.63 9.22 -34.12
C MET W 460 42.97 9.89 -33.90
N GLY W 461 43.14 11.07 -34.48
CA GLY W 461 44.33 11.87 -34.28
C GLY W 461 44.29 12.65 -32.98
N ASP W 462 45.25 13.56 -32.83
CA ASP W 462 45.45 14.26 -31.56
C ASP W 462 44.30 15.24 -31.29
N ALA W 463 43.96 15.36 -30.00
CA ALA W 463 42.72 16.02 -29.60
C ALA W 463 42.79 17.53 -29.77
N ASN W 464 43.98 18.12 -29.74
CA ASN W 464 44.10 19.57 -29.90
C ASN W 464 44.09 20.02 -31.35
N ALA W 465 44.07 19.10 -32.31
CA ALA W 465 44.25 19.46 -33.71
C ALA W 465 42.98 20.06 -34.31
N SER W 466 43.16 20.69 -35.47
CA SER W 466 42.06 21.34 -36.20
C SER W 466 41.23 20.37 -37.04
N ILE W 467 41.69 19.14 -37.22
CA ILE W 467 40.94 18.08 -37.90
C ILE W 467 41.27 16.75 -37.24
N PRO W 468 40.43 15.71 -37.40
CA PRO W 468 40.73 14.44 -36.72
C PRO W 468 41.86 13.60 -37.34
N THR W 469 42.35 13.95 -38.52
CA THR W 469 43.40 13.21 -39.24
C THR W 469 44.88 13.33 -38.83
N PRO W 470 45.43 14.49 -38.39
CA PRO W 470 46.90 14.55 -38.20
C PRO W 470 47.43 13.73 -37.04
N GLN W 471 48.74 13.47 -37.13
CA GLN W 471 49.43 12.48 -36.32
C GLN W 471 49.62 12.96 -34.87
N PRO W 472 49.70 12.02 -33.90
CA PRO W 472 49.62 10.56 -33.97
C PRO W 472 48.19 10.01 -34.03
N VAL W 473 47.98 9.02 -34.89
CA VAL W 473 46.69 8.36 -35.06
C VAL W 473 46.77 6.98 -34.40
N TYR W 474 45.91 6.73 -33.42
CA TYR W 474 45.77 5.40 -32.85
C TYR W 474 44.32 5.19 -32.41
N TYR W 475 44.01 3.99 -31.96
CA TYR W 475 42.63 3.62 -31.62
C TYR W 475 42.24 4.17 -30.25
N ARG W 476 41.14 4.91 -30.20
CA ARG W 476 40.67 5.56 -28.99
C ARG W 476 39.19 5.26 -28.75
N GLU W 477 38.80 5.25 -27.48
CA GLU W 477 37.42 4.99 -27.09
C GLU W 477 36.51 6.15 -27.50
N MET W 478 35.33 5.83 -28.02
CA MET W 478 34.32 6.80 -28.42
C MET W 478 33.18 6.84 -27.39
N PHE W 479 32.08 7.54 -27.71
CA PHE W 479 31.08 7.87 -26.69
C PHE W 479 30.26 6.66 -26.24
N ALA W 480 30.11 5.63 -27.08
CA ALA W 480 29.39 4.42 -26.66
C ALA W 480 30.16 3.58 -25.64
N HIS W 481 31.44 3.87 -25.44
CA HIS W 481 32.32 3.21 -24.47
C HIS W 481 32.14 3.72 -23.05
N HIS W 482 31.40 4.81 -22.82
CA HIS W 482 31.49 5.58 -21.59
C HIS W 482 30.12 5.75 -20.92
N GLY W 483 30.18 6.06 -19.62
CA GLY W 483 28.98 6.47 -18.88
C GLY W 483 27.96 5.35 -18.73
N LYS W 484 26.69 5.74 -18.78
CA LYS W 484 25.60 4.77 -18.80
C LYS W 484 25.22 4.35 -20.22
N ALA W 485 25.83 4.95 -21.24
CA ALA W 485 25.58 4.55 -22.63
C ALA W 485 26.10 3.13 -22.92
N LYS W 486 27.19 2.73 -22.25
CA LYS W 486 27.74 1.40 -22.48
C LYS W 486 26.83 0.28 -21.98
N TYR W 487 25.93 0.57 -21.03
CA TYR W 487 24.95 -0.41 -20.61
C TYR W 487 23.94 -0.71 -21.71
N ASP W 488 23.56 0.31 -22.48
CA ASP W 488 22.57 0.12 -23.55
C ASP W 488 23.16 -0.49 -24.81
N ALA W 489 24.49 -0.48 -24.96
CA ALA W 489 25.13 -0.92 -26.20
C ALA W 489 25.72 -2.33 -26.13
N ASN W 490 25.62 -3.03 -24.99
CA ASN W 490 26.31 -4.30 -24.81
C ASN W 490 25.35 -5.36 -24.27
N ILE W 491 25.68 -6.63 -24.53
CA ILE W 491 24.83 -7.77 -24.22
C ILE W 491 25.62 -8.77 -23.37
N THR W 492 25.00 -9.27 -22.30
CA THR W 492 25.48 -10.44 -21.58
C THR W 492 24.56 -11.62 -21.90
N PHE W 493 25.12 -12.68 -22.49
CA PHE W 493 24.34 -13.89 -22.82
C PHE W 493 24.31 -14.85 -21.63
N VAL W 494 23.13 -15.42 -21.36
CA VAL W 494 22.93 -16.40 -20.30
C VAL W 494 22.07 -17.55 -20.83
N SER W 495 21.87 -18.57 -20.00
CA SER W 495 20.97 -19.65 -20.36
C SER W 495 19.51 -19.22 -20.22
N GLN W 496 18.62 -19.97 -20.88
CA GLN W 496 17.19 -19.68 -20.81
C GLN W 496 16.65 -19.88 -19.40
N ALA W 497 17.15 -20.90 -18.69
CA ALA W 497 16.71 -21.16 -17.32
C ALA W 497 17.10 -20.04 -16.37
N ALA W 498 18.32 -19.50 -16.51
CA ALA W 498 18.73 -18.38 -15.67
C ALA W 498 17.97 -17.11 -16.01
N TYR W 499 17.67 -16.92 -17.30
CA TYR W 499 16.87 -15.78 -17.74
C TYR W 499 15.46 -15.82 -17.15
N ASP W 500 14.85 -17.01 -17.12
CA ASP W 500 13.48 -17.13 -16.63
C ASP W 500 13.40 -16.97 -15.11
N LYS W 501 14.47 -17.31 -14.38
CA LYS W 501 14.45 -17.12 -12.93
C LYS W 501 14.84 -15.70 -12.51
N GLY W 502 15.06 -14.79 -13.46
CA GLY W 502 15.34 -13.40 -13.17
C GLY W 502 16.75 -13.12 -12.68
N ILE W 503 17.76 -13.59 -13.42
CA ILE W 503 19.15 -13.38 -13.02
C ILE W 503 19.56 -11.91 -13.13
N LYS W 504 18.95 -11.17 -14.07
CA LYS W 504 19.30 -9.75 -14.27
C LYS W 504 18.93 -8.92 -13.04
N GLU W 505 17.76 -9.15 -12.48
CA GLU W 505 17.32 -8.42 -11.30
C GLU W 505 18.00 -8.92 -10.03
N GLU W 506 18.31 -10.22 -9.95
CA GLU W 506 18.92 -10.78 -8.75
C GLU W 506 20.35 -10.27 -8.55
N LEU W 507 21.13 -10.17 -9.63
CA LEU W 507 22.50 -9.70 -9.53
C LEU W 507 22.65 -8.21 -9.78
N GLY W 508 21.56 -7.50 -10.08
CA GLY W 508 21.62 -6.07 -10.33
C GLY W 508 22.37 -5.65 -11.58
N LEU W 509 22.25 -6.41 -12.66
CA LEU W 509 22.95 -6.08 -13.90
C LEU W 509 22.21 -5.00 -14.68
N GLU W 510 22.98 -4.08 -15.27
CA GLU W 510 22.40 -3.00 -16.06
C GLU W 510 22.56 -3.20 -17.57
N ARG W 511 23.40 -4.13 -18.02
CA ARG W 511 23.51 -4.47 -19.42
C ARG W 511 22.24 -5.19 -19.91
N GLN W 512 22.10 -5.28 -21.23
CA GLN W 512 21.09 -6.14 -21.81
C GLN W 512 21.42 -7.61 -21.53
N VAL W 513 20.42 -8.40 -21.17
CA VAL W 513 20.59 -9.82 -20.87
C VAL W 513 19.66 -10.62 -21.78
N LEU W 514 20.23 -11.53 -22.57
CA LEU W 514 19.50 -12.31 -23.55
C LEU W 514 19.84 -13.79 -23.45
N PRO W 515 18.88 -14.68 -23.73
CA PRO W 515 19.15 -16.13 -23.65
C PRO W 515 19.64 -16.76 -24.95
N VAL W 516 20.47 -17.78 -24.81
CA VAL W 516 20.88 -18.60 -25.95
C VAL W 516 19.83 -19.68 -26.20
N LYS W 517 19.77 -20.16 -27.45
CA LYS W 517 18.76 -21.15 -27.84
C LYS W 517 19.20 -21.91 -29.08
N ASN W 518 18.56 -23.07 -29.30
CA ASN W 518 18.80 -23.98 -30.43
C ASN W 518 20.24 -24.48 -30.50
N CYS W 519 20.73 -24.99 -29.37
CA CYS W 519 22.10 -25.50 -29.31
C CYS W 519 22.22 -26.99 -29.55
N ARG W 520 21.14 -27.76 -29.37
CA ARG W 520 21.23 -29.22 -29.35
C ARG W 520 20.82 -29.90 -30.65
N ASN W 521 20.13 -29.20 -31.56
CA ASN W 521 19.62 -29.81 -32.78
C ASN W 521 20.40 -29.39 -34.02
N ILE W 522 21.69 -29.12 -33.87
CA ILE W 522 22.53 -28.71 -34.99
C ILE W 522 23.65 -29.73 -35.19
N THR W 523 24.04 -29.92 -36.45
CA THR W 523 25.14 -30.80 -36.80
C THR W 523 26.15 -30.09 -37.70
N LYS W 524 27.08 -30.85 -38.27
CA LYS W 524 28.06 -30.31 -39.21
C LYS W 524 27.39 -29.70 -40.45
N LYS W 525 26.23 -30.23 -40.84
CA LYS W 525 25.49 -29.72 -42.00
C LYS W 525 24.90 -28.33 -41.78
N ASP W 526 24.87 -27.82 -40.56
CA ASP W 526 24.39 -26.47 -40.29
C ASP W 526 25.47 -25.41 -40.43
N MET W 527 26.72 -25.78 -40.65
CA MET W 527 27.80 -24.79 -40.82
C MET W 527 27.79 -24.24 -42.24
N GLN W 528 27.73 -22.91 -42.36
CA GLN W 528 27.65 -22.27 -43.67
C GLN W 528 29.00 -22.37 -44.39
N PHE W 529 28.95 -22.88 -45.63
CA PHE W 529 30.08 -23.05 -46.57
C PHE W 529 31.19 -23.98 -46.09
N ASN W 530 31.07 -24.56 -44.89
CA ASN W 530 32.05 -25.53 -44.40
C ASN W 530 31.27 -26.69 -43.78
N ASP W 531 30.76 -27.57 -44.63
CA ASP W 531 29.85 -28.62 -44.18
C ASP W 531 30.25 -29.99 -44.68
N THR W 532 31.51 -30.16 -45.06
CA THR W 532 32.00 -31.41 -45.62
C THR W 532 32.16 -32.48 -44.54
N THR W 533 31.62 -33.67 -44.80
CA THR W 533 31.91 -34.85 -44.00
C THR W 533 32.71 -35.83 -44.85
N ALA W 534 33.59 -36.58 -44.19
CA ALA W 534 34.45 -37.53 -44.87
C ALA W 534 34.94 -38.56 -43.87
N HIS W 535 35.62 -39.59 -44.39
CA HIS W 535 36.26 -40.60 -43.58
C HIS W 535 37.75 -40.29 -43.49
N ILE W 536 38.26 -40.10 -42.28
CA ILE W 536 39.62 -39.62 -42.05
C ILE W 536 40.39 -40.69 -41.28
N GLU W 537 41.60 -41.02 -41.76
CA GLU W 537 42.47 -42.00 -41.13
C GLU W 537 43.84 -41.41 -40.89
N VAL W 538 44.45 -41.78 -39.75
CA VAL W 538 45.79 -41.36 -39.38
C VAL W 538 46.64 -42.60 -39.19
N ASN W 539 47.79 -42.65 -39.85
CA ASN W 539 48.71 -43.76 -39.69
C ASN W 539 49.32 -43.74 -38.29
N PRO W 540 49.28 -44.85 -37.55
CA PRO W 540 49.79 -44.85 -36.17
C PRO W 540 51.30 -44.70 -36.05
N GLU W 541 52.05 -44.89 -37.13
CA GLU W 541 53.51 -44.85 -37.08
C GLU W 541 54.10 -43.61 -37.75
N THR W 542 53.69 -43.30 -38.97
CA THR W 542 54.24 -42.15 -39.69
C THR W 542 53.44 -40.87 -39.52
N TYR W 543 52.26 -40.96 -38.90
CA TYR W 543 51.32 -39.85 -38.63
C TYR W 543 50.81 -39.18 -39.91
N HIS W 544 50.80 -39.87 -41.04
CA HIS W 544 50.22 -39.30 -42.25
C HIS W 544 48.70 -39.31 -42.18
N VAL W 545 48.08 -38.35 -42.85
CA VAL W 545 46.64 -38.10 -42.79
C VAL W 545 46.02 -38.39 -44.14
N PHE W 546 44.98 -39.21 -44.15
CA PHE W 546 44.26 -39.59 -45.36
C PHE W 546 42.79 -39.19 -45.27
N VAL W 547 42.27 -38.62 -46.35
CA VAL W 547 40.87 -38.23 -46.45
C VAL W 547 40.26 -39.00 -47.62
N ASP W 548 39.36 -39.94 -47.31
CA ASP W 548 38.74 -40.86 -48.27
C ASP W 548 39.78 -41.59 -49.12
N GLY W 549 40.87 -42.02 -48.47
CA GLY W 549 41.95 -42.72 -49.13
C GLY W 549 43.07 -41.85 -49.65
N LYS W 550 42.81 -40.58 -49.94
CA LYS W 550 43.81 -39.70 -50.54
C LYS W 550 44.62 -38.98 -49.46
N GLU W 551 45.93 -38.91 -49.66
CA GLU W 551 46.80 -38.22 -48.71
C GLU W 551 46.61 -36.70 -48.82
N VAL W 552 46.64 -36.03 -47.68
CA VAL W 552 46.37 -34.59 -47.59
C VAL W 552 47.51 -33.94 -46.83
N THR W 553 48.14 -32.94 -47.44
CA THR W 553 49.26 -32.23 -46.83
C THR W 553 49.38 -30.85 -47.48
N SER W 554 50.36 -30.08 -47.01
CA SER W 554 50.71 -28.80 -47.60
C SER W 554 52.17 -28.48 -47.28
N LYS W 555 52.67 -27.40 -47.88
CA LYS W 555 54.05 -26.96 -47.73
C LYS W 555 54.15 -25.76 -46.79
N PRO W 556 55.21 -25.67 -45.98
CA PRO W 556 55.39 -24.48 -45.14
C PRO W 556 55.76 -23.26 -45.97
N ALA W 557 55.44 -22.10 -45.42
CA ALA W 557 55.66 -20.82 -46.09
C ALA W 557 56.77 -20.05 -45.39
N ASN W 558 57.60 -19.35 -46.19
CA ASN W 558 58.63 -18.49 -45.63
C ASN W 558 58.21 -17.03 -45.52
N LYS W 559 57.04 -16.67 -46.04
CA LYS W 559 56.58 -15.29 -46.03
C LYS W 559 55.05 -15.28 -46.10
N VAL W 560 54.43 -14.41 -45.31
CA VAL W 560 52.98 -14.26 -45.32
C VAL W 560 52.62 -12.81 -45.63
N SER W 561 51.40 -12.62 -46.11
CA SER W 561 50.87 -11.28 -46.29
C SER W 561 50.32 -10.75 -44.96
N LEU W 562 49.98 -9.46 -44.97
CA LEU W 562 49.35 -8.75 -43.84
C LEU W 562 50.19 -8.79 -42.57
N ALA W 563 51.52 -8.85 -42.66
CA ALA W 563 52.33 -8.87 -41.44
C ALA W 563 53.30 -7.70 -41.32
N GLN W 564 54.39 -7.65 -42.09
CA GLN W 564 55.43 -6.66 -41.79
C GLN W 564 55.20 -5.34 -42.50
N LEU W 565 54.32 -5.31 -43.51
CA LEU W 565 53.97 -4.08 -44.19
C LEU W 565 53.17 -3.14 -43.29
N PHE W 566 52.46 -3.66 -42.29
CA PHE W 566 51.43 -2.90 -41.59
C PHE W 566 51.76 -2.57 -40.14
N SER W 567 52.76 -3.20 -39.53
CA SER W 567 52.98 -3.06 -38.09
C SER W 567 54.43 -2.72 -37.80
N ILE W 568 54.64 -1.80 -36.86
CA ILE W 568 55.99 -1.45 -36.44
C ILE W 568 56.57 -2.49 -35.49
N PHE W 569 55.73 -3.28 -34.83
CA PHE W 569 56.19 -4.37 -33.99
C PHE W 569 55.29 -5.59 -34.17
N MET X 1 17.63 66.26 -24.62
CA MET X 1 17.84 66.84 -23.30
C MET X 1 16.88 67.99 -23.03
N LYS X 2 16.42 68.10 -21.80
CA LYS X 2 15.58 69.21 -21.35
C LYS X 2 15.93 69.57 -19.93
N LYS X 3 15.61 70.80 -19.54
CA LYS X 3 15.76 71.27 -18.18
C LYS X 3 14.40 71.29 -17.49
N ILE X 4 14.33 70.73 -16.29
CA ILE X 4 13.13 70.73 -15.46
C ILE X 4 13.51 71.35 -14.12
N SER X 5 12.68 72.26 -13.62
CA SER X 5 12.95 72.88 -12.33
C SER X 5 12.78 71.87 -11.21
N ARG X 6 13.49 72.11 -10.10
CA ARG X 6 13.57 71.16 -9.00
C ARG X 6 12.21 70.98 -8.32
N LYS X 7 11.44 72.06 -8.21
CA LYS X 7 10.16 72.04 -7.52
C LYS X 7 9.14 71.14 -8.23
N GLU X 8 9.04 71.26 -9.55
CA GLU X 8 8.08 70.42 -10.26
C GLU X 8 8.56 68.98 -10.41
N TYR X 9 9.89 68.75 -10.46
CA TYR X 9 10.41 67.39 -10.41
C TYR X 9 10.01 66.72 -9.10
N VAL X 10 10.17 67.43 -7.98
CA VAL X 10 9.86 66.86 -6.67
C VAL X 10 8.36 66.64 -6.53
N SER X 11 7.55 67.56 -7.07
CA SER X 11 6.10 67.37 -7.05
C SER X 11 5.67 66.16 -7.89
N MET X 12 6.41 65.83 -8.94
CA MET X 12 6.05 64.63 -9.70
C MET X 12 6.62 63.33 -9.14
N TYR X 13 7.85 63.32 -8.63
CA TYR X 13 8.53 62.07 -8.32
C TYR X 13 9.08 61.96 -6.89
N GLY X 14 8.89 62.98 -6.05
CA GLY X 14 9.46 62.97 -4.72
C GLY X 14 10.88 63.52 -4.70
N PRO X 15 11.44 63.65 -3.50
CA PRO X 15 12.77 64.28 -3.38
C PRO X 15 13.88 63.40 -3.97
N THR X 16 14.95 64.06 -4.40
CA THR X 16 16.11 63.38 -4.98
C THR X 16 17.38 63.80 -4.24
N THR X 17 18.55 63.46 -4.80
CA THR X 17 19.84 63.58 -4.10
C THR X 17 20.14 65.02 -3.69
N GLY X 18 20.40 65.22 -2.39
CA GLY X 18 20.65 66.51 -1.82
C GLY X 18 19.45 67.18 -1.18
N ASP X 19 18.23 66.77 -1.54
CA ASP X 19 17.04 67.35 -0.94
C ASP X 19 16.84 66.83 0.49
N LYS X 20 16.10 67.60 1.29
CA LYS X 20 15.90 67.32 2.71
C LYS X 20 14.43 67.31 3.07
N VAL X 21 14.07 66.54 4.10
CA VAL X 21 12.69 66.42 4.59
C VAL X 21 12.68 66.42 6.12
N ARG X 22 11.73 67.15 6.71
CA ARG X 22 11.49 67.10 8.14
C ARG X 22 10.64 65.88 8.51
N LEU X 23 11.03 65.18 9.56
CA LEU X 23 10.30 64.00 10.02
C LEU X 23 9.23 64.42 11.02
N GLY X 24 7.96 64.32 10.62
CA GLY X 24 6.85 64.67 11.48
C GLY X 24 6.84 66.14 11.86
N ASP X 25 6.46 66.42 13.10
CA ASP X 25 6.56 67.75 13.66
C ASP X 25 7.80 67.91 14.55
N THR X 26 8.79 67.03 14.40
CA THR X 26 10.03 67.12 15.16
C THR X 26 10.99 68.12 14.50
N ASP X 27 12.20 68.21 15.05
CA ASP X 27 13.28 69.01 14.49
C ASP X 27 14.36 68.15 13.82
N LEU X 28 14.02 66.92 13.45
CA LEU X 28 14.97 66.02 12.80
C LEU X 28 14.86 66.13 11.29
N ILE X 29 15.98 66.37 10.62
CA ILE X 29 16.03 66.62 9.19
C ILE X 29 16.80 65.49 8.53
N ALA X 30 16.15 64.77 7.62
CA ALA X 30 16.77 63.69 6.86
C ALA X 30 17.15 64.17 5.47
N GLU X 31 18.27 63.66 4.94
CA GLU X 31 18.77 64.05 3.63
C GLU X 31 18.94 62.82 2.74
N VAL X 32 18.56 62.95 1.48
CA VAL X 32 18.68 61.86 0.51
C VAL X 32 20.16 61.71 0.11
N GLU X 33 20.71 60.52 0.34
CA GLU X 33 22.13 60.28 0.09
C GLU X 33 22.44 59.84 -1.34
N HIS X 34 21.50 59.16 -2.01
CA HIS X 34 21.76 58.54 -3.31
C HIS X 34 20.42 58.27 -3.99
N ASP X 35 20.44 58.20 -5.33
CA ASP X 35 19.26 57.89 -6.13
C ASP X 35 19.63 56.89 -7.22
N TYR X 36 18.82 55.84 -7.38
CA TYR X 36 19.06 54.81 -8.39
C TYR X 36 18.41 55.08 -9.73
N THR X 37 17.60 56.14 -9.86
CA THR X 37 16.84 56.33 -11.08
C THR X 37 17.71 56.91 -12.19
N ILE X 38 17.21 56.79 -13.42
CA ILE X 38 17.76 57.48 -14.58
C ILE X 38 16.79 58.58 -14.95
N TYR X 39 17.28 59.83 -14.99
CA TYR X 39 16.41 60.98 -15.16
C TYR X 39 15.77 60.98 -16.55
N GLY X 40 14.45 61.06 -16.59
CA GLY X 40 13.69 60.93 -17.80
C GLY X 40 13.06 59.57 -18.03
N GLU X 41 13.39 58.57 -17.20
CA GLU X 41 12.85 57.23 -17.35
C GLU X 41 12.11 56.78 -16.08
N GLU X 42 11.45 57.70 -15.40
CA GLU X 42 10.78 57.38 -14.14
C GLU X 42 9.49 56.60 -14.39
N LEU X 43 9.12 55.76 -13.41
CA LEU X 43 7.90 54.98 -13.48
C LEU X 43 6.73 55.75 -12.88
N LYS X 44 5.65 55.89 -13.64
CA LYS X 44 4.42 56.52 -13.18
C LYS X 44 3.22 55.72 -13.67
N PHE X 45 2.21 55.57 -12.81
CA PHE X 45 1.02 54.81 -13.14
C PHE X 45 -0.18 55.74 -13.31
N GLY X 46 -0.96 55.48 -14.35
CA GLY X 46 -2.16 56.23 -14.62
C GLY X 46 -2.42 56.29 -16.11
N GLY X 47 -3.47 57.04 -16.47
CA GLY X 47 -3.85 57.17 -17.86
C GLY X 47 -2.87 58.05 -18.61
N GLY X 48 -2.29 57.53 -19.69
CA GLY X 48 -1.28 58.24 -20.44
C GLY X 48 0.11 58.25 -19.84
N LYS X 49 0.33 57.51 -18.76
CA LYS X 49 1.63 57.48 -18.08
C LYS X 49 2.47 56.31 -18.61
N THR X 50 3.55 55.95 -17.90
CA THR X 50 4.55 55.05 -18.46
C THR X 50 4.31 53.58 -18.18
N LEU X 51 3.57 53.22 -17.13
CA LEU X 51 3.40 51.82 -16.76
C LEU X 51 2.27 51.17 -17.56
N ARG X 52 2.52 51.04 -18.87
CA ARG X 52 1.55 50.51 -19.83
C ARG X 52 2.25 49.48 -20.70
N GLU X 53 1.45 48.68 -21.40
CA GLU X 53 1.98 47.54 -22.15
C GLU X 53 2.84 48.01 -23.33
N GLY X 54 4.02 47.41 -23.44
CA GLY X 54 4.98 47.78 -24.46
C GLY X 54 5.85 48.97 -24.13
N MET X 55 5.65 49.65 -22.99
CA MET X 55 6.45 50.82 -22.65
C MET X 55 7.32 50.58 -21.43
N SER X 56 6.74 50.44 -20.23
CA SER X 56 7.50 50.03 -19.06
C SER X 56 7.04 48.69 -18.51
N GLN X 57 5.86 48.24 -18.89
CA GLN X 57 5.47 46.85 -18.69
C GLN X 57 5.92 46.07 -19.93
N SER X 58 6.77 45.08 -19.71
CA SER X 58 7.36 44.32 -20.81
C SER X 58 6.34 43.37 -21.44
N ASN X 59 6.40 43.27 -22.76
CA ASN X 59 5.74 42.20 -23.49
C ASN X 59 6.60 40.95 -23.63
N ASN X 60 7.89 41.03 -23.29
CA ASN X 60 8.78 39.87 -23.25
C ASN X 60 9.56 39.88 -21.94
N PRO X 61 8.89 39.64 -20.81
CA PRO X 61 9.56 39.80 -19.51
C PRO X 61 10.50 38.65 -19.21
N SER X 62 11.36 38.89 -18.23
CA SER X 62 12.25 37.85 -17.76
C SER X 62 11.47 36.79 -17.00
N LYS X 63 12.11 35.62 -16.79
CA LYS X 63 11.47 34.56 -16.05
C LYS X 63 11.42 34.83 -14.54
N GLU X 64 12.09 35.88 -14.06
CA GLU X 64 12.04 36.33 -12.67
C GLU X 64 11.09 37.53 -12.50
N GLU X 65 9.97 37.52 -13.22
CA GLU X 65 9.03 38.64 -13.25
C GLU X 65 8.42 38.91 -11.88
N LEU X 66 8.31 40.20 -11.54
CA LEU X 66 7.88 40.64 -10.21
C LEU X 66 6.38 40.46 -10.00
N ASP X 67 6.00 40.23 -8.74
CA ASP X 67 4.58 40.24 -8.36
C ASP X 67 4.07 41.62 -7.97
N LEU X 68 4.95 42.50 -7.47
CA LEU X 68 4.56 43.83 -7.02
C LEU X 68 5.77 44.75 -7.08
N ILE X 69 5.57 46.01 -7.47
CA ILE X 69 6.64 47.00 -7.47
C ILE X 69 6.16 48.28 -6.78
N ILE X 70 6.99 48.81 -5.88
CA ILE X 70 6.77 50.09 -5.23
C ILE X 70 7.66 51.11 -5.91
N THR X 71 7.07 52.12 -6.55
CA THR X 71 7.80 53.06 -7.40
C THR X 71 8.16 54.33 -6.63
N ASN X 72 9.40 54.80 -6.83
CA ASN X 72 9.88 56.11 -6.36
C ASN X 72 9.81 56.24 -4.83
N ALA X 73 10.23 55.20 -4.12
CA ALA X 73 10.17 55.19 -2.66
C ALA X 73 11.41 55.84 -2.05
N LEU X 74 11.22 56.53 -0.93
CA LEU X 74 12.32 57.01 -0.11
C LEU X 74 12.55 56.01 1.04
N ILE X 75 13.63 55.25 0.96
CA ILE X 75 13.92 54.20 1.93
C ILE X 75 14.69 54.80 3.10
N VAL X 76 14.22 54.55 4.32
CA VAL X 76 14.92 54.94 5.55
C VAL X 76 15.23 53.67 6.32
N ASP X 77 16.52 53.35 6.43
CA ASP X 77 16.98 52.07 6.97
C ASP X 77 18.31 52.30 7.65
N TYR X 78 18.75 51.32 8.46
CA TYR X 78 20.07 51.41 9.07
C TYR X 78 21.18 51.31 8.02
N THR X 79 20.89 50.72 6.85
CA THR X 79 21.86 50.66 5.76
C THR X 79 21.95 51.95 4.95
N GLY X 80 21.02 52.89 5.09
CA GLY X 80 21.13 54.16 4.40
C GLY X 80 19.78 54.81 4.16
N ILE X 81 19.83 56.05 3.70
CA ILE X 81 18.65 56.85 3.37
C ILE X 81 18.77 57.25 1.91
N TYR X 82 17.93 56.67 1.04
CA TYR X 82 18.12 56.77 -0.41
C TYR X 82 16.81 56.50 -1.14
N LYS X 83 16.78 56.86 -2.43
CA LYS X 83 15.61 56.71 -3.30
C LYS X 83 15.81 55.53 -4.25
N ALA X 84 14.79 54.67 -4.35
CA ALA X 84 14.82 53.51 -5.23
C ALA X 84 13.41 52.99 -5.46
N ASP X 85 13.30 52.06 -6.40
CA ASP X 85 12.11 51.23 -6.55
C ASP X 85 12.34 49.89 -5.87
N ILE X 86 11.29 49.33 -5.26
CA ILE X 86 11.37 48.10 -4.49
C ILE X 86 10.51 47.03 -5.17
N GLY X 87 11.11 45.89 -5.45
CA GLY X 87 10.43 44.78 -6.11
C GLY X 87 10.22 43.59 -5.18
N ILE X 88 9.02 43.00 -5.23
CA ILE X 88 8.62 41.91 -4.36
C ILE X 88 8.21 40.71 -5.22
N LYS X 89 8.74 39.54 -4.88
CA LYS X 89 8.37 38.29 -5.54
C LYS X 89 8.31 37.17 -4.51
N ASP X 90 7.17 36.46 -4.47
CA ASP X 90 6.95 35.26 -3.64
C ASP X 90 7.17 35.54 -2.16
N GLY X 91 6.64 36.67 -1.67
CA GLY X 91 6.74 37.03 -0.28
C GLY X 91 8.09 37.56 0.17
N LYS X 92 9.03 37.76 -0.74
CA LYS X 92 10.38 38.23 -0.41
C LYS X 92 10.68 39.50 -1.18
N ILE X 93 11.63 40.27 -0.65
CA ILE X 93 12.19 41.42 -1.37
C ILE X 93 13.12 40.87 -2.44
N ALA X 94 12.76 41.08 -3.71
CA ALA X 94 13.52 40.50 -4.81
C ALA X 94 14.58 41.45 -5.38
N GLY X 95 14.37 42.76 -5.31
CA GLY X 95 15.30 43.69 -5.89
C GLY X 95 15.07 45.10 -5.38
N ILE X 96 16.16 45.86 -5.28
CA ILE X 96 16.13 47.27 -4.92
C ILE X 96 16.97 48.01 -5.94
N GLY X 97 16.35 48.87 -6.74
CA GLY X 97 17.03 49.52 -7.83
C GLY X 97 16.15 50.31 -8.78
N LYS X 98 16.32 50.11 -10.09
CA LYS X 98 15.63 50.96 -11.06
C LYS X 98 14.30 50.37 -11.53
N GLY X 99 14.31 49.21 -12.18
CA GLY X 99 13.06 48.59 -12.59
C GLY X 99 12.40 49.15 -13.84
N GLY X 100 11.80 48.28 -14.64
CA GLY X 100 11.13 48.71 -15.86
C GLY X 100 11.16 47.59 -16.91
N ASN X 101 11.32 48.01 -18.17
CA ASN X 101 11.28 47.11 -19.33
C ASN X 101 12.56 47.29 -20.12
N LYS X 102 13.37 46.22 -20.20
CA LYS X 102 14.64 46.25 -20.92
C LYS X 102 14.47 46.42 -22.42
N ASP X 103 13.28 46.10 -22.98
CA ASP X 103 13.04 46.31 -24.39
C ASP X 103 13.03 47.78 -24.78
N MET X 104 12.70 48.67 -23.84
CA MET X 104 12.57 50.10 -24.14
C MET X 104 13.41 51.03 -23.26
N GLN X 105 14.06 50.53 -22.21
CA GLN X 105 14.78 51.37 -21.25
C GLN X 105 16.15 50.76 -20.94
N ASP X 106 17.07 51.62 -20.50
CA ASP X 106 18.49 51.24 -20.47
C ASP X 106 18.86 50.31 -19.30
N GLY X 107 18.81 50.82 -18.08
CA GLY X 107 19.46 50.11 -16.98
C GLY X 107 18.63 49.16 -16.15
N VAL X 108 17.96 48.19 -16.78
CA VAL X 108 17.03 47.30 -16.08
C VAL X 108 17.64 45.92 -15.97
N LYS X 109 17.86 45.46 -14.73
CA LYS X 109 18.36 44.11 -14.49
C LYS X 109 17.20 43.11 -14.44
N ASN X 110 17.56 41.81 -14.52
CA ASN X 110 16.57 40.74 -14.67
C ASN X 110 15.67 40.60 -13.44
N ASN X 111 16.19 40.87 -12.25
CA ASN X 111 15.40 40.71 -11.03
C ASN X 111 14.47 41.90 -10.77
N LEU X 112 14.47 42.93 -11.60
CA LEU X 112 13.54 44.05 -11.46
C LEU X 112 12.68 44.22 -12.72
N SER X 113 12.38 43.13 -13.41
CA SER X 113 11.59 43.17 -14.62
C SER X 113 10.11 43.31 -14.30
N VAL X 114 9.44 44.26 -14.95
CA VAL X 114 8.02 44.51 -14.79
C VAL X 114 7.28 43.87 -15.94
N GLY X 115 6.28 43.04 -15.63
CA GLY X 115 5.53 42.35 -16.65
C GLY X 115 4.03 42.30 -16.43
N PRO X 116 3.33 41.48 -17.22
CA PRO X 116 1.86 41.36 -17.05
C PRO X 116 1.42 40.81 -15.70
N ALA X 117 2.26 40.06 -14.98
CA ALA X 117 1.88 39.57 -13.66
C ALA X 117 2.10 40.56 -12.54
N THR X 118 2.60 41.77 -12.83
CA THR X 118 3.00 42.73 -11.80
C THR X 118 1.85 43.69 -11.45
N GLU X 119 1.68 43.94 -10.14
CA GLU X 119 0.84 45.00 -9.61
C GLU X 119 1.70 46.20 -9.19
N ALA X 120 1.13 47.41 -9.29
CA ALA X 120 1.86 48.64 -9.01
C ALA X 120 1.34 49.35 -7.76
N LEU X 121 2.26 49.93 -6.99
CA LEU X 121 1.95 50.74 -5.81
C LEU X 121 2.80 52.01 -5.85
N ALA X 122 2.16 53.18 -5.77
CA ALA X 122 2.85 54.45 -5.94
C ALA X 122 3.44 54.91 -4.61
N GLY X 123 4.77 55.01 -4.56
CA GLY X 123 5.45 55.48 -3.38
C GLY X 123 6.07 56.86 -3.47
N GLU X 124 5.75 57.66 -4.49
CA GLU X 124 6.35 58.98 -4.65
C GLU X 124 5.85 59.92 -3.56
N GLY X 125 6.79 60.56 -2.87
CA GLY X 125 6.50 61.39 -1.73
C GLY X 125 6.33 60.65 -0.41
N LEU X 126 6.55 59.34 -0.38
CA LEU X 126 6.34 58.55 0.83
C LEU X 126 7.65 57.91 1.30
N ILE X 127 7.64 57.47 2.56
CA ILE X 127 8.80 56.86 3.21
C ILE X 127 8.49 55.40 3.49
N VAL X 128 9.42 54.51 3.17
CA VAL X 128 9.31 53.07 3.47
C VAL X 128 10.34 52.71 4.53
N THR X 129 9.89 52.06 5.61
CA THR X 129 10.77 51.44 6.59
C THR X 129 10.39 49.98 6.81
N ALA X 130 11.27 49.26 7.47
CA ALA X 130 10.95 47.91 7.94
C ALA X 130 9.94 47.97 9.08
N GLY X 131 9.20 46.88 9.26
CA GLY X 131 8.31 46.78 10.40
C GLY X 131 9.06 46.69 11.71
N GLY X 132 8.44 47.23 12.76
CA GLY X 132 9.05 47.20 14.08
C GLY X 132 8.96 45.84 14.74
N ILE X 133 9.87 45.61 15.70
CA ILE X 133 9.97 44.35 16.43
C ILE X 133 9.96 44.65 17.93
N ASP X 134 8.93 44.17 18.63
CA ASP X 134 8.75 44.41 20.07
C ASP X 134 9.05 43.13 20.83
N THR X 135 10.02 43.19 21.74
CA THR X 135 10.53 41.98 22.41
C THR X 135 10.15 41.88 23.88
N HIS X 136 9.23 42.70 24.37
CA HIS X 136 8.86 42.69 25.80
C HIS X 136 7.32 42.69 25.92
N ILE X 137 6.68 41.72 25.29
CA ILE X 137 5.23 41.62 25.30
C ILE X 137 4.75 40.71 26.44
N HIS X 138 3.86 41.23 27.28
CA HIS X 138 3.04 40.40 28.15
C HIS X 138 1.75 40.05 27.42
N PHE X 139 1.53 38.75 27.15
CA PHE X 139 0.34 38.32 26.41
C PHE X 139 -0.86 38.25 27.35
N ILE X 140 -1.32 39.44 27.75
CA ILE X 140 -2.42 39.58 28.70
C ILE X 140 -3.78 39.53 28.01
N SER X 141 -3.93 40.22 26.87
CA SER X 141 -5.16 40.19 26.09
C SER X 141 -4.86 40.18 24.60
N PRO X 142 -5.67 39.47 23.80
CA PRO X 142 -5.47 39.46 22.33
C PRO X 142 -5.64 40.81 21.67
N GLN X 143 -6.34 41.76 22.29
CA GLN X 143 -6.58 43.07 21.71
C GLN X 143 -5.33 43.95 21.66
N GLN X 144 -4.23 43.55 22.32
CA GLN X 144 -2.95 44.23 22.17
C GLN X 144 -2.43 44.15 20.74
N ILE X 145 -2.68 43.01 20.07
CA ILE X 145 -2.10 42.77 18.74
C ILE X 145 -2.58 43.73 17.66
N PRO X 146 -3.89 43.99 17.49
CA PRO X 146 -4.27 45.04 16.50
C PRO X 146 -3.81 46.44 16.87
N THR X 147 -3.70 46.76 18.16
CA THR X 147 -3.18 48.06 18.58
C THR X 147 -1.71 48.23 18.18
N ALA X 148 -0.90 47.19 18.38
CA ALA X 148 0.50 47.24 17.95
C ALA X 148 0.63 47.27 16.44
N PHE X 149 -0.25 46.54 15.73
CA PHE X 149 -0.19 46.48 14.27
C PHE X 149 -0.46 47.84 13.64
N ALA X 150 -1.45 48.57 14.16
CA ALA X 150 -1.76 49.89 13.61
C ALA X 150 -0.70 50.93 13.90
N SER X 151 0.16 50.72 14.89
CA SER X 151 1.25 51.65 15.16
C SER X 151 2.50 51.38 14.32
N GLY X 152 2.56 50.26 13.61
CA GLY X 152 3.69 49.94 12.78
C GLY X 152 4.60 48.80 13.25
N VAL X 153 4.15 47.97 14.18
CA VAL X 153 4.92 46.82 14.67
C VAL X 153 4.42 45.57 13.99
N THR X 154 5.33 44.77 13.43
CA THR X 154 4.94 43.55 12.71
C THR X 154 5.50 42.25 13.30
N THR X 155 6.26 42.30 14.39
CA THR X 155 6.70 41.10 15.09
C THR X 155 6.58 41.33 16.59
N MET X 156 6.01 40.36 17.31
CA MET X 156 5.85 40.46 18.77
C MET X 156 6.43 39.21 19.43
N ILE X 157 7.36 39.41 20.36
CA ILE X 157 8.01 38.35 21.11
C ILE X 157 7.76 38.58 22.60
N GLY X 158 7.30 37.54 23.29
CA GLY X 158 7.04 37.61 24.71
C GLY X 158 6.53 36.31 25.31
N GLY X 159 5.67 36.39 26.33
CA GLY X 159 5.13 35.19 26.95
C GLY X 159 3.88 35.47 27.74
N GLY X 160 3.11 34.42 28.00
CA GLY X 160 1.94 34.53 28.85
C GLY X 160 0.83 33.61 28.40
N THR X 161 -0.24 33.60 29.20
CA THR X 161 -1.39 32.71 28.97
C THR X 161 -2.75 33.43 29.03
N GLY X 162 -2.78 34.76 29.00
CA GLY X 162 -4.00 35.49 29.22
C GLY X 162 -3.97 36.26 30.52
N PRO X 163 -5.12 36.67 31.05
CA PRO X 163 -5.13 37.60 32.19
C PRO X 163 -4.87 37.00 33.56
N ALA X 164 -4.20 35.84 33.64
CA ALA X 164 -3.82 35.27 34.92
C ALA X 164 -2.75 36.12 35.61
N ASP X 165 -2.63 35.92 36.94
CA ASP X 165 -1.75 36.76 37.76
C ASP X 165 -0.27 36.55 37.43
N GLY X 166 0.11 35.34 37.01
CA GLY X 166 1.48 35.10 36.59
C GLY X 166 1.85 35.86 35.33
N THR X 167 0.93 35.93 34.36
CA THR X 167 1.18 36.68 33.14
C THR X 167 1.13 38.19 33.37
N ASN X 168 0.28 38.64 34.30
CA ASN X 168 0.19 40.07 34.63
C ASN X 168 1.51 40.62 35.17
N ALA X 169 2.35 39.77 35.75
CA ALA X 169 3.66 40.16 36.24
C ALA X 169 4.80 39.81 35.29
N THR X 170 4.76 38.66 34.61
CA THR X 170 5.92 38.09 33.92
C THR X 170 5.60 37.73 32.47
N THR X 171 6.63 37.75 31.61
CA THR X 171 6.51 37.36 30.19
C THR X 171 6.86 35.88 30.02
N ILE X 172 6.03 35.01 30.58
CA ILE X 172 6.36 33.59 30.67
C ILE X 172 5.16 32.74 30.26
N THR X 173 5.39 31.81 29.32
CA THR X 173 4.44 30.74 28.99
C THR X 173 5.01 29.43 29.53
N PRO X 174 4.54 28.95 30.69
CA PRO X 174 5.23 27.81 31.33
C PRO X 174 4.76 26.43 30.88
N GLY X 175 5.69 25.62 30.39
CA GLY X 175 5.43 24.21 30.15
C GLY X 175 4.90 23.90 28.76
N ARG X 176 5.02 22.60 28.41
CA ARG X 176 4.68 22.10 27.08
C ARG X 176 3.20 22.29 26.74
N ARG X 177 2.30 22.01 27.69
CA ARG X 177 0.87 22.10 27.41
C ARG X 177 0.42 23.55 27.19
N ASN X 178 0.91 24.48 28.01
CA ASN X 178 0.58 25.90 27.82
C ASN X 178 1.19 26.46 26.54
N LEU X 179 2.39 25.99 26.18
CA LEU X 179 2.98 26.35 24.89
C LEU X 179 2.13 25.86 23.73
N LYS X 180 1.58 24.64 23.83
CA LYS X 180 0.67 24.12 22.81
C LYS X 180 -0.58 24.98 22.68
N TRP X 181 -1.17 25.40 23.81
CA TRP X 181 -2.32 26.31 23.81
C TRP X 181 -2.02 27.61 23.05
N MET X 182 -0.90 28.25 23.37
CA MET X 182 -0.60 29.55 22.76
C MET X 182 -0.22 29.41 21.28
N LEU X 183 0.52 28.35 20.92
CA LEU X 183 0.88 28.15 19.52
C LEU X 183 -0.35 27.85 18.65
N ARG X 184 -1.32 27.10 19.18
CA ARG X 184 -2.53 26.87 18.40
C ARG X 184 -3.44 28.10 18.36
N ALA X 185 -3.43 28.93 19.41
CA ALA X 185 -4.20 30.17 19.35
C ALA X 185 -3.58 31.18 18.38
N ALA X 186 -2.26 31.10 18.15
CA ALA X 186 -1.55 32.07 17.32
C ALA X 186 -1.99 32.07 15.85
N GLU X 187 -2.67 31.03 15.39
CA GLU X 187 -3.16 30.94 14.00
C GLU X 187 -4.20 32.01 13.65
N GLU X 188 -4.76 32.69 14.65
CA GLU X 188 -5.78 33.72 14.42
C GLU X 188 -5.21 34.99 13.79
N TYR X 189 -3.98 35.38 14.13
CA TYR X 189 -3.59 36.79 14.11
C TYR X 189 -2.73 37.19 12.91
N SER X 190 -2.73 38.50 12.64
CA SER X 190 -1.86 39.12 11.62
C SER X 190 -0.66 39.78 12.30
N MET X 191 0.32 38.95 12.66
CA MET X 191 1.52 39.33 13.40
C MET X 191 2.47 38.13 13.45
N ASN X 192 3.76 38.37 13.21
CA ASN X 192 4.75 37.34 13.50
C ASN X 192 4.92 37.21 15.02
N LEU X 193 5.02 35.96 15.52
CA LEU X 193 4.96 35.70 16.95
C LEU X 193 6.04 34.70 17.39
N GLY X 194 6.52 34.86 18.62
CA GLY X 194 7.40 33.91 19.27
C GLY X 194 7.26 33.97 20.77
N PHE X 195 7.43 32.82 21.43
CA PHE X 195 7.08 32.67 22.84
C PHE X 195 8.28 32.29 23.71
N LEU X 196 8.34 32.86 24.91
CA LEU X 196 9.37 32.60 25.89
C LEU X 196 8.86 31.68 27.01
N ALA X 197 9.74 30.82 27.52
CA ALA X 197 9.42 29.83 28.53
C ALA X 197 9.93 30.26 29.91
N LYS X 198 9.63 29.44 30.92
CA LYS X 198 10.02 29.73 32.31
C LYS X 198 11.46 29.30 32.55
N GLY X 199 12.31 30.25 32.93
CA GLY X 199 13.71 29.95 33.23
C GLY X 199 14.02 29.80 34.70
N ASN X 200 13.04 30.07 35.57
CA ASN X 200 13.22 30.03 37.03
C ASN X 200 13.05 28.59 37.53
N THR X 201 14.07 27.77 37.30
CA THR X 201 14.15 26.43 37.90
C THR X 201 15.60 25.97 37.88
N SER X 202 15.91 25.02 38.75
CA SER X 202 17.22 24.37 38.76
C SER X 202 17.17 22.94 38.24
N ASN X 203 16.09 22.55 37.57
CA ASN X 203 15.94 21.23 36.99
C ASN X 203 16.24 21.32 35.50
N ASP X 204 17.33 20.68 35.06
CA ASP X 204 17.78 20.79 33.66
C ASP X 204 16.80 20.12 32.70
N ALA X 205 16.19 19.00 33.11
CA ALA X 205 15.25 18.30 32.26
C ALA X 205 13.98 19.12 32.01
N SER X 206 13.49 19.83 33.03
CA SER X 206 12.34 20.70 32.86
C SER X 206 12.67 21.87 31.94
N LEU X 207 13.87 22.41 32.04
CA LEU X 207 14.30 23.49 31.15
C LEU X 207 14.37 23.02 29.70
N ALA X 208 14.96 21.85 29.47
CA ALA X 208 15.15 21.36 28.10
C ALA X 208 13.83 20.98 27.42
N ASP X 209 12.87 20.46 28.18
CA ASP X 209 11.61 20.02 27.56
C ASP X 209 10.78 21.19 27.03
N GLN X 210 10.87 22.36 27.66
CA GLN X 210 10.17 23.54 27.16
C GLN X 210 10.74 24.02 25.82
N ILE X 211 12.06 23.93 25.65
CA ILE X 211 12.67 24.33 24.38
C ILE X 211 12.26 23.38 23.26
N GLU X 212 12.23 22.07 23.54
CA GLU X 212 11.77 21.10 22.56
C GLU X 212 10.28 21.23 22.27
N ALA X 213 9.51 21.82 23.17
CA ALA X 213 8.08 22.02 22.94
C ALA X 213 7.78 23.27 22.11
N GLY X 214 8.79 24.07 21.74
CA GLY X 214 8.56 25.15 20.80
C GLY X 214 9.00 26.55 21.20
N ALA X 215 9.49 26.74 22.42
CA ALA X 215 9.88 28.08 22.87
C ALA X 215 11.18 28.54 22.21
N ILE X 216 11.31 29.86 22.04
CA ILE X 216 12.51 30.44 21.45
C ILE X 216 13.49 30.98 22.49
N GLY X 217 13.21 30.80 23.77
CA GLY X 217 14.13 31.27 24.80
C GLY X 217 13.50 31.21 26.17
N PHE X 218 14.24 31.73 27.15
CA PHE X 218 13.78 31.80 28.54
C PHE X 218 13.64 33.23 29.06
N ILE X 220 13.77 34.97 32.92
CA ILE X 220 14.00 34.77 34.35
C ILE X 220 13.45 35.99 35.10
N HIS X 221 12.47 35.78 35.97
CA HIS X 221 11.75 36.88 36.60
C HIS X 221 11.74 36.70 38.11
N GLU X 222 11.90 37.82 38.83
CA GLU X 222 12.07 37.78 40.29
C GLU X 222 10.82 37.30 41.03
N ASP X 223 9.63 37.42 40.42
CA ASP X 223 8.42 36.92 41.07
C ASP X 223 8.35 35.39 41.09
N TRP X 224 9.02 34.71 40.17
CA TRP X 224 9.22 33.27 40.27
C TRP X 224 10.53 32.90 40.95
N GLY X 225 11.33 33.90 41.33
CA GLY X 225 12.55 33.69 42.08
C GLY X 225 13.81 33.71 41.24
N THR X 226 14.50 34.87 41.19
CA THR X 226 15.73 35.01 40.43
C THR X 226 16.88 34.83 41.41
N THR X 227 17.38 33.62 41.49
CA THR X 227 18.53 33.24 42.31
C THR X 227 19.71 32.93 41.41
N PRO X 228 20.94 33.01 41.92
CA PRO X 228 22.12 32.64 41.10
C PRO X 228 22.11 31.21 40.57
N SER X 229 21.54 30.26 41.32
CA SER X 229 21.43 28.87 40.87
C SER X 229 20.58 28.75 39.60
N ALA X 230 19.42 29.40 39.59
CA ALA X 230 18.52 29.34 38.43
C ALA X 230 19.14 30.01 37.20
N ILE X 231 19.84 31.14 37.42
CA ILE X 231 20.54 31.83 36.34
C ILE X 231 21.59 30.92 35.71
N ASN X 232 22.36 30.23 36.55
CA ASN X 232 23.41 29.33 36.07
C ASN X 232 22.86 28.16 35.26
N HIS X 233 21.81 27.51 35.78
CA HIS X 233 21.21 26.36 35.08
C HIS X 233 20.57 26.77 33.75
N ALA X 234 19.86 27.90 33.74
CA ALA X 234 19.19 28.35 32.51
C ALA X 234 20.21 28.71 31.43
N LEU X 235 21.32 29.37 31.81
CA LEU X 235 22.34 29.70 30.83
C LEU X 235 23.04 28.45 30.30
N ASP X 236 23.23 27.44 31.15
CA ASP X 236 23.81 26.18 30.69
C ASP X 236 22.94 25.50 29.64
N VAL X 237 21.62 25.47 29.85
CA VAL X 237 20.74 24.82 28.87
C VAL X 237 20.65 25.65 27.58
N ALA X 238 20.60 26.98 27.71
CA ALA X 238 20.51 27.85 26.54
C ALA X 238 21.77 27.81 25.67
N ASP X 239 22.93 27.56 26.29
CA ASP X 239 24.15 27.34 25.51
C ASP X 239 24.03 26.11 24.61
N LYS X 240 23.40 25.05 25.10
CA LYS X 240 23.26 23.83 24.32
C LYS X 240 22.19 23.93 23.24
N TYR X 241 21.13 24.72 23.45
CA TYR X 241 20.04 24.75 22.47
C TYR X 241 20.03 25.96 21.55
N ASP X 242 21.00 26.89 21.67
CA ASP X 242 21.13 28.10 20.83
C ASP X 242 19.86 28.96 20.87
N VAL X 243 19.48 29.38 22.08
CA VAL X 243 18.37 30.30 22.29
C VAL X 243 18.82 31.40 23.25
N GLN X 244 18.04 32.48 23.29
CA GLN X 244 18.34 33.67 24.07
C GLN X 244 17.74 33.60 25.48
N VAL X 245 18.36 34.33 26.42
CA VAL X 245 17.86 34.47 27.80
C VAL X 245 17.60 35.95 28.11
N ALA X 246 16.45 36.23 28.72
CA ALA X 246 16.11 37.56 29.23
C ALA X 246 15.92 37.52 30.75
N ILE X 247 16.21 38.63 31.43
CA ILE X 247 16.22 38.63 32.90
C ILE X 247 15.59 39.91 33.47
N HIS X 248 14.79 39.73 34.53
CA HIS X 248 14.35 40.75 35.47
C HIS X 248 14.99 40.36 36.80
N THR X 249 15.93 41.18 37.29
CA THR X 249 16.77 40.78 38.42
C THR X 249 16.12 41.07 39.77
N ASP X 250 16.80 40.64 40.83
CA ASP X 250 16.29 40.64 42.21
C ASP X 250 16.33 42.06 42.76
N THR X 251 15.15 42.70 42.87
CA THR X 251 15.05 44.06 43.37
C THR X 251 15.39 44.15 44.86
N LEU X 252 14.99 43.16 45.64
CA LEU X 252 15.10 43.18 47.09
C LEU X 252 16.51 42.87 47.60
N ASN X 253 17.45 42.51 46.70
CA ASN X 253 18.82 42.08 47.03
C ASN X 253 18.82 40.91 48.02
N GLU X 254 17.88 39.98 47.83
CA GLU X 254 17.60 38.94 48.83
C GLU X 254 18.74 37.91 48.90
N ALA X 255 19.19 37.43 47.75
CA ALA X 255 20.27 36.44 47.71
C ALA X 255 21.63 37.05 47.39
N GLY X 256 21.68 38.32 47.02
CA GLY X 256 22.91 38.96 46.62
C GLY X 256 22.65 40.26 45.91
N CYS X 257 23.74 40.97 45.62
CA CYS X 257 23.70 42.25 44.94
C CYS X 257 23.96 42.07 43.44
N VAL X 258 24.20 43.18 42.74
CA VAL X 258 24.31 43.16 41.27
C VAL X 258 25.57 42.41 40.82
N GLU X 259 26.67 42.52 41.59
CA GLU X 259 27.90 41.82 41.21
C GLU X 259 27.76 40.31 41.39
N ASP X 260 26.91 39.86 42.32
CA ASP X 260 26.65 38.43 42.45
C ASP X 260 25.84 37.89 41.27
N THR X 261 24.88 38.68 40.77
CA THR X 261 24.15 38.32 39.55
C THR X 261 25.10 38.25 38.35
N MET X 262 26.01 39.22 38.21
CA MET X 262 26.99 39.20 37.14
C MET X 262 27.96 38.03 37.26
N ALA X 263 28.30 37.64 38.49
CA ALA X 263 29.13 36.44 38.69
C ALA X 263 28.39 35.17 38.28
N ALA X 264 27.08 35.11 38.54
CA ALA X 264 26.29 33.96 38.08
C ALA X 264 26.20 33.92 36.56
N ILE X 265 26.09 35.08 35.91
CA ILE X 265 26.03 35.12 34.45
C ILE X 265 27.34 34.64 33.82
N ALA X 266 28.48 35.02 34.42
CA ALA X 266 29.82 34.50 34.11
C ALA X 266 30.24 34.73 32.65
N GLY X 267 29.99 35.93 32.14
CA GLY X 267 30.44 36.31 30.82
C GLY X 267 29.59 35.85 29.65
N ARG X 268 28.49 35.14 29.90
CA ARG X 268 27.65 34.63 28.82
C ARG X 268 26.62 35.69 28.38
N THR X 269 26.10 35.53 27.16
CA THR X 269 25.22 36.52 26.53
C THR X 269 23.87 36.60 27.25
N MET X 270 23.43 37.83 27.55
CA MET X 270 22.17 38.05 28.28
C MET X 270 21.50 39.34 27.81
N HIS X 271 20.18 39.27 27.62
CA HIS X 271 19.34 40.42 27.30
C HIS X 271 18.68 40.91 28.59
N THR X 272 18.88 42.17 28.95
CA THR X 272 18.34 42.71 30.19
C THR X 272 17.14 43.61 29.89
N PHE X 273 16.01 43.30 30.51
CA PHE X 273 14.81 44.12 30.38
C PHE X 273 14.85 45.27 31.38
N HIS X 274 14.31 46.43 30.96
CA HIS X 274 14.16 47.69 31.73
C HIS X 274 15.37 47.99 32.63
N THR X 275 16.52 48.15 31.96
CA THR X 275 17.82 48.19 32.63
C THR X 275 17.99 49.43 33.51
N GLU X 276 17.19 50.48 33.31
CA GLU X 276 17.23 51.64 34.19
C GLU X 276 16.79 51.29 35.61
N GLY X 277 15.78 50.43 35.74
CA GLY X 277 15.40 49.87 37.03
C GLY X 277 14.08 50.31 37.59
N ALA X 278 13.37 51.23 36.93
CA ALA X 278 12.04 51.61 37.40
C ALA X 278 11.05 50.46 37.27
N GLY X 279 11.20 49.63 36.25
CA GLY X 279 10.39 48.43 36.11
C GLY X 279 10.82 47.24 36.95
N GLY X 280 11.93 47.35 37.68
CA GLY X 280 12.43 46.26 38.49
C GLY X 280 13.92 46.03 38.29
N GLY X 281 14.57 45.49 39.32
CA GLY X 281 16.00 45.26 39.30
C GLY X 281 16.67 45.71 40.57
N HIS X 282 17.93 45.27 40.79
CA HIS X 282 18.74 45.54 41.98
C HIS X 282 18.75 47.01 42.39
N ALA X 283 18.18 47.31 43.53
CA ALA X 283 18.14 48.69 44.02
C ALA X 283 19.46 49.03 44.71
N PRO X 284 20.11 50.13 44.33
CA PRO X 284 19.67 51.10 43.32
C PRO X 284 20.47 51.08 42.02
N ASP X 285 21.29 50.05 41.79
CA ASP X 285 22.40 50.16 40.84
C ASP X 285 22.37 49.10 39.73
N ILE X 286 21.17 48.72 39.25
CA ILE X 286 21.10 47.77 38.13
C ILE X 286 21.59 48.40 36.82
N ILE X 287 21.53 49.73 36.70
CA ILE X 287 21.91 50.43 35.48
C ILE X 287 23.41 50.29 35.14
N LYS X 288 24.25 49.87 36.08
CA LYS X 288 25.67 49.75 35.80
C LYS X 288 26.01 48.58 34.86
N VAL X 289 25.10 47.62 34.67
CA VAL X 289 25.41 46.50 33.77
C VAL X 289 25.34 46.88 32.30
N ALA X 290 24.81 48.07 31.98
CA ALA X 290 24.71 48.50 30.59
C ALA X 290 26.06 48.90 29.98
N GLY X 291 27.13 48.97 30.77
CA GLY X 291 28.44 49.17 30.21
C GLY X 291 29.20 47.92 29.82
N GLU X 292 28.66 46.73 30.12
CA GLU X 292 29.40 45.47 29.99
C GLU X 292 29.35 44.93 28.56
N HIS X 293 30.33 44.09 28.23
CA HIS X 293 30.46 43.56 26.87
C HIS X 293 29.40 42.50 26.55
N ASN X 294 29.07 41.63 27.51
CA ASN X 294 28.18 40.52 27.23
C ASN X 294 26.70 40.85 27.43
N ILE X 295 26.36 42.08 27.78
CA ILE X 295 24.98 42.47 28.08
C ILE X 295 24.40 43.22 26.89
N LEU X 296 23.19 42.82 26.47
CA LEU X 296 22.40 43.57 25.49
C LEU X 296 21.32 44.34 26.24
N PRO X 297 21.48 45.65 26.47
CA PRO X 297 20.57 46.36 27.37
C PRO X 297 19.39 47.03 26.67
N ALA X 298 18.24 46.95 27.31
CA ALA X 298 16.99 47.47 26.78
C ALA X 298 16.29 48.35 27.82
N SER X 299 15.55 49.34 27.32
CA SER X 299 14.68 50.15 28.16
C SER X 299 13.24 49.98 27.70
N THR X 300 12.30 50.15 28.63
CA THR X 300 10.88 50.12 28.32
C THR X 300 10.35 51.54 28.18
N ASN X 301 9.28 51.70 27.41
CA ASN X 301 8.79 53.04 27.08
C ASN X 301 8.15 53.95 28.14
N PRO X 302 7.61 53.53 29.31
CA PRO X 302 6.96 54.54 30.18
C PRO X 302 7.92 55.52 30.86
N THR X 303 9.22 55.25 30.88
CA THR X 303 10.19 56.18 31.44
C THR X 303 10.83 57.09 30.39
N ILE X 304 10.55 56.90 29.11
CA ILE X 304 11.10 57.79 28.08
C ILE X 304 9.96 58.46 27.31
N PRO X 305 10.07 59.76 26.99
CA PRO X 305 11.08 60.68 27.48
C PRO X 305 10.79 61.15 28.91
N PHE X 306 11.79 61.68 29.60
CA PHE X 306 11.64 62.15 30.97
C PHE X 306 10.88 63.46 30.99
N THR X 307 9.69 63.46 31.59
CA THR X 307 8.81 64.63 31.63
C THR X 307 8.55 65.03 33.08
N VAL X 308 7.85 66.17 33.24
CA VAL X 308 7.56 66.68 34.58
C VAL X 308 6.47 65.90 35.29
N ASN X 309 5.72 65.04 34.60
CA ASN X 309 4.72 64.20 35.23
C ASN X 309 5.18 62.77 35.50
N THR X 310 6.44 62.45 35.16
CA THR X 310 6.89 61.05 35.15
C THR X 310 7.01 60.47 36.55
N GLU X 311 7.65 61.23 37.46
CA GLU X 311 7.96 60.72 38.80
C GLU X 311 6.71 60.49 39.64
N ALA X 312 5.78 61.44 39.63
CA ALA X 312 4.55 61.32 40.40
C ALA X 312 3.68 60.17 39.89
N GLU X 313 3.59 60.02 38.56
CA GLU X 313 2.82 58.93 37.97
C GLU X 313 3.40 57.57 38.35
N HIS X 314 4.73 57.43 38.26
CA HIS X 314 5.36 56.15 38.59
C HIS X 314 5.26 55.85 40.09
N MET X 315 5.35 56.88 40.94
CA MET X 315 5.20 56.67 42.38
C MET X 315 3.80 56.19 42.72
N ASP X 316 2.76 56.81 42.13
CA ASP X 316 1.41 56.38 42.43
C ASP X 316 1.11 55.02 41.82
N MET X 317 1.74 54.66 40.69
CA MET X 317 1.62 53.30 40.19
C MET X 317 2.25 52.28 41.13
N LEU X 318 3.39 52.64 41.73
CA LEU X 318 4.05 51.75 42.67
C LEU X 318 3.24 51.56 43.95
N MET X 319 2.57 52.62 44.42
CA MET X 319 1.77 52.50 45.65
C MET X 319 0.55 51.60 45.46
N VAL X 320 -0.04 51.61 44.26
CA VAL X 320 -1.25 50.82 44.01
C VAL X 320 -0.89 49.33 43.92
N CYS X 321 0.11 48.99 43.10
CA CYS X 321 0.40 47.60 42.77
C CYS X 321 0.98 46.84 43.95
N HIS X 322 1.76 47.49 44.80
CA HIS X 322 2.33 46.84 45.97
C HIS X 322 1.46 46.98 47.21
N HIS X 323 0.36 47.73 47.13
CA HIS X 323 -0.56 48.02 48.24
C HIS X 323 0.16 48.64 49.43
N LEU X 324 0.97 49.65 49.16
CA LEU X 324 1.73 50.33 50.19
C LEU X 324 0.88 51.38 50.90
N ASP X 325 1.35 51.79 52.07
CA ASP X 325 0.70 52.81 52.87
C ASP X 325 1.72 53.85 53.28
N LYS X 326 1.32 55.14 53.22
CA LYS X 326 2.23 56.22 53.57
C LYS X 326 2.45 56.36 55.07
N SER X 327 1.67 55.68 55.90
CA SER X 327 1.83 55.78 57.34
C SER X 327 2.87 54.82 57.89
N ILE X 328 3.46 53.97 57.06
CA ILE X 328 4.45 52.97 57.49
C ILE X 328 5.82 53.41 56.98
N LYS X 329 6.79 53.49 57.90
CA LYS X 329 8.11 53.99 57.53
C LYS X 329 8.90 53.03 56.63
N GLU X 330 8.53 51.76 56.58
CA GLU X 330 9.23 50.82 55.71
C GLU X 330 8.70 50.82 54.28
N ASP X 331 7.40 51.08 54.10
CA ASP X 331 6.85 51.23 52.76
C ASP X 331 7.35 52.50 52.10
N VAL X 332 7.53 53.57 52.87
CA VAL X 332 8.07 54.81 52.34
C VAL X 332 9.55 54.64 51.98
N GLN X 333 10.31 53.92 52.82
CA GLN X 333 11.72 53.66 52.53
C GLN X 333 11.88 52.75 51.31
N PHE X 334 10.97 51.79 51.15
CA PHE X 334 11.00 50.94 49.96
C PHE X 334 10.71 51.73 48.70
N ALA X 335 9.70 52.61 48.74
CA ALA X 335 9.28 53.35 47.56
C ALA X 335 10.34 54.36 47.11
N ASP X 336 11.00 55.01 48.07
CA ASP X 336 12.02 56.00 47.71
C ASP X 336 13.30 55.36 47.17
N SER X 337 13.54 54.07 47.44
CA SER X 337 14.66 53.38 46.84
C SER X 337 14.33 52.79 45.47
N ARG X 338 13.06 52.83 45.05
CA ARG X 338 12.62 52.20 43.81
C ARG X 338 12.60 53.17 42.63
N ILE X 339 12.05 54.36 42.81
CA ILE X 339 11.70 55.20 41.66
C ILE X 339 12.91 55.94 41.11
N ARG X 340 13.60 56.72 41.96
CA ARG X 340 14.90 57.34 41.67
C ARG X 340 14.95 58.22 40.43
N PRO X 341 14.51 59.48 40.51
CA PRO X 341 14.55 60.36 39.31
C PRO X 341 15.95 60.62 38.74
N GLN X 342 17.01 60.37 39.50
CA GLN X 342 18.37 60.54 39.00
C GLN X 342 18.70 59.57 37.86
N THR X 343 18.43 58.26 38.06
CA THR X 343 18.69 57.27 37.01
C THR X 343 17.73 57.42 35.84
N ILE X 344 16.48 57.81 36.12
CA ILE X 344 15.49 58.07 35.08
C ILE X 344 15.95 59.21 34.18
N ALA X 345 16.50 60.28 34.79
CA ALA X 345 17.06 61.37 34.02
C ALA X 345 18.29 60.94 33.23
N ALA X 346 19.10 60.04 33.79
CA ALA X 346 20.30 59.58 33.09
C ALA X 346 19.99 58.72 31.87
N GLU X 347 18.82 58.05 31.88
CA GLU X 347 18.47 57.08 30.84
C GLU X 347 18.38 57.69 29.43
N ASP X 348 17.79 58.89 29.30
CA ASP X 348 17.68 59.56 28.00
C ASP X 348 19.04 59.86 27.39
N THR X 349 19.96 60.40 28.21
CA THR X 349 21.30 60.71 27.73
C THR X 349 22.07 59.45 27.38
N LEU X 350 21.88 58.37 28.15
CA LEU X 350 22.51 57.10 27.79
C LEU X 350 21.98 56.55 26.47
N HIS X 351 20.69 56.78 26.17
CA HIS X 351 20.16 56.43 24.86
C HIS X 351 20.82 57.25 23.75
N ASP X 352 21.06 58.54 24.01
CA ASP X 352 21.66 59.38 22.99
C ASP X 352 23.14 59.05 22.73
N MET X 353 23.82 58.44 23.69
CA MET X 353 25.22 58.07 23.55
C MET X 353 25.43 56.69 22.92
N GLY X 354 24.37 55.94 22.67
CA GLY X 354 24.53 54.59 22.17
C GLY X 354 24.90 53.55 23.20
N ILE X 355 24.64 53.81 24.48
CA ILE X 355 24.90 52.85 25.55
C ILE X 355 23.70 51.92 25.76
N PHE X 356 22.48 52.44 25.67
CA PHE X 356 21.28 51.61 25.55
C PHE X 356 21.02 51.35 24.07
N SER X 357 20.61 50.13 23.74
CA SER X 357 20.56 49.72 22.33
C SER X 357 19.19 49.25 21.84
N ILE X 358 18.22 48.99 22.71
CA ILE X 358 16.92 48.43 22.34
C ILE X 358 15.82 49.18 23.12
N THR X 359 14.71 49.51 22.44
CA THR X 359 13.51 49.98 23.09
C THR X 359 12.38 48.95 22.94
N SER X 360 11.45 48.95 23.91
CA SER X 360 10.38 47.96 23.96
C SER X 360 9.21 48.52 24.76
N SER X 361 8.16 47.69 24.92
CA SER X 361 6.90 48.17 25.48
C SER X 361 6.70 47.86 26.97
N ASP X 362 6.82 46.59 27.38
CA ASP X 362 6.34 46.04 28.66
C ASP X 362 4.81 46.18 28.77
N SER X 363 4.13 45.55 27.80
CA SER X 363 2.74 45.86 27.46
C SER X 363 1.74 45.46 28.55
N GLN X 364 0.92 46.44 28.97
CA GLN X 364 -0.10 46.33 30.02
C GLN X 364 0.46 45.89 31.38
N ALA X 365 1.78 46.02 31.57
CA ALA X 365 2.49 45.65 32.78
C ALA X 365 3.52 46.74 33.10
N MET X 366 3.06 47.99 33.21
CA MET X 366 3.84 49.24 33.17
C MET X 366 4.52 49.42 31.80
N GLY X 367 3.66 49.63 30.82
CA GLY X 367 4.09 50.02 29.49
C GLY X 367 2.97 50.04 28.46
N ARG X 368 3.18 50.72 27.33
CA ARG X 368 2.11 51.03 26.39
C ARG X 368 2.45 50.46 25.02
N VAL X 369 1.67 49.46 24.58
CA VAL X 369 2.03 48.65 23.42
C VAL X 369 1.90 49.42 22.10
N GLY X 370 1.12 50.49 22.05
CA GLY X 370 1.00 51.25 20.82
C GLY X 370 1.89 52.47 20.73
N GLU X 371 2.90 52.60 21.59
CA GLU X 371 3.65 53.84 21.69
C GLU X 371 5.17 53.68 21.65
N VAL X 372 5.70 52.52 21.27
CA VAL X 372 7.15 52.28 21.28
C VAL X 372 7.87 53.18 20.26
N ILE X 373 7.38 53.19 19.02
CA ILE X 373 7.99 53.98 17.95
C ILE X 373 7.87 55.47 18.24
N THR X 374 6.67 55.91 18.68
CA THR X 374 6.42 57.31 18.98
C THR X 374 7.31 57.82 20.11
N ARG X 375 7.45 57.04 21.19
CA ARG X 375 8.27 57.50 22.30
C ARG X 375 9.77 57.46 21.97
N THR X 376 10.19 56.54 21.09
CA THR X 376 11.56 56.56 20.57
C THR X 376 11.87 57.87 19.84
N TRP X 377 10.97 58.29 18.95
CA TRP X 377 11.24 59.52 18.20
C TRP X 377 11.07 60.77 19.06
N GLN X 378 10.18 60.74 20.06
CA GLN X 378 10.08 61.84 21.03
C GLN X 378 11.38 62.00 21.81
N THR X 379 11.99 60.89 22.21
CA THR X 379 13.28 60.95 22.93
C THR X 379 14.39 61.51 22.03
N ALA X 380 14.42 61.09 20.76
CA ALA X 380 15.41 61.62 19.82
C ALA X 380 15.26 63.13 19.63
N ASP X 381 14.01 63.60 19.51
CA ASP X 381 13.76 65.03 19.32
C ASP X 381 14.12 65.85 20.56
N LYS X 382 13.80 65.34 21.75
CA LYS X 382 14.17 66.02 22.99
C LYS X 382 15.69 66.10 23.16
N ASN X 383 16.40 65.02 22.82
CA ASN X 383 17.86 65.05 22.93
C ASN X 383 18.49 65.98 21.90
N LYS X 384 17.91 66.10 20.69
CA LYS X 384 18.43 67.09 19.75
C LYS X 384 18.18 68.51 20.24
N LYS X 385 17.03 68.77 20.86
CA LYS X 385 16.76 70.10 21.39
C LYS X 385 17.68 70.44 22.56
N GLU X 386 18.06 69.46 23.37
CA GLU X 386 18.90 69.75 24.53
C GLU X 386 20.40 69.78 24.21
N PHE X 387 20.92 68.78 23.50
CA PHE X 387 22.35 68.65 23.28
C PHE X 387 22.82 69.06 21.88
N GLY X 388 21.91 69.45 21.00
CA GLY X 388 22.30 69.87 19.67
C GLY X 388 22.60 68.71 18.73
N ARG X 389 23.09 69.09 17.56
CA ARG X 389 23.43 68.11 16.52
C ARG X 389 24.67 67.31 16.92
N LEU X 390 24.65 66.00 16.63
CA LEU X 390 25.73 65.11 17.01
C LEU X 390 27.01 65.44 16.25
N LYS X 391 28.15 65.12 16.87
CA LYS X 391 29.44 65.40 16.25
C LYS X 391 29.80 64.40 15.15
N GLU X 392 29.10 63.27 15.07
CA GLU X 392 29.35 62.29 14.03
C GLU X 392 28.64 62.60 12.72
N GLU X 393 27.87 63.70 12.66
CA GLU X 393 27.11 64.01 11.45
C GLU X 393 28.03 64.51 10.34
N LYS X 394 27.67 64.17 9.11
CA LYS X 394 28.36 64.63 7.90
C LYS X 394 27.37 65.46 7.11
N GLY X 395 27.53 66.77 7.14
CA GLY X 395 26.61 67.65 6.44
C GLY X 395 25.57 68.24 7.36
N ASP X 396 24.69 69.04 6.76
CA ASP X 396 23.67 69.78 7.49
C ASP X 396 22.39 68.96 7.56
N ASN X 397 22.47 67.84 8.27
CA ASN X 397 21.34 66.94 8.45
C ASN X 397 21.52 66.17 9.75
N ASP X 398 20.57 65.28 10.02
CA ASP X 398 20.56 64.47 11.24
C ASP X 398 20.56 62.97 10.94
N ASN X 399 21.24 62.56 9.85
CA ASN X 399 21.14 61.18 9.35
C ASN X 399 21.72 60.16 10.33
N PHE X 400 22.82 60.50 11.00
CA PHE X 400 23.43 59.56 11.96
C PHE X 400 22.52 59.31 13.16
N ARG X 401 21.91 60.37 13.70
CA ARG X 401 20.99 60.22 14.83
C ARG X 401 19.74 59.44 14.42
N ILE X 402 19.28 59.66 13.19
CA ILE X 402 18.11 58.96 12.66
C ILE X 402 18.39 57.46 12.57
N LYS X 403 19.56 57.09 12.05
CA LYS X 403 19.95 55.67 11.98
C LYS X 403 20.12 55.05 13.36
N ARG X 404 20.73 55.80 14.30
CA ARG X 404 20.94 55.31 15.66
C ARG X 404 19.62 55.02 16.37
N TYR X 405 18.65 55.91 16.26
CA TYR X 405 17.37 55.67 16.93
C TYR X 405 16.48 54.68 16.18
N LEU X 406 16.58 54.62 14.85
CA LEU X 406 15.80 53.64 14.10
C LEU X 406 16.26 52.21 14.36
N SER X 407 17.57 52.01 14.59
CA SER X 407 18.10 50.69 14.89
C SER X 407 17.57 50.11 16.21
N LYS X 408 17.10 50.96 17.13
CA LYS X 408 16.68 50.50 18.45
C LYS X 408 15.43 49.63 18.41
N TYR X 409 14.55 49.82 17.43
CA TYR X 409 13.36 49.00 17.34
C TYR X 409 13.26 48.16 16.06
N THR X 410 14.26 48.17 15.18
CA THR X 410 14.20 47.32 14.00
C THR X 410 15.30 46.25 13.98
N ILE X 411 16.56 46.63 13.84
CA ILE X 411 17.58 45.62 13.54
C ILE X 411 18.19 45.03 14.81
N ASN X 412 18.35 45.84 15.87
CA ASN X 412 18.98 45.33 17.10
C ASN X 412 18.15 44.28 17.84
N PRO X 413 16.83 44.43 18.06
CA PRO X 413 16.07 43.30 18.66
C PRO X 413 16.04 42.04 17.77
N ALA X 414 16.06 42.21 16.45
CA ALA X 414 16.11 41.07 15.54
C ALA X 414 17.42 40.29 15.68
N ILE X 415 18.53 41.01 15.82
CA ILE X 415 19.82 40.38 16.08
C ILE X 415 19.81 39.69 17.44
N ALA X 416 19.25 40.36 18.45
CA ALA X 416 19.25 39.82 19.81
C ALA X 416 18.46 38.53 19.94
N HIS X 417 17.36 38.38 19.20
CA HIS X 417 16.61 37.13 19.30
C HIS X 417 16.81 36.20 18.12
N GLY X 418 17.85 36.43 17.32
CA GLY X 418 18.25 35.51 16.27
C GLY X 418 17.31 35.34 15.10
N ILE X 419 16.65 36.41 14.67
CA ILE X 419 15.76 36.38 13.53
C ILE X 419 16.18 37.38 12.45
N SER X 420 17.41 37.89 12.52
CA SER X 420 17.85 38.94 11.59
C SER X 420 18.11 38.43 10.17
N GLU X 421 18.13 37.12 9.95
CA GLU X 421 18.18 36.64 8.58
C GLU X 421 16.83 36.75 7.88
N TYR X 422 15.73 36.94 8.63
CA TYR X 422 14.39 37.01 8.05
C TYR X 422 13.82 38.43 8.03
N VAL X 423 13.88 39.16 9.14
CA VAL X 423 13.22 40.45 9.29
C VAL X 423 14.20 41.47 9.85
N GLY X 424 13.74 42.72 9.97
CA GLY X 424 14.50 43.77 10.64
C GLY X 424 15.02 44.88 9.75
N SER X 425 15.05 44.72 8.43
CA SER X 425 15.59 45.74 7.55
C SER X 425 15.06 45.56 6.14
N VAL X 426 15.31 46.57 5.30
CA VAL X 426 14.89 46.56 3.90
C VAL X 426 16.09 46.11 3.08
N GLU X 427 16.22 44.80 2.87
CA GLU X 427 17.33 44.23 2.11
C GLU X 427 16.82 43.11 1.22
N VAL X 428 17.57 42.85 0.14
CA VAL X 428 17.21 41.80 -0.82
C VAL X 428 17.35 40.43 -0.15
N GLY X 429 16.30 39.61 -0.27
CA GLY X 429 16.28 38.29 0.30
C GLY X 429 15.52 38.16 1.62
N LYS X 430 15.13 39.27 2.23
CA LYS X 430 14.40 39.21 3.49
C LYS X 430 12.89 39.17 3.25
N VAL X 431 12.16 38.86 4.31
CA VAL X 431 10.69 38.85 4.29
C VAL X 431 10.18 40.27 4.07
N ALA X 432 9.20 40.42 3.18
CA ALA X 432 8.65 41.73 2.85
C ALA X 432 7.58 42.13 3.88
N ASP X 433 8.05 42.57 5.05
CA ASP X 433 7.23 43.22 6.07
C ASP X 433 7.58 44.70 6.09
N LEU X 434 6.78 45.53 5.42
CA LEU X 434 7.11 46.93 5.16
C LEU X 434 5.99 47.87 5.61
N VAL X 435 6.37 49.09 5.98
CA VAL X 435 5.45 50.12 6.44
C VAL X 435 5.64 51.38 5.58
N LEU X 436 4.53 51.94 5.09
CA LEU X 436 4.52 53.17 4.31
C LEU X 436 4.07 54.34 5.17
N TRP X 437 4.87 55.42 5.19
CA TRP X 437 4.58 56.60 5.97
C TRP X 437 4.51 57.84 5.08
N SER X 438 3.56 58.73 5.37
CA SER X 438 3.63 60.12 4.93
C SER X 438 4.57 60.89 5.85
N PRO X 439 5.45 61.74 5.29
CA PRO X 439 6.44 62.45 6.14
C PRO X 439 5.84 63.38 7.19
N ALA X 440 4.66 63.95 6.94
CA ALA X 440 4.01 64.77 7.95
C ALA X 440 3.53 63.94 9.14
N PHE X 441 3.24 62.65 8.92
CA PHE X 441 2.76 61.77 9.98
C PHE X 441 3.80 60.72 10.39
N PHE X 442 5.09 60.95 10.11
CA PHE X 442 6.12 59.95 10.39
C PHE X 442 6.28 59.73 11.88
N GLY X 443 6.28 58.47 12.29
CA GLY X 443 6.48 58.10 13.67
C GLY X 443 5.23 57.98 14.51
N VAL X 444 4.07 58.39 14.00
CA VAL X 444 2.86 58.31 14.82
C VAL X 444 1.73 57.55 14.11
N LYS X 445 1.46 57.84 12.83
CA LYS X 445 0.34 57.20 12.14
C LYS X 445 0.72 56.80 10.71
N PRO X 446 0.87 55.51 10.42
CA PRO X 446 1.28 55.08 9.08
C PRO X 446 0.12 55.07 8.09
N ASN X 447 0.48 54.94 6.80
CA ASN X 447 -0.52 54.82 5.74
C ASN X 447 -1.00 53.38 5.55
N MET X 448 -0.07 52.43 5.38
CA MET X 448 -0.46 51.04 5.16
C MET X 448 0.67 50.11 5.60
N ILE X 449 0.30 48.85 5.84
CA ILE X 449 1.21 47.79 6.25
C ILE X 449 1.19 46.70 5.19
N ILE X 450 2.36 46.31 4.72
CA ILE X 450 2.51 45.16 3.82
C ILE X 450 3.08 44.01 4.63
N LYS X 451 2.38 42.87 4.63
CA LYS X 451 2.73 41.72 5.45
C LYS X 451 2.92 40.50 4.55
N GLY X 452 4.15 40.00 4.52
CA GLY X 452 4.46 38.83 3.70
C GLY X 452 4.29 39.04 2.22
N GLY X 453 4.46 40.27 1.73
CA GLY X 453 4.29 40.58 0.33
C GLY X 453 2.89 40.94 -0.13
N PHE X 454 1.94 41.10 0.79
CA PHE X 454 0.57 41.46 0.43
C PHE X 454 0.03 42.44 1.48
N ILE X 455 -0.88 43.32 1.06
CA ILE X 455 -1.34 44.40 1.92
C ILE X 455 -2.29 43.85 2.99
N ALA X 456 -1.99 44.13 4.26
CA ALA X 456 -2.75 43.61 5.39
C ALA X 456 -3.57 44.65 6.14
N LEU X 457 -3.17 45.92 6.12
CA LEU X 457 -3.87 46.95 6.86
C LEU X 457 -3.65 48.29 6.16
N SER X 458 -4.66 49.15 6.18
CA SER X 458 -4.52 50.49 5.60
C SER X 458 -5.55 51.43 6.21
N GLN X 459 -5.26 52.73 6.12
CA GLN X 459 -6.29 53.74 6.30
C GLN X 459 -7.32 53.61 5.19
N MET X 460 -8.60 53.75 5.55
CA MET X 460 -9.66 53.49 4.60
C MET X 460 -10.92 54.25 5.00
N GLY X 461 -11.54 54.92 4.03
CA GLY X 461 -12.79 55.61 4.24
C GLY X 461 -13.98 54.67 4.17
N ASP X 462 -15.17 55.27 4.15
CA ASP X 462 -16.41 54.51 4.25
C ASP X 462 -16.66 53.68 3.00
N ALA X 463 -17.24 52.49 3.22
CA ALA X 463 -17.28 51.46 2.19
C ALA X 463 -18.28 51.79 1.08
N ASN X 464 -19.30 52.60 1.36
CA ASN X 464 -20.29 52.95 0.36
C ASN X 464 -19.85 54.10 -0.54
N ALA X 465 -18.70 54.72 -0.27
CA ALA X 465 -18.32 55.94 -0.96
C ALA X 465 -17.80 55.66 -2.38
N SER X 466 -17.73 56.73 -3.18
CA SER X 466 -17.26 56.65 -4.56
C SER X 466 -15.74 56.66 -4.68
N ILE X 467 -15.01 56.96 -3.62
CA ILE X 467 -13.55 56.89 -3.57
C ILE X 467 -13.13 56.44 -2.17
N PRO X 468 -11.91 55.93 -1.99
CA PRO X 468 -11.52 55.46 -0.64
C PRO X 468 -11.18 56.57 0.36
N THR X 469 -11.06 57.82 -0.05
CA THR X 469 -10.70 58.95 0.81
C THR X 469 -11.73 59.59 1.74
N PRO X 470 -13.03 59.73 1.43
CA PRO X 470 -13.91 60.52 2.31
C PRO X 470 -14.21 59.89 3.67
N GLN X 471 -14.63 60.77 4.58
CA GLN X 471 -14.71 60.48 6.01
C GLN X 471 -15.87 59.56 6.34
N PRO X 472 -15.76 58.76 7.43
CA PRO X 472 -14.66 58.61 8.39
C PRO X 472 -13.54 57.68 7.92
N VAL X 473 -12.31 58.10 8.17
CA VAL X 473 -11.11 57.33 7.80
C VAL X 473 -10.54 56.74 9.10
N TYR X 474 -10.43 55.42 9.15
CA TYR X 474 -9.73 54.75 10.23
C TYR X 474 -9.08 53.47 9.69
N TYR X 475 -8.32 52.79 10.55
CA TYR X 475 -7.55 51.61 10.14
C TYR X 475 -8.45 50.38 10.04
N ARG X 476 -8.45 49.72 8.89
CA ARG X 476 -9.28 48.57 8.63
C ARG X 476 -8.45 47.41 8.07
N GLU X 477 -8.91 46.19 8.34
CA GLU X 477 -8.23 44.99 7.85
C GLU X 477 -8.38 44.85 6.34
N MET X 478 -7.29 44.45 5.68
CA MET X 478 -7.26 44.22 4.24
C MET X 478 -7.26 42.71 3.95
N PHE X 479 -7.03 42.33 2.68
CA PHE X 479 -7.29 40.95 2.27
C PHE X 479 -6.26 39.95 2.81
N ALA X 480 -5.04 40.39 3.12
CA ALA X 480 -4.06 39.48 3.72
C ALA X 480 -4.38 39.10 5.17
N HIS X 481 -5.32 39.80 5.80
CA HIS X 481 -5.80 39.54 7.15
C HIS X 481 -6.81 38.40 7.25
N HIS X 482 -7.30 37.88 6.13
CA HIS X 482 -8.52 37.07 6.11
C HIS X 482 -8.31 35.72 5.45
N GLY X 483 -9.21 34.78 5.77
CA GLY X 483 -9.28 33.50 5.07
C GLY X 483 -8.07 32.62 5.31
N LYS X 484 -7.68 31.89 4.28
CA LYS X 484 -6.45 31.11 4.31
C LYS X 484 -5.23 31.90 3.84
N ALA X 485 -5.43 33.14 3.38
CA ALA X 485 -4.32 33.98 2.97
C ALA X 485 -3.45 34.39 4.17
N LYS X 486 -4.04 34.54 5.35
CA LYS X 486 -3.28 34.92 6.54
C LYS X 486 -2.31 33.83 6.99
N TYR X 487 -2.54 32.56 6.61
CA TYR X 487 -1.58 31.51 6.91
C TYR X 487 -0.30 31.68 6.09
N ASP X 488 -0.42 32.13 4.85
CA ASP X 488 0.74 32.30 3.99
C ASP X 488 1.53 33.58 4.28
N ALA X 489 0.94 34.53 4.99
CA ALA X 489 1.56 35.83 5.19
C ALA X 489 2.21 36.00 6.56
N ASN X 490 2.15 35.01 7.45
CA ASN X 490 2.61 35.17 8.82
C ASN X 490 3.54 34.03 9.22
N ILE X 491 4.40 34.31 10.21
CA ILE X 491 5.46 33.40 10.64
C ILE X 491 5.32 33.15 12.14
N THR X 492 5.43 31.89 12.56
CA THR X 492 5.64 31.52 13.96
C THR X 492 7.08 31.04 14.13
N PHE X 493 7.85 31.73 14.97
CA PHE X 493 9.25 31.37 15.24
C PHE X 493 9.32 30.33 16.36
N VAL X 494 10.17 29.33 16.19
CA VAL X 494 10.41 28.27 17.18
C VAL X 494 11.91 28.01 17.28
N SER X 495 12.30 27.14 18.20
CA SER X 495 13.69 26.72 18.31
C SER X 495 14.04 25.73 17.20
N GLN X 496 15.34 25.59 16.96
CA GLN X 496 15.82 24.65 15.93
C GLN X 496 15.51 23.21 16.31
N ALA X 497 15.60 22.88 17.60
CA ALA X 497 15.30 21.53 18.07
C ALA X 497 13.83 21.17 17.87
N ALA X 498 12.92 22.11 18.15
CA ALA X 498 11.50 21.85 17.93
C ALA X 498 11.17 21.76 16.44
N TYR X 499 11.85 22.57 15.63
CA TYR X 499 11.68 22.52 14.18
C TYR X 499 12.11 21.18 13.60
N ASP X 500 13.24 20.64 14.10
CA ASP X 500 13.74 19.36 13.58
C ASP X 500 12.89 18.17 14.01
N LYS X 501 12.22 18.26 15.16
CA LYS X 501 11.35 17.17 15.58
C LYS X 501 9.95 17.26 14.98
N GLY X 502 9.70 18.21 14.08
CA GLY X 502 8.44 18.32 13.38
C GLY X 502 7.29 18.88 14.20
N ILE X 503 7.49 20.04 14.83
CA ILE X 503 6.44 20.63 15.67
C ILE X 503 5.27 21.14 14.81
N LYS X 504 5.53 21.55 13.56
CA LYS X 504 4.48 22.07 12.68
C LYS X 504 3.45 20.99 12.36
N GLU X 505 3.91 19.79 12.06
CA GLU X 505 3.01 18.69 11.73
C GLU X 505 2.36 18.10 12.98
N GLU X 506 3.08 18.09 14.11
CA GLU X 506 2.55 17.51 15.34
C GLU X 506 1.38 18.32 15.89
N LEU X 507 1.47 19.65 15.86
CA LEU X 507 0.41 20.49 16.38
C LEU X 507 -0.58 20.95 15.31
N GLY X 508 -0.38 20.55 14.06
CA GLY X 508 -1.28 20.93 12.97
C GLY X 508 -1.30 22.41 12.63
N LEU X 509 -0.15 23.08 12.67
CA LEU X 509 -0.09 24.51 12.37
C LEU X 509 -0.08 24.75 10.86
N GLU X 510 -0.79 25.79 10.43
CA GLU X 510 -0.84 26.15 9.02
C GLU X 510 -0.02 27.37 8.66
N ARG X 511 0.44 28.15 9.64
CA ARG X 511 1.35 29.26 9.40
C ARG X 511 2.73 28.75 8.97
N GLN X 512 3.55 29.65 8.43
CA GLN X 512 4.96 29.35 8.23
C GLN X 512 5.66 29.20 9.58
N VAL X 513 6.53 28.20 9.68
CA VAL X 513 7.29 27.93 10.91
C VAL X 513 8.77 27.94 10.58
N LEU X 514 9.53 28.80 11.25
CA LEU X 514 10.95 29.01 10.99
C LEU X 514 11.76 28.99 12.28
N PRO X 515 13.00 28.50 12.24
CA PRO X 515 13.82 28.45 13.45
C PRO X 515 14.69 29.68 13.68
N VAL X 516 14.92 30.00 14.95
CA VAL X 516 15.87 31.05 15.33
C VAL X 516 17.28 30.45 15.37
N LYS X 517 18.29 31.32 15.21
CA LYS X 517 19.68 30.86 15.16
C LYS X 517 20.63 32.01 15.46
N ASN X 518 21.87 31.64 15.82
CA ASN X 518 22.97 32.56 16.16
C ASN X 518 22.63 33.47 17.34
N CYS X 519 22.16 32.88 18.43
CA CYS X 519 21.79 33.64 19.62
C CYS X 519 22.92 33.74 20.65
N ARG X 520 23.88 32.84 20.63
CA ARG X 520 24.84 32.73 21.73
C ARG X 520 26.19 33.38 21.46
N ASN X 521 26.51 33.71 20.21
CA ASN X 521 27.83 34.24 19.87
C ASN X 521 27.79 35.75 19.55
N ILE X 522 26.88 36.48 20.17
CA ILE X 522 26.74 37.91 19.93
C ILE X 522 27.01 38.66 21.24
N THR X 523 27.59 39.85 21.11
CA THR X 523 27.83 40.73 22.25
C THR X 523 27.29 42.13 21.97
N LYS X 524 27.65 43.09 22.84
CA LYS X 524 27.28 44.48 22.67
C LYS X 524 27.83 45.07 21.37
N LYS X 525 28.98 44.57 20.90
CA LYS X 525 29.58 45.04 19.65
C LYS X 525 28.80 44.64 18.41
N ASP X 526 27.82 43.74 18.51
CA ASP X 526 26.99 43.38 17.37
C ASP X 526 25.77 44.28 17.19
N MET X 527 25.52 45.22 18.11
CA MET X 527 24.39 46.13 17.97
C MET X 527 24.74 47.27 17.03
N GLN X 528 23.91 47.47 16.00
CA GLN X 528 24.17 48.49 14.99
C GLN X 528 23.94 49.89 15.56
N PHE X 529 24.96 50.75 15.43
CA PHE X 529 24.99 52.16 15.82
C PHE X 529 24.84 52.41 17.34
N ASN X 530 24.69 51.36 18.15
CA ASN X 530 24.62 51.50 19.59
C ASN X 530 25.51 50.41 20.20
N ASP X 531 26.82 50.64 20.19
CA ASP X 531 27.75 49.59 20.58
C ASP X 531 28.78 50.09 21.59
N THR X 532 28.46 51.17 22.31
CA THR X 532 29.38 51.77 23.26
C THR X 532 29.48 50.93 24.53
N THR X 533 30.71 50.66 24.96
CA THR X 533 30.98 50.11 26.27
C THR X 533 31.71 51.16 27.10
N ALA X 534 31.45 51.13 28.41
CA ALA X 534 32.03 52.10 29.33
C ALA X 534 31.99 51.53 30.75
N HIS X 535 32.63 52.25 31.66
CA HIS X 535 32.60 51.94 33.08
C HIS X 535 31.60 52.86 33.76
N ILE X 536 30.59 52.27 34.40
CA ILE X 536 29.46 53.01 34.96
C ILE X 536 29.43 52.80 36.47
N GLU X 537 29.29 53.90 37.22
CA GLU X 537 29.22 53.87 38.67
C GLU X 537 27.99 54.63 39.15
N VAL X 538 27.37 54.11 40.21
CA VAL X 538 26.21 54.72 40.84
C VAL X 538 26.57 54.98 42.31
N ASN X 539 26.35 56.21 42.75
CA ASN X 539 26.59 56.56 44.14
C ASN X 539 25.54 55.88 45.03
N PRO X 540 25.97 55.17 46.08
CA PRO X 540 24.99 54.44 46.92
C PRO X 540 24.08 55.33 47.75
N GLU X 541 24.39 56.61 47.90
CA GLU X 541 23.61 57.52 48.75
C GLU X 541 22.80 58.53 47.96
N THR X 542 23.40 59.24 47.01
CA THR X 542 22.71 60.26 46.25
C THR X 542 22.13 59.74 44.94
N TYR X 543 22.45 58.51 44.54
CA TYR X 543 22.01 57.84 43.33
C TYR X 543 22.45 58.55 42.04
N HIS X 544 23.52 59.35 42.09
CA HIS X 544 24.04 59.96 40.87
C HIS X 544 24.78 58.92 40.01
N VAL X 545 24.76 59.16 38.70
CA VAL X 545 25.27 58.21 37.71
C VAL X 545 26.49 58.82 37.02
N PHE X 546 27.58 58.06 36.98
CA PHE X 546 28.83 58.50 36.36
C PHE X 546 29.22 57.54 35.25
N VAL X 547 29.65 58.09 34.11
CA VAL X 547 30.13 57.31 32.97
C VAL X 547 31.57 57.74 32.71
N ASP X 548 32.52 56.83 32.98
CA ASP X 548 33.97 57.06 32.89
C ASP X 548 34.39 58.30 33.68
N GLY X 549 33.82 58.45 34.87
CA GLY X 549 34.10 59.57 35.75
C GLY X 549 33.19 60.78 35.59
N LYS X 550 32.59 60.97 34.42
CA LYS X 550 31.78 62.16 34.15
C LYS X 550 30.33 61.92 34.54
N GLU X 551 29.73 62.91 35.18
CA GLU X 551 28.32 62.83 35.56
C GLU X 551 27.42 62.95 34.34
N VAL X 552 26.35 62.17 34.31
CA VAL X 552 25.44 62.09 33.19
C VAL X 552 24.02 62.31 33.69
N THR X 553 23.32 63.28 33.11
CA THR X 553 21.95 63.59 33.50
C THR X 553 21.27 64.32 32.35
N SER X 554 20.00 64.67 32.56
CA SER X 554 19.23 65.48 31.61
C SER X 554 18.12 66.20 32.37
N LYS X 555 17.42 67.09 31.66
CA LYS X 555 16.35 67.90 32.23
C LYS X 555 14.98 67.37 31.81
N PRO X 556 13.98 67.45 32.68
CA PRO X 556 12.62 67.06 32.27
C PRO X 556 12.02 68.05 31.29
N ALA X 557 11.08 67.56 30.49
CA ALA X 557 10.42 68.34 29.46
C ALA X 557 8.97 68.59 29.84
N ASN X 558 8.48 69.80 29.52
CA ASN X 558 7.08 70.13 29.74
C ASN X 558 6.21 69.94 28.49
N LYS X 559 6.82 69.63 27.35
CA LYS X 559 6.08 69.47 26.10
C LYS X 559 6.87 68.55 25.18
N VAL X 560 6.16 67.65 24.49
CA VAL X 560 6.79 66.74 23.53
C VAL X 560 6.12 66.91 22.18
N SER X 561 6.84 66.51 21.13
CA SER X 561 6.26 66.46 19.80
C SER X 561 5.49 65.15 19.62
N LEU X 562 4.77 65.07 18.50
CA LEU X 562 4.01 63.89 18.08
C LEU X 562 2.95 63.46 19.09
N ALA X 563 2.38 64.37 19.88
CA ALA X 563 1.37 63.96 20.85
C ALA X 563 0.00 64.60 20.63
N GLN X 564 -0.17 65.88 20.94
CA GLN X 564 -1.53 66.43 20.96
C GLN X 564 -1.98 66.96 19.61
N LEU X 565 -1.04 67.18 18.69
CA LEU X 565 -1.38 67.60 17.34
C LEU X 565 -2.09 66.51 16.55
N PHE X 566 -1.90 65.24 16.90
CA PHE X 566 -2.27 64.12 16.03
C PHE X 566 -3.41 63.27 16.55
N SER X 567 -3.78 63.37 17.82
CA SER X 567 -4.73 62.44 18.41
C SER X 567 -5.84 63.17 19.14
N ILE X 568 -7.07 62.68 18.97
CA ILE X 568 -8.21 63.27 19.68
C ILE X 568 -8.27 62.79 21.13
N PHE X 569 -7.64 61.67 21.46
CA PHE X 569 -7.53 61.20 22.83
C PHE X 569 -6.14 60.65 23.10
#